data_8JUT
#
_entry.id   8JUT
#
_cell.length_a   1.00
_cell.length_b   1.00
_cell.length_c   1.00
_cell.angle_alpha   90.00
_cell.angle_beta   90.00
_cell.angle_gamma   90.00
#
_symmetry.space_group_name_H-M   'P 1'
#
loop_
_entity.id
_entity.type
_entity.pdbx_description
1 polymer 'LDL receptor related protein 2'
2 polymer 'Alpha-2-macroglobulin receptor-associated protein'
3 polymer 'unclear peptide'
4 polymer 'unclear peptide'
5 polymer 'unclear peptide'
6 polymer 'unclear peptide'
7 polymer 'unclear peptide'
8 polymer 'unclear peptide'
9 branched 2-acetamido-2-deoxy-beta-D-glucopyranose-(1-4)-2-acetamido-2-deoxy-beta-D-glucopyranose
10 branched alpha-D-mannopyranose-(1-3)-[alpha-D-mannopyranose-(1-6)]beta-D-mannopyranose-(1-4)-2-acetamido-2-deoxy-beta-D-glucopyranose-(1-4)-2-acetamido-2-deoxy-beta-D-glucopyranose
11 branched alpha-D-mannopyranose-(1-3)-[alpha-D-mannopyranose-(1-6)]beta-D-mannopyranose-(1-3)-2-acetamido-2-deoxy-beta-D-glucopyranose-(1-4)-2-acetamido-2-deoxy-beta-D-glucopyranose
12 branched beta-D-mannopyranose-(1-4)-2-acetamido-2-deoxy-beta-D-glucopyranose-(1-4)-2-acetamido-2-deoxy-beta-D-glucopyranose
13 branched 2-acetamido-2-deoxy-beta-D-glucopyranose-(1-3)-2-acetamido-2-deoxy-beta-D-glucopyranose
14 branched alpha-D-mannopyranose-(1-3)-[alpha-D-mannopyranose-(1-6)]beta-D-mannopyranose-(1-4)-2-acetamido-2-deoxy-beta-D-glucopyranose-(1-3)-2-acetamido-2-deoxy-beta-D-glucopyranose
15 branched beta-D-mannopyranose-(1-4)-2-acetamido-2-deoxy-beta-D-glucopyranose-(1-3)-2-acetamido-2-deoxy-beta-D-glucopyranose
16 branched beta-D-mannopyranose-(1-3)-2-acetamido-2-deoxy-beta-D-glucopyranose-(1-4)-2-acetamido-2-deoxy-beta-D-glucopyranose
17 non-polymer 2-acetamido-2-deoxy-beta-D-glucopyranose
18 non-polymer 2-acetamido-2-deoxy-alpha-D-galactopyranose
19 non-polymer 'CALCIUM ION'
20 non-polymer 'NICKEL (II) ION'
#
loop_
_entity_poly.entity_id
_entity_poly.type
_entity_poly.pdbx_seq_one_letter_code
_entity_poly.pdbx_strand_id
1 'polypeptide(L)'
;MERGAAAAAWMLLLAIAACLEPVSSQECGSGNFRCDNGYCIPASWRCDGTRDCLDDTDEIGCPPRSCESGLFLCPAEGTC
IPSSWVCDEDKDCSDGADEQQNCAGTTCSAQQMTCSNGQCIPSEYRCDHVSDCPDGSDERNCHYPTCDQLTCANGACYNT
SQRCDQKVDCRDSSDEANCTTLCSQKEFECGSGECILRAYVCDHDNDCEDNSDERNCNYDTCGGHQFTCSNGQCINQNWV
CDGDDDCQDSGDEDGCESNQSHHRCYPREWACPGSGRCISIDKVCDGVPDCPEGDDENNVTSGRTCGMGVCSVLNCEYQC
HQTPFGGECFCPPGHIINSNDSRTCIDFDDCQIWGICDQKCENRQGRHQCLCEEGYILERGQHCKSSDSFSAASVIFSNG
RDLLVGDLHGRNFRILAESKNRGMVMGVDFHYQKHRVFWTDPMQEKVFSTDINGLNTQEILNVSVDTPENLAVDWINNKL
YLVETKVNRIDVVNLEGNQRVTLITENLGHPRGIALDPTVGYLFFSDWGSLSGQPKVERAFMDGSNRKDLVTTKVGWPAG
ITLDLVSKRVYWVDSRYDYIETVTYDGIQRKTVARGGSLVPHPFGISLFEEHVFFTDWTKMAVMKASKFTETNPQVYHQS
SLRPHGVTVYHALRQPNATNPCGSNNGGCAQVCVLSHRTDNGGLGYRCKCEFGFELDDDEHRCVAVKNFLLFSSKTAVRG
IPFTLSTQEDVMVPVTGSPSFFVGIDFDAQHSTVFYSDLSKDIIYKQKIDGTGKEVITANRLESVECLTFDWISRNLYWT
DGGLKSVTVLRLADKSRRQIISNLNNPRSIVVHPTAGYMFLSDWFRPAKIMRAWSDGSHLMPIVNTSLGWPNGLAIDWSA
SRLYWVDAFFDKIEHSTLDGLDRKRLGHVDQMTHPFGLTVFKDNVFITDWRLGAIIRVRKSDGGDMTVIRRGISSVMHVK
AYDADLQTGSNYCSQTTHANGDCSHFCFPVPNFQRVCGCPYGMKLQRDQMTCEGDPAREPPTQQCGSLSFPCNNGKCVPS
FFRCDGVDDCHDNSDEHQCGVFNNTCSPSAFACVRGGQCIPGQWHCDRQNDCLDGSDEQNCPTHATSSTCPSTSFTCDNH
VCIPKDWVCDTDNDCSDGSDEKNCQASGTCQPTQFRCPDHRCISPLYVCDGDKDCADGSDEAGCVLNCTSAQFKCADGSS
CINSRYRCDGVYDCRDNSDEAGCPTRPPGMCHLDEFQCQGDGTCIPNTWECDGHPDCIHGSDEHTGCVPKTCSPTHFLCD
NGNCIYKAWICDGDNDCRDMSDEKDCPTQPFHCPSTQWQCPGYSTCINLSALCDGVFDCPNGTDESPLCNQDSCSHFNGG
CTHQCMQGPFGATCLCPLGYQLANDTKTCEDINECDIPGFCSQHCVNMRGSFRCACDPEYTLESDGRTCKVTGSENPLLV
VASRDKIIVDNITAHTHNLYSLVQDVSFVVALDFDSVTGRVFWSDLLQGKTWSVFQNGTDKRVVHDSGLSVTEMIAVDWI
GRNLYWTDYALETIEVSKIDGSHRTVLISKNVTKPRGLALDPRMGDNVMFWSDWGHHPRIERASMDGTMRTVIVQEKIYW
PCGLSIDYPNRLIYFMDAYLDYIEFCDYDGHNRRQVIASDLVLHHPHALTLFEDFVYWTDRGTRQVMQANKWHGGNQSVV
MYSVHQPLGITAIHPSRQPPSRNPCASASCSHLCLLSAQAPRHYSCACPSGWNLSDDSVNCVRGDQPFLMSVRDNIIFGI
SLDPEVKSNDAMVPISGIQHGYDVEFDDSEQFIYWVENPGEIHRVKTDGSNRTVFAPLSLLGSSLGLALDWVSRNIYYTT
PASRSIEVLTLKGDTRYGKTLIANDGTPLGVGFPVGIAVDPARGKLYWSDHGTDSGVPAKIASANMDGTSLKILFTGNLQ
HLEVVTLDIQEQKLYWAVTSRGVIERGNVDGTERMILVHHLAHPWGLVVYGSFLYYSDEQYEVIERVDKSSGNNKVVLRD
NVPYLRGLRVYHRRNAADSSNGCSNNPNACQQICLPVPGGMFSCACASGFKLSPDGRSCSPYNSFMVVSMLPAVRGFSLE
LSDHSEAMVPVAGQGRNVLHADVDVANGFIYWCDFSSSVRSSNGIRRIKPDGSNFTNVVTYGIGANGIRGVALDWAAGNL
YFTNAFVYETLIEVLRINTTYRRVLLKVSVDMPRHIIVDPKHRYLFWADYGQKPKIERSFLDCTNRTVLVSEGIVTPRGL
AMDHDTGYIYWVDDSLDLIARIHLDGGESQVVRYGSRYPTPYGITVFGESIIWVDRNLKKVFQASKQPGNTDPPVVIRDK
INLLRDVTIFDEHAQPLSPAELNNNPCLQSNGGCSHFCFALPELPTPRCGCAFGTLGNDGKSCATSQEDFLIYSLNNSLR
SLHFDPRDHSLPFQVISVAGTAIALDYDRRNNRIFFTQKLNSLRGQISYVSLYSGSSSPTVLLSNIGVTDGIAFDWINRR
IYYSDFSNQTINSMAEDGSNRAVIARVSKPRAIVLDPCRGYMYWTDWGTNAKIERATLGGNFRVPIVNTSLVWPNGLALD
LETDLLYWADASLQKIERSTLTGTNREVVVSTAFHSFGLTVYGQYIYWTDLYTRKIYRANKYDGSDLVAMTTRLPTQPSG
ISTVVKTQRQQCSNPCDQFNGGCSHICAPGPNGAECQCPHEGNWYLANDNKYCVVDTGTRCNQLQFTCLNGHCINQDWKC
DNDNDCGDGSDELPTVCAFHTCRSTAFTCGNGRCVPYHYRCDYYNDCGDNSDEAGCLFRNCNSTTEFTCSNGRCIPLSYV
CNGINNCHDNDTSDEKNCPPHTCPPDFTKCQTTNICVPRAFLCDGDNDCGDGSDENPIYCASHTCRSNEFQCLSPQRCIP
SYWFCDGEADCADGSDEPDTCGHSVNTCRASQFQCDNGRCISGNWVCDGDNDCGDMSDEDQRHHCELQNCSSTQFTCVNS
RPPNRRCIPQYWVCDGDADCSDALDELQNCTMRTCSAGEFSCANGRCVRQSFRCDRRNDCGDYSDERGCSYPPCHANQFT
CQNGRCIPRFFVCDEDNDCGDGSDEQEHLCHTPEPTCPLHQFRCDNGHCIEMGRVCNHVDDCSDNSDEKGCGINECLDSS
ISRCDHNCTDTITSFYCSCLPGYKLMSDKRSCVDIDECKESPQLCSQKCENVVGSYICKCAPGYIREPDGKSCRQNSNIE
PYLIFSNRYYIRNLTTDGSSYSLILQGLGNVVALDFDRVEKRLYWIDAEKQIIERMFLNKTNRETIINHRLRRAESLAVD
WVSRKLYWLDAILDCLFVSDLEGRHRKMIAQHCVDANNTFCFEHPRGIVLHPQRGHVYWADWGVHAYIGRIGMDGTNKSV
IISTKIEWPNAITIDYTNDLLYWADAHLGYIEFSDLEGHHRHTVYDGSLPHPFALTIFEDTVFWTDWNTRTVEKGNKYDG
SGRVVLVNTTHKPFDIHVYHPYRQPIMSNPCGTNNGGCSHLCLIKAGGRGFTCACPDDFQTVQLRDRTLCMPMCSSTQFL
CGNNEKCIPIWWKCDGQKDCSDGSDEPDLCPHRFCRLGQFQCRDGNCTSPQALCNARQDCADGSDEDRVLCEHHRCESNE
WQCANKRCIPQSWQCDSVNDCLDNSDEDTSHCASRTCRPGQFKCNNGRCIPQSWKCDVDNDCGDYSDEPIDECTTAAYNC
DNHTEFSCKTNYRCIPQWAVCNGFDDCRDNSDEQGCESVPCHPSGDFRCANHHCIPLRWKCDGTDDCGDNSDEENCVPRE
CSESEFRCADQQCIPSRWVCDQENDCGDNSDERDCEMKTCHPEHFQCTSGHCVPKALACDGRADCLDASDESACPTRFPN
GTYCPAAMFECKNHVCIQSFWICDGENDCVDGSDEEIHLCFNIPCESPQRFRCDNSRCVYGHQLCNGVDDCGDGSDEKEE
HCRKPTHKPCTDTEYKCSNGNCISQHYVCDNVNDCGDLSDETGCNLGDNRTCAENICEQNCTQLSSGGFICSCRPGFKPS
TLDKNSCQDINECEEFGICPQSCRNSKGSYECFCVDGFKSMSTHYGERCAADGSPPLLLLPENVRIRKYNTSSEKFSEYL
EEEEHIQTIDYDWDPEHIGLSVVYYTVLAQGSQFGAIKRAYIPNFESGSNNPIREVDLGLKYLMQPDGLAVDWVGRHIYW
SDAKSQRIEVATLDGRYRKWLITTQLDQPAAIAVNPKLGLMFWTDQGKQPKIESAWMNGEHRSVLVSENLGWPNGLSIDY
LNDDRVYWSDSKEDVIEAIKYDGTDRRLIINEAMKPFSLDIFEDKLYWVAKEKGEVWRQNKFGKENKEKVLVVNPWLTQV
RIFHQLRYNQSVSNPCKQVCSHLCLLRPGGYSCACPQGSDFVTGSTVQCDAASELPVTMPPPCRCMHGGNCYFDENELPK
CKCSSGYSGEYCEVGLSRGIPPGTTMAVLLTFVIVIIVGALVLVGLFHYRKTGSLLPTLPKLPSLSSLAKPSENGNGVTF
RSGADVNMDIGVSPFGPETIIDRSMAMNEHFVMEVGKQPVIFENPMYAAKDNTSKVALAVQGPSTGAQVTVPENVENQNY
GRPIDPSEIVPEPKPASPGADEIQGKKWNIFKRKPKQTTNFENPIYAEMDSEVKDAVAVAPPPSPSLPAKASKRNLTPGY
TATEDTFKDTANLVKEDSDV
;
A,B
2 'polypeptide(L)'
;MAPLRDRVSTLPRLQLLVLLLLPLLLVPQPIAGHGGKYSREKNEPEMAAKRESGEEFRMEKLNQLWEKAKRLHLSPVRLA
ELHSDLKIQERDELNWKKLKVEGLDGDGEKEAKLVHNLNVILARYGLDGRKDTQTVHSNALNEDTQDELGDPRLEKLWHK
AKTSGKFSSEELDKLWREFLHYKEKIHEYNVLLDTLSRAEEGYENLLSPSDMTHIKSDTLASKHSELKDRLRSINQGLDR
LRKVSHQGYGPATEFEEPRVIDLWDLAQSANFTEKELESFREELKHFEAKIEKHNHYQKQLEISHQKLKHVESIGDPEHI
SRNKEKYVLLEEKTKELGYKVKKHLQDLSSRVSRARHNEL
;
C,D
3 'polypeptide(L)' (UNK)(UNK)(UNK)(UNK)(UNK)(UNK) G,N
4 'polypeptide(L)' (UNK)N(UNK)(UNK)(UNK) H,O
5 'polypeptide(L)' (UNK)(UNK)L(UNK)(UNK)(UNK) I,P
6 'polypeptide(L)' (UNK)C(UNK) J,Q
7 'polypeptide(L)' (UNK)EE(UNK)(UNK) K,R
8 'polypeptide(L)' (UNK)(UNK)N(UNK)(UNK) L,M,S,T
#
loop_
_chem_comp.id
_chem_comp.type
_chem_comp.name
_chem_comp.formula
A2G D-saccharide, alpha linking 2-acetamido-2-deoxy-alpha-D-galactopyranose 'C8 H15 N O6'
BMA D-saccharide, beta linking beta-D-mannopyranose 'C6 H12 O6'
CA non-polymer 'CALCIUM ION' 'Ca 2'
MAN D-saccharide, alpha linking alpha-D-mannopyranose 'C6 H12 O6'
NAG D-saccharide, beta linking 2-acetamido-2-deoxy-beta-D-glucopyranose 'C8 H15 N O6'
NI non-polymer 'NICKEL (II) ION' 'Ni 2'
#
# COMPACT_ATOMS: atom_id res chain seq x y z
N GLU A 27 51.38 -80.47 58.94
CA GLU A 27 50.11 -81.22 58.83
C GLU A 27 49.54 -81.49 60.22
N CYS A 28 48.29 -81.94 60.27
CA CYS A 28 47.61 -82.23 61.52
C CYS A 28 48.18 -83.49 62.17
N GLY A 29 47.97 -83.59 63.49
CA GLY A 29 48.42 -84.74 64.26
C GLY A 29 47.61 -85.99 63.94
N SER A 30 48.09 -87.15 64.43
CA SER A 30 47.41 -88.41 64.25
C SER A 30 46.02 -88.39 64.89
N GLY A 31 45.93 -87.79 66.09
CA GLY A 31 44.70 -87.78 66.86
C GLY A 31 43.82 -86.56 66.58
N ASN A 32 44.18 -85.75 65.57
CA ASN A 32 43.45 -84.53 65.27
C ASN A 32 42.87 -84.64 63.86
N PHE A 33 41.54 -84.54 63.73
CA PHE A 33 40.86 -84.47 62.44
C PHE A 33 41.24 -83.17 61.74
N ARG A 34 41.07 -83.15 60.41
CA ARG A 34 41.41 -82.01 59.59
C ARG A 34 40.17 -81.49 58.87
N CYS A 35 39.90 -80.18 59.04
CA CYS A 35 38.98 -79.45 58.16
C CYS A 35 39.71 -79.14 56.85
N ASP A 36 39.02 -79.25 55.71
CA ASP A 36 39.64 -79.04 54.39
C ASP A 36 40.05 -77.57 54.16
N ASN A 37 39.66 -76.65 55.06
CA ASN A 37 40.15 -75.28 55.02
C ASN A 37 41.58 -75.15 55.57
N GLY A 38 42.16 -76.23 56.12
CA GLY A 38 43.50 -76.19 56.69
C GLY A 38 43.51 -76.04 58.21
N TYR A 39 42.34 -76.21 58.86
CA TYR A 39 42.25 -76.12 60.31
C TYR A 39 42.16 -77.52 60.93
N CYS A 40 43.10 -77.82 61.83
CA CYS A 40 43.16 -79.13 62.48
C CYS A 40 42.42 -79.05 63.82
N ILE A 41 41.48 -79.98 64.03
CA ILE A 41 40.62 -80.02 65.21
C ILE A 41 40.71 -81.41 65.84
N PRO A 42 40.59 -81.56 67.18
CA PRO A 42 40.62 -82.88 67.80
C PRO A 42 39.59 -83.84 67.21
N ALA A 43 40.03 -85.08 66.97
CA ALA A 43 39.20 -86.07 66.29
C ALA A 43 37.98 -86.48 67.12
N SER A 44 37.93 -86.13 68.41
CA SER A 44 36.77 -86.39 69.26
C SER A 44 35.51 -85.68 68.76
N TRP A 45 35.70 -84.51 68.13
CA TRP A 45 34.61 -83.67 67.67
C TRP A 45 33.86 -84.27 66.48
N ARG A 46 34.54 -85.10 65.67
CA ARG A 46 33.90 -85.92 64.65
C ARG A 46 32.78 -86.76 65.28
N CYS A 47 31.61 -86.78 64.65
CA CYS A 47 30.44 -87.51 65.13
C CYS A 47 29.99 -87.10 66.54
N ASP A 48 30.38 -85.91 67.05
CA ASP A 48 29.91 -85.48 68.37
C ASP A 48 28.51 -84.85 68.27
N GLY A 49 28.09 -84.48 67.06
CA GLY A 49 26.74 -84.04 66.76
C GLY A 49 26.62 -82.55 66.40
N THR A 50 27.73 -81.82 66.27
CA THR A 50 27.65 -80.40 65.88
C THR A 50 28.68 -80.05 64.80
N ARG A 51 28.28 -79.18 63.86
CA ARG A 51 29.02 -78.96 62.63
C ARG A 51 30.19 -78.02 62.90
N ASP A 52 31.30 -78.59 63.40
CA ASP A 52 32.39 -77.83 64.02
C ASP A 52 33.25 -77.02 63.05
N CYS A 53 33.54 -77.53 61.84
CA CYS A 53 34.34 -76.77 60.89
C CYS A 53 33.57 -75.52 60.42
N LEU A 54 34.23 -74.60 59.71
CA LEU A 54 33.54 -73.58 58.93
C LEU A 54 32.76 -74.25 57.79
N ASP A 55 33.37 -75.30 57.21
CA ASP A 55 32.68 -76.28 56.39
C ASP A 55 31.77 -77.16 57.27
N ASP A 56 30.91 -77.99 56.68
CA ASP A 56 30.07 -78.92 57.44
C ASP A 56 30.71 -80.31 57.57
N THR A 57 31.90 -80.50 56.96
CA THR A 57 32.55 -81.80 56.82
C THR A 57 33.17 -82.34 58.11
N ASP A 58 33.04 -81.63 59.24
CA ASP A 58 33.21 -82.26 60.54
C ASP A 58 32.20 -83.41 60.72
N GLU A 59 30.94 -83.21 60.31
CA GLU A 59 29.88 -84.19 60.57
C GLU A 59 29.42 -84.95 59.31
N ILE A 60 29.57 -84.36 58.11
CA ILE A 60 29.21 -85.07 56.87
C ILE A 60 30.03 -86.36 56.76
N GLY A 61 29.32 -87.47 56.51
CA GLY A 61 29.91 -88.79 56.39
C GLY A 61 29.93 -89.58 57.70
N CYS A 62 29.25 -89.10 58.75
CA CYS A 62 29.16 -89.83 60.00
C CYS A 62 28.15 -90.98 59.87
N PRO A 63 28.43 -92.21 60.39
CA PRO A 63 27.44 -93.29 60.35
C PRO A 63 26.28 -93.00 61.31
N PRO A 64 25.01 -93.11 60.88
CA PRO A 64 23.87 -92.90 61.77
C PRO A 64 23.82 -93.90 62.91
N ARG A 65 23.20 -93.48 64.02
CA ARG A 65 23.03 -94.31 65.20
C ARG A 65 22.20 -95.55 64.86
N SER A 66 22.70 -96.72 65.30
CA SER A 66 22.02 -97.98 65.04
C SER A 66 20.96 -98.21 66.11
N CYS A 67 19.71 -98.46 65.68
CA CYS A 67 18.61 -98.62 66.62
C CYS A 67 18.36 -100.11 66.89
N GLU A 68 17.94 -100.85 65.84
CA GLU A 68 17.58 -102.26 65.96
C GLU A 68 17.29 -102.81 64.57
N SER A 69 17.47 -104.12 64.41
CA SER A 69 17.14 -104.81 63.17
C SER A 69 15.64 -104.94 63.03
N GLY A 70 15.11 -104.61 61.84
CA GLY A 70 13.70 -104.73 61.52
C GLY A 70 12.84 -103.62 62.14
N LEU A 71 13.48 -102.56 62.67
CA LEU A 71 12.79 -101.45 63.31
C LEU A 71 13.41 -100.17 62.76
N PHE A 72 12.82 -99.65 61.69
CA PHE A 72 13.39 -98.54 60.94
C PHE A 72 13.38 -97.25 61.78
N LEU A 73 14.52 -96.56 61.79
CA LEU A 73 14.65 -95.28 62.46
C LEU A 73 14.40 -94.15 61.46
N CYS A 74 13.32 -93.40 61.69
CA CYS A 74 12.98 -92.29 60.80
C CYS A 74 13.76 -91.05 61.22
N PRO A 75 14.60 -90.47 60.34
CA PRO A 75 15.46 -89.33 60.72
C PRO A 75 14.71 -88.07 61.14
N ALA A 76 13.47 -87.88 60.65
CA ALA A 76 12.71 -86.66 60.87
C ALA A 76 12.30 -86.51 62.34
N GLU A 77 12.27 -87.61 63.10
CA GLU A 77 11.83 -87.55 64.49
C GLU A 77 12.83 -88.19 65.46
N GLY A 78 13.66 -89.12 64.97
CA GLY A 78 14.62 -89.82 65.83
C GLY A 78 14.00 -90.99 66.58
N THR A 79 12.92 -91.55 66.01
CA THR A 79 12.23 -92.69 66.61
C THR A 79 12.28 -93.88 65.66
N CYS A 80 12.15 -95.08 66.24
CA CYS A 80 12.23 -96.33 65.49
C CYS A 80 10.84 -96.96 65.43
N ILE A 81 10.44 -97.42 64.24
CA ILE A 81 9.08 -97.88 63.98
C ILE A 81 9.14 -99.28 63.38
N PRO A 82 8.21 -100.19 63.79
CA PRO A 82 8.14 -101.52 63.17
C PRO A 82 7.89 -101.46 61.66
N SER A 83 8.45 -102.44 60.95
CA SER A 83 8.38 -102.50 59.50
C SER A 83 6.95 -102.77 59.01
N SER A 84 6.08 -103.34 59.87
CA SER A 84 4.69 -103.58 59.51
C SER A 84 3.95 -102.25 59.31
N TRP A 85 4.21 -101.29 60.20
CA TRP A 85 3.67 -99.94 60.05
C TRP A 85 4.31 -99.24 58.85
N VAL A 86 5.58 -99.58 58.58
CA VAL A 86 6.34 -99.03 57.46
C VAL A 86 5.75 -99.54 56.14
N CYS A 87 5.67 -98.63 55.15
CA CYS A 87 5.16 -98.94 53.82
C CYS A 87 3.72 -99.48 53.90
N ASP A 88 2.85 -98.73 54.56
CA ASP A 88 1.41 -98.97 54.55
C ASP A 88 0.69 -97.78 53.90
N GLU A 89 1.46 -96.87 53.29
CA GLU A 89 0.97 -95.62 52.70
C GLU A 89 0.52 -94.65 53.80
N ASP A 90 0.73 -94.99 55.07
CA ASP A 90 0.51 -94.05 56.16
C ASP A 90 1.85 -93.42 56.53
N LYS A 91 1.96 -92.10 56.31
CA LYS A 91 3.17 -91.37 56.63
C LYS A 91 3.24 -91.17 58.15
N ASP A 92 3.73 -92.21 58.85
CA ASP A 92 3.77 -92.23 60.30
C ASP A 92 4.65 -91.11 60.86
N CYS A 93 5.83 -90.92 60.28
CA CYS A 93 6.69 -89.79 60.62
C CYS A 93 6.37 -88.59 59.73
N SER A 94 6.87 -87.42 60.12
CA SER A 94 6.58 -86.17 59.43
C SER A 94 7.03 -86.22 57.97
N ASP A 95 8.25 -86.72 57.73
CA ASP A 95 8.82 -86.79 56.39
C ASP A 95 8.03 -87.76 55.51
N GLY A 96 7.58 -88.88 56.09
CA GLY A 96 6.85 -89.89 55.34
C GLY A 96 7.76 -90.74 54.44
N ALA A 97 9.08 -90.67 54.63
CA ALA A 97 10.01 -91.44 53.81
C ALA A 97 9.86 -92.94 54.07
N ASP A 98 9.21 -93.32 55.18
CA ASP A 98 8.99 -94.71 55.52
C ASP A 98 8.08 -95.42 54.51
N GLU A 99 7.37 -94.64 53.69
CA GLU A 99 6.44 -95.21 52.71
C GLU A 99 7.01 -95.16 51.28
N GLN A 100 8.17 -94.52 51.09
CA GLN A 100 8.68 -94.27 49.74
C GLN A 100 10.03 -94.96 49.53
N GLN A 101 11.00 -94.69 50.41
CA GLN A 101 12.36 -95.18 50.23
C GLN A 101 12.60 -96.49 50.99
N ASN A 102 11.83 -96.73 52.05
CA ASN A 102 12.02 -97.92 52.88
C ASN A 102 11.76 -99.21 52.08
N CYS A 103 10.84 -99.16 51.10
CA CYS A 103 10.51 -100.33 50.29
C CYS A 103 10.66 -100.04 48.79
N ALA A 104 11.59 -99.14 48.43
CA ALA A 104 11.89 -98.84 47.03
C ALA A 104 12.67 -100.01 46.42
N LYS A 186 56.41 -97.94 31.16
CA LYS A 186 56.33 -97.20 29.86
C LYS A 186 57.72 -96.70 29.46
N GLU A 187 58.26 -95.78 30.26
CA GLU A 187 59.44 -95.03 29.89
C GLU A 187 60.71 -95.85 30.14
N PHE A 188 61.82 -95.33 29.62
CA PHE A 188 63.14 -95.89 29.87
C PHE A 188 63.47 -95.78 31.35
N GLU A 189 64.01 -96.87 31.91
CA GLU A 189 64.33 -96.93 33.33
C GLU A 189 65.85 -96.87 33.51
N CYS A 190 66.30 -95.83 34.23
CA CYS A 190 67.72 -95.69 34.55
C CYS A 190 68.08 -96.58 35.74
N GLY A 191 69.39 -96.76 35.96
CA GLY A 191 69.90 -97.50 37.11
C GLY A 191 69.45 -96.91 38.45
N SER A 192 69.12 -95.61 38.46
CA SER A 192 68.65 -94.93 39.65
C SER A 192 67.28 -95.45 40.08
N GLY A 193 66.50 -95.97 39.12
CA GLY A 193 65.18 -96.55 39.39
C GLY A 193 64.04 -95.60 39.00
N GLU A 194 64.30 -94.68 38.06
CA GLU A 194 63.31 -93.73 37.59
C GLU A 194 62.96 -94.05 36.14
N CYS A 195 61.65 -94.02 35.84
CA CYS A 195 61.13 -94.16 34.48
C CYS A 195 61.37 -92.85 33.73
N ILE A 196 62.60 -92.67 33.26
CA ILE A 196 63.03 -91.42 32.65
C ILE A 196 62.40 -91.30 31.26
N LEU A 197 61.96 -90.08 30.93
CA LEU A 197 61.28 -89.80 29.67
C LEU A 197 62.18 -90.21 28.50
N ARG A 198 61.58 -90.83 27.49
CA ARG A 198 62.31 -91.34 26.33
C ARG A 198 62.96 -90.20 25.55
N ALA A 199 62.44 -88.97 25.69
CA ALA A 199 62.99 -87.80 25.02
C ALA A 199 64.38 -87.44 25.57
N TYR A 200 64.69 -87.86 26.80
CA TYR A 200 65.97 -87.55 27.42
C TYR A 200 67.06 -88.52 26.96
N VAL A 201 66.69 -89.59 26.25
CA VAL A 201 67.67 -90.43 25.56
C VAL A 201 68.02 -89.76 24.23
N CYS A 202 69.26 -89.93 23.75
CA CYS A 202 69.74 -89.37 22.48
C CYS A 202 69.70 -87.84 22.50
N ASP A 203 70.42 -87.21 23.46
CA ASP A 203 70.42 -85.76 23.61
C ASP A 203 71.74 -85.18 24.13
N HIS A 204 72.82 -85.98 24.22
CA HIS A 204 74.15 -85.55 24.66
C HIS A 204 74.24 -85.14 26.13
N ASP A 205 73.13 -85.13 26.88
CA ASP A 205 73.15 -84.74 28.29
C ASP A 205 73.00 -85.99 29.18
N ASN A 206 73.88 -86.13 30.16
CA ASN A 206 73.84 -87.24 31.11
C ASN A 206 72.72 -87.02 32.13
N ASP A 207 71.50 -87.52 31.86
CA ASP A 207 70.33 -87.14 32.65
C ASP A 207 70.04 -88.08 33.84
N CYS A 208 70.93 -89.06 34.11
CA CYS A 208 70.88 -89.84 35.34
C CYS A 208 72.29 -90.34 35.72
N GLU A 209 72.44 -90.82 36.96
CA GLU A 209 73.73 -91.01 37.61
C GLU A 209 74.66 -91.97 36.84
N ASP A 210 74.12 -92.92 36.08
CA ASP A 210 74.94 -93.94 35.43
C ASP A 210 75.25 -93.60 33.97
N ASN A 211 74.74 -92.45 33.48
CA ASN A 211 74.98 -91.98 32.12
C ASN A 211 74.52 -92.98 31.06
N SER A 212 73.57 -93.88 31.39
CA SER A 212 73.13 -94.90 30.45
C SER A 212 72.30 -94.32 29.29
N ASP A 213 71.71 -93.13 29.48
CA ASP A 213 70.93 -92.50 28.41
C ASP A 213 71.81 -92.19 27.20
N GLU A 214 72.98 -91.59 27.44
CA GLU A 214 73.91 -91.27 26.36
C GLU A 214 75.07 -92.27 26.28
N ARG A 215 74.83 -93.58 26.51
CA ARG A 215 75.91 -94.56 26.43
C ARG A 215 75.97 -95.18 25.03
N ASN A 216 74.83 -95.22 24.32
CA ASN A 216 74.70 -95.94 23.06
C ASN A 216 74.48 -95.02 21.86
N CYS A 217 73.49 -94.13 21.97
CA CYS A 217 72.79 -93.57 20.83
C CYS A 217 73.72 -92.72 19.95
N ASN A 218 74.05 -93.24 18.76
CA ASN A 218 74.81 -92.50 17.75
C ASN A 218 73.97 -91.32 17.24
N TYR A 219 74.67 -90.28 16.75
CA TYR A 219 74.04 -89.03 16.33
C TYR A 219 74.48 -88.63 14.91
N ASP A 220 73.70 -87.75 14.27
CA ASP A 220 74.00 -87.23 12.94
C ASP A 220 75.34 -86.47 12.91
N THR A 221 75.99 -86.45 11.73
CA THR A 221 77.01 -85.43 11.48
C THR A 221 76.35 -84.06 11.62
N CYS A 222 77.09 -83.06 12.09
CA CYS A 222 76.65 -81.68 12.01
C CYS A 222 76.83 -81.15 10.59
N GLY A 223 75.85 -80.37 10.08
CA GLY A 223 75.96 -79.76 8.76
C GLY A 223 77.03 -78.67 8.72
N GLY A 224 77.37 -78.17 7.53
CA GLY A 224 78.38 -77.12 7.39
C GLY A 224 78.06 -75.85 8.19
N HIS A 225 76.76 -75.60 8.47
CA HIS A 225 76.32 -74.43 9.21
C HIS A 225 76.28 -74.66 10.73
N GLN A 226 76.88 -75.75 11.22
CA GLN A 226 76.93 -76.07 12.64
C GLN A 226 78.36 -76.50 13.03
N PHE A 227 78.68 -76.32 14.32
CA PHE A 227 80.00 -76.61 14.86
C PHE A 227 79.95 -77.87 15.73
N THR A 228 80.82 -78.83 15.41
CA THR A 228 80.97 -80.07 16.15
C THR A 228 81.76 -79.84 17.44
N CYS A 229 81.11 -80.04 18.58
CA CYS A 229 81.79 -80.05 19.88
C CYS A 229 82.58 -81.34 20.10
N SER A 230 83.40 -81.36 21.17
CA SER A 230 84.28 -82.48 21.52
C SER A 230 83.52 -83.78 21.80
N ASN A 231 82.27 -83.65 22.27
CA ASN A 231 81.36 -84.76 22.55
C ASN A 231 80.50 -85.15 21.33
N GLY A 232 80.72 -84.51 20.16
CA GLY A 232 79.98 -84.80 18.94
C GLY A 232 78.66 -84.03 18.79
N GLN A 233 78.31 -83.21 19.78
CA GLN A 233 77.11 -82.36 19.77
C GLN A 233 77.24 -81.25 18.72
N CYS A 234 76.11 -80.84 18.11
CA CYS A 234 76.10 -79.72 17.18
C CYS A 234 75.60 -78.45 17.87
N ILE A 235 76.25 -77.31 17.60
CA ILE A 235 75.73 -75.98 17.95
C ILE A 235 75.70 -75.10 16.70
N ASN A 236 74.88 -74.05 16.69
CA ASN A 236 74.82 -73.14 15.55
C ASN A 236 76.19 -72.47 15.33
N GLN A 237 76.62 -72.30 14.07
CA GLN A 237 77.94 -71.77 13.76
C GLN A 237 78.21 -70.42 14.44
N ASN A 238 77.18 -69.56 14.56
CA ASN A 238 77.32 -68.23 15.15
C ASN A 238 77.63 -68.26 16.66
N TRP A 239 77.52 -69.40 17.33
CA TRP A 239 77.87 -69.47 18.74
C TRP A 239 79.38 -69.57 18.96
N VAL A 240 80.15 -70.03 17.97
CA VAL A 240 81.59 -70.19 18.13
C VAL A 240 82.26 -68.81 18.29
N CYS A 241 83.07 -68.65 19.34
CA CYS A 241 83.76 -67.40 19.68
C CYS A 241 82.82 -66.21 19.87
N ASP A 242 81.60 -66.42 20.40
CA ASP A 242 80.70 -65.31 20.75
C ASP A 242 80.98 -64.77 22.15
N GLY A 243 81.85 -65.47 22.91
CA GLY A 243 82.20 -65.11 24.28
C GLY A 243 81.59 -66.05 25.33
N ASP A 244 80.75 -67.00 24.89
CA ASP A 244 79.96 -67.85 25.77
C ASP A 244 80.41 -69.30 25.63
N ASP A 245 80.68 -70.01 26.74
CA ASP A 245 81.02 -71.42 26.62
C ASP A 245 79.76 -72.22 26.31
N ASP A 246 79.74 -72.96 25.18
CA ASP A 246 78.53 -73.60 24.69
C ASP A 246 78.65 -75.12 24.55
N CYS A 247 79.87 -75.66 24.40
CA CYS A 247 80.06 -77.06 24.04
C CYS A 247 80.15 -78.03 25.23
N GLN A 248 79.89 -77.57 26.47
CA GLN A 248 80.09 -78.33 27.72
C GLN A 248 81.59 -78.49 28.02
N ASP A 249 82.39 -78.80 26.99
CA ASP A 249 83.85 -78.85 27.06
C ASP A 249 84.49 -77.47 26.79
N SER A 250 83.66 -76.43 26.63
CA SER A 250 84.06 -75.06 26.29
C SER A 250 84.84 -74.98 24.97
N GLY A 251 84.79 -76.03 24.13
CA GLY A 251 85.62 -76.15 22.94
C GLY A 251 85.32 -75.11 21.86
N ASP A 252 84.13 -74.48 21.88
CA ASP A 252 83.77 -73.46 20.90
C ASP A 252 84.40 -72.09 21.21
N GLU A 253 85.12 -71.97 22.33
CA GLU A 253 85.77 -70.73 22.77
C GLU A 253 87.28 -70.95 23.00
N ASP A 254 87.85 -71.95 22.31
CA ASP A 254 89.18 -72.50 22.59
C ASP A 254 90.28 -71.63 21.97
N GLY A 255 90.43 -70.38 22.44
CA GLY A 255 91.52 -69.49 22.04
C GLY A 255 91.13 -68.50 20.96
N CYS A 256 89.91 -67.93 21.05
CA CYS A 256 89.36 -67.01 20.07
C CYS A 256 90.07 -65.66 20.03
N GLU A 257 90.88 -65.35 21.07
CA GLU A 257 91.66 -64.12 21.14
C GLU A 257 93.15 -64.44 20.92
N SER A 258 93.84 -63.62 20.12
CA SER A 258 95.25 -63.83 19.75
C SER A 258 96.19 -63.51 20.92
N ASN A 259 97.50 -63.77 20.74
CA ASN A 259 98.59 -63.33 21.62
C ASN A 259 98.34 -63.65 23.11
N GLN A 260 97.79 -64.84 23.40
CA GLN A 260 97.35 -65.25 24.74
C GLN A 260 98.50 -65.89 25.56
N SER A 261 99.68 -65.24 25.61
CA SER A 261 100.92 -65.83 26.10
C SER A 261 100.92 -66.07 27.62
N HIS A 262 100.32 -65.13 28.39
CA HIS A 262 99.90 -65.27 29.79
C HIS A 262 100.93 -65.81 30.80
N HIS A 263 102.25 -65.75 30.52
CA HIS A 263 103.27 -66.50 31.25
C HIS A 263 102.88 -67.98 31.40
N ARG A 264 102.40 -68.57 30.28
CA ARG A 264 101.81 -69.90 30.22
C ARG A 264 102.37 -70.64 29.00
N CYS A 265 103.66 -70.41 28.74
CA CYS A 265 104.35 -70.89 27.54
C CYS A 265 104.41 -72.43 27.53
N TYR A 266 104.58 -73.00 26.33
CA TYR A 266 104.84 -74.42 26.15
C TYR A 266 106.08 -74.85 26.93
N PRO A 267 106.22 -76.15 27.29
CA PRO A 267 107.44 -76.64 27.91
C PRO A 267 108.68 -76.32 27.05
N ARG A 268 109.81 -76.10 27.75
CA ARG A 268 111.10 -75.58 27.28
C ARG A 268 111.15 -74.05 27.10
N GLU A 269 110.09 -73.31 27.52
CA GLU A 269 110.02 -71.87 27.24
C GLU A 269 109.81 -71.05 28.51
N TRP A 270 110.21 -69.76 28.44
CA TRP A 270 110.17 -68.79 29.52
C TRP A 270 109.86 -67.40 28.94
N ALA A 271 109.37 -66.44 29.74
CA ALA A 271 108.91 -65.16 29.21
C ALA A 271 109.42 -63.94 30.00
N CYS A 272 109.76 -62.89 29.25
CA CYS A 272 110.38 -61.66 29.76
C CYS A 272 109.39 -60.81 30.56
N PRO A 273 109.57 -60.64 31.91
CA PRO A 273 108.57 -59.98 32.76
C PRO A 273 108.29 -58.50 32.48
N GLY A 274 106.99 -58.17 32.46
CA GLY A 274 106.51 -56.85 32.03
C GLY A 274 106.13 -56.79 30.55
N SER A 275 106.23 -57.93 29.84
CA SER A 275 105.90 -58.05 28.42
C SER A 275 105.16 -59.36 28.11
N GLY A 276 105.57 -60.46 28.77
CA GLY A 276 104.91 -61.76 28.61
C GLY A 276 105.34 -62.50 27.33
N ARG A 277 106.38 -62.00 26.63
CA ARG A 277 106.91 -62.61 25.41
C ARG A 277 107.64 -63.92 25.73
N CYS A 278 107.10 -65.05 25.26
CA CYS A 278 107.71 -66.38 25.37
C CYS A 278 108.94 -66.54 24.45
N ILE A 279 110.03 -67.11 25.02
CA ILE A 279 111.31 -67.40 24.37
C ILE A 279 111.79 -68.78 24.86
N SER A 280 112.39 -69.60 23.98
CA SER A 280 112.92 -70.91 24.39
C SER A 280 114.23 -70.76 25.17
N ILE A 281 114.43 -71.66 26.15
CA ILE A 281 115.45 -71.49 27.19
C ILE A 281 116.87 -71.56 26.60
N ASP A 282 117.09 -72.32 25.52
CA ASP A 282 118.40 -72.44 24.87
C ASP A 282 118.89 -71.12 24.26
N LYS A 283 117.98 -70.18 23.95
CA LYS A 283 118.31 -68.89 23.34
C LYS A 283 118.51 -67.82 24.43
N VAL A 284 117.72 -67.91 25.51
CA VAL A 284 117.99 -67.16 26.73
C VAL A 284 119.44 -67.41 27.15
N CYS A 285 120.18 -66.31 27.37
CA CYS A 285 121.59 -66.36 27.72
C CYS A 285 122.42 -67.05 26.64
N ASP A 286 122.15 -66.72 25.37
CA ASP A 286 123.04 -67.08 24.29
C ASP A 286 124.13 -66.02 24.10
N GLY A 287 124.02 -64.89 24.81
CA GLY A 287 124.99 -63.82 24.74
C GLY A 287 124.43 -62.54 24.11
N VAL A 288 123.24 -62.61 23.50
CA VAL A 288 122.62 -61.47 22.85
C VAL A 288 121.17 -61.38 23.32
N PRO A 289 120.62 -60.17 23.56
CA PRO A 289 119.19 -60.05 23.89
C PRO A 289 118.29 -60.70 22.84
N ASP A 290 117.24 -61.36 23.32
CA ASP A 290 116.33 -62.18 22.51
C ASP A 290 114.94 -61.53 22.43
N CYS A 291 114.41 -61.12 23.59
CA CYS A 291 113.10 -60.48 23.66
C CYS A 291 113.22 -58.97 23.53
N PRO A 292 112.15 -58.24 23.14
CA PRO A 292 112.16 -56.77 23.09
C PRO A 292 112.50 -56.08 24.41
N GLU A 293 112.26 -56.75 25.56
CA GLU A 293 112.69 -56.29 26.87
C GLU A 293 114.20 -56.47 27.09
N GLY A 294 114.78 -57.57 26.60
CA GLY A 294 116.18 -57.89 26.83
C GLY A 294 116.41 -58.50 28.21
N ASP A 295 115.36 -59.11 28.79
CA ASP A 295 115.46 -59.74 30.11
C ASP A 295 116.26 -61.04 30.06
N ASP A 296 116.56 -61.54 28.87
CA ASP A 296 117.25 -62.80 28.70
C ASP A 296 118.77 -62.65 28.83
N GLU A 297 119.28 -61.44 29.14
CA GLU A 297 120.71 -61.22 29.33
C GLU A 297 120.94 -60.47 30.64
N ASN A 298 122.22 -60.19 30.93
CA ASN A 298 122.64 -59.53 32.15
C ASN A 298 122.02 -58.14 32.27
N ASN A 299 121.49 -57.83 33.46
CA ASN A 299 120.96 -56.51 33.76
C ASN A 299 121.06 -56.28 35.27
N VAL A 300 121.38 -55.04 35.66
CA VAL A 300 121.67 -54.70 37.05
C VAL A 300 120.40 -54.40 37.84
N THR A 301 119.27 -54.18 37.15
CA THR A 301 118.02 -53.85 37.83
C THR A 301 117.56 -55.04 38.67
N SER A 302 117.55 -56.23 38.06
CA SER A 302 117.21 -57.47 38.75
C SER A 302 118.43 -58.10 39.41
N GLY A 303 119.63 -57.58 39.12
CA GLY A 303 120.88 -58.19 39.59
C GLY A 303 121.08 -59.60 39.02
N ARG A 304 120.67 -59.81 37.76
CA ARG A 304 120.69 -61.13 37.16
C ARG A 304 121.88 -61.26 36.22
N THR A 305 122.56 -62.41 36.30
CA THR A 305 123.65 -62.75 35.38
C THR A 305 123.45 -64.18 34.90
N CYS A 306 123.93 -64.45 33.68
CA CYS A 306 123.86 -65.79 33.10
C CYS A 306 124.58 -66.78 34.01
N GLY A 307 123.79 -67.61 34.72
CA GLY A 307 124.36 -68.54 35.69
C GLY A 307 123.33 -69.48 36.30
N MET A 308 123.82 -70.62 36.79
CA MET A 308 123.00 -71.67 37.38
C MET A 308 122.74 -71.29 38.84
N GLY A 309 121.47 -71.05 39.19
CA GLY A 309 121.10 -70.50 40.48
C GLY A 309 120.85 -71.57 41.55
N VAL A 310 119.73 -71.44 42.26
CA VAL A 310 119.40 -72.27 43.40
C VAL A 310 118.97 -73.67 42.94
N CYS A 311 118.94 -73.90 41.62
CA CYS A 311 118.55 -75.20 41.07
C CYS A 311 119.52 -76.30 41.51
N SER A 312 120.74 -75.92 41.93
CA SER A 312 121.72 -76.87 42.45
C SER A 312 121.23 -77.56 43.71
N VAL A 313 120.33 -76.91 44.46
CA VAL A 313 119.72 -77.51 45.65
C VAL A 313 118.32 -78.02 45.32
N LEU A 314 117.55 -77.24 44.56
CA LEU A 314 116.20 -77.63 44.14
C LEU A 314 116.27 -78.50 42.88
N ASN A 315 117.03 -79.59 42.95
CA ASN A 315 117.26 -80.44 41.78
C ASN A 315 115.97 -81.14 41.38
N CYS A 316 115.80 -81.35 40.06
CA CYS A 316 114.71 -82.15 39.54
C CYS A 316 115.22 -83.54 39.17
N GLU A 317 114.33 -84.34 38.56
CA GLU A 317 114.71 -85.63 37.99
C GLU A 317 115.51 -85.43 36.71
N TYR A 318 115.53 -84.21 36.15
CA TYR A 318 116.16 -83.96 34.86
C TYR A 318 117.15 -82.81 34.98
N GLN A 319 117.67 -82.32 33.84
CA GLN A 319 118.66 -81.25 33.83
C GLN A 319 118.07 -79.96 34.40
N CYS A 320 118.85 -79.29 35.26
CA CYS A 320 118.62 -77.90 35.61
C CYS A 320 119.23 -76.99 34.54
N HIS A 321 118.91 -75.69 34.59
CA HIS A 321 119.42 -74.73 33.63
C HIS A 321 119.87 -73.46 34.35
N GLN A 322 120.46 -72.55 33.57
CA GLN A 322 121.23 -71.42 34.07
C GLN A 322 120.50 -70.10 33.84
N THR A 323 119.19 -70.06 34.08
CA THR A 323 118.42 -68.85 33.88
C THR A 323 118.88 -67.79 34.89
N PRO A 324 119.20 -66.55 34.46
CA PRO A 324 119.72 -65.53 35.37
C PRO A 324 118.80 -65.20 36.54
N PHE A 325 117.48 -65.17 36.27
CA PHE A 325 116.49 -64.82 37.28
C PHE A 325 116.41 -65.88 38.38
N GLY A 326 116.98 -67.06 38.12
CA GLY A 326 116.94 -68.17 39.05
C GLY A 326 116.89 -69.49 38.30
N GLY A 327 117.60 -70.50 38.82
CA GLY A 327 117.73 -71.79 38.15
C GLY A 327 116.37 -72.46 37.94
N GLU A 328 115.96 -72.58 36.67
CA GLU A 328 114.83 -73.40 36.27
C GLU A 328 115.41 -74.72 35.78
N CYS A 329 114.55 -75.66 35.39
CA CYS A 329 115.08 -76.95 34.95
C CYS A 329 114.25 -77.52 33.80
N PHE A 330 114.95 -78.09 32.81
CA PHE A 330 114.40 -78.49 31.52
C PHE A 330 113.40 -79.65 31.69
N CYS A 331 112.70 -80.04 30.61
CA CYS A 331 111.88 -81.26 30.62
C CYS A 331 112.01 -82.10 29.34
N PRO A 332 111.94 -83.46 29.46
CA PRO A 332 111.93 -84.36 28.31
C PRO A 332 110.62 -84.27 27.52
N PRO A 333 110.57 -84.77 26.26
CA PRO A 333 109.40 -84.61 25.39
C PRO A 333 108.16 -85.27 25.97
N GLY A 334 107.01 -84.66 25.69
CA GLY A 334 105.73 -85.11 26.20
C GLY A 334 105.45 -84.65 27.63
N HIS A 335 106.22 -83.70 28.20
CA HIS A 335 106.03 -83.29 29.59
C HIS A 335 106.17 -81.78 29.82
N ILE A 336 105.31 -81.23 30.69
CA ILE A 336 105.53 -79.93 31.33
C ILE A 336 106.37 -80.12 32.59
N ILE A 337 107.03 -79.05 33.05
CA ILE A 337 107.38 -78.96 34.47
C ILE A 337 106.09 -78.71 35.26
N ASN A 338 105.76 -79.59 36.20
CA ASN A 338 104.55 -79.43 37.00
C ASN A 338 104.75 -78.24 37.95
N SER A 339 103.83 -77.27 37.88
CA SER A 339 104.00 -76.00 38.58
C SER A 339 104.05 -76.20 40.10
N ASN A 340 103.36 -77.24 40.60
CA ASN A 340 103.33 -77.53 42.02
C ASN A 340 104.69 -78.03 42.52
N ASP A 341 105.45 -78.72 41.66
CA ASP A 341 106.57 -79.54 42.11
C ASP A 341 107.91 -78.81 41.99
N SER A 342 108.16 -78.21 40.83
CA SER A 342 109.46 -77.63 40.46
C SER A 342 110.53 -78.71 40.32
N ARG A 343 110.16 -80.00 40.41
CA ARG A 343 111.13 -81.08 40.43
C ARG A 343 110.74 -82.22 39.50
N THR A 344 109.44 -82.37 39.18
CA THR A 344 108.99 -83.49 38.37
C THR A 344 108.34 -82.97 37.08
N CYS A 345 108.80 -83.51 35.94
CA CYS A 345 108.14 -83.27 34.66
C CYS A 345 106.99 -84.27 34.52
N ILE A 346 105.82 -83.78 34.09
CA ILE A 346 104.59 -84.57 34.08
C ILE A 346 103.90 -84.41 32.74
N ASP A 347 103.18 -85.47 32.34
CA ASP A 347 102.74 -85.67 30.97
C ASP A 347 101.88 -84.54 30.46
N PHE A 348 102.10 -84.27 29.17
CA PHE A 348 101.60 -83.18 28.35
C PHE A 348 101.49 -83.74 26.93
N ASP A 349 100.85 -83.04 25.99
CA ASP A 349 100.97 -83.42 24.59
C ASP A 349 101.83 -82.41 23.84
N ASP A 350 102.93 -82.88 23.22
CA ASP A 350 103.73 -82.05 22.32
C ASP A 350 103.00 -81.86 20.99
N CYS A 351 102.13 -82.79 20.62
CA CYS A 351 101.50 -82.80 19.30
C CYS A 351 100.61 -81.58 19.07
N GLN A 352 100.26 -80.84 20.13
CA GLN A 352 99.38 -79.68 20.07
C GLN A 352 100.16 -78.36 19.98
N ILE A 353 101.49 -78.38 20.19
CA ILE A 353 102.30 -77.16 20.18
C ILE A 353 102.34 -76.60 18.76
N TRP A 354 102.05 -75.29 18.61
CA TRP A 354 102.01 -74.65 17.30
C TRP A 354 103.38 -74.73 16.61
N GLY A 355 103.42 -75.44 15.48
CA GLY A 355 104.64 -75.57 14.68
C GLY A 355 105.51 -76.77 15.04
N ILE A 356 104.98 -77.73 15.81
CA ILE A 356 105.77 -78.91 16.17
C ILE A 356 106.04 -79.76 14.92
N CYS A 357 105.04 -79.88 14.04
CA CYS A 357 105.16 -80.65 12.82
C CYS A 357 104.42 -79.95 11.69
N ASP A 358 104.96 -80.05 10.47
CA ASP A 358 104.23 -79.61 9.29
C ASP A 358 103.01 -80.51 9.10
N GLN A 359 101.87 -79.89 8.77
CA GLN A 359 100.62 -80.60 8.53
C GLN A 359 100.23 -81.41 9.78
N LYS A 360 99.49 -82.50 9.55
CA LYS A 360 98.89 -83.27 10.63
C LYS A 360 99.97 -83.91 11.50
N CYS A 361 99.60 -84.12 12.77
CA CYS A 361 100.45 -84.78 13.75
C CYS A 361 99.62 -85.80 14.54
N GLU A 362 100.31 -86.77 15.12
CA GLU A 362 99.68 -87.78 15.97
C GLU A 362 100.73 -88.28 16.97
N ASN A 363 100.30 -88.53 18.21
CA ASN A 363 101.21 -88.84 19.30
C ASN A 363 101.15 -90.32 19.62
N ARG A 364 102.32 -90.96 19.67
CA ARG A 364 102.45 -92.38 19.98
C ARG A 364 103.03 -92.53 21.39
N GLN A 365 102.15 -92.64 22.39
CA GLN A 365 102.51 -92.90 23.78
C GLN A 365 103.48 -91.86 24.33
N GLY A 366 103.32 -90.60 23.91
CA GLY A 366 104.20 -89.52 24.34
C GLY A 366 105.29 -89.18 23.32
N ARG A 367 105.28 -89.83 22.15
CA ARG A 367 106.22 -89.54 21.08
C ARG A 367 105.41 -89.03 19.88
N HIS A 368 105.62 -87.77 19.52
CA HIS A 368 104.89 -87.14 18.42
C HIS A 368 105.45 -87.59 17.07
N GLN A 369 104.55 -88.01 16.16
CA GLN A 369 104.91 -88.39 14.81
C GLN A 369 104.25 -87.41 13.84
N CYS A 370 105.05 -86.84 12.94
CA CYS A 370 104.56 -85.87 11.97
C CYS A 370 104.12 -86.59 10.70
N LEU A 371 103.16 -87.53 10.85
CA LEU A 371 102.58 -88.21 9.70
C LEU A 371 101.92 -87.17 8.79
N CYS A 372 102.16 -87.28 7.48
CA CYS A 372 101.67 -86.26 6.57
C CYS A 372 101.12 -86.87 5.27
N GLU A 373 100.24 -86.10 4.62
CA GLU A 373 99.24 -86.61 3.70
C GLU A 373 99.88 -87.17 2.41
N GLU A 374 99.05 -87.90 1.66
CA GLU A 374 99.45 -88.48 0.38
C GLU A 374 99.95 -87.38 -0.56
N GLY A 375 101.03 -87.67 -1.26
CA GLY A 375 101.65 -86.72 -2.18
C GLY A 375 102.79 -85.94 -1.54
N TYR A 376 103.02 -86.13 -0.22
CA TYR A 376 104.11 -85.47 0.49
C TYR A 376 105.10 -86.52 1.01
N ILE A 377 106.38 -86.15 1.03
CA ILE A 377 107.43 -87.00 1.55
C ILE A 377 107.97 -86.35 2.82
N LEU A 378 108.00 -87.12 3.90
CA LEU A 378 108.49 -86.62 5.18
C LEU A 378 110.02 -86.51 5.14
N GLU A 379 110.52 -85.34 5.56
CA GLU A 379 111.96 -85.07 5.59
C GLU A 379 112.32 -84.48 6.94
N ARG A 380 113.55 -84.77 7.40
CA ARG A 380 114.11 -84.25 8.64
C ARG A 380 113.30 -84.69 9.86
N GLY A 381 112.29 -85.54 9.65
CA GLY A 381 111.38 -85.99 10.70
C GLY A 381 110.44 -84.89 11.20
N GLN A 382 110.47 -83.72 10.54
CA GLN A 382 109.63 -82.59 10.94
C GLN A 382 108.92 -81.96 9.74
N HIS A 383 109.53 -82.02 8.54
CA HIS A 383 109.06 -81.29 7.37
C HIS A 383 108.66 -82.27 6.28
N CYS A 384 107.61 -81.93 5.52
CA CYS A 384 107.21 -82.72 4.37
C CYS A 384 107.31 -81.88 3.10
N LYS A 385 107.75 -82.54 2.02
CA LYS A 385 108.02 -81.90 0.74
C LYS A 385 107.19 -82.57 -0.35
N SER A 386 106.88 -81.83 -1.41
CA SER A 386 106.15 -82.36 -2.54
C SER A 386 106.93 -83.49 -3.20
N SER A 387 106.22 -84.57 -3.55
CA SER A 387 106.81 -85.67 -4.30
C SER A 387 107.20 -85.19 -5.71
N ASP A 388 108.24 -85.80 -6.27
CA ASP A 388 108.68 -85.48 -7.62
C ASP A 388 107.70 -86.01 -8.67
N SER A 389 106.60 -86.65 -8.25
CA SER A 389 105.52 -87.03 -9.16
C SER A 389 104.86 -85.79 -9.77
N PHE A 390 105.11 -84.60 -9.19
CA PHE A 390 104.57 -83.35 -9.69
C PHE A 390 105.70 -82.49 -10.24
N SER A 391 105.38 -81.66 -11.24
CA SER A 391 106.38 -80.94 -12.01
C SER A 391 106.95 -79.78 -11.20
N ALA A 392 107.79 -80.11 -10.20
CA ALA A 392 108.41 -79.13 -9.31
C ALA A 392 107.34 -78.19 -8.77
N ALA A 393 107.63 -76.89 -8.69
CA ALA A 393 106.65 -75.88 -8.33
C ALA A 393 107.16 -74.51 -8.75
N SER A 394 106.23 -73.55 -8.87
CA SER A 394 106.58 -72.20 -9.27
C SER A 394 105.65 -71.20 -8.61
N VAL A 395 106.13 -69.96 -8.47
CA VAL A 395 105.37 -68.88 -7.86
C VAL A 395 105.02 -67.86 -8.93
N ILE A 396 103.72 -67.57 -9.05
CA ILE A 396 103.23 -66.57 -9.99
C ILE A 396 102.77 -65.36 -9.19
N PHE A 397 103.23 -64.17 -9.59
CA PHE A 397 102.89 -62.95 -8.87
C PHE A 397 102.86 -61.77 -9.83
N SER A 398 102.24 -60.68 -9.37
CA SER A 398 102.26 -59.42 -10.08
C SER A 398 103.31 -58.50 -9.48
N ASN A 399 104.27 -58.05 -10.30
CA ASN A 399 105.31 -57.15 -9.85
C ASN A 399 104.82 -55.70 -9.86
N GLY A 400 103.53 -55.48 -10.12
CA GLY A 400 103.01 -54.16 -10.49
C GLY A 400 102.32 -54.24 -11.84
N ARG A 401 102.98 -53.74 -12.89
CA ARG A 401 102.37 -53.75 -14.22
C ARG A 401 102.21 -55.17 -14.73
N ASP A 402 103.23 -56.02 -14.55
CA ASP A 402 103.36 -57.24 -15.32
C ASP A 402 103.17 -58.47 -14.45
N LEU A 403 102.84 -59.59 -15.12
CA LEU A 403 102.63 -60.87 -14.47
C LEU A 403 103.92 -61.69 -14.62
N LEU A 404 104.54 -62.04 -13.48
CA LEU A 404 105.81 -62.75 -13.49
C LEU A 404 105.62 -64.15 -12.89
N VAL A 405 106.62 -65.00 -13.13
CA VAL A 405 106.66 -66.34 -12.58
C VAL A 405 108.11 -66.67 -12.21
N GLY A 406 108.29 -67.36 -11.08
CA GLY A 406 109.61 -67.74 -10.61
C GLY A 406 109.56 -69.01 -9.79
N ASP A 407 110.72 -69.64 -9.61
CA ASP A 407 110.85 -70.87 -8.86
C ASP A 407 110.69 -70.59 -7.36
N LEU A 408 110.49 -71.65 -6.57
CA LEU A 408 110.38 -71.53 -5.12
C LEU A 408 111.67 -70.98 -4.53
N HIS A 409 112.82 -71.49 -4.99
CA HIS A 409 114.11 -70.91 -4.66
C HIS A 409 114.39 -69.82 -5.69
N GLY A 410 113.86 -68.62 -5.43
CA GLY A 410 113.75 -67.56 -6.43
C GLY A 410 115.08 -67.19 -7.08
N ARG A 411 115.31 -67.69 -8.30
CA ARG A 411 116.51 -67.36 -9.06
C ARG A 411 116.21 -67.08 -10.53
N ASN A 412 115.10 -67.60 -11.08
CA ASN A 412 114.87 -67.63 -12.52
C ASN A 412 113.53 -67.00 -12.89
N PHE A 413 113.32 -65.76 -12.46
CA PHE A 413 112.09 -65.04 -12.76
C PHE A 413 111.93 -64.86 -14.26
N ARG A 414 110.68 -64.95 -14.72
CA ARG A 414 110.34 -64.82 -16.14
C ARG A 414 109.02 -64.09 -16.27
N ILE A 415 108.92 -63.23 -17.29
CA ILE A 415 107.71 -62.47 -17.54
C ILE A 415 106.71 -63.35 -18.28
N LEU A 416 105.56 -63.62 -17.64
CA LEU A 416 104.54 -64.49 -18.21
C LEU A 416 103.63 -63.69 -19.15
N ALA A 417 103.37 -62.42 -18.83
CA ALA A 417 102.47 -61.58 -19.62
C ALA A 417 102.72 -60.12 -19.29
N GLU A 418 102.92 -59.29 -20.32
CA GLU A 418 103.00 -57.85 -20.14
C GLU A 418 101.61 -57.24 -20.26
N SER A 419 101.37 -56.19 -19.46
CA SER A 419 100.11 -55.50 -19.44
C SER A 419 100.02 -54.54 -20.64
N LYS A 420 99.09 -54.82 -21.56
CA LYS A 420 98.90 -53.96 -22.72
C LYS A 420 98.04 -52.75 -22.34
N ASN A 421 98.20 -51.67 -23.12
CA ASN A 421 97.38 -50.48 -23.01
C ASN A 421 97.42 -49.91 -21.59
N ARG A 422 98.63 -49.83 -21.01
CA ARG A 422 98.88 -49.17 -19.74
C ARG A 422 98.08 -49.83 -18.61
N GLY A 423 97.90 -51.15 -18.69
CA GLY A 423 97.15 -51.89 -17.68
C GLY A 423 97.99 -52.19 -16.45
N MET A 424 97.39 -52.91 -15.51
CA MET A 424 98.05 -53.31 -14.27
C MET A 424 97.44 -54.62 -13.78
N VAL A 425 98.29 -55.63 -13.57
CA VAL A 425 97.83 -56.92 -13.11
C VAL A 425 97.57 -56.85 -11.60
N MET A 426 96.31 -57.05 -11.21
CA MET A 426 95.90 -56.85 -9.82
C MET A 426 95.86 -58.18 -9.07
N GLY A 427 95.01 -59.11 -9.51
CA GLY A 427 94.77 -60.35 -8.77
C GLY A 427 94.90 -61.57 -9.67
N VAL A 428 95.61 -62.60 -9.19
CA VAL A 428 95.92 -63.74 -10.02
C VAL A 428 95.41 -65.02 -9.35
N ASP A 429 95.08 -66.01 -10.18
CA ASP A 429 94.83 -67.37 -9.73
C ASP A 429 95.09 -68.30 -10.91
N PHE A 430 95.00 -69.61 -10.65
CA PHE A 430 95.40 -70.59 -11.64
C PHE A 430 94.50 -71.81 -11.59
N HIS A 431 94.48 -72.55 -12.72
CA HIS A 431 93.90 -73.88 -12.77
C HIS A 431 94.99 -74.83 -13.27
N TYR A 432 95.39 -75.78 -12.42
CA TYR A 432 96.55 -76.62 -12.71
C TYR A 432 96.27 -77.58 -13.88
N GLN A 433 95.14 -78.29 -13.81
CA GLN A 433 94.82 -79.32 -14.80
C GLN A 433 94.44 -78.71 -16.15
N LYS A 434 94.02 -77.44 -16.17
CA LYS A 434 93.71 -76.76 -17.42
C LYS A 434 94.94 -76.05 -17.99
N HIS A 435 96.09 -76.11 -17.27
CA HIS A 435 97.30 -75.39 -17.65
C HIS A 435 97.03 -73.89 -17.78
N ARG A 436 96.09 -73.35 -17.00
CA ARG A 436 95.60 -72.00 -17.22
C ARG A 436 95.91 -71.11 -16.03
N VAL A 437 96.25 -69.84 -16.32
CA VAL A 437 96.47 -68.83 -15.30
C VAL A 437 95.56 -67.65 -15.62
N PHE A 438 94.85 -67.17 -14.59
CA PHE A 438 93.89 -66.09 -14.74
C PHE A 438 94.38 -64.87 -13.96
N TRP A 439 94.10 -63.67 -14.45
CA TRP A 439 94.40 -62.46 -13.72
C TRP A 439 93.43 -61.36 -14.11
N THR A 440 93.32 -60.36 -13.22
CA THR A 440 92.43 -59.23 -13.38
C THR A 440 93.25 -57.97 -13.65
N ASP A 441 92.58 -56.97 -14.22
CA ASP A 441 93.27 -55.75 -14.65
C ASP A 441 92.33 -54.56 -14.49
N PRO A 442 92.36 -53.84 -13.35
CA PRO A 442 91.40 -52.78 -13.09
C PRO A 442 91.69 -51.47 -13.83
N MET A 443 92.90 -51.31 -14.38
CA MET A 443 93.22 -50.13 -15.17
C MET A 443 92.58 -50.25 -16.56
N GLN A 444 92.62 -51.48 -17.12
CA GLN A 444 92.01 -51.75 -18.41
C GLN A 444 90.57 -52.26 -18.25
N GLU A 445 90.16 -52.56 -17.01
CA GLU A 445 88.80 -52.99 -16.67
C GLU A 445 88.46 -54.29 -17.42
N LYS A 446 89.34 -55.28 -17.31
CA LYS A 446 89.15 -56.56 -17.98
C LYS A 446 89.70 -57.69 -17.12
N VAL A 447 89.32 -58.92 -17.49
CA VAL A 447 89.84 -60.13 -16.88
C VAL A 447 90.45 -61.00 -17.99
N PHE A 448 91.64 -61.54 -17.75
CA PHE A 448 92.39 -62.25 -18.78
C PHE A 448 92.72 -63.66 -18.30
N SER A 449 93.11 -64.51 -19.26
CA SER A 449 93.57 -65.86 -19.00
C SER A 449 94.69 -66.21 -19.99
N THR A 450 95.52 -67.18 -19.61
CA THR A 450 96.63 -67.61 -20.44
C THR A 450 97.12 -68.98 -19.98
N ASP A 451 97.98 -69.60 -20.78
CA ASP A 451 98.71 -70.79 -20.37
C ASP A 451 100.03 -70.38 -19.73
N ILE A 452 100.72 -71.34 -19.11
CA ILE A 452 102.00 -71.08 -18.46
C ILE A 452 103.06 -70.71 -19.49
N ASN A 453 102.95 -71.23 -20.72
CA ASN A 453 103.84 -70.83 -21.80
C ASN A 453 103.59 -69.37 -22.21
N GLY A 454 102.42 -68.82 -21.85
CA GLY A 454 102.09 -67.43 -22.09
C GLY A 454 101.64 -67.15 -23.53
N LEU A 455 101.21 -68.18 -24.27
CA LEU A 455 100.89 -68.02 -25.68
C LEU A 455 99.41 -67.72 -25.88
N ASN A 456 98.54 -68.65 -25.48
CA ASN A 456 97.11 -68.55 -25.77
C ASN A 456 96.47 -67.59 -24.77
N THR A 457 96.22 -66.34 -25.20
CA THR A 457 95.68 -65.31 -24.32
C THR A 457 94.30 -64.90 -24.83
N GLN A 458 93.34 -64.81 -23.90
CA GLN A 458 92.00 -64.31 -24.21
C GLN A 458 91.45 -63.56 -22.99
N GLU A 459 90.61 -62.56 -23.26
CA GLU A 459 90.00 -61.78 -22.18
C GLU A 459 88.72 -62.49 -21.73
N ILE A 460 88.59 -62.71 -20.42
CA ILE A 460 87.46 -63.46 -19.89
C ILE A 460 86.22 -62.57 -19.82
N LEU A 461 86.33 -61.45 -19.10
CA LEU A 461 85.19 -60.57 -18.88
C LEU A 461 85.60 -59.12 -19.15
N ASN A 462 84.74 -58.40 -19.88
CA ASN A 462 85.04 -57.03 -20.25
C ASN A 462 83.78 -56.16 -20.27
N VAL A 463 82.78 -56.53 -19.45
CA VAL A 463 81.62 -55.68 -19.18
C VAL A 463 81.31 -55.78 -17.68
N SER A 464 81.07 -54.62 -17.04
CA SER A 464 80.67 -54.54 -15.65
C SER A 464 81.73 -55.17 -14.74
N VAL A 465 83.01 -55.00 -15.08
CA VAL A 465 84.11 -55.51 -14.27
C VAL A 465 85.02 -54.33 -13.94
N ASP A 466 84.42 -53.18 -13.67
CA ASP A 466 85.13 -51.90 -13.59
C ASP A 466 86.31 -51.96 -12.62
N THR A 467 86.15 -52.67 -11.49
CA THR A 467 87.21 -52.76 -10.50
C THR A 467 87.31 -54.19 -9.96
N PRO A 468 87.96 -55.10 -10.71
CA PRO A 468 88.09 -56.49 -10.27
C PRO A 468 89.18 -56.66 -9.21
N GLU A 469 88.81 -56.48 -7.94
CA GLU A 469 89.77 -56.37 -6.86
C GLU A 469 90.56 -57.67 -6.68
N ASN A 470 89.90 -58.83 -6.80
CA ASN A 470 90.59 -60.09 -6.56
C ASN A 470 89.90 -61.20 -7.35
N LEU A 471 90.47 -62.42 -7.25
CA LEU A 471 90.06 -63.53 -8.08
C LEU A 471 90.36 -64.84 -7.36
N ALA A 472 89.58 -65.87 -7.70
CA ALA A 472 89.76 -67.21 -7.17
C ALA A 472 89.22 -68.24 -8.17
N VAL A 473 89.91 -69.37 -8.26
CA VAL A 473 89.56 -70.42 -9.21
C VAL A 473 88.95 -71.59 -8.44
N ASP A 474 87.77 -72.03 -8.87
CA ASP A 474 87.15 -73.24 -8.37
C ASP A 474 87.49 -74.38 -9.32
N TRP A 475 88.54 -75.14 -8.99
CA TRP A 475 89.08 -76.13 -9.92
C TRP A 475 88.13 -77.32 -10.06
N ILE A 476 87.42 -77.69 -8.99
CA ILE A 476 86.57 -78.87 -9.03
C ILE A 476 85.44 -78.70 -10.04
N ASN A 477 84.77 -77.55 -10.02
CA ASN A 477 83.59 -77.32 -10.83
C ASN A 477 83.88 -76.45 -12.07
N ASN A 478 85.16 -76.09 -12.28
CA ASN A 478 85.57 -75.27 -13.42
C ASN A 478 84.79 -73.95 -13.45
N LYS A 479 84.83 -73.21 -12.34
CA LYS A 479 84.22 -71.89 -12.27
C LYS A 479 85.19 -70.90 -11.64
N LEU A 480 84.96 -69.62 -11.93
CA LEU A 480 85.84 -68.54 -11.49
C LEU A 480 85.05 -67.61 -10.56
N TYR A 481 85.54 -67.47 -9.32
CA TYR A 481 84.96 -66.55 -8.37
C TYR A 481 85.69 -65.21 -8.48
N LEU A 482 84.92 -64.13 -8.69
CA LEU A 482 85.49 -62.82 -8.93
C LEU A 482 84.95 -61.82 -7.92
N VAL A 483 85.82 -60.94 -7.43
CA VAL A 483 85.44 -59.87 -6.53
C VAL A 483 85.45 -58.55 -7.30
N GLU A 484 84.32 -57.82 -7.22
CA GLU A 484 84.17 -56.53 -7.86
C GLU A 484 83.91 -55.49 -6.76
N THR A 485 84.45 -54.28 -6.94
CA THR A 485 84.37 -53.27 -5.89
C THR A 485 83.78 -51.94 -6.35
N LYS A 486 83.59 -51.73 -7.66
CA LYS A 486 82.83 -50.57 -8.12
C LYS A 486 81.39 -50.68 -7.63
N VAL A 487 80.76 -51.82 -7.94
CA VAL A 487 79.52 -52.24 -7.29
C VAL A 487 79.86 -53.49 -6.49
N ASN A 488 79.88 -53.34 -5.16
CA ASN A 488 80.43 -54.36 -4.28
C ASN A 488 79.62 -55.65 -4.41
N ARG A 489 80.25 -56.69 -4.97
CA ARG A 489 79.61 -57.99 -5.13
C ARG A 489 80.67 -59.06 -5.34
N ILE A 490 80.26 -60.31 -5.15
CA ILE A 490 81.09 -61.47 -5.45
C ILE A 490 80.37 -62.27 -6.53
N ASP A 491 80.97 -62.28 -7.72
CA ASP A 491 80.39 -62.96 -8.87
C ASP A 491 81.11 -64.28 -9.10
N VAL A 492 80.33 -65.27 -9.55
CA VAL A 492 80.88 -66.54 -9.97
C VAL A 492 80.54 -66.74 -11.45
N VAL A 493 81.55 -67.16 -12.21
CA VAL A 493 81.43 -67.26 -13.65
C VAL A 493 82.20 -68.48 -14.11
N ASN A 494 81.74 -69.08 -15.22
CA ASN A 494 82.48 -70.14 -15.89
C ASN A 494 83.83 -69.59 -16.33
N LEU A 495 84.77 -70.51 -16.57
CA LEU A 495 85.97 -70.16 -17.33
C LEU A 495 85.50 -69.71 -18.71
N GLU A 496 86.37 -68.98 -19.42
CA GLU A 496 86.04 -68.30 -20.67
C GLU A 496 84.82 -67.39 -20.54
N GLY A 497 84.36 -67.13 -19.31
CA GLY A 497 83.56 -65.94 -19.01
C GLY A 497 82.08 -66.06 -19.34
N ASN A 498 81.51 -67.27 -19.28
CA ASN A 498 80.09 -67.44 -19.55
C ASN A 498 79.33 -67.74 -18.26
N GLN A 499 78.00 -67.60 -18.32
CA GLN A 499 77.09 -67.97 -17.24
C GLN A 499 77.39 -67.13 -15.99
N ARG A 500 77.28 -65.81 -16.13
CA ARG A 500 77.45 -64.88 -15.02
C ARG A 500 76.30 -65.02 -14.03
N VAL A 501 76.65 -65.00 -12.74
CA VAL A 501 75.66 -65.01 -11.67
C VAL A 501 76.30 -64.49 -10.39
N THR A 502 75.54 -63.69 -9.65
CA THR A 502 76.03 -63.02 -8.45
C THR A 502 75.65 -63.83 -7.22
N LEU A 503 76.60 -63.98 -6.29
CA LEU A 503 76.38 -64.80 -5.10
C LEU A 503 76.08 -63.94 -3.88
N ILE A 504 76.95 -62.96 -3.60
CA ILE A 504 76.87 -62.18 -2.37
C ILE A 504 76.86 -60.71 -2.74
N THR A 505 75.98 -59.93 -2.09
CA THR A 505 75.89 -58.49 -2.31
C THR A 505 75.52 -57.73 -1.03
N GLU A 506 74.73 -58.34 -0.14
CA GLU A 506 74.25 -57.64 1.06
C GLU A 506 75.41 -57.24 1.99
N ASN A 507 75.37 -55.98 2.49
CA ASN A 507 76.27 -55.43 3.50
C ASN A 507 77.74 -55.34 3.03
N LEU A 508 78.06 -55.57 1.75
CA LEU A 508 79.44 -55.95 1.39
C LEU A 508 80.52 -54.87 1.57
N GLY A 509 80.21 -53.58 1.69
CA GLY A 509 81.21 -52.59 2.05
C GLY A 509 82.42 -52.53 1.10
N HIS A 510 83.58 -53.02 1.56
CA HIS A 510 84.81 -53.02 0.79
C HIS A 510 85.40 -54.42 0.74
N PRO A 511 84.88 -55.32 -0.13
CA PRO A 511 85.40 -56.67 -0.20
C PRO A 511 86.73 -56.70 -0.96
N ARG A 512 87.75 -57.34 -0.37
CA ARG A 512 89.07 -57.33 -0.96
C ARG A 512 89.58 -58.74 -1.24
N GLY A 513 89.69 -59.58 -0.20
CA GLY A 513 90.29 -60.89 -0.33
C GLY A 513 89.25 -61.97 -0.61
N ILE A 514 89.70 -63.10 -1.18
CA ILE A 514 88.82 -64.24 -1.44
C ILE A 514 89.66 -65.52 -1.52
N ALA A 515 89.07 -66.62 -1.04
CA ALA A 515 89.65 -67.96 -1.16
C ALA A 515 88.54 -68.99 -0.95
N LEU A 516 88.76 -70.21 -1.44
CA LEU A 516 87.74 -71.24 -1.35
C LEU A 516 88.40 -72.62 -1.29
N ASP A 517 87.66 -73.57 -0.70
CA ASP A 517 88.08 -74.96 -0.62
C ASP A 517 86.94 -75.82 -1.17
N PRO A 518 86.92 -76.11 -2.49
CA PRO A 518 85.84 -76.91 -3.07
C PRO A 518 85.74 -78.33 -2.53
N THR A 519 86.81 -78.84 -1.91
CA THR A 519 86.81 -80.18 -1.34
C THR A 519 85.92 -80.24 -0.09
N VAL A 520 85.67 -79.11 0.58
CA VAL A 520 84.77 -79.02 1.73
C VAL A 520 83.51 -78.22 1.39
N GLY A 521 83.62 -77.19 0.53
CA GLY A 521 82.49 -76.39 0.09
C GLY A 521 82.37 -75.04 0.81
N TYR A 522 83.44 -74.55 1.45
CA TYR A 522 83.41 -73.23 2.06
C TYR A 522 84.09 -72.19 1.19
N LEU A 523 83.58 -70.95 1.26
CA LEU A 523 84.14 -69.80 0.58
C LEU A 523 84.48 -68.74 1.63
N PHE A 524 85.72 -68.26 1.63
CA PHE A 524 86.18 -67.26 2.60
C PHE A 524 86.43 -65.95 1.87
N PHE A 525 86.06 -64.82 2.46
CA PHE A 525 86.41 -63.55 1.86
C PHE A 525 86.59 -62.52 2.97
N SER A 526 87.41 -61.51 2.70
CA SER A 526 87.70 -60.48 3.70
C SER A 526 87.01 -59.19 3.30
N ASP A 527 86.87 -58.27 4.27
CA ASP A 527 86.08 -57.08 4.05
C ASP A 527 86.56 -56.01 5.03
N TRP A 528 87.26 -54.98 4.53
CA TRP A 528 87.89 -53.99 5.40
C TRP A 528 86.91 -52.85 5.72
N GLY A 529 85.65 -53.22 5.94
CA GLY A 529 84.62 -52.32 6.39
C GLY A 529 83.30 -52.58 5.65
N SER A 530 82.24 -52.89 6.40
CA SER A 530 80.95 -53.22 5.82
C SER A 530 80.10 -51.97 5.73
N LEU A 531 78.89 -52.08 5.15
CA LEU A 531 77.94 -50.98 5.19
C LEU A 531 77.55 -50.68 6.64
N SER A 532 77.59 -51.72 7.51
CA SER A 532 77.37 -51.57 8.94
C SER A 532 78.56 -50.94 9.64
N GLY A 533 79.73 -50.86 8.98
CA GLY A 533 80.90 -50.20 9.54
C GLY A 533 82.03 -51.17 9.91
N GLN A 534 81.67 -52.35 10.42
CA GLN A 534 82.65 -53.31 10.92
C GLN A 534 83.49 -53.90 9.78
N PRO A 535 84.84 -53.89 9.87
CA PRO A 535 85.67 -54.75 9.02
C PRO A 535 85.70 -56.17 9.61
N LYS A 536 85.74 -57.19 8.74
CA LYS A 536 85.63 -58.58 9.17
C LYS A 536 86.24 -59.54 8.15
N VAL A 537 86.53 -60.77 8.60
CA VAL A 537 86.75 -61.89 7.70
C VAL A 537 85.55 -62.83 7.84
N GLU A 538 85.00 -63.33 6.74
CA GLU A 538 83.80 -64.14 6.88
C GLU A 538 83.84 -65.38 5.99
N ARG A 539 82.93 -66.30 6.32
CA ARG A 539 82.85 -67.62 5.70
C ARG A 539 81.43 -67.82 5.22
N ALA A 540 81.28 -68.46 4.06
CA ALA A 540 79.98 -68.82 3.53
C ALA A 540 80.09 -70.23 2.95
N PHE A 541 78.99 -70.85 2.56
CA PHE A 541 79.10 -71.96 1.63
C PHE A 541 79.48 -71.40 0.25
N MET A 542 79.91 -72.27 -0.67
CA MET A 542 80.40 -71.84 -1.97
C MET A 542 79.25 -71.33 -2.85
N ASP A 543 77.99 -71.49 -2.41
CA ASP A 543 76.85 -70.90 -3.10
C ASP A 543 76.41 -69.58 -2.47
N GLY A 544 77.21 -69.06 -1.51
CA GLY A 544 76.99 -67.76 -0.89
C GLY A 544 76.09 -67.80 0.35
N SER A 545 75.47 -68.94 0.65
CA SER A 545 74.53 -69.08 1.76
C SER A 545 75.26 -69.14 3.10
N ASN A 546 74.50 -69.00 4.21
CA ASN A 546 74.96 -69.29 5.57
C ASN A 546 76.24 -68.53 5.97
N ARG A 547 76.27 -67.21 5.74
CA ARG A 547 77.40 -66.36 6.06
C ARG A 547 77.63 -66.27 7.58
N LYS A 548 78.92 -66.14 7.99
CA LYS A 548 79.35 -66.08 9.38
C LYS A 548 80.50 -65.08 9.52
N ASP A 549 80.51 -64.24 10.58
CA ASP A 549 81.76 -63.60 10.98
C ASP A 549 82.75 -64.67 11.45
N LEU A 550 83.78 -64.93 10.63
CA LEU A 550 84.78 -65.94 10.96
C LEU A 550 85.86 -65.29 11.84
N VAL A 551 86.21 -64.03 11.58
CA VAL A 551 87.01 -63.21 12.49
C VAL A 551 86.41 -61.81 12.53
N THR A 552 86.32 -61.21 13.73
CA THR A 552 85.69 -59.90 13.88
C THR A 552 86.47 -58.96 14.83
N THR A 553 87.06 -59.49 15.91
CA THR A 553 87.83 -58.67 16.84
C THR A 553 89.23 -58.35 16.28
N LYS A 554 89.66 -57.08 16.48
CA LYS A 554 90.96 -56.56 16.09
C LYS A 554 91.27 -56.84 14.60
N VAL A 555 90.27 -56.71 13.73
CA VAL A 555 90.47 -57.14 12.35
C VAL A 555 91.17 -56.06 11.51
N GLY A 556 90.75 -54.79 11.58
CA GLY A 556 91.48 -53.72 10.91
C GLY A 556 91.17 -53.62 9.41
N TRP A 557 92.19 -53.87 8.58
CA TRP A 557 92.07 -53.81 7.12
C TRP A 557 92.54 -55.12 6.52
N PRO A 558 91.72 -56.19 6.58
CA PRO A 558 92.13 -57.48 6.03
C PRO A 558 92.22 -57.42 4.51
N ALA A 559 93.42 -57.71 3.98
CA ALA A 559 93.73 -57.44 2.58
C ALA A 559 93.85 -58.70 1.72
N GLY A 560 94.14 -59.86 2.32
CA GLY A 560 94.36 -61.06 1.52
C GLY A 560 94.08 -62.32 2.32
N ILE A 561 93.66 -63.38 1.62
CA ILE A 561 93.30 -64.64 2.26
C ILE A 561 93.87 -65.79 1.44
N THR A 562 94.41 -66.79 2.15
CA THR A 562 94.80 -68.06 1.54
C THR A 562 94.45 -69.18 2.51
N LEU A 563 94.35 -70.41 1.99
CA LEU A 563 93.98 -71.57 2.79
C LEU A 563 95.11 -72.61 2.82
N ASP A 564 95.28 -73.21 4.00
CA ASP A 564 96.14 -74.36 4.22
C ASP A 564 95.27 -75.62 4.13
N LEU A 565 95.13 -76.19 2.92
CA LEU A 565 94.05 -77.14 2.63
C LEU A 565 94.20 -78.43 3.45
N VAL A 566 95.44 -78.87 3.69
CA VAL A 566 95.69 -80.10 4.44
C VAL A 566 95.40 -79.89 5.92
N SER A 567 95.78 -78.73 6.47
CA SER A 567 95.62 -78.45 7.89
C SER A 567 94.26 -77.83 8.22
N LYS A 568 93.44 -77.50 7.19
CA LYS A 568 92.14 -76.86 7.33
C LYS A 568 92.24 -75.55 8.14
N ARG A 569 93.14 -74.66 7.71
CA ARG A 569 93.31 -73.35 8.33
C ARG A 569 93.20 -72.25 7.27
N VAL A 570 92.75 -71.06 7.68
CA VAL A 570 92.70 -69.90 6.79
C VAL A 570 93.75 -68.89 7.27
N TYR A 571 94.59 -68.42 6.34
CA TYR A 571 95.58 -67.39 6.61
C TYR A 571 95.11 -66.08 6.00
N TRP A 572 95.22 -64.99 6.77
CA TRP A 572 94.87 -63.68 6.25
C TRP A 572 95.85 -62.65 6.80
N VAL A 573 95.97 -61.53 6.10
CA VAL A 573 96.90 -60.47 6.45
C VAL A 573 96.12 -59.20 6.73
N ASP A 574 96.74 -58.28 7.48
CA ASP A 574 96.12 -57.01 7.84
C ASP A 574 97.09 -55.88 7.50
N SER A 575 96.62 -54.89 6.72
CA SER A 575 97.46 -53.80 6.26
C SER A 575 97.45 -52.61 7.23
N ARG A 576 96.59 -52.66 8.27
CA ARG A 576 96.44 -51.54 9.19
C ARG A 576 97.06 -51.84 10.55
N TYR A 577 96.78 -53.01 11.13
CA TYR A 577 97.43 -53.42 12.37
C TYR A 577 98.69 -54.25 12.10
N ASP A 578 98.99 -54.52 10.82
CA ASP A 578 100.28 -55.03 10.38
C ASP A 578 100.58 -56.37 11.06
N TYR A 579 99.76 -57.38 10.76
CA TYR A 579 100.02 -58.75 11.20
C TYR A 579 99.70 -59.75 10.10
N ILE A 580 100.17 -60.98 10.29
CA ILE A 580 99.62 -62.14 9.60
C ILE A 580 99.08 -63.08 10.68
N GLU A 581 97.83 -63.53 10.51
CA GLU A 581 97.18 -64.37 11.51
C GLU A 581 96.48 -65.55 10.86
N THR A 582 96.12 -66.54 11.68
CA THR A 582 95.58 -67.79 11.20
C THR A 582 94.49 -68.29 12.16
N VAL A 583 93.43 -68.90 11.61
CA VAL A 583 92.44 -69.62 12.40
C VAL A 583 92.06 -70.92 11.68
N THR A 584 91.41 -71.87 12.35
CA THR A 584 90.85 -73.03 11.66
C THR A 584 89.65 -72.60 10.83
N TYR A 585 89.11 -73.47 9.97
CA TYR A 585 87.94 -73.12 9.17
C TYR A 585 86.73 -72.68 10.02
N ASP A 586 86.70 -73.03 11.32
CA ASP A 586 85.60 -72.67 12.22
C ASP A 586 85.91 -71.45 13.11
N GLY A 587 87.15 -70.95 13.11
CA GLY A 587 87.47 -69.68 13.77
C GLY A 587 88.04 -69.79 15.18
N ILE A 588 88.35 -71.00 15.69
CA ILE A 588 88.74 -71.17 17.10
C ILE A 588 90.22 -70.88 17.36
N GLN A 589 91.17 -71.63 16.76
CA GLN A 589 92.56 -71.65 17.21
C GLN A 589 93.33 -70.43 16.69
N ARG A 590 93.07 -69.21 17.18
CA ARG A 590 93.72 -68.02 16.61
C ARG A 590 95.18 -67.94 17.04
N LYS A 591 96.10 -68.00 16.06
CA LYS A 591 97.55 -67.85 16.27
C LYS A 591 98.05 -66.71 15.39
N THR A 592 99.12 -66.01 15.83
CA THR A 592 99.71 -64.92 15.07
C THR A 592 101.12 -65.30 14.62
N VAL A 593 101.41 -65.08 13.33
CA VAL A 593 102.64 -65.59 12.73
C VAL A 593 103.65 -64.46 12.46
N ALA A 594 103.18 -63.19 12.42
CA ALA A 594 104.03 -62.02 12.29
C ALA A 594 103.25 -60.81 12.79
N ARG A 595 103.96 -59.82 13.35
CA ARG A 595 103.31 -58.68 13.97
C ARG A 595 104.32 -57.55 14.08
N GLY A 596 103.86 -56.33 13.75
CA GLY A 596 104.70 -55.14 13.84
C GLY A 596 104.96 -54.54 12.46
N GLY A 597 105.13 -53.20 12.45
CA GLY A 597 105.40 -52.47 11.23
C GLY A 597 106.79 -52.74 10.66
N SER A 598 107.70 -53.23 11.51
CA SER A 598 109.06 -53.56 11.13
C SER A 598 109.13 -54.82 10.25
N LEU A 599 108.06 -55.65 10.25
CA LEU A 599 108.05 -56.93 9.56
C LEU A 599 107.05 -56.91 8.40
N VAL A 600 105.80 -56.53 8.68
CA VAL A 600 104.74 -56.59 7.68
C VAL A 600 104.03 -55.25 7.63
N PRO A 601 104.68 -54.19 7.11
CA PRO A 601 104.10 -52.84 7.19
C PRO A 601 102.77 -52.69 6.44
N HIS A 602 102.61 -53.35 5.29
CA HIS A 602 101.41 -53.19 4.47
C HIS A 602 101.25 -54.40 3.54
N PRO A 603 100.88 -55.58 4.09
CA PRO A 603 100.63 -56.75 3.26
C PRO A 603 99.36 -56.57 2.42
N PHE A 604 99.40 -57.04 1.17
CA PHE A 604 98.20 -57.03 0.34
C PHE A 604 97.75 -58.45 -0.01
N GLY A 605 98.63 -59.21 -0.68
CA GLY A 605 98.30 -60.56 -1.13
C GLY A 605 98.96 -61.60 -0.23
N ILE A 606 98.58 -62.87 -0.40
CA ILE A 606 99.18 -63.95 0.37
C ILE A 606 98.96 -65.27 -0.37
N SER A 607 99.94 -66.17 -0.26
CA SER A 607 99.85 -67.51 -0.80
C SER A 607 100.66 -68.45 0.09
N LEU A 608 100.31 -69.74 0.07
CA LEU A 608 100.92 -70.73 0.95
C LEU A 608 101.42 -71.91 0.13
N PHE A 609 102.55 -72.49 0.57
CA PHE A 609 103.08 -73.71 0.00
C PHE A 609 104.06 -74.35 0.98
N GLU A 610 103.85 -75.64 1.26
CA GLU A 610 104.73 -76.43 2.14
C GLU A 610 104.95 -75.71 3.47
N GLU A 611 106.21 -75.32 3.73
CA GLU A 611 106.59 -74.76 5.02
C GLU A 611 106.57 -73.23 5.01
N HIS A 612 106.34 -72.61 3.83
CA HIS A 612 106.48 -71.18 3.68
C HIS A 612 105.16 -70.52 3.31
N VAL A 613 105.09 -69.21 3.55
CA VAL A 613 103.97 -68.38 3.14
C VAL A 613 104.53 -67.16 2.42
N PHE A 614 103.90 -66.80 1.30
CA PHE A 614 104.37 -65.74 0.42
C PHE A 614 103.36 -64.61 0.41
N PHE A 615 103.81 -63.36 0.58
CA PHE A 615 102.89 -62.23 0.59
C PHE A 615 103.56 -61.00 -0.01
N THR A 616 102.79 -60.26 -0.81
CA THR A 616 103.21 -58.95 -1.29
C THR A 616 103.12 -57.93 -0.17
N ASP A 617 103.86 -56.84 -0.32
CA ASP A 617 103.80 -55.71 0.60
C ASP A 617 103.95 -54.43 -0.18
N TRP A 618 103.04 -53.48 0.04
CA TRP A 618 103.05 -52.22 -0.69
C TRP A 618 104.11 -51.25 -0.17
N THR A 619 104.52 -51.41 1.10
CA THR A 619 105.50 -50.52 1.71
C THR A 619 106.92 -50.97 1.38
N LYS A 620 107.18 -52.27 1.48
CA LYS A 620 108.49 -52.81 1.14
C LYS A 620 108.65 -53.01 -0.36
N MET A 621 107.54 -52.87 -1.12
CA MET A 621 107.54 -52.94 -2.59
C MET A 621 108.10 -54.28 -3.07
N ALA A 622 107.88 -55.34 -2.31
CA ALA A 622 108.51 -56.63 -2.58
C ALA A 622 107.55 -57.77 -2.28
N VAL A 623 107.83 -58.92 -2.89
CA VAL A 623 107.16 -60.17 -2.55
C VAL A 623 107.97 -60.82 -1.43
N MET A 624 107.32 -61.09 -0.31
CA MET A 624 108.01 -61.53 0.89
C MET A 624 107.81 -63.03 1.07
N LYS A 625 108.74 -63.65 1.81
CA LYS A 625 108.69 -65.08 2.09
C LYS A 625 108.90 -65.28 3.59
N ALA A 626 108.04 -66.10 4.20
CA ALA A 626 108.04 -66.25 5.66
C ALA A 626 107.61 -67.66 6.03
N SER A 627 108.02 -68.09 7.23
CA SER A 627 107.57 -69.37 7.78
C SER A 627 106.09 -69.30 8.11
N LYS A 628 105.38 -70.40 7.86
CA LYS A 628 103.93 -70.43 8.02
C LYS A 628 103.54 -70.37 9.51
N PHE A 629 104.44 -70.75 10.42
CA PHE A 629 104.08 -70.87 11.83
C PHE A 629 104.37 -69.58 12.59
N THR A 630 105.65 -69.24 12.72
CA THR A 630 106.09 -68.00 13.35
C THR A 630 107.45 -67.63 12.78
N GLU A 631 107.71 -66.32 12.70
CA GLU A 631 108.97 -65.84 12.15
C GLU A 631 109.16 -64.37 12.55
N THR A 632 110.41 -63.92 12.51
CA THR A 632 110.78 -62.61 13.04
C THR A 632 111.42 -61.71 11.99
N ASN A 633 111.84 -62.25 10.84
CA ASN A 633 112.47 -61.44 9.82
C ASN A 633 112.21 -62.04 8.43
N PRO A 634 111.21 -61.52 7.69
CA PRO A 634 110.85 -62.12 6.40
C PRO A 634 111.92 -61.85 5.36
N GLN A 635 112.26 -62.88 4.59
CA GLN A 635 113.24 -62.75 3.53
C GLN A 635 112.58 -62.19 2.27
N VAL A 636 113.31 -61.34 1.55
CA VAL A 636 112.82 -60.77 0.30
C VAL A 636 112.93 -61.83 -0.79
N TYR A 637 111.80 -62.13 -1.45
CA TYR A 637 111.77 -63.12 -2.52
C TYR A 637 111.98 -62.44 -3.88
N HIS A 638 111.30 -61.30 -4.09
CA HIS A 638 111.50 -60.49 -5.28
C HIS A 638 111.32 -59.03 -4.93
N GLN A 639 112.20 -58.18 -5.47
CA GLN A 639 112.17 -56.75 -5.20
C GLN A 639 111.67 -56.03 -6.46
N SER A 640 110.69 -55.14 -6.29
CA SER A 640 110.06 -54.47 -7.41
C SER A 640 110.08 -52.95 -7.21
N SER A 641 110.06 -52.21 -8.32
CA SER A 641 110.01 -50.76 -8.31
C SER A 641 108.57 -50.23 -8.26
N LEU A 642 107.58 -51.12 -8.45
CA LEU A 642 106.17 -50.77 -8.35
C LEU A 642 105.55 -51.54 -7.19
N ARG A 643 104.36 -51.10 -6.77
CA ARG A 643 103.58 -51.80 -5.76
C ARG A 643 103.16 -53.17 -6.31
N PRO A 644 103.56 -54.29 -5.67
CA PRO A 644 103.17 -55.61 -6.14
C PRO A 644 101.83 -56.06 -5.56
N HIS A 645 101.12 -56.89 -6.33
CA HIS A 645 99.85 -57.45 -5.91
C HIS A 645 99.81 -58.95 -6.23
N GLY A 646 98.94 -59.66 -5.52
CA GLY A 646 98.47 -60.98 -5.95
C GLY A 646 99.58 -62.03 -6.15
N VAL A 647 100.10 -62.57 -5.06
CA VAL A 647 100.96 -63.74 -5.13
C VAL A 647 100.09 -64.99 -5.19
N THR A 648 100.57 -66.00 -5.90
CA THR A 648 99.99 -67.34 -5.87
C THR A 648 101.08 -68.35 -6.19
N VAL A 649 100.91 -69.57 -5.67
CA VAL A 649 101.87 -70.64 -5.90
C VAL A 649 101.22 -71.66 -6.82
N TYR A 650 101.88 -71.93 -7.95
CA TYR A 650 101.37 -72.84 -8.97
C TYR A 650 101.90 -74.25 -8.70
N HIS A 651 100.99 -75.16 -8.30
CA HIS A 651 101.36 -76.52 -7.99
C HIS A 651 100.15 -77.44 -8.08
N ALA A 652 100.40 -78.76 -8.13
CA ALA A 652 99.34 -79.75 -8.19
C ALA A 652 98.74 -79.98 -6.81
N LEU A 653 99.59 -80.09 -5.77
CA LEU A 653 99.11 -80.31 -4.41
C LEU A 653 98.33 -79.10 -3.88
N ARG A 654 98.45 -77.95 -4.57
CA ARG A 654 97.70 -76.75 -4.20
C ARG A 654 96.23 -76.88 -4.63
N GLN A 655 95.91 -77.86 -5.50
CA GLN A 655 94.54 -78.06 -5.97
C GLN A 655 94.23 -79.55 -5.94
N PRO A 656 93.91 -80.10 -4.75
CA PRO A 656 93.68 -81.54 -4.62
C PRO A 656 92.49 -82.03 -5.44
N ASN A 657 92.52 -83.32 -5.75
CA ASN A 657 91.44 -83.96 -6.50
C ASN A 657 90.26 -84.25 -5.57
N ALA A 658 89.04 -84.05 -6.09
CA ALA A 658 87.82 -84.42 -5.39
C ALA A 658 86.69 -84.64 -6.39
N THR A 659 85.63 -85.30 -5.94
CA THR A 659 84.48 -85.59 -6.77
C THR A 659 83.63 -84.34 -6.98
N ASN A 660 82.99 -84.26 -8.15
CA ASN A 660 82.17 -83.12 -8.52
C ASN A 660 80.70 -83.53 -8.56
N PRO A 661 79.85 -83.09 -7.60
CA PRO A 661 78.41 -83.38 -7.68
C PRO A 661 77.74 -82.85 -8.95
N CYS A 662 78.17 -81.69 -9.44
CA CYS A 662 77.56 -81.07 -10.62
C CYS A 662 78.05 -81.74 -11.91
N GLY A 663 79.02 -82.65 -11.83
CA GLY A 663 79.65 -83.23 -13.00
C GLY A 663 78.72 -84.11 -13.84
N SER A 664 77.58 -84.52 -13.27
CA SER A 664 76.59 -85.35 -13.94
C SER A 664 75.34 -84.54 -14.26
N ASN A 665 74.99 -84.49 -15.56
CA ASN A 665 73.78 -83.84 -16.05
C ASN A 665 73.76 -82.34 -15.69
N ASN A 666 74.95 -81.74 -15.49
CA ASN A 666 75.06 -80.37 -14.98
C ASN A 666 74.28 -80.23 -13.67
N GLY A 667 74.29 -81.30 -12.87
CA GLY A 667 73.58 -81.32 -11.60
C GLY A 667 72.06 -81.35 -11.79
N GLY A 668 71.61 -81.47 -13.05
CA GLY A 668 70.19 -81.47 -13.37
C GLY A 668 69.56 -80.08 -13.40
N CYS A 669 70.35 -79.04 -13.12
CA CYS A 669 69.84 -77.67 -13.12
C CYS A 669 69.61 -77.20 -14.55
N ALA A 670 68.73 -76.19 -14.69
CA ALA A 670 68.37 -75.64 -15.99
C ALA A 670 69.58 -74.94 -16.62
N GLN A 671 70.22 -74.03 -15.86
CA GLN A 671 71.26 -73.19 -16.44
C GLN A 671 72.60 -73.38 -15.72
N VAL A 672 72.63 -73.16 -14.40
CA VAL A 672 73.89 -73.10 -13.68
C VAL A 672 73.85 -74.02 -12.47
N CYS A 673 74.97 -74.72 -12.25
CA CYS A 673 75.13 -75.60 -11.09
C CYS A 673 76.32 -75.10 -10.29
N VAL A 674 76.07 -74.68 -9.04
CA VAL A 674 77.10 -74.12 -8.18
C VAL A 674 77.23 -74.99 -6.93
N LEU A 675 78.47 -75.27 -6.53
CA LEU A 675 78.75 -76.11 -5.37
C LEU A 675 78.24 -75.42 -4.10
N SER A 676 78.09 -76.23 -3.06
CA SER A 676 77.85 -75.76 -1.71
C SER A 676 78.65 -76.64 -0.75
N HIS A 677 78.41 -76.49 0.54
CA HIS A 677 78.97 -77.39 1.54
C HIS A 677 78.53 -78.82 1.23
N ARG A 678 79.38 -79.83 1.52
CA ARG A 678 79.10 -81.21 1.18
C ARG A 678 77.80 -81.72 1.82
N THR A 679 77.41 -81.17 2.98
CA THR A 679 76.18 -81.59 3.64
C THR A 679 74.95 -80.82 3.12
N ASP A 680 75.15 -79.75 2.36
CA ASP A 680 74.06 -78.88 1.94
C ASP A 680 73.16 -79.57 0.90
N ASN A 681 71.92 -79.07 0.77
CA ASN A 681 70.94 -79.59 -0.18
C ASN A 681 70.67 -81.07 0.10
N GLY A 682 70.56 -81.41 1.38
CA GLY A 682 70.26 -82.77 1.82
C GLY A 682 71.31 -83.79 1.37
N GLY A 683 72.59 -83.38 1.43
CA GLY A 683 73.72 -84.24 1.11
C GLY A 683 74.10 -84.25 -0.36
N LEU A 684 73.39 -83.50 -1.23
CA LEU A 684 73.75 -83.44 -2.63
C LEU A 684 74.99 -82.58 -2.85
N GLY A 685 75.15 -81.52 -2.04
CA GLY A 685 76.36 -80.71 -2.02
C GLY A 685 76.43 -79.67 -3.13
N TYR A 686 75.28 -79.33 -3.75
CA TYR A 686 75.24 -78.29 -4.75
C TYR A 686 73.89 -77.60 -4.73
N ARG A 687 73.83 -76.39 -5.31
CA ARG A 687 72.60 -75.63 -5.38
C ARG A 687 72.44 -75.07 -6.79
N CYS A 688 71.23 -75.18 -7.34
CA CYS A 688 70.98 -74.71 -8.70
C CYS A 688 70.69 -73.20 -8.68
N LYS A 689 71.32 -72.49 -9.62
CA LYS A 689 71.04 -71.07 -9.83
C LYS A 689 70.87 -70.86 -11.33
N CYS A 690 70.37 -69.69 -11.73
CA CYS A 690 70.17 -69.39 -13.13
C CYS A 690 70.71 -68.00 -13.45
N GLU A 691 71.04 -67.81 -14.73
CA GLU A 691 71.73 -66.61 -15.21
C GLU A 691 70.82 -65.40 -15.09
N PHE A 692 71.39 -64.22 -15.38
CA PHE A 692 70.68 -62.97 -15.24
C PHE A 692 69.48 -62.91 -16.17
N GLY A 693 68.37 -62.37 -15.65
CA GLY A 693 67.13 -62.29 -16.38
C GLY A 693 66.21 -63.48 -16.15
N PHE A 694 66.56 -64.37 -15.21
CA PHE A 694 65.73 -65.52 -14.90
C PHE A 694 65.70 -65.75 -13.39
N GLU A 695 64.71 -66.52 -12.94
CA GLU A 695 64.59 -66.88 -11.53
C GLU A 695 64.05 -68.30 -11.43
N LEU A 696 64.32 -68.94 -10.29
CA LEU A 696 64.04 -70.37 -10.11
C LEU A 696 62.55 -70.60 -9.94
N ASP A 697 62.07 -71.70 -10.54
CA ASP A 697 60.72 -72.19 -10.30
C ASP A 697 60.68 -72.90 -8.95
N ASP A 698 59.45 -73.16 -8.46
CA ASP A 698 59.22 -73.95 -7.27
C ASP A 698 59.81 -75.36 -7.42
N ASP A 699 59.96 -75.85 -8.66
CA ASP A 699 60.67 -77.09 -8.94
C ASP A 699 62.13 -77.00 -8.50
N GLU A 700 62.68 -75.77 -8.48
CA GLU A 700 63.98 -75.47 -7.89
C GLU A 700 65.14 -75.98 -8.76
N HIS A 701 64.83 -76.73 -9.82
CA HIS A 701 65.81 -77.04 -10.84
C HIS A 701 65.53 -76.25 -12.12
N ARG A 702 64.25 -76.16 -12.48
CA ARG A 702 63.81 -75.34 -13.61
C ARG A 702 63.82 -73.87 -13.20
N CYS A 703 64.00 -72.99 -14.18
CA CYS A 703 63.93 -71.55 -13.93
C CYS A 703 63.29 -70.85 -15.11
N VAL A 704 62.59 -69.75 -14.80
CA VAL A 704 61.80 -69.00 -15.76
C VAL A 704 62.28 -67.54 -15.74
N ALA A 705 61.81 -66.75 -16.71
CA ALA A 705 62.18 -65.35 -16.82
C ALA A 705 61.69 -64.56 -15.61
N VAL A 706 62.42 -63.50 -15.27
CA VAL A 706 62.01 -62.63 -14.19
C VAL A 706 60.79 -61.83 -14.64
N LYS A 707 59.88 -61.56 -13.70
CA LYS A 707 58.66 -60.84 -14.02
C LYS A 707 58.76 -59.36 -13.63
N ASN A 708 59.43 -59.07 -12.52
CA ASN A 708 59.47 -57.72 -11.99
C ASN A 708 60.65 -57.60 -11.03
N PHE A 709 61.25 -56.40 -10.99
CA PHE A 709 62.28 -56.08 -10.01
C PHE A 709 62.41 -54.57 -9.91
N LEU A 710 63.13 -54.12 -8.87
CA LEU A 710 63.22 -52.70 -8.57
C LEU A 710 64.43 -52.12 -9.28
N LEU A 711 64.16 -51.35 -10.34
CA LEU A 711 65.21 -50.67 -11.10
C LEU A 711 65.47 -49.31 -10.45
N PHE A 712 66.74 -49.04 -10.10
CA PHE A 712 67.08 -47.75 -9.54
C PHE A 712 68.43 -47.31 -10.09
N SER A 713 68.63 -45.98 -10.06
CA SER A 713 69.79 -45.35 -10.66
C SER A 713 70.48 -44.49 -9.62
N SER A 714 71.81 -44.41 -9.71
CA SER A 714 72.62 -43.55 -8.88
C SER A 714 73.83 -43.08 -9.67
N LYS A 715 74.69 -42.29 -9.04
CA LYS A 715 75.89 -41.79 -9.71
C LYS A 715 76.80 -42.95 -10.10
N THR A 716 76.95 -43.91 -9.20
CA THR A 716 77.89 -45.00 -9.40
C THR A 716 77.41 -45.94 -10.52
N ALA A 717 76.16 -46.41 -10.44
CA ALA A 717 75.69 -47.46 -11.34
C ALA A 717 74.18 -47.47 -11.41
N VAL A 718 73.66 -48.19 -12.41
CA VAL A 718 72.25 -48.52 -12.52
C VAL A 718 72.09 -49.99 -12.14
N ARG A 719 71.22 -50.25 -11.16
CA ARG A 719 71.12 -51.57 -10.56
C ARG A 719 69.66 -52.02 -10.51
N GLY A 720 69.47 -53.33 -10.37
CA GLY A 720 68.15 -53.93 -10.26
C GLY A 720 68.11 -54.92 -9.10
N ILE A 721 67.21 -54.68 -8.14
CA ILE A 721 67.16 -55.50 -6.94
C ILE A 721 65.75 -56.06 -6.80
N PRO A 722 65.59 -57.24 -6.18
CA PRO A 722 64.26 -57.80 -5.95
C PRO A 722 63.44 -56.93 -5.00
N PHE A 723 62.11 -56.97 -5.17
CA PHE A 723 61.19 -56.24 -4.33
C PHE A 723 61.20 -56.80 -2.90
N THR A 724 61.35 -58.13 -2.77
CA THR A 724 61.46 -58.78 -1.47
C THR A 724 62.80 -58.41 -0.84
N LEU A 725 62.78 -58.19 0.49
CA LEU A 725 63.97 -57.70 1.18
C LEU A 725 64.85 -58.88 1.65
N SER A 726 64.37 -60.12 1.50
CA SER A 726 65.12 -61.30 1.93
C SER A 726 66.25 -61.60 0.96
N THR A 727 65.89 -61.90 -0.29
CA THR A 727 66.86 -62.27 -1.31
C THR A 727 67.39 -60.99 -1.96
N GLN A 728 68.48 -60.46 -1.40
CA GLN A 728 68.93 -59.12 -1.74
C GLN A 728 69.81 -59.07 -2.99
N GLU A 729 70.21 -60.22 -3.53
CA GLU A 729 71.16 -60.24 -4.64
C GLU A 729 70.54 -59.61 -5.88
N ASP A 730 71.36 -58.88 -6.64
CA ASP A 730 70.92 -58.20 -7.85
C ASP A 730 70.43 -59.24 -8.86
N VAL A 731 69.47 -58.83 -9.70
CA VAL A 731 68.89 -59.70 -10.71
C VAL A 731 69.18 -59.21 -12.12
N MET A 732 69.97 -58.13 -12.26
CA MET A 732 70.44 -57.71 -13.57
C MET A 732 71.89 -57.25 -13.43
N VAL A 733 72.61 -57.30 -14.56
CA VAL A 733 74.00 -56.87 -14.59
C VAL A 733 74.06 -55.37 -14.33
N PRO A 734 74.76 -54.92 -13.27
CA PRO A 734 74.82 -53.50 -12.96
C PRO A 734 75.50 -52.70 -14.07
N VAL A 735 74.79 -51.70 -14.57
CA VAL A 735 75.32 -50.83 -15.60
C VAL A 735 76.30 -49.85 -14.97
N THR A 736 77.50 -49.74 -15.53
CA THR A 736 78.53 -48.88 -14.94
C THR A 736 79.39 -48.27 -16.03
N GLY A 737 79.87 -47.04 -15.76
CA GLY A 737 80.82 -46.35 -16.61
C GLY A 737 81.92 -45.71 -15.77
N SER A 738 83.02 -45.32 -16.42
CA SER A 738 84.18 -44.82 -15.71
C SER A 738 83.97 -43.40 -15.20
N PRO A 739 83.58 -42.39 -16.03
CA PRO A 739 83.32 -41.06 -15.50
C PRO A 739 81.85 -40.86 -15.17
N SER A 740 81.09 -41.96 -15.12
CA SER A 740 79.65 -41.91 -15.34
C SER A 740 78.91 -41.24 -14.18
N PHE A 741 77.70 -40.78 -14.50
CA PHE A 741 76.77 -40.20 -13.55
C PHE A 741 75.37 -40.45 -14.08
N PHE A 742 74.71 -41.50 -13.57
CA PHE A 742 73.42 -41.93 -14.10
C PHE A 742 72.28 -41.22 -13.38
N VAL A 743 71.28 -40.79 -14.16
CA VAL A 743 70.10 -40.17 -13.59
C VAL A 743 68.84 -40.86 -14.09
N GLY A 744 68.61 -40.83 -15.41
CA GLY A 744 67.33 -41.25 -15.98
C GLY A 744 67.32 -42.75 -16.26
N ILE A 745 66.14 -43.37 -16.07
CA ILE A 745 65.98 -44.80 -16.34
C ILE A 745 64.56 -45.07 -16.82
N ASP A 746 64.45 -46.07 -17.70
CA ASP A 746 63.20 -46.74 -18.00
C ASP A 746 63.51 -48.11 -18.59
N PHE A 747 62.50 -48.84 -19.06
CA PHE A 747 62.72 -50.20 -19.52
C PHE A 747 61.77 -50.55 -20.65
N ASP A 748 62.17 -51.57 -21.42
CA ASP A 748 61.40 -52.14 -22.51
C ASP A 748 61.37 -53.65 -22.31
N ALA A 749 60.35 -54.13 -21.58
CA ALA A 749 60.31 -55.50 -21.09
C ALA A 749 60.14 -56.52 -22.21
N GLN A 750 59.70 -56.10 -23.40
CA GLN A 750 59.56 -57.01 -24.52
C GLN A 750 60.94 -57.50 -24.98
N HIS A 751 61.89 -56.58 -25.09
CA HIS A 751 63.27 -56.92 -25.45
C HIS A 751 64.16 -57.13 -24.23
N SER A 752 63.60 -56.97 -23.02
CA SER A 752 64.32 -57.09 -21.77
C SER A 752 65.54 -56.17 -21.78
N THR A 753 65.27 -54.88 -22.04
CA THR A 753 66.30 -53.85 -22.09
C THR A 753 65.94 -52.72 -21.14
N VAL A 754 66.95 -51.93 -20.76
CA VAL A 754 66.78 -50.77 -19.90
C VAL A 754 67.44 -49.58 -20.58
N PHE A 755 66.71 -48.45 -20.61
CA PHE A 755 67.25 -47.20 -21.11
C PHE A 755 67.80 -46.41 -19.94
N TYR A 756 68.90 -45.69 -20.17
CA TYR A 756 69.45 -44.82 -19.15
C TYR A 756 70.22 -43.68 -19.80
N SER A 757 70.39 -42.59 -19.04
CA SER A 757 71.13 -41.43 -19.51
C SER A 757 72.33 -41.22 -18.60
N ASP A 758 73.51 -41.15 -19.21
CA ASP A 758 74.72 -40.82 -18.49
C ASP A 758 74.90 -39.31 -18.55
N LEU A 759 74.56 -38.62 -17.47
CA LEU A 759 74.59 -37.17 -17.43
C LEU A 759 76.04 -36.66 -17.54
N SER A 760 77.03 -37.49 -17.20
CA SER A 760 78.44 -37.13 -17.34
C SER A 760 78.88 -37.16 -18.81
N LYS A 761 78.30 -38.06 -19.61
CA LYS A 761 78.62 -38.14 -21.02
C LYS A 761 77.63 -37.34 -21.88
N ASP A 762 76.40 -37.14 -21.38
CA ASP A 762 75.29 -36.58 -22.15
C ASP A 762 74.96 -37.51 -23.32
N ILE A 763 74.81 -38.81 -23.02
CA ILE A 763 74.40 -39.81 -23.98
C ILE A 763 73.31 -40.69 -23.36
N ILE A 764 72.34 -41.09 -24.18
CA ILE A 764 71.30 -42.03 -23.76
C ILE A 764 71.58 -43.39 -24.36
N TYR A 765 71.66 -44.40 -23.50
CA TYR A 765 71.98 -45.76 -23.91
C TYR A 765 70.79 -46.69 -23.74
N LYS A 766 70.91 -47.88 -24.33
CA LYS A 766 70.06 -49.01 -24.00
C LYS A 766 70.94 -50.23 -23.80
N GLN A 767 70.51 -51.12 -22.92
CA GLN A 767 71.30 -52.30 -22.59
C GLN A 767 70.37 -53.41 -22.13
N LYS A 768 70.70 -54.64 -22.51
CA LYS A 768 69.90 -55.80 -22.11
C LYS A 768 70.11 -56.08 -20.63
N ILE A 769 69.20 -56.90 -20.07
CA ILE A 769 69.27 -57.27 -18.67
C ILE A 769 70.55 -58.06 -18.39
N ASP A 770 70.92 -58.97 -19.31
CA ASP A 770 72.04 -59.88 -19.10
C ASP A 770 73.39 -59.18 -19.27
N GLY A 771 73.39 -57.87 -19.55
CA GLY A 771 74.63 -57.10 -19.61
C GLY A 771 75.12 -56.87 -21.03
N THR A 772 74.55 -57.57 -22.02
CA THR A 772 75.03 -57.44 -23.40
C THR A 772 74.20 -56.40 -24.14
N GLY A 773 74.63 -56.06 -25.35
CA GLY A 773 73.82 -55.31 -26.30
C GLY A 773 73.72 -53.82 -25.97
N LYS A 774 74.77 -53.25 -25.36
CA LYS A 774 74.80 -51.82 -25.13
C LYS A 774 74.87 -51.09 -26.47
N GLU A 775 73.95 -50.14 -26.67
CA GLU A 775 73.89 -49.35 -27.88
C GLU A 775 73.55 -47.90 -27.50
N VAL A 776 73.91 -46.98 -28.39
CA VAL A 776 73.63 -45.57 -28.16
C VAL A 776 72.28 -45.26 -28.81
N ILE A 777 71.32 -44.72 -28.04
CA ILE A 777 70.03 -44.30 -28.58
C ILE A 777 70.19 -42.95 -29.27
N THR A 778 70.80 -41.99 -28.57
CA THR A 778 71.14 -40.70 -29.17
C THR A 778 72.22 -40.02 -28.34
N ALA A 779 72.97 -39.12 -28.99
CA ALA A 779 74.03 -38.37 -28.32
C ALA A 779 74.08 -36.90 -28.79
N ASN A 780 73.06 -36.46 -29.54
CA ASN A 780 73.07 -35.15 -30.17
C ASN A 780 72.09 -34.23 -29.44
N ARG A 781 72.48 -32.96 -29.24
CA ARG A 781 71.60 -31.93 -28.64
C ARG A 781 71.07 -32.34 -27.26
N LEU A 782 71.86 -33.06 -26.45
CA LEU A 782 71.45 -33.33 -25.09
C LEU A 782 72.27 -32.41 -24.18
N GLU A 783 71.61 -31.53 -23.41
CA GLU A 783 72.34 -30.60 -22.54
C GLU A 783 72.40 -31.16 -21.11
N SER A 784 71.26 -31.63 -20.56
CA SER A 784 71.25 -32.42 -19.34
C SER A 784 69.91 -33.14 -19.18
N VAL A 785 69.88 -34.42 -19.54
CA VAL A 785 68.66 -35.22 -19.48
C VAL A 785 68.39 -35.63 -18.05
N GLU A 786 67.30 -35.14 -17.47
CA GLU A 786 67.01 -35.35 -16.06
C GLU A 786 66.17 -36.61 -15.85
N CYS A 787 65.29 -36.95 -16.79
CA CYS A 787 64.38 -38.06 -16.62
C CYS A 787 64.06 -38.70 -17.96
N LEU A 788 63.62 -39.97 -17.90
CA LEU A 788 63.24 -40.72 -19.07
C LEU A 788 61.91 -41.42 -18.82
N THR A 789 61.15 -41.60 -19.91
CA THR A 789 59.95 -42.42 -19.87
C THR A 789 59.74 -43.02 -21.25
N PHE A 790 59.11 -44.20 -21.27
CA PHE A 790 58.98 -44.99 -22.48
C PHE A 790 57.53 -45.38 -22.68
N ASP A 791 57.00 -45.03 -23.86
CA ASP A 791 55.67 -45.46 -24.27
C ASP A 791 55.82 -46.81 -24.96
N TRP A 792 55.51 -47.88 -24.21
CA TRP A 792 55.81 -49.22 -24.68
C TRP A 792 54.89 -49.68 -25.79
N ILE A 793 53.75 -48.99 -26.00
CA ILE A 793 52.80 -49.39 -27.03
C ILE A 793 53.18 -48.76 -28.37
N SER A 794 53.42 -47.44 -28.38
CA SER A 794 53.80 -46.74 -29.60
C SER A 794 55.31 -46.76 -29.84
N ARG A 795 56.10 -47.25 -28.85
CA ARG A 795 57.56 -47.39 -28.94
C ARG A 795 58.24 -46.03 -29.13
N ASN A 796 57.79 -45.02 -28.35
CA ASN A 796 58.38 -43.70 -28.29
C ASN A 796 59.10 -43.51 -26.95
N LEU A 797 60.31 -42.94 -26.98
CA LEU A 797 61.04 -42.57 -25.79
C LEU A 797 60.97 -41.06 -25.62
N TYR A 798 60.58 -40.57 -24.44
CA TYR A 798 60.56 -39.14 -24.15
C TYR A 798 61.56 -38.83 -23.05
N TRP A 799 62.09 -37.59 -23.04
CA TRP A 799 62.91 -37.15 -21.92
C TRP A 799 62.79 -35.65 -21.67
N THR A 800 63.02 -35.27 -20.42
CA THR A 800 63.13 -33.88 -20.01
C THR A 800 64.59 -33.46 -20.11
N ASP A 801 64.84 -32.26 -20.63
CA ASP A 801 66.19 -31.72 -20.64
C ASP A 801 66.20 -30.47 -19.75
N GLY A 802 67.00 -30.49 -18.69
CA GLY A 802 67.08 -29.36 -17.76
C GLY A 802 67.83 -28.16 -18.36
N GLY A 803 68.73 -28.42 -19.31
CA GLY A 803 69.61 -27.40 -19.88
C GLY A 803 69.00 -26.74 -21.12
N LEU A 804 68.30 -27.52 -21.96
CA LEU A 804 67.50 -26.97 -23.04
C LEU A 804 66.10 -26.55 -22.59
N LYS A 805 65.71 -26.88 -21.34
CA LYS A 805 64.42 -26.53 -20.75
C LYS A 805 63.26 -27.01 -21.64
N SER A 806 63.31 -28.28 -22.05
CA SER A 806 62.49 -28.79 -23.14
C SER A 806 62.19 -30.28 -22.95
N VAL A 807 61.08 -30.76 -23.55
CA VAL A 807 60.79 -32.19 -23.63
C VAL A 807 60.95 -32.64 -25.07
N THR A 808 61.72 -33.73 -25.25
CA THR A 808 61.93 -34.32 -26.57
C THR A 808 61.27 -35.69 -26.62
N VAL A 809 60.79 -36.09 -27.79
CA VAL A 809 60.32 -37.43 -28.05
C VAL A 809 61.08 -38.00 -29.24
N LEU A 810 61.43 -39.29 -29.17
CA LEU A 810 62.20 -39.98 -30.20
C LEU A 810 61.55 -41.34 -30.46
N ARG A 811 61.37 -41.72 -31.73
CA ARG A 811 60.82 -43.04 -32.03
C ARG A 811 61.97 -44.02 -32.24
N LEU A 812 62.03 -45.10 -31.45
CA LEU A 812 63.17 -46.02 -31.50
C LEU A 812 63.30 -46.71 -32.86
N ALA A 813 62.18 -46.87 -33.57
CA ALA A 813 62.14 -47.59 -34.84
C ALA A 813 62.96 -46.89 -35.92
N ASP A 814 62.97 -45.55 -35.94
CA ASP A 814 63.63 -44.84 -37.02
C ASP A 814 64.47 -43.64 -36.54
N LYS A 815 64.73 -43.54 -35.23
CA LYS A 815 65.55 -42.48 -34.63
C LYS A 815 65.10 -41.06 -35.01
N SER A 816 63.87 -40.87 -35.51
CA SER A 816 63.31 -39.54 -35.70
C SER A 816 62.93 -38.95 -34.35
N ARG A 817 63.11 -37.62 -34.18
CA ARG A 817 62.88 -36.96 -32.90
C ARG A 817 62.31 -35.55 -33.09
N ARG A 818 61.63 -35.01 -32.06
CA ARG A 818 61.15 -33.64 -32.06
C ARG A 818 61.09 -33.06 -30.65
N GLN A 819 61.36 -31.75 -30.47
CA GLN A 819 61.06 -31.04 -29.24
C GLN A 819 59.58 -30.66 -29.19
N ILE A 820 58.79 -31.36 -28.37
CA ILE A 820 57.34 -31.19 -28.40
C ILE A 820 56.84 -30.19 -27.35
N ILE A 821 57.67 -29.86 -26.35
CA ILE A 821 57.40 -28.77 -25.40
C ILE A 821 58.70 -27.97 -25.25
N SER A 822 58.64 -26.63 -25.28
CA SER A 822 59.82 -25.86 -25.70
C SER A 822 60.36 -24.82 -24.71
N ASN A 823 59.54 -24.22 -23.84
CA ASN A 823 59.97 -23.10 -23.02
C ASN A 823 59.53 -23.27 -21.57
N LEU A 824 59.95 -24.39 -20.97
CA LEU A 824 59.77 -24.65 -19.55
C LEU A 824 60.83 -23.89 -18.75
N ASN A 825 60.83 -24.03 -17.42
CA ASN A 825 61.85 -23.35 -16.61
C ASN A 825 62.87 -24.35 -16.06
N ASN A 826 62.40 -25.31 -15.24
CA ASN A 826 63.24 -26.40 -14.75
C ASN A 826 62.42 -27.68 -14.75
N PRO A 827 62.15 -28.25 -15.94
CA PRO A 827 61.40 -29.51 -16.02
C PRO A 827 62.26 -30.61 -15.43
N ARG A 828 61.67 -31.49 -14.61
CA ARG A 828 62.43 -32.52 -13.92
C ARG A 828 61.95 -33.91 -14.32
N SER A 829 60.68 -34.22 -14.01
CA SER A 829 60.17 -35.57 -14.19
C SER A 829 59.16 -35.62 -15.33
N ILE A 830 58.99 -36.80 -15.92
CA ILE A 830 57.97 -36.99 -16.94
C ILE A 830 57.45 -38.43 -16.89
N VAL A 831 56.15 -38.61 -17.09
CA VAL A 831 55.53 -39.92 -17.22
C VAL A 831 54.55 -39.89 -18.37
N VAL A 832 54.41 -41.03 -19.06
CA VAL A 832 53.45 -41.16 -20.15
C VAL A 832 52.49 -42.29 -19.83
N HIS A 833 51.21 -42.07 -20.14
CA HIS A 833 50.18 -43.08 -19.96
C HIS A 833 49.68 -43.51 -21.33
N PRO A 834 50.19 -44.63 -21.89
CA PRO A 834 49.88 -44.99 -23.28
C PRO A 834 48.39 -45.21 -23.55
N THR A 835 47.66 -45.81 -22.60
CA THR A 835 46.25 -46.09 -22.81
C THR A 835 45.41 -44.83 -22.63
N ALA A 836 45.69 -44.06 -21.58
CA ALA A 836 44.96 -42.82 -21.33
C ALA A 836 45.38 -41.72 -22.32
N GLY A 837 46.60 -41.84 -22.88
CA GLY A 837 47.07 -40.92 -23.91
C GLY A 837 47.56 -39.58 -23.37
N TYR A 838 47.91 -39.54 -22.08
CA TYR A 838 48.41 -38.32 -21.46
C TYR A 838 49.91 -38.43 -21.21
N MET A 839 50.54 -37.29 -20.93
CA MET A 839 51.85 -37.26 -20.29
C MET A 839 51.77 -36.22 -19.17
N PHE A 840 52.60 -36.41 -18.14
CA PHE A 840 52.66 -35.49 -17.01
C PHE A 840 54.12 -35.15 -16.74
N LEU A 841 54.41 -33.86 -16.55
CA LEU A 841 55.76 -33.45 -16.22
C LEU A 841 55.74 -32.39 -15.13
N SER A 842 56.88 -32.26 -14.43
CA SER A 842 56.99 -31.41 -13.27
C SER A 842 57.98 -30.27 -13.56
N ASP A 843 57.56 -29.05 -13.20
CA ASP A 843 58.41 -27.88 -13.31
C ASP A 843 58.48 -27.23 -11.91
N TRP A 844 59.69 -27.13 -11.36
CA TRP A 844 59.85 -26.72 -9.96
C TRP A 844 60.40 -25.30 -9.85
N PHE A 845 60.34 -24.51 -10.93
CA PHE A 845 60.61 -23.07 -10.84
C PHE A 845 59.58 -22.45 -9.89
N ARG A 846 59.96 -21.33 -9.26
CA ARG A 846 59.29 -20.79 -8.07
C ARG A 846 57.77 -20.95 -8.14
N PRO A 847 57.04 -20.49 -9.19
CA PRO A 847 55.64 -20.87 -9.33
C PRO A 847 55.51 -22.31 -9.80
N ALA A 848 55.84 -23.24 -8.90
CA ALA A 848 55.95 -24.67 -9.22
C ALA A 848 54.59 -25.21 -9.64
N LYS A 849 54.61 -26.10 -10.64
CA LYS A 849 53.39 -26.67 -11.18
C LYS A 849 53.67 -28.04 -11.76
N ILE A 850 52.60 -28.85 -11.82
CA ILE A 850 52.63 -30.14 -12.50
C ILE A 850 51.65 -30.03 -13.66
N MET A 851 52.15 -30.30 -14.87
CA MET A 851 51.39 -30.03 -16.09
C MET A 851 51.04 -31.36 -16.77
N ARG A 852 49.91 -31.34 -17.47
CA ARG A 852 49.46 -32.49 -18.24
C ARG A 852 49.30 -32.08 -19.70
N ALA A 853 49.57 -33.03 -20.59
CA ALA A 853 49.40 -32.80 -22.02
C ALA A 853 49.07 -34.13 -22.71
N TRP A 854 48.57 -34.03 -23.93
CA TRP A 854 48.44 -35.20 -24.78
C TRP A 854 49.83 -35.77 -25.05
N SER A 855 49.91 -37.08 -25.30
CA SER A 855 51.18 -37.74 -25.54
C SER A 855 51.92 -37.15 -26.74
N ASP A 856 51.19 -36.43 -27.59
CA ASP A 856 51.72 -35.62 -28.66
C ASP A 856 52.49 -34.39 -28.18
N GLY A 857 52.23 -33.93 -26.95
CA GLY A 857 52.86 -32.73 -26.41
C GLY A 857 52.00 -31.47 -26.56
N SER A 858 50.82 -31.61 -27.18
CA SER A 858 49.88 -30.50 -27.31
C SER A 858 48.92 -30.46 -26.13
N HIS A 859 48.06 -29.44 -26.08
CA HIS A 859 47.07 -29.27 -25.03
C HIS A 859 47.73 -29.19 -23.65
N LEU A 860 48.91 -28.57 -23.60
CA LEU A 860 49.65 -28.42 -22.35
C LEU A 860 48.88 -27.50 -21.40
N MET A 861 48.65 -27.97 -20.16
CA MET A 861 47.89 -27.21 -19.19
C MET A 861 48.34 -27.63 -17.80
N PRO A 862 48.44 -26.69 -16.83
CA PRO A 862 48.67 -27.06 -15.44
C PRO A 862 47.47 -27.81 -14.87
N ILE A 863 47.75 -28.76 -13.97
CA ILE A 863 46.68 -29.48 -13.29
C ILE A 863 46.89 -29.43 -11.78
N VAL A 864 48.14 -29.14 -11.35
CA VAL A 864 48.43 -28.93 -9.94
C VAL A 864 49.35 -27.73 -9.83
N ASN A 865 48.83 -26.61 -9.33
CA ASN A 865 49.63 -25.39 -9.21
C ASN A 865 49.34 -24.69 -7.89
N THR A 866 48.93 -25.45 -6.87
CA THR A 866 48.68 -24.88 -5.55
C THR A 866 49.36 -25.75 -4.50
N SER A 867 50.02 -25.10 -3.53
CA SER A 867 50.72 -25.76 -2.45
C SER A 867 51.77 -26.72 -3.01
N LEU A 868 52.69 -26.18 -3.82
CA LEU A 868 53.77 -26.97 -4.38
C LEU A 868 55.10 -26.25 -4.19
N GLY A 869 56.11 -27.03 -3.78
CA GLY A 869 57.49 -26.58 -3.78
C GLY A 869 58.40 -27.75 -4.11
N TRP A 870 59.15 -27.63 -5.21
CA TRP A 870 60.07 -28.68 -5.66
C TRP A 870 59.34 -30.02 -5.83
N PRO A 871 58.43 -30.16 -6.82
CA PRO A 871 57.83 -31.46 -7.12
C PRO A 871 58.78 -32.35 -7.92
N ASN A 872 59.70 -33.02 -7.22
CA ASN A 872 60.82 -33.70 -7.85
C ASN A 872 60.37 -34.89 -8.69
N GLY A 873 59.52 -35.76 -8.13
CA GLY A 873 59.22 -37.04 -8.76
C GLY A 873 57.75 -37.16 -9.16
N LEU A 874 57.50 -37.97 -10.19
CA LEU A 874 56.15 -38.35 -10.60
C LEU A 874 56.05 -39.86 -10.74
N ALA A 875 54.83 -40.38 -10.58
CA ALA A 875 54.54 -41.79 -10.76
C ALA A 875 53.06 -41.96 -11.08
N ILE A 876 52.71 -43.12 -11.65
CA ILE A 876 51.33 -43.45 -11.94
C ILE A 876 50.98 -44.77 -11.24
N ASP A 877 49.82 -44.78 -10.57
CA ASP A 877 49.30 -46.00 -9.97
C ASP A 877 48.42 -46.69 -11.02
N TRP A 878 49.00 -47.63 -11.76
CA TRP A 878 48.36 -48.20 -12.94
C TRP A 878 47.06 -48.93 -12.57
N SER A 879 47.00 -49.51 -11.37
CA SER A 879 45.82 -50.23 -10.92
C SER A 879 44.62 -49.28 -10.75
N ALA A 880 44.86 -48.12 -10.13
CA ALA A 880 43.79 -47.20 -9.78
C ALA A 880 43.74 -45.99 -10.72
N SER A 881 44.72 -45.85 -11.63
CA SER A 881 44.83 -44.73 -12.56
C SER A 881 44.87 -43.41 -11.79
N ARG A 882 45.88 -43.28 -10.92
CA ARG A 882 46.04 -42.10 -10.08
C ARG A 882 47.48 -41.61 -10.18
N LEU A 883 47.64 -40.29 -10.37
CA LEU A 883 48.97 -39.69 -10.46
C LEU A 883 49.52 -39.43 -9.07
N TYR A 884 50.77 -39.84 -8.84
CA TYR A 884 51.46 -39.58 -7.59
C TYR A 884 52.63 -38.64 -7.84
N TRP A 885 52.85 -37.72 -6.89
CA TRP A 885 54.02 -36.87 -6.91
C TRP A 885 54.55 -36.72 -5.49
N VAL A 886 55.66 -36.00 -5.36
CA VAL A 886 56.32 -35.83 -4.08
C VAL A 886 57.05 -34.51 -4.06
N ASP A 887 57.01 -33.84 -2.90
CA ASP A 887 57.64 -32.54 -2.74
C ASP A 887 58.91 -32.67 -1.90
N ALA A 888 59.92 -31.86 -2.23
CA ALA A 888 61.13 -31.78 -1.45
C ALA A 888 61.17 -30.52 -0.57
N PHE A 889 60.24 -29.57 -0.80
CA PHE A 889 60.16 -28.37 0.01
C PHE A 889 59.25 -28.59 1.22
N PHE A 890 58.04 -29.09 0.95
CA PHE A 890 57.06 -29.41 1.97
C PHE A 890 57.21 -30.84 2.50
N ASP A 891 57.99 -31.68 1.80
CA ASP A 891 58.29 -33.05 2.23
C ASP A 891 57.01 -33.86 2.40
N LYS A 892 56.19 -33.91 1.36
CA LYS A 892 54.92 -34.64 1.41
C LYS A 892 54.73 -35.42 0.12
N ILE A 893 54.01 -36.55 0.26
CA ILE A 893 53.60 -37.37 -0.87
C ILE A 893 52.12 -37.12 -1.11
N GLU A 894 51.77 -36.82 -2.37
CA GLU A 894 50.38 -36.57 -2.73
C GLU A 894 50.01 -37.42 -3.93
N HIS A 895 48.70 -37.68 -4.06
CA HIS A 895 48.18 -38.40 -5.20
C HIS A 895 46.81 -37.83 -5.56
N SER A 896 46.45 -38.00 -6.83
CA SER A 896 45.22 -37.41 -7.37
C SER A 896 44.81 -38.16 -8.63
N THR A 897 43.61 -37.85 -9.11
CA THR A 897 43.13 -38.31 -10.40
C THR A 897 43.98 -37.66 -11.50
N LEU A 898 43.91 -38.22 -12.71
CA LEU A 898 44.71 -37.76 -13.83
C LEU A 898 44.33 -36.34 -14.26
N ASP A 899 43.18 -35.83 -13.79
CA ASP A 899 42.76 -34.47 -14.08
C ASP A 899 43.25 -33.48 -13.03
N GLY A 900 43.95 -33.97 -11.98
CA GLY A 900 44.35 -33.13 -10.87
C GLY A 900 43.26 -32.95 -9.81
N LEU A 901 42.11 -33.61 -10.00
CA LEU A 901 41.02 -33.60 -9.02
C LEU A 901 41.29 -34.61 -7.90
N ASP A 902 40.47 -34.54 -6.85
CA ASP A 902 40.45 -35.53 -5.79
C ASP A 902 41.84 -35.64 -5.15
N ARG A 903 42.46 -34.48 -4.88
CA ARG A 903 43.82 -34.44 -4.36
C ARG A 903 43.83 -34.91 -2.91
N LYS A 904 44.75 -35.85 -2.61
CA LYS A 904 44.93 -36.37 -1.28
C LYS A 904 46.40 -36.33 -0.91
N ARG A 905 46.68 -36.37 0.40
CA ARG A 905 48.03 -36.32 0.92
C ARG A 905 48.22 -37.50 1.87
N LEU A 906 49.35 -38.20 1.72
CA LEU A 906 49.68 -39.31 2.60
C LEU A 906 50.17 -38.78 3.94
N GLY A 907 50.18 -39.67 4.94
CA GLY A 907 50.65 -39.32 6.28
C GLY A 907 52.14 -39.01 6.30
N HIS A 908 52.60 -38.48 7.43
CA HIS A 908 54.01 -38.15 7.61
C HIS A 908 54.87 -39.40 7.51
N VAL A 909 55.95 -39.30 6.71
CA VAL A 909 56.96 -40.35 6.64
C VAL A 909 58.14 -39.91 7.50
N ASP A 910 58.59 -40.79 8.39
CA ASP A 910 59.37 -40.45 9.57
C ASP A 910 60.55 -39.53 9.24
N GLN A 911 61.51 -40.01 8.43
CA GLN A 911 62.78 -39.30 8.25
C GLN A 911 62.93 -38.74 6.83
N MET A 912 61.89 -38.85 6.00
CA MET A 912 61.93 -38.32 4.65
C MET A 912 62.02 -36.80 4.72
N THR A 913 63.10 -36.24 4.16
CA THR A 913 63.29 -34.79 4.18
C THR A 913 63.69 -34.20 2.82
N HIS A 914 64.24 -35.02 1.90
CA HIS A 914 64.47 -34.55 0.54
C HIS A 914 64.25 -35.71 -0.44
N PRO A 915 62.98 -36.09 -0.68
CA PRO A 915 62.68 -37.16 -1.63
C PRO A 915 62.77 -36.69 -3.07
N PHE A 916 63.51 -37.45 -3.89
CA PHE A 916 63.76 -37.08 -5.27
C PHE A 916 62.81 -37.83 -6.21
N GLY A 917 62.94 -39.16 -6.24
CA GLY A 917 62.19 -39.98 -7.16
C GLY A 917 61.29 -40.98 -6.42
N LEU A 918 60.18 -41.35 -7.07
CA LEU A 918 59.31 -42.37 -6.51
C LEU A 918 58.73 -43.22 -7.62
N THR A 919 58.25 -44.40 -7.22
CA THR A 919 57.54 -45.30 -8.11
C THR A 919 56.50 -46.06 -7.29
N VAL A 920 55.45 -46.52 -7.97
CA VAL A 920 54.37 -47.23 -7.32
C VAL A 920 54.29 -48.63 -7.91
N PHE A 921 54.32 -49.63 -7.01
CA PHE A 921 54.22 -51.03 -7.40
C PHE A 921 53.34 -51.76 -6.39
N LYS A 922 52.34 -52.50 -6.90
CA LYS A 922 51.37 -53.19 -6.06
C LYS A 922 50.73 -52.17 -5.13
N ASP A 923 50.79 -52.39 -3.80
CA ASP A 923 50.18 -51.46 -2.85
C ASP A 923 51.25 -50.66 -2.09
N ASN A 924 52.43 -50.48 -2.69
CA ASN A 924 53.54 -49.83 -2.01
C ASN A 924 54.11 -48.69 -2.86
N VAL A 925 54.77 -47.74 -2.17
CA VAL A 925 55.44 -46.63 -2.82
C VAL A 925 56.91 -46.67 -2.43
N PHE A 926 57.78 -46.75 -3.45
CA PHE A 926 59.22 -46.76 -3.25
C PHE A 926 59.76 -45.39 -3.59
N ILE A 927 60.50 -44.78 -2.66
CA ILE A 927 60.99 -43.42 -2.83
C ILE A 927 62.49 -43.38 -2.55
N THR A 928 63.20 -42.56 -3.32
CA THR A 928 64.60 -42.28 -3.08
C THR A 928 64.73 -40.94 -2.38
N ASP A 929 65.56 -40.89 -1.33
CA ASP A 929 65.76 -39.67 -0.56
C ASP A 929 67.22 -39.26 -0.67
N TRP A 930 67.46 -38.00 -1.06
CA TRP A 930 68.80 -37.48 -1.26
C TRP A 930 69.55 -37.35 0.06
N ARG A 931 68.91 -36.72 1.06
CA ARG A 931 69.57 -36.47 2.34
C ARG A 931 69.86 -37.79 3.06
N LEU A 932 68.89 -38.72 3.05
CA LEU A 932 69.08 -40.04 3.64
C LEU A 932 70.11 -40.86 2.85
N GLY A 933 70.13 -40.67 1.52
CA GLY A 933 70.91 -41.52 0.65
C GLY A 933 70.45 -42.97 0.73
N ALA A 934 69.13 -43.17 0.57
CA ALA A 934 68.53 -44.47 0.77
C ALA A 934 67.29 -44.63 -0.11
N ILE A 935 66.76 -45.86 -0.12
CA ILE A 935 65.48 -46.17 -0.74
C ILE A 935 64.55 -46.63 0.37
N ILE A 936 63.39 -45.96 0.49
CA ILE A 936 62.41 -46.29 1.51
C ILE A 936 61.11 -46.71 0.84
N ARG A 937 60.35 -47.56 1.54
CA ARG A 937 59.11 -48.10 1.01
C ARG A 937 57.99 -47.89 2.02
N VAL A 938 56.85 -47.38 1.53
CA VAL A 938 55.67 -47.11 2.34
C VAL A 938 54.44 -47.64 1.62
N ARG A 939 53.34 -47.78 2.38
CA ARG A 939 52.05 -48.14 1.82
C ARG A 939 51.52 -46.98 0.98
N LYS A 940 50.84 -47.31 -0.13
CA LYS A 940 50.27 -46.28 -0.99
C LYS A 940 48.92 -45.81 -0.47
N SER A 941 48.30 -46.56 0.45
CA SER A 941 46.99 -46.20 0.99
C SER A 941 47.09 -45.00 1.92
N ASP A 942 48.11 -45.00 2.80
CA ASP A 942 48.25 -43.96 3.82
C ASP A 942 49.75 -43.71 4.03
N GLY A 943 50.10 -43.09 5.16
CA GLY A 943 51.48 -42.77 5.49
C GLY A 943 52.41 -43.98 5.41
N GLY A 944 51.89 -45.16 5.77
CA GLY A 944 52.62 -46.41 5.64
C GLY A 944 53.70 -46.59 6.70
N ASP A 945 54.33 -47.76 6.66
CA ASP A 945 55.40 -48.13 7.57
C ASP A 945 56.72 -48.08 6.79
N MET A 946 57.56 -47.08 7.09
CA MET A 946 58.79 -46.88 6.33
C MET A 946 59.72 -48.07 6.51
N THR A 947 60.11 -48.67 5.38
CA THR A 947 61.04 -49.79 5.35
C THR A 947 62.19 -49.43 4.43
N VAL A 948 63.42 -49.46 4.97
CA VAL A 948 64.57 -49.00 4.23
C VAL A 948 65.08 -50.16 3.39
N ILE A 949 64.81 -50.10 2.08
CA ILE A 949 65.21 -51.17 1.17
C ILE A 949 66.73 -51.17 1.03
N ARG A 950 67.31 -50.00 0.72
CA ARG A 950 68.74 -49.84 0.60
C ARG A 950 69.18 -48.58 1.34
N ARG A 951 70.45 -48.55 1.74
CA ARG A 951 70.97 -47.47 2.56
C ARG A 951 72.41 -47.17 2.14
N GLY A 952 72.85 -45.94 2.45
CA GLY A 952 74.21 -45.48 2.20
C GLY A 952 74.60 -45.64 0.73
N ILE A 953 73.75 -45.12 -0.16
CA ILE A 953 73.80 -45.50 -1.57
C ILE A 953 74.29 -44.34 -2.42
N SER A 954 75.09 -43.45 -1.82
CA SER A 954 75.76 -42.35 -2.51
C SER A 954 74.72 -41.42 -3.13
N SER A 955 75.05 -40.85 -4.29
CA SER A 955 74.16 -39.91 -4.98
C SER A 955 73.06 -40.70 -5.68
N VAL A 956 72.04 -41.07 -4.89
CA VAL A 956 70.92 -41.85 -5.40
C VAL A 956 70.08 -40.99 -6.33
N MET A 957 69.40 -41.63 -7.28
CA MET A 957 68.60 -40.94 -8.28
C MET A 957 67.30 -41.71 -8.51
N HIS A 958 66.67 -41.48 -9.68
CA HIS A 958 65.37 -42.03 -10.00
C HIS A 958 65.28 -43.52 -9.69
N VAL A 959 64.07 -43.95 -9.31
CA VAL A 959 63.76 -45.35 -9.08
C VAL A 959 62.57 -45.72 -9.94
N LYS A 960 62.59 -46.93 -10.50
CA LYS A 960 61.55 -47.35 -11.41
C LYS A 960 61.26 -48.83 -11.18
N ALA A 961 59.98 -49.22 -11.29
CA ALA A 961 59.59 -50.60 -11.11
C ALA A 961 59.56 -51.31 -12.47
N TYR A 962 60.60 -52.09 -12.76
CA TYR A 962 60.58 -52.96 -13.94
C TYR A 962 59.45 -53.97 -13.79
N ASP A 963 58.64 -54.11 -14.85
CA ASP A 963 57.46 -54.95 -14.77
C ASP A 963 57.09 -55.42 -16.17
N ALA A 964 57.24 -56.73 -16.43
CA ALA A 964 56.92 -57.28 -17.74
C ALA A 964 55.40 -57.33 -17.94
N ASP A 965 54.64 -57.48 -16.86
CA ASP A 965 53.18 -57.56 -16.93
C ASP A 965 52.59 -56.19 -17.27
N LEU A 966 53.21 -55.11 -16.78
CA LEU A 966 52.68 -53.76 -16.96
C LEU A 966 52.68 -53.37 -18.43
N GLN A 967 53.69 -53.82 -19.18
CA GLN A 967 53.90 -53.36 -20.55
C GLN A 967 53.11 -54.20 -21.54
N THR A 968 51.98 -54.77 -21.10
CA THR A 968 51.08 -55.48 -22.00
C THR A 968 49.87 -54.59 -22.25
N GLY A 969 49.56 -54.38 -23.53
CA GLY A 969 48.41 -53.59 -23.93
C GLY A 969 48.51 -53.16 -25.39
N SER A 970 47.51 -52.41 -25.84
CA SER A 970 47.47 -51.92 -27.20
C SER A 970 46.54 -50.72 -27.29
N ASN A 971 46.69 -49.97 -28.38
CA ASN A 971 45.78 -48.88 -28.73
C ASN A 971 45.75 -48.80 -30.26
N TYR A 972 45.10 -47.76 -30.79
CA TYR A 972 45.03 -47.56 -32.24
C TYR A 972 46.43 -47.28 -32.84
N CYS A 973 47.48 -47.25 -32.01
CA CYS A 973 48.85 -47.07 -32.50
C CYS A 973 49.56 -48.41 -32.71
N SER A 974 48.99 -49.53 -32.22
CA SER A 974 49.68 -50.82 -32.28
C SER A 974 48.75 -51.96 -32.66
N GLN A 975 47.70 -51.66 -33.43
CA GLN A 975 46.82 -52.72 -33.94
C GLN A 975 47.60 -53.63 -34.88
N THR A 976 47.31 -54.93 -34.81
CA THR A 976 48.05 -55.96 -35.53
C THR A 976 47.87 -55.87 -37.05
N THR A 977 46.73 -55.29 -37.48
CA THR A 977 46.26 -55.36 -38.87
C THR A 977 46.87 -54.26 -39.73
N HIS A 978 47.18 -53.10 -39.13
CA HIS A 978 47.81 -51.96 -39.81
C HIS A 978 48.86 -51.31 -38.90
N ALA A 979 49.96 -50.87 -39.52
CA ALA A 979 51.15 -50.45 -38.79
C ALA A 979 51.14 -48.95 -38.49
N ASN A 980 51.73 -48.56 -37.34
CA ASN A 980 51.91 -47.16 -36.97
C ASN A 980 50.57 -46.40 -37.02
N GLY A 981 49.45 -47.13 -36.90
CA GLY A 981 48.14 -46.53 -37.07
C GLY A 981 48.02 -45.70 -38.35
N ASP A 982 48.65 -46.21 -39.43
CA ASP A 982 48.74 -45.58 -40.74
C ASP A 982 49.52 -44.26 -40.72
N CYS A 983 50.08 -43.86 -39.57
CA CYS A 983 50.91 -42.65 -39.55
C CYS A 983 52.20 -42.92 -40.31
N SER A 984 53.00 -41.87 -40.54
CA SER A 984 54.21 -41.97 -41.35
C SER A 984 55.46 -42.15 -40.48
N HIS A 985 55.68 -41.25 -39.52
CA HIS A 985 56.81 -41.34 -38.62
C HIS A 985 56.36 -41.52 -37.18
N PHE A 986 55.75 -40.50 -36.56
CA PHE A 986 55.26 -40.68 -35.21
C PHE A 986 53.76 -40.93 -35.19
N CYS A 987 53.33 -41.69 -34.19
CA CYS A 987 51.94 -41.79 -33.81
C CYS A 987 51.84 -41.66 -32.30
N PHE A 988 50.89 -40.86 -31.84
CA PHE A 988 50.76 -40.53 -30.44
C PHE A 988 49.37 -40.91 -29.95
N PRO A 989 49.24 -41.65 -28.83
CA PRO A 989 47.92 -41.89 -28.25
C PRO A 989 47.32 -40.59 -27.73
N VAL A 990 45.99 -40.50 -27.82
CA VAL A 990 45.27 -39.31 -27.40
C VAL A 990 44.13 -39.76 -26.51
N PRO A 991 43.75 -38.97 -25.48
CA PRO A 991 42.62 -39.34 -24.63
C PRO A 991 41.35 -39.61 -25.41
N ASN A 992 40.48 -40.46 -24.83
CA ASN A 992 39.28 -40.97 -25.46
C ASN A 992 39.64 -41.90 -26.62
N PHE A 993 40.68 -42.72 -26.41
CA PHE A 993 40.98 -43.87 -27.26
C PHE A 993 41.09 -43.46 -28.73
N GLN A 994 42.04 -42.56 -29.00
CA GLN A 994 42.30 -42.06 -30.35
C GLN A 994 43.81 -42.00 -30.58
N ARG A 995 44.21 -41.66 -31.82
CA ARG A 995 45.61 -41.52 -32.17
C ARG A 995 45.81 -40.29 -33.06
N VAL A 996 46.99 -39.68 -32.96
CA VAL A 996 47.37 -38.50 -33.71
C VAL A 996 48.76 -38.72 -34.29
N CYS A 997 48.93 -38.39 -35.57
CA CYS A 997 50.23 -38.56 -36.22
C CYS A 997 51.11 -37.35 -35.94
N GLY A 998 52.42 -37.57 -35.95
CA GLY A 998 53.38 -36.50 -35.75
C GLY A 998 54.54 -36.68 -36.71
N CYS A 999 55.30 -35.60 -36.95
CA CYS A 999 56.38 -35.64 -37.92
C CYS A 999 57.71 -35.36 -37.26
N PRO A 1000 58.83 -35.87 -37.83
CA PRO A 1000 60.18 -35.49 -37.39
C PRO A 1000 60.38 -33.99 -37.52
N TYR A 1001 61.52 -33.48 -37.04
CA TYR A 1001 61.89 -32.09 -37.23
C TYR A 1001 62.01 -31.80 -38.72
N GLY A 1002 61.80 -30.55 -39.13
CA GLY A 1002 61.99 -30.13 -40.51
C GLY A 1002 60.96 -30.74 -41.47
N MET A 1003 59.91 -31.37 -40.94
CA MET A 1003 58.87 -31.98 -41.77
C MET A 1003 57.51 -31.51 -41.25
N LYS A 1004 56.46 -31.70 -42.08
CA LYS A 1004 55.11 -31.28 -41.75
C LYS A 1004 54.14 -32.37 -42.19
N LEU A 1005 52.93 -32.42 -41.61
CA LEU A 1005 51.89 -33.30 -42.12
C LEU A 1005 51.29 -32.69 -43.39
N GLN A 1006 51.24 -33.45 -44.48
CA GLN A 1006 50.55 -33.01 -45.69
C GLN A 1006 49.03 -33.12 -45.52
N ARG A 1007 48.25 -32.69 -46.53
CA ARG A 1007 46.78 -32.68 -46.53
C ARG A 1007 46.16 -33.94 -45.93
N ASP A 1008 46.79 -35.08 -46.22
CA ASP A 1008 46.45 -36.42 -45.78
C ASP A 1008 46.26 -36.59 -44.27
N GLN A 1009 46.92 -35.73 -43.46
CA GLN A 1009 46.97 -35.77 -41.99
C GLN A 1009 47.73 -36.98 -41.43
N MET A 1010 48.44 -37.76 -42.27
CA MET A 1010 49.13 -38.97 -41.82
C MET A 1010 50.52 -39.09 -42.45
N THR A 1011 50.73 -38.49 -43.62
CA THR A 1011 52.00 -38.58 -44.33
C THR A 1011 52.77 -37.27 -44.13
N CYS A 1012 54.09 -37.40 -43.92
CA CYS A 1012 54.94 -36.24 -43.66
C CYS A 1012 55.75 -35.85 -44.90
N GLU A 1013 55.77 -34.55 -45.19
CA GLU A 1013 56.56 -33.99 -46.29
C GLU A 1013 57.56 -32.97 -45.72
N GLY A 1014 58.74 -32.93 -46.34
CA GLY A 1014 59.81 -32.03 -45.91
C GLY A 1014 59.42 -30.56 -46.11
N ASP A 1015 59.62 -29.76 -45.06
CA ASP A 1015 59.38 -28.32 -45.13
C ASP A 1015 60.61 -27.60 -44.60
N PRO A 1016 61.65 -27.42 -45.44
CA PRO A 1016 62.84 -26.65 -45.04
C PRO A 1016 62.56 -25.16 -44.86
N ALA A 1017 61.41 -24.66 -45.35
CA ALA A 1017 61.10 -23.24 -45.27
C ALA A 1017 60.85 -22.81 -43.82
N ARG A 1018 60.01 -23.55 -43.09
CA ARG A 1018 59.70 -23.22 -41.71
C ARG A 1018 60.76 -23.77 -40.75
N GLU A 1019 61.31 -24.95 -41.08
CA GLU A 1019 62.30 -25.60 -40.23
C GLU A 1019 63.46 -26.03 -41.11
N PRO A 1020 64.47 -25.16 -41.32
CA PRO A 1020 65.56 -25.49 -42.22
C PRO A 1020 66.38 -26.67 -41.69
N PRO A 1021 66.94 -27.51 -42.58
CA PRO A 1021 67.84 -28.58 -42.16
C PRO A 1021 69.09 -28.03 -41.48
N THR A 1022 69.60 -28.79 -40.51
CA THR A 1022 70.72 -28.36 -39.68
C THR A 1022 71.80 -29.44 -39.69
N GLN A 1023 73.01 -28.99 -39.34
CA GLN A 1023 74.19 -29.84 -39.20
C GLN A 1023 74.29 -30.34 -37.76
N GLN A 1024 75.25 -31.23 -37.52
CA GLN A 1024 75.45 -31.83 -36.21
C GLN A 1024 75.75 -30.75 -35.17
N CYS A 1025 76.64 -29.81 -35.51
CA CYS A 1025 76.97 -28.72 -34.61
C CYS A 1025 77.69 -27.61 -35.37
N GLY A 1026 77.98 -26.50 -34.66
CA GLY A 1026 78.52 -25.28 -35.26
C GLY A 1026 79.89 -25.48 -35.89
N SER A 1027 80.36 -24.42 -36.56
CA SER A 1027 81.64 -24.42 -37.25
C SER A 1027 82.83 -24.52 -36.29
N LEU A 1028 82.61 -24.20 -35.00
CA LEU A 1028 83.71 -24.08 -34.03
C LEU A 1028 84.10 -25.42 -33.43
N SER A 1029 83.40 -26.52 -33.77
CA SER A 1029 83.60 -27.79 -33.09
C SER A 1029 83.65 -28.94 -34.10
N PHE A 1030 84.17 -30.09 -33.64
CA PHE A 1030 84.35 -31.27 -34.48
C PHE A 1030 83.25 -32.28 -34.20
N PRO A 1031 82.39 -32.61 -35.19
CA PRO A 1031 81.36 -33.62 -35.00
C PRO A 1031 81.95 -35.04 -35.01
N CYS A 1032 81.66 -35.81 -33.97
CA CYS A 1032 82.13 -37.20 -33.87
C CYS A 1032 81.41 -38.07 -34.91
N ASN A 1033 81.83 -39.33 -35.01
CA ASN A 1033 81.17 -40.31 -35.86
C ASN A 1033 80.06 -40.99 -35.06
N ASN A 1034 79.55 -40.30 -34.04
CA ASN A 1034 78.63 -40.88 -33.08
C ASN A 1034 77.37 -40.03 -32.95
N GLY A 1035 77.41 -38.81 -33.49
CA GLY A 1035 76.35 -37.83 -33.33
C GLY A 1035 76.70 -36.75 -32.30
N LYS A 1036 77.52 -37.10 -31.30
CA LYS A 1036 77.99 -36.13 -30.33
C LYS A 1036 78.94 -35.14 -31.01
N CYS A 1037 79.06 -33.96 -30.39
CA CYS A 1037 79.97 -32.93 -30.89
C CYS A 1037 80.90 -32.48 -29.76
N VAL A 1038 82.17 -32.31 -30.10
CA VAL A 1038 83.20 -31.93 -29.14
C VAL A 1038 84.00 -30.76 -29.69
N PRO A 1039 84.59 -29.91 -28.82
CA PRO A 1039 85.40 -28.79 -29.28
C PRO A 1039 86.53 -29.24 -30.21
N SER A 1040 86.89 -28.35 -31.15
CA SER A 1040 87.95 -28.60 -32.12
C SER A 1040 89.29 -28.83 -31.43
N PHE A 1041 89.52 -28.16 -30.29
CA PHE A 1041 90.74 -28.28 -29.51
C PHE A 1041 90.97 -29.69 -28.96
N PHE A 1042 89.87 -30.41 -28.71
CA PHE A 1042 89.91 -31.80 -28.25
C PHE A 1042 90.21 -32.79 -29.38
N ARG A 1043 90.30 -32.30 -30.61
CA ARG A 1043 90.69 -33.21 -31.71
C ARG A 1043 92.14 -33.60 -31.48
N CYS A 1044 92.45 -34.90 -31.58
CA CYS A 1044 93.82 -35.37 -31.47
C CYS A 1044 94.59 -34.81 -30.24
N ASP A 1045 93.94 -34.66 -29.07
CA ASP A 1045 94.67 -34.41 -27.83
C ASP A 1045 95.00 -35.73 -27.10
N GLY A 1046 94.70 -36.88 -27.71
CA GLY A 1046 95.22 -38.17 -27.26
C GLY A 1046 94.33 -38.89 -26.23
N VAL A 1047 93.23 -38.24 -25.80
CA VAL A 1047 92.22 -38.88 -24.96
C VAL A 1047 90.89 -38.86 -25.71
N ASP A 1048 90.16 -39.97 -25.63
CA ASP A 1048 88.88 -40.12 -26.32
C ASP A 1048 87.82 -39.26 -25.63
N ASP A 1049 87.28 -38.29 -26.36
CA ASP A 1049 86.31 -37.35 -25.81
C ASP A 1049 84.89 -37.63 -26.31
N CYS A 1050 84.75 -38.42 -27.38
CA CYS A 1050 83.43 -38.69 -27.94
C CYS A 1050 82.79 -39.91 -27.28
N HIS A 1051 83.60 -40.77 -26.63
CA HIS A 1051 83.16 -42.02 -26.02
C HIS A 1051 82.82 -43.06 -27.10
N ASP A 1052 82.72 -42.62 -28.34
CA ASP A 1052 82.87 -43.44 -29.52
C ASP A 1052 84.08 -42.87 -30.25
N ASN A 1053 85.23 -43.53 -30.07
CA ASN A 1053 86.53 -42.94 -30.37
C ASN A 1053 86.56 -42.45 -31.82
N SER A 1054 86.46 -41.13 -32.00
CA SER A 1054 86.51 -40.50 -33.32
C SER A 1054 87.44 -39.29 -33.36
N ASP A 1055 87.71 -38.65 -32.22
CA ASP A 1055 88.62 -37.52 -32.19
C ASP A 1055 90.09 -37.97 -32.15
N GLU A 1056 90.36 -39.27 -31.90
CA GLU A 1056 91.72 -39.80 -31.93
C GLU A 1056 91.89 -40.94 -32.96
N HIS A 1057 90.84 -41.27 -33.71
CA HIS A 1057 90.95 -42.14 -34.87
C HIS A 1057 91.71 -41.43 -35.99
N GLN A 1058 92.81 -42.08 -36.46
CA GLN A 1058 93.64 -41.64 -37.58
C GLN A 1058 94.12 -40.18 -37.49
N CYS A 1059 94.62 -39.79 -36.31
CA CYS A 1059 95.39 -38.57 -36.13
C CYS A 1059 96.87 -38.77 -36.48
N GLY A 1060 97.61 -37.66 -36.62
CA GLY A 1060 99.07 -37.68 -36.75
C GLY A 1060 99.57 -37.58 -38.19
N VAL A 1061 98.69 -37.78 -39.18
CA VAL A 1061 98.97 -37.51 -40.59
C VAL A 1061 99.31 -36.02 -40.76
N PHE A 1062 100.08 -35.66 -41.79
CA PHE A 1062 100.69 -34.35 -41.95
C PHE A 1062 99.69 -33.17 -41.91
N ASN A 1063 98.43 -33.41 -42.32
CA ASN A 1063 97.37 -32.40 -42.30
C ASN A 1063 96.51 -32.50 -41.03
N ASN A 1064 96.18 -33.73 -40.64
CA ASN A 1064 95.43 -34.04 -39.43
C ASN A 1064 96.38 -34.14 -38.23
N THR A 1065 97.05 -33.03 -37.86
CA THR A 1065 98.11 -33.06 -36.85
C THR A 1065 97.52 -33.17 -35.43
N CYS A 1066 98.38 -33.48 -34.46
CA CYS A 1066 97.99 -33.53 -33.06
C CYS A 1066 97.71 -32.12 -32.50
N SER A 1067 96.80 -32.04 -31.52
CA SER A 1067 96.60 -30.84 -30.71
C SER A 1067 97.89 -30.47 -29.99
N PRO A 1068 98.20 -29.17 -29.76
CA PRO A 1068 99.35 -28.79 -28.93
C PRO A 1068 99.26 -29.22 -27.46
N SER A 1069 98.14 -29.83 -27.04
CA SER A 1069 98.04 -30.49 -25.74
C SER A 1069 98.65 -31.90 -25.75
N ALA A 1070 98.80 -32.51 -26.94
CA ALA A 1070 99.34 -33.86 -27.11
C ALA A 1070 100.86 -33.86 -27.22
N PHE A 1071 101.42 -35.07 -27.40
CA PHE A 1071 102.75 -35.25 -27.98
C PHE A 1071 102.66 -36.29 -29.09
N ALA A 1072 103.22 -35.98 -30.29
CA ALA A 1072 103.24 -36.93 -31.39
C ALA A 1072 104.38 -37.95 -31.22
N CYS A 1073 104.07 -39.25 -31.36
CA CYS A 1073 105.10 -40.27 -31.56
C CYS A 1073 105.73 -39.98 -32.92
N VAL A 1074 107.04 -39.69 -32.96
CA VAL A 1074 107.63 -38.89 -34.01
C VAL A 1074 107.66 -39.60 -35.36
N ARG A 1075 107.69 -40.93 -35.41
CA ARG A 1075 107.69 -41.62 -36.69
C ARG A 1075 106.33 -41.53 -37.39
N GLY A 1076 105.29 -41.08 -36.68
CA GLY A 1076 104.01 -40.73 -37.29
C GLY A 1076 102.91 -41.74 -37.00
N GLY A 1077 101.72 -41.23 -36.62
CA GLY A 1077 100.49 -42.03 -36.60
C GLY A 1077 99.94 -42.32 -35.20
N GLN A 1078 100.44 -41.61 -34.17
CA GLN A 1078 99.95 -41.77 -32.80
C GLN A 1078 100.17 -40.49 -31.99
N CYS A 1079 99.06 -39.87 -31.53
CA CYS A 1079 99.10 -38.67 -30.70
C CYS A 1079 98.78 -39.04 -29.24
N ILE A 1080 99.81 -39.25 -28.40
CA ILE A 1080 99.57 -39.50 -26.97
C ILE A 1080 99.27 -38.18 -26.25
N PRO A 1081 98.64 -38.20 -25.05
CA PRO A 1081 98.54 -37.00 -24.21
C PRO A 1081 99.91 -36.48 -23.80
N GLY A 1082 100.03 -35.16 -23.62
CA GLY A 1082 101.24 -34.55 -23.09
C GLY A 1082 101.62 -35.08 -21.71
N GLN A 1083 100.62 -35.51 -20.93
CA GLN A 1083 100.85 -36.02 -19.58
C GLN A 1083 101.61 -37.34 -19.63
N TRP A 1084 101.51 -38.08 -20.74
CA TRP A 1084 102.16 -39.38 -20.87
C TRP A 1084 103.62 -39.28 -21.32
N HIS A 1085 104.12 -38.08 -21.64
CA HIS A 1085 105.50 -37.92 -22.07
C HIS A 1085 106.44 -37.93 -20.86
N CYS A 1086 107.46 -38.80 -20.89
CA CYS A 1086 108.45 -39.00 -19.84
C CYS A 1086 107.79 -39.30 -18.48
N ASP A 1087 107.04 -40.40 -18.40
CA ASP A 1087 106.40 -40.81 -17.15
C ASP A 1087 106.76 -42.25 -16.81
N ARG A 1088 107.96 -42.68 -17.21
CA ARG A 1088 108.52 -43.99 -16.87
C ARG A 1088 107.61 -45.13 -17.35
N GLN A 1089 106.95 -44.91 -18.49
CA GLN A 1089 106.13 -45.93 -19.11
C GLN A 1089 106.04 -45.65 -20.61
N ASN A 1090 106.33 -46.67 -21.42
CA ASN A 1090 106.42 -46.53 -22.87
C ASN A 1090 105.04 -46.71 -23.48
N ASP A 1091 104.41 -45.60 -23.88
CA ASP A 1091 103.09 -45.64 -24.50
C ASP A 1091 103.18 -45.68 -26.01
N CYS A 1092 104.09 -44.92 -26.61
CA CYS A 1092 104.25 -44.85 -28.06
C CYS A 1092 104.63 -46.23 -28.61
N LEU A 1093 104.11 -46.54 -29.82
CA LEU A 1093 104.55 -47.70 -30.57
C LEU A 1093 106.06 -47.66 -30.79
N ASP A 1094 106.62 -46.45 -30.92
CA ASP A 1094 108.02 -46.25 -31.26
C ASP A 1094 108.85 -45.86 -30.02
N GLY A 1095 108.21 -45.74 -28.85
CA GLY A 1095 108.91 -45.46 -27.61
C GLY A 1095 109.48 -44.03 -27.54
N SER A 1096 109.05 -43.14 -28.44
CA SER A 1096 109.51 -41.75 -28.45
C SER A 1096 109.07 -41.01 -27.19
N ASP A 1097 107.99 -41.45 -26.53
CA ASP A 1097 107.48 -40.76 -25.35
C ASP A 1097 108.44 -40.86 -24.16
N GLU A 1098 109.30 -41.89 -24.13
CA GLU A 1098 110.29 -42.06 -23.08
C GLU A 1098 111.74 -41.92 -23.59
N GLN A 1099 111.94 -41.83 -24.92
CA GLN A 1099 113.25 -41.53 -25.48
C GLN A 1099 113.65 -40.08 -25.17
N ASN A 1100 114.96 -39.83 -24.98
CA ASN A 1100 115.56 -38.51 -24.86
C ASN A 1100 115.01 -37.69 -23.66
N CYS A 1101 114.44 -38.34 -22.63
CA CYS A 1101 113.94 -37.65 -21.45
C CYS A 1101 115.09 -37.01 -20.67
N PRO A 1102 115.01 -35.70 -20.31
CA PRO A 1102 116.02 -35.07 -19.46
C PRO A 1102 116.05 -35.60 -18.02
N THR A 1103 116.94 -35.01 -17.21
CA THR A 1103 116.85 -35.06 -15.75
C THR A 1103 116.41 -33.68 -15.25
N HIS A 1104 115.59 -33.67 -14.19
CA HIS A 1104 114.72 -32.54 -13.90
C HIS A 1104 114.86 -31.99 -12.47
N ALA A 1105 115.40 -32.78 -11.54
CA ALA A 1105 115.28 -32.51 -10.10
C ALA A 1105 115.67 -31.08 -9.69
N THR A 1106 116.82 -30.57 -10.16
CA THR A 1106 117.33 -29.22 -9.86
C THR A 1106 117.38 -29.01 -8.34
N SER A 1107 117.29 -27.75 -7.85
CA SER A 1107 117.04 -27.46 -6.46
C SER A 1107 115.57 -27.74 -6.15
N SER A 1108 115.27 -29.02 -5.81
CA SER A 1108 113.90 -29.53 -5.70
C SER A 1108 113.13 -28.95 -4.51
N THR A 1109 113.86 -28.41 -3.52
CA THR A 1109 113.36 -27.63 -2.37
C THR A 1109 112.13 -28.23 -1.67
N CYS A 1110 112.37 -29.31 -0.93
CA CYS A 1110 111.49 -29.64 0.19
C CYS A 1110 111.81 -28.66 1.33
N PRO A 1111 110.79 -28.04 1.97
CA PRO A 1111 111.04 -27.09 3.07
C PRO A 1111 111.48 -27.80 4.35
N SER A 1112 111.84 -27.01 5.38
CA SER A 1112 112.26 -27.53 6.68
C SER A 1112 111.13 -28.24 7.43
N THR A 1113 109.87 -28.00 7.02
CA THR A 1113 108.67 -28.56 7.66
C THR A 1113 108.30 -29.95 7.13
N SER A 1114 109.27 -30.72 6.61
CA SER A 1114 108.98 -31.81 5.69
C SER A 1114 110.11 -32.86 5.66
N PHE A 1115 109.77 -34.05 5.17
CA PHE A 1115 110.72 -35.09 4.79
C PHE A 1115 110.80 -35.14 3.26
N THR A 1116 112.03 -35.07 2.72
CA THR A 1116 112.26 -35.30 1.30
C THR A 1116 112.35 -36.80 1.01
N CYS A 1117 111.52 -37.28 0.08
CA CYS A 1117 111.60 -38.64 -0.43
C CYS A 1117 112.87 -38.79 -1.31
N ASP A 1118 113.30 -40.04 -1.54
CA ASP A 1118 114.42 -40.33 -2.44
C ASP A 1118 114.04 -40.02 -3.90
N ASN A 1119 112.74 -40.05 -4.21
CA ASN A 1119 112.27 -39.71 -5.55
C ASN A 1119 111.92 -38.22 -5.67
N HIS A 1120 112.41 -37.38 -4.74
CA HIS A 1120 112.29 -35.92 -4.77
C HIS A 1120 110.84 -35.42 -4.64
N VAL A 1121 109.89 -36.28 -4.25
CA VAL A 1121 108.62 -35.88 -3.69
C VAL A 1121 108.86 -35.39 -2.25
N CYS A 1122 107.98 -34.52 -1.74
CA CYS A 1122 108.06 -34.00 -0.37
C CYS A 1122 106.79 -34.38 0.40
N ILE A 1123 106.91 -34.80 1.69
CA ILE A 1123 105.75 -35.15 2.50
C ILE A 1123 105.84 -34.47 3.87
N PRO A 1124 104.70 -34.31 4.59
CA PRO A 1124 104.73 -33.94 6.01
C PRO A 1124 105.69 -34.83 6.79
N LYS A 1125 106.54 -34.18 7.60
CA LYS A 1125 107.58 -34.86 8.37
C LYS A 1125 106.99 -35.98 9.24
N ASP A 1126 105.76 -35.78 9.74
CA ASP A 1126 105.11 -36.75 10.62
C ASP A 1126 104.67 -38.03 9.90
N TRP A 1127 104.62 -38.10 8.57
CA TRP A 1127 104.20 -39.32 7.86
C TRP A 1127 105.30 -40.41 7.77
N VAL A 1128 106.52 -40.11 8.22
CA VAL A 1128 107.68 -40.99 8.11
C VAL A 1128 107.66 -42.11 9.16
N CYS A 1129 108.05 -43.33 8.75
CA CYS A 1129 108.08 -44.55 9.57
C CYS A 1129 106.71 -44.81 10.26
N ASP A 1130 105.62 -44.66 9.50
CA ASP A 1130 104.25 -44.85 10.00
C ASP A 1130 103.54 -46.03 9.33
N THR A 1131 104.31 -46.89 8.64
CA THR A 1131 103.91 -48.11 7.92
C THR A 1131 103.09 -47.84 6.64
N ASP A 1132 103.32 -46.70 5.98
CA ASP A 1132 102.56 -46.33 4.79
C ASP A 1132 103.46 -45.74 3.69
N ASN A 1133 103.32 -46.18 2.43
CA ASN A 1133 104.20 -45.72 1.37
C ASN A 1133 103.66 -44.43 0.78
N ASP A 1134 103.83 -43.33 1.53
CA ASP A 1134 103.34 -42.03 1.12
C ASP A 1134 104.22 -41.45 0.01
N CYS A 1135 105.51 -41.80 0.02
CA CYS A 1135 106.44 -41.29 -0.99
C CYS A 1135 106.26 -41.99 -2.34
N SER A 1136 105.52 -43.12 -2.36
CA SER A 1136 105.30 -43.91 -3.56
C SER A 1136 106.62 -44.50 -4.07
N ASP A 1137 107.64 -44.55 -3.21
CA ASP A 1137 108.85 -45.30 -3.53
C ASP A 1137 109.41 -46.04 -2.31
N GLY A 1138 108.72 -45.96 -1.17
CA GLY A 1138 109.13 -46.66 0.05
C GLY A 1138 110.22 -45.92 0.83
N SER A 1139 110.57 -44.68 0.43
CA SER A 1139 111.65 -43.96 1.07
C SER A 1139 111.28 -43.52 2.49
N ASP A 1140 110.04 -43.10 2.75
CA ASP A 1140 109.61 -42.72 4.10
C ASP A 1140 109.40 -43.91 5.05
N GLU A 1141 109.67 -45.15 4.61
CA GLU A 1141 109.55 -46.35 5.44
C GLU A 1141 110.84 -47.20 5.43
N LYS A 1142 111.93 -46.66 4.86
CA LYS A 1142 113.31 -47.01 5.19
C LYS A 1142 113.72 -46.36 6.52
N ASN A 1143 114.90 -46.73 7.04
CA ASN A 1143 115.45 -46.21 8.31
C ASN A 1143 114.48 -46.45 9.49
N CYS A 1144 113.78 -47.59 9.46
CA CYS A 1144 112.61 -47.88 10.29
C CYS A 1144 112.65 -49.32 10.86
N GLN A 1145 113.84 -49.90 10.97
CA GLN A 1145 114.09 -51.08 11.79
C GLN A 1145 113.76 -50.78 13.27
N ALA A 1146 113.33 -51.80 14.02
CA ALA A 1146 112.70 -51.64 15.34
C ALA A 1146 113.69 -51.27 16.47
N SER A 1147 114.14 -50.00 16.52
CA SER A 1147 114.92 -49.45 17.65
C SER A 1147 114.05 -49.21 18.89
N GLY A 1148 112.73 -49.05 18.71
CA GLY A 1148 111.84 -48.49 19.73
C GLY A 1148 112.03 -46.97 19.88
N THR A 1149 111.63 -46.19 18.87
CA THR A 1149 111.74 -44.74 18.84
C THR A 1149 110.67 -44.08 17.96
N CYS A 1150 110.36 -42.79 18.18
CA CYS A 1150 109.57 -41.93 17.27
C CYS A 1150 110.03 -40.46 17.28
N GLN A 1151 109.82 -39.73 16.17
CA GLN A 1151 110.00 -38.27 16.09
C GLN A 1151 109.14 -37.60 17.20
N PRO A 1152 109.57 -36.50 17.87
CA PRO A 1152 108.95 -36.03 19.11
C PRO A 1152 107.45 -35.76 18.97
N THR A 1153 107.05 -35.28 17.79
CA THR A 1153 105.67 -34.88 17.50
C THR A 1153 104.71 -36.07 17.44
N GLN A 1154 105.21 -37.27 17.05
CA GLN A 1154 104.41 -38.48 16.79
C GLN A 1154 104.00 -39.20 18.10
N PHE A 1155 102.77 -39.75 18.13
CA PHE A 1155 102.31 -40.68 19.14
C PHE A 1155 102.86 -42.08 18.80
N ARG A 1156 103.08 -42.96 19.80
CA ARG A 1156 103.59 -44.31 19.52
C ARG A 1156 102.58 -45.39 19.91
N CYS A 1157 102.09 -46.13 18.91
CA CYS A 1157 101.28 -47.31 19.14
C CYS A 1157 102.16 -48.40 19.79
N PRO A 1158 101.70 -49.08 20.87
CA PRO A 1158 102.51 -50.12 21.52
C PRO A 1158 102.87 -51.25 20.57
N ASP A 1159 104.18 -51.44 20.34
CA ASP A 1159 104.73 -52.57 19.61
C ASP A 1159 104.25 -52.61 18.16
N HIS A 1160 103.76 -51.48 17.62
CA HIS A 1160 103.20 -51.48 16.26
C HIS A 1160 103.91 -50.47 15.36
N ARG A 1161 103.73 -49.16 15.61
CA ARG A 1161 104.26 -48.08 14.77
C ARG A 1161 104.17 -46.72 15.45
N CYS A 1162 105.01 -45.78 14.97
CA CYS A 1162 104.77 -44.35 15.19
C CYS A 1162 103.56 -43.91 14.39
N ILE A 1163 102.86 -42.88 14.85
CA ILE A 1163 101.71 -42.34 14.13
C ILE A 1163 101.59 -40.83 14.35
N SER A 1164 101.08 -40.10 13.35
CA SER A 1164 100.81 -38.67 13.47
C SER A 1164 99.84 -38.40 14.64
N PRO A 1165 100.10 -37.36 15.49
CA PRO A 1165 99.17 -37.03 16.57
C PRO A 1165 97.81 -36.57 16.04
N LEU A 1166 97.74 -36.19 14.75
CA LEU A 1166 96.48 -35.76 14.14
C LEU A 1166 95.45 -36.88 14.21
N TYR A 1167 95.90 -38.14 14.17
CA TYR A 1167 94.99 -39.28 14.20
C TYR A 1167 94.59 -39.64 15.63
N VAL A 1168 95.25 -39.06 16.63
CA VAL A 1168 94.95 -39.39 18.02
C VAL A 1168 93.63 -38.72 18.42
N CYS A 1169 92.70 -39.54 18.92
CA CYS A 1169 91.36 -39.11 19.30
C CYS A 1169 90.66 -38.40 18.14
N ASP A 1170 90.83 -38.93 16.92
CA ASP A 1170 90.24 -38.32 15.75
C ASP A 1170 88.83 -38.85 15.49
N GLY A 1171 88.45 -39.98 16.11
CA GLY A 1171 87.09 -40.49 15.97
C GLY A 1171 87.04 -42.01 15.78
N ASP A 1172 88.10 -42.60 15.22
CA ASP A 1172 88.14 -44.03 14.99
C ASP A 1172 89.52 -44.58 15.37
N LYS A 1173 89.61 -45.91 15.38
CA LYS A 1173 90.77 -46.61 15.89
C LYS A 1173 91.89 -46.66 14.86
N ASP A 1174 93.14 -46.50 15.33
CA ASP A 1174 94.31 -46.54 14.46
C ASP A 1174 95.37 -47.52 14.97
N CYS A 1175 95.59 -47.58 16.29
CA CYS A 1175 96.55 -48.51 16.87
C CYS A 1175 95.82 -49.80 17.25
N ALA A 1176 96.54 -50.93 17.19
CA ALA A 1176 95.97 -52.23 17.51
C ALA A 1176 95.49 -52.28 18.96
N ASP A 1177 96.31 -51.76 19.88
CA ASP A 1177 95.97 -51.78 21.29
C ASP A 1177 94.89 -50.76 21.63
N GLY A 1178 94.62 -49.83 20.72
CA GLY A 1178 93.53 -48.86 20.86
C GLY A 1178 93.91 -47.61 21.66
N SER A 1179 95.20 -47.43 21.98
CA SER A 1179 95.64 -46.36 22.86
C SER A 1179 95.39 -44.98 22.27
N ASP A 1180 95.40 -44.88 20.92
CA ASP A 1180 95.25 -43.60 20.25
C ASP A 1180 93.83 -43.04 20.42
N GLU A 1181 92.84 -43.93 20.58
CA GLU A 1181 91.44 -43.52 20.69
C GLU A 1181 90.85 -43.90 22.05
N ALA A 1182 91.70 -44.10 23.06
CA ALA A 1182 91.27 -44.61 24.36
C ALA A 1182 91.23 -43.49 25.40
N GLY A 1183 90.07 -43.37 26.08
CA GLY A 1183 89.96 -42.57 27.28
C GLY A 1183 89.83 -41.06 27.03
N CYS A 1184 90.01 -40.63 25.77
CA CYS A 1184 90.01 -39.20 25.46
C CYS A 1184 88.57 -38.66 25.44
N VAL A 1185 88.45 -37.34 25.56
CA VAL A 1185 87.15 -36.69 25.65
C VAL A 1185 86.89 -35.91 24.37
N LEU A 1186 85.66 -36.01 23.86
CA LEU A 1186 85.29 -35.41 22.58
C LEU A 1186 84.59 -34.07 22.81
N ASN A 1187 85.32 -33.09 23.36
CA ASN A 1187 84.79 -31.75 23.55
C ASN A 1187 84.67 -31.05 22.20
N CYS A 1188 83.43 -30.63 21.85
CA CYS A 1188 83.09 -30.21 20.50
C CYS A 1188 83.77 -28.88 20.15
N THR A 1189 83.94 -28.65 18.85
CA THR A 1189 84.48 -27.42 18.31
C THR A 1189 83.38 -26.39 18.15
N SER A 1190 83.71 -25.26 17.52
CA SER A 1190 82.72 -24.24 17.16
C SER A 1190 81.76 -24.80 16.11
N ALA A 1191 80.50 -24.35 16.18
CA ALA A 1191 79.47 -24.68 15.20
C ALA A 1191 79.22 -26.19 15.15
N GLN A 1192 79.41 -26.87 16.30
CA GLN A 1192 79.15 -28.30 16.41
C GLN A 1192 78.21 -28.56 17.58
N PHE A 1193 77.47 -29.67 17.49
CA PHE A 1193 76.51 -30.06 18.50
C PHE A 1193 76.94 -31.39 19.12
N LYS A 1194 76.80 -31.49 20.46
CA LYS A 1194 77.21 -32.67 21.20
C LYS A 1194 75.98 -33.55 21.44
N CYS A 1195 76.10 -34.84 21.10
CA CYS A 1195 75.04 -35.81 21.37
C CYS A 1195 74.88 -35.97 22.88
N ALA A 1196 73.66 -36.34 23.32
CA ALA A 1196 73.34 -36.41 24.74
C ALA A 1196 74.17 -37.48 25.45
N ASP A 1197 74.56 -38.54 24.73
CA ASP A 1197 75.30 -39.65 25.31
C ASP A 1197 76.81 -39.48 25.17
N GLY A 1198 77.27 -38.39 24.53
CA GLY A 1198 78.69 -38.17 24.29
C GLY A 1198 79.27 -39.21 23.32
N SER A 1199 78.46 -39.62 22.34
CA SER A 1199 78.90 -40.53 21.29
C SER A 1199 79.87 -39.82 20.32
N SER A 1200 79.52 -38.61 19.90
CA SER A 1200 80.30 -37.87 18.92
C SER A 1200 79.78 -36.43 18.82
N CYS A 1201 80.51 -35.61 18.06
CA CYS A 1201 80.08 -34.27 17.71
C CYS A 1201 79.63 -34.25 16.25
N ILE A 1202 78.62 -33.43 15.95
CA ILE A 1202 78.13 -33.26 14.59
C ILE A 1202 77.97 -31.77 14.30
N ASN A 1203 77.82 -31.46 13.02
CA ASN A 1203 77.61 -30.08 12.58
C ASN A 1203 76.28 -29.58 13.13
N SER A 1204 76.21 -28.28 13.43
CA SER A 1204 74.97 -27.63 13.85
C SER A 1204 73.93 -27.68 12.74
N ARG A 1205 74.37 -27.83 11.48
CA ARG A 1205 73.47 -27.94 10.34
C ARG A 1205 72.64 -29.21 10.42
N TYR A 1206 73.19 -30.26 11.04
CA TYR A 1206 72.49 -31.52 11.18
C TYR A 1206 71.57 -31.58 12.40
N ARG A 1207 71.54 -30.54 13.25
CA ARG A 1207 70.59 -30.50 14.34
C ARG A 1207 69.30 -29.84 13.85
N CYS A 1208 68.16 -30.43 14.24
CA CYS A 1208 66.82 -29.92 13.90
C CYS A 1208 66.68 -29.80 12.38
N ASP A 1209 66.69 -30.98 11.76
CA ASP A 1209 66.61 -31.18 10.31
C ASP A 1209 65.60 -32.29 9.96
N GLY A 1210 65.14 -33.07 10.96
CA GLY A 1210 64.18 -34.15 10.72
C GLY A 1210 64.83 -35.49 10.41
N VAL A 1211 66.16 -35.58 10.50
CA VAL A 1211 66.89 -36.83 10.28
C VAL A 1211 67.73 -37.11 11.52
N TYR A 1212 67.70 -38.36 11.99
CA TYR A 1212 68.43 -38.76 13.18
C TYR A 1212 69.90 -39.00 12.83
N ASP A 1213 70.78 -38.15 13.36
CA ASP A 1213 72.21 -38.23 13.11
C ASP A 1213 72.95 -38.85 14.30
N CYS A 1214 72.68 -38.36 15.52
CA CYS A 1214 73.22 -38.96 16.73
C CYS A 1214 72.59 -40.33 16.94
N ARG A 1215 73.36 -41.26 17.51
CA ARG A 1215 72.92 -42.61 17.79
C ARG A 1215 71.70 -42.62 18.74
N ASP A 1216 71.62 -41.62 19.62
CA ASP A 1216 70.57 -41.55 20.63
C ASP A 1216 69.42 -40.66 20.17
N ASN A 1217 69.40 -40.26 18.89
CA ASN A 1217 68.39 -39.39 18.32
C ASN A 1217 68.37 -38.03 19.04
N SER A 1218 69.46 -37.69 19.72
CA SER A 1218 69.52 -36.50 20.55
C SER A 1218 69.64 -35.23 19.71
N ASP A 1219 69.95 -35.33 18.41
CA ASP A 1219 70.07 -34.16 17.55
C ASP A 1219 68.69 -33.59 17.19
N GLU A 1220 67.66 -34.45 17.12
CA GLU A 1220 66.31 -34.06 16.74
C GLU A 1220 65.36 -33.95 17.94
N ALA A 1221 65.85 -34.32 19.13
CA ALA A 1221 65.17 -34.07 20.40
C ALA A 1221 65.13 -32.57 20.74
N GLY A 1222 64.01 -32.11 21.31
CA GLY A 1222 63.91 -30.77 21.89
C GLY A 1222 63.91 -29.63 20.88
N CYS A 1223 63.81 -29.95 19.58
CA CYS A 1223 63.76 -28.95 18.52
C CYS A 1223 62.47 -28.14 18.57
N PRO A 1224 62.44 -26.88 18.03
CA PRO A 1224 61.21 -26.11 17.91
C PRO A 1224 60.15 -26.81 17.06
N THR A 1225 58.87 -26.67 17.45
CA THR A 1225 57.76 -27.24 16.70
C THR A 1225 56.67 -26.20 16.46
N ARG A 1226 55.76 -26.55 15.54
CA ARG A 1226 54.64 -25.71 15.18
C ARG A 1226 53.57 -25.79 16.26
N PRO A 1227 53.09 -24.67 16.86
CA PRO A 1227 52.07 -24.74 17.91
C PRO A 1227 50.78 -25.37 17.40
N PRO A 1228 50.00 -26.08 18.25
CA PRO A 1228 48.91 -26.93 17.75
C PRO A 1228 47.94 -26.19 16.83
N GLY A 1229 47.77 -26.73 15.62
CA GLY A 1229 46.82 -26.23 14.65
C GLY A 1229 47.24 -24.93 13.93
N MET A 1230 48.35 -24.31 14.36
CA MET A 1230 48.78 -23.01 13.86
C MET A 1230 50.02 -23.15 12.97
N CYS A 1231 50.71 -22.03 12.68
CA CYS A 1231 51.96 -22.01 11.93
C CYS A 1231 53.02 -21.22 12.71
N HIS A 1232 54.32 -21.41 12.43
CA HIS A 1232 55.37 -20.59 13.02
C HIS A 1232 55.19 -19.13 12.60
N LEU A 1233 55.74 -18.18 13.37
CA LEU A 1233 55.66 -16.76 13.00
C LEU A 1233 56.42 -16.46 11.69
N ASP A 1234 57.24 -17.41 11.21
CA ASP A 1234 57.90 -17.34 9.92
C ASP A 1234 56.96 -17.61 8.74
N GLU A 1235 55.72 -18.10 9.00
CA GLU A 1235 54.86 -18.73 8.01
C GLU A 1235 53.47 -18.08 7.94
N PHE A 1236 52.93 -17.94 6.72
CA PHE A 1236 51.52 -17.63 6.54
C PHE A 1236 50.71 -18.91 6.71
N GLN A 1237 49.43 -18.79 7.14
CA GLN A 1237 48.54 -19.94 7.19
C GLN A 1237 47.43 -19.82 6.15
N CYS A 1238 47.24 -20.88 5.35
CA CYS A 1238 46.13 -20.96 4.42
C CYS A 1238 44.80 -21.09 5.17
N GLN A 1239 43.82 -20.26 4.79
CA GLN A 1239 42.48 -20.33 5.38
C GLN A 1239 41.72 -21.60 4.98
N GLY A 1240 42.11 -22.22 3.87
CA GLY A 1240 41.33 -23.29 3.25
C GLY A 1240 41.59 -24.66 3.85
N ASP A 1241 42.83 -24.93 4.28
CA ASP A 1241 43.18 -26.26 4.76
C ASP A 1241 44.01 -26.23 6.04
N GLY A 1242 44.48 -25.03 6.44
CA GLY A 1242 45.28 -24.88 7.66
C GLY A 1242 46.75 -25.23 7.47
N THR A 1243 47.19 -25.46 6.23
CA THR A 1243 48.61 -25.67 5.94
C THR A 1243 49.36 -24.34 5.92
N CYS A 1244 50.68 -24.43 6.02
CA CYS A 1244 51.55 -23.27 6.20
C CYS A 1244 52.43 -23.08 4.96
N ILE A 1245 52.58 -21.82 4.50
CA ILE A 1245 53.52 -21.47 3.43
C ILE A 1245 54.51 -20.43 3.94
N PRO A 1246 55.75 -20.35 3.38
CA PRO A 1246 56.69 -19.31 3.78
C PRO A 1246 56.09 -17.91 3.60
N ASN A 1247 56.37 -16.98 4.52
CA ASN A 1247 55.72 -15.67 4.53
C ASN A 1247 55.92 -14.92 3.19
N THR A 1248 57.09 -15.09 2.55
CA THR A 1248 57.42 -14.40 1.31
C THR A 1248 56.50 -14.81 0.16
N TRP A 1249 55.86 -15.98 0.27
CA TRP A 1249 54.93 -16.47 -0.75
C TRP A 1249 53.58 -15.76 -0.65
N GLU A 1250 53.30 -15.05 0.44
CA GLU A 1250 52.12 -14.21 0.52
C GLU A 1250 52.33 -12.92 -0.27
N CYS A 1251 51.26 -12.45 -0.94
CA CYS A 1251 51.24 -11.20 -1.69
C CYS A 1251 52.30 -11.19 -2.77
N ASP A 1252 52.33 -12.25 -3.60
CA ASP A 1252 53.31 -12.38 -4.67
C ASP A 1252 52.67 -12.53 -6.04
N GLY A 1253 51.32 -12.49 -6.11
CA GLY A 1253 50.61 -12.57 -7.38
C GLY A 1253 50.28 -14.00 -7.81
N HIS A 1254 50.79 -15.02 -7.10
CA HIS A 1254 50.45 -16.40 -7.41
C HIS A 1254 49.67 -16.99 -6.25
N PRO A 1255 48.45 -17.50 -6.47
CA PRO A 1255 47.68 -18.12 -5.39
C PRO A 1255 48.28 -19.46 -4.96
N ASP A 1256 48.97 -19.46 -3.82
CA ASP A 1256 49.62 -20.67 -3.32
C ASP A 1256 48.65 -21.53 -2.52
N CYS A 1257 47.72 -20.91 -1.81
CA CYS A 1257 46.74 -21.65 -1.03
C CYS A 1257 45.64 -22.22 -1.93
N ILE A 1258 44.90 -23.20 -1.41
CA ILE A 1258 43.86 -23.91 -2.16
C ILE A 1258 42.83 -22.92 -2.71
N HIS A 1259 42.38 -21.98 -1.87
CA HIS A 1259 41.36 -21.03 -2.27
C HIS A 1259 41.93 -19.63 -2.48
N GLY A 1260 43.26 -19.51 -2.53
CA GLY A 1260 43.92 -18.23 -2.80
C GLY A 1260 43.81 -17.25 -1.63
N SER A 1261 43.85 -17.77 -0.40
CA SER A 1261 43.85 -16.97 0.82
C SER A 1261 45.06 -16.03 0.87
N ASP A 1262 46.17 -16.44 0.25
CA ASP A 1262 47.44 -15.74 0.28
C ASP A 1262 47.50 -14.56 -0.69
N GLU A 1263 46.47 -14.37 -1.53
CA GLU A 1263 46.45 -13.23 -2.45
C GLU A 1263 45.19 -12.40 -2.20
N HIS A 1264 44.91 -12.13 -0.92
CA HIS A 1264 43.79 -11.30 -0.49
C HIS A 1264 43.96 -9.86 -0.96
N THR A 1265 42.89 -9.07 -0.84
CA THR A 1265 42.82 -7.70 -1.34
C THR A 1265 43.85 -6.80 -0.65
N GLY A 1266 44.28 -7.18 0.57
CA GLY A 1266 45.26 -6.42 1.35
C GLY A 1266 46.63 -6.30 0.66
N CYS A 1267 46.93 -7.26 -0.22
CA CYS A 1267 48.19 -7.32 -0.93
C CYS A 1267 48.28 -6.22 -1.99
N VAL A 1268 49.18 -5.24 -1.77
CA VAL A 1268 49.33 -4.11 -2.69
C VAL A 1268 49.80 -4.57 -4.06
N PRO A 1269 49.25 -3.99 -5.15
CA PRO A 1269 49.69 -4.31 -6.51
C PRO A 1269 51.03 -3.66 -6.83
N LYS A 1270 52.03 -4.49 -7.17
CA LYS A 1270 53.35 -4.02 -7.57
C LYS A 1270 53.31 -3.52 -9.02
N THR A 1271 53.70 -2.25 -9.24
CA THR A 1271 53.68 -1.63 -10.57
C THR A 1271 55.09 -1.22 -11.01
N CYS A 1272 55.26 -1.14 -12.33
CA CYS A 1272 56.55 -1.32 -12.98
C CYS A 1272 57.06 0.03 -13.50
N SER A 1273 58.31 0.40 -13.15
CA SER A 1273 58.92 1.65 -13.60
C SER A 1273 59.02 1.66 -15.13
N PRO A 1274 58.66 2.76 -15.85
CA PRO A 1274 58.42 2.72 -17.29
C PRO A 1274 59.59 2.32 -18.20
N THR A 1275 60.81 2.17 -17.66
CA THR A 1275 61.93 1.55 -18.36
C THR A 1275 61.73 0.05 -18.62
N HIS A 1276 60.67 -0.53 -18.02
CA HIS A 1276 60.41 -1.97 -18.06
C HIS A 1276 58.98 -2.29 -18.51
N PHE A 1277 58.87 -3.36 -19.31
CA PHE A 1277 57.66 -4.15 -19.50
C PHE A 1277 57.30 -4.89 -18.21
N LEU A 1278 55.99 -5.18 -18.01
CA LEU A 1278 55.50 -5.91 -16.86
C LEU A 1278 54.87 -7.23 -17.32
N CYS A 1279 55.52 -8.33 -16.92
CA CYS A 1279 55.21 -9.70 -17.30
C CYS A 1279 53.84 -10.14 -16.75
N ASP A 1280 53.21 -11.13 -17.41
CA ASP A 1280 51.96 -11.74 -16.93
C ASP A 1280 52.16 -12.32 -15.53
N ASN A 1281 53.35 -12.83 -15.24
CA ASN A 1281 53.67 -13.38 -13.93
C ASN A 1281 53.91 -12.29 -12.87
N GLY A 1282 53.89 -11.00 -13.24
CA GLY A 1282 53.93 -9.89 -12.30
C GLY A 1282 55.35 -9.43 -11.93
N ASN A 1283 56.25 -9.33 -12.94
CA ASN A 1283 57.65 -8.97 -12.74
C ASN A 1283 58.15 -8.06 -13.88
N CYS A 1284 59.25 -7.31 -13.65
CA CYS A 1284 59.70 -6.26 -14.55
C CYS A 1284 60.88 -6.70 -15.43
N ILE A 1285 60.80 -6.42 -16.74
CA ILE A 1285 61.80 -6.79 -17.75
C ILE A 1285 62.01 -5.61 -18.71
N TYR A 1286 63.25 -5.33 -19.16
CA TYR A 1286 63.55 -4.18 -20.01
C TYR A 1286 62.63 -4.08 -21.25
N LYS A 1287 62.27 -2.84 -21.62
CA LYS A 1287 61.47 -2.56 -22.81
C LYS A 1287 62.11 -3.17 -24.06
N ALA A 1288 63.45 -3.24 -24.09
CA ALA A 1288 64.17 -3.75 -25.25
C ALA A 1288 63.97 -5.26 -25.41
N TRP A 1289 63.71 -5.96 -24.30
CA TRP A 1289 63.71 -7.42 -24.29
C TRP A 1289 62.33 -7.99 -24.63
N ILE A 1290 61.34 -7.13 -24.91
CA ILE A 1290 60.01 -7.61 -25.29
C ILE A 1290 60.10 -8.21 -26.70
N CYS A 1291 59.65 -9.48 -26.79
CA CYS A 1291 59.68 -10.30 -28.00
C CYS A 1291 61.05 -10.25 -28.69
N ASP A 1292 62.14 -10.29 -27.89
CA ASP A 1292 63.48 -10.25 -28.45
C ASP A 1292 63.96 -11.66 -28.80
N GLY A 1293 63.21 -12.70 -28.40
CA GLY A 1293 63.57 -14.09 -28.68
C GLY A 1293 64.17 -14.81 -27.48
N ASP A 1294 63.85 -14.35 -26.26
CA ASP A 1294 64.33 -15.00 -25.04
C ASP A 1294 63.21 -14.98 -24.00
N ASN A 1295 63.10 -16.07 -23.21
CA ASN A 1295 62.10 -16.21 -22.16
C ASN A 1295 62.49 -15.36 -20.94
N ASP A 1296 62.59 -14.04 -21.11
CA ASP A 1296 63.07 -13.15 -20.06
C ASP A 1296 62.06 -13.07 -18.92
N CYS A 1297 60.76 -13.15 -19.25
CA CYS A 1297 59.71 -13.07 -18.22
C CYS A 1297 59.54 -14.41 -17.49
N ARG A 1298 60.26 -15.46 -17.91
CA ARG A 1298 60.15 -16.82 -17.37
C ARG A 1298 58.75 -17.43 -17.60
N ASP A 1299 57.91 -16.78 -18.42
CA ASP A 1299 56.68 -17.42 -18.87
C ASP A 1299 56.37 -17.10 -20.34
N MET A 1300 57.31 -16.50 -21.06
CA MET A 1300 57.18 -16.13 -22.47
C MET A 1300 56.10 -15.04 -22.69
N SER A 1301 55.70 -14.33 -21.62
CA SER A 1301 54.73 -13.26 -21.75
C SER A 1301 55.32 -12.08 -22.53
N ASP A 1302 56.62 -11.82 -22.37
CA ASP A 1302 57.30 -10.77 -23.11
C ASP A 1302 57.41 -11.13 -24.59
N GLU A 1303 57.29 -12.42 -24.95
CA GLU A 1303 57.26 -12.83 -26.35
C GLU A 1303 55.83 -12.88 -26.89
N LYS A 1304 54.93 -13.53 -26.15
CA LYS A 1304 53.59 -13.82 -26.63
C LYS A 1304 52.70 -12.57 -26.66
N ASP A 1305 53.12 -11.48 -26.00
CA ASP A 1305 52.42 -10.21 -26.07
C ASP A 1305 52.71 -9.49 -27.40
N CYS A 1306 53.76 -9.92 -28.13
CA CYS A 1306 54.05 -9.44 -29.48
C CYS A 1306 54.67 -10.55 -30.35
N PRO A 1307 53.86 -11.52 -30.84
CA PRO A 1307 54.30 -12.47 -31.86
C PRO A 1307 54.42 -11.86 -33.27
N THR A 1308 54.13 -10.55 -33.40
CA THR A 1308 54.52 -9.77 -34.58
C THR A 1308 56.04 -9.67 -34.63
N GLN A 1309 56.64 -10.14 -35.75
CA GLN A 1309 58.08 -10.36 -35.86
C GLN A 1309 58.58 -10.00 -37.27
N PRO A 1310 59.89 -9.69 -37.45
CA PRO A 1310 60.42 -9.31 -38.76
C PRO A 1310 60.43 -10.44 -39.79
N PHE A 1311 60.43 -10.03 -41.06
CA PHE A 1311 60.31 -10.88 -42.25
C PHE A 1311 61.23 -10.41 -43.39
N HIS A 1312 62.06 -9.40 -43.09
CA HIS A 1312 62.86 -8.63 -44.03
C HIS A 1312 64.15 -9.39 -44.41
N CYS A 1313 64.83 -8.92 -45.46
CA CYS A 1313 66.27 -9.17 -45.64
C CYS A 1313 67.02 -8.47 -44.49
N PRO A 1314 67.71 -9.21 -43.57
CA PRO A 1314 68.27 -8.61 -42.35
C PRO A 1314 69.68 -8.04 -42.50
N SER A 1315 70.44 -8.55 -43.49
CA SER A 1315 71.84 -8.22 -43.71
C SER A 1315 72.01 -6.80 -44.29
N THR A 1316 73.26 -6.33 -44.37
CA THR A 1316 73.62 -5.15 -45.18
C THR A 1316 73.46 -5.44 -46.68
N GLN A 1317 73.52 -6.73 -47.09
CA GLN A 1317 73.27 -7.15 -48.46
C GLN A 1317 71.89 -6.64 -48.93
N TRP A 1318 71.86 -6.02 -50.11
CA TRP A 1318 70.69 -5.26 -50.57
C TRP A 1318 69.59 -6.19 -51.12
N GLN A 1319 68.39 -6.12 -50.53
CA GLN A 1319 67.20 -6.73 -51.11
C GLN A 1319 66.88 -6.04 -52.44
N CYS A 1320 67.11 -6.72 -53.57
CA CYS A 1320 66.94 -6.11 -54.89
C CYS A 1320 65.48 -5.69 -55.08
N PRO A 1321 65.18 -4.40 -55.42
CA PRO A 1321 63.81 -3.95 -55.58
C PRO A 1321 63.08 -4.74 -56.66
N GLY A 1322 61.82 -5.10 -56.37
CA GLY A 1322 60.99 -5.89 -57.27
C GLY A 1322 61.30 -7.39 -57.23
N TYR A 1323 62.20 -7.81 -56.34
CA TYR A 1323 62.58 -9.21 -56.19
C TYR A 1323 62.89 -9.51 -54.73
N SER A 1324 62.95 -10.80 -54.36
CA SER A 1324 63.06 -11.25 -52.97
C SER A 1324 64.46 -11.77 -52.65
N THR A 1325 65.49 -11.20 -53.30
CA THR A 1325 66.89 -11.65 -53.19
C THR A 1325 67.79 -10.57 -52.56
N CYS A 1326 68.44 -10.90 -51.44
CA CYS A 1326 69.56 -10.12 -50.91
C CYS A 1326 70.78 -10.34 -51.83
N ILE A 1327 71.40 -9.26 -52.36
CA ILE A 1327 72.57 -9.34 -53.24
C ILE A 1327 73.79 -8.68 -52.58
N ASN A 1328 74.96 -9.34 -52.72
CA ASN A 1328 76.25 -8.89 -52.19
C ASN A 1328 76.78 -7.66 -52.95
N LEU A 1329 77.52 -6.77 -52.25
CA LEU A 1329 77.93 -5.48 -52.79
C LEU A 1329 78.81 -5.64 -54.05
N SER A 1330 79.71 -6.63 -54.03
CA SER A 1330 80.67 -6.82 -55.11
C SER A 1330 79.99 -7.13 -56.45
N ALA A 1331 78.75 -7.66 -56.39
CA ALA A 1331 78.00 -7.99 -57.60
C ALA A 1331 77.23 -6.76 -58.10
N LEU A 1332 76.83 -5.86 -57.20
CA LEU A 1332 76.02 -4.71 -57.60
C LEU A 1332 76.84 -3.78 -58.51
N CYS A 1333 76.21 -3.33 -59.60
CA CYS A 1333 76.73 -2.26 -60.45
C CYS A 1333 78.05 -2.68 -61.13
N ASP A 1334 78.46 -3.94 -60.99
CA ASP A 1334 79.72 -4.40 -61.54
C ASP A 1334 79.69 -4.43 -63.07
N GLY A 1335 78.50 -4.46 -63.69
CA GLY A 1335 78.37 -4.42 -65.13
C GLY A 1335 77.44 -5.51 -65.69
N VAL A 1336 77.28 -6.61 -64.96
CA VAL A 1336 76.38 -7.69 -65.37
C VAL A 1336 75.16 -7.68 -64.46
N PHE A 1337 73.97 -7.72 -65.06
CA PHE A 1337 72.72 -7.60 -64.32
C PHE A 1337 72.49 -8.89 -63.51
N ASP A 1338 72.81 -8.83 -62.22
CA ASP A 1338 72.57 -9.94 -61.31
C ASP A 1338 71.12 -9.96 -60.83
N CYS A 1339 70.37 -8.86 -61.04
CA CYS A 1339 68.95 -8.82 -60.78
C CYS A 1339 68.24 -8.88 -62.13
N PRO A 1340 67.16 -9.68 -62.28
CA PRO A 1340 66.54 -9.90 -63.60
C PRO A 1340 66.06 -8.62 -64.31
N ASN A 1341 65.62 -7.61 -63.55
CA ASN A 1341 65.17 -6.35 -64.11
C ASN A 1341 66.30 -5.33 -64.23
N GLY A 1342 67.53 -5.72 -63.88
CA GLY A 1342 68.67 -4.82 -63.93
C GLY A 1342 68.70 -3.84 -62.74
N THR A 1343 67.91 -4.11 -61.70
CA THR A 1343 67.78 -3.24 -60.55
C THR A 1343 68.96 -3.39 -59.59
N ASP A 1344 69.89 -4.31 -59.86
CA ASP A 1344 71.11 -4.41 -59.07
C ASP A 1344 72.13 -3.36 -59.52
N GLU A 1345 71.86 -2.67 -60.63
CA GLU A 1345 72.74 -1.63 -61.15
C GLU A 1345 71.91 -0.38 -61.43
N SER A 1346 72.54 0.61 -62.09
CA SER A 1346 71.89 1.86 -62.46
C SER A 1346 72.25 2.21 -63.89
N PRO A 1347 71.54 3.16 -64.53
CA PRO A 1347 71.99 3.69 -65.82
C PRO A 1347 73.43 4.21 -65.80
N LEU A 1348 73.87 4.75 -64.66
CA LEU A 1348 75.23 5.26 -64.52
C LEU A 1348 76.00 4.37 -63.54
N CYS A 1349 77.06 3.71 -64.03
CA CYS A 1349 77.90 2.88 -63.18
C CYS A 1349 79.39 3.06 -63.53
N ASN A 1350 79.70 3.93 -64.49
CA ASN A 1350 81.05 4.02 -65.04
C ASN A 1350 81.96 4.84 -64.13
N GLN A 1351 81.41 5.60 -63.18
CA GLN A 1351 82.21 6.49 -62.36
C GLN A 1351 83.17 5.66 -61.50
N ASP A 1352 84.40 6.17 -61.32
CA ASP A 1352 85.43 5.44 -60.59
C ASP A 1352 85.17 5.50 -59.10
N SER A 1353 85.31 6.70 -58.51
CA SER A 1353 85.17 6.92 -57.07
C SER A 1353 85.18 8.41 -56.80
N CYS A 1354 84.50 8.82 -55.72
CA CYS A 1354 84.54 10.21 -55.28
C CYS A 1354 85.89 10.50 -54.65
N SER A 1355 86.26 11.80 -54.66
CA SER A 1355 87.54 12.26 -54.13
C SER A 1355 88.71 11.74 -54.96
N HIS A 1356 88.42 11.00 -56.04
CA HIS A 1356 89.45 10.54 -56.97
C HIS A 1356 89.50 11.51 -58.15
N PHE A 1357 90.66 12.14 -58.37
CA PHE A 1357 90.82 13.20 -59.34
C PHE A 1357 89.73 14.26 -59.15
N ASN A 1358 89.70 14.83 -57.93
CA ASN A 1358 88.72 15.82 -57.49
C ASN A 1358 87.28 15.29 -57.60
N GLY A 1359 87.12 13.97 -57.80
CA GLY A 1359 85.81 13.35 -57.88
C GLY A 1359 85.14 13.48 -59.25
N GLY A 1360 85.81 14.14 -60.21
CA GLY A 1360 85.27 14.32 -61.55
C GLY A 1360 84.18 15.40 -61.60
N CYS A 1361 83.05 15.13 -60.94
CA CYS A 1361 81.95 16.07 -60.85
C CYS A 1361 82.34 17.28 -59.99
N THR A 1362 81.91 18.47 -60.42
CA THR A 1362 82.23 19.71 -59.74
C THR A 1362 81.36 19.88 -58.50
N HIS A 1363 81.79 20.77 -57.60
CA HIS A 1363 81.02 21.16 -56.42
C HIS A 1363 80.87 19.94 -55.51
N GLN A 1364 79.62 19.55 -55.17
CA GLN A 1364 79.36 18.55 -54.16
C GLN A 1364 79.42 17.15 -54.76
N CYS A 1365 80.54 16.46 -54.55
CA CYS A 1365 80.64 15.04 -54.86
C CYS A 1365 80.42 14.21 -53.60
N MET A 1366 79.79 13.05 -53.76
CA MET A 1366 79.66 12.09 -52.67
C MET A 1366 79.75 10.68 -53.23
N GLN A 1367 80.25 9.75 -52.39
CA GLN A 1367 80.58 8.40 -52.83
C GLN A 1367 79.31 7.56 -52.93
N GLY A 1368 78.67 7.63 -54.10
CA GLY A 1368 77.48 6.85 -54.40
C GLY A 1368 77.83 5.38 -54.59
N PRO A 1369 76.88 4.44 -54.34
CA PRO A 1369 77.11 3.03 -54.58
C PRO A 1369 77.47 2.72 -56.03
N PHE A 1370 76.92 3.48 -56.98
CA PHE A 1370 77.15 3.25 -58.40
C PHE A 1370 78.33 4.08 -58.88
N GLY A 1371 79.52 3.77 -58.35
CA GLY A 1371 80.71 4.55 -58.65
C GLY A 1371 80.74 5.85 -57.84
N ALA A 1372 79.76 6.74 -58.08
CA ALA A 1372 79.59 7.96 -57.32
C ALA A 1372 78.20 8.53 -57.62
N THR A 1373 77.85 9.62 -56.94
CA THR A 1373 76.63 10.37 -57.22
C THR A 1373 76.86 11.83 -56.84
N CYS A 1374 76.40 12.72 -57.71
CA CYS A 1374 76.70 14.15 -57.59
C CYS A 1374 75.42 14.93 -57.36
N LEU A 1375 75.53 16.00 -56.57
CA LEU A 1375 74.43 16.93 -56.33
C LEU A 1375 74.97 18.36 -56.40
N CYS A 1376 74.07 19.34 -56.22
CA CYS A 1376 74.45 20.74 -56.20
C CYS A 1376 73.89 21.41 -54.95
N PRO A 1377 74.55 22.47 -54.44
CA PRO A 1377 74.04 23.20 -53.28
C PRO A 1377 72.79 24.01 -53.59
N LEU A 1378 72.28 24.71 -52.58
CA LEU A 1378 71.10 25.55 -52.71
C LEU A 1378 71.39 26.67 -53.72
N GLY A 1379 70.41 26.92 -54.60
CA GLY A 1379 70.53 27.92 -55.65
C GLY A 1379 71.28 27.43 -56.87
N TYR A 1380 71.60 26.13 -56.93
CA TYR A 1380 72.30 25.54 -58.07
C TYR A 1380 71.55 24.30 -58.54
N GLN A 1381 71.74 23.96 -59.81
CA GLN A 1381 71.08 22.81 -60.42
C GLN A 1381 72.12 21.98 -61.19
N LEU A 1382 71.89 20.67 -61.24
CA LEU A 1382 72.77 19.76 -61.96
C LEU A 1382 72.76 20.11 -63.44
N ALA A 1383 73.94 20.14 -64.06
CA ALA A 1383 74.05 20.30 -65.51
C ALA A 1383 73.46 19.06 -66.19
N ASN A 1384 73.24 19.18 -67.52
CA ASN A 1384 72.53 18.20 -68.29
C ASN A 1384 73.29 16.87 -68.33
N ASP A 1385 74.60 16.92 -68.03
CA ASP A 1385 75.48 15.76 -68.10
C ASP A 1385 75.67 15.10 -66.73
N THR A 1386 75.03 15.66 -65.68
CA THR A 1386 75.12 15.17 -64.30
C THR A 1386 76.56 15.23 -63.76
N LYS A 1387 77.38 16.13 -64.31
CA LYS A 1387 78.75 16.30 -63.83
C LYS A 1387 79.11 17.75 -63.49
N THR A 1388 78.20 18.71 -63.73
CA THR A 1388 78.49 20.12 -63.46
C THR A 1388 77.29 20.75 -62.75
N CYS A 1389 77.56 21.81 -61.97
CA CYS A 1389 76.52 22.55 -61.30
C CYS A 1389 76.31 23.89 -61.99
N GLU A 1390 75.04 24.19 -62.32
CA GLU A 1390 74.70 25.43 -63.02
C GLU A 1390 73.72 26.24 -62.16
N ASP A 1391 73.81 27.57 -62.28
CA ASP A 1391 72.95 28.48 -61.53
C ASP A 1391 71.54 28.46 -62.12
N ILE A 1392 70.54 28.57 -61.25
CA ILE A 1392 69.19 28.83 -61.69
C ILE A 1392 69.04 30.33 -61.92
N ASN A 1393 68.53 30.69 -63.10
CA ASN A 1393 68.13 32.05 -63.38
C ASN A 1393 66.77 32.27 -62.73
N GLU A 1394 66.78 32.73 -61.47
CA GLU A 1394 65.55 32.88 -60.70
C GLU A 1394 64.61 33.90 -61.36
N CYS A 1395 65.16 34.78 -62.21
CA CYS A 1395 64.37 35.76 -62.95
C CYS A 1395 63.51 35.09 -64.03
N ASP A 1396 63.88 33.88 -64.47
CA ASP A 1396 63.18 33.21 -65.56
C ASP A 1396 61.74 32.92 -65.17
N ILE A 1397 61.55 32.40 -63.95
CA ILE A 1397 60.23 32.07 -63.45
C ILE A 1397 59.43 33.37 -63.32
N PRO A 1398 58.27 33.50 -63.99
CA PRO A 1398 57.49 34.74 -63.91
C PRO A 1398 56.92 34.94 -62.50
N GLY A 1399 57.10 36.16 -61.98
CA GLY A 1399 56.60 36.52 -60.67
C GLY A 1399 57.37 35.88 -59.51
N PHE A 1400 58.61 35.45 -59.76
CA PHE A 1400 59.46 34.98 -58.68
C PHE A 1400 59.67 36.09 -57.65
N CYS A 1401 60.01 37.29 -58.16
CA CYS A 1401 59.89 38.52 -57.39
C CYS A 1401 58.66 39.28 -57.87
N SER A 1402 57.97 39.96 -56.94
CA SER A 1402 56.83 40.80 -57.29
C SER A 1402 57.25 41.97 -58.18
N GLN A 1403 58.52 42.38 -58.09
CA GLN A 1403 59.05 43.48 -58.90
C GLN A 1403 60.44 43.14 -59.42
N HIS A 1404 61.19 44.18 -59.82
CA HIS A 1404 62.50 44.07 -60.47
C HIS A 1404 63.33 42.92 -59.89
N CYS A 1405 63.73 41.99 -60.77
CA CYS A 1405 64.47 40.80 -60.40
C CYS A 1405 65.91 40.92 -60.91
N VAL A 1406 66.88 40.57 -60.06
CA VAL A 1406 68.28 40.54 -60.42
C VAL A 1406 68.87 39.20 -60.00
N ASN A 1407 69.56 38.54 -60.93
CA ASN A 1407 70.13 37.23 -60.70
C ASN A 1407 71.64 37.36 -60.48
N MET A 1408 72.19 36.55 -59.56
CA MET A 1408 73.63 36.38 -59.42
C MET A 1408 73.99 34.90 -59.55
N ARG A 1409 75.27 34.58 -59.36
CA ARG A 1409 75.78 33.23 -59.61
C ARG A 1409 75.08 32.18 -58.73
N GLY A 1410 74.69 32.55 -57.51
CA GLY A 1410 74.11 31.58 -56.60
C GLY A 1410 72.85 32.07 -55.90
N SER A 1411 72.39 33.28 -56.21
CA SER A 1411 71.26 33.86 -55.49
C SER A 1411 70.54 34.91 -56.34
N PHE A 1412 69.68 35.70 -55.68
CA PHE A 1412 68.86 36.68 -56.36
C PHE A 1412 68.63 37.87 -55.43
N ARG A 1413 68.33 39.02 -56.03
CA ARG A 1413 67.83 40.18 -55.30
C ARG A 1413 66.57 40.68 -56.01
N CYS A 1414 65.55 41.05 -55.21
CA CYS A 1414 64.31 41.58 -55.74
C CYS A 1414 64.19 43.05 -55.32
N ALA A 1415 64.42 43.96 -56.27
CA ALA A 1415 64.29 45.39 -56.01
C ALA A 1415 62.82 45.78 -55.94
N CYS A 1416 62.55 46.95 -55.35
CA CYS A 1416 61.19 47.40 -55.15
C CYS A 1416 61.10 48.90 -55.46
N ASP A 1417 59.91 49.31 -55.93
CA ASP A 1417 59.65 50.71 -56.28
C ASP A 1417 59.37 51.51 -55.01
N PRO A 1418 59.54 52.85 -55.04
CA PRO A 1418 59.31 53.70 -53.87
C PRO A 1418 57.92 53.55 -53.23
N GLU A 1419 56.90 53.25 -54.03
CA GLU A 1419 55.53 53.14 -53.52
C GLU A 1419 55.35 51.88 -52.67
N TYR A 1420 56.33 50.97 -52.66
CA TYR A 1420 56.19 49.71 -51.96
C TYR A 1420 57.41 49.48 -51.07
N THR A 1421 57.29 48.53 -50.14
CA THR A 1421 58.39 48.06 -49.31
C THR A 1421 58.50 46.54 -49.44
N LEU A 1422 59.74 46.06 -49.54
CA LEU A 1422 59.99 44.62 -49.63
C LEU A 1422 59.68 43.98 -48.28
N GLU A 1423 58.89 42.91 -48.31
CA GLU A 1423 58.46 42.25 -47.08
C GLU A 1423 59.59 41.40 -46.50
N SER A 1424 59.35 40.88 -45.29
CA SER A 1424 60.22 39.90 -44.66
C SER A 1424 60.46 38.71 -45.58
N ASP A 1425 59.40 38.26 -46.26
CA ASP A 1425 59.52 37.33 -47.38
C ASP A 1425 60.27 38.09 -48.47
N GLY A 1426 61.54 37.73 -48.70
CA GLY A 1426 62.44 38.54 -49.50
C GLY A 1426 62.12 38.55 -50.99
N ARG A 1427 60.89 38.16 -51.39
CA ARG A 1427 60.53 38.08 -52.79
C ARG A 1427 59.33 38.96 -53.14
N THR A 1428 58.53 39.36 -52.15
CA THR A 1428 57.28 40.07 -52.39
C THR A 1428 57.38 41.52 -51.93
N CYS A 1429 56.58 42.37 -52.57
CA CYS A 1429 56.50 43.78 -52.25
C CYS A 1429 55.08 44.14 -51.81
N LYS A 1430 54.98 45.02 -50.81
CA LYS A 1430 53.71 45.43 -50.24
C LYS A 1430 53.62 46.95 -50.29
N VAL A 1431 52.43 47.47 -50.57
CA VAL A 1431 52.21 48.89 -50.70
C VAL A 1431 52.46 49.59 -49.36
N THR A 1432 52.87 50.86 -49.43
CA THR A 1432 53.05 51.69 -48.25
C THR A 1432 51.74 52.41 -47.93
N GLY A 1433 51.74 53.11 -46.79
CA GLY A 1433 50.61 53.91 -46.37
C GLY A 1433 49.47 53.05 -45.81
N SER A 1434 48.62 53.70 -45.00
CA SER A 1434 47.50 53.03 -44.35
C SER A 1434 46.25 53.03 -45.23
N GLU A 1435 46.28 53.75 -46.36
CA GLU A 1435 45.13 53.81 -47.25
C GLU A 1435 44.86 52.43 -47.87
N ASN A 1436 43.57 52.10 -47.89
CA ASN A 1436 43.02 50.84 -48.39
C ASN A 1436 42.83 50.93 -49.91
N PRO A 1437 43.05 49.84 -50.69
CA PRO A 1437 42.63 49.81 -52.09
C PRO A 1437 41.12 49.67 -52.22
N LEU A 1438 40.43 50.73 -52.68
CA LEU A 1438 39.05 50.58 -53.11
C LEU A 1438 39.03 49.91 -54.48
N LEU A 1439 38.14 48.95 -54.67
CA LEU A 1439 37.87 48.35 -55.98
C LEU A 1439 36.49 48.83 -56.43
N VAL A 1440 36.38 49.40 -57.63
CA VAL A 1440 35.15 50.07 -58.06
C VAL A 1440 34.68 49.48 -59.39
N VAL A 1441 33.36 49.20 -59.49
CA VAL A 1441 32.79 48.31 -60.49
C VAL A 1441 31.54 48.93 -61.12
N ALA A 1442 31.43 48.84 -62.45
CA ALA A 1442 30.32 49.39 -63.21
C ALA A 1442 29.21 48.34 -63.41
N SER A 1443 28.35 48.08 -62.41
CA SER A 1443 27.08 47.41 -62.67
C SER A 1443 26.11 48.46 -63.20
N ARG A 1444 25.19 48.13 -64.13
CA ARG A 1444 24.62 49.13 -65.04
C ARG A 1444 24.05 50.36 -64.31
N ASP A 1445 23.32 50.22 -63.20
CA ASP A 1445 22.72 51.37 -62.52
C ASP A 1445 23.29 51.59 -61.11
N LYS A 1446 24.48 51.04 -60.82
CA LYS A 1446 25.14 51.15 -59.53
C LYS A 1446 26.66 51.10 -59.72
N ILE A 1447 27.34 52.21 -59.42
CA ILE A 1447 28.78 52.15 -59.24
C ILE A 1447 29.03 51.55 -57.87
N ILE A 1448 29.41 50.27 -57.85
CA ILE A 1448 29.68 49.52 -56.62
C ILE A 1448 31.13 49.78 -56.20
N VAL A 1449 31.37 49.79 -54.88
CA VAL A 1449 32.68 49.97 -54.28
C VAL A 1449 32.91 48.85 -53.26
N ASP A 1450 34.07 48.17 -53.32
CA ASP A 1450 34.50 47.23 -52.30
C ASP A 1450 35.77 47.76 -51.62
N ASN A 1451 35.77 47.73 -50.28
CA ASN A 1451 36.87 48.26 -49.48
C ASN A 1451 37.76 47.11 -49.03
N ILE A 1452 38.62 46.62 -49.94
CA ILE A 1452 39.51 45.48 -49.70
C ILE A 1452 40.41 45.83 -48.50
N THR A 1453 40.21 45.10 -47.38
CA THR A 1453 40.88 45.37 -46.12
C THR A 1453 41.09 44.06 -45.37
N ALA A 1454 42.36 43.71 -45.06
CA ALA A 1454 42.71 42.47 -44.36
C ALA A 1454 42.02 41.24 -44.97
N HIS A 1455 41.99 41.18 -46.32
CA HIS A 1455 41.39 40.12 -47.14
C HIS A 1455 39.86 40.04 -47.03
N THR A 1456 39.18 41.13 -46.61
CA THR A 1456 37.73 41.20 -46.46
C THR A 1456 37.14 42.29 -47.37
N HIS A 1457 35.86 42.11 -47.76
CA HIS A 1457 35.29 42.79 -48.92
C HIS A 1457 33.95 43.49 -48.59
N ASN A 1458 33.97 44.40 -47.61
CA ASN A 1458 32.82 45.25 -47.30
C ASN A 1458 32.51 46.16 -48.49
N LEU A 1459 31.22 46.34 -48.83
CA LEU A 1459 30.85 47.01 -50.08
C LEU A 1459 29.56 47.84 -49.96
N TYR A 1460 29.47 48.84 -50.85
CA TYR A 1460 28.40 49.85 -50.87
C TYR A 1460 28.37 50.54 -52.25
N SER A 1461 27.42 51.49 -52.43
CA SER A 1461 27.27 52.25 -53.67
C SER A 1461 27.95 53.62 -53.56
N LEU A 1462 28.73 54.01 -54.58
CA LEU A 1462 29.44 55.29 -54.63
C LEU A 1462 28.45 56.46 -54.82
N VAL A 1463 27.48 56.28 -55.73
CA VAL A 1463 26.56 57.33 -56.15
C VAL A 1463 25.22 56.68 -56.53
N GLN A 1464 24.14 57.48 -56.53
CA GLN A 1464 22.77 56.97 -56.58
C GLN A 1464 22.21 57.03 -58.01
N ASP A 1465 22.17 58.23 -58.62
CA ASP A 1465 21.43 58.44 -59.86
C ASP A 1465 22.35 58.24 -61.07
N VAL A 1466 22.35 57.02 -61.63
CA VAL A 1466 23.02 56.71 -62.90
C VAL A 1466 22.11 55.78 -63.71
N SER A 1467 22.09 55.97 -65.05
CA SER A 1467 21.21 55.23 -65.93
C SER A 1467 21.89 53.95 -66.45
N PHE A 1468 23.11 54.08 -66.98
CA PHE A 1468 23.87 52.96 -67.51
C PHE A 1468 25.36 53.29 -67.51
N VAL A 1469 26.06 53.07 -66.38
CA VAL A 1469 27.49 53.31 -66.35
C VAL A 1469 28.23 52.21 -67.13
N VAL A 1470 29.19 52.62 -67.98
CA VAL A 1470 30.06 51.68 -68.68
C VAL A 1470 31.48 51.74 -68.14
N ALA A 1471 32.18 52.86 -68.38
CA ALA A 1471 33.61 52.96 -68.11
C ALA A 1471 33.87 53.64 -66.77
N LEU A 1472 34.99 53.27 -66.12
CA LEU A 1472 35.39 53.73 -64.80
C LEU A 1472 36.89 54.09 -64.80
N ASP A 1473 37.23 55.22 -64.18
CA ASP A 1473 38.61 55.57 -63.88
C ASP A 1473 38.61 56.60 -62.74
N PHE A 1474 39.80 57.00 -62.29
CA PHE A 1474 39.91 57.93 -61.17
C PHE A 1474 41.17 58.78 -61.30
N ASP A 1475 41.16 59.90 -60.58
CA ASP A 1475 42.28 60.82 -60.53
C ASP A 1475 42.77 60.88 -59.08
N SER A 1476 44.08 60.67 -58.89
CA SER A 1476 44.65 60.56 -57.55
C SER A 1476 44.80 61.93 -56.90
N VAL A 1477 45.16 62.96 -57.69
CA VAL A 1477 45.50 64.26 -57.13
C VAL A 1477 44.26 64.94 -56.58
N THR A 1478 43.11 64.75 -57.23
CA THR A 1478 41.87 65.38 -56.79
C THR A 1478 40.95 64.42 -56.03
N GLY A 1479 41.26 63.12 -56.05
CA GLY A 1479 40.44 62.11 -55.38
C GLY A 1479 39.04 62.00 -55.98
N ARG A 1480 38.93 62.09 -57.31
CA ARG A 1480 37.64 62.00 -57.99
C ARG A 1480 37.57 60.71 -58.80
N VAL A 1481 36.35 60.20 -58.99
CA VAL A 1481 36.10 58.99 -59.77
C VAL A 1481 35.30 59.39 -61.00
N PHE A 1482 35.84 59.07 -62.19
CA PHE A 1482 35.23 59.42 -63.46
C PHE A 1482 34.46 58.22 -64.02
N TRP A 1483 33.31 58.49 -64.63
CA TRP A 1483 32.56 57.45 -65.31
C TRP A 1483 31.74 58.05 -66.43
N SER A 1484 31.34 57.19 -67.36
CA SER A 1484 30.55 57.61 -68.52
C SER A 1484 29.22 56.86 -68.49
N ASP A 1485 28.14 57.59 -68.77
CA ASP A 1485 26.80 57.02 -68.81
C ASP A 1485 26.44 56.78 -70.27
N LEU A 1486 26.09 55.53 -70.61
CA LEU A 1486 25.80 55.17 -72.00
C LEU A 1486 24.47 55.77 -72.44
N LEU A 1487 23.44 55.67 -71.58
CA LEU A 1487 22.11 56.13 -71.93
C LEU A 1487 22.03 57.65 -71.91
N GLN A 1488 22.71 58.30 -70.95
CA GLN A 1488 22.69 59.75 -70.88
C GLN A 1488 23.65 60.38 -71.89
N GLY A 1489 24.69 59.63 -72.28
CA GLY A 1489 25.69 60.12 -73.22
C GLY A 1489 26.54 61.25 -72.62
N LYS A 1490 26.89 61.10 -71.33
CA LYS A 1490 27.68 62.10 -70.62
C LYS A 1490 28.78 61.44 -69.82
N THR A 1491 29.83 62.22 -69.51
CA THR A 1491 30.88 61.81 -68.60
C THR A 1491 30.76 62.61 -67.31
N TRP A 1492 30.75 61.91 -66.18
CA TRP A 1492 30.60 62.53 -64.87
C TRP A 1492 31.88 62.38 -64.05
N SER A 1493 31.90 63.06 -62.90
CA SER A 1493 32.94 62.88 -61.89
C SER A 1493 32.34 63.14 -60.51
N VAL A 1494 32.87 62.45 -59.50
CA VAL A 1494 32.41 62.60 -58.12
C VAL A 1494 33.58 62.30 -57.17
N PHE A 1495 33.55 62.84 -55.96
CA PHE A 1495 34.54 62.53 -54.94
C PHE A 1495 34.38 61.10 -54.46
N GLN A 1496 35.42 60.56 -53.82
CA GLN A 1496 35.39 59.18 -53.34
C GLN A 1496 34.37 58.98 -52.22
N ASN A 1497 33.86 60.07 -51.59
CA ASN A 1497 32.79 59.92 -50.62
C ASN A 1497 31.43 60.31 -51.23
N GLY A 1498 31.36 60.38 -52.56
CA GLY A 1498 30.10 60.59 -53.27
C GLY A 1498 29.64 62.05 -53.30
N THR A 1499 30.53 62.99 -52.94
CA THR A 1499 30.17 64.40 -52.90
C THR A 1499 30.53 65.10 -54.20
N ASP A 1500 29.75 66.12 -54.57
CA ASP A 1500 30.04 67.01 -55.69
C ASP A 1500 30.05 66.24 -57.02
N LYS A 1501 28.90 65.65 -57.36
CA LYS A 1501 28.73 65.02 -58.66
C LYS A 1501 28.56 66.12 -59.71
N ARG A 1502 29.44 66.13 -60.72
CA ARG A 1502 29.39 67.14 -61.78
C ARG A 1502 29.77 66.50 -63.11
N VAL A 1503 29.31 67.12 -64.19
CA VAL A 1503 29.51 66.58 -65.53
C VAL A 1503 30.85 67.06 -66.07
N VAL A 1504 31.41 66.30 -67.01
CA VAL A 1504 32.67 66.65 -67.67
C VAL A 1504 32.37 66.96 -69.14
N HIS A 1505 31.88 65.94 -69.86
CA HIS A 1505 31.38 66.14 -71.22
C HIS A 1505 29.89 65.80 -71.21
N ASP A 1506 29.06 66.75 -71.67
CA ASP A 1506 27.63 66.56 -71.71
C ASP A 1506 27.12 66.36 -73.14
N SER A 1507 28.04 66.28 -74.11
CA SER A 1507 27.67 66.02 -75.50
C SER A 1507 28.82 65.38 -76.26
N GLY A 1508 28.52 64.76 -77.41
CA GLY A 1508 29.54 64.25 -78.31
C GLY A 1508 30.02 62.84 -77.96
N LEU A 1509 29.26 62.14 -77.11
CA LEU A 1509 29.59 60.78 -76.72
C LEU A 1509 28.46 59.85 -77.16
N SER A 1510 28.81 58.76 -77.86
CA SER A 1510 27.81 57.82 -78.35
C SER A 1510 27.93 56.49 -77.59
N VAL A 1511 29.09 55.82 -77.76
CA VAL A 1511 29.36 54.60 -77.02
C VAL A 1511 30.80 54.67 -76.52
N THR A 1512 30.95 55.09 -75.26
CA THR A 1512 32.26 55.21 -74.66
C THR A 1512 32.63 53.85 -74.04
N GLU A 1513 33.71 53.24 -74.51
CA GLU A 1513 34.10 51.90 -74.09
C GLU A 1513 35.00 51.98 -72.85
N MET A 1514 36.01 52.86 -72.87
CA MET A 1514 36.95 52.95 -71.77
C MET A 1514 37.36 54.41 -71.55
N ILE A 1515 37.74 54.71 -70.30
CA ILE A 1515 38.23 56.03 -69.92
C ILE A 1515 39.55 55.84 -69.19
N ALA A 1516 40.55 56.63 -69.57
CA ALA A 1516 41.87 56.61 -68.94
C ALA A 1516 42.30 58.03 -68.62
N VAL A 1517 42.54 58.31 -67.33
CA VAL A 1517 42.90 59.65 -66.89
C VAL A 1517 44.42 59.77 -66.87
N ASP A 1518 44.93 60.79 -67.57
CA ASP A 1518 46.35 61.10 -67.55
C ASP A 1518 46.63 62.02 -66.36
N TRP A 1519 47.02 61.42 -65.23
CA TRP A 1519 47.21 62.17 -64.00
C TRP A 1519 48.44 63.08 -64.05
N ILE A 1520 49.41 62.77 -64.91
CA ILE A 1520 50.61 63.59 -65.00
C ILE A 1520 50.33 64.84 -65.84
N GLY A 1521 49.83 64.64 -67.05
CA GLY A 1521 49.57 65.73 -67.97
C GLY A 1521 48.19 66.38 -67.80
N ARG A 1522 47.38 65.89 -66.83
CA ARG A 1522 46.07 66.43 -66.53
C ARG A 1522 45.16 66.40 -67.77
N ASN A 1523 45.19 65.27 -68.49
CA ASN A 1523 44.34 65.06 -69.65
C ASN A 1523 43.46 63.83 -69.44
N LEU A 1524 42.37 63.75 -70.23
CA LEU A 1524 41.47 62.62 -70.17
C LEU A 1524 41.37 62.00 -71.56
N TYR A 1525 41.59 60.68 -71.62
CA TYR A 1525 41.51 59.91 -72.86
C TYR A 1525 40.33 58.94 -72.79
N TRP A 1526 39.70 58.70 -73.94
CA TRP A 1526 38.64 57.71 -74.03
C TRP A 1526 38.52 57.19 -75.46
N THR A 1527 37.91 56.01 -75.58
CA THR A 1527 37.70 55.35 -76.85
C THR A 1527 36.20 55.20 -77.10
N ASP A 1528 35.77 55.60 -78.30
CA ASP A 1528 34.36 55.59 -78.66
C ASP A 1528 34.15 54.54 -79.73
N TYR A 1529 33.25 53.58 -79.46
CA TYR A 1529 33.01 52.46 -80.36
C TYR A 1529 32.23 52.92 -81.59
N ALA A 1530 31.20 53.74 -81.37
CA ALA A 1530 30.34 54.21 -82.45
C ALA A 1530 31.08 55.21 -83.35
N LEU A 1531 31.83 56.14 -82.74
CA LEU A 1531 32.55 57.14 -83.51
C LEU A 1531 33.83 56.56 -84.14
N GLU A 1532 34.31 55.41 -83.61
CA GLU A 1532 35.50 54.74 -84.11
C GLU A 1532 36.71 55.67 -84.01
N THR A 1533 36.81 56.41 -82.90
CA THR A 1533 37.92 57.32 -82.68
C THR A 1533 38.43 57.21 -81.25
N ILE A 1534 39.68 57.66 -81.06
CA ILE A 1534 40.27 57.84 -79.74
C ILE A 1534 40.46 59.33 -79.52
N GLU A 1535 39.83 59.85 -78.46
CA GLU A 1535 39.78 61.30 -78.24
C GLU A 1535 40.44 61.66 -76.92
N VAL A 1536 40.86 62.92 -76.82
CA VAL A 1536 41.49 63.44 -75.63
C VAL A 1536 40.97 64.84 -75.36
N SER A 1537 40.93 65.21 -74.07
CA SER A 1537 40.54 66.54 -73.64
C SER A 1537 41.27 66.86 -72.33
N LYS A 1538 41.06 68.07 -71.81
CA LYS A 1538 41.57 68.41 -70.50
C LYS A 1538 40.83 67.57 -69.46
N ILE A 1539 41.29 67.63 -68.20
CA ILE A 1539 40.68 66.87 -67.13
C ILE A 1539 39.23 67.30 -66.90
N ASP A 1540 38.88 68.53 -67.29
CA ASP A 1540 37.52 69.03 -67.17
C ASP A 1540 36.78 68.96 -68.51
N GLY A 1541 37.43 68.46 -69.58
CA GLY A 1541 36.81 68.26 -70.87
C GLY A 1541 36.64 69.56 -71.68
N SER A 1542 37.56 70.50 -71.51
CA SER A 1542 37.45 71.81 -72.15
C SER A 1542 37.72 71.75 -73.65
N HIS A 1543 38.78 71.03 -74.03
CA HIS A 1543 39.39 71.18 -75.35
C HIS A 1543 39.43 69.84 -76.08
N ARG A 1544 38.27 69.21 -76.22
CA ARG A 1544 38.16 67.90 -76.84
C ARG A 1544 38.74 67.90 -78.26
N THR A 1545 39.48 66.85 -78.58
CA THR A 1545 39.99 66.66 -79.94
C THR A 1545 40.12 65.16 -80.21
N VAL A 1546 40.27 64.83 -81.50
CA VAL A 1546 40.41 63.46 -81.98
C VAL A 1546 41.89 63.15 -82.13
N LEU A 1547 42.39 62.12 -81.44
CA LEU A 1547 43.79 61.75 -81.57
C LEU A 1547 44.00 60.85 -82.80
N ILE A 1548 43.36 59.68 -82.76
CA ILE A 1548 43.58 58.66 -83.78
C ILE A 1548 42.24 58.31 -84.40
N SER A 1549 42.17 58.48 -85.74
CA SER A 1549 40.95 58.33 -86.53
C SER A 1549 41.24 57.68 -87.88
N LYS A 1550 42.28 56.84 -87.92
CA LYS A 1550 42.66 56.05 -89.09
C LYS A 1550 42.96 54.64 -88.60
N ASN A 1551 42.73 53.62 -89.44
CA ASN A 1551 42.99 52.23 -89.11
C ASN A 1551 42.29 51.81 -87.82
N VAL A 1552 41.21 52.50 -87.46
CA VAL A 1552 40.48 52.20 -86.25
C VAL A 1552 39.06 51.81 -86.62
N THR A 1553 38.62 50.65 -86.13
CA THR A 1553 37.30 50.12 -86.43
C THR A 1553 36.47 50.01 -85.15
N LYS A 1554 36.96 49.24 -84.17
CA LYS A 1554 36.21 49.00 -82.95
C LYS A 1554 37.13 49.12 -81.74
N PRO A 1555 37.51 50.35 -81.34
CA PRO A 1555 38.43 50.52 -80.23
C PRO A 1555 37.73 50.29 -78.90
N ARG A 1556 38.27 49.37 -78.10
CA ARG A 1556 37.68 49.08 -76.80
C ARG A 1556 38.65 49.40 -75.67
N GLY A 1557 39.82 48.76 -75.66
CA GLY A 1557 40.77 48.89 -74.55
C GLY A 1557 41.53 50.21 -74.62
N LEU A 1558 42.05 50.64 -73.47
CA LEU A 1558 42.85 51.86 -73.39
C LEU A 1558 43.63 51.86 -72.07
N ALA A 1559 44.95 52.05 -72.19
CA ALA A 1559 45.82 52.14 -71.03
C ALA A 1559 46.86 53.22 -71.27
N LEU A 1560 47.38 53.81 -70.19
CA LEU A 1560 48.32 54.91 -70.27
C LEU A 1560 49.53 54.66 -69.38
N ASP A 1561 50.68 55.21 -69.79
CA ASP A 1561 51.89 55.24 -68.99
C ASP A 1561 52.46 56.66 -69.07
N PRO A 1562 51.94 57.61 -68.29
CA PRO A 1562 52.38 59.00 -68.41
C PRO A 1562 53.70 59.34 -67.72
N ARG A 1563 54.41 58.33 -67.18
CA ARG A 1563 55.71 58.57 -66.59
C ARG A 1563 56.66 59.12 -67.65
N MET A 1564 57.48 60.09 -67.25
CA MET A 1564 58.23 60.95 -68.15
C MET A 1564 59.01 60.12 -69.17
N GLY A 1565 59.61 59.01 -68.73
CA GLY A 1565 60.38 58.13 -69.61
C GLY A 1565 59.55 57.58 -70.76
N ASP A 1566 58.36 57.04 -70.44
CA ASP A 1566 57.57 56.29 -71.41
C ASP A 1566 56.67 57.22 -72.22
N ASN A 1567 55.68 57.84 -71.55
CA ASN A 1567 54.67 58.69 -72.18
C ASN A 1567 54.07 57.99 -73.40
N VAL A 1568 53.50 56.80 -73.15
CA VAL A 1568 52.94 55.99 -74.22
C VAL A 1568 51.51 55.59 -73.85
N MET A 1569 50.71 55.32 -74.90
CA MET A 1569 49.34 54.87 -74.73
C MET A 1569 49.14 53.56 -75.48
N PHE A 1570 48.34 52.68 -74.88
CA PHE A 1570 47.98 51.41 -75.49
C PHE A 1570 46.46 51.34 -75.66
N TRP A 1571 46.02 50.77 -76.80
CA TRP A 1571 44.61 50.52 -77.03
C TRP A 1571 44.44 49.23 -77.81
N SER A 1572 43.23 48.66 -77.70
CA SER A 1572 42.89 47.40 -78.34
C SER A 1572 41.71 47.62 -79.29
N ASP A 1573 41.79 46.97 -80.45
CA ASP A 1573 40.76 47.07 -81.47
C ASP A 1573 40.34 45.64 -81.84
N TRP A 1574 39.04 45.39 -81.85
CA TRP A 1574 38.51 44.05 -82.14
C TRP A 1574 37.74 44.03 -83.45
N GLY A 1575 38.06 44.95 -84.37
CA GLY A 1575 37.54 44.88 -85.72
C GLY A 1575 38.20 43.76 -86.51
N HIS A 1576 37.91 43.71 -87.81
CA HIS A 1576 38.61 42.82 -88.72
C HIS A 1576 40.11 43.11 -88.63
N HIS A 1577 40.90 42.03 -88.60
CA HIS A 1577 42.32 42.06 -88.25
C HIS A 1577 42.49 42.66 -86.86
N PRO A 1578 42.07 41.94 -85.81
CA PRO A 1578 42.17 42.47 -84.44
C PRO A 1578 43.62 42.69 -84.07
N ARG A 1579 43.87 43.69 -83.24
CA ARG A 1579 45.22 44.02 -82.87
C ARG A 1579 45.24 44.89 -81.62
N ILE A 1580 46.39 44.89 -80.94
CA ILE A 1580 46.68 45.83 -79.86
C ILE A 1580 47.78 46.76 -80.34
N GLU A 1581 47.54 48.07 -80.20
CA GLU A 1581 48.47 49.07 -80.73
C GLU A 1581 49.07 49.88 -79.59
N ARG A 1582 50.31 50.32 -79.82
CA ARG A 1582 51.00 51.26 -78.94
C ARG A 1582 51.28 52.54 -79.73
N ALA A 1583 51.16 53.67 -79.04
CA ALA A 1583 51.51 54.96 -79.63
C ALA A 1583 51.95 55.91 -78.52
N SER A 1584 52.62 57.00 -78.93
CA SER A 1584 52.93 58.08 -78.03
C SER A 1584 51.64 58.76 -77.56
N MET A 1585 51.71 59.40 -76.40
CA MET A 1585 50.55 60.03 -75.80
C MET A 1585 49.96 61.12 -76.71
N ASP A 1586 50.74 61.64 -77.66
CA ASP A 1586 50.24 62.60 -78.64
C ASP A 1586 49.82 61.91 -79.95
N GLY A 1587 49.90 60.58 -80.00
CA GLY A 1587 49.40 59.77 -81.11
C GLY A 1587 50.34 59.80 -82.32
N THR A 1588 51.65 60.01 -82.09
CA THR A 1588 52.59 60.12 -83.20
C THR A 1588 53.18 58.75 -83.57
N MET A 1589 53.86 58.12 -82.61
CA MET A 1589 54.64 56.91 -82.89
C MET A 1589 53.75 55.68 -82.75
N ARG A 1590 52.82 55.53 -83.70
CA ARG A 1590 51.85 54.45 -83.68
C ARG A 1590 52.54 53.15 -84.08
N THR A 1591 52.30 52.09 -83.30
CA THR A 1591 52.94 50.79 -83.51
C THR A 1591 51.98 49.69 -83.08
N VAL A 1592 51.89 48.63 -83.88
CA VAL A 1592 51.10 47.48 -83.51
C VAL A 1592 52.02 46.47 -82.81
N ILE A 1593 51.69 46.14 -81.57
CA ILE A 1593 52.57 45.32 -80.76
C ILE A 1593 52.15 43.86 -80.81
N VAL A 1594 50.86 43.56 -80.71
CA VAL A 1594 50.38 42.20 -80.78
C VAL A 1594 49.29 42.12 -81.84
N GLN A 1595 49.42 41.16 -82.76
CA GLN A 1595 48.41 40.96 -83.79
C GLN A 1595 48.17 39.48 -84.08
N GLU A 1596 48.70 38.59 -83.25
CA GLU A 1596 48.57 37.15 -83.48
C GLU A 1596 47.90 36.52 -82.27
N LYS A 1597 47.06 35.50 -82.53
CA LYS A 1597 46.34 34.77 -81.50
C LYS A 1597 45.47 35.74 -80.69
N ILE A 1598 44.75 36.61 -81.39
CA ILE A 1598 43.73 37.46 -80.79
C ILE A 1598 42.53 37.45 -81.71
N TYR A 1599 41.34 37.41 -81.09
CA TYR A 1599 40.10 37.44 -81.84
C TYR A 1599 39.26 38.60 -81.35
N TRP A 1600 39.07 38.69 -80.02
CA TRP A 1600 38.26 39.72 -79.40
C TRP A 1600 39.04 40.37 -78.25
N PRO A 1601 40.04 41.20 -78.56
CA PRO A 1601 40.79 41.89 -77.51
C PRO A 1601 39.93 42.85 -76.73
N CYS A 1602 40.22 42.98 -75.43
CA CYS A 1602 39.49 43.89 -74.57
C CYS A 1602 40.25 44.08 -73.25
N GLY A 1603 39.90 45.17 -72.55
CA GLY A 1603 40.29 45.38 -71.17
C GLY A 1603 41.79 45.37 -70.93
N LEU A 1604 42.47 46.42 -71.41
CA LEU A 1604 43.90 46.58 -71.18
C LEU A 1604 44.15 47.15 -69.79
N SER A 1605 45.32 46.80 -69.23
CA SER A 1605 45.78 47.35 -67.96
C SER A 1605 47.30 47.20 -67.88
N ILE A 1606 47.95 48.20 -67.26
CA ILE A 1606 49.40 48.29 -67.24
C ILE A 1606 49.93 48.02 -65.85
N ASP A 1607 50.93 47.13 -65.76
CA ASP A 1607 51.69 46.91 -64.55
C ASP A 1607 52.85 47.89 -64.55
N TYR A 1608 52.74 48.98 -63.78
CA TYR A 1608 53.71 50.06 -63.83
C TYR A 1608 55.10 49.63 -63.36
N PRO A 1609 55.27 48.95 -62.19
CA PRO A 1609 56.61 48.55 -61.76
C PRO A 1609 57.37 47.69 -62.76
N ASN A 1610 56.67 46.77 -63.43
CA ASN A 1610 57.31 45.83 -64.34
C ASN A 1610 57.24 46.30 -65.80
N ARG A 1611 56.49 47.37 -66.08
CA ARG A 1611 56.29 47.86 -67.44
C ARG A 1611 55.76 46.76 -68.36
N LEU A 1612 54.70 46.09 -67.90
CA LEU A 1612 54.00 45.07 -68.67
C LEU A 1612 52.57 45.55 -68.96
N ILE A 1613 52.05 45.15 -70.12
CA ILE A 1613 50.69 45.45 -70.51
C ILE A 1613 49.87 44.16 -70.47
N TYR A 1614 48.88 44.12 -69.57
CA TYR A 1614 47.98 42.99 -69.45
C TYR A 1614 46.81 43.18 -70.42
N PHE A 1615 46.45 42.13 -71.15
CA PHE A 1615 45.31 42.19 -72.07
C PHE A 1615 44.50 40.91 -71.98
N MET A 1616 43.27 41.00 -72.47
CA MET A 1616 42.27 39.95 -72.28
C MET A 1616 41.55 39.69 -73.61
N ASP A 1617 41.12 38.44 -73.82
CA ASP A 1617 40.38 38.06 -75.01
C ASP A 1617 39.13 37.31 -74.58
N ALA A 1618 37.97 37.75 -75.10
CA ALA A 1618 36.68 37.17 -74.72
C ALA A 1618 36.25 36.04 -75.65
N TYR A 1619 36.96 35.84 -76.77
CA TYR A 1619 36.66 34.76 -77.70
C TYR A 1619 37.54 33.55 -77.40
N LEU A 1620 38.87 33.78 -77.29
CA LEU A 1620 39.78 32.69 -76.99
C LEU A 1620 39.84 32.42 -75.48
N ASP A 1621 39.27 33.31 -74.67
CA ASP A 1621 39.08 33.10 -73.24
C ASP A 1621 40.43 32.91 -72.54
N TYR A 1622 41.25 33.96 -72.58
CA TYR A 1622 42.53 33.96 -71.88
C TYR A 1622 42.83 35.34 -71.33
N ILE A 1623 43.77 35.36 -70.36
CA ILE A 1623 44.36 36.59 -69.85
C ILE A 1623 45.87 36.47 -70.03
N GLU A 1624 46.47 37.49 -70.65
CA GLU A 1624 47.88 37.46 -70.98
C GLU A 1624 48.53 38.80 -70.62
N PHE A 1625 49.87 38.82 -70.65
CA PHE A 1625 50.62 40.05 -70.53
C PHE A 1625 51.87 39.96 -71.38
N CYS A 1626 52.44 41.12 -71.69
CA CYS A 1626 53.67 41.22 -72.45
C CYS A 1626 54.33 42.56 -72.15
N ASP A 1627 55.59 42.71 -72.56
CA ASP A 1627 56.30 43.96 -72.39
C ASP A 1627 55.72 44.99 -73.36
N TYR A 1628 56.27 46.21 -73.32
CA TYR A 1628 55.74 47.31 -74.09
C TYR A 1628 55.90 47.09 -75.60
N ASP A 1629 56.83 46.23 -76.01
CA ASP A 1629 56.99 45.91 -77.42
C ASP A 1629 56.25 44.64 -77.82
N GLY A 1630 55.67 43.93 -76.84
CA GLY A 1630 54.92 42.71 -77.11
C GLY A 1630 55.80 41.49 -77.41
N HIS A 1631 57.04 41.51 -76.91
CA HIS A 1631 57.97 40.42 -77.19
C HIS A 1631 57.80 39.26 -76.23
N ASN A 1632 57.75 39.55 -74.92
CA ASN A 1632 57.77 38.52 -73.90
C ASN A 1632 56.36 38.18 -73.44
N ARG A 1633 55.58 37.57 -74.34
CA ARG A 1633 54.20 37.21 -74.05
C ARG A 1633 54.17 36.04 -73.08
N ARG A 1634 53.25 36.13 -72.10
CA ARG A 1634 52.98 35.04 -71.17
C ARG A 1634 51.47 34.91 -70.99
N GLN A 1635 51.07 33.70 -70.58
CA GLN A 1635 49.67 33.43 -70.25
C GLN A 1635 49.53 33.23 -68.74
N VAL A 1636 48.57 33.94 -68.15
CA VAL A 1636 48.31 33.84 -66.71
C VAL A 1636 47.09 32.95 -66.48
N ILE A 1637 46.09 33.07 -67.38
CA ILE A 1637 44.92 32.20 -67.36
C ILE A 1637 44.63 31.83 -68.80
N ALA A 1638 44.82 30.55 -69.14
CA ALA A 1638 44.54 30.06 -70.48
C ALA A 1638 44.01 28.63 -70.40
N SER A 1639 43.14 28.26 -71.35
CA SER A 1639 42.52 26.95 -71.39
C SER A 1639 41.82 26.65 -70.06
N ASP A 1640 41.13 27.66 -69.52
CA ASP A 1640 40.52 27.58 -68.19
C ASP A 1640 39.06 28.00 -68.30
N LEU A 1641 38.14 27.22 -67.72
CA LEU A 1641 36.72 27.41 -67.91
C LEU A 1641 36.15 28.55 -67.06
N VAL A 1642 36.95 29.26 -66.22
CA VAL A 1642 36.40 30.39 -65.46
C VAL A 1642 36.03 31.53 -66.40
N LEU A 1643 36.87 31.76 -67.42
CA LEU A 1643 36.65 32.87 -68.33
C LEU A 1643 35.53 32.51 -69.31
N HIS A 1644 34.49 33.35 -69.34
CA HIS A 1644 33.35 33.16 -70.20
C HIS A 1644 33.28 34.28 -71.22
N HIS A 1645 33.22 35.53 -70.74
CA HIS A 1645 33.25 36.70 -71.61
C HIS A 1645 33.84 37.88 -70.85
N PRO A 1646 35.13 37.83 -70.49
CA PRO A 1646 35.73 38.88 -69.68
C PRO A 1646 35.77 40.20 -70.45
N HIS A 1647 35.53 41.31 -69.74
CA HIS A 1647 35.41 42.61 -70.38
C HIS A 1647 36.54 43.56 -69.96
N ALA A 1648 36.68 43.80 -68.65
CA ALA A 1648 37.64 44.78 -68.15
C ALA A 1648 38.61 44.12 -67.18
N LEU A 1649 39.77 44.77 -67.00
CA LEU A 1649 40.84 44.24 -66.18
C LEU A 1649 41.50 45.37 -65.39
N THR A 1650 41.92 45.07 -64.15
CA THR A 1650 42.68 46.01 -63.32
C THR A 1650 43.64 45.22 -62.43
N LEU A 1651 44.71 45.88 -61.98
CA LEU A 1651 45.79 45.24 -61.23
C LEU A 1651 45.96 45.91 -59.87
N PHE A 1652 46.46 45.14 -58.90
CA PHE A 1652 46.89 45.68 -57.62
C PHE A 1652 47.83 44.67 -56.97
N GLU A 1653 49.07 45.09 -56.64
CA GLU A 1653 50.07 44.26 -56.01
C GLU A 1653 50.29 42.98 -56.83
N ASP A 1654 49.79 41.84 -56.33
CA ASP A 1654 50.00 40.54 -56.96
C ASP A 1654 48.67 39.91 -57.37
N PHE A 1655 47.63 40.73 -57.60
CA PHE A 1655 46.33 40.23 -58.00
C PHE A 1655 45.84 40.97 -59.24
N VAL A 1656 45.04 40.26 -60.04
CA VAL A 1656 44.35 40.84 -61.18
C VAL A 1656 42.84 40.68 -60.96
N TYR A 1657 42.12 41.80 -61.05
CA TYR A 1657 40.68 41.78 -60.90
C TYR A 1657 40.06 42.04 -62.26
N TRP A 1658 39.14 41.16 -62.67
CA TRP A 1658 38.47 41.32 -63.96
C TRP A 1658 36.97 41.08 -63.80
N THR A 1659 36.20 41.69 -64.70
CA THR A 1659 34.75 41.57 -64.76
C THR A 1659 34.39 40.61 -65.88
N ASP A 1660 33.46 39.68 -65.61
CA ASP A 1660 33.03 38.71 -66.60
C ASP A 1660 31.58 39.00 -66.95
N ARG A 1661 31.30 39.18 -68.24
CA ARG A 1661 29.96 39.51 -68.71
C ARG A 1661 29.08 38.27 -68.83
N GLY A 1662 29.70 37.08 -68.87
CA GLY A 1662 28.96 35.83 -68.99
C GLY A 1662 28.39 35.41 -67.64
N THR A 1663 29.29 35.28 -66.66
CA THR A 1663 28.92 34.88 -65.31
C THR A 1663 28.38 36.05 -64.50
N ARG A 1664 28.54 37.28 -65.01
CA ARG A 1664 28.05 38.49 -64.35
C ARG A 1664 28.63 38.59 -62.94
N GLN A 1665 29.91 38.26 -62.78
CA GLN A 1665 30.56 38.33 -61.48
C GLN A 1665 31.97 38.89 -61.66
N VAL A 1666 32.48 39.48 -60.58
CA VAL A 1666 33.83 40.02 -60.53
C VAL A 1666 34.71 38.99 -59.85
N MET A 1667 35.85 38.66 -60.48
CA MET A 1667 36.70 37.59 -59.99
C MET A 1667 38.09 38.15 -59.67
N GLN A 1668 38.87 37.35 -58.95
CA GLN A 1668 40.22 37.72 -58.51
C GLN A 1668 41.13 36.52 -58.69
N ALA A 1669 42.36 36.78 -59.12
CA ALA A 1669 43.36 35.72 -59.31
C ALA A 1669 44.75 36.32 -59.20
N ASN A 1670 45.73 35.43 -59.00
CA ASN A 1670 47.13 35.83 -58.98
C ASN A 1670 47.55 36.31 -60.37
N LYS A 1671 48.31 37.41 -60.41
CA LYS A 1671 48.61 38.08 -61.66
C LYS A 1671 49.68 37.36 -62.48
N TRP A 1672 50.37 36.36 -61.89
CA TRP A 1672 51.50 35.73 -62.56
C TRP A 1672 51.18 34.37 -63.14
N HIS A 1673 50.36 33.57 -62.44
CA HIS A 1673 50.03 32.22 -62.90
C HIS A 1673 48.54 31.91 -62.85
N GLY A 1674 47.71 32.88 -62.43
CA GLY A 1674 46.26 32.72 -62.45
C GLY A 1674 45.73 31.80 -61.36
N GLY A 1675 46.53 31.53 -60.32
CA GLY A 1675 46.09 30.72 -59.20
C GLY A 1675 45.26 31.54 -58.21
N ASN A 1676 44.76 30.86 -57.17
CA ASN A 1676 44.03 31.51 -56.09
C ASN A 1676 42.79 32.23 -56.64
N GLN A 1677 42.11 31.61 -57.63
CA GLN A 1677 40.92 32.19 -58.23
C GLN A 1677 39.79 32.23 -57.20
N SER A 1678 39.07 33.36 -57.15
CA SER A 1678 37.96 33.52 -56.22
C SER A 1678 36.99 34.55 -56.77
N VAL A 1679 35.75 34.48 -56.29
CA VAL A 1679 34.72 35.42 -56.70
C VAL A 1679 34.68 36.55 -55.69
N VAL A 1680 34.83 37.80 -56.16
CA VAL A 1680 34.81 38.96 -55.30
C VAL A 1680 33.37 39.34 -54.97
N MET A 1681 32.50 39.40 -56.00
CA MET A 1681 31.10 39.73 -55.80
C MET A 1681 30.26 39.27 -57.00
N TYR A 1682 28.97 39.02 -56.74
CA TYR A 1682 28.02 38.64 -57.77
C TYR A 1682 27.12 39.84 -58.07
N SER A 1683 26.87 40.09 -59.36
CA SER A 1683 26.12 41.25 -59.81
C SER A 1683 24.88 40.80 -60.58
N VAL A 1684 23.72 41.44 -60.37
CA VAL A 1684 22.51 41.07 -61.10
C VAL A 1684 22.62 41.51 -62.57
N HIS A 1685 23.20 42.70 -62.81
CA HIS A 1685 23.47 43.22 -64.14
C HIS A 1685 24.92 42.91 -64.56
N GLN A 1686 25.22 43.00 -65.86
CA GLN A 1686 26.58 42.75 -66.33
C GLN A 1686 27.55 43.80 -65.82
N PRO A 1687 28.65 43.42 -65.12
CA PRO A 1687 29.66 44.38 -64.72
C PRO A 1687 30.53 44.72 -65.91
N LEU A 1688 30.67 46.01 -66.21
CA LEU A 1688 31.50 46.48 -67.30
C LEU A 1688 32.86 46.96 -66.77
N GLY A 1689 33.12 48.28 -66.74
CA GLY A 1689 34.40 48.81 -66.28
C GLY A 1689 34.72 48.48 -64.83
N ILE A 1690 36.02 48.36 -64.53
CA ILE A 1690 36.53 48.15 -63.19
C ILE A 1690 37.82 48.96 -63.00
N THR A 1691 38.03 49.49 -61.78
CA THR A 1691 39.29 50.17 -61.47
C THR A 1691 39.65 49.91 -60.00
N ALA A 1692 40.95 49.86 -59.71
CA ALA A 1692 41.43 49.87 -58.33
C ALA A 1692 41.93 51.29 -57.99
N ILE A 1693 41.25 51.98 -57.06
CA ILE A 1693 41.63 53.31 -56.62
C ILE A 1693 42.65 53.17 -55.48
N HIS A 1694 43.91 53.48 -55.79
CA HIS A 1694 44.99 53.47 -54.83
C HIS A 1694 46.17 54.29 -55.36
N PRO A 1695 46.93 55.03 -54.50
CA PRO A 1695 48.08 55.80 -54.98
C PRO A 1695 49.13 55.01 -55.75
N SER A 1696 49.26 53.71 -55.48
CA SER A 1696 50.22 52.87 -56.20
C SER A 1696 49.88 52.77 -57.69
N ARG A 1697 48.60 52.91 -58.03
CA ARG A 1697 48.14 52.85 -59.41
C ARG A 1697 48.38 54.18 -60.14
N GLN A 1698 48.80 55.22 -59.42
CA GLN A 1698 49.11 56.51 -60.03
C GLN A 1698 50.49 56.96 -59.56
N PRO A 1699 51.58 56.32 -60.05
CA PRO A 1699 52.92 56.67 -59.62
C PRO A 1699 53.24 58.11 -59.98
N PRO A 1700 53.94 58.85 -59.10
CA PRO A 1700 54.33 60.24 -59.41
C PRO A 1700 55.43 60.28 -60.47
N SER A 1701 55.46 61.38 -61.22
CA SER A 1701 56.46 61.63 -62.23
C SER A 1701 56.51 63.14 -62.52
N ARG A 1702 57.63 63.57 -63.10
CA ARG A 1702 57.81 64.95 -63.51
C ARG A 1702 56.85 65.27 -64.65
N ASN A 1703 56.25 66.47 -64.59
CA ASN A 1703 55.31 66.92 -65.60
C ASN A 1703 56.03 67.86 -66.56
N PRO A 1704 56.34 67.43 -67.81
CA PRO A 1704 56.97 68.33 -68.77
C PRO A 1704 56.06 69.43 -69.31
N CYS A 1705 54.73 69.30 -69.11
CA CYS A 1705 53.78 70.30 -69.56
C CYS A 1705 53.69 71.50 -68.63
N ALA A 1706 54.35 71.46 -67.45
CA ALA A 1706 54.30 72.57 -66.52
C ALA A 1706 54.94 73.82 -67.12
N SER A 1707 56.07 73.64 -67.80
CA SER A 1707 56.80 74.74 -68.43
C SER A 1707 56.27 75.03 -69.84
N ALA A 1708 55.37 74.18 -70.35
CA ALA A 1708 54.84 74.34 -71.70
C ALA A 1708 53.89 75.53 -71.74
N SER A 1709 53.86 76.19 -72.91
CA SER A 1709 53.04 77.36 -73.15
C SER A 1709 51.98 77.10 -74.24
N CYS A 1710 51.60 75.82 -74.41
CA CYS A 1710 50.61 75.44 -75.42
C CYS A 1710 49.28 76.15 -75.13
N SER A 1711 48.69 76.74 -76.18
CA SER A 1711 47.52 77.58 -76.05
C SER A 1711 46.30 76.80 -75.55
N HIS A 1712 46.07 75.61 -76.10
CA HIS A 1712 44.88 74.83 -75.75
C HIS A 1712 45.26 73.52 -75.08
N LEU A 1713 46.02 72.66 -75.78
CA LEU A 1713 46.30 71.32 -75.28
C LEU A 1713 47.82 71.08 -75.23
N CYS A 1714 48.27 70.54 -74.10
CA CYS A 1714 49.63 70.05 -73.97
C CYS A 1714 49.58 68.54 -73.74
N LEU A 1715 49.89 67.79 -74.78
CA LEU A 1715 49.90 66.33 -74.72
C LEU A 1715 51.33 65.84 -74.50
N LEU A 1716 51.49 64.89 -73.57
CA LEU A 1716 52.78 64.25 -73.37
C LEU A 1716 53.17 63.48 -74.62
N SER A 1717 54.47 63.23 -74.76
CA SER A 1717 54.97 62.52 -75.93
C SER A 1717 56.19 61.69 -75.53
N ALA A 1718 56.45 60.64 -76.32
CA ALA A 1718 57.62 59.80 -76.12
C ALA A 1718 58.87 60.41 -76.76
N GLN A 1719 58.71 61.54 -77.47
CA GLN A 1719 59.84 62.21 -78.11
C GLN A 1719 60.76 62.77 -77.03
N ALA A 1720 62.06 62.49 -77.16
CA ALA A 1720 63.06 62.72 -76.11
C ALA A 1720 63.26 64.20 -75.77
N PRO A 1721 63.46 65.11 -76.75
CA PRO A 1721 63.89 66.48 -76.43
C PRO A 1721 62.96 67.24 -75.50
N ARG A 1722 61.64 67.06 -75.65
CA ARG A 1722 60.67 67.84 -74.89
C ARG A 1722 59.72 66.95 -74.09
N HIS A 1723 59.37 65.78 -74.62
CA HIS A 1723 58.41 64.85 -74.00
C HIS A 1723 57.02 65.47 -73.88
N TYR A 1724 56.70 66.42 -74.75
CA TYR A 1724 55.37 67.00 -74.83
C TYR A 1724 55.18 67.60 -76.21
N SER A 1725 53.92 67.80 -76.59
CA SER A 1725 53.56 68.35 -77.89
C SER A 1725 52.27 69.16 -77.75
N CYS A 1726 52.24 70.34 -78.39
CA CYS A 1726 51.06 71.19 -78.34
C CYS A 1726 50.04 70.72 -79.38
N ALA A 1727 48.76 70.74 -79.00
CA ALA A 1727 47.66 70.42 -79.87
C ALA A 1727 46.48 71.34 -79.56
N CYS A 1728 45.42 71.25 -80.37
CA CYS A 1728 44.25 72.08 -80.17
C CYS A 1728 42.98 71.34 -80.58
N PRO A 1729 41.80 71.76 -80.08
CA PRO A 1729 40.57 71.01 -80.32
C PRO A 1729 40.18 70.91 -81.79
N SER A 1730 39.06 70.23 -82.02
CA SER A 1730 38.49 70.02 -83.33
C SER A 1730 38.16 71.35 -84.01
N GLY A 1731 38.61 71.53 -85.25
CA GLY A 1731 38.32 72.72 -86.06
C GLY A 1731 39.28 73.88 -85.84
N TRP A 1732 40.41 73.64 -85.15
CA TRP A 1732 41.46 74.63 -84.97
C TRP A 1732 42.68 74.23 -85.80
N ASN A 1733 43.54 75.22 -86.09
CA ASN A 1733 44.77 75.02 -86.84
C ASN A 1733 45.98 75.15 -85.91
N LEU A 1734 46.94 74.23 -86.06
CA LEU A 1734 48.24 74.35 -85.44
C LEU A 1734 49.03 75.41 -86.22
N SER A 1735 49.32 76.54 -85.58
CA SER A 1735 50.04 77.63 -86.24
C SER A 1735 51.51 77.24 -86.45
N ASP A 1736 52.19 78.00 -87.30
CA ASP A 1736 53.57 77.71 -87.68
C ASP A 1736 54.50 77.74 -86.47
N ASP A 1737 54.19 78.57 -85.46
CA ASP A 1737 54.96 78.66 -84.24
C ASP A 1737 54.87 77.38 -83.42
N SER A 1738 53.90 76.50 -83.71
CA SER A 1738 53.78 75.17 -83.11
C SER A 1738 53.51 75.21 -81.61
N VAL A 1739 53.08 76.37 -81.10
CA VAL A 1739 52.73 76.50 -79.69
C VAL A 1739 51.33 77.10 -79.56
N ASN A 1740 50.94 77.90 -80.55
CA ASN A 1740 49.63 78.55 -80.57
C ASN A 1740 48.73 77.92 -81.62
N CYS A 1741 47.41 78.05 -81.42
CA CYS A 1741 46.43 77.54 -82.35
C CYS A 1741 45.37 78.61 -82.64
N VAL A 1742 44.91 78.65 -83.89
CA VAL A 1742 43.94 79.63 -84.35
C VAL A 1742 42.72 78.89 -84.88
N ARG A 1743 41.55 79.52 -84.74
CA ARG A 1743 40.30 78.92 -85.16
C ARG A 1743 40.27 78.82 -86.69
N GLY A 1744 39.92 77.64 -87.19
CA GLY A 1744 39.79 77.43 -88.62
C GLY A 1744 38.46 77.95 -89.14
N ASP A 1745 38.48 78.99 -89.98
CA ASP A 1745 37.25 79.58 -90.50
C ASP A 1745 36.84 78.94 -91.83
N GLN A 1746 37.53 77.89 -92.27
CA GLN A 1746 37.18 77.20 -93.52
C GLN A 1746 35.85 76.47 -93.34
N PRO A 1747 34.99 76.39 -94.39
CA PRO A 1747 33.70 75.70 -94.30
C PRO A 1747 33.81 74.19 -94.10
N PHE A 1748 32.70 73.59 -93.65
CA PHE A 1748 32.63 72.14 -93.56
C PHE A 1748 31.18 71.65 -93.74
N LEU A 1749 31.04 70.44 -94.28
CA LEU A 1749 29.75 69.84 -94.58
C LEU A 1749 29.24 69.06 -93.37
N MET A 1750 28.06 69.45 -92.87
CA MET A 1750 27.37 68.67 -91.86
C MET A 1750 26.53 67.61 -92.58
N SER A 1751 26.68 66.36 -92.15
CA SER A 1751 25.76 65.32 -92.57
C SER A 1751 25.01 64.85 -91.34
N VAL A 1752 23.68 65.06 -91.35
CA VAL A 1752 22.84 64.39 -90.39
C VAL A 1752 22.59 62.96 -90.90
N ARG A 1753 22.74 62.01 -89.98
CA ARG A 1753 22.27 60.65 -90.14
C ARG A 1753 21.15 60.43 -89.13
N ASP A 1754 20.50 59.28 -89.15
CA ASP A 1754 19.30 59.07 -88.35
C ASP A 1754 19.49 59.41 -86.87
N ASN A 1755 20.66 59.09 -86.27
CA ASN A 1755 20.86 59.28 -84.82
C ASN A 1755 22.04 60.20 -84.45
N ILE A 1756 22.74 60.80 -85.43
CA ILE A 1756 23.94 61.58 -85.13
C ILE A 1756 24.20 62.56 -86.26
N ILE A 1757 24.84 63.68 -85.90
CA ILE A 1757 25.27 64.68 -86.88
C ILE A 1757 26.79 64.79 -86.83
N PHE A 1758 27.43 64.60 -87.99
CA PHE A 1758 28.86 64.71 -88.13
C PHE A 1758 29.21 65.93 -88.98
N GLY A 1759 30.35 66.55 -88.70
CA GLY A 1759 30.95 67.52 -89.60
C GLY A 1759 32.12 66.90 -90.35
N ILE A 1760 32.14 67.06 -91.67
CA ILE A 1760 33.19 66.48 -92.53
C ILE A 1760 33.74 67.58 -93.44
N SER A 1761 35.02 67.50 -93.80
CA SER A 1761 35.64 68.49 -94.66
C SER A 1761 35.07 68.44 -96.08
N LEU A 1762 35.09 69.57 -96.79
CA LEU A 1762 34.74 69.61 -98.21
C LEU A 1762 35.81 68.91 -99.08
N ASP A 1763 37.05 68.78 -98.57
CA ASP A 1763 38.11 68.01 -99.21
C ASP A 1763 37.81 66.52 -99.07
N PRO A 1764 37.58 65.78 -100.18
CA PRO A 1764 37.18 64.37 -100.09
C PRO A 1764 38.30 63.44 -99.63
N GLU A 1765 39.56 63.91 -99.60
CA GLU A 1765 40.69 63.05 -99.27
C GLU A 1765 40.91 62.92 -97.75
N VAL A 1766 40.17 63.68 -96.95
CA VAL A 1766 40.24 63.70 -95.50
C VAL A 1766 39.04 62.94 -94.94
N LYS A 1767 39.32 61.85 -94.18
CA LYS A 1767 38.28 60.90 -93.77
C LYS A 1767 38.00 60.93 -92.26
N SER A 1768 38.31 62.05 -91.58
CA SER A 1768 38.44 62.09 -90.13
C SER A 1768 37.10 62.30 -89.39
N ASN A 1769 36.10 62.92 -90.03
CA ASN A 1769 34.75 63.15 -89.49
C ASN A 1769 34.78 63.95 -88.18
N ASP A 1770 35.58 65.04 -88.17
CA ASP A 1770 35.90 65.75 -86.94
C ASP A 1770 35.95 67.27 -87.13
N ALA A 1771 35.27 67.84 -88.15
CA ALA A 1771 35.32 69.28 -88.35
C ALA A 1771 34.56 70.04 -87.24
N MET A 1772 33.72 69.33 -86.46
CA MET A 1772 33.14 69.82 -85.22
C MET A 1772 33.00 68.64 -84.26
N VAL A 1773 32.73 68.89 -82.98
CA VAL A 1773 32.31 67.81 -82.09
C VAL A 1773 30.98 67.26 -82.63
N PRO A 1774 30.86 65.94 -82.91
CA PRO A 1774 29.60 65.38 -83.38
C PRO A 1774 28.47 65.52 -82.37
N ILE A 1775 27.24 65.65 -82.88
CA ILE A 1775 26.07 65.79 -82.05
C ILE A 1775 25.38 64.43 -81.95
N SER A 1776 25.55 63.74 -80.81
CA SER A 1776 24.97 62.43 -80.61
C SER A 1776 23.59 62.54 -79.96
N GLY A 1777 22.87 61.41 -79.90
CA GLY A 1777 21.59 61.32 -79.20
C GLY A 1777 20.41 61.92 -79.98
N ILE A 1778 20.54 62.03 -81.31
CA ILE A 1778 19.46 62.51 -82.13
C ILE A 1778 18.42 61.39 -82.26
N GLN A 1779 17.14 61.74 -82.12
CA GLN A 1779 16.07 60.75 -82.19
C GLN A 1779 15.81 60.34 -83.63
N HIS A 1780 15.31 61.29 -84.42
CA HIS A 1780 15.02 61.06 -85.83
C HIS A 1780 15.50 62.26 -86.61
N GLY A 1781 16.77 62.22 -87.03
CA GLY A 1781 17.38 63.34 -87.71
C GLY A 1781 16.96 63.37 -89.18
N TYR A 1782 16.49 64.54 -89.62
CA TYR A 1782 16.22 64.77 -91.03
C TYR A 1782 17.01 65.98 -91.51
N ASP A 1783 16.99 67.05 -90.70
CA ASP A 1783 17.54 68.32 -91.12
C ASP A 1783 18.26 68.97 -89.96
N VAL A 1784 19.17 69.85 -90.33
CA VAL A 1784 20.03 70.52 -89.38
C VAL A 1784 20.14 71.97 -89.87
N GLU A 1785 20.48 72.84 -88.93
CA GLU A 1785 20.63 74.25 -89.26
C GLU A 1785 21.67 74.85 -88.33
N PHE A 1786 22.34 75.89 -88.82
CA PHE A 1786 23.45 76.48 -88.11
C PHE A 1786 23.32 78.00 -88.13
N ASP A 1787 23.96 78.62 -87.13
CA ASP A 1787 24.18 80.06 -87.12
C ASP A 1787 25.68 80.27 -86.93
N ASP A 1788 26.36 80.78 -87.97
CA ASP A 1788 27.80 80.91 -87.96
C ASP A 1788 28.23 81.84 -86.82
N SER A 1789 27.56 82.98 -86.69
CA SER A 1789 27.71 83.83 -85.51
C SER A 1789 27.13 83.09 -84.30
N GLU A 1790 27.78 83.21 -83.14
CA GLU A 1790 27.35 82.57 -81.91
C GLU A 1790 27.61 81.06 -81.96
N GLN A 1791 28.05 80.56 -83.13
CA GLN A 1791 28.56 79.20 -83.29
C GLN A 1791 27.55 78.14 -82.83
N PHE A 1792 26.26 78.33 -83.15
CA PHE A 1792 25.23 77.40 -82.67
C PHE A 1792 24.73 76.53 -83.81
N ILE A 1793 24.40 75.26 -83.48
CA ILE A 1793 23.78 74.31 -84.38
C ILE A 1793 22.38 74.00 -83.86
N TYR A 1794 21.40 73.98 -84.78
CA TYR A 1794 20.01 73.76 -84.42
C TYR A 1794 19.48 72.51 -85.11
N TRP A 1795 18.60 71.77 -84.42
CA TRP A 1795 17.88 70.63 -84.98
C TRP A 1795 16.62 70.39 -84.16
N VAL A 1796 15.69 69.62 -84.73
CA VAL A 1796 14.39 69.39 -84.12
C VAL A 1796 14.38 68.03 -83.43
N GLU A 1797 13.36 67.81 -82.59
CA GLU A 1797 13.19 66.56 -81.86
C GLU A 1797 11.73 66.15 -81.92
N ASN A 1798 11.45 64.92 -81.49
CA ASN A 1798 10.15 64.29 -81.67
C ASN A 1798 9.04 65.04 -80.94
N PRO A 1799 9.17 65.37 -79.63
CA PRO A 1799 8.06 65.96 -78.89
C PRO A 1799 7.57 67.32 -79.39
N GLY A 1800 8.25 67.91 -80.39
CA GLY A 1800 7.91 69.22 -80.91
C GLY A 1800 8.77 70.32 -80.28
N GLU A 1801 10.06 70.03 -80.15
CA GLU A 1801 11.03 70.92 -79.54
C GLU A 1801 12.19 71.13 -80.51
N ILE A 1802 12.93 72.21 -80.28
CA ILE A 1802 14.14 72.52 -81.04
C ILE A 1802 15.31 72.54 -80.07
N HIS A 1803 16.41 71.93 -80.48
CA HIS A 1803 17.59 71.79 -79.65
C HIS A 1803 18.76 72.55 -80.24
N ARG A 1804 19.69 72.93 -79.37
CA ARG A 1804 20.75 73.86 -79.72
C ARG A 1804 22.05 73.45 -79.02
N VAL A 1805 23.17 73.52 -79.75
CA VAL A 1805 24.47 73.19 -79.20
C VAL A 1805 25.54 73.90 -80.03
N LYS A 1806 26.66 74.23 -79.38
CA LYS A 1806 27.75 74.89 -80.07
C LYS A 1806 28.59 73.85 -80.80
N THR A 1807 29.43 74.31 -81.74
CA THR A 1807 30.24 73.41 -82.54
C THR A 1807 31.34 72.77 -81.67
N ASP A 1808 31.61 73.34 -80.50
CA ASP A 1808 32.61 72.85 -79.57
C ASP A 1808 32.02 71.84 -78.56
N GLY A 1809 30.72 71.55 -78.66
CA GLY A 1809 30.08 70.53 -77.83
C GLY A 1809 29.50 71.05 -76.52
N SER A 1810 29.56 72.38 -76.30
CA SER A 1810 29.07 72.95 -75.04
C SER A 1810 27.71 73.60 -75.25
N ASN A 1811 27.05 73.92 -74.13
CA ASN A 1811 25.78 74.65 -74.13
C ASN A 1811 24.70 73.88 -74.89
N ARG A 1812 24.70 72.55 -74.75
CA ARG A 1812 23.63 71.74 -75.29
C ARG A 1812 22.39 71.94 -74.43
N THR A 1813 21.27 72.30 -75.07
CA THR A 1813 20.06 72.64 -74.33
C THR A 1813 18.86 72.51 -75.25
N VAL A 1814 17.68 72.46 -74.62
CA VAL A 1814 16.42 72.57 -75.33
C VAL A 1814 16.12 74.06 -75.48
N PHE A 1815 16.06 74.53 -76.73
CA PHE A 1815 16.01 75.96 -76.98
C PHE A 1815 14.60 76.50 -76.76
N ALA A 1816 13.62 75.93 -77.48
CA ALA A 1816 12.24 76.39 -77.41
C ALA A 1816 11.33 75.31 -77.95
N PRO A 1817 10.10 75.16 -77.40
CA PRO A 1817 9.11 74.29 -78.01
C PRO A 1817 8.62 74.87 -79.33
N LEU A 1818 8.46 73.99 -80.33
CA LEU A 1818 8.10 74.42 -81.68
C LEU A 1818 6.58 74.48 -81.86
N SER A 1819 5.89 73.35 -81.68
CA SER A 1819 4.44 73.29 -81.87
C SER A 1819 3.87 72.18 -80.99
N LEU A 1820 2.62 72.37 -80.54
CA LEU A 1820 1.94 71.40 -79.69
C LEU A 1820 1.19 70.37 -80.53
N LEU A 1821 1.05 70.60 -81.85
CA LEU A 1821 0.20 69.76 -82.68
C LEU A 1821 0.95 68.62 -83.34
N GLY A 1822 2.28 68.56 -83.20
CA GLY A 1822 3.06 67.50 -83.81
C GLY A 1822 4.53 67.86 -83.89
N SER A 1823 5.26 67.12 -84.74
CA SER A 1823 6.71 67.22 -84.84
C SER A 1823 7.08 67.88 -86.15
N SER A 1824 8.10 68.75 -86.08
CA SER A 1824 8.55 69.51 -87.23
C SER A 1824 9.47 68.67 -88.10
N LEU A 1825 9.61 69.04 -89.38
CA LEU A 1825 10.41 68.27 -90.32
C LEU A 1825 11.60 69.10 -90.81
N GLY A 1826 11.31 70.24 -91.47
CA GLY A 1826 12.32 71.04 -92.15
C GLY A 1826 12.76 72.23 -91.30
N LEU A 1827 13.92 72.79 -91.64
CA LEU A 1827 14.47 73.94 -90.95
C LEU A 1827 15.10 74.90 -91.95
N ALA A 1828 14.87 76.20 -91.72
CA ALA A 1828 15.51 77.25 -92.50
C ALA A 1828 15.67 78.46 -91.58
N LEU A 1829 16.89 78.99 -91.53
CA LEU A 1829 17.22 80.06 -90.60
C LEU A 1829 17.56 81.32 -91.39
N ASP A 1830 16.89 82.41 -91.04
CA ASP A 1830 17.20 83.74 -91.54
C ASP A 1830 18.25 84.35 -90.63
N TRP A 1831 19.51 84.36 -91.07
CA TRP A 1831 20.61 84.85 -90.26
C TRP A 1831 20.63 86.38 -90.21
N VAL A 1832 19.94 87.05 -91.14
CA VAL A 1832 19.97 88.50 -91.18
C VAL A 1832 18.99 89.07 -90.14
N SER A 1833 17.75 88.60 -90.17
CA SER A 1833 16.72 89.04 -89.25
C SER A 1833 16.65 88.17 -87.98
N ARG A 1834 17.46 87.11 -87.91
CA ARG A 1834 17.52 86.22 -86.76
C ARG A 1834 16.15 85.59 -86.49
N ASN A 1835 15.65 84.89 -87.52
CA ASN A 1835 14.43 84.08 -87.40
C ASN A 1835 14.70 82.71 -88.01
N ILE A 1836 13.92 81.72 -87.55
CA ILE A 1836 14.02 80.37 -88.07
C ILE A 1836 12.65 79.93 -88.56
N TYR A 1837 12.62 79.36 -89.77
CA TYR A 1837 11.39 78.87 -90.36
C TYR A 1837 11.43 77.35 -90.42
N TYR A 1838 10.30 76.72 -90.07
CA TYR A 1838 10.21 75.28 -90.03
C TYR A 1838 8.85 74.80 -90.49
N THR A 1839 8.79 73.55 -90.94
CA THR A 1839 7.58 72.92 -91.42
C THR A 1839 7.03 71.99 -90.35
N THR A 1840 5.70 71.93 -90.27
CA THR A 1840 5.03 70.96 -89.41
C THR A 1840 4.08 70.13 -90.26
N PRO A 1841 4.54 68.99 -90.81
CA PRO A 1841 3.67 68.20 -91.67
C PRO A 1841 2.45 67.63 -90.96
N ALA A 1842 2.53 67.50 -89.62
CA ALA A 1842 1.43 67.03 -88.80
C ALA A 1842 0.23 67.97 -88.92
N SER A 1843 0.48 69.27 -88.71
CA SER A 1843 -0.55 70.29 -88.79
C SER A 1843 -0.62 70.91 -90.20
N ARG A 1844 0.30 70.50 -91.09
CA ARG A 1844 0.31 70.97 -92.47
C ARG A 1844 0.41 72.49 -92.53
N SER A 1845 1.47 73.02 -91.90
CA SER A 1845 1.68 74.45 -91.84
C SER A 1845 3.17 74.78 -91.85
N ILE A 1846 3.48 76.01 -92.24
CA ILE A 1846 4.82 76.58 -92.13
C ILE A 1846 4.77 77.71 -91.12
N GLU A 1847 5.70 77.67 -90.16
CA GLU A 1847 5.69 78.65 -89.08
C GLU A 1847 7.11 79.12 -88.81
N VAL A 1848 7.20 80.27 -88.12
CA VAL A 1848 8.47 80.91 -87.84
C VAL A 1848 8.61 81.14 -86.33
N LEU A 1849 9.85 80.98 -85.84
CA LEU A 1849 10.18 81.22 -84.45
C LEU A 1849 11.29 82.26 -84.36
N THR A 1850 11.18 83.15 -83.37
CA THR A 1850 12.11 84.26 -83.21
C THR A 1850 13.30 83.83 -82.36
N LEU A 1851 14.51 84.17 -82.80
CA LEU A 1851 15.74 83.81 -82.11
C LEU A 1851 16.37 85.00 -81.38
N LYS A 1852 16.00 86.23 -81.76
CA LYS A 1852 16.74 87.41 -81.33
C LYS A 1852 16.64 87.62 -79.81
N GLY A 1853 15.40 87.64 -79.28
CA GLY A 1853 15.16 88.07 -77.92
C GLY A 1853 15.29 86.95 -76.90
N ASP A 1854 14.95 87.26 -75.64
CA ASP A 1854 14.95 86.29 -74.56
C ASP A 1854 13.67 85.44 -74.61
N THR A 1855 12.55 86.06 -74.96
CA THR A 1855 11.26 85.38 -74.99
C THR A 1855 10.92 84.98 -76.42
N ARG A 1856 10.47 83.73 -76.59
CA ARG A 1856 10.23 83.15 -77.89
C ARG A 1856 8.83 83.52 -78.38
N TYR A 1857 8.74 83.80 -79.68
CA TYR A 1857 7.47 84.10 -80.32
C TYR A 1857 7.33 83.21 -81.56
N GLY A 1858 6.16 82.58 -81.69
CA GLY A 1858 5.89 81.67 -82.79
C GLY A 1858 4.62 82.07 -83.54
N LYS A 1859 4.70 82.06 -84.88
CA LYS A 1859 3.56 82.40 -85.71
C LYS A 1859 3.48 81.44 -86.88
N THR A 1860 2.27 80.93 -87.14
CA THR A 1860 2.04 80.07 -88.28
C THR A 1860 1.83 80.94 -89.51
N LEU A 1861 2.75 80.84 -90.47
CA LEU A 1861 2.73 81.73 -91.62
C LEU A 1861 1.74 81.25 -92.66
N ILE A 1862 1.92 80.01 -93.13
CA ILE A 1862 1.09 79.45 -94.19
C ILE A 1862 0.46 78.16 -93.69
N ALA A 1863 -0.83 77.96 -94.03
CA ALA A 1863 -1.57 76.77 -93.62
C ALA A 1863 -2.30 76.17 -94.83
N ASN A 1864 -2.95 75.02 -94.59
CA ASN A 1864 -3.72 74.33 -95.60
C ASN A 1864 -5.15 74.87 -95.59
N ASP A 1865 -5.43 75.78 -96.51
CA ASP A 1865 -6.76 76.37 -96.63
C ASP A 1865 -7.53 75.76 -97.79
N GLY A 1866 -7.02 74.66 -98.37
CA GLY A 1866 -7.72 73.94 -99.42
C GLY A 1866 -7.37 74.45 -100.82
N THR A 1867 -6.76 75.64 -100.94
CA THR A 1867 -6.46 76.18 -102.25
C THR A 1867 -5.18 75.55 -102.79
N PRO A 1868 -5.00 75.51 -104.13
CA PRO A 1868 -3.71 75.11 -104.71
C PRO A 1868 -2.55 75.95 -104.21
N LEU A 1869 -2.77 77.25 -104.00
CA LEU A 1869 -1.75 78.14 -103.48
C LEU A 1869 -1.77 78.02 -101.96
N GLY A 1870 -1.09 76.99 -101.47
CA GLY A 1870 -1.10 76.71 -100.04
C GLY A 1870 -0.23 75.50 -99.72
N VAL A 1871 -0.30 75.07 -98.46
CA VAL A 1871 0.59 74.04 -97.96
C VAL A 1871 -0.16 72.72 -97.92
N GLY A 1872 0.32 71.74 -98.69
CA GLY A 1872 -0.29 70.41 -98.70
C GLY A 1872 0.40 69.48 -97.71
N PHE A 1873 1.70 69.33 -97.90
CA PHE A 1873 2.53 68.52 -97.02
C PHE A 1873 3.98 68.96 -97.18
N PRO A 1874 4.41 69.96 -96.40
CA PRO A 1874 5.68 70.62 -96.64
C PRO A 1874 6.84 69.72 -96.25
N VAL A 1875 7.94 69.82 -97.01
CA VAL A 1875 9.09 68.95 -96.79
C VAL A 1875 10.28 69.79 -96.32
N GLY A 1876 10.75 70.71 -97.17
CA GLY A 1876 11.96 71.47 -96.90
C GLY A 1876 11.76 72.94 -97.23
N ILE A 1877 12.49 73.81 -96.51
CA ILE A 1877 12.40 75.24 -96.75
C ILE A 1877 13.78 75.77 -97.14
N ALA A 1878 13.77 76.78 -98.03
CA ALA A 1878 14.93 77.62 -98.25
C ALA A 1878 14.49 79.08 -98.24
N VAL A 1879 15.35 79.95 -97.68
CA VAL A 1879 15.03 81.35 -97.52
C VAL A 1879 16.11 82.19 -98.19
N ASP A 1880 15.69 83.37 -98.68
CA ASP A 1880 16.57 84.37 -99.26
C ASP A 1880 16.35 85.67 -98.51
N PRO A 1881 17.04 85.88 -97.37
CA PRO A 1881 16.76 87.03 -96.52
C PRO A 1881 16.85 88.38 -97.23
N ALA A 1882 17.81 88.53 -98.15
CA ALA A 1882 17.98 89.79 -98.87
C ALA A 1882 16.77 90.06 -99.78
N ARG A 1883 16.29 89.02 -100.46
CA ARG A 1883 15.22 89.18 -101.43
C ARG A 1883 13.84 89.13 -100.77
N GLY A 1884 13.76 88.64 -99.52
CA GLY A 1884 12.50 88.57 -98.80
C GLY A 1884 11.59 87.43 -99.29
N LYS A 1885 12.16 86.39 -99.92
CA LYS A 1885 11.38 85.28 -100.44
C LYS A 1885 11.66 83.99 -99.66
N LEU A 1886 10.61 83.17 -99.54
CA LEU A 1886 10.69 81.86 -98.90
C LEU A 1886 10.23 80.82 -99.89
N TYR A 1887 10.97 79.70 -99.95
CA TYR A 1887 10.69 78.63 -100.89
C TYR A 1887 10.54 77.32 -100.13
N TRP A 1888 9.59 76.49 -100.57
CA TRP A 1888 9.37 75.20 -99.96
C TRP A 1888 8.87 74.19 -100.99
N SER A 1889 9.27 72.93 -100.78
CA SER A 1889 8.84 71.81 -101.60
C SER A 1889 7.68 71.12 -100.91
N ASP A 1890 6.64 70.81 -101.68
CA ASP A 1890 5.37 70.35 -101.11
C ASP A 1890 4.92 69.08 -101.83
N HIS A 1891 4.61 68.04 -101.04
CA HIS A 1891 3.82 66.93 -101.54
C HIS A 1891 2.37 67.40 -101.65
N GLY A 1892 1.63 66.76 -102.56
CA GLY A 1892 0.25 67.14 -102.82
C GLY A 1892 -0.71 66.59 -101.75
N THR A 1893 -1.98 67.00 -101.86
CA THR A 1893 -3.05 66.45 -101.05
C THR A 1893 -4.20 66.06 -101.96
N ASP A 1894 -4.98 65.08 -101.49
CA ASP A 1894 -6.16 64.63 -102.20
C ASP A 1894 -7.16 65.76 -102.28
N SER A 1895 -7.65 66.02 -103.50
CA SER A 1895 -8.67 67.04 -103.75
C SER A 1895 -8.20 68.41 -103.28
N GLY A 1896 -6.89 68.64 -103.32
CA GLY A 1896 -6.35 69.89 -102.83
C GLY A 1896 -5.08 70.33 -103.56
N VAL A 1897 -4.07 70.64 -102.76
CA VAL A 1897 -2.81 71.16 -103.26
C VAL A 1897 -2.13 70.08 -104.09
N PRO A 1898 -1.52 70.42 -105.24
CA PRO A 1898 -0.68 69.46 -105.97
C PRO A 1898 0.76 69.41 -105.45
N ALA A 1899 1.51 68.41 -105.91
CA ALA A 1899 2.94 68.36 -105.63
C ALA A 1899 3.63 69.47 -106.42
N LYS A 1900 4.33 70.35 -105.71
CA LYS A 1900 4.85 71.55 -106.35
C LYS A 1900 6.03 72.11 -105.59
N ILE A 1901 6.75 73.02 -106.26
CA ILE A 1901 7.73 73.89 -105.63
C ILE A 1901 7.13 75.29 -105.60
N ALA A 1902 6.96 75.82 -104.38
CA ALA A 1902 6.22 77.06 -104.18
C ALA A 1902 7.12 78.12 -103.56
N SER A 1903 6.74 79.39 -103.76
CA SER A 1903 7.45 80.53 -103.23
C SER A 1903 6.46 81.45 -102.52
N ALA A 1904 6.98 82.20 -101.55
CA ALA A 1904 6.20 83.21 -100.86
C ALA A 1904 7.15 84.21 -100.20
N ASN A 1905 6.60 85.37 -99.85
CA ASN A 1905 7.33 86.33 -99.05
C ASN A 1905 7.51 85.76 -97.66
N MET A 1906 8.55 86.20 -96.95
CA MET A 1906 8.84 85.63 -95.65
C MET A 1906 7.84 86.11 -94.59
N ASP A 1907 6.80 86.85 -94.99
CA ASP A 1907 5.72 87.21 -94.07
C ASP A 1907 4.47 86.36 -94.31
N GLY A 1908 4.56 85.38 -95.23
CA GLY A 1908 3.46 84.46 -95.48
C GLY A 1908 2.53 84.93 -96.61
N THR A 1909 2.80 86.09 -97.20
CA THR A 1909 1.93 86.63 -98.24
C THR A 1909 2.50 86.31 -99.63
N SER A 1910 1.67 86.53 -100.66
CA SER A 1910 2.09 86.42 -102.06
C SER A 1910 2.54 84.99 -102.36
N LEU A 1911 1.64 84.04 -102.10
CA LEU A 1911 1.90 82.64 -102.41
C LEU A 1911 1.94 82.46 -103.93
N LYS A 1912 2.83 81.58 -104.38
CA LYS A 1912 3.02 81.35 -105.80
C LYS A 1912 3.49 79.92 -106.03
N ILE A 1913 3.09 79.37 -107.19
CA ILE A 1913 3.53 78.05 -107.61
C ILE A 1913 4.54 78.21 -108.72
N LEU A 1914 5.74 77.65 -108.50
CA LEU A 1914 6.85 77.80 -109.45
C LEU A 1914 6.88 76.62 -110.41
N PHE A 1915 7.06 75.40 -109.87
CA PHE A 1915 7.20 74.22 -110.69
C PHE A 1915 6.20 73.15 -110.24
N THR A 1916 5.49 72.56 -111.20
CA THR A 1916 4.64 71.42 -110.95
C THR A 1916 4.76 70.45 -112.12
N GLY A 1917 4.48 69.17 -111.84
CA GLY A 1917 4.50 68.13 -112.84
C GLY A 1917 5.00 66.82 -112.26
N ASN A 1918 6.05 66.28 -112.85
CA ASN A 1918 6.63 65.02 -112.43
C ASN A 1918 7.44 65.26 -111.14
N LEU A 1919 6.75 65.30 -109.99
CA LEU A 1919 7.41 65.61 -108.73
C LEU A 1919 7.00 64.65 -107.63
N GLN A 1920 6.64 63.41 -107.98
CA GLN A 1920 6.25 62.44 -106.98
C GLN A 1920 7.43 62.10 -106.08
N HIS A 1921 7.17 61.96 -104.78
CA HIS A 1921 8.21 61.73 -103.78
C HIS A 1921 9.28 62.83 -103.86
N LEU A 1922 8.85 64.07 -103.63
CA LEU A 1922 9.75 65.19 -103.58
C LEU A 1922 10.68 65.09 -102.38
N GLU A 1923 11.82 65.77 -102.48
CA GLU A 1923 12.80 65.85 -101.40
C GLU A 1923 13.04 67.32 -101.08
N VAL A 1924 14.03 67.60 -100.22
CA VAL A 1924 14.30 68.98 -99.82
C VAL A 1924 14.56 69.85 -101.06
N VAL A 1925 13.97 71.04 -101.06
CA VAL A 1925 14.43 72.11 -101.94
C VAL A 1925 15.62 72.76 -101.27
N THR A 1926 16.56 73.24 -102.08
CA THR A 1926 17.67 74.06 -101.60
C THR A 1926 17.89 75.19 -102.61
N LEU A 1927 18.60 76.23 -102.17
CA LEU A 1927 18.69 77.46 -102.93
C LEU A 1927 20.15 77.88 -103.05
N ASP A 1928 20.55 78.25 -104.26
CA ASP A 1928 21.78 78.99 -104.50
C ASP A 1928 21.44 80.48 -104.51
N ILE A 1929 21.81 81.20 -103.44
CA ILE A 1929 21.44 82.60 -103.28
C ILE A 1929 22.16 83.46 -104.31
N GLN A 1930 23.44 83.17 -104.57
CA GLN A 1930 24.22 83.93 -105.52
C GLN A 1930 23.62 83.82 -106.93
N GLU A 1931 23.36 82.59 -107.38
CA GLU A 1931 22.88 82.36 -108.73
C GLU A 1931 21.37 82.50 -108.85
N GLN A 1932 20.64 82.53 -107.72
CA GLN A 1932 19.19 82.60 -107.70
C GLN A 1932 18.57 81.43 -108.47
N LYS A 1933 18.95 80.21 -108.08
CA LYS A 1933 18.42 78.99 -108.67
C LYS A 1933 18.04 78.01 -107.57
N LEU A 1934 16.97 77.24 -107.82
CA LEU A 1934 16.52 76.23 -106.87
C LEU A 1934 16.98 74.86 -107.33
N TYR A 1935 17.34 74.00 -106.37
CA TYR A 1935 17.71 72.63 -106.65
C TYR A 1935 16.84 71.72 -105.79
N TRP A 1936 16.35 70.62 -106.35
CA TRP A 1936 15.55 69.68 -105.59
C TRP A 1936 15.77 68.27 -106.13
N ALA A 1937 15.47 67.26 -105.32
CA ALA A 1937 15.52 65.89 -105.81
C ALA A 1937 14.12 65.30 -105.92
N VAL A 1938 13.95 64.44 -106.93
CA VAL A 1938 12.72 63.68 -107.13
C VAL A 1938 13.08 62.20 -107.02
N THR A 1939 12.66 61.56 -105.92
CA THR A 1939 13.01 60.18 -105.65
C THR A 1939 12.32 59.26 -106.65
N SER A 1940 11.07 59.56 -107.00
CA SER A 1940 10.31 58.73 -107.92
C SER A 1940 10.99 58.59 -109.29
N ARG A 1941 11.78 59.59 -109.68
CA ARG A 1941 12.50 59.55 -110.94
C ARG A 1941 14.01 59.40 -110.72
N GLY A 1942 14.46 59.51 -109.46
CA GLY A 1942 15.86 59.38 -109.11
C GLY A 1942 16.73 60.44 -109.78
N VAL A 1943 16.26 61.69 -109.78
CA VAL A 1943 16.97 62.78 -110.42
C VAL A 1943 17.07 63.98 -109.48
N ILE A 1944 18.05 64.85 -109.75
CA ILE A 1944 18.12 66.17 -109.14
C ILE A 1944 17.84 67.16 -110.26
N GLU A 1945 16.92 68.09 -109.99
CA GLU A 1945 16.50 69.08 -110.98
C GLU A 1945 16.92 70.46 -110.50
N ARG A 1946 17.00 71.38 -111.46
CA ARG A 1946 17.37 72.77 -111.20
C ARG A 1946 16.39 73.68 -111.94
N GLY A 1947 16.10 74.83 -111.33
CA GLY A 1947 15.25 75.82 -111.98
C GLY A 1947 15.45 77.20 -111.36
N ASN A 1948 15.11 78.22 -112.14
CA ASN A 1948 15.20 79.60 -111.69
C ASN A 1948 14.10 79.87 -110.66
N VAL A 1949 14.32 80.89 -109.84
CA VAL A 1949 13.40 81.22 -108.76
C VAL A 1949 12.09 81.79 -109.29
N ASP A 1950 12.08 82.22 -110.57
CA ASP A 1950 10.87 82.79 -111.16
C ASP A 1950 9.98 81.72 -111.77
N GLY A 1951 10.43 80.45 -111.80
CA GLY A 1951 9.62 79.37 -112.33
C GLY A 1951 9.95 79.01 -113.78
N THR A 1952 11.18 79.30 -114.23
CA THR A 1952 11.58 79.01 -115.60
C THR A 1952 12.86 78.17 -115.64
N GLU A 1953 13.17 77.63 -116.82
CA GLU A 1953 14.38 76.88 -117.09
C GLU A 1953 14.51 75.68 -116.15
N ARG A 1954 13.43 74.91 -116.01
CA ARG A 1954 13.48 73.64 -115.31
C ARG A 1954 14.25 72.63 -116.15
N MET A 1955 15.19 71.91 -115.51
CA MET A 1955 16.03 70.96 -116.23
C MET A 1955 16.63 69.96 -115.25
N ILE A 1956 16.97 68.77 -115.78
CA ILE A 1956 17.55 67.70 -115.00
C ILE A 1956 19.06 67.88 -114.94
N LEU A 1957 19.61 67.82 -113.71
CA LEU A 1957 21.03 68.00 -113.50
C LEU A 1957 21.73 66.66 -113.28
N VAL A 1958 21.27 65.88 -112.30
CA VAL A 1958 21.86 64.59 -111.97
C VAL A 1958 20.76 63.54 -112.05
N HIS A 1959 21.08 62.36 -112.60
CA HIS A 1959 20.10 61.30 -112.77
C HIS A 1959 20.68 59.97 -112.32
N HIS A 1960 19.84 58.92 -112.41
CA HIS A 1960 20.20 57.56 -112.03
C HIS A 1960 20.59 57.46 -110.55
N LEU A 1961 19.92 58.26 -109.71
CA LEU A 1961 20.06 58.13 -108.27
C LEU A 1961 19.00 57.16 -107.74
N ALA A 1962 19.24 56.64 -106.53
CA ALA A 1962 18.37 55.64 -105.92
C ALA A 1962 17.36 56.30 -104.98
N HIS A 1963 17.85 57.01 -103.95
CA HIS A 1963 17.00 57.73 -103.02
C HIS A 1963 17.77 58.91 -102.46
N PRO A 1964 17.82 60.03 -103.19
CA PRO A 1964 18.48 61.24 -102.71
C PRO A 1964 17.73 61.75 -101.49
N TRP A 1965 18.46 62.21 -100.46
CA TRP A 1965 17.80 62.63 -99.24
C TRP A 1965 18.30 64.01 -98.81
N GLY A 1966 19.62 64.21 -98.80
CA GLY A 1966 20.21 65.52 -98.51
C GLY A 1966 20.79 66.15 -99.76
N LEU A 1967 20.76 67.50 -99.79
CA LEU A 1967 21.08 68.27 -100.98
C LEU A 1967 21.54 69.66 -100.56
N VAL A 1968 22.75 70.07 -100.97
CA VAL A 1968 23.22 71.42 -100.68
C VAL A 1968 24.17 71.90 -101.77
N VAL A 1969 24.10 73.19 -102.10
CA VAL A 1969 24.98 73.82 -103.08
C VAL A 1969 25.88 74.80 -102.35
N TYR A 1970 27.20 74.66 -102.54
CA TYR A 1970 28.17 75.60 -101.98
C TYR A 1970 29.36 75.74 -102.92
N GLY A 1971 29.90 76.97 -103.01
CA GLY A 1971 30.94 77.29 -103.99
C GLY A 1971 30.48 76.92 -105.41
N SER A 1972 31.35 76.20 -106.14
CA SER A 1972 31.07 75.74 -107.49
C SER A 1972 30.34 74.38 -107.53
N PHE A 1973 30.02 73.79 -106.36
CA PHE A 1973 29.66 72.37 -106.31
C PHE A 1973 28.30 72.13 -105.67
N LEU A 1974 27.71 71.00 -106.07
CA LEU A 1974 26.52 70.42 -105.45
C LEU A 1974 26.92 69.15 -104.70
N TYR A 1975 26.49 69.06 -103.44
CA TYR A 1975 26.68 67.89 -102.60
C TYR A 1975 25.35 67.18 -102.42
N TYR A 1976 25.32 65.84 -102.56
CA TYR A 1976 24.11 65.08 -102.31
C TYR A 1976 24.43 63.81 -101.52
N SER A 1977 23.54 63.47 -100.59
CA SER A 1977 23.58 62.19 -99.90
C SER A 1977 22.52 61.31 -100.55
N ASP A 1978 22.95 60.13 -100.99
CA ASP A 1978 22.03 59.16 -101.54
C ASP A 1978 21.89 58.07 -100.48
N GLU A 1979 20.66 57.88 -100.00
CA GLU A 1979 20.43 57.09 -98.80
C GLU A 1979 20.61 55.60 -99.11
N GLN A 1980 20.13 55.19 -100.29
CA GLN A 1980 20.65 54.00 -100.95
C GLN A 1980 21.90 54.42 -101.73
N TYR A 1981 22.85 53.51 -101.90
CA TYR A 1981 24.20 53.85 -102.39
C TYR A 1981 24.99 54.28 -101.15
N GLU A 1982 24.32 54.62 -100.03
CA GLU A 1982 24.96 54.88 -98.75
C GLU A 1982 26.16 55.84 -98.88
N VAL A 1983 26.02 56.85 -99.74
CA VAL A 1983 27.15 57.62 -100.23
C VAL A 1983 26.87 59.11 -100.07
N ILE A 1984 27.91 59.90 -99.75
CA ILE A 1984 27.90 61.34 -99.95
C ILE A 1984 28.77 61.62 -101.15
N GLU A 1985 28.20 62.24 -102.19
CA GLU A 1985 28.92 62.52 -103.41
C GLU A 1985 28.90 64.02 -103.68
N ARG A 1986 29.89 64.47 -104.45
CA ARG A 1986 29.99 65.87 -104.82
C ARG A 1986 30.14 65.93 -106.34
N VAL A 1987 29.45 66.89 -106.96
CA VAL A 1987 29.42 67.06 -108.40
C VAL A 1987 29.39 68.57 -108.75
N ASP A 1988 29.77 68.96 -109.97
CA ASP A 1988 29.75 70.37 -110.37
C ASP A 1988 28.32 70.88 -110.54
N LYS A 1989 27.99 72.09 -110.09
CA LYS A 1989 26.63 72.64 -110.26
C LYS A 1989 26.30 72.92 -111.73
N SER A 1990 27.34 73.10 -112.57
CA SER A 1990 27.19 73.30 -114.00
C SER A 1990 27.18 71.96 -114.75
N SER A 1991 25.98 71.46 -115.03
CA SER A 1991 25.74 70.30 -115.89
C SER A 1991 26.12 68.98 -115.21
N GLY A 1992 26.54 69.02 -113.94
CA GLY A 1992 26.68 67.83 -113.13
C GLY A 1992 27.75 66.84 -113.61
N ASN A 1993 28.95 67.33 -113.88
CA ASN A 1993 30.08 66.46 -114.24
C ASN A 1993 31.08 66.39 -113.08
N ASN A 1994 32.13 65.56 -113.24
CA ASN A 1994 33.24 65.45 -112.29
C ASN A 1994 32.74 64.95 -110.93
N LYS A 1995 32.05 63.81 -110.96
CA LYS A 1995 31.52 63.15 -109.78
C LYS A 1995 32.65 62.64 -108.86
N VAL A 1996 32.46 62.84 -107.55
CA VAL A 1996 33.44 62.49 -106.53
C VAL A 1996 32.72 61.93 -105.31
N VAL A 1997 33.31 60.91 -104.66
CA VAL A 1997 32.77 60.36 -103.42
C VAL A 1997 33.49 60.98 -102.22
N LEU A 1998 32.76 61.64 -101.33
CA LEU A 1998 33.32 62.12 -100.06
C LEU A 1998 33.36 60.96 -99.05
N ARG A 1999 32.25 60.22 -98.94
CA ARG A 1999 32.17 59.10 -97.99
C ARG A 1999 31.21 58.04 -98.54
N ASP A 2000 31.49 56.76 -98.29
CA ASP A 2000 30.61 55.66 -98.69
C ASP A 2000 30.49 54.66 -97.55
N ASN A 2001 29.50 53.77 -97.67
CA ASN A 2001 29.11 52.83 -96.63
C ASN A 2001 28.67 53.56 -95.36
N VAL A 2002 28.00 54.70 -95.54
CA VAL A 2002 27.36 55.40 -94.44
C VAL A 2002 25.91 54.93 -94.36
N PRO A 2003 25.53 54.14 -93.34
CA PRO A 2003 24.12 53.78 -93.16
C PRO A 2003 23.31 54.99 -92.68
N TYR A 2004 22.03 55.03 -93.08
CA TYR A 2004 21.05 55.98 -92.59
C TYR A 2004 21.46 57.44 -92.86
N LEU A 2005 21.98 57.74 -94.05
CA LEU A 2005 22.18 59.13 -94.45
C LEU A 2005 20.85 59.89 -94.48
N ARG A 2006 20.89 61.18 -94.13
CA ARG A 2006 19.74 62.08 -94.17
C ARG A 2006 20.20 63.40 -94.79
N GLY A 2007 19.67 64.55 -94.32
CA GLY A 2007 20.00 65.86 -94.86
C GLY A 2007 21.48 66.25 -94.82
N LEU A 2008 21.83 67.24 -95.65
CA LEU A 2008 23.15 67.85 -95.70
C LEU A 2008 23.02 69.38 -95.59
N ARG A 2009 24.06 70.04 -95.06
CA ARG A 2009 24.18 71.49 -95.09
C ARG A 2009 25.64 71.89 -94.86
N VAL A 2010 26.11 73.01 -95.44
CA VAL A 2010 27.50 73.45 -95.29
C VAL A 2010 27.59 74.58 -94.27
N TYR A 2011 28.29 74.33 -93.17
CA TYR A 2011 28.59 75.37 -92.19
C TYR A 2011 29.64 76.32 -92.77
N HIS A 2012 29.32 77.61 -92.87
CA HIS A 2012 30.27 78.61 -93.37
C HIS A 2012 29.97 79.98 -92.78
N ARG A 2013 30.96 80.88 -92.72
CA ARG A 2013 30.68 82.23 -92.22
C ARG A 2013 29.82 83.02 -93.21
N ARG A 2014 28.69 83.55 -92.73
CA ARG A 2014 27.81 84.41 -93.51
C ARG A 2014 27.82 85.82 -92.89
N ASN A 2015 27.98 86.83 -93.74
CA ASN A 2015 27.99 88.22 -93.29
C ASN A 2015 26.58 88.79 -93.44
N ALA A 2016 25.93 89.08 -92.30
CA ALA A 2016 24.62 89.72 -92.31
C ALA A 2016 24.74 91.18 -92.79
N ALA A 2017 25.94 91.76 -92.68
CA ALA A 2017 26.18 93.13 -93.11
C ALA A 2017 26.08 93.27 -94.62
N ASP A 2018 26.48 92.23 -95.37
CA ASP A 2018 26.51 92.27 -96.82
C ASP A 2018 25.19 91.78 -97.42
N SER A 2019 24.24 91.35 -96.57
CA SER A 2019 22.93 90.91 -97.05
C SER A 2019 21.82 91.47 -96.19
N SER A 2020 21.90 92.76 -95.84
CA SER A 2020 20.95 93.39 -94.92
C SER A 2020 19.58 93.48 -95.60
N ASN A 2021 18.53 93.44 -94.76
CA ASN A 2021 17.16 93.57 -95.22
C ASN A 2021 16.44 94.56 -94.32
N GLY A 2022 15.10 94.64 -94.46
CA GLY A 2022 14.28 95.60 -93.73
C GLY A 2022 14.41 95.45 -92.23
N CYS A 2023 14.38 94.20 -91.75
CA CYS A 2023 14.38 93.93 -90.32
C CYS A 2023 15.73 94.30 -89.68
N SER A 2024 16.83 94.06 -90.41
CA SER A 2024 18.16 94.42 -89.92
C SER A 2024 18.37 95.93 -89.95
N ASN A 2025 17.81 96.62 -90.95
CA ASN A 2025 17.94 98.07 -91.04
C ASN A 2025 17.07 98.76 -90.00
N ASN A 2026 16.03 98.08 -89.50
CA ASN A 2026 15.10 98.67 -88.55
C ASN A 2026 14.95 97.75 -87.34
N PRO A 2027 15.97 97.66 -86.47
CA PRO A 2027 15.83 96.87 -85.24
C PRO A 2027 14.85 97.53 -84.29
N ASN A 2028 14.21 96.71 -83.45
CA ASN A 2028 13.27 97.14 -82.42
C ASN A 2028 12.06 97.85 -83.03
N ALA A 2029 11.80 97.68 -84.34
CA ALA A 2029 10.65 98.30 -84.98
C ALA A 2029 9.37 97.55 -84.60
N CYS A 2030 9.43 96.22 -84.60
CA CYS A 2030 8.29 95.37 -84.31
C CYS A 2030 8.35 94.90 -82.86
N GLN A 2031 7.17 94.78 -82.22
CA GLN A 2031 7.10 94.40 -80.82
C GLN A 2031 7.59 92.96 -80.62
N GLN A 2032 7.11 92.02 -81.45
CA GLN A 2032 7.36 90.61 -81.20
C GLN A 2032 8.17 90.00 -82.34
N ILE A 2033 7.64 90.03 -83.57
CA ILE A 2033 8.27 89.38 -84.71
C ILE A 2033 8.40 90.37 -85.86
N CYS A 2034 9.59 90.41 -86.46
CA CYS A 2034 9.83 91.15 -87.68
C CYS A 2034 10.08 90.15 -88.81
N LEU A 2035 9.39 90.36 -89.95
CA LEU A 2035 9.54 89.48 -91.11
C LEU A 2035 9.90 90.33 -92.33
N PRO A 2036 10.99 89.98 -93.05
CA PRO A 2036 11.36 90.73 -94.23
C PRO A 2036 10.39 90.56 -95.39
N VAL A 2037 10.35 91.57 -96.25
CA VAL A 2037 9.46 91.62 -97.39
C VAL A 2037 10.24 92.09 -98.61
N PRO A 2038 9.96 91.52 -99.81
CA PRO A 2038 10.66 91.93 -101.02
C PRO A 2038 10.63 93.44 -101.27
N GLY A 2039 11.79 93.96 -101.70
CA GLY A 2039 11.99 95.38 -101.92
C GLY A 2039 12.63 96.09 -100.73
N GLY A 2040 13.14 95.32 -99.75
CA GLY A 2040 13.79 95.88 -98.57
C GLY A 2040 12.81 96.36 -97.50
N MET A 2041 11.51 96.04 -97.67
CA MET A 2041 10.51 96.38 -96.67
C MET A 2041 10.45 95.31 -95.59
N PHE A 2042 9.59 95.52 -94.60
CA PHE A 2042 9.39 94.55 -93.52
C PHE A 2042 7.96 94.66 -93.00
N SER A 2043 7.42 93.51 -92.61
CA SER A 2043 6.07 93.42 -92.06
C SER A 2043 6.17 92.85 -90.64
N CYS A 2044 5.65 93.60 -89.66
CA CYS A 2044 5.64 93.13 -88.29
C CYS A 2044 4.58 92.06 -88.11
N ALA A 2045 4.81 91.19 -87.12
CA ALA A 2045 3.93 90.06 -86.86
C ALA A 2045 3.85 89.82 -85.36
N CYS A 2046 2.81 89.06 -84.97
CA CYS A 2046 2.56 88.72 -83.58
C CYS A 2046 2.51 87.21 -83.43
N ALA A 2047 2.85 86.74 -82.22
CA ALA A 2047 2.82 85.32 -81.92
C ALA A 2047 1.40 84.78 -82.01
N SER A 2048 1.27 83.46 -82.04
CA SER A 2048 -0.01 82.79 -82.14
C SER A 2048 -0.91 83.20 -80.97
N GLY A 2049 -2.13 83.63 -81.27
CA GLY A 2049 -3.07 84.10 -80.26
C GLY A 2049 -3.16 85.61 -80.20
N PHE A 2050 -2.31 86.33 -80.94
CA PHE A 2050 -2.33 87.80 -80.92
C PHE A 2050 -2.56 88.33 -82.34
N LYS A 2051 -3.21 89.51 -82.39
CA LYS A 2051 -3.47 90.19 -83.65
C LYS A 2051 -2.74 91.52 -83.66
N LEU A 2052 -2.28 91.91 -84.86
CA LEU A 2052 -1.53 93.15 -85.01
C LEU A 2052 -2.46 94.34 -84.78
N SER A 2053 -1.96 95.32 -84.01
CA SER A 2053 -2.72 96.52 -83.72
C SER A 2053 -2.76 97.41 -84.96
N PRO A 2054 -3.70 98.38 -85.05
CA PRO A 2054 -3.70 99.31 -86.19
C PRO A 2054 -2.42 100.11 -86.37
N ASP A 2055 -1.61 100.22 -85.29
CA ASP A 2055 -0.32 100.88 -85.35
C ASP A 2055 0.59 100.20 -86.37
N GLY A 2056 0.43 98.87 -86.53
CA GLY A 2056 1.30 98.07 -87.36
C GLY A 2056 2.60 97.68 -86.68
N ARG A 2057 2.82 98.14 -85.43
CA ARG A 2057 4.04 97.82 -84.68
C ARG A 2057 3.73 97.12 -83.35
N SER A 2058 2.47 97.16 -82.90
CA SER A 2058 2.08 96.64 -81.59
C SER A 2058 1.12 95.46 -81.76
N CYS A 2059 1.03 94.65 -80.70
CA CYS A 2059 0.23 93.43 -80.71
C CYS A 2059 -0.85 93.49 -79.65
N SER A 2060 -2.01 92.93 -80.00
CA SER A 2060 -3.16 92.85 -79.12
C SER A 2060 -3.77 91.46 -79.25
N PRO A 2061 -4.42 90.93 -78.19
CA PRO A 2061 -5.03 89.61 -78.27
C PRO A 2061 -6.16 89.57 -79.28
N TYR A 2062 -6.35 88.40 -79.90
CA TYR A 2062 -7.45 88.17 -80.82
C TYR A 2062 -8.78 88.37 -80.08
N ASN A 2063 -9.74 88.99 -80.79
CA ASN A 2063 -11.05 89.26 -80.22
C ASN A 2063 -12.18 88.79 -81.16
N SER A 2064 -11.85 88.17 -82.29
CA SER A 2064 -12.86 87.71 -83.22
C SER A 2064 -12.30 86.55 -84.03
N PHE A 2065 -12.67 85.32 -83.64
CA PHE A 2065 -12.20 84.13 -84.32
C PHE A 2065 -13.14 82.97 -84.05
N MET A 2066 -12.98 81.90 -84.84
CA MET A 2066 -13.74 80.68 -84.66
C MET A 2066 -12.95 79.72 -83.78
N VAL A 2067 -13.68 78.95 -82.97
CA VAL A 2067 -13.09 77.91 -82.15
C VAL A 2067 -13.48 76.56 -82.75
N VAL A 2068 -12.48 75.80 -83.17
CA VAL A 2068 -12.69 74.47 -83.72
C VAL A 2068 -12.13 73.45 -82.74
N SER A 2069 -12.99 72.51 -82.34
CA SER A 2069 -12.64 71.48 -81.39
C SER A 2069 -12.53 70.14 -82.12
N MET A 2070 -11.41 69.45 -81.88
CA MET A 2070 -11.21 68.11 -82.38
C MET A 2070 -10.85 67.21 -81.21
N LEU A 2071 -10.86 65.90 -81.45
CA LEU A 2071 -10.52 64.95 -80.41
C LEU A 2071 -9.11 65.18 -79.90
N PRO A 2072 -8.08 65.41 -80.74
CA PRO A 2072 -6.74 65.67 -80.23
C PRO A 2072 -6.55 67.03 -79.56
N ALA A 2073 -7.21 68.08 -80.06
CA ALA A 2073 -6.90 69.41 -79.59
C ALA A 2073 -8.03 70.37 -79.94
N VAL A 2074 -7.92 71.56 -79.33
CA VAL A 2074 -8.82 72.67 -79.60
C VAL A 2074 -8.00 73.79 -80.24
N ARG A 2075 -8.49 74.28 -81.38
CA ARG A 2075 -7.74 75.21 -82.19
C ARG A 2075 -8.63 76.38 -82.60
N GLY A 2076 -8.00 77.53 -82.87
CA GLY A 2076 -8.71 78.74 -83.26
C GLY A 2076 -8.21 79.28 -84.58
N PHE A 2077 -9.15 79.66 -85.46
CA PHE A 2077 -8.82 80.24 -86.75
C PHE A 2077 -9.50 81.59 -86.87
N SER A 2078 -8.78 82.55 -87.45
CA SER A 2078 -9.33 83.87 -87.69
C SER A 2078 -10.46 83.77 -88.71
N LEU A 2079 -11.47 84.62 -88.57
CA LEU A 2079 -12.59 84.64 -89.49
C LEU A 2079 -12.21 85.31 -90.81
N GLU A 2080 -11.08 86.04 -90.84
CA GLU A 2080 -10.51 86.53 -92.09
C GLU A 2080 -9.76 85.39 -92.77
N LEU A 2081 -10.30 84.94 -93.90
CA LEU A 2081 -9.86 83.70 -94.53
C LEU A 2081 -8.38 83.77 -94.93
N SER A 2082 -7.91 84.97 -95.27
CA SER A 2082 -6.55 85.16 -95.74
C SER A 2082 -5.54 84.95 -94.61
N ASP A 2083 -5.99 85.00 -93.35
CA ASP A 2083 -5.10 84.90 -92.21
C ASP A 2083 -4.96 83.43 -91.81
N HIS A 2084 -3.77 82.86 -92.03
CA HIS A 2084 -3.49 81.48 -91.70
C HIS A 2084 -2.97 81.32 -90.26
N SER A 2085 -2.75 82.43 -89.55
CA SER A 2085 -2.20 82.36 -88.21
C SER A 2085 -3.21 81.74 -87.25
N GLU A 2086 -2.68 81.05 -86.23
CA GLU A 2086 -3.48 80.50 -85.16
C GLU A 2086 -3.97 81.64 -84.26
N ALA A 2087 -5.29 81.81 -84.18
CA ALA A 2087 -5.90 82.86 -83.37
C ALA A 2087 -6.01 82.48 -81.90
N MET A 2088 -5.45 81.33 -81.52
CA MET A 2088 -5.50 80.89 -80.13
C MET A 2088 -4.34 79.91 -79.89
N VAL A 2089 -3.76 79.97 -78.69
CA VAL A 2089 -2.77 78.98 -78.31
C VAL A 2089 -3.48 77.63 -78.26
N PRO A 2090 -3.06 76.65 -79.08
CA PRO A 2090 -3.78 75.39 -79.17
C PRO A 2090 -3.80 74.65 -77.83
N VAL A 2091 -4.97 74.10 -77.50
CA VAL A 2091 -5.12 73.28 -76.32
C VAL A 2091 -4.84 71.84 -76.75
N ALA A 2092 -3.57 71.44 -76.65
CA ALA A 2092 -3.16 70.10 -77.02
C ALA A 2092 -2.25 69.53 -75.94
N GLY A 2093 -2.12 68.21 -75.91
CA GLY A 2093 -1.27 67.53 -74.94
C GLY A 2093 -1.88 66.20 -74.50
N GLN A 2094 -1.21 65.54 -73.55
CA GLN A 2094 -1.71 64.29 -73.00
C GLN A 2094 -3.00 64.54 -72.24
N GLY A 2095 -3.95 63.59 -72.38
CA GLY A 2095 -5.21 63.63 -71.65
C GLY A 2095 -6.24 64.55 -72.30
N ARG A 2096 -5.98 65.02 -73.52
CA ARG A 2096 -6.95 65.81 -74.27
C ARG A 2096 -7.74 64.92 -75.21
N ASN A 2097 -9.06 64.86 -74.98
CA ASN A 2097 -9.99 64.16 -75.84
C ASN A 2097 -11.28 64.97 -75.84
N VAL A 2098 -11.37 65.92 -76.77
CA VAL A 2098 -12.35 66.98 -76.71
C VAL A 2098 -13.58 66.60 -77.53
N LEU A 2099 -14.76 66.73 -76.89
CA LEU A 2099 -16.01 66.45 -77.57
C LEU A 2099 -16.67 67.75 -77.99
N HIS A 2100 -16.71 68.75 -77.09
CA HIS A 2100 -17.36 70.02 -77.38
C HIS A 2100 -16.58 71.14 -76.71
N ALA A 2101 -16.74 72.35 -77.26
CA ALA A 2101 -16.11 73.53 -76.72
C ALA A 2101 -17.12 74.68 -76.71
N ASP A 2102 -17.02 75.52 -75.67
CA ASP A 2102 -17.82 76.73 -75.56
C ASP A 2102 -16.95 77.85 -75.00
N VAL A 2103 -17.38 79.10 -75.21
CA VAL A 2103 -16.55 80.26 -74.92
C VAL A 2103 -17.32 81.24 -74.04
N ASP A 2104 -16.54 82.02 -73.28
CA ASP A 2104 -17.03 83.17 -72.53
C ASP A 2104 -16.24 84.38 -72.99
N VAL A 2105 -16.81 85.14 -73.92
CA VAL A 2105 -16.09 86.19 -74.61
C VAL A 2105 -15.73 87.30 -73.62
N ALA A 2106 -16.68 87.68 -72.76
CA ALA A 2106 -16.49 88.80 -71.86
C ALA A 2106 -15.31 88.55 -70.91
N ASN A 2107 -15.26 87.34 -70.32
CA ASN A 2107 -14.22 87.01 -69.36
C ASN A 2107 -13.00 86.41 -70.04
N GLY A 2108 -13.08 86.08 -71.34
CA GLY A 2108 -11.95 85.55 -72.08
C GLY A 2108 -11.58 84.14 -71.63
N PHE A 2109 -12.52 83.20 -71.78
CA PHE A 2109 -12.30 81.81 -71.44
C PHE A 2109 -12.84 80.91 -72.55
N ILE A 2110 -12.22 79.73 -72.68
CA ILE A 2110 -12.73 78.66 -73.54
C ILE A 2110 -12.97 77.44 -72.66
N TYR A 2111 -14.22 76.96 -72.66
CA TYR A 2111 -14.61 75.79 -71.91
C TYR A 2111 -14.70 74.59 -72.86
N TRP A 2112 -14.14 73.46 -72.44
CA TRP A 2112 -14.23 72.24 -73.20
C TRP A 2112 -14.37 71.07 -72.23
N CYS A 2113 -14.94 69.98 -72.75
CA CYS A 2113 -15.18 68.79 -71.94
C CYS A 2113 -14.37 67.63 -72.52
N ASP A 2114 -13.54 67.03 -71.66
CA ASP A 2114 -12.78 65.85 -72.05
C ASP A 2114 -13.62 64.60 -71.80
N PHE A 2115 -13.23 63.52 -72.50
CA PHE A 2115 -13.91 62.26 -72.37
C PHE A 2115 -12.91 61.12 -72.46
N SER A 2116 -13.12 60.11 -71.63
CA SER A 2116 -12.33 58.90 -71.67
C SER A 2116 -13.13 57.75 -71.10
N SER A 2117 -13.18 56.65 -71.85
CA SER A 2117 -13.92 55.47 -71.46
C SER A 2117 -13.08 54.56 -70.55
N SER A 2118 -11.79 54.87 -70.37
CA SER A 2118 -10.89 54.04 -69.60
C SER A 2118 -10.45 54.76 -68.33
N VAL A 2119 -9.86 55.94 -68.49
CA VAL A 2119 -9.31 56.67 -67.35
C VAL A 2119 -10.39 57.60 -66.82
N ARG A 2120 -10.78 57.41 -65.55
CA ARG A 2120 -11.90 58.13 -64.98
C ARG A 2120 -11.50 59.59 -64.72
N SER A 2121 -10.25 59.80 -64.33
CA SER A 2121 -9.77 61.11 -63.90
C SER A 2121 -9.67 62.09 -65.07
N SER A 2122 -9.64 61.59 -66.31
CA SER A 2122 -9.50 62.43 -67.49
C SER A 2122 -10.86 62.77 -68.09
N ASN A 2123 -11.91 62.73 -67.27
CA ASN A 2123 -13.23 63.19 -67.69
C ASN A 2123 -13.59 64.42 -66.88
N GLY A 2124 -14.08 65.45 -67.56
CA GLY A 2124 -14.62 66.59 -66.87
C GLY A 2124 -14.70 67.80 -67.78
N ILE A 2125 -14.88 68.96 -67.15
CA ILE A 2125 -14.96 70.23 -67.85
C ILE A 2125 -13.77 71.08 -67.43
N ARG A 2126 -13.09 71.63 -68.44
CA ARG A 2126 -11.92 72.46 -68.22
C ARG A 2126 -12.11 73.81 -68.90
N ARG A 2127 -11.38 74.81 -68.39
CA ARG A 2127 -11.35 76.12 -69.01
C ARG A 2127 -9.92 76.61 -69.07
N ILE A 2128 -9.68 77.53 -70.01
CA ILE A 2128 -8.38 78.10 -70.24
C ILE A 2128 -8.52 79.42 -70.99
N LYS A 2129 -7.55 80.31 -70.81
CA LYS A 2129 -7.54 81.56 -71.53
C LYS A 2129 -7.13 81.29 -72.98
N PRO A 2130 -7.57 82.11 -73.94
CA PRO A 2130 -7.17 81.93 -75.34
C PRO A 2130 -5.66 82.02 -75.58
N ASP A 2131 -4.93 82.65 -74.66
CA ASP A 2131 -3.48 82.77 -74.76
C ASP A 2131 -2.77 81.79 -73.82
N GLY A 2132 -3.49 80.77 -73.34
CA GLY A 2132 -2.96 79.81 -72.37
C GLY A 2132 -3.31 80.24 -70.95
N SER A 2133 -2.30 80.62 -70.17
CA SER A 2133 -2.51 81.27 -68.88
C SER A 2133 -3.25 80.33 -67.92
N ASN A 2134 -4.49 80.65 -67.54
CA ASN A 2134 -5.13 80.03 -66.39
C ASN A 2134 -5.87 78.77 -66.80
N PHE A 2135 -5.15 77.65 -66.90
CA PHE A 2135 -5.78 76.35 -67.05
C PHE A 2135 -6.46 75.97 -65.74
N THR A 2136 -7.67 75.44 -65.83
CA THR A 2136 -8.48 75.19 -64.65
C THR A 2136 -9.44 74.03 -64.91
N ASN A 2137 -9.64 73.21 -63.88
CA ASN A 2137 -10.68 72.18 -63.88
C ASN A 2137 -11.96 72.78 -63.31
N VAL A 2138 -13.06 72.64 -64.06
CA VAL A 2138 -14.32 73.26 -63.67
C VAL A 2138 -15.22 72.22 -63.02
N VAL A 2139 -15.50 71.13 -63.74
CA VAL A 2139 -16.33 70.06 -63.23
C VAL A 2139 -15.56 68.76 -63.33
N THR A 2140 -15.42 68.06 -62.19
CA THR A 2140 -14.68 66.80 -62.18
C THR A 2140 -15.36 65.69 -61.38
N TYR A 2141 -16.26 66.06 -60.45
CA TYR A 2141 -16.91 65.07 -59.60
C TYR A 2141 -18.23 64.62 -60.23
N GLY A 2142 -18.56 63.33 -60.12
CA GLY A 2142 -19.88 62.82 -60.46
C GLY A 2142 -20.14 62.75 -61.96
N ILE A 2143 -19.07 62.70 -62.76
CA ILE A 2143 -19.21 62.53 -64.20
C ILE A 2143 -19.60 61.08 -64.47
N GLY A 2144 -20.60 60.89 -65.34
CA GLY A 2144 -21.15 59.58 -65.61
C GLY A 2144 -20.17 58.66 -66.35
N ALA A 2145 -20.61 57.42 -66.58
CA ALA A 2145 -19.84 56.44 -67.34
C ALA A 2145 -19.49 56.98 -68.73
N ASN A 2146 -20.50 57.53 -69.40
CA ASN A 2146 -20.28 58.36 -70.57
C ASN A 2146 -19.97 59.77 -70.09
N GLY A 2147 -19.08 60.46 -70.78
CA GLY A 2147 -18.61 61.73 -70.23
C GLY A 2147 -19.65 62.84 -70.39
N ILE A 2148 -19.20 64.08 -70.20
CA ILE A 2148 -19.98 65.24 -70.54
C ILE A 2148 -20.21 65.27 -72.04
N ARG A 2149 -21.47 65.39 -72.45
CA ARG A 2149 -21.82 65.26 -73.84
C ARG A 2149 -22.20 66.59 -74.49
N GLY A 2150 -22.30 67.65 -73.69
CA GLY A 2150 -22.59 68.98 -74.21
C GLY A 2150 -22.28 70.05 -73.16
N VAL A 2151 -21.86 71.21 -73.64
CA VAL A 2151 -21.54 72.33 -72.76
C VAL A 2151 -22.22 73.58 -73.31
N ALA A 2152 -22.95 74.28 -72.43
CA ALA A 2152 -23.62 75.52 -72.77
C ALA A 2152 -23.36 76.52 -71.65
N LEU A 2153 -22.89 77.72 -72.02
CA LEU A 2153 -22.58 78.75 -71.05
C LEU A 2153 -23.52 79.94 -71.27
N ASP A 2154 -24.27 80.30 -70.20
CA ASP A 2154 -25.09 81.50 -70.20
C ASP A 2154 -24.21 82.66 -69.73
N TRP A 2155 -23.75 83.47 -70.68
CA TRP A 2155 -22.87 84.59 -70.38
C TRP A 2155 -23.56 85.68 -69.56
N ALA A 2156 -24.89 85.79 -69.67
CA ALA A 2156 -25.63 86.81 -68.94
C ALA A 2156 -25.66 86.49 -67.44
N ALA A 2157 -26.03 85.25 -67.09
CA ALA A 2157 -26.21 84.83 -65.71
C ALA A 2157 -24.93 84.20 -65.13
N GLY A 2158 -23.96 83.83 -65.98
CA GLY A 2158 -22.78 83.09 -65.56
C GLY A 2158 -23.09 81.63 -65.18
N ASN A 2159 -24.23 81.11 -65.66
CA ASN A 2159 -24.58 79.71 -65.49
C ASN A 2159 -23.89 78.88 -66.58
N LEU A 2160 -23.44 77.66 -66.22
CA LEU A 2160 -22.89 76.72 -67.20
C LEU A 2160 -23.78 75.48 -67.20
N TYR A 2161 -24.54 75.27 -68.27
CA TYR A 2161 -25.27 74.03 -68.43
C TYR A 2161 -24.38 73.00 -69.10
N PHE A 2162 -24.52 71.76 -68.65
CA PHE A 2162 -23.82 70.65 -69.27
C PHE A 2162 -24.68 69.41 -69.12
N THR A 2163 -24.44 68.45 -70.01
CA THR A 2163 -25.15 67.18 -69.98
C THR A 2163 -24.17 66.05 -69.72
N ASN A 2164 -24.39 65.32 -68.61
CA ASN A 2164 -23.63 64.12 -68.32
C ASN A 2164 -24.52 62.91 -68.52
N ALA A 2165 -23.96 61.89 -69.17
CA ALA A 2165 -24.70 60.71 -69.57
C ALA A 2165 -24.19 59.51 -68.80
N PHE A 2166 -25.10 58.81 -68.13
CA PHE A 2166 -24.79 57.54 -67.51
C PHE A 2166 -25.20 56.42 -68.45
N VAL A 2167 -25.18 55.18 -67.95
CA VAL A 2167 -25.32 54.02 -68.80
C VAL A 2167 -26.73 53.94 -69.36
N TYR A 2168 -27.73 54.17 -68.51
CA TYR A 2168 -29.12 54.04 -68.91
C TYR A 2168 -29.93 55.28 -68.54
N GLU A 2169 -29.25 56.41 -68.28
CA GLU A 2169 -29.91 57.65 -67.93
C GLU A 2169 -28.93 58.79 -68.15
N THR A 2170 -29.47 60.01 -68.15
CA THR A 2170 -28.68 61.21 -68.37
C THR A 2170 -29.28 62.35 -67.56
N LEU A 2171 -28.43 63.32 -67.20
CA LEU A 2171 -28.85 64.47 -66.41
C LEU A 2171 -28.48 65.73 -67.17
N ILE A 2172 -29.30 66.79 -66.99
CA ILE A 2172 -28.90 68.14 -67.34
C ILE A 2172 -28.63 68.89 -66.05
N GLU A 2173 -27.48 69.55 -65.97
CA GLU A 2173 -27.06 70.17 -64.72
C GLU A 2173 -26.58 71.60 -64.98
N VAL A 2174 -26.72 72.45 -63.95
CA VAL A 2174 -26.15 73.79 -63.95
C VAL A 2174 -25.01 73.82 -62.95
N LEU A 2175 -23.91 74.46 -63.32
CA LEU A 2175 -22.90 74.89 -62.38
C LEU A 2175 -22.72 76.40 -62.54
N ARG A 2176 -22.80 77.12 -61.42
CA ARG A 2176 -22.55 78.56 -61.44
C ARG A 2176 -21.04 78.79 -61.41
N ILE A 2177 -20.55 79.62 -62.34
CA ILE A 2177 -19.12 79.82 -62.49
C ILE A 2177 -18.51 80.43 -61.22
N ASN A 2178 -17.34 79.90 -60.84
CA ASN A 2178 -16.56 80.38 -59.70
C ASN A 2178 -17.30 80.14 -58.39
N THR A 2179 -18.18 79.13 -58.34
CA THR A 2179 -18.88 78.80 -57.11
C THR A 2179 -19.11 77.29 -57.07
N THR A 2180 -19.41 76.78 -55.88
CA THR A 2180 -19.59 75.37 -55.65
C THR A 2180 -21.05 74.94 -55.88
N TYR A 2181 -21.91 75.87 -56.33
CA TYR A 2181 -23.32 75.57 -56.50
C TYR A 2181 -23.51 74.76 -57.77
N ARG A 2182 -24.00 73.53 -57.60
CA ARG A 2182 -24.33 72.65 -58.71
C ARG A 2182 -25.71 72.04 -58.46
N ARG A 2183 -26.54 72.04 -59.50
CA ARG A 2183 -27.91 71.54 -59.38
C ARG A 2183 -28.28 70.74 -60.60
N VAL A 2184 -29.06 69.68 -60.39
CA VAL A 2184 -29.59 68.89 -61.48
C VAL A 2184 -30.98 69.42 -61.82
N LEU A 2185 -31.21 69.70 -63.11
CA LEU A 2185 -32.45 70.31 -63.55
C LEU A 2185 -33.44 69.26 -64.06
N LEU A 2186 -32.94 68.32 -64.86
CA LEU A 2186 -33.77 67.32 -65.51
C LEU A 2186 -33.03 65.97 -65.49
N LYS A 2187 -33.78 64.88 -65.27
CA LYS A 2187 -33.22 63.54 -65.25
C LYS A 2187 -34.15 62.63 -66.04
N VAL A 2188 -33.63 62.09 -67.15
CA VAL A 2188 -34.43 61.31 -68.09
C VAL A 2188 -33.72 60.00 -68.41
N SER A 2189 -34.51 58.99 -68.80
CA SER A 2189 -34.00 57.68 -69.15
C SER A 2189 -34.37 57.32 -70.60
N VAL A 2190 -35.62 57.55 -70.97
CA VAL A 2190 -36.07 57.25 -72.33
C VAL A 2190 -35.46 58.26 -73.32
N ASP A 2191 -35.38 59.53 -72.92
CA ASP A 2191 -34.77 60.57 -73.72
C ASP A 2191 -33.27 60.59 -73.47
N MET A 2192 -32.51 61.18 -74.41
CA MET A 2192 -31.09 61.40 -74.19
C MET A 2192 -30.65 62.71 -74.84
N PRO A 2193 -30.73 63.82 -74.09
CA PRO A 2193 -30.11 65.07 -74.52
C PRO A 2193 -28.61 64.85 -74.71
N ARG A 2194 -28.05 65.38 -75.79
CA ARG A 2194 -26.61 65.28 -76.01
C ARG A 2194 -26.00 66.66 -76.17
N HIS A 2195 -26.41 67.40 -77.20
CA HIS A 2195 -25.79 68.68 -77.48
C HIS A 2195 -26.77 69.79 -77.09
N ILE A 2196 -26.38 70.59 -76.10
CA ILE A 2196 -27.25 71.57 -75.48
C ILE A 2196 -26.71 72.97 -75.79
N ILE A 2197 -27.61 73.90 -76.16
CA ILE A 2197 -27.26 75.30 -76.34
C ILE A 2197 -28.20 76.14 -75.49
N VAL A 2198 -27.71 77.30 -75.05
CA VAL A 2198 -28.49 78.19 -74.20
C VAL A 2198 -28.66 79.54 -74.90
N ASP A 2199 -29.83 80.15 -74.67
CA ASP A 2199 -30.17 81.42 -75.27
C ASP A 2199 -30.61 82.39 -74.18
N PRO A 2200 -29.74 83.30 -73.69
CA PRO A 2200 -30.13 84.30 -72.71
C PRO A 2200 -31.09 85.37 -73.23
N LYS A 2201 -31.17 85.58 -74.56
CA LYS A 2201 -32.02 86.62 -75.13
C LYS A 2201 -33.49 86.21 -75.05
N HIS A 2202 -33.81 85.00 -75.51
CA HIS A 2202 -35.17 84.48 -75.44
C HIS A 2202 -35.39 83.58 -74.23
N ARG A 2203 -34.33 83.29 -73.47
CA ARG A 2203 -34.38 82.60 -72.18
C ARG A 2203 -34.87 81.16 -72.34
N TYR A 2204 -34.17 80.40 -73.20
CA TYR A 2204 -34.48 79.01 -73.48
C TYR A 2204 -33.22 78.15 -73.54
N LEU A 2205 -33.40 76.85 -73.28
CA LEU A 2205 -32.45 75.79 -73.59
C LEU A 2205 -32.98 74.94 -74.74
N PHE A 2206 -32.08 74.62 -75.68
CA PHE A 2206 -32.32 73.68 -76.75
C PHE A 2206 -31.28 72.56 -76.67
N TRP A 2207 -31.74 71.32 -76.92
CA TRP A 2207 -30.83 70.19 -77.01
C TRP A 2207 -31.26 69.22 -78.09
N ALA A 2208 -30.28 68.51 -78.66
CA ALA A 2208 -30.52 67.44 -79.62
C ALA A 2208 -30.52 66.09 -78.90
N ASP A 2209 -31.18 65.10 -79.50
CA ASP A 2209 -31.39 63.83 -78.83
C ASP A 2209 -30.67 62.69 -79.56
N TYR A 2210 -31.04 62.45 -80.81
CA TYR A 2210 -30.49 61.37 -81.64
C TYR A 2210 -30.61 59.99 -80.98
N GLY A 2211 -31.42 59.87 -79.93
CA GLY A 2211 -31.59 58.59 -79.27
C GLY A 2211 -32.57 57.69 -80.02
N GLN A 2212 -33.34 56.90 -79.25
CA GLN A 2212 -34.34 56.03 -79.82
C GLN A 2212 -35.53 56.82 -80.38
N LYS A 2213 -35.72 58.05 -79.89
CA LYS A 2213 -36.77 58.91 -80.42
C LYS A 2213 -36.17 60.27 -80.72
N PRO A 2214 -35.44 60.42 -81.84
CA PRO A 2214 -34.70 61.64 -82.11
C PRO A 2214 -35.63 62.85 -82.19
N LYS A 2215 -35.17 63.97 -81.66
CA LYS A 2215 -35.93 65.21 -81.61
C LYS A 2215 -35.00 66.35 -81.23
N ILE A 2216 -35.44 67.59 -81.49
CA ILE A 2216 -34.82 68.76 -80.90
C ILE A 2216 -35.84 69.36 -79.94
N GLU A 2217 -35.44 69.48 -78.68
CA GLU A 2217 -36.31 69.99 -77.66
C GLU A 2217 -35.98 71.44 -77.31
N ARG A 2218 -36.96 72.07 -76.67
CA ARG A 2218 -36.88 73.44 -76.18
C ARG A 2218 -37.46 73.47 -74.78
N SER A 2219 -36.84 74.20 -73.86
CA SER A 2219 -37.34 74.32 -72.49
C SER A 2219 -36.94 75.68 -71.91
N PHE A 2220 -37.52 76.05 -70.77
CA PHE A 2220 -37.07 77.23 -70.02
C PHE A 2220 -35.66 76.99 -69.49
N LEU A 2221 -35.03 78.05 -68.95
CA LEU A 2221 -33.64 77.99 -68.50
C LEU A 2221 -33.44 77.10 -67.25
N ASP A 2222 -34.51 76.52 -66.72
CA ASP A 2222 -34.46 75.59 -65.58
C ASP A 2222 -34.96 74.19 -65.97
N CYS A 2223 -34.97 73.89 -67.28
CA CYS A 2223 -35.52 72.69 -67.90
C CYS A 2223 -37.01 72.45 -67.65
N THR A 2224 -37.75 73.41 -67.07
CA THR A 2224 -39.21 73.29 -66.97
C THR A 2224 -39.83 73.56 -68.34
N ASN A 2225 -41.08 73.11 -68.53
CA ASN A 2225 -41.90 73.53 -69.67
C ASN A 2225 -41.26 73.08 -70.99
N ARG A 2226 -40.95 71.77 -71.09
CA ARG A 2226 -40.37 71.18 -72.28
C ARG A 2226 -41.35 71.17 -73.45
N THR A 2227 -40.80 71.20 -74.67
CA THR A 2227 -41.54 71.25 -75.93
C THR A 2227 -40.66 70.61 -77.00
N VAL A 2228 -41.26 69.97 -78.01
CA VAL A 2228 -40.51 69.41 -79.13
C VAL A 2228 -40.67 70.33 -80.33
N LEU A 2229 -39.55 70.81 -80.90
CA LEU A 2229 -39.59 71.67 -82.07
C LEU A 2229 -39.71 70.84 -83.34
N VAL A 2230 -38.83 69.83 -83.45
CA VAL A 2230 -38.86 68.92 -84.58
C VAL A 2230 -38.73 67.48 -84.07
N SER A 2231 -39.62 66.61 -84.59
CA SER A 2231 -39.56 65.17 -84.39
C SER A 2231 -39.56 64.40 -85.72
N GLU A 2232 -39.99 65.03 -86.82
CA GLU A 2232 -40.06 64.34 -88.11
C GLU A 2232 -38.86 64.70 -88.97
N GLY A 2233 -38.39 63.71 -89.74
CA GLY A 2233 -37.25 63.88 -90.63
C GLY A 2233 -35.96 64.19 -89.86
N ILE A 2234 -35.79 63.54 -88.71
CA ILE A 2234 -34.61 63.73 -87.89
C ILE A 2234 -34.20 62.36 -87.34
N VAL A 2235 -32.91 62.04 -87.45
CA VAL A 2235 -32.40 60.76 -86.99
C VAL A 2235 -31.21 60.98 -86.05
N THR A 2236 -30.20 61.70 -86.53
CA THR A 2236 -29.00 61.89 -85.72
C THR A 2236 -28.58 63.35 -85.71
N PRO A 2237 -29.29 64.22 -84.96
CA PRO A 2237 -28.82 65.59 -84.77
C PRO A 2237 -27.65 65.64 -83.80
N ARG A 2238 -26.51 66.15 -84.27
CA ARG A 2238 -25.30 66.12 -83.45
C ARG A 2238 -24.85 67.51 -83.03
N GLY A 2239 -25.47 68.58 -83.55
CA GLY A 2239 -25.05 69.93 -83.20
C GLY A 2239 -26.12 70.98 -83.48
N LEU A 2240 -26.35 71.86 -82.50
CA LEU A 2240 -27.30 72.96 -82.65
C LEU A 2240 -26.55 74.28 -82.75
N ALA A 2241 -27.23 75.27 -83.32
CA ALA A 2241 -26.70 76.62 -83.43
C ALA A 2241 -27.88 77.59 -83.49
N MET A 2242 -27.59 78.85 -83.14
CA MET A 2242 -28.61 79.89 -83.21
C MET A 2242 -27.97 81.20 -83.68
N ASP A 2243 -28.72 81.93 -84.51
CA ASP A 2243 -28.41 83.31 -84.82
C ASP A 2243 -29.29 84.18 -83.92
N HIS A 2244 -28.63 85.00 -83.10
CA HIS A 2244 -29.31 85.79 -82.08
C HIS A 2244 -30.23 86.84 -82.72
N ASP A 2245 -29.93 87.25 -83.97
CA ASP A 2245 -30.67 88.34 -84.60
C ASP A 2245 -31.87 87.85 -85.42
N THR A 2246 -32.05 86.53 -85.56
CA THR A 2246 -33.14 86.03 -86.38
C THR A 2246 -33.95 84.96 -85.64
N GLY A 2247 -33.34 84.33 -84.63
CA GLY A 2247 -33.99 83.32 -83.81
C GLY A 2247 -34.32 82.05 -84.59
N TYR A 2248 -33.38 81.59 -85.41
CA TYR A 2248 -33.51 80.32 -86.11
C TYR A 2248 -32.58 79.29 -85.48
N ILE A 2249 -33.11 78.09 -85.24
CA ILE A 2249 -32.30 76.99 -84.74
C ILE A 2249 -31.69 76.26 -85.92
N TYR A 2250 -30.35 76.20 -85.95
CA TYR A 2250 -29.65 75.49 -87.00
C TYR A 2250 -29.09 74.18 -86.43
N TRP A 2251 -29.34 73.08 -87.15
CA TRP A 2251 -28.83 71.79 -86.73
C TRP A 2251 -28.35 71.00 -87.94
N VAL A 2252 -27.50 70.01 -87.67
CA VAL A 2252 -26.95 69.14 -88.69
C VAL A 2252 -27.35 67.71 -88.35
N ASP A 2253 -27.45 66.88 -89.39
CA ASP A 2253 -27.82 65.50 -89.23
C ASP A 2253 -27.05 64.68 -90.27
N ASP A 2254 -26.07 63.90 -89.79
CA ASP A 2254 -25.21 63.08 -90.63
C ASP A 2254 -25.89 61.78 -91.07
N SER A 2255 -27.08 61.44 -90.57
CA SER A 2255 -27.79 60.25 -91.02
C SER A 2255 -28.70 60.55 -92.21
N LEU A 2256 -29.25 61.77 -92.29
CA LEU A 2256 -29.95 62.23 -93.49
C LEU A 2256 -29.03 63.03 -94.42
N ASP A 2257 -27.78 63.29 -94.00
CA ASP A 2257 -26.86 64.19 -94.68
C ASP A 2257 -27.48 65.58 -94.81
N LEU A 2258 -27.99 66.13 -93.69
CA LEU A 2258 -28.83 67.32 -93.73
C LEU A 2258 -28.24 68.45 -92.91
N ILE A 2259 -28.34 69.67 -93.44
CA ILE A 2259 -28.20 70.90 -92.66
C ILE A 2259 -29.50 71.68 -92.83
N ALA A 2260 -30.26 71.80 -91.74
CA ALA A 2260 -31.59 72.41 -91.78
C ALA A 2260 -31.74 73.41 -90.65
N ARG A 2261 -32.75 74.27 -90.77
CA ARG A 2261 -33.04 75.27 -89.76
C ARG A 2261 -34.55 75.29 -89.48
N ILE A 2262 -34.89 75.68 -88.25
CA ILE A 2262 -36.28 75.84 -87.83
C ILE A 2262 -36.34 77.05 -86.92
N HIS A 2263 -37.44 77.80 -87.03
CA HIS A 2263 -37.61 79.00 -86.23
C HIS A 2263 -37.81 78.59 -84.76
N LEU A 2264 -37.46 79.51 -83.86
CA LEU A 2264 -37.50 79.27 -82.43
C LEU A 2264 -38.93 78.96 -81.96
N ASP A 2265 -39.93 79.52 -82.64
CA ASP A 2265 -41.33 79.28 -82.29
C ASP A 2265 -41.84 77.94 -82.85
N GLY A 2266 -41.08 77.30 -83.73
CA GLY A 2266 -41.50 76.05 -84.35
C GLY A 2266 -42.24 76.28 -85.66
N GLY A 2267 -42.57 75.16 -86.32
CA GLY A 2267 -43.27 75.15 -87.59
C GLY A 2267 -42.49 74.41 -88.66
N GLU A 2268 -42.38 75.02 -89.85
CA GLU A 2268 -41.73 74.39 -90.99
C GLU A 2268 -40.24 74.24 -90.74
N SER A 2269 -39.68 73.11 -91.19
CA SER A 2269 -38.23 72.90 -91.19
C SER A 2269 -37.69 73.21 -92.58
N GLN A 2270 -36.72 74.11 -92.65
CA GLN A 2270 -36.17 74.57 -93.91
C GLN A 2270 -34.81 73.94 -94.15
N VAL A 2271 -34.62 73.40 -95.36
CA VAL A 2271 -33.37 72.75 -95.72
C VAL A 2271 -32.39 73.80 -96.22
N VAL A 2272 -31.20 73.81 -95.60
CA VAL A 2272 -30.16 74.76 -95.98
C VAL A 2272 -29.14 74.08 -96.89
N ARG A 2273 -28.62 72.92 -96.46
CA ARG A 2273 -27.71 72.13 -97.27
C ARG A 2273 -28.15 70.68 -97.23
N TYR A 2274 -28.20 70.07 -98.42
CA TYR A 2274 -28.62 68.69 -98.54
C TYR A 2274 -27.94 68.05 -99.73
N GLY A 2275 -27.78 66.71 -99.64
CA GLY A 2275 -27.22 65.91 -100.70
C GLY A 2275 -26.05 65.05 -100.22
N SER A 2276 -25.47 64.34 -101.19
CA SER A 2276 -24.40 63.39 -100.98
C SER A 2276 -23.09 64.09 -100.62
N ARG A 2277 -22.97 65.39 -100.92
CA ARG A 2277 -21.70 66.10 -100.76
C ARG A 2277 -21.50 66.59 -99.32
N TYR A 2278 -22.44 66.25 -98.42
CA TYR A 2278 -22.33 66.62 -97.00
C TYR A 2278 -22.51 65.36 -96.16
N PRO A 2279 -21.49 64.46 -96.12
CA PRO A 2279 -21.67 63.13 -95.57
C PRO A 2279 -21.74 63.07 -94.06
N THR A 2280 -20.92 63.87 -93.36
CA THR A 2280 -20.90 63.82 -91.91
C THR A 2280 -20.73 65.21 -91.30
N PRO A 2281 -21.75 66.09 -91.39
CA PRO A 2281 -21.69 67.34 -90.65
C PRO A 2281 -21.86 67.08 -89.15
N TYR A 2282 -20.83 67.41 -88.37
CA TYR A 2282 -20.79 67.06 -86.97
C TYR A 2282 -21.15 68.23 -86.05
N GLY A 2283 -20.73 69.44 -86.42
CA GLY A 2283 -21.00 70.63 -85.61
C GLY A 2283 -21.23 71.84 -86.49
N ILE A 2284 -21.95 72.84 -85.98
CA ILE A 2284 -22.35 73.98 -86.78
C ILE A 2284 -22.45 75.21 -85.90
N THR A 2285 -22.12 76.36 -86.51
CA THR A 2285 -22.36 77.66 -85.90
C THR A 2285 -22.76 78.65 -86.98
N VAL A 2286 -23.40 79.73 -86.53
CA VAL A 2286 -23.85 80.79 -87.41
C VAL A 2286 -23.16 82.08 -87.01
N PHE A 2287 -22.53 82.71 -88.00
CA PHE A 2287 -21.90 84.01 -87.81
C PHE A 2287 -22.23 84.92 -88.98
N GLY A 2288 -22.87 86.05 -88.67
CA GLY A 2288 -23.29 87.00 -89.69
C GLY A 2288 -24.28 86.36 -90.65
N GLU A 2289 -23.94 86.38 -91.96
CA GLU A 2289 -24.81 85.86 -93.00
C GLU A 2289 -24.36 84.47 -93.47
N SER A 2290 -23.46 83.82 -92.72
CA SER A 2290 -22.88 82.55 -93.15
C SER A 2290 -23.03 81.50 -92.04
N ILE A 2291 -23.12 80.24 -92.45
CA ILE A 2291 -23.03 79.11 -91.55
C ILE A 2291 -21.66 78.47 -91.70
N ILE A 2292 -21.13 77.96 -90.59
CA ILE A 2292 -19.82 77.32 -90.58
C ILE A 2292 -19.97 75.97 -89.90
N TRP A 2293 -19.57 74.91 -90.62
CA TRP A 2293 -19.72 73.56 -90.10
C TRP A 2293 -18.48 72.74 -90.43
N VAL A 2294 -18.26 71.72 -89.61
CA VAL A 2294 -17.13 70.82 -89.77
C VAL A 2294 -17.67 69.50 -90.30
N ASP A 2295 -16.85 68.83 -91.10
CA ASP A 2295 -17.21 67.57 -91.70
C ASP A 2295 -16.11 66.58 -91.41
N ARG A 2296 -16.46 65.45 -90.77
CA ARG A 2296 -15.48 64.50 -90.31
C ARG A 2296 -14.86 63.75 -91.50
N ASN A 2297 -15.73 63.27 -92.40
CA ASN A 2297 -15.27 62.49 -93.53
C ASN A 2297 -14.39 63.31 -94.46
N LEU A 2298 -14.81 64.54 -94.76
CA LEU A 2298 -14.07 65.39 -95.66
C LEU A 2298 -12.89 66.07 -94.98
N LYS A 2299 -12.85 66.05 -93.64
CA LYS A 2299 -11.76 66.65 -92.87
C LYS A 2299 -11.60 68.13 -93.21
N LYS A 2300 -12.72 68.83 -93.33
CA LYS A 2300 -12.70 70.23 -93.71
C LYS A 2300 -13.62 71.05 -92.82
N VAL A 2301 -13.28 72.35 -92.69
CA VAL A 2301 -14.16 73.32 -92.06
C VAL A 2301 -14.73 74.20 -93.17
N PHE A 2302 -16.05 74.15 -93.33
CA PHE A 2302 -16.72 74.79 -94.45
C PHE A 2302 -17.37 76.10 -94.03
N GLN A 2303 -17.67 76.95 -95.03
CA GLN A 2303 -18.39 78.19 -94.82
C GLN A 2303 -19.33 78.42 -96.01
N ALA A 2304 -20.60 78.70 -95.72
CA ALA A 2304 -21.60 78.90 -96.75
C ALA A 2304 -22.70 79.81 -96.21
N SER A 2305 -23.53 80.33 -97.12
CA SER A 2305 -24.61 81.24 -96.73
C SER A 2305 -25.64 80.51 -95.88
N LYS A 2306 -26.18 81.23 -94.89
CA LYS A 2306 -27.14 80.68 -93.96
C LYS A 2306 -28.53 80.57 -94.59
N GLN A 2307 -28.79 81.31 -95.67
CA GLN A 2307 -30.12 81.33 -96.26
C GLN A 2307 -30.37 80.03 -97.02
N PRO A 2308 -31.57 79.41 -96.83
CA PRO A 2308 -31.90 78.21 -97.59
C PRO A 2308 -32.07 78.51 -99.08
N GLY A 2309 -31.82 77.49 -99.90
CA GLY A 2309 -32.02 77.58 -101.34
C GLY A 2309 -30.81 78.11 -102.11
N ASN A 2310 -29.74 78.47 -101.39
CA ASN A 2310 -28.50 78.88 -102.04
C ASN A 2310 -27.81 77.67 -102.66
N THR A 2311 -27.13 77.87 -103.79
CA THR A 2311 -26.46 76.80 -104.51
C THR A 2311 -24.96 77.03 -104.68
N ASP A 2312 -24.43 78.11 -104.10
CA ASP A 2312 -23.01 78.41 -104.23
C ASP A 2312 -22.20 77.38 -103.45
N PRO A 2313 -21.08 76.88 -104.01
CA PRO A 2313 -20.27 75.89 -103.33
C PRO A 2313 -19.65 76.48 -102.06
N PRO A 2314 -19.55 75.69 -100.97
CA PRO A 2314 -18.94 76.17 -99.74
C PRO A 2314 -17.44 76.43 -99.91
N VAL A 2315 -16.95 77.40 -99.14
CA VAL A 2315 -15.54 77.78 -99.16
C VAL A 2315 -14.85 77.14 -97.96
N VAL A 2316 -13.71 76.47 -98.21
CA VAL A 2316 -13.01 75.76 -97.17
C VAL A 2316 -12.17 76.72 -96.34
N ILE A 2317 -12.30 76.61 -95.02
CA ILE A 2317 -11.48 77.39 -94.10
C ILE A 2317 -10.14 76.68 -93.90
N ARG A 2318 -10.20 75.44 -93.38
CA ARG A 2318 -9.03 74.61 -93.21
C ARG A 2318 -9.32 73.21 -93.73
N ASP A 2319 -8.25 72.52 -94.16
CA ASP A 2319 -8.36 71.22 -94.78
C ASP A 2319 -7.45 70.23 -94.07
N LYS A 2320 -7.81 68.94 -94.16
CA LYS A 2320 -7.03 67.84 -93.65
C LYS A 2320 -6.86 67.98 -92.15
N ILE A 2321 -7.98 68.18 -91.46
CA ILE A 2321 -7.98 68.15 -90.01
C ILE A 2321 -8.67 66.87 -89.57
N ASN A 2322 -7.99 66.07 -88.74
CA ASN A 2322 -8.52 64.78 -88.34
C ASN A 2322 -9.41 64.90 -87.12
N LEU A 2323 -10.50 64.11 -87.12
CA LEU A 2323 -11.38 63.92 -85.98
C LEU A 2323 -12.02 65.25 -85.57
N LEU A 2324 -12.64 65.91 -86.55
CA LEU A 2324 -13.36 67.14 -86.27
C LEU A 2324 -14.58 66.83 -85.41
N ARG A 2325 -14.85 67.69 -84.43
CA ARG A 2325 -15.92 67.44 -83.48
C ARG A 2325 -16.95 68.56 -83.49
N ASP A 2326 -16.51 69.83 -83.45
CA ASP A 2326 -17.45 70.93 -83.30
C ASP A 2326 -16.80 72.22 -83.76
N VAL A 2327 -17.60 73.28 -83.83
CA VAL A 2327 -17.13 74.62 -84.14
C VAL A 2327 -17.92 75.62 -83.28
N THR A 2328 -17.26 76.72 -82.90
CA THR A 2328 -17.84 77.73 -82.03
C THR A 2328 -17.22 79.08 -82.37
N ILE A 2329 -18.03 80.15 -82.26
CA ILE A 2329 -17.59 81.50 -82.59
C ILE A 2329 -17.22 82.24 -81.31
N PHE A 2330 -16.03 82.84 -81.32
CA PHE A 2330 -15.56 83.67 -80.23
C PHE A 2330 -15.58 85.12 -80.68
N ASP A 2331 -16.69 85.81 -80.41
CA ASP A 2331 -16.85 87.19 -80.84
C ASP A 2331 -17.77 87.92 -79.86
N GLU A 2332 -17.61 89.24 -79.76
CA GLU A 2332 -18.45 90.06 -78.90
C GLU A 2332 -19.89 90.06 -79.43
N HIS A 2333 -20.05 90.11 -80.76
CA HIS A 2333 -21.35 90.14 -81.39
C HIS A 2333 -22.15 88.88 -81.05
N ALA A 2334 -21.46 87.74 -80.87
CA ALA A 2334 -22.12 86.47 -80.59
C ALA A 2334 -22.60 86.41 -79.13
N GLN A 2335 -21.96 87.18 -78.24
CA GLN A 2335 -22.32 87.18 -76.82
C GLN A 2335 -22.51 88.62 -76.33
N PRO A 2336 -23.63 89.28 -76.69
CA PRO A 2336 -23.89 90.63 -76.20
C PRO A 2336 -24.23 90.62 -74.71
N LEU A 2337 -23.97 91.76 -74.04
CA LEU A 2337 -24.22 91.87 -72.62
C LEU A 2337 -25.09 93.07 -72.25
N SER A 2338 -25.38 93.97 -73.20
CA SER A 2338 -26.21 95.14 -72.90
C SER A 2338 -27.66 94.70 -72.71
N PRO A 2339 -28.38 95.31 -71.74
CA PRO A 2339 -29.80 95.01 -71.56
C PRO A 2339 -30.66 95.32 -72.78
N ALA A 2340 -30.20 96.21 -73.67
CA ALA A 2340 -31.00 96.63 -74.82
C ALA A 2340 -31.29 95.45 -75.75
N GLU A 2341 -30.28 94.60 -75.99
CA GLU A 2341 -30.43 93.49 -76.93
C GLU A 2341 -30.71 92.18 -76.20
N LEU A 2342 -30.33 92.06 -74.92
CA LEU A 2342 -30.65 90.87 -74.13
C LEU A 2342 -32.07 90.92 -73.54
N ASN A 2343 -32.91 91.85 -74.03
CA ASN A 2343 -34.29 91.99 -73.57
C ASN A 2343 -34.34 92.18 -72.05
N ASN A 2344 -33.39 92.97 -71.51
CA ASN A 2344 -33.34 93.32 -70.09
C ASN A 2344 -33.35 92.07 -69.22
N ASN A 2345 -32.38 91.16 -69.46
CA ASN A 2345 -32.30 89.92 -68.72
C ASN A 2345 -32.01 90.22 -67.24
N PRO A 2346 -32.92 89.86 -66.29
CA PRO A 2346 -32.76 90.25 -64.88
C PRO A 2346 -31.50 89.73 -64.19
N CYS A 2347 -30.92 88.64 -64.72
CA CYS A 2347 -29.76 88.01 -64.09
C CYS A 2347 -28.48 88.81 -64.32
N LEU A 2348 -28.49 89.81 -65.20
CA LEU A 2348 -27.32 90.67 -65.42
C LEU A 2348 -27.00 91.47 -64.16
N GLN A 2349 -28.05 92.00 -63.49
CA GLN A 2349 -27.89 92.90 -62.37
C GLN A 2349 -27.65 92.07 -61.11
N SER A 2350 -26.38 91.73 -60.87
CA SER A 2350 -25.95 91.05 -59.65
C SER A 2350 -26.75 89.77 -59.42
N ASN A 2351 -26.81 88.93 -60.45
CA ASN A 2351 -27.46 87.62 -60.39
C ASN A 2351 -28.95 87.77 -60.06
N GLY A 2352 -29.53 88.93 -60.39
CA GLY A 2352 -30.96 89.16 -60.20
C GLY A 2352 -31.39 89.13 -58.72
N GLY A 2353 -30.41 89.25 -57.80
CA GLY A 2353 -30.68 89.23 -56.38
C GLY A 2353 -30.87 87.83 -55.81
N CYS A 2354 -30.77 86.79 -56.65
CA CYS A 2354 -30.88 85.42 -56.16
C CYS A 2354 -29.59 85.01 -55.43
N SER A 2355 -29.70 83.99 -54.57
CA SER A 2355 -28.57 83.54 -53.78
C SER A 2355 -27.75 82.51 -54.56
N HIS A 2356 -28.40 81.45 -55.05
CA HIS A 2356 -27.71 80.35 -55.71
C HIS A 2356 -27.79 80.48 -57.23
N PHE A 2357 -29.02 80.47 -57.76
CA PHE A 2357 -29.23 80.47 -59.20
C PHE A 2357 -30.29 81.48 -59.60
N CYS A 2358 -30.09 82.09 -60.77
CA CYS A 2358 -31.07 82.99 -61.36
C CYS A 2358 -31.51 82.39 -62.69
N PHE A 2359 -32.82 82.11 -62.82
CA PHE A 2359 -33.38 81.64 -64.08
C PHE A 2359 -34.42 82.66 -64.56
N ALA A 2360 -34.10 83.38 -65.64
CA ALA A 2360 -35.07 84.26 -66.27
C ALA A 2360 -36.06 83.42 -67.09
N LEU A 2361 -37.36 83.82 -67.12
CA LEU A 2361 -38.37 83.12 -67.91
C LEU A 2361 -38.74 83.96 -69.12
N PRO A 2362 -39.23 83.36 -70.23
CA PRO A 2362 -39.27 84.03 -71.54
C PRO A 2362 -39.96 85.38 -71.64
N GLU A 2363 -40.96 85.66 -70.81
CA GLU A 2363 -41.78 86.87 -70.94
C GLU A 2363 -42.03 87.59 -69.60
N LEU A 2364 -41.55 87.05 -68.48
CA LEU A 2364 -41.72 87.65 -67.16
C LEU A 2364 -40.58 88.65 -66.91
N PRO A 2365 -40.84 89.72 -66.13
CA PRO A 2365 -39.77 90.66 -65.76
C PRO A 2365 -38.94 90.23 -64.56
N THR A 2366 -39.39 89.20 -63.82
CA THR A 2366 -38.71 88.77 -62.62
C THR A 2366 -38.22 87.34 -62.78
N PRO A 2367 -37.02 87.02 -62.24
CA PRO A 2367 -36.48 85.67 -62.37
C PRO A 2367 -36.96 84.73 -61.26
N ARG A 2368 -36.98 83.43 -61.60
CA ARG A 2368 -37.18 82.39 -60.62
C ARG A 2368 -35.83 82.04 -60.04
N CYS A 2369 -35.66 82.29 -58.74
CA CYS A 2369 -34.43 81.95 -58.06
C CYS A 2369 -34.38 80.44 -57.82
N GLY A 2370 -33.26 79.82 -58.22
CA GLY A 2370 -33.05 78.39 -58.06
C GLY A 2370 -32.18 78.13 -56.83
N CYS A 2371 -32.46 77.02 -56.14
CA CYS A 2371 -31.76 76.68 -54.91
C CYS A 2371 -30.96 75.40 -55.14
N ALA A 2372 -29.63 75.50 -55.00
CA ALA A 2372 -28.75 74.35 -55.17
C ALA A 2372 -28.94 73.37 -54.02
N PHE A 2373 -28.93 73.89 -52.78
CA PHE A 2373 -29.17 73.08 -51.60
C PHE A 2373 -30.04 73.87 -50.63
N GLY A 2374 -30.94 73.15 -49.96
CA GLY A 2374 -31.93 73.77 -49.10
C GLY A 2374 -33.20 74.17 -49.88
N THR A 2375 -34.08 74.88 -49.17
CA THR A 2375 -35.37 75.29 -49.70
C THR A 2375 -35.42 76.81 -49.85
N LEU A 2376 -36.00 77.29 -50.95
CA LEU A 2376 -36.13 78.71 -51.22
C LEU A 2376 -36.96 79.37 -50.12
N GLY A 2377 -36.50 80.53 -49.67
CA GLY A 2377 -37.14 81.26 -48.57
C GLY A 2377 -38.43 81.93 -49.00
N ASN A 2378 -39.10 82.57 -48.03
CA ASN A 2378 -40.37 83.24 -48.27
C ASN A 2378 -40.16 84.47 -49.17
N ASP A 2379 -39.00 85.12 -49.05
CA ASP A 2379 -38.70 86.32 -49.82
C ASP A 2379 -38.51 86.00 -51.30
N GLY A 2380 -38.36 84.70 -51.62
CA GLY A 2380 -38.23 84.25 -53.00
C GLY A 2380 -36.81 84.34 -53.55
N LYS A 2381 -35.84 84.70 -52.71
CA LYS A 2381 -34.46 84.86 -53.18
C LYS A 2381 -33.42 84.19 -52.27
N SER A 2382 -33.75 83.97 -50.98
CA SER A 2382 -32.80 83.37 -50.06
C SER A 2382 -33.04 81.86 -49.95
N CYS A 2383 -32.00 81.13 -49.51
CA CYS A 2383 -32.07 79.70 -49.33
C CYS A 2383 -31.73 79.34 -47.89
N ALA A 2384 -32.46 78.38 -47.33
CA ALA A 2384 -32.26 77.90 -45.98
C ALA A 2384 -32.48 76.38 -45.95
N THR A 2385 -32.07 75.75 -44.85
CA THR A 2385 -32.25 74.31 -44.66
C THR A 2385 -33.72 73.95 -44.84
N SER A 2386 -33.98 72.75 -45.36
CA SER A 2386 -35.28 72.36 -45.86
C SER A 2386 -36.36 72.43 -44.78
N GLN A 2387 -36.04 71.98 -43.56
CA GLN A 2387 -36.99 71.89 -42.46
C GLN A 2387 -38.19 71.03 -42.89
N GLU A 2388 -37.88 69.93 -43.60
CA GLU A 2388 -38.88 68.97 -44.05
C GLU A 2388 -38.37 67.57 -43.72
N ASP A 2389 -39.25 66.57 -43.89
CA ASP A 2389 -38.84 65.19 -43.70
C ASP A 2389 -38.08 64.76 -44.96
N PHE A 2390 -36.88 64.18 -44.78
CA PHE A 2390 -36.07 63.73 -45.92
C PHE A 2390 -35.17 62.55 -45.53
N LEU A 2391 -34.38 62.12 -46.52
CA LEU A 2391 -33.53 60.95 -46.41
C LEU A 2391 -32.06 61.38 -46.37
N ILE A 2392 -31.26 60.70 -45.53
CA ILE A 2392 -29.83 60.97 -45.43
C ILE A 2392 -29.06 59.65 -45.58
N TYR A 2393 -27.84 59.75 -46.12
CA TYR A 2393 -27.02 58.57 -46.38
C TYR A 2393 -25.53 58.92 -46.30
N SER A 2394 -24.70 57.87 -46.17
CA SER A 2394 -23.26 58.02 -46.06
C SER A 2394 -22.58 57.64 -47.35
N LEU A 2395 -21.60 58.44 -47.77
CA LEU A 2395 -20.86 58.18 -49.01
C LEU A 2395 -19.40 58.59 -48.84
N ASN A 2396 -18.55 57.58 -48.64
CA ASN A 2396 -17.11 57.75 -48.42
C ASN A 2396 -16.82 58.78 -47.31
N ASN A 2397 -16.12 59.87 -47.64
CA ASN A 2397 -15.76 60.93 -46.69
C ASN A 2397 -16.84 62.01 -46.59
N SER A 2398 -18.13 61.65 -46.72
CA SER A 2398 -19.19 62.66 -46.74
C SER A 2398 -20.54 62.12 -46.26
N LEU A 2399 -21.38 63.03 -45.73
CA LEU A 2399 -22.77 62.77 -45.41
C LEU A 2399 -23.63 63.57 -46.38
N ARG A 2400 -24.66 62.92 -46.96
CA ARG A 2400 -25.41 63.51 -48.06
C ARG A 2400 -26.90 63.34 -47.85
N SER A 2401 -27.70 64.13 -48.58
CA SER A 2401 -29.13 64.20 -48.34
C SER A 2401 -29.91 64.11 -49.66
N LEU A 2402 -31.20 63.79 -49.54
CA LEU A 2402 -32.00 63.35 -50.68
C LEU A 2402 -33.48 63.47 -50.32
N HIS A 2403 -34.27 64.21 -51.11
CA HIS A 2403 -35.71 64.27 -50.89
C HIS A 2403 -36.35 62.92 -51.20
N PHE A 2404 -37.49 62.65 -50.54
CA PHE A 2404 -38.26 61.45 -50.83
C PHE A 2404 -38.90 61.50 -52.22
N ASP A 2405 -39.12 62.70 -52.76
CA ASP A 2405 -39.68 62.84 -54.10
C ASP A 2405 -38.59 62.50 -55.11
N PRO A 2406 -38.77 61.47 -55.97
CA PRO A 2406 -37.83 61.23 -57.07
C PRO A 2406 -37.75 62.36 -58.09
N ARG A 2407 -38.81 63.18 -58.20
CA ARG A 2407 -38.86 64.25 -59.18
C ARG A 2407 -38.28 65.55 -58.62
N ASP A 2408 -37.91 65.57 -57.32
CA ASP A 2408 -37.32 66.75 -56.70
C ASP A 2408 -35.81 66.55 -56.66
N HIS A 2409 -35.08 67.41 -57.36
CA HIS A 2409 -33.64 67.27 -57.49
C HIS A 2409 -32.87 68.21 -56.55
N SER A 2410 -33.56 68.98 -55.71
CA SER A 2410 -32.90 69.89 -54.80
C SER A 2410 -32.39 69.12 -53.58
N LEU A 2411 -31.16 69.42 -53.16
CA LEU A 2411 -30.57 68.79 -52.00
C LEU A 2411 -31.15 69.42 -50.73
N PRO A 2412 -31.66 68.63 -49.77
CA PRO A 2412 -32.12 69.16 -48.49
C PRO A 2412 -31.09 69.98 -47.71
N PHE A 2413 -29.82 69.55 -47.76
CA PHE A 2413 -28.71 70.28 -47.16
C PHE A 2413 -27.44 70.09 -47.98
N GLN A 2414 -26.49 71.04 -47.88
CA GLN A 2414 -25.21 70.92 -48.58
C GLN A 2414 -24.40 69.75 -48.01
N VAL A 2415 -23.61 69.12 -48.88
CA VAL A 2415 -22.83 67.95 -48.51
C VAL A 2415 -21.87 68.31 -47.39
N ILE A 2416 -21.85 67.45 -46.35
CA ILE A 2416 -21.02 67.64 -45.17
C ILE A 2416 -19.79 66.74 -45.33
N SER A 2417 -18.60 67.34 -45.31
CA SER A 2417 -17.35 66.59 -45.39
C SER A 2417 -16.93 66.10 -44.00
N VAL A 2418 -16.35 64.88 -43.92
CA VAL A 2418 -15.96 64.25 -42.66
C VAL A 2418 -14.60 63.55 -42.83
N ALA A 2419 -13.91 63.27 -41.71
CA ALA A 2419 -12.65 62.53 -41.76
C ALA A 2419 -12.91 61.02 -41.93
N GLY A 2420 -11.95 60.30 -42.52
CA GLY A 2420 -12.06 58.87 -42.76
C GLY A 2420 -13.26 58.52 -43.66
N THR A 2421 -13.84 57.34 -43.45
CA THR A 2421 -14.99 56.90 -44.22
C THR A 2421 -16.18 56.75 -43.26
N ALA A 2422 -17.26 57.53 -43.46
CA ALA A 2422 -18.43 57.37 -42.62
C ALA A 2422 -19.22 56.11 -43.04
N ILE A 2423 -19.86 55.42 -42.07
CA ILE A 2423 -20.57 54.18 -42.35
C ILE A 2423 -22.05 54.25 -41.99
N ALA A 2424 -22.40 54.34 -40.69
CA ALA A 2424 -23.77 54.18 -40.25
C ALA A 2424 -24.28 55.45 -39.54
N LEU A 2425 -25.58 55.78 -39.72
CA LEU A 2425 -26.18 57.07 -39.37
C LEU A 2425 -27.43 56.93 -38.50
N ASP A 2426 -27.65 57.88 -37.57
CA ASP A 2426 -28.97 58.09 -36.96
C ASP A 2426 -29.15 59.56 -36.57
N TYR A 2427 -30.40 60.04 -36.62
CA TYR A 2427 -30.74 61.44 -36.44
C TYR A 2427 -31.41 61.69 -35.10
N ASP A 2428 -30.99 62.78 -34.43
CA ASP A 2428 -31.57 63.21 -33.18
C ASP A 2428 -32.46 64.42 -33.45
N ARG A 2429 -33.77 64.24 -33.22
CA ARG A 2429 -34.76 65.26 -33.55
C ARG A 2429 -34.62 66.47 -32.64
N ARG A 2430 -34.33 66.24 -31.34
CA ARG A 2430 -34.39 67.30 -30.34
C ARG A 2430 -33.33 68.36 -30.62
N ASN A 2431 -32.11 67.93 -30.97
CA ASN A 2431 -30.99 68.85 -31.14
C ASN A 2431 -30.63 69.04 -32.62
N ASN A 2432 -31.32 68.32 -33.54
CA ASN A 2432 -31.03 68.39 -34.97
C ASN A 2432 -29.57 68.06 -35.23
N ARG A 2433 -29.14 66.89 -34.77
CA ARG A 2433 -27.79 66.39 -34.96
C ARG A 2433 -27.89 64.94 -35.45
N ILE A 2434 -26.88 64.53 -36.23
CA ILE A 2434 -26.81 63.18 -36.77
C ILE A 2434 -25.56 62.49 -36.23
N PHE A 2435 -25.73 61.34 -35.57
CA PHE A 2435 -24.60 60.55 -35.09
C PHE A 2435 -24.15 59.60 -36.18
N PHE A 2436 -22.83 59.54 -36.40
CA PHE A 2436 -22.29 58.69 -37.45
C PHE A 2436 -20.94 58.12 -37.02
N THR A 2437 -20.67 56.90 -37.48
CA THR A 2437 -19.39 56.25 -37.26
C THR A 2437 -18.46 56.57 -38.41
N GLN A 2438 -17.17 56.69 -38.09
CA GLN A 2438 -16.12 56.86 -39.07
C GLN A 2438 -15.16 55.68 -38.94
N LYS A 2439 -14.86 55.03 -40.07
CA LYS A 2439 -13.90 53.94 -40.10
C LYS A 2439 -12.57 54.51 -40.59
N LEU A 2440 -11.49 54.27 -39.82
CA LEU A 2440 -10.17 54.73 -40.17
C LEU A 2440 -9.19 53.55 -40.14
N ASN A 2441 -8.33 53.49 -41.16
CA ASN A 2441 -7.24 52.52 -41.28
C ASN A 2441 -7.69 51.09 -40.95
N SER A 2442 -8.98 50.79 -41.14
CA SER A 2442 -9.55 49.46 -41.01
C SER A 2442 -9.34 48.84 -39.64
N LEU A 2443 -8.87 49.61 -38.64
CA LEU A 2443 -8.59 49.05 -37.33
C LEU A 2443 -9.19 49.92 -36.22
N ARG A 2444 -9.38 51.22 -36.50
CA ARG A 2444 -9.91 52.14 -35.51
C ARG A 2444 -11.16 52.82 -36.07
N GLY A 2445 -11.94 53.39 -35.17
CA GLY A 2445 -13.17 54.07 -35.53
C GLY A 2445 -13.55 55.11 -34.50
N GLN A 2446 -14.44 56.02 -34.94
CA GLN A 2446 -14.92 57.10 -34.08
C GLN A 2446 -16.44 57.19 -34.20
N ILE A 2447 -17.05 57.78 -33.18
CA ILE A 2447 -18.45 58.19 -33.23
C ILE A 2447 -18.49 59.71 -33.11
N SER A 2448 -19.04 60.36 -34.14
CA SER A 2448 -19.05 61.81 -34.22
C SER A 2448 -20.46 62.28 -34.55
N TYR A 2449 -20.72 63.56 -34.26
CA TYR A 2449 -22.01 64.16 -34.60
C TYR A 2449 -21.75 65.54 -35.20
N VAL A 2450 -22.72 65.97 -36.03
CA VAL A 2450 -22.70 67.29 -36.61
C VAL A 2450 -24.11 67.88 -36.54
N SER A 2451 -24.19 69.18 -36.31
CA SER A 2451 -25.46 69.87 -36.14
C SER A 2451 -26.02 70.25 -37.51
N LEU A 2452 -27.32 70.00 -37.73
CA LEU A 2452 -27.99 70.39 -38.96
C LEU A 2452 -28.64 71.77 -38.83
N TYR A 2453 -28.36 72.50 -37.74
CA TYR A 2453 -28.77 73.91 -37.65
C TYR A 2453 -27.92 74.78 -38.57
N SER A 2454 -26.90 74.18 -39.22
CA SER A 2454 -25.95 74.93 -40.03
C SER A 2454 -25.19 75.91 -39.14
N GLY A 2455 -25.19 77.19 -39.53
CA GLY A 2455 -24.41 78.21 -38.86
C GLY A 2455 -22.93 77.84 -38.77
N SER A 2456 -22.38 77.31 -39.89
CA SER A 2456 -20.98 76.93 -40.00
C SER A 2456 -20.60 75.85 -38.99
N SER A 2457 -21.54 74.96 -38.65
CA SER A 2457 -21.29 73.87 -37.73
C SER A 2457 -20.39 72.81 -38.39
N SER A 2458 -19.46 72.25 -37.61
CA SER A 2458 -18.52 71.25 -38.09
C SER A 2458 -18.59 70.01 -37.21
N PRO A 2459 -18.33 68.81 -37.76
CA PRO A 2459 -18.41 67.58 -36.98
C PRO A 2459 -17.38 67.56 -35.85
N THR A 2460 -17.78 66.99 -34.71
CA THR A 2460 -16.89 66.78 -33.59
C THR A 2460 -17.10 65.38 -33.03
N VAL A 2461 -16.05 64.86 -32.37
CA VAL A 2461 -16.00 63.47 -31.96
C VAL A 2461 -16.62 63.32 -30.58
N LEU A 2462 -17.37 62.23 -30.38
CA LEU A 2462 -17.94 61.87 -29.08
C LEU A 2462 -17.11 60.78 -28.41
N LEU A 2463 -16.61 59.81 -29.19
CA LEU A 2463 -15.85 58.70 -28.63
C LEU A 2463 -14.86 58.20 -29.69
N SER A 2464 -13.65 57.84 -29.24
CA SER A 2464 -12.59 57.40 -30.15
C SER A 2464 -12.02 56.05 -29.71
N ASN A 2465 -11.12 55.53 -30.54
CA ASN A 2465 -10.40 54.29 -30.28
C ASN A 2465 -11.36 53.11 -30.11
N ILE A 2466 -12.39 53.02 -30.96
CA ILE A 2466 -13.32 51.90 -30.91
C ILE A 2466 -12.89 50.81 -31.88
N GLY A 2467 -12.88 51.15 -33.17
CA GLY A 2467 -12.66 50.18 -34.23
C GLY A 2467 -13.79 50.25 -35.26
N VAL A 2468 -13.92 49.18 -36.06
CA VAL A 2468 -14.95 49.13 -37.08
C VAL A 2468 -16.32 49.07 -36.39
N THR A 2469 -17.20 50.01 -36.77
CA THR A 2469 -18.51 50.13 -36.16
C THR A 2469 -19.54 50.34 -37.26
N ASP A 2470 -20.47 49.38 -37.40
CA ASP A 2470 -21.34 49.28 -38.56
C ASP A 2470 -22.78 49.63 -38.23
N GLY A 2471 -23.07 50.10 -37.00
CA GLY A 2471 -24.44 50.41 -36.63
C GLY A 2471 -24.56 51.47 -35.55
N ILE A 2472 -25.59 52.32 -35.68
CA ILE A 2472 -25.97 53.27 -34.66
C ILE A 2472 -27.49 53.28 -34.55
N ALA A 2473 -27.98 53.31 -33.30
CA ALA A 2473 -29.38 53.58 -33.03
C ALA A 2473 -29.45 54.47 -31.79
N PHE A 2474 -30.14 55.60 -31.92
CA PHE A 2474 -30.26 56.57 -30.84
C PHE A 2474 -31.63 56.41 -30.17
N ASP A 2475 -31.59 56.24 -28.84
CA ASP A 2475 -32.80 56.14 -28.05
C ASP A 2475 -33.29 57.56 -27.75
N TRP A 2476 -34.39 57.95 -28.40
CA TRP A 2476 -34.89 59.31 -28.28
C TRP A 2476 -35.55 59.54 -26.92
N ILE A 2477 -35.81 58.48 -26.15
CA ILE A 2477 -36.43 58.63 -24.85
C ILE A 2477 -35.35 58.73 -23.76
N ASN A 2478 -34.44 57.76 -23.74
CA ASN A 2478 -33.43 57.65 -22.70
C ASN A 2478 -32.12 58.37 -23.07
N ARG A 2479 -32.04 58.93 -24.28
CA ARG A 2479 -30.91 59.72 -24.75
C ARG A 2479 -29.62 58.91 -24.63
N ARG A 2480 -29.65 57.66 -25.08
CA ARG A 2480 -28.46 56.82 -25.12
C ARG A 2480 -28.23 56.34 -26.55
N ILE A 2481 -26.94 56.23 -26.92
CA ILE A 2481 -26.55 55.82 -28.25
C ILE A 2481 -26.07 54.37 -28.20
N TYR A 2482 -26.70 53.52 -29.01
CA TYR A 2482 -26.35 52.12 -29.11
C TYR A 2482 -25.60 51.88 -30.42
N TYR A 2483 -24.39 51.31 -30.30
CA TYR A 2483 -23.57 51.01 -31.46
C TYR A 2483 -22.99 49.61 -31.36
N SER A 2484 -22.67 49.04 -32.52
CA SER A 2484 -22.17 47.67 -32.61
C SER A 2484 -20.69 47.70 -32.99
N ASP A 2485 -19.81 47.40 -32.03
CA ASP A 2485 -18.38 47.35 -32.27
C ASP A 2485 -18.03 46.01 -32.90
N PHE A 2486 -17.75 46.02 -34.20
CA PHE A 2486 -17.51 44.78 -34.95
C PHE A 2486 -16.13 44.22 -34.60
N SER A 2487 -15.13 45.09 -34.48
CA SER A 2487 -13.77 44.66 -34.17
C SER A 2487 -13.69 44.04 -32.79
N ASN A 2488 -14.39 44.63 -31.80
CA ASN A 2488 -14.36 44.17 -30.42
C ASN A 2488 -15.51 43.19 -30.14
N GLN A 2489 -16.43 43.03 -31.09
CA GLN A 2489 -17.43 41.97 -31.11
C GLN A 2489 -18.50 42.14 -30.04
N THR A 2490 -18.87 43.39 -29.72
CA THR A 2490 -19.93 43.63 -28.75
C THR A 2490 -20.83 44.79 -29.20
N ILE A 2491 -22.04 44.80 -28.64
CA ILE A 2491 -22.94 45.95 -28.74
C ILE A 2491 -22.81 46.78 -27.47
N ASN A 2492 -22.55 48.08 -27.63
CA ASN A 2492 -22.28 48.96 -26.51
C ASN A 2492 -23.26 50.12 -26.52
N SER A 2493 -23.55 50.65 -25.33
CA SER A 2493 -24.46 51.77 -25.14
C SER A 2493 -23.75 52.85 -24.35
N MET A 2494 -23.87 54.11 -24.80
CA MET A 2494 -23.27 55.24 -24.11
C MET A 2494 -24.28 56.39 -24.05
N ALA A 2495 -24.03 57.33 -23.14
CA ALA A 2495 -24.89 58.49 -22.97
C ALA A 2495 -24.74 59.43 -24.16
N GLU A 2496 -25.64 60.40 -24.27
CA GLU A 2496 -25.66 61.36 -25.36
C GLU A 2496 -24.35 62.16 -25.40
N ASP A 2497 -23.76 62.42 -24.23
CA ASP A 2497 -22.54 63.21 -24.14
C ASP A 2497 -21.28 62.37 -24.33
N GLY A 2498 -21.44 61.04 -24.46
CA GLY A 2498 -20.32 60.14 -24.74
C GLY A 2498 -19.68 59.57 -23.48
N SER A 2499 -20.37 59.66 -22.34
CA SER A 2499 -19.84 59.14 -21.08
C SER A 2499 -20.56 57.85 -20.68
N ASN A 2500 -20.05 57.22 -19.61
CA ASN A 2500 -20.63 56.03 -18.99
C ASN A 2500 -21.07 55.01 -20.03
N ARG A 2501 -20.16 54.64 -20.92
CA ARG A 2501 -20.41 53.60 -21.91
C ARG A 2501 -20.50 52.24 -21.21
N ALA A 2502 -21.46 51.42 -21.65
CA ALA A 2502 -21.66 50.10 -21.08
C ALA A 2502 -21.90 49.08 -22.19
N VAL A 2503 -21.60 47.82 -21.89
CA VAL A 2503 -21.73 46.74 -22.85
C VAL A 2503 -23.11 46.10 -22.72
N ILE A 2504 -23.75 45.80 -23.86
CA ILE A 2504 -25.06 45.19 -23.88
C ILE A 2504 -24.93 43.67 -24.03
N ALA A 2505 -24.26 43.23 -25.10
CA ALA A 2505 -24.09 41.81 -25.35
C ALA A 2505 -22.89 41.59 -26.27
N ARG A 2506 -22.40 40.35 -26.28
CA ARG A 2506 -21.31 39.93 -27.15
C ARG A 2506 -21.85 38.97 -28.21
N VAL A 2507 -21.71 39.35 -29.48
CA VAL A 2507 -22.15 38.54 -30.60
C VAL A 2507 -21.01 38.38 -31.59
N SER A 2508 -21.16 37.46 -32.54
CA SER A 2508 -20.13 37.16 -33.52
C SER A 2508 -19.85 38.37 -34.41
N LYS A 2509 -20.85 38.76 -35.21
CA LYS A 2509 -20.70 39.84 -36.17
C LYS A 2509 -21.94 40.71 -36.12
N PRO A 2510 -21.94 41.80 -35.32
CA PRO A 2510 -23.11 42.65 -35.20
C PRO A 2510 -23.24 43.69 -36.30
N ARG A 2511 -24.49 44.12 -36.52
CA ARG A 2511 -24.80 45.15 -37.49
C ARG A 2511 -26.27 45.52 -37.37
N ALA A 2512 -26.59 46.76 -37.77
CA ALA A 2512 -27.96 47.22 -37.98
C ALA A 2512 -28.81 47.10 -36.71
N ILE A 2513 -28.46 47.90 -35.71
CA ILE A 2513 -29.22 47.97 -34.47
C ILE A 2513 -30.46 48.83 -34.69
N VAL A 2514 -31.61 48.34 -34.21
CA VAL A 2514 -32.80 49.16 -34.06
C VAL A 2514 -33.32 48.96 -32.63
N LEU A 2515 -34.10 49.94 -32.17
CA LEU A 2515 -34.61 49.91 -30.81
C LEU A 2515 -36.04 50.46 -30.77
N ASP A 2516 -36.73 50.14 -29.67
CA ASP A 2516 -38.09 50.59 -29.44
C ASP A 2516 -38.24 50.87 -27.95
N PRO A 2517 -37.88 52.08 -27.48
CA PRO A 2517 -37.91 52.38 -26.06
C PRO A 2517 -39.28 52.27 -25.42
N CYS A 2518 -40.34 52.55 -26.18
CA CYS A 2518 -41.69 52.48 -25.65
C CYS A 2518 -42.08 51.07 -25.23
N ARG A 2519 -41.38 50.06 -25.75
CA ARG A 2519 -41.58 48.68 -25.33
C ARG A 2519 -40.32 48.07 -24.71
N GLY A 2520 -39.24 48.85 -24.63
CA GLY A 2520 -38.03 48.40 -23.93
C GLY A 2520 -37.35 47.21 -24.60
N TYR A 2521 -37.40 47.18 -25.94
CA TYR A 2521 -36.74 46.13 -26.70
C TYR A 2521 -35.81 46.73 -27.74
N MET A 2522 -34.67 46.06 -27.95
CA MET A 2522 -33.77 46.42 -29.03
C MET A 2522 -33.50 45.18 -29.90
N TYR A 2523 -33.32 45.42 -31.20
CA TYR A 2523 -33.09 44.37 -32.17
C TYR A 2523 -31.81 44.66 -32.94
N TRP A 2524 -31.10 43.58 -33.27
CA TRP A 2524 -29.87 43.68 -34.05
C TRP A 2524 -29.71 42.44 -34.90
N THR A 2525 -28.81 42.53 -35.89
CA THR A 2525 -28.55 41.43 -36.80
C THR A 2525 -27.12 40.93 -36.61
N ASP A 2526 -26.98 39.61 -36.46
CA ASP A 2526 -25.68 38.96 -36.40
C ASP A 2526 -25.48 38.20 -37.70
N TRP A 2527 -24.45 38.56 -38.46
CA TRP A 2527 -24.23 38.01 -39.79
C TRP A 2527 -23.03 37.05 -39.80
N GLY A 2528 -22.68 36.52 -38.62
CA GLY A 2528 -21.68 35.46 -38.53
C GLY A 2528 -22.30 34.09 -38.79
N THR A 2529 -21.61 33.06 -38.29
CA THR A 2529 -22.11 31.69 -38.36
C THR A 2529 -23.41 31.60 -37.57
N ASN A 2530 -24.41 30.91 -38.17
CA ASN A 2530 -25.76 30.90 -37.64
C ASN A 2530 -26.26 32.35 -37.57
N ALA A 2531 -26.44 32.94 -38.75
CA ALA A 2531 -26.91 34.32 -38.86
C ALA A 2531 -28.36 34.40 -38.40
N LYS A 2532 -28.68 35.41 -37.60
CA LYS A 2532 -30.02 35.57 -37.05
C LYS A 2532 -30.27 37.02 -36.65
N ILE A 2533 -31.54 37.33 -36.36
CA ILE A 2533 -31.94 38.60 -35.78
C ILE A 2533 -32.29 38.35 -34.32
N GLU A 2534 -31.55 39.03 -33.42
CA GLU A 2534 -31.70 38.81 -31.99
C GLU A 2534 -32.49 39.96 -31.37
N ARG A 2535 -33.30 39.63 -30.37
CA ARG A 2535 -34.02 40.61 -29.58
C ARG A 2535 -33.56 40.53 -28.13
N ALA A 2536 -33.34 41.71 -27.53
CA ALA A 2536 -33.03 41.82 -26.13
C ALA A 2536 -33.63 43.12 -25.59
N THR A 2537 -33.78 43.17 -24.27
CA THR A 2537 -34.24 44.37 -23.61
C THR A 2537 -33.16 45.44 -23.69
N LEU A 2538 -33.56 46.70 -23.46
CA LEU A 2538 -32.64 47.81 -23.56
C LEU A 2538 -31.49 47.67 -22.57
N GLY A 2539 -31.69 46.88 -21.50
CA GLY A 2539 -30.62 46.55 -20.57
C GLY A 2539 -29.76 45.38 -21.04
N GLY A 2540 -30.14 44.72 -22.15
CA GLY A 2540 -29.43 43.57 -22.70
C GLY A 2540 -29.85 42.24 -22.08
N ASN A 2541 -30.95 42.23 -21.29
CA ASN A 2541 -31.45 41.01 -20.69
C ASN A 2541 -32.44 40.32 -21.61
N PHE A 2542 -32.60 39.01 -21.38
CA PHE A 2542 -33.52 38.17 -22.16
C PHE A 2542 -33.17 38.23 -23.64
N ARG A 2543 -31.92 37.85 -23.95
CA ARG A 2543 -31.45 37.82 -25.33
C ARG A 2543 -31.99 36.57 -26.03
N VAL A 2544 -32.89 36.77 -26.99
CA VAL A 2544 -33.51 35.67 -27.72
C VAL A 2544 -33.47 35.97 -29.21
N PRO A 2545 -33.35 34.93 -30.06
CA PRO A 2545 -33.44 35.11 -31.51
C PRO A 2545 -34.89 35.20 -32.00
N ILE A 2546 -35.13 36.15 -32.91
CA ILE A 2546 -36.46 36.33 -33.51
C ILE A 2546 -36.59 35.47 -34.76
N VAL A 2547 -35.76 35.73 -35.78
CA VAL A 2547 -35.73 34.92 -36.99
C VAL A 2547 -34.32 34.37 -37.17
N ASN A 2548 -34.22 33.06 -37.42
CA ASN A 2548 -32.94 32.39 -37.37
C ASN A 2548 -32.87 31.18 -38.32
N THR A 2549 -33.74 31.12 -39.32
CA THR A 2549 -33.85 29.92 -40.14
C THR A 2549 -32.91 30.00 -41.34
N SER A 2550 -33.11 31.00 -42.21
CA SER A 2550 -32.48 31.02 -43.53
C SER A 2550 -31.73 32.34 -43.79
N LEU A 2551 -31.39 33.10 -42.74
CA LEU A 2551 -30.67 34.35 -42.95
C LEU A 2551 -29.20 34.05 -43.21
N VAL A 2552 -28.67 34.67 -44.27
CA VAL A 2552 -27.23 34.77 -44.49
C VAL A 2552 -26.95 36.22 -44.88
N TRP A 2553 -26.02 36.84 -44.15
CA TRP A 2553 -25.66 38.24 -44.35
C TRP A 2553 -26.87 39.16 -44.22
N PRO A 2554 -27.52 39.24 -43.03
CA PRO A 2554 -28.53 40.27 -42.81
C PRO A 2554 -27.92 41.64 -42.50
N ASN A 2555 -27.54 42.38 -43.54
CA ASN A 2555 -26.87 43.65 -43.35
C ASN A 2555 -27.81 44.73 -42.81
N GLY A 2556 -29.07 44.72 -43.26
CA GLY A 2556 -30.00 45.81 -42.97
C GLY A 2556 -31.09 45.38 -42.01
N LEU A 2557 -31.55 46.31 -41.15
CA LEU A 2557 -32.67 46.08 -40.27
C LEU A 2557 -33.40 47.40 -40.03
N ALA A 2558 -34.73 47.35 -40.13
CA ALA A 2558 -35.55 48.53 -39.93
C ALA A 2558 -36.83 48.14 -39.19
N LEU A 2559 -37.40 49.11 -38.48
CA LEU A 2559 -38.61 48.91 -37.69
C LEU A 2559 -39.61 50.02 -38.03
N ASP A 2560 -40.85 49.61 -38.27
CA ASP A 2560 -41.94 50.52 -38.57
C ASP A 2560 -42.84 50.62 -37.34
N LEU A 2561 -42.76 51.76 -36.64
CA LEU A 2561 -43.57 51.99 -35.45
C LEU A 2561 -45.05 52.11 -35.80
N GLU A 2562 -45.38 52.52 -37.05
CA GLU A 2562 -46.75 52.78 -37.44
C GLU A 2562 -47.55 51.48 -37.48
N THR A 2563 -46.92 50.38 -37.91
CA THR A 2563 -47.61 49.10 -38.05
C THR A 2563 -46.93 47.99 -37.25
N ASP A 2564 -45.81 48.28 -36.56
CA ASP A 2564 -45.13 47.34 -35.69
C ASP A 2564 -44.67 46.10 -36.47
N LEU A 2565 -44.19 46.30 -37.70
CA LEU A 2565 -43.55 45.25 -38.47
C LEU A 2565 -42.04 45.47 -38.50
N LEU A 2566 -41.31 44.36 -38.66
CA LEU A 2566 -39.86 44.39 -38.73
C LEU A 2566 -39.41 44.05 -40.16
N TYR A 2567 -38.51 44.88 -40.69
CA TYR A 2567 -37.94 44.67 -42.01
C TYR A 2567 -36.45 44.37 -41.89
N TRP A 2568 -35.95 43.54 -42.80
CA TRP A 2568 -34.53 43.27 -42.88
C TRP A 2568 -34.15 42.92 -44.32
N ALA A 2569 -32.85 43.03 -44.62
CA ALA A 2569 -32.34 42.77 -45.95
C ALA A 2569 -31.15 41.82 -45.85
N ASP A 2570 -31.08 40.88 -46.79
CA ASP A 2570 -29.98 39.92 -46.86
C ASP A 2570 -29.12 40.22 -48.08
N ALA A 2571 -27.80 40.25 -47.88
CA ALA A 2571 -26.85 40.57 -48.95
C ALA A 2571 -26.68 39.37 -49.90
N SER A 2572 -26.62 38.15 -49.33
CA SER A 2572 -26.37 36.95 -50.12
C SER A 2572 -27.67 36.42 -50.74
N LEU A 2573 -28.75 36.32 -49.94
CA LEU A 2573 -30.04 35.91 -50.46
C LEU A 2573 -30.62 36.96 -51.40
N GLN A 2574 -30.17 38.22 -51.27
CA GLN A 2574 -30.58 39.32 -52.13
C GLN A 2574 -32.10 39.47 -52.10
N LYS A 2575 -32.64 39.70 -50.88
CA LYS A 2575 -34.06 39.93 -50.72
C LYS A 2575 -34.30 40.74 -49.45
N ILE A 2576 -35.46 41.41 -49.43
CA ILE A 2576 -35.90 42.17 -48.28
C ILE A 2576 -37.18 41.52 -47.75
N GLU A 2577 -37.18 41.20 -46.45
CA GLU A 2577 -38.27 40.46 -45.85
C GLU A 2577 -38.90 41.27 -44.71
N ARG A 2578 -40.21 41.06 -44.53
CA ARG A 2578 -40.96 41.67 -43.45
C ARG A 2578 -41.55 40.57 -42.57
N SER A 2579 -41.86 40.94 -41.33
CA SER A 2579 -42.47 40.02 -40.36
C SER A 2579 -43.01 40.84 -39.19
N THR A 2580 -43.79 40.19 -38.33
CA THR A 2580 -44.17 40.79 -37.07
C THR A 2580 -42.96 40.83 -36.14
N LEU A 2581 -43.09 41.58 -35.05
CA LEU A 2581 -42.00 41.70 -34.08
C LEU A 2581 -41.65 40.33 -33.49
N THR A 2582 -42.62 39.43 -33.41
CA THR A 2582 -42.38 38.06 -32.96
C THR A 2582 -41.78 37.20 -34.06
N GLY A 2583 -41.79 37.68 -35.31
CA GLY A 2583 -41.23 36.96 -36.44
C GLY A 2583 -42.15 35.86 -36.99
N THR A 2584 -43.46 36.00 -36.79
CA THR A 2584 -44.40 34.96 -37.20
C THR A 2584 -44.75 35.13 -38.68
N ASN A 2585 -45.34 36.28 -39.04
CA ASN A 2585 -45.90 36.48 -40.37
C ASN A 2585 -44.79 36.86 -41.36
N ARG A 2586 -43.82 35.95 -41.51
CA ARG A 2586 -42.67 36.22 -42.37
C ARG A 2586 -43.12 36.25 -43.83
N GLU A 2587 -42.62 37.24 -44.58
CA GLU A 2587 -42.95 37.41 -45.99
C GLU A 2587 -41.79 38.07 -46.71
N VAL A 2588 -41.81 38.00 -48.04
CA VAL A 2588 -40.78 38.62 -48.86
C VAL A 2588 -41.38 39.87 -49.53
N VAL A 2589 -40.70 41.01 -49.33
CA VAL A 2589 -41.17 42.27 -49.87
C VAL A 2589 -40.57 42.49 -51.25
N VAL A 2590 -39.23 42.35 -51.34
CA VAL A 2590 -38.51 42.50 -52.59
C VAL A 2590 -37.75 41.21 -52.84
N SER A 2591 -37.99 40.59 -54.00
CA SER A 2591 -37.45 39.28 -54.37
C SER A 2591 -36.02 39.32 -54.91
N THR A 2592 -35.48 40.51 -55.25
CA THR A 2592 -34.09 40.74 -55.64
C THR A 2592 -33.68 42.14 -55.24
N ALA A 2593 -32.72 42.31 -54.32
CA ALA A 2593 -32.27 43.63 -53.88
C ALA A 2593 -30.75 43.78 -53.95
N PHE A 2594 -30.05 42.84 -54.59
CA PHE A 2594 -28.60 42.91 -54.76
C PHE A 2594 -27.92 42.98 -53.39
N HIS A 2595 -26.75 43.60 -53.33
CA HIS A 2595 -25.94 43.65 -52.13
C HIS A 2595 -26.38 44.82 -51.25
N SER A 2596 -27.59 44.70 -50.70
CA SER A 2596 -28.14 45.74 -49.85
C SER A 2596 -27.36 45.81 -48.53
N PHE A 2597 -27.10 47.04 -48.07
CA PHE A 2597 -26.37 47.25 -46.83
C PHE A 2597 -27.28 47.90 -45.79
N GLY A 2598 -27.80 49.07 -46.13
CA GLY A 2598 -28.67 49.81 -45.22
C GLY A 2598 -30.14 49.63 -45.61
N LEU A 2599 -31.03 49.90 -44.65
CA LEU A 2599 -32.47 49.82 -44.87
C LEU A 2599 -33.16 50.80 -43.94
N THR A 2600 -34.22 51.45 -44.43
CA THR A 2600 -34.98 52.43 -43.67
C THR A 2600 -36.36 52.55 -44.30
N VAL A 2601 -37.40 52.54 -43.46
CA VAL A 2601 -38.77 52.64 -43.92
C VAL A 2601 -39.36 53.95 -43.45
N TYR A 2602 -39.91 54.72 -44.38
CA TYR A 2602 -40.68 55.91 -44.06
C TYR A 2602 -41.89 56.01 -44.98
N GLY A 2603 -43.04 56.34 -44.38
CA GLY A 2603 -44.28 56.44 -45.13
C GLY A 2603 -44.67 55.07 -45.70
N GLN A 2604 -44.82 55.01 -47.03
CA GLN A 2604 -45.29 53.81 -47.71
C GLN A 2604 -44.16 53.08 -48.44
N TYR A 2605 -42.90 53.50 -48.25
CA TYR A 2605 -41.80 52.95 -49.03
C TYR A 2605 -40.66 52.55 -48.11
N ILE A 2606 -39.86 51.58 -48.59
CA ILE A 2606 -38.65 51.15 -47.92
C ILE A 2606 -37.47 51.51 -48.79
N TYR A 2607 -36.52 52.24 -48.21
CA TYR A 2607 -35.34 52.73 -48.91
C TYR A 2607 -34.14 51.90 -48.48
N TRP A 2608 -33.33 51.47 -49.44
CA TRP A 2608 -32.14 50.69 -49.11
C TRP A 2608 -31.02 51.03 -50.08
N THR A 2609 -29.79 51.07 -49.56
CA THR A 2609 -28.61 51.30 -50.38
C THR A 2609 -28.09 49.96 -50.88
N ASP A 2610 -27.61 49.95 -52.13
CA ASP A 2610 -27.05 48.74 -52.74
C ASP A 2610 -25.55 48.97 -52.98
N LEU A 2611 -24.72 48.05 -52.48
CA LEU A 2611 -23.28 48.16 -52.63
C LEU A 2611 -22.83 47.76 -54.04
N TYR A 2612 -23.53 46.80 -54.66
CA TYR A 2612 -23.12 46.29 -55.96
C TYR A 2612 -23.37 47.34 -57.04
N THR A 2613 -24.63 47.76 -57.23
CA THR A 2613 -24.96 48.89 -58.06
C THR A 2613 -25.13 50.08 -57.12
N ARG A 2614 -24.15 50.98 -57.15
CA ARG A 2614 -23.99 52.01 -56.15
C ARG A 2614 -25.15 53.02 -56.22
N LYS A 2615 -26.37 52.59 -55.88
CA LYS A 2615 -27.56 53.43 -55.97
C LYS A 2615 -28.36 53.30 -54.68
N ILE A 2616 -29.37 54.16 -54.52
CA ILE A 2616 -30.37 54.00 -53.48
C ILE A 2616 -31.68 53.69 -54.18
N TYR A 2617 -32.38 52.64 -53.73
CA TYR A 2617 -33.63 52.22 -54.32
C TYR A 2617 -34.78 52.46 -53.33
N ARG A 2618 -36.01 52.33 -53.83
CA ARG A 2618 -37.18 52.31 -52.98
C ARG A 2618 -38.22 51.37 -53.58
N ALA A 2619 -39.13 50.91 -52.72
CA ALA A 2619 -40.24 50.06 -53.13
C ALA A 2619 -41.33 50.16 -52.09
N ASN A 2620 -42.55 49.77 -52.49
CA ASN A 2620 -43.68 49.80 -51.59
C ASN A 2620 -43.44 48.84 -50.43
N LYS A 2621 -43.72 49.29 -49.21
CA LYS A 2621 -43.37 48.55 -48.01
C LYS A 2621 -44.18 47.24 -47.89
N TYR A 2622 -45.33 47.15 -48.57
CA TYR A 2622 -46.18 45.98 -48.44
C TYR A 2622 -45.79 44.88 -49.43
N ASP A 2623 -45.61 45.24 -50.71
CA ASP A 2623 -45.46 44.23 -51.75
C ASP A 2623 -44.27 44.48 -52.66
N GLY A 2624 -43.46 45.52 -52.41
CA GLY A 2624 -42.27 45.76 -53.20
C GLY A 2624 -42.56 46.34 -54.59
N SER A 2625 -43.74 46.93 -54.78
CA SER A 2625 -44.06 47.56 -56.06
C SER A 2625 -43.39 48.93 -56.15
N ASP A 2626 -43.45 49.52 -57.35
CA ASP A 2626 -42.92 50.86 -57.63
C ASP A 2626 -41.44 50.92 -57.29
N LEU A 2627 -40.69 49.90 -57.74
CA LEU A 2627 -39.26 49.86 -57.47
C LEU A 2627 -38.55 50.80 -58.45
N VAL A 2628 -37.94 51.86 -57.89
CA VAL A 2628 -37.21 52.85 -58.67
C VAL A 2628 -35.90 53.15 -57.96
N ALA A 2629 -34.96 53.71 -58.72
CA ALA A 2629 -33.66 54.11 -58.21
C ALA A 2629 -33.68 55.62 -57.97
N MET A 2630 -33.41 56.01 -56.72
CA MET A 2630 -33.46 57.40 -56.28
C MET A 2630 -32.25 58.17 -56.79
N THR A 2631 -31.09 57.49 -56.93
CA THR A 2631 -29.83 58.11 -57.33
C THR A 2631 -29.27 57.44 -58.58
N THR A 2632 -28.42 58.15 -59.33
CA THR A 2632 -27.60 57.54 -60.36
C THR A 2632 -26.53 56.68 -59.70
N ARG A 2633 -25.67 56.07 -60.52
CA ARG A 2633 -24.57 55.29 -59.97
C ARG A 2633 -23.59 56.24 -59.29
N LEU A 2634 -23.53 56.16 -57.96
CA LEU A 2634 -22.68 57.03 -57.15
C LEU A 2634 -21.22 56.60 -57.29
N PRO A 2635 -20.23 57.51 -57.13
CA PRO A 2635 -18.82 57.17 -57.32
C PRO A 2635 -18.28 56.12 -56.35
N THR A 2636 -18.58 56.25 -55.05
CA THR A 2636 -18.23 55.23 -54.05
C THR A 2636 -19.49 54.45 -53.66
N GLN A 2637 -19.33 53.34 -52.92
CA GLN A 2637 -20.48 52.56 -52.49
C GLN A 2637 -21.22 53.28 -51.37
N PRO A 2638 -22.56 53.53 -51.49
CA PRO A 2638 -23.33 54.13 -50.41
C PRO A 2638 -23.62 53.11 -49.31
N SER A 2639 -23.34 53.51 -48.06
CA SER A 2639 -23.51 52.66 -46.89
C SER A 2639 -24.25 53.46 -45.83
N GLY A 2640 -25.20 52.83 -45.12
CA GLY A 2640 -25.91 53.50 -44.04
C GLY A 2640 -26.91 54.54 -44.55
N ILE A 2641 -28.09 54.52 -43.94
CA ILE A 2641 -29.20 55.32 -44.40
C ILE A 2641 -30.09 55.60 -43.20
N SER A 2642 -30.72 56.79 -43.17
CA SER A 2642 -31.71 57.13 -42.16
C SER A 2642 -32.64 58.18 -42.75
N THR A 2643 -33.83 58.31 -42.18
CA THR A 2643 -34.60 59.52 -42.39
C THR A 2643 -34.21 60.59 -41.36
N VAL A 2644 -34.45 61.84 -41.75
CA VAL A 2644 -34.56 62.98 -40.87
C VAL A 2644 -36.04 63.34 -40.81
N VAL A 2645 -36.65 63.24 -39.62
CA VAL A 2645 -38.07 63.51 -39.43
C VAL A 2645 -38.21 64.58 -38.36
N LYS A 2646 -39.01 65.61 -38.65
CA LYS A 2646 -39.15 66.76 -37.76
C LYS A 2646 -40.18 66.48 -36.67
N THR A 2647 -41.25 65.75 -37.01
CA THR A 2647 -42.31 65.42 -36.06
C THR A 2647 -41.77 64.43 -35.03
N GLN A 2648 -42.11 64.67 -33.75
CA GLN A 2648 -41.70 63.81 -32.66
C GLN A 2648 -42.28 62.41 -32.84
N ARG A 2649 -41.45 61.39 -32.66
CA ARG A 2649 -41.86 60.00 -32.76
C ARG A 2649 -42.64 59.63 -31.50
N GLN A 2650 -43.02 58.34 -31.39
CA GLN A 2650 -43.77 57.84 -30.25
C GLN A 2650 -43.01 58.15 -28.95
N GLN A 2651 -43.75 58.68 -27.97
CA GLN A 2651 -43.18 59.10 -26.70
C GLN A 2651 -43.83 58.31 -25.57
N CYS A 2652 -43.01 57.88 -24.60
CA CYS A 2652 -43.49 57.20 -23.42
C CYS A 2652 -42.75 57.72 -22.19
N SER A 2653 -43.41 57.61 -21.03
CA SER A 2653 -42.84 58.04 -19.76
C SER A 2653 -41.68 57.11 -19.38
N ASN A 2654 -40.48 57.69 -19.22
CA ASN A 2654 -39.28 56.92 -18.92
C ASN A 2654 -39.10 56.77 -17.40
N PRO A 2655 -39.12 55.56 -16.80
CA PRO A 2655 -38.89 55.39 -15.37
C PRO A 2655 -37.49 55.80 -14.91
N CYS A 2656 -36.49 55.77 -15.81
CA CYS A 2656 -35.16 56.28 -15.51
C CYS A 2656 -35.12 57.82 -15.36
N ASP A 2657 -36.18 58.53 -15.79
CA ASP A 2657 -36.29 59.97 -15.64
C ASP A 2657 -36.66 60.37 -14.21
N GLN A 2658 -37.06 59.40 -13.35
CA GLN A 2658 -37.35 59.65 -11.94
C GLN A 2658 -36.33 58.91 -11.06
N PHE A 2659 -35.48 59.68 -10.33
CA PHE A 2659 -34.46 59.17 -9.40
C PHE A 2659 -33.62 58.04 -10.01
N ASN A 2660 -33.25 58.19 -11.29
CA ASN A 2660 -32.45 57.22 -12.05
C ASN A 2660 -33.06 55.80 -11.99
N GLY A 2661 -34.40 55.69 -11.92
CA GLY A 2661 -35.09 54.41 -11.77
C GLY A 2661 -34.69 53.60 -10.52
N GLY A 2662 -34.06 54.28 -9.55
CA GLY A 2662 -33.48 53.64 -8.39
C GLY A 2662 -32.13 52.95 -8.64
N CYS A 2663 -31.68 52.85 -9.90
CA CYS A 2663 -30.42 52.21 -10.22
C CYS A 2663 -29.23 53.06 -9.75
N SER A 2664 -28.15 52.36 -9.40
CA SER A 2664 -26.89 52.94 -8.94
C SER A 2664 -26.11 53.70 -10.01
N HIS A 2665 -26.11 53.21 -11.26
CA HIS A 2665 -25.29 53.78 -12.34
C HIS A 2665 -26.14 54.09 -13.58
N ILE A 2666 -26.20 53.13 -14.51
CA ILE A 2666 -26.79 53.32 -15.83
C ILE A 2666 -28.11 52.56 -15.90
N CYS A 2667 -29.16 53.15 -16.47
CA CYS A 2667 -30.40 52.39 -16.65
C CYS A 2667 -31.10 52.75 -17.95
N ALA A 2668 -31.97 51.83 -18.42
CA ALA A 2668 -32.80 52.02 -19.59
C ALA A 2668 -34.20 51.47 -19.33
N PRO A 2669 -35.26 52.05 -19.94
CA PRO A 2669 -36.62 51.56 -19.75
C PRO A 2669 -36.78 50.18 -20.39
N GLY A 2670 -36.93 49.15 -19.54
CA GLY A 2670 -37.20 47.81 -20.02
C GLY A 2670 -38.67 47.62 -20.39
N PRO A 2671 -39.06 46.39 -20.78
CA PRO A 2671 -40.46 46.10 -21.13
C PRO A 2671 -41.43 46.34 -19.97
N ASN A 2672 -40.96 46.12 -18.73
CA ASN A 2672 -41.80 46.25 -17.55
C ASN A 2672 -41.38 47.46 -16.71
N GLY A 2673 -40.07 47.71 -16.63
CA GLY A 2673 -39.56 48.82 -15.84
C GLY A 2673 -38.09 49.09 -16.10
N ALA A 2674 -37.52 50.07 -15.40
CA ALA A 2674 -36.12 50.44 -15.58
C ALA A 2674 -35.19 49.26 -15.27
N GLU A 2675 -34.30 48.94 -16.20
CA GLU A 2675 -33.29 47.92 -16.00
C GLU A 2675 -31.95 48.59 -15.68
N CYS A 2676 -31.38 48.26 -14.51
CA CYS A 2676 -30.08 48.77 -14.13
C CYS A 2676 -28.99 48.06 -14.93
N GLN A 2677 -27.84 48.73 -15.06
CA GLN A 2677 -26.72 48.20 -15.82
C GLN A 2677 -25.43 48.74 -15.23
N CYS A 2678 -24.32 48.02 -15.48
CA CYS A 2678 -23.02 48.35 -14.92
C CYS A 2678 -22.11 48.87 -16.03
N PRO A 2679 -21.13 49.76 -15.71
CA PRO A 2679 -20.22 50.30 -16.72
C PRO A 2679 -19.38 49.22 -17.42
N HIS A 2680 -18.75 49.63 -18.52
CA HIS A 2680 -17.99 48.72 -19.36
C HIS A 2680 -16.65 48.35 -18.70
N GLU A 2681 -16.15 49.20 -17.78
CA GLU A 2681 -14.85 48.97 -17.15
C GLU A 2681 -15.06 48.41 -15.76
N GLY A 2682 -14.30 47.36 -15.43
CA GLY A 2682 -14.37 46.72 -14.12
C GLY A 2682 -15.31 45.52 -14.13
N ASN A 2683 -15.18 44.68 -13.10
CA ASN A 2683 -16.01 43.50 -12.93
C ASN A 2683 -17.08 43.79 -11.88
N TRP A 2684 -18.35 43.67 -12.28
CA TRP A 2684 -19.46 44.04 -11.42
C TRP A 2684 -20.50 42.92 -11.41
N TYR A 2685 -21.43 43.02 -10.45
CA TYR A 2685 -22.57 42.12 -10.38
C TYR A 2685 -23.76 42.91 -9.83
N LEU A 2686 -24.96 42.54 -10.30
CA LEU A 2686 -26.18 43.27 -9.96
C LEU A 2686 -26.66 42.80 -8.59
N ALA A 2687 -26.11 43.42 -7.55
CA ALA A 2687 -26.52 43.15 -6.18
C ALA A 2687 -27.76 43.99 -5.82
N ASN A 2688 -28.33 43.68 -4.64
CA ASN A 2688 -29.39 44.45 -4.01
C ASN A 2688 -30.59 44.61 -4.95
N ASP A 2689 -31.25 43.47 -5.26
CA ASP A 2689 -32.44 43.44 -6.10
C ASP A 2689 -32.15 44.04 -7.48
N ASN A 2690 -30.95 43.76 -8.00
CA ASN A 2690 -30.50 44.21 -9.32
C ASN A 2690 -30.49 45.74 -9.45
N LYS A 2691 -30.39 46.49 -8.34
CA LYS A 2691 -30.32 47.96 -8.38
C LYS A 2691 -28.88 48.46 -8.21
N TYR A 2692 -28.05 47.76 -7.41
CA TYR A 2692 -26.70 48.23 -7.12
C TYR A 2692 -25.67 47.42 -7.90
N CYS A 2693 -24.87 48.09 -8.72
CA CYS A 2693 -23.70 47.47 -9.32
C CYS A 2693 -22.55 47.50 -8.31
N VAL A 2694 -22.12 46.33 -7.86
CA VAL A 2694 -21.05 46.21 -6.89
C VAL A 2694 -19.93 45.36 -7.49
N VAL A 2695 -18.71 45.59 -7.01
CA VAL A 2695 -17.54 44.89 -7.52
C VAL A 2695 -17.70 43.39 -7.28
N ASP A 2696 -17.40 42.61 -8.30
CA ASP A 2696 -17.57 41.16 -8.28
C ASP A 2696 -16.34 40.51 -7.63
N THR A 2697 -16.27 40.57 -6.30
CA THR A 2697 -15.18 39.97 -5.54
C THR A 2697 -15.54 38.55 -5.08
N GLY A 2698 -16.76 38.11 -5.38
CA GLY A 2698 -17.20 36.76 -5.04
C GLY A 2698 -17.78 36.65 -3.63
N THR A 2699 -17.77 37.75 -2.87
CA THR A 2699 -18.30 37.76 -1.51
C THR A 2699 -19.80 38.05 -1.52
N ARG A 2700 -20.56 37.08 -2.05
CA ARG A 2700 -22.00 37.17 -2.08
C ARG A 2700 -22.53 37.12 -0.65
N CYS A 2701 -23.51 37.98 -0.35
CA CYS A 2701 -23.96 38.16 1.02
C CYS A 2701 -25.49 37.96 1.12
N ASN A 2702 -25.97 37.80 2.35
CA ASN A 2702 -27.24 37.16 2.62
C ASN A 2702 -28.42 38.07 2.26
N GLN A 2703 -29.59 37.43 2.09
CA GLN A 2703 -30.86 38.13 1.89
C GLN A 2703 -31.24 38.92 3.14
N LEU A 2704 -30.70 38.54 4.30
CA LEU A 2704 -30.91 39.28 5.55
C LEU A 2704 -29.96 40.48 5.66
N GLN A 2705 -29.36 40.90 4.55
CA GLN A 2705 -28.40 42.01 4.55
C GLN A 2705 -28.62 42.91 3.34
N PHE A 2706 -28.22 44.17 3.48
CA PHE A 2706 -28.24 45.17 2.40
C PHE A 2706 -26.80 45.42 1.97
N THR A 2707 -26.52 45.19 0.69
CA THR A 2707 -25.17 45.31 0.15
C THR A 2707 -24.86 46.77 -0.14
N CYS A 2708 -23.67 47.22 0.31
CA CYS A 2708 -23.23 48.59 0.09
C CYS A 2708 -22.41 48.64 -1.20
N LEU A 2709 -22.15 49.86 -1.68
CA LEU A 2709 -21.23 50.05 -2.80
C LEU A 2709 -19.81 49.65 -2.38
N ASN A 2710 -19.51 49.70 -1.07
CA ASN A 2710 -18.21 49.30 -0.56
C ASN A 2710 -18.13 47.78 -0.32
N GLY A 2711 -19.22 47.06 -0.57
CA GLY A 2711 -19.26 45.61 -0.36
C GLY A 2711 -19.68 45.22 1.05
N HIS A 2712 -19.86 46.20 1.95
CA HIS A 2712 -20.26 45.94 3.32
C HIS A 2712 -21.76 45.62 3.36
N CYS A 2713 -22.13 44.48 3.95
CA CYS A 2713 -23.53 44.11 4.06
C CYS A 2713 -24.04 44.29 5.50
N ILE A 2714 -24.52 45.50 5.80
CA ILE A 2714 -25.35 45.75 6.98
C ILE A 2714 -26.60 44.85 6.93
N ASN A 2715 -27.31 44.64 8.05
CA ASN A 2715 -28.58 43.92 8.01
C ASN A 2715 -29.57 44.69 7.12
N GLN A 2716 -30.62 44.04 6.59
CA GLN A 2716 -31.52 44.68 5.63
C GLN A 2716 -32.30 45.89 6.19
N ASP A 2717 -32.47 46.02 7.53
CA ASP A 2717 -33.21 47.13 8.12
C ASP A 2717 -32.43 48.45 8.13
N TRP A 2718 -31.10 48.42 7.94
CA TRP A 2718 -30.25 49.59 8.10
C TRP A 2718 -30.12 50.43 6.81
N LYS A 2719 -31.16 50.45 5.96
CA LYS A 2719 -31.29 51.44 4.89
C LYS A 2719 -32.30 52.53 5.29
N CYS A 2720 -32.23 53.68 4.60
CA CYS A 2720 -33.22 54.75 4.63
C CYS A 2720 -33.68 55.14 6.05
N ASP A 2721 -32.74 55.14 7.00
CA ASP A 2721 -32.99 55.37 8.41
C ASP A 2721 -32.24 56.61 8.91
N ASN A 2722 -31.64 57.36 7.97
CA ASN A 2722 -30.73 58.50 8.13
C ASN A 2722 -29.59 58.28 9.14
N ASP A 2723 -29.23 57.03 9.43
CA ASP A 2723 -27.90 56.69 9.95
C ASP A 2723 -27.07 56.16 8.78
N ASN A 2724 -25.84 56.66 8.63
CA ASN A 2724 -24.98 56.22 7.54
C ASN A 2724 -24.25 54.95 7.96
N ASP A 2725 -24.94 53.80 7.91
CA ASP A 2725 -24.41 52.55 8.43
C ASP A 2725 -23.34 51.92 7.52
N CYS A 2726 -23.27 52.35 6.25
CA CYS A 2726 -22.14 52.06 5.38
C CYS A 2726 -20.91 52.93 5.67
N GLY A 2727 -21.08 53.96 6.51
CA GLY A 2727 -20.18 55.12 6.51
C GLY A 2727 -20.48 56.06 5.34
N ASP A 2728 -20.40 55.55 4.10
CA ASP A 2728 -20.43 56.38 2.90
C ASP A 2728 -21.81 56.96 2.59
N GLY A 2729 -22.89 56.43 3.19
CA GLY A 2729 -24.25 56.90 2.94
C GLY A 2729 -24.90 56.34 1.67
N SER A 2730 -24.26 55.35 1.02
CA SER A 2730 -24.93 54.57 -0.03
C SER A 2730 -26.28 54.02 0.42
N ASP A 2731 -26.37 53.60 1.70
CA ASP A 2731 -27.58 53.06 2.33
C ASP A 2731 -28.68 54.11 2.53
N GLU A 2732 -28.33 55.40 2.35
CA GLU A 2732 -29.19 56.52 2.70
C GLU A 2732 -29.44 57.46 1.50
N LEU A 2733 -29.13 57.00 0.27
CA LEU A 2733 -29.34 57.80 -0.93
C LEU A 2733 -30.81 57.86 -1.33
N PRO A 2734 -31.28 59.01 -1.89
CA PRO A 2734 -32.65 59.13 -2.41
C PRO A 2734 -33.04 58.09 -3.44
N THR A 2735 -32.05 57.55 -4.20
CA THR A 2735 -32.29 56.50 -5.21
C THR A 2735 -33.07 55.32 -4.62
N VAL A 2736 -32.72 54.91 -3.38
CA VAL A 2736 -33.44 53.85 -2.69
C VAL A 2736 -34.62 54.41 -1.89
N CYS A 2737 -34.44 55.52 -1.17
CA CYS A 2737 -35.43 55.97 -0.19
C CYS A 2737 -36.69 56.58 -0.83
N ALA A 2738 -36.60 57.03 -2.09
CA ALA A 2738 -37.76 57.51 -2.83
C ALA A 2738 -38.64 56.35 -3.33
N PHE A 2739 -38.10 55.12 -3.34
CA PHE A 2739 -38.83 53.93 -3.79
C PHE A 2739 -38.67 52.80 -2.77
N HIS A 2740 -39.23 53.05 -1.58
CA HIS A 2740 -39.12 52.19 -0.40
C HIS A 2740 -40.33 52.42 0.51
N THR A 2741 -40.71 51.42 1.33
CA THR A 2741 -41.58 51.67 2.46
C THR A 2741 -41.05 50.99 3.72
N CYS A 2742 -41.47 51.49 4.88
CA CYS A 2742 -40.98 50.93 6.13
C CYS A 2742 -41.63 49.56 6.42
N ARG A 2743 -40.87 48.69 7.10
CA ARG A 2743 -41.45 47.53 7.77
C ARG A 2743 -42.57 48.00 8.72
N SER A 2744 -43.66 47.24 8.78
CA SER A 2744 -44.88 47.65 9.48
C SER A 2744 -44.62 48.01 10.95
N THR A 2745 -43.59 47.38 11.56
CA THR A 2745 -43.24 47.57 12.96
C THR A 2745 -42.44 48.85 13.25
N ALA A 2746 -41.94 49.54 12.22
CA ALA A 2746 -41.20 50.79 12.40
C ALA A 2746 -42.13 52.01 12.39
N PHE A 2747 -41.66 53.12 12.96
CA PHE A 2747 -42.30 54.42 12.77
C PHE A 2747 -41.80 55.04 11.47
N THR A 2748 -42.65 55.83 10.77
CA THR A 2748 -42.27 56.47 9.52
C THR A 2748 -42.23 58.00 9.70
N CYS A 2749 -41.07 58.60 9.40
CA CYS A 2749 -40.87 60.04 9.50
C CYS A 2749 -41.63 60.78 8.39
N GLY A 2750 -41.89 62.08 8.58
CA GLY A 2750 -42.54 62.93 7.57
C GLY A 2750 -41.81 62.96 6.22
N ASN A 2751 -40.48 62.88 6.26
CA ASN A 2751 -39.62 62.82 5.08
C ASN A 2751 -39.54 61.42 4.45
N GLY A 2752 -40.25 60.42 4.99
CA GLY A 2752 -40.25 59.07 4.45
C GLY A 2752 -39.14 58.15 4.98
N ARG A 2753 -38.18 58.68 5.78
CA ARG A 2753 -37.19 57.84 6.45
C ARG A 2753 -37.88 56.95 7.49
N CYS A 2754 -37.40 55.71 7.63
CA CYS A 2754 -37.89 54.79 8.64
C CYS A 2754 -37.11 54.96 9.94
N VAL A 2755 -37.72 54.62 11.08
CA VAL A 2755 -37.01 54.70 12.35
C VAL A 2755 -37.59 53.67 13.34
N PRO A 2756 -36.75 52.94 14.13
CA PRO A 2756 -37.26 52.02 15.15
C PRO A 2756 -38.28 52.67 16.07
N TYR A 2757 -39.36 51.94 16.38
CA TYR A 2757 -40.52 52.59 16.98
C TYR A 2757 -40.21 53.17 18.36
N HIS A 2758 -39.34 52.52 19.14
CA HIS A 2758 -39.00 53.00 20.47
C HIS A 2758 -38.35 54.39 20.49
N TYR A 2759 -37.81 54.84 19.35
CA TYR A 2759 -37.30 56.21 19.23
C TYR A 2759 -38.42 57.25 19.06
N ARG A 2760 -39.70 56.87 19.16
CA ARG A 2760 -40.78 57.85 19.15
C ARG A 2760 -40.90 58.52 20.52
N CYS A 2761 -40.90 59.86 20.58
CA CYS A 2761 -41.03 60.64 21.80
C CYS A 2761 -40.02 60.18 22.85
N ASP A 2762 -38.74 60.28 22.49
CA ASP A 2762 -37.64 59.85 23.36
C ASP A 2762 -36.68 60.99 23.67
N TYR A 2763 -37.07 62.24 23.39
CA TYR A 2763 -36.22 63.42 23.58
C TYR A 2763 -34.98 63.41 22.69
N TYR A 2764 -35.00 62.63 21.60
CA TYR A 2764 -33.92 62.64 20.62
C TYR A 2764 -34.50 62.84 19.22
N ASN A 2765 -33.83 63.67 18.42
CA ASN A 2765 -34.26 63.95 17.07
C ASN A 2765 -33.61 62.91 16.15
N ASP A 2766 -34.30 61.76 15.98
CA ASP A 2766 -33.82 60.66 15.15
C ASP A 2766 -34.28 60.78 13.70
N CYS A 2767 -35.46 61.37 13.44
CA CYS A 2767 -35.91 61.60 12.06
C CYS A 2767 -35.12 62.72 11.37
N GLY A 2768 -34.38 63.55 12.13
CA GLY A 2768 -33.80 64.79 11.62
C GLY A 2768 -34.83 65.93 11.52
N ASP A 2769 -36.00 65.66 10.93
CA ASP A 2769 -37.10 66.61 10.85
C ASP A 2769 -38.00 66.60 12.10
N ASN A 2770 -37.58 65.87 13.15
CA ASN A 2770 -38.13 65.96 14.49
C ASN A 2770 -39.59 65.50 14.56
N SER A 2771 -40.08 64.75 13.55
CA SER A 2771 -41.46 64.25 13.57
C SER A 2771 -41.63 63.14 14.61
N ASP A 2772 -40.56 62.36 14.89
CA ASP A 2772 -40.59 61.37 15.96
C ASP A 2772 -40.86 62.01 17.32
N GLU A 2773 -40.58 63.31 17.49
CA GLU A 2773 -40.85 64.00 18.75
C GLU A 2773 -42.05 64.95 18.65
N ALA A 2774 -42.81 64.89 17.55
CA ALA A 2774 -43.90 65.83 17.33
C ALA A 2774 -45.14 65.39 18.09
N GLY A 2775 -45.77 66.35 18.80
CA GLY A 2775 -47.06 66.15 19.46
C GLY A 2775 -46.99 65.13 20.59
N CYS A 2776 -45.89 65.13 21.36
CA CYS A 2776 -45.77 64.25 22.51
C CYS A 2776 -46.11 65.02 23.78
N LEU A 2777 -46.99 64.44 24.60
CA LEU A 2777 -47.41 65.07 25.86
C LEU A 2777 -46.38 64.76 26.94
N PHE A 2778 -45.27 65.49 26.92
CA PHE A 2778 -44.17 65.25 27.85
C PHE A 2778 -44.56 65.66 29.27
N ARG A 2779 -43.86 65.05 30.24
CA ARG A 2779 -44.10 65.27 31.66
C ARG A 2779 -43.54 66.63 32.08
N ASN A 2780 -44.28 67.29 32.97
CA ASN A 2780 -43.85 68.54 33.58
C ASN A 2780 -42.98 68.22 34.80
N CYS A 2781 -41.99 69.08 35.05
CA CYS A 2781 -41.09 68.91 36.18
C CYS A 2781 -40.70 70.27 36.75
N ASN A 2782 -40.12 70.25 37.95
CA ASN A 2782 -39.90 71.46 38.74
C ASN A 2782 -38.41 71.79 38.78
N SER A 2783 -38.10 73.02 39.22
CA SER A 2783 -36.80 73.64 39.02
C SER A 2783 -35.67 72.86 39.69
N THR A 2784 -36.01 72.07 40.72
CA THR A 2784 -35.02 71.27 41.43
C THR A 2784 -34.41 70.21 40.50
N THR A 2785 -35.10 69.85 39.42
CA THR A 2785 -34.64 68.82 38.52
C THR A 2785 -34.94 69.17 37.05
N GLU A 2786 -34.99 70.45 36.71
CA GLU A 2786 -35.28 70.86 35.34
C GLU A 2786 -34.93 72.34 35.17
N PHE A 2787 -34.42 72.69 33.98
CA PHE A 2787 -34.28 74.08 33.56
C PHE A 2787 -35.10 74.34 32.29
N THR A 2788 -35.93 73.37 31.88
CA THR A 2788 -36.75 73.44 30.68
C THR A 2788 -35.86 73.35 29.44
N CYS A 2789 -35.12 72.26 29.33
CA CYS A 2789 -34.44 71.89 28.10
C CYS A 2789 -35.49 71.74 27.00
N SER A 2790 -35.21 72.28 25.82
CA SER A 2790 -36.22 72.48 24.77
C SER A 2790 -36.92 71.17 24.38
N ASN A 2791 -36.20 70.05 24.47
CA ASN A 2791 -36.74 68.74 24.13
C ASN A 2791 -37.75 68.25 25.17
N GLY A 2792 -37.75 68.85 26.37
CA GLY A 2792 -38.69 68.48 27.43
C GLY A 2792 -38.05 67.62 28.51
N ARG A 2793 -36.72 67.43 28.47
CA ARG A 2793 -36.04 66.62 29.46
C ARG A 2793 -36.04 67.30 30.83
N CYS A 2794 -36.04 66.48 31.87
CA CYS A 2794 -35.87 66.93 33.25
C CYS A 2794 -34.49 66.49 33.73
N ILE A 2795 -33.60 67.46 33.98
CA ILE A 2795 -32.22 67.16 34.33
C ILE A 2795 -31.91 67.76 35.69
N PRO A 2796 -31.15 67.04 36.56
CA PRO A 2796 -30.98 67.47 37.95
C PRO A 2796 -30.29 68.82 38.11
N LEU A 2797 -30.57 69.49 39.22
CA LEU A 2797 -29.85 70.71 39.58
C LEU A 2797 -28.37 70.38 39.80
N SER A 2798 -27.50 71.37 39.51
CA SER A 2798 -26.06 71.17 39.55
C SER A 2798 -25.59 70.36 38.34
N TYR A 2799 -26.53 69.80 37.56
CA TYR A 2799 -26.22 69.24 36.26
C TYR A 2799 -26.51 70.25 35.15
N VAL A 2800 -27.21 71.34 35.48
CA VAL A 2800 -27.31 72.47 34.58
C VAL A 2800 -26.08 73.34 34.81
N CYS A 2801 -25.49 73.88 33.73
CA CYS A 2801 -24.25 74.69 33.73
C CYS A 2801 -23.04 74.05 34.45
N ASN A 2802 -22.93 72.71 34.47
CA ASN A 2802 -21.87 71.98 35.19
C ASN A 2802 -20.55 71.87 34.40
N GLY A 2803 -20.52 72.42 33.18
CA GLY A 2803 -19.41 72.33 32.23
C GLY A 2803 -19.62 71.31 31.12
N ILE A 2804 -20.69 70.52 31.12
CA ILE A 2804 -20.87 69.43 30.16
C ILE A 2804 -22.36 69.30 29.78
N ASN A 2805 -22.69 69.32 28.49
CA ASN A 2805 -24.09 69.19 28.02
C ASN A 2805 -24.59 67.76 28.27
N ASN A 2806 -25.79 67.62 28.85
CA ASN A 2806 -26.39 66.34 29.21
C ASN A 2806 -27.84 66.21 28.74
N CYS A 2807 -28.57 67.31 28.50
CA CYS A 2807 -29.95 67.23 28.07
C CYS A 2807 -30.05 67.08 26.55
N HIS A 2808 -28.93 67.25 25.83
CA HIS A 2808 -28.84 66.99 24.40
C HIS A 2808 -29.86 67.84 23.61
N ASP A 2809 -30.02 69.09 24.04
CA ASP A 2809 -30.65 70.10 23.19
C ASP A 2809 -29.74 70.36 22.00
N ASN A 2810 -30.32 70.61 20.85
CA ASN A 2810 -29.58 70.90 19.65
C ASN A 2810 -28.74 72.19 19.69
N ASP A 2811 -29.19 73.24 20.40
CA ASP A 2811 -28.44 74.48 20.54
C ASP A 2811 -27.53 74.44 21.77
N THR A 2812 -27.36 73.30 22.44
CA THR A 2812 -26.52 73.22 23.65
C THR A 2812 -27.09 74.14 24.75
N SER A 2813 -28.43 74.29 24.86
CA SER A 2813 -29.01 75.27 25.77
C SER A 2813 -28.77 74.89 27.23
N ASP A 2814 -28.32 73.65 27.49
CA ASP A 2814 -28.06 73.19 28.85
C ASP A 2814 -27.00 74.07 29.53
N GLU A 2815 -25.96 74.43 28.79
CA GLU A 2815 -24.75 75.03 29.35
C GLU A 2815 -24.66 76.52 29.01
N LYS A 2816 -24.95 76.90 27.76
CA LYS A 2816 -24.82 78.31 27.30
C LYS A 2816 -25.76 79.31 27.99
N ASN A 2817 -26.68 78.86 28.85
CA ASN A 2817 -27.47 79.76 29.69
C ASN A 2817 -26.62 80.47 30.75
N CYS A 2818 -25.36 80.07 30.99
CA CYS A 2818 -24.49 80.76 31.96
C CYS A 2818 -23.36 81.54 31.28
N PRO A 2819 -23.33 82.90 31.34
CA PRO A 2819 -22.32 83.72 30.66
C PRO A 2819 -20.89 83.77 31.21
N PRO A 2820 -20.61 83.79 32.54
CA PRO A 2820 -19.33 84.28 33.05
C PRO A 2820 -18.16 83.28 33.07
N HIS A 2821 -18.43 81.98 32.89
CA HIS A 2821 -17.45 80.92 33.14
C HIS A 2821 -16.38 80.78 32.05
N THR A 2822 -15.16 80.44 32.46
CA THR A 2822 -14.13 79.79 31.62
C THR A 2822 -13.32 78.82 32.51
N CYS A 2823 -13.02 77.60 32.03
CA CYS A 2823 -12.70 76.45 32.91
C CYS A 2823 -11.20 76.02 32.94
N PRO A 2824 -10.82 74.97 33.72
CA PRO A 2824 -9.46 74.40 33.73
C PRO A 2824 -8.97 73.78 32.41
N PRO A 2825 -7.67 73.48 32.24
CA PRO A 2825 -7.14 72.80 31.05
C PRO A 2825 -7.55 71.31 30.98
N ASP A 2826 -7.14 70.64 29.88
CA ASP A 2826 -7.51 69.27 29.47
C ASP A 2826 -8.99 69.15 29.04
N PHE A 2827 -9.91 69.49 29.93
CA PHE A 2827 -11.33 69.68 29.63
C PHE A 2827 -11.48 70.99 28.83
N THR A 2828 -11.37 70.91 27.50
CA THR A 2828 -11.01 72.04 26.62
C THR A 2828 -12.19 72.95 26.27
N LYS A 2829 -11.97 74.28 26.30
CA LYS A 2829 -13.00 75.32 26.11
C LYS A 2829 -13.39 75.51 24.64
N CYS A 2830 -14.39 74.79 24.14
CA CYS A 2830 -14.88 74.93 22.76
C CYS A 2830 -15.60 76.27 22.54
N GLN A 2831 -14.87 77.36 22.26
CA GLN A 2831 -15.42 78.68 21.92
C GLN A 2831 -16.36 79.26 22.99
N THR A 2832 -17.46 79.94 22.59
CA THR A 2832 -18.18 80.92 23.42
C THR A 2832 -19.10 80.30 24.51
N THR A 2833 -19.58 79.06 24.34
CA THR A 2833 -20.21 78.34 25.45
C THR A 2833 -19.17 77.86 26.47
N ASN A 2834 -19.53 77.83 27.75
CA ASN A 2834 -18.68 77.36 28.85
C ASN A 2834 -18.33 75.85 28.81
N ILE A 2835 -18.83 75.06 27.85
CA ILE A 2835 -18.59 73.61 27.83
C ILE A 2835 -17.10 73.28 27.75
N CYS A 2836 -16.75 72.20 28.44
CA CYS A 2836 -15.40 71.74 28.63
C CYS A 2836 -15.34 70.22 28.50
N VAL A 2837 -14.99 69.76 27.29
CA VAL A 2837 -14.88 68.34 26.96
C VAL A 2837 -13.40 67.95 26.91
N PRO A 2838 -12.95 66.84 27.54
CA PRO A 2838 -11.57 66.38 27.43
C PRO A 2838 -11.10 66.33 25.97
N ARG A 2839 -9.83 66.65 25.74
CA ARG A 2839 -9.22 66.79 24.39
C ARG A 2839 -9.21 65.49 23.55
N ALA A 2840 -9.77 64.42 24.13
CA ALA A 2840 -10.05 63.10 23.57
C ALA A 2840 -11.13 63.10 22.47
N PHE A 2841 -11.90 64.19 22.37
CA PHE A 2841 -12.85 64.45 21.29
C PHE A 2841 -12.64 65.89 20.80
N LEU A 2842 -11.83 66.05 19.74
CA LEU A 2842 -11.62 67.32 19.02
C LEU A 2842 -10.98 67.02 17.65
N CYS A 2843 -11.45 67.66 16.57
CA CYS A 2843 -11.18 67.31 15.17
C CYS A 2843 -11.42 65.81 14.90
N ASP A 2844 -12.68 65.38 14.81
CA ASP A 2844 -13.04 63.96 14.90
C ASP A 2844 -14.28 63.52 14.10
N GLY A 2845 -14.94 64.44 13.38
CA GLY A 2845 -16.15 64.15 12.62
C GLY A 2845 -17.46 64.15 13.44
N ASP A 2846 -17.40 64.35 14.76
CA ASP A 2846 -18.56 64.60 15.60
C ASP A 2846 -18.54 66.03 16.15
N ASN A 2847 -19.60 66.79 15.89
CA ASN A 2847 -19.77 68.13 16.44
C ASN A 2847 -20.34 68.07 17.87
N ASP A 2848 -19.85 67.15 18.71
CA ASP A 2848 -20.46 66.81 20.00
C ASP A 2848 -20.26 67.89 21.07
N CYS A 2849 -19.19 68.70 20.97
CA CYS A 2849 -19.03 69.89 21.82
C CYS A 2849 -20.07 71.00 21.52
N GLY A 2850 -20.90 70.84 20.48
CA GLY A 2850 -21.99 71.75 20.11
C GLY A 2850 -21.50 73.01 19.43
N ASP A 2851 -20.71 73.81 20.14
CA ASP A 2851 -19.92 74.89 19.55
C ASP A 2851 -18.76 74.31 18.71
N GLY A 2852 -18.44 75.02 17.63
CA GLY A 2852 -17.76 74.46 16.47
C GLY A 2852 -16.30 74.05 16.67
N SER A 2853 -15.63 74.43 17.77
CA SER A 2853 -14.20 74.14 18.00
C SER A 2853 -13.82 72.68 17.79
N ASP A 2854 -14.78 71.79 18.08
CA ASP A 2854 -14.72 70.33 17.88
C ASP A 2854 -14.40 69.92 16.43
N GLU A 2855 -14.63 70.78 15.42
CA GLU A 2855 -14.32 70.51 14.01
C GLU A 2855 -13.83 71.73 13.19
N ASN A 2856 -14.22 72.97 13.54
CA ASN A 2856 -14.09 74.20 12.74
C ASN A 2856 -12.67 74.82 12.67
N PRO A 2857 -12.40 75.82 11.79
CA PRO A 2857 -11.06 76.08 11.25
C PRO A 2857 -10.06 76.82 12.17
N ILE A 2858 -10.33 76.98 13.47
CA ILE A 2858 -9.31 77.40 14.46
C ILE A 2858 -8.19 76.36 14.59
N TYR A 2859 -8.48 75.13 14.18
CA TYR A 2859 -7.59 73.99 14.02
C TYR A 2859 -8.22 73.07 12.94
N CYS A 2860 -7.74 71.84 12.78
CA CYS A 2860 -8.36 70.77 11.99
C CYS A 2860 -8.35 70.96 10.46
N ALA A 2861 -8.96 72.03 9.95
CA ALA A 2861 -9.13 72.23 8.52
C ALA A 2861 -7.80 72.39 7.78
N SER A 2862 -6.78 73.04 8.38
CA SER A 2862 -5.51 73.25 7.69
C SER A 2862 -4.58 72.04 7.86
N HIS A 2863 -4.60 71.44 9.07
CA HIS A 2863 -3.91 70.18 9.38
C HIS A 2863 -4.63 69.46 10.54
N THR A 2864 -4.54 68.12 10.57
CA THR A 2864 -4.92 67.34 11.75
C THR A 2864 -3.93 67.57 12.90
N CYS A 2865 -2.63 67.58 12.57
CA CYS A 2865 -1.54 67.70 13.54
C CYS A 2865 -0.35 68.44 12.92
N ARG A 2866 0.42 69.17 13.77
CA ARG A 2866 1.76 69.65 13.44
C ARG A 2866 2.63 68.49 12.93
N SER A 2867 3.63 68.79 12.08
CA SER A 2867 4.40 67.79 11.33
C SER A 2867 5.14 66.78 12.22
N ASN A 2868 5.29 67.08 13.52
CA ASN A 2868 5.90 66.22 14.52
C ASN A 2868 5.00 65.04 14.92
N GLU A 2869 3.69 65.13 14.60
CA GLU A 2869 2.64 64.24 15.12
C GLU A 2869 1.64 63.86 14.02
N PHE A 2870 0.75 62.90 14.34
CA PHE A 2870 -0.18 62.29 13.40
C PHE A 2870 -1.53 62.01 14.08
N GLN A 2871 -2.59 61.89 13.26
CA GLN A 2871 -3.98 61.89 13.73
C GLN A 2871 -4.38 60.65 14.53
N CYS A 2872 -5.54 60.81 15.19
CA CYS A 2872 -6.27 59.77 15.91
C CYS A 2872 -7.76 59.87 15.57
N LEU A 2873 -8.55 58.82 15.82
CA LEU A 2873 -9.92 58.78 15.34
C LEU A 2873 -10.80 59.83 16.05
N SER A 2874 -10.57 60.09 17.37
CA SER A 2874 -11.18 61.24 18.04
C SER A 2874 -10.24 62.14 18.87
N PRO A 2875 -9.16 61.69 19.54
CA PRO A 2875 -8.27 62.63 20.21
C PRO A 2875 -7.50 63.62 19.32
N GLN A 2876 -7.59 64.92 19.65
CA GLN A 2876 -6.62 65.92 19.17
C GLN A 2876 -5.28 65.77 19.91
N ARG A 2877 -5.19 64.85 20.89
CA ARG A 2877 -3.94 64.38 21.47
C ARG A 2877 -3.22 63.49 20.44
N CYS A 2878 -2.69 64.15 19.40
CA CYS A 2878 -2.02 63.50 18.28
C CYS A 2878 -0.81 62.66 18.73
N ILE A 2879 -0.45 61.65 17.93
CA ILE A 2879 0.62 60.72 18.26
C ILE A 2879 1.87 61.03 17.43
N PRO A 2880 3.07 61.21 18.04
CA PRO A 2880 4.34 61.29 17.30
C PRO A 2880 4.49 60.19 16.26
N SER A 2881 5.15 60.54 15.13
CA SER A 2881 5.09 59.76 13.90
C SER A 2881 5.59 58.32 14.08
N TYR A 2882 6.63 58.11 14.90
CA TYR A 2882 7.21 56.79 15.16
C TYR A 2882 6.37 55.92 16.14
N TRP A 2883 5.38 56.51 16.83
CA TRP A 2883 4.49 55.75 17.69
C TRP A 2883 3.61 54.81 16.87
N PHE A 2884 2.88 55.34 15.88
CA PHE A 2884 2.03 54.47 15.09
C PHE A 2884 2.88 53.41 14.38
N CYS A 2885 2.27 52.27 14.09
CA CYS A 2885 2.93 51.08 13.55
C CYS A 2885 4.13 50.63 14.39
N ASP A 2886 4.04 50.71 15.73
CA ASP A 2886 5.04 50.22 16.70
C ASP A 2886 4.69 48.87 17.37
N GLY A 2887 3.41 48.48 17.40
CA GLY A 2887 2.93 47.25 18.04
C GLY A 2887 1.52 47.35 18.66
N GLU A 2888 1.08 48.56 19.03
CA GLU A 2888 -0.23 48.83 19.65
C GLU A 2888 -0.81 50.11 19.05
N ALA A 2889 -2.09 50.20 18.67
CA ALA A 2889 -2.67 51.48 18.28
C ALA A 2889 -2.55 52.45 19.47
N ASP A 2890 -1.77 53.53 19.31
CA ASP A 2890 -1.41 54.45 20.39
C ASP A 2890 -2.57 55.38 20.78
N CYS A 2891 -3.68 55.27 20.02
CA CYS A 2891 -4.98 55.85 20.33
C CYS A 2891 -6.01 54.98 19.60
N ALA A 2892 -7.31 55.29 19.73
CA ALA A 2892 -8.30 54.72 18.81
C ALA A 2892 -7.94 55.12 17.37
N ASP A 2893 -7.44 54.16 16.56
CA ASP A 2893 -6.99 54.40 15.19
C ASP A 2893 -6.85 53.06 14.46
N GLY A 2894 -7.86 52.72 13.66
CA GLY A 2894 -7.87 51.48 12.89
C GLY A 2894 -6.88 51.46 11.73
N SER A 2895 -5.99 52.46 11.62
CA SER A 2895 -4.91 52.46 10.63
C SER A 2895 -3.51 52.40 11.26
N ASP A 2896 -3.37 52.82 12.54
CA ASP A 2896 -2.08 52.93 13.23
C ASP A 2896 -1.22 51.68 12.98
N GLU A 2897 -1.79 50.52 13.34
CA GLU A 2897 -1.14 49.22 13.16
C GLU A 2897 -1.56 48.54 11.84
N PRO A 2898 -2.84 48.56 11.38
CA PRO A 2898 -3.21 47.86 10.16
C PRO A 2898 -2.66 48.35 8.81
N ASP A 2899 -2.50 49.67 8.57
CA ASP A 2899 -2.14 50.11 7.22
C ASP A 2899 -1.45 51.48 7.09
N THR A 2900 -1.08 52.17 8.18
CA THR A 2900 -0.36 53.44 8.07
C THR A 2900 1.11 53.24 7.68
N CYS A 2901 1.63 52.00 7.80
CA CYS A 2901 3.02 51.66 7.44
C CYS A 2901 3.13 50.30 6.74
N GLY A 2902 4.25 50.11 6.04
CA GLY A 2902 4.67 48.81 5.53
C GLY A 2902 4.89 47.83 6.68
N HIS A 2903 4.27 46.64 6.58
CA HIS A 2903 4.26 45.65 7.66
C HIS A 2903 5.69 45.19 7.97
N SER A 2904 6.37 44.83 6.87
CA SER A 2904 7.62 44.08 6.78
C SER A 2904 8.66 44.79 5.88
N VAL A 2905 8.41 46.04 5.46
CA VAL A 2905 9.28 46.70 4.48
C VAL A 2905 10.62 47.04 5.13
N ASN A 2906 10.62 47.39 6.43
CA ASN A 2906 11.82 47.71 7.21
C ASN A 2906 11.55 47.44 8.71
N THR A 2907 12.64 47.27 9.46
CA THR A 2907 12.64 46.92 10.89
C THR A 2907 12.27 48.09 11.80
N CYS A 2908 12.21 47.85 13.11
CA CYS A 2908 12.47 48.89 14.10
C CYS A 2908 13.83 49.58 13.80
N ARG A 2909 13.90 50.91 13.98
CA ARG A 2909 15.13 51.67 13.78
C ARG A 2909 16.13 51.43 14.91
N ALA A 2910 17.43 51.45 14.60
CA ALA A 2910 18.53 51.18 15.52
C ALA A 2910 18.65 52.15 16.72
N SER A 2911 17.84 53.23 16.76
CA SER A 2911 17.68 54.08 17.94
C SER A 2911 17.19 53.29 19.16
N GLN A 2912 16.46 52.18 18.96
CA GLN A 2912 15.90 51.31 20.00
C GLN A 2912 16.12 49.82 19.66
N PHE A 2913 15.98 48.93 20.64
CA PHE A 2913 16.53 47.56 20.58
C PHE A 2913 15.44 46.51 20.27
N GLN A 2914 15.62 45.65 19.25
CA GLN A 2914 14.61 44.62 18.94
C GLN A 2914 14.53 43.56 20.03
N CYS A 2915 13.30 43.07 20.29
CA CYS A 2915 13.04 42.06 21.32
C CYS A 2915 11.91 41.08 20.91
N ASP A 2916 10.95 41.52 20.08
CA ASP A 2916 10.02 40.66 19.33
C ASP A 2916 9.77 41.24 17.92
N ASN A 2917 9.35 40.44 16.94
CA ASN A 2917 9.10 40.97 15.59
C ASN A 2917 7.98 42.05 15.59
N GLY A 2918 7.07 42.00 16.57
CA GLY A 2918 6.04 43.02 16.79
C GLY A 2918 6.41 44.16 17.75
N ARG A 2919 7.62 44.22 18.35
CA ARG A 2919 8.00 45.17 19.41
C ARG A 2919 9.52 45.34 19.62
N CYS A 2920 9.95 46.61 19.69
CA CYS A 2920 11.29 47.00 20.13
C CYS A 2920 11.23 47.96 21.33
N ILE A 2921 12.29 47.91 22.12
CA ILE A 2921 12.31 48.27 23.53
C ILE A 2921 13.51 49.21 23.81
N SER A 2922 13.27 50.19 24.66
CA SER A 2922 13.99 51.46 24.61
C SER A 2922 15.39 51.40 25.24
N GLY A 2923 15.49 50.76 26.40
CA GLY A 2923 16.65 50.83 27.32
C GLY A 2923 16.42 49.98 28.57
N ASN A 2924 16.32 50.61 29.75
CA ASN A 2924 16.16 49.96 31.06
C ASN A 2924 15.04 48.90 31.09
N TRP A 2925 13.97 49.11 30.31
CA TRP A 2925 12.77 48.25 30.28
C TRP A 2925 13.09 46.77 30.05
N VAL A 2926 14.23 46.43 29.43
CA VAL A 2926 14.64 45.03 29.18
C VAL A 2926 15.03 44.27 30.45
N CYS A 2927 15.17 44.95 31.60
CA CYS A 2927 15.81 44.41 32.82
C CYS A 2927 14.87 44.37 34.05
N ASP A 2928 13.65 44.95 33.97
CA ASP A 2928 12.85 45.23 35.18
C ASP A 2928 11.89 44.10 35.59
N GLY A 2929 11.54 43.21 34.67
CA GLY A 2929 10.63 42.08 34.88
C GLY A 2929 9.21 42.35 34.37
N ASP A 2930 8.98 43.47 33.70
CA ASP A 2930 7.69 43.84 33.13
C ASP A 2930 7.47 43.14 31.78
N ASN A 2931 6.21 42.79 31.43
CA ASN A 2931 5.84 42.22 30.12
C ASN A 2931 5.84 43.27 28.98
N ASP A 2932 6.97 43.95 28.72
CA ASP A 2932 7.08 45.01 27.71
C ASP A 2932 7.30 44.52 26.28
N CYS A 2933 8.13 43.50 26.03
CA CYS A 2933 8.40 43.05 24.66
C CYS A 2933 7.20 42.36 23.97
N GLY A 2934 6.11 42.05 24.67
CA GLY A 2934 4.89 41.49 24.09
C GLY A 2934 4.92 39.99 23.82
N ASP A 2935 6.10 39.38 23.81
CA ASP A 2935 6.27 37.96 24.16
C ASP A 2935 6.82 37.79 25.60
N MET A 2936 6.97 38.92 26.32
CA MET A 2936 7.58 39.14 27.65
C MET A 2936 9.04 38.69 27.84
N SER A 2937 9.76 38.26 26.80
CA SER A 2937 11.08 37.62 26.93
C SER A 2937 12.24 38.62 27.18
N ASP A 2938 11.96 39.83 27.68
CA ASP A 2938 12.97 40.87 27.85
C ASP A 2938 14.11 40.44 28.80
N GLU A 2939 13.80 39.98 30.01
CA GLU A 2939 14.78 39.74 31.09
C GLU A 2939 15.51 38.38 31.00
N ASP A 2940 15.87 37.95 29.79
CA ASP A 2940 16.24 36.56 29.49
C ASP A 2940 17.15 36.46 28.22
N GLN A 2941 17.12 35.30 27.54
CA GLN A 2941 17.92 34.98 26.35
C GLN A 2941 19.40 35.02 26.75
N ARG A 2942 20.20 35.91 26.14
CA ARG A 2942 21.38 36.47 26.80
C ARG A 2942 21.60 37.92 26.35
N HIS A 2943 21.04 38.85 27.13
CA HIS A 2943 21.40 40.25 27.04
C HIS A 2943 21.40 40.96 28.40
N HIS A 2944 20.43 40.68 29.29
CA HIS A 2944 20.27 41.46 30.53
C HIS A 2944 19.65 40.70 31.72
N CYS A 2945 19.95 41.20 32.94
CA CYS A 2945 19.41 40.87 34.27
C CYS A 2945 19.47 39.39 34.71
N GLU A 2946 20.70 38.89 34.86
CA GLU A 2946 20.99 37.72 35.71
C GLU A 2946 20.89 38.03 37.23
N LEU A 2947 21.08 39.30 37.61
CA LEU A 2947 21.09 39.81 38.97
C LEU A 2947 20.24 41.09 39.11
N GLN A 2948 19.88 41.43 40.36
CA GLN A 2948 19.26 42.70 40.74
C GLN A 2948 19.99 43.31 41.94
N ASN A 2949 19.72 44.59 42.24
CA ASN A 2949 20.19 45.27 43.44
C ASN A 2949 19.11 46.25 43.95
N CYS A 2950 19.01 46.42 45.27
CA CYS A 2950 17.91 47.14 45.92
C CYS A 2950 18.31 48.56 46.35
N SER A 2951 17.40 49.54 46.22
CA SER A 2951 17.71 50.88 46.71
C SER A 2951 17.23 51.02 48.15
N SER A 2952 17.21 52.26 48.66
CA SER A 2952 16.69 52.54 49.99
C SER A 2952 15.24 52.07 50.11
N THR A 2953 14.86 51.64 51.32
CA THR A 2953 13.54 51.13 51.61
C THR A 2953 13.23 49.88 50.78
N GLN A 2954 14.28 49.15 50.39
CA GLN A 2954 14.13 47.87 49.71
C GLN A 2954 15.20 46.91 50.23
N PHE A 2955 14.87 45.61 50.22
CA PHE A 2955 15.77 44.57 50.69
C PHE A 2955 15.76 43.43 49.69
N THR A 2956 16.92 42.77 49.51
CA THR A 2956 17.15 41.76 48.47
C THR A 2956 17.12 40.35 49.07
N CYS A 2957 16.33 39.47 48.44
CA CYS A 2957 16.29 38.05 48.77
C CYS A 2957 17.47 37.36 48.11
N VAL A 2958 18.64 37.42 48.77
CA VAL A 2958 19.89 36.97 48.18
C VAL A 2958 19.85 35.47 47.83
N ASN A 2959 19.30 34.65 48.75
CA ASN A 2959 19.21 33.23 48.52
C ASN A 2959 17.95 32.93 47.70
N SER A 2960 18.04 33.20 46.39
CA SER A 2960 16.92 33.01 45.49
C SER A 2960 17.43 32.88 44.06
N ARG A 2961 16.51 32.47 43.18
CA ARG A 2961 16.77 32.33 41.75
C ARG A 2961 15.77 33.21 40.98
N PRO A 2962 16.04 33.50 39.69
CA PRO A 2962 15.12 34.30 38.88
C PRO A 2962 13.66 33.83 38.91
N PRO A 2963 13.32 32.51 38.98
CA PRO A 2963 11.93 32.09 39.08
C PRO A 2963 11.14 32.57 40.31
N ASN A 2964 11.79 33.11 41.35
CA ASN A 2964 11.04 33.49 42.55
C ASN A 2964 10.99 35.00 42.75
N ARG A 2965 12.12 35.60 43.13
CA ARG A 2965 12.19 37.00 43.52
C ARG A 2965 13.64 37.34 43.87
N ARG A 2966 14.06 38.62 43.77
CA ARG A 2966 15.39 39.11 44.19
C ARG A 2966 15.47 40.56 44.72
N CYS A 2967 14.34 41.28 44.87
CA CYS A 2967 14.25 42.54 45.61
C CYS A 2967 12.81 42.88 46.11
N ILE A 2968 12.65 43.19 47.41
CA ILE A 2968 11.38 43.56 48.03
C ILE A 2968 11.58 44.81 48.88
N PRO A 2969 10.55 45.67 49.00
CA PRO A 2969 10.63 46.84 49.86
C PRO A 2969 10.63 46.53 51.35
N GLN A 2970 11.04 47.52 52.16
CA GLN A 2970 10.91 47.45 53.60
C GLN A 2970 9.44 47.33 54.03
N TYR A 2971 8.50 47.69 53.16
CA TYR A 2971 7.09 47.56 53.45
C TYR A 2971 6.70 46.11 53.71
N TRP A 2972 7.60 45.15 53.44
CA TRP A 2972 7.28 43.74 53.60
C TRP A 2972 8.29 42.98 54.48
N VAL A 2973 9.27 43.68 55.08
CA VAL A 2973 10.25 43.01 55.93
C VAL A 2973 9.70 42.91 57.36
N CYS A 2974 9.74 41.70 57.92
CA CYS A 2974 9.20 41.41 59.24
C CYS A 2974 7.73 41.82 59.35
N ASP A 2975 6.97 41.57 58.28
CA ASP A 2975 5.53 41.77 58.26
C ASP A 2975 4.84 40.47 58.66
N GLY A 2976 3.54 40.36 58.36
CA GLY A 2976 2.73 39.22 58.75
C GLY A 2976 2.83 38.02 57.79
N ASP A 2977 3.45 38.20 56.61
CA ASP A 2977 3.45 37.14 55.62
C ASP A 2977 4.81 37.05 54.92
N ALA A 2978 5.33 35.83 54.78
CA ALA A 2978 6.64 35.61 54.17
C ALA A 2978 6.62 36.04 52.70
N ASP A 2979 7.75 36.59 52.23
CA ASP A 2979 7.84 37.13 50.88
C ASP A 2979 8.96 36.46 50.07
N CYS A 2980 10.16 36.37 50.66
CA CYS A 2980 11.33 35.87 49.94
C CYS A 2980 11.18 34.37 49.67
N SER A 2981 12.09 33.84 48.83
CA SER A 2981 12.09 32.42 48.47
C SER A 2981 12.27 31.55 49.71
N ASP A 2982 13.22 31.93 50.57
CA ASP A 2982 13.50 31.21 51.79
C ASP A 2982 12.89 31.93 53.00
N ALA A 2983 12.06 32.95 52.76
CA ALA A 2983 11.41 33.74 53.79
C ALA A 2983 12.43 34.37 54.76
N LEU A 2984 13.58 34.82 54.22
CA LEU A 2984 14.58 35.51 55.04
C LEU A 2984 14.07 36.86 55.53
N ASP A 2985 13.06 37.42 54.85
CA ASP A 2985 12.57 38.76 55.17
C ASP A 2985 12.00 38.81 56.58
N GLU A 2986 11.41 37.69 57.05
CA GLU A 2986 10.75 37.65 58.34
C GLU A 2986 11.71 37.30 59.48
N LEU A 2987 12.88 36.72 59.17
CA LEU A 2987 13.83 36.37 60.22
C LEU A 2987 14.63 37.62 60.63
N GLN A 2988 15.45 38.11 59.70
CA GLN A 2988 16.26 39.31 59.88
C GLN A 2988 16.85 39.32 61.29
N ASN A 2989 16.73 40.44 62.02
CA ASN A 2989 17.09 40.49 63.44
C ASN A 2989 15.83 40.41 64.31
N CYS A 2990 14.65 40.22 63.71
CA CYS A 2990 13.40 40.27 64.45
C CYS A 2990 13.31 39.08 65.41
N THR A 2991 13.25 37.86 64.85
CA THR A 2991 13.28 36.61 65.59
C THR A 2991 12.28 36.66 66.75
N MET A 2992 10.99 36.79 66.40
CA MET A 2992 9.92 36.95 67.36
C MET A 2992 9.63 35.62 68.04
N ARG A 2993 8.93 35.67 69.18
CA ARG A 2993 8.68 34.49 70.01
C ARG A 2993 7.29 33.93 69.73
N THR A 2994 6.26 34.76 69.91
CA THR A 2994 4.89 34.30 70.11
C THR A 2994 4.44 33.37 68.97
N CYS A 2995 4.13 32.13 69.34
CA CYS A 2995 3.46 31.18 68.47
C CYS A 2995 2.75 30.13 69.33
N SER A 2996 1.55 29.71 68.89
CA SER A 2996 0.68 28.87 69.69
C SER A 2996 0.31 27.61 68.92
N ALA A 2997 -0.57 26.80 69.53
CA ALA A 2997 -1.05 25.54 68.97
C ALA A 2997 -1.99 25.77 67.80
N GLY A 2998 -2.48 27.01 67.60
CA GLY A 2998 -3.37 27.34 66.49
C GLY A 2998 -2.66 27.36 65.14
N GLU A 2999 -1.33 27.27 65.11
CA GLU A 2999 -0.57 27.28 63.88
C GLU A 2999 0.53 26.23 63.94
N PHE A 3000 0.88 25.67 62.79
CA PHE A 3000 1.96 24.71 62.68
C PHE A 3000 3.30 25.39 62.96
N SER A 3001 4.16 24.69 63.70
CA SER A 3001 5.45 25.21 64.14
C SER A 3001 6.56 24.62 63.26
N CYS A 3002 7.41 25.50 62.73
CA CYS A 3002 8.53 25.07 61.89
C CYS A 3002 9.78 24.88 62.73
N ALA A 3003 10.82 24.27 62.13
CA ALA A 3003 12.09 24.01 62.81
C ALA A 3003 12.80 25.32 63.14
N ASN A 3004 12.76 26.28 62.20
CA ASN A 3004 13.49 27.53 62.35
C ASN A 3004 12.82 28.46 63.35
N GLY A 3005 11.56 28.16 63.73
CA GLY A 3005 10.88 28.93 64.76
C GLY A 3005 9.63 29.65 64.24
N ARG A 3006 9.56 29.90 62.92
CA ARG A 3006 8.41 30.58 62.34
C ARG A 3006 7.21 29.63 62.32
N CYS A 3007 6.01 30.20 62.28
CA CYS A 3007 4.79 29.40 62.30
C CYS A 3007 3.88 29.82 61.15
N VAL A 3008 3.04 28.87 60.70
CA VAL A 3008 2.08 29.11 59.63
C VAL A 3008 0.80 28.35 59.94
N ARG A 3009 -0.29 28.72 59.25
CA ARG A 3009 -1.57 28.05 59.42
C ARG A 3009 -1.45 26.57 59.07
N GLN A 3010 -2.28 25.75 59.73
CA GLN A 3010 -2.22 24.30 59.62
C GLN A 3010 -2.46 23.84 58.18
N SER A 3011 -3.30 24.59 57.44
CA SER A 3011 -3.63 24.25 56.06
C SER A 3011 -2.41 24.31 55.16
N PHE A 3012 -1.40 25.11 55.54
CA PHE A 3012 -0.18 25.25 54.75
C PHE A 3012 0.86 24.20 55.09
N ARG A 3013 0.42 23.04 55.59
CA ARG A 3013 1.31 21.91 55.83
C ARG A 3013 1.05 20.85 54.76
N CYS A 3014 2.13 20.21 54.29
CA CYS A 3014 2.06 19.08 53.37
C CYS A 3014 1.33 19.47 52.09
N ASP A 3015 1.96 20.37 51.31
CA ASP A 3015 1.35 20.91 50.11
C ASP A 3015 2.43 21.22 49.07
N ARG A 3016 2.05 21.93 48.01
CA ARG A 3016 2.93 22.22 46.89
C ARG A 3016 3.77 23.48 47.13
N ARG A 3017 3.53 24.23 48.22
CA ARG A 3017 4.18 25.52 48.41
C ARG A 3017 5.19 25.45 49.54
N ASN A 3018 6.32 26.16 49.35
CA ASN A 3018 7.31 26.38 50.38
C ASN A 3018 6.84 27.58 51.20
N ASP A 3019 6.04 27.31 52.24
CA ASP A 3019 5.38 28.37 52.98
C ASP A 3019 6.29 28.97 54.04
N CYS A 3020 7.02 28.11 54.75
CA CYS A 3020 7.77 28.54 55.92
C CYS A 3020 9.21 28.94 55.58
N GLY A 3021 9.65 28.73 54.33
CA GLY A 3021 11.03 29.03 53.95
C GLY A 3021 11.99 27.88 54.27
N ASP A 3022 11.85 27.30 55.47
CA ASP A 3022 12.71 26.21 55.92
C ASP A 3022 12.29 24.88 55.31
N TYR A 3023 11.11 24.82 54.67
CA TYR A 3023 10.54 23.58 54.12
C TYR A 3023 10.17 22.61 55.25
N SER A 3024 10.08 23.10 56.49
CA SER A 3024 9.63 22.29 57.61
C SER A 3024 8.17 21.88 57.44
N ASP A 3025 7.38 22.72 56.76
CA ASP A 3025 5.97 22.43 56.52
C ASP A 3025 5.78 21.28 55.53
N GLU A 3026 6.86 20.86 54.85
CA GLU A 3026 6.78 19.81 53.85
C GLU A 3026 7.54 18.54 54.26
N ARG A 3027 8.64 18.68 55.02
CA ARG A 3027 9.45 17.54 55.39
C ARG A 3027 8.65 16.54 56.24
N GLY A 3028 8.73 15.27 55.86
CA GLY A 3028 8.10 14.17 56.58
C GLY A 3028 6.64 13.94 56.20
N CYS A 3029 6.10 14.74 55.27
CA CYS A 3029 4.70 14.60 54.90
C CYS A 3029 4.48 13.35 54.04
N SER A 3030 3.23 12.87 54.05
CA SER A 3030 2.82 11.71 53.27
C SER A 3030 1.64 12.12 52.38
N TYR A 3031 1.93 12.44 51.12
CA TYR A 3031 0.93 12.99 50.22
C TYR A 3031 -0.04 11.89 49.80
N PRO A 3032 -1.36 12.07 50.02
CA PRO A 3032 -2.36 11.18 49.43
C PRO A 3032 -2.38 11.33 47.91
N PRO A 3033 -2.78 10.29 47.17
CA PRO A 3033 -2.71 10.33 45.71
C PRO A 3033 -3.68 11.34 45.09
N CYS A 3034 -3.40 11.70 43.84
CA CYS A 3034 -4.16 12.72 43.12
C CYS A 3034 -5.53 12.19 42.72
N HIS A 3035 -6.41 13.10 42.30
CA HIS A 3035 -7.75 12.75 41.84
C HIS A 3035 -7.66 12.09 40.46
N ALA A 3036 -8.81 11.58 39.98
CA ALA A 3036 -8.90 10.92 38.68
C ALA A 3036 -8.53 11.89 37.55
N ASN A 3037 -9.06 13.13 37.62
CA ASN A 3037 -8.83 14.13 36.59
C ASN A 3037 -7.46 14.79 36.75
N GLN A 3038 -6.62 14.24 37.65
CA GLN A 3038 -5.34 14.86 37.97
C GLN A 3038 -4.20 13.96 37.49
N PHE A 3039 -3.45 14.43 36.49
CA PHE A 3039 -2.24 13.73 36.06
C PHE A 3039 -1.17 13.85 37.15
N THR A 3040 -0.38 12.79 37.30
CA THR A 3040 0.66 12.74 38.32
C THR A 3040 2.02 12.72 37.64
N CYS A 3041 2.90 13.64 38.05
CA CYS A 3041 4.26 13.68 37.53
C CYS A 3041 5.15 12.73 38.35
N GLN A 3042 6.34 12.46 37.81
CA GLN A 3042 7.25 11.51 38.43
C GLN A 3042 7.68 11.98 39.82
N ASN A 3043 7.68 13.31 40.05
CA ASN A 3043 8.13 13.86 41.31
C ASN A 3043 7.03 13.90 42.36
N GLY A 3044 5.80 13.52 41.98
CA GLY A 3044 4.68 13.46 42.92
C GLY A 3044 3.79 14.69 42.90
N ARG A 3045 4.04 15.64 41.97
CA ARG A 3045 3.19 16.81 41.86
C ARG A 3045 1.98 16.48 40.99
N CYS A 3046 0.79 16.80 41.50
CA CYS A 3046 -0.44 16.59 40.76
C CYS A 3046 -0.72 17.83 39.89
N ILE A 3047 -1.03 17.59 38.62
CA ILE A 3047 -1.38 18.66 37.70
C ILE A 3047 -2.70 18.29 37.02
N PRO A 3048 -3.50 19.27 36.56
CA PRO A 3048 -4.67 18.96 35.74
C PRO A 3048 -4.27 18.26 34.44
N ARG A 3049 -5.08 17.28 34.04
CA ARG A 3049 -4.84 16.53 32.81
C ARG A 3049 -4.93 17.44 31.58
N PHE A 3050 -5.65 18.57 31.71
CA PHE A 3050 -5.69 19.59 30.67
C PHE A 3050 -4.29 20.17 30.44
N PHE A 3051 -3.48 20.26 31.49
CA PHE A 3051 -2.15 20.86 31.39
C PHE A 3051 -1.16 19.94 30.68
N VAL A 3052 -1.49 18.66 30.54
CA VAL A 3052 -0.57 17.71 29.94
C VAL A 3052 -0.45 18.01 28.46
N CYS A 3053 0.80 18.04 27.97
CA CYS A 3053 1.10 18.21 26.54
C CYS A 3053 0.60 19.55 26.03
N ASP A 3054 0.82 20.61 26.83
CA ASP A 3054 0.54 21.97 26.39
C ASP A 3054 1.85 22.75 26.20
N GLU A 3055 2.98 22.04 26.11
CA GLU A 3055 4.31 22.60 25.86
C GLU A 3055 4.78 23.50 27.01
N ASP A 3056 4.14 23.39 28.19
CA ASP A 3056 4.60 24.07 29.39
C ASP A 3056 4.99 23.05 30.45
N ASN A 3057 6.20 23.18 31.01
CA ASN A 3057 6.65 22.31 32.08
C ASN A 3057 5.90 22.66 33.35
N ASP A 3058 4.76 22.00 33.58
CA ASP A 3058 3.83 22.36 34.63
C ASP A 3058 4.23 21.77 35.99
N CYS A 3059 5.21 20.86 36.02
CA CYS A 3059 5.64 20.25 37.27
C CYS A 3059 7.15 20.19 37.41
N GLY A 3060 7.90 20.90 36.55
CA GLY A 3060 9.34 21.04 36.70
C GLY A 3060 10.16 19.92 36.08
N ASP A 3061 9.90 18.66 36.47
CA ASP A 3061 10.70 17.53 36.02
C ASP A 3061 10.40 17.16 34.56
N GLY A 3062 9.35 17.76 33.97
CA GLY A 3062 9.03 17.53 32.58
C GLY A 3062 8.37 16.17 32.33
N SER A 3063 7.74 15.60 33.36
CA SER A 3063 6.97 14.37 33.20
C SER A 3063 5.77 14.59 32.28
N ASP A 3064 5.18 15.78 32.35
CA ASP A 3064 3.99 16.12 31.58
C ASP A 3064 4.36 16.61 30.17
N GLU A 3065 5.66 16.82 29.91
CA GLU A 3065 6.13 17.25 28.59
C GLU A 3065 7.28 16.34 28.15
N GLN A 3066 6.93 15.25 27.47
CA GLN A 3066 7.92 14.29 27.00
C GLN A 3066 7.46 13.71 25.66
N GLU A 3067 8.39 13.06 24.96
CA GLU A 3067 8.24 12.82 23.54
C GLU A 3067 7.11 11.82 23.27
N HIS A 3068 7.14 10.66 23.93
CA HIS A 3068 6.28 9.55 23.53
C HIS A 3068 4.93 9.60 24.23
N LEU A 3069 4.85 10.27 25.40
CA LEU A 3069 3.56 10.45 26.05
C LEU A 3069 2.72 11.48 25.28
N CYS A 3070 3.38 12.57 24.86
CA CYS A 3070 2.75 13.60 24.05
C CYS A 3070 3.01 13.33 22.58
N HIS A 3071 2.55 12.16 22.12
CA HIS A 3071 2.74 11.73 20.74
C HIS A 3071 1.40 11.41 20.10
N THR A 3072 1.27 11.80 18.82
CA THR A 3072 0.11 11.44 18.01
C THR A 3072 0.61 10.79 16.73
N PRO A 3073 0.82 9.46 16.71
CA PRO A 3073 1.33 8.80 15.52
C PRO A 3073 0.39 8.96 14.34
N GLU A 3074 0.97 9.24 13.16
CA GLU A 3074 0.20 9.48 11.96
C GLU A 3074 -0.57 8.22 11.56
N PRO A 3075 -1.79 8.35 10.99
CA PRO A 3075 -2.54 7.18 10.55
C PRO A 3075 -1.76 6.32 9.55
N THR A 3076 -1.96 5.00 9.63
CA THR A 3076 -1.18 4.06 8.85
C THR A 3076 -1.56 4.18 7.37
N CYS A 3077 -2.83 3.89 7.05
CA CYS A 3077 -3.33 3.81 5.68
C CYS A 3077 -2.40 2.95 4.83
N PRO A 3078 -2.21 1.64 5.13
CA PRO A 3078 -1.09 0.86 4.57
C PRO A 3078 -1.19 0.51 3.08
N LEU A 3079 -2.43 0.34 2.58
CA LEU A 3079 -2.69 0.01 1.18
C LEU A 3079 -4.05 0.61 0.78
N HIS A 3080 -4.25 0.80 -0.53
CA HIS A 3080 -5.14 1.83 -1.05
C HIS A 3080 -4.76 3.16 -0.38
N GLN A 3081 -5.75 4.05 -0.20
CA GLN A 3081 -5.68 5.17 0.74
C GLN A 3081 -4.42 6.01 0.52
N PHE A 3082 -4.21 6.46 -0.72
CA PHE A 3082 -2.99 7.16 -1.07
C PHE A 3082 -3.07 8.60 -0.53
N ARG A 3083 -2.43 8.82 0.63
CA ARG A 3083 -2.34 10.14 1.21
C ARG A 3083 -1.44 11.03 0.35
N CYS A 3084 -1.78 12.33 0.31
CA CYS A 3084 -1.01 13.31 -0.43
C CYS A 3084 -0.03 14.03 0.51
N ASP A 3085 0.83 14.87 -0.08
CA ASP A 3085 2.02 15.37 0.60
C ASP A 3085 1.68 16.41 1.66
N ASN A 3086 0.43 16.89 1.74
CA ASN A 3086 0.04 17.83 2.77
C ASN A 3086 -0.22 17.15 4.12
N GLY A 3087 -0.37 15.82 4.13
CA GLY A 3087 -0.39 15.05 5.38
C GLY A 3087 -1.80 14.70 5.86
N HIS A 3088 -2.63 14.21 4.93
CA HIS A 3088 -3.92 13.64 5.29
C HIS A 3088 -4.25 12.49 4.33
N CYS A 3089 -4.97 11.49 4.85
CA CYS A 3089 -5.21 10.24 4.14
C CYS A 3089 -6.47 10.35 3.29
N ILE A 3090 -6.34 10.04 1.99
CA ILE A 3090 -7.44 10.08 1.05
C ILE A 3090 -7.35 8.85 0.14
N GLU A 3091 -8.45 8.51 -0.54
CA GLU A 3091 -8.53 7.30 -1.34
C GLU A 3091 -7.50 7.32 -2.47
N MET A 3092 -7.11 6.13 -2.95
CA MET A 3092 -6.03 6.02 -3.92
C MET A 3092 -6.49 6.54 -5.29
N GLY A 3093 -7.79 6.39 -5.60
CA GLY A 3093 -8.33 6.73 -6.91
C GLY A 3093 -8.36 8.24 -7.17
N ARG A 3094 -8.28 9.04 -6.10
CA ARG A 3094 -8.46 10.48 -6.21
C ARG A 3094 -7.23 11.15 -6.83
N VAL A 3095 -6.10 10.43 -6.93
CA VAL A 3095 -4.86 11.04 -7.35
C VAL A 3095 -4.82 11.14 -8.87
N CYS A 3096 -4.53 12.35 -9.36
CA CYS A 3096 -4.57 12.68 -10.78
C CYS A 3096 -5.95 12.34 -11.37
N ASN A 3097 -7.01 12.57 -10.58
CA ASN A 3097 -8.38 12.48 -11.07
C ASN A 3097 -8.83 13.81 -11.66
N HIS A 3098 -7.87 14.73 -11.92
CA HIS A 3098 -8.13 16.05 -12.49
C HIS A 3098 -8.93 16.92 -11.53
N VAL A 3099 -8.99 16.53 -10.25
CA VAL A 3099 -9.68 17.31 -9.23
C VAL A 3099 -8.67 17.67 -8.14
N ASP A 3100 -8.56 18.97 -7.83
CA ASP A 3100 -7.60 19.44 -6.84
C ASP A 3100 -8.15 19.21 -5.45
N ASP A 3101 -8.09 17.97 -4.97
CA ASP A 3101 -8.70 17.59 -3.70
C ASP A 3101 -7.73 17.77 -2.54
N CYS A 3102 -6.45 18.05 -2.83
CA CYS A 3102 -5.42 18.21 -1.79
C CYS A 3102 -4.96 19.66 -1.75
N SER A 3103 -4.09 19.99 -0.79
CA SER A 3103 -3.76 21.36 -0.41
C SER A 3103 -3.40 22.22 -1.62
N ASP A 3104 -2.28 21.88 -2.29
CA ASP A 3104 -1.79 22.67 -3.42
C ASP A 3104 -1.25 21.71 -4.49
N ASN A 3105 -2.16 21.26 -5.35
CA ASN A 3105 -1.85 20.42 -6.50
C ASN A 3105 -1.04 19.19 -6.09
N SER A 3106 -1.30 18.66 -4.89
CA SER A 3106 -0.56 17.54 -4.35
C SER A 3106 -0.88 16.26 -5.14
N ASP A 3107 -2.09 16.17 -5.71
CA ASP A 3107 -2.53 14.99 -6.43
C ASP A 3107 -2.48 15.18 -7.94
N GLU A 3108 -2.31 16.41 -8.43
CA GLU A 3108 -2.38 16.69 -9.86
C GLU A 3108 -1.09 17.37 -10.34
N LYS A 3109 -0.24 16.58 -11.00
CA LYS A 3109 0.92 17.08 -11.73
C LYS A 3109 0.58 17.18 -13.23
N GLY A 3110 -0.68 17.46 -13.56
CA GLY A 3110 -1.24 17.13 -14.86
C GLY A 3110 -1.50 15.62 -14.91
N CYS A 3111 -0.39 14.87 -14.98
CA CYS A 3111 -0.28 13.49 -14.50
C CYS A 3111 1.20 13.11 -14.53
N GLY A 3112 1.66 12.49 -13.45
CA GLY A 3112 3.09 12.35 -13.17
C GLY A 3112 3.83 11.45 -14.16
N ILE A 3113 5.14 11.67 -14.25
CA ILE A 3113 6.06 10.78 -14.96
C ILE A 3113 7.36 10.76 -14.17
N ASN A 3114 8.23 9.81 -14.52
CA ASN A 3114 9.52 9.67 -13.85
C ASN A 3114 10.31 10.96 -13.97
N GLU A 3115 10.83 11.44 -12.83
CA GLU A 3115 11.59 12.69 -12.76
C GLU A 3115 13.10 12.45 -12.80
N CYS A 3116 13.54 11.19 -12.72
CA CYS A 3116 14.96 10.87 -12.81
C CYS A 3116 15.42 10.83 -14.28
N LEU A 3117 14.49 10.83 -15.24
CA LEU A 3117 14.84 10.62 -16.63
C LEU A 3117 15.73 11.76 -17.15
N ASP A 3118 15.40 13.00 -16.77
CA ASP A 3118 16.23 14.15 -17.11
C ASP A 3118 17.57 14.02 -16.41
N SER A 3119 18.62 14.57 -17.06
CA SER A 3119 20.00 14.34 -16.65
C SER A 3119 20.26 14.87 -15.24
N SER A 3120 20.45 13.94 -14.30
CA SER A 3120 20.87 14.20 -12.92
C SER A 3120 19.86 15.06 -12.14
N ILE A 3121 18.59 15.03 -12.52
CA ILE A 3121 17.58 15.71 -11.72
C ILE A 3121 17.26 14.85 -10.50
N SER A 3122 17.39 15.46 -9.31
CA SER A 3122 17.32 14.78 -8.03
C SER A 3122 18.56 13.90 -7.76
N ARG A 3123 19.41 13.69 -8.77
CA ARG A 3123 20.74 13.09 -8.60
C ARG A 3123 20.65 11.76 -7.85
N CYS A 3124 19.76 10.86 -8.30
CA CYS A 3124 19.68 9.52 -7.74
C CYS A 3124 21.01 8.80 -8.02
N ASP A 3125 21.79 8.55 -6.94
CA ASP A 3125 23.18 8.16 -7.07
C ASP A 3125 23.30 6.77 -7.67
N HIS A 3126 22.43 5.83 -7.27
CA HIS A 3126 22.58 4.43 -7.63
C HIS A 3126 21.54 3.99 -8.65
N ASN A 3127 20.26 4.09 -8.28
CA ASN A 3127 19.18 3.58 -9.11
C ASN A 3127 17.90 4.35 -8.78
N CYS A 3128 16.96 4.41 -9.73
CA CYS A 3128 15.74 5.20 -9.54
C CYS A 3128 14.51 4.41 -9.94
N THR A 3129 13.37 4.81 -9.36
CA THR A 3129 12.06 4.29 -9.69
C THR A 3129 11.03 5.39 -9.47
N ASP A 3130 9.89 5.31 -10.16
CA ASP A 3130 8.91 6.37 -10.15
C ASP A 3130 7.55 5.84 -9.69
N THR A 3131 6.60 6.75 -9.55
CA THR A 3131 5.22 6.41 -9.24
C THR A 3131 4.29 7.42 -9.92
N ILE A 3132 3.00 7.34 -9.60
CA ILE A 3132 1.96 8.16 -10.22
C ILE A 3132 2.28 9.65 -10.08
N THR A 3133 2.80 10.08 -8.93
CA THR A 3133 3.03 11.50 -8.70
C THR A 3133 4.37 11.79 -8.05
N SER A 3134 5.33 10.87 -8.11
CA SER A 3134 6.62 11.07 -7.46
C SER A 3134 7.66 10.08 -7.96
N PHE A 3135 8.91 10.30 -7.57
CA PHE A 3135 10.00 9.36 -7.77
C PHE A 3135 10.38 8.74 -6.42
N TYR A 3136 11.37 7.82 -6.46
CA TYR A 3136 12.14 7.44 -5.28
C TYR A 3136 13.39 6.70 -5.74
N CYS A 3137 14.55 7.21 -5.34
CA CYS A 3137 15.82 6.56 -5.66
C CYS A 3137 15.97 5.29 -4.82
N SER A 3138 16.97 4.46 -5.18
CA SER A 3138 17.27 3.24 -4.46
C SER A 3138 18.76 2.94 -4.58
N CYS A 3139 19.25 2.10 -3.66
CA CYS A 3139 20.66 1.74 -3.61
C CYS A 3139 20.78 0.22 -3.69
N LEU A 3140 21.87 -0.25 -4.32
CA LEU A 3140 22.15 -1.66 -4.44
C LEU A 3140 22.44 -2.24 -3.07
N PRO A 3141 22.28 -3.56 -2.87
CA PRO A 3141 22.63 -4.20 -1.60
C PRO A 3141 24.09 -3.93 -1.24
N GLY A 3142 24.33 -3.68 0.05
CA GLY A 3142 25.63 -3.26 0.53
C GLY A 3142 25.79 -1.73 0.52
N TYR A 3143 24.80 -1.01 0.00
CA TYR A 3143 24.80 0.45 0.05
C TYR A 3143 23.51 0.94 0.71
N LYS A 3144 23.61 2.00 1.52
CA LYS A 3144 22.44 2.60 2.14
C LYS A 3144 22.31 4.05 1.69
N LEU A 3145 21.07 4.53 1.56
CA LEU A 3145 20.82 5.93 1.35
C LEU A 3145 21.05 6.70 2.66
N MET A 3146 21.62 7.90 2.55
CA MET A 3146 21.72 8.80 3.69
C MET A 3146 20.58 9.84 3.62
N SER A 3147 20.56 10.74 4.62
CA SER A 3147 19.43 11.62 4.87
C SER A 3147 19.00 12.46 3.66
N ASP A 3148 19.92 12.71 2.71
CA ASP A 3148 19.61 13.60 1.60
C ASP A 3148 18.62 12.97 0.62
N LYS A 3149 18.38 11.64 0.75
CA LYS A 3149 17.42 10.90 -0.06
C LYS A 3149 17.81 10.88 -1.54
N ARG A 3150 19.11 11.07 -1.83
CA ARG A 3150 19.56 11.04 -3.22
C ARG A 3150 20.79 10.16 -3.40
N SER A 3151 21.63 10.06 -2.37
CA SER A 3151 22.95 9.44 -2.49
C SER A 3151 23.06 8.22 -1.57
N CYS A 3152 24.01 7.33 -1.92
CA CYS A 3152 24.21 6.08 -1.20
C CYS A 3152 25.65 6.01 -0.69
N VAL A 3153 25.84 5.28 0.42
CA VAL A 3153 27.14 5.07 1.03
C VAL A 3153 27.31 3.59 1.32
N ASP A 3154 28.57 3.19 1.51
CA ASP A 3154 28.92 1.80 1.75
C ASP A 3154 28.55 1.41 3.17
N ILE A 3155 28.07 0.17 3.34
CA ILE A 3155 27.80 -0.39 4.65
C ILE A 3155 29.08 -1.03 5.18
N ASP A 3156 29.44 -0.68 6.42
CA ASP A 3156 30.52 -1.36 7.13
C ASP A 3156 29.89 -2.54 7.87
N GLU A 3157 29.71 -3.65 7.14
CA GLU A 3157 29.02 -4.81 7.69
C GLU A 3157 29.76 -5.38 8.90
N CYS A 3158 31.07 -5.16 8.98
CA CYS A 3158 31.86 -5.61 10.12
C CYS A 3158 31.53 -4.83 11.40
N LYS A 3159 30.89 -3.65 11.30
CA LYS A 3159 30.46 -2.89 12.47
C LYS A 3159 28.94 -2.81 12.58
N GLU A 3160 28.27 -2.58 11.44
CA GLU A 3160 26.82 -2.41 11.36
C GLU A 3160 26.08 -3.73 11.60
N SER A 3161 26.66 -4.88 11.22
CA SER A 3161 26.03 -6.18 11.38
C SER A 3161 27.10 -7.24 11.65
N PRO A 3162 27.65 -7.31 12.87
CA PRO A 3162 28.77 -8.20 13.16
C PRO A 3162 28.46 -9.69 13.00
N GLN A 3163 27.18 -10.08 13.08
CA GLN A 3163 26.85 -11.50 13.18
C GLN A 3163 26.97 -12.23 11.85
N LEU A 3164 27.16 -11.49 10.73
CA LEU A 3164 27.24 -12.14 9.43
C LEU A 3164 28.43 -13.10 9.35
N CYS A 3165 29.58 -12.73 9.93
CA CYS A 3165 30.77 -13.56 9.89
C CYS A 3165 31.01 -14.23 11.24
N SER A 3166 31.25 -15.56 11.23
CA SER A 3166 31.39 -16.32 12.46
C SER A 3166 32.54 -15.83 13.35
N GLN A 3167 33.60 -15.28 12.75
CA GLN A 3167 34.86 -15.16 13.48
C GLN A 3167 35.60 -13.84 13.27
N LYS A 3168 35.74 -13.35 12.02
CA LYS A 3168 36.34 -12.05 11.76
C LYS A 3168 35.81 -11.52 10.43
N CYS A 3169 35.78 -10.20 10.26
CA CYS A 3169 35.17 -9.57 9.10
C CYS A 3169 36.09 -8.49 8.53
N GLU A 3170 36.13 -8.38 7.19
CA GLU A 3170 36.85 -7.33 6.51
C GLU A 3170 35.89 -6.60 5.58
N ASN A 3171 35.83 -5.27 5.69
CA ASN A 3171 34.85 -4.48 4.97
C ASN A 3171 35.34 -4.19 3.55
N VAL A 3172 34.43 -4.35 2.58
CA VAL A 3172 34.69 -3.98 1.21
C VAL A 3172 33.62 -2.99 0.77
N VAL A 3173 33.96 -2.14 -0.20
CA VAL A 3173 32.99 -1.20 -0.74
C VAL A 3173 31.95 -2.01 -1.51
N GLY A 3174 30.75 -2.15 -0.93
CA GLY A 3174 29.74 -3.06 -1.45
C GLY A 3174 29.55 -4.25 -0.51
N SER A 3175 30.08 -5.42 -0.90
CA SER A 3175 29.93 -6.63 -0.09
C SER A 3175 30.99 -6.68 1.01
N TYR A 3176 31.12 -7.84 1.65
CA TYR A 3176 32.08 -8.06 2.72
C TYR A 3176 32.70 -9.45 2.56
N ILE A 3177 33.85 -9.66 3.21
CA ILE A 3177 34.52 -10.94 3.21
C ILE A 3177 34.76 -11.36 4.66
N CYS A 3178 34.44 -12.63 4.96
CA CYS A 3178 34.67 -13.20 6.27
C CYS A 3178 35.98 -13.99 6.26
N LYS A 3179 36.77 -13.83 7.33
CA LYS A 3179 38.04 -14.52 7.47
C LYS A 3179 38.12 -15.14 8.86
N CYS A 3180 39.10 -16.03 9.02
CA CYS A 3180 39.30 -16.78 10.26
C CYS A 3180 40.64 -16.38 10.87
N ALA A 3181 40.67 -16.33 12.20
CA ALA A 3181 41.88 -16.14 12.98
C ALA A 3181 42.80 -17.35 12.79
N PRO A 3182 44.13 -17.20 12.96
CA PRO A 3182 45.05 -18.32 12.86
C PRO A 3182 44.67 -19.45 13.82
N GLY A 3183 44.83 -20.69 13.35
CA GLY A 3183 44.38 -21.87 14.08
C GLY A 3183 42.98 -22.33 13.70
N TYR A 3184 42.22 -21.52 12.95
CA TYR A 3184 40.88 -21.90 12.51
C TYR A 3184 40.81 -21.93 10.98
N ILE A 3185 39.97 -22.82 10.44
CA ILE A 3185 39.75 -22.95 9.01
C ILE A 3185 38.27 -22.71 8.73
N ARG A 3186 37.98 -22.06 7.60
CA ARG A 3186 36.61 -21.78 7.21
C ARG A 3186 36.03 -22.99 6.48
N GLU A 3187 34.89 -23.49 6.98
CA GLU A 3187 34.21 -24.61 6.34
C GLU A 3187 33.63 -24.15 5.01
N PRO A 3188 33.32 -25.06 4.07
CA PRO A 3188 32.91 -24.67 2.71
C PRO A 3188 31.70 -23.74 2.59
N ASP A 3189 30.97 -23.49 3.69
CA ASP A 3189 29.83 -22.59 3.63
C ASP A 3189 30.26 -21.13 3.42
N GLY A 3190 31.55 -20.85 3.63
CA GLY A 3190 32.13 -19.54 3.32
C GLY A 3190 32.09 -18.58 4.51
N LYS A 3191 31.47 -18.96 5.63
CA LYS A 3191 31.35 -18.04 6.76
C LYS A 3191 31.70 -18.68 8.11
N SER A 3192 31.61 -20.01 8.26
CA SER A 3192 31.75 -20.64 9.57
C SER A 3192 33.16 -21.20 9.77
N CYS A 3193 33.93 -20.57 10.66
CA CYS A 3193 35.26 -21.06 11.00
C CYS A 3193 35.15 -22.22 12.00
N ARG A 3194 36.07 -23.19 11.87
CA ARG A 3194 36.15 -24.41 12.65
C ARG A 3194 37.57 -24.52 13.22
N GLN A 3195 37.70 -24.91 14.48
CA GLN A 3195 39.01 -24.99 15.12
C GLN A 3195 39.80 -26.16 14.53
N ASN A 3196 41.09 -25.94 14.23
CA ASN A 3196 41.89 -26.89 13.48
C ASN A 3196 42.70 -27.78 14.42
N SER A 3197 42.90 -27.37 15.68
CA SER A 3197 43.67 -28.18 16.61
C SER A 3197 42.94 -29.49 16.90
N ASN A 3198 43.71 -30.58 17.05
CA ASN A 3198 43.14 -31.87 17.38
C ASN A 3198 42.99 -32.03 18.89
N ILE A 3199 42.99 -30.90 19.62
CA ILE A 3199 42.66 -30.88 21.04
C ILE A 3199 41.22 -30.42 21.17
N GLU A 3200 40.41 -31.22 21.88
CA GLU A 3200 38.99 -30.90 22.02
C GLU A 3200 38.77 -30.10 23.29
N PRO A 3201 38.05 -28.95 23.21
CA PRO A 3201 37.83 -28.10 24.37
C PRO A 3201 36.83 -28.70 25.35
N TYR A 3202 37.03 -28.42 26.64
CA TYR A 3202 36.08 -28.82 27.66
C TYR A 3202 35.88 -27.67 28.64
N LEU A 3203 34.68 -27.56 29.20
CA LEU A 3203 34.37 -26.54 30.20
C LEU A 3203 34.90 -26.93 31.58
N ILE A 3204 35.38 -25.92 32.30
CA ILE A 3204 35.72 -26.04 33.71
C ILE A 3204 34.95 -24.97 34.46
N PHE A 3205 34.07 -25.39 35.37
CA PHE A 3205 33.30 -24.47 36.18
C PHE A 3205 33.32 -24.95 37.63
N SER A 3206 32.96 -24.02 38.53
CA SER A 3206 33.01 -24.22 39.97
C SER A 3206 31.60 -24.39 40.52
N ASN A 3207 31.34 -25.44 41.30
CA ASN A 3207 30.30 -25.39 42.31
C ASN A 3207 30.96 -24.90 43.61
N ARG A 3208 30.17 -24.62 44.65
CA ARG A 3208 30.75 -24.15 45.90
C ARG A 3208 31.83 -25.08 46.44
N TYR A 3209 31.58 -26.41 46.54
CA TYR A 3209 32.56 -27.33 47.10
C TYR A 3209 33.48 -27.98 46.06
N TYR A 3210 33.17 -27.86 44.75
CA TYR A 3210 33.79 -28.69 43.71
C TYR A 3210 34.25 -27.84 42.53
N ILE A 3211 35.37 -28.22 41.89
CA ILE A 3211 35.62 -27.78 40.53
C ILE A 3211 35.29 -28.96 39.63
N ARG A 3212 34.44 -28.69 38.63
CA ARG A 3212 33.93 -29.78 37.81
C ARG A 3212 34.43 -29.71 36.37
N ASN A 3213 34.50 -30.87 35.73
CA ASN A 3213 34.95 -30.99 34.35
C ASN A 3213 33.75 -31.42 33.51
N LEU A 3214 33.42 -30.63 32.48
CA LEU A 3214 32.27 -30.90 31.64
C LEU A 3214 32.66 -30.74 30.18
N THR A 3215 32.22 -31.68 29.34
CA THR A 3215 32.53 -31.60 27.92
C THR A 3215 31.67 -30.51 27.28
N THR A 3216 32.09 -30.06 26.10
CA THR A 3216 31.41 -29.02 25.34
C THR A 3216 30.02 -29.47 24.88
N ASP A 3217 29.86 -30.75 24.55
CA ASP A 3217 28.57 -31.29 24.16
C ASP A 3217 27.79 -31.85 25.37
N GLY A 3218 28.43 -31.86 26.54
CA GLY A 3218 27.79 -32.33 27.77
C GLY A 3218 27.84 -33.85 27.96
N SER A 3219 28.61 -34.56 27.12
CA SER A 3219 28.65 -36.01 27.16
C SER A 3219 29.28 -36.51 28.47
N SER A 3220 30.38 -35.88 28.89
CA SER A 3220 31.14 -36.34 30.05
C SER A 3220 31.08 -35.29 31.17
N TYR A 3221 31.19 -35.76 32.41
CA TYR A 3221 31.01 -34.92 33.57
C TYR A 3221 31.73 -35.54 34.76
N SER A 3222 32.78 -34.88 35.25
CA SER A 3222 33.61 -35.44 36.32
C SER A 3222 34.12 -34.33 37.22
N LEU A 3223 34.62 -34.73 38.41
CA LEU A 3223 35.19 -33.81 39.39
C LEU A 3223 36.69 -33.60 39.13
N ILE A 3224 37.12 -32.33 39.04
CA ILE A 3224 38.53 -32.00 39.07
C ILE A 3224 39.03 -31.99 40.51
N LEU A 3225 38.20 -31.52 41.45
CA LEU A 3225 38.59 -31.36 42.84
C LEU A 3225 37.34 -31.25 43.72
N GLN A 3226 37.44 -31.64 44.99
CA GLN A 3226 36.30 -31.61 45.91
C GLN A 3226 36.71 -31.29 47.35
N GLY A 3227 35.71 -30.97 48.18
CA GLY A 3227 35.90 -30.69 49.60
C GLY A 3227 36.33 -29.25 49.90
N LEU A 3228 36.15 -28.35 48.92
CA LEU A 3228 36.57 -26.96 49.03
C LEU A 3228 35.58 -26.16 49.88
N GLY A 3229 35.95 -24.93 50.25
CA GLY A 3229 35.08 -24.08 51.08
C GLY A 3229 33.93 -23.48 50.28
N ASN A 3230 34.24 -22.47 49.45
CA ASN A 3230 33.27 -21.88 48.55
C ASN A 3230 34.01 -21.28 47.35
N VAL A 3231 34.38 -22.12 46.38
CA VAL A 3231 35.08 -21.62 45.20
C VAL A 3231 34.11 -20.77 44.39
N VAL A 3232 34.40 -19.47 44.33
CA VAL A 3232 33.51 -18.51 43.68
C VAL A 3232 34.09 -18.03 42.34
N ALA A 3233 35.38 -18.28 42.08
CA ALA A 3233 36.01 -17.90 40.83
C ALA A 3233 37.15 -18.85 40.52
N LEU A 3234 37.44 -19.05 39.23
CA LEU A 3234 38.63 -19.78 38.83
C LEU A 3234 39.16 -19.26 37.49
N ASP A 3235 40.44 -19.52 37.26
CA ASP A 3235 41.04 -19.30 35.95
C ASP A 3235 42.21 -20.25 35.77
N PHE A 3236 42.66 -20.39 34.51
CA PHE A 3236 43.66 -21.37 34.17
C PHE A 3236 44.84 -20.69 33.46
N ASP A 3237 45.97 -21.39 33.45
CA ASP A 3237 47.15 -20.98 32.71
C ASP A 3237 47.60 -22.13 31.83
N ARG A 3238 47.65 -21.89 30.51
CA ARG A 3238 48.00 -22.94 29.56
C ARG A 3238 49.51 -23.17 29.53
N VAL A 3239 50.31 -22.17 29.96
CA VAL A 3239 51.76 -22.28 29.87
C VAL A 3239 52.25 -23.38 30.80
N GLU A 3240 51.78 -23.36 32.06
CA GLU A 3240 52.21 -24.33 33.05
C GLU A 3240 51.13 -25.39 33.31
N LYS A 3241 50.04 -25.37 32.53
CA LYS A 3241 48.92 -26.30 32.70
C LYS A 3241 48.43 -26.27 34.16
N ARG A 3242 48.30 -25.06 34.71
CA ARG A 3242 47.97 -24.88 36.10
C ARG A 3242 46.60 -24.20 36.22
N LEU A 3243 45.93 -24.43 37.35
CA LEU A 3243 44.58 -23.92 37.58
C LEU A 3243 44.60 -23.08 38.85
N TYR A 3244 43.93 -21.93 38.84
CA TYR A 3244 43.86 -21.02 39.99
C TYR A 3244 42.39 -20.82 40.36
N TRP A 3245 42.12 -20.66 41.67
CA TRP A 3245 40.77 -20.35 42.15
C TRP A 3245 40.78 -19.55 43.46
N ILE A 3246 39.70 -18.80 43.70
CA ILE A 3246 39.48 -18.10 44.96
C ILE A 3246 38.53 -18.94 45.80
N ASP A 3247 38.99 -19.37 46.99
CA ASP A 3247 38.09 -20.01 47.95
C ASP A 3247 37.59 -18.93 48.90
N ALA A 3248 36.37 -18.44 48.68
CA ALA A 3248 35.83 -17.30 49.42
C ALA A 3248 35.46 -17.68 50.85
N GLU A 3249 35.27 -18.97 51.17
CA GLU A 3249 34.99 -19.35 52.55
C GLU A 3249 36.27 -19.28 53.39
N LYS A 3250 37.42 -19.68 52.82
CA LYS A 3250 38.71 -19.64 53.49
C LYS A 3250 39.45 -18.31 53.28
N GLN A 3251 39.04 -17.52 52.28
CA GLN A 3251 39.64 -16.24 51.92
C GLN A 3251 41.10 -16.45 51.52
N ILE A 3252 41.35 -17.44 50.67
CA ILE A 3252 42.68 -17.72 50.15
C ILE A 3252 42.59 -17.93 48.63
N ILE A 3253 43.73 -17.78 47.97
CA ILE A 3253 43.86 -18.07 46.54
C ILE A 3253 44.86 -19.22 46.40
N GLU A 3254 44.40 -20.30 45.76
CA GLU A 3254 45.19 -21.50 45.62
C GLU A 3254 45.57 -21.72 44.15
N ARG A 3255 46.47 -22.69 43.93
CA ARG A 3255 46.77 -23.12 42.58
C ARG A 3255 47.21 -24.59 42.62
N MET A 3256 46.94 -25.29 41.53
CA MET A 3256 47.42 -26.67 41.40
C MET A 3256 47.53 -27.01 39.91
N PHE A 3257 48.39 -27.98 39.60
CA PHE A 3257 48.51 -28.47 38.23
C PHE A 3257 47.23 -29.18 37.82
N LEU A 3258 46.99 -29.27 36.51
CA LEU A 3258 45.76 -29.89 36.03
C LEU A 3258 45.79 -31.40 36.18
N ASN A 3259 46.97 -31.99 36.40
CA ASN A 3259 47.07 -33.41 36.70
C ASN A 3259 46.87 -33.67 38.21
N LYS A 3260 46.30 -32.68 38.93
CA LYS A 3260 45.84 -32.74 40.31
C LYS A 3260 46.97 -33.00 41.31
N THR A 3261 48.09 -32.29 41.18
CA THR A 3261 49.18 -32.40 42.13
C THR A 3261 49.81 -31.03 42.35
N ASN A 3262 50.70 -30.95 43.35
CA ASN A 3262 51.44 -29.74 43.69
C ASN A 3262 50.46 -28.60 44.00
N ARG A 3263 49.36 -28.92 44.68
CA ARG A 3263 48.43 -27.92 45.17
C ARG A 3263 49.13 -27.06 46.22
N GLU A 3264 48.92 -25.74 46.15
CA GLU A 3264 49.53 -24.82 47.10
C GLU A 3264 48.73 -23.53 47.16
N THR A 3265 48.97 -22.75 48.22
CA THR A 3265 48.27 -21.50 48.46
C THR A 3265 49.23 -20.35 48.27
N ILE A 3266 48.90 -19.42 47.36
CA ILE A 3266 49.83 -18.36 47.01
C ILE A 3266 49.50 -17.06 47.75
N ILE A 3267 48.22 -16.80 47.99
CA ILE A 3267 47.79 -15.60 48.70
C ILE A 3267 46.87 -16.00 49.83
N ASN A 3268 47.18 -15.53 51.04
CA ASN A 3268 46.36 -15.86 52.20
C ASN A 3268 46.19 -14.68 53.16
N HIS A 3269 46.59 -13.46 52.74
CA HIS A 3269 46.59 -12.33 53.66
C HIS A 3269 45.88 -11.14 53.03
N ARG A 3270 45.20 -10.36 53.88
CA ARG A 3270 44.50 -9.15 53.50
C ARG A 3270 43.63 -9.39 52.26
N LEU A 3271 42.78 -10.43 52.35
CA LEU A 3271 41.88 -10.78 51.25
C LEU A 3271 40.44 -10.68 51.75
N ARG A 3272 40.07 -9.50 52.25
CA ARG A 3272 38.79 -9.27 52.91
C ARG A 3272 37.64 -9.94 52.15
N ARG A 3273 37.48 -9.61 50.87
CA ARG A 3273 36.47 -10.25 50.03
C ARG A 3273 36.91 -10.20 48.58
N ALA A 3274 37.49 -11.30 48.09
CA ALA A 3274 37.82 -11.42 46.68
C ALA A 3274 36.59 -11.91 45.91
N GLU A 3275 36.42 -11.37 44.70
CA GLU A 3275 35.24 -11.68 43.89
C GLU A 3275 35.60 -12.48 42.64
N SER A 3276 36.51 -11.96 41.82
CA SER A 3276 36.84 -12.58 40.55
C SER A 3276 38.34 -12.44 40.31
N LEU A 3277 38.91 -13.40 39.57
CA LEU A 3277 40.34 -13.39 39.26
C LEU A 3277 40.54 -13.72 37.78
N ALA A 3278 41.69 -13.28 37.25
CA ALA A 3278 42.09 -13.57 35.88
C ALA A 3278 43.60 -13.73 35.86
N VAL A 3279 44.08 -14.71 35.08
CA VAL A 3279 45.49 -15.03 35.01
C VAL A 3279 46.03 -14.55 33.67
N ASP A 3280 47.13 -13.81 33.73
CA ASP A 3280 47.77 -13.29 32.53
C ASP A 3280 48.82 -14.29 32.06
N TRP A 3281 48.54 -14.95 30.95
CA TRP A 3281 49.45 -15.93 30.38
C TRP A 3281 50.70 -15.25 29.81
N VAL A 3282 50.60 -13.98 29.39
CA VAL A 3282 51.70 -13.33 28.69
C VAL A 3282 52.76 -12.85 29.69
N SER A 3283 52.37 -11.93 30.58
CA SER A 3283 53.30 -11.29 31.49
C SER A 3283 53.42 -12.06 32.81
N ARG A 3284 52.71 -13.20 32.93
CA ARG A 3284 52.74 -14.04 34.14
C ARG A 3284 52.31 -13.24 35.37
N LYS A 3285 51.18 -12.54 35.25
CA LYS A 3285 50.63 -11.74 36.32
C LYS A 3285 49.23 -12.24 36.67
N LEU A 3286 48.84 -12.01 37.93
CA LEU A 3286 47.54 -12.44 38.44
C LEU A 3286 46.75 -11.21 38.87
N TYR A 3287 45.55 -11.05 38.31
CA TYR A 3287 44.69 -9.91 38.59
C TYR A 3287 43.43 -10.39 39.28
N TRP A 3288 43.01 -9.67 40.33
CA TRP A 3288 41.79 -10.04 41.02
C TRP A 3288 41.14 -8.81 41.64
N LEU A 3289 39.82 -8.90 41.83
CA LEU A 3289 39.02 -7.81 42.36
C LEU A 3289 38.69 -8.08 43.81
N ASP A 3290 38.71 -7.01 44.63
CA ASP A 3290 38.27 -7.07 46.01
C ASP A 3290 37.03 -6.19 46.16
N ALA A 3291 35.96 -6.75 46.72
CA ALA A 3291 34.69 -6.06 46.80
C ALA A 3291 34.56 -5.23 48.08
N ILE A 3292 35.34 -5.55 49.12
CA ILE A 3292 35.30 -4.78 50.36
C ILE A 3292 36.22 -3.57 50.25
N LEU A 3293 37.45 -3.77 49.78
CA LEU A 3293 38.38 -2.67 49.61
C LEU A 3293 38.05 -1.86 48.36
N ASP A 3294 37.14 -2.37 47.51
CA ASP A 3294 36.68 -1.68 46.29
C ASP A 3294 37.89 -1.38 45.39
N CYS A 3295 38.61 -2.43 44.98
CA CYS A 3295 39.90 -2.26 44.33
C CYS A 3295 40.12 -3.35 43.29
N LEU A 3296 41.13 -3.10 42.41
CA LEU A 3296 41.63 -4.09 41.48
C LEU A 3296 43.12 -4.30 41.76
N PHE A 3297 43.49 -5.52 42.13
CA PHE A 3297 44.85 -5.84 42.55
C PHE A 3297 45.62 -6.49 41.40
N VAL A 3298 46.94 -6.61 41.61
CA VAL A 3298 47.82 -7.32 40.69
C VAL A 3298 48.92 -8.00 41.48
N SER A 3299 49.41 -9.12 40.95
CA SER A 3299 50.47 -9.89 41.58
C SER A 3299 51.06 -10.84 40.56
N ASP A 3300 52.28 -11.30 40.81
CA ASP A 3300 52.86 -12.36 39.99
C ASP A 3300 52.16 -13.67 40.32
N LEU A 3301 52.34 -14.67 39.46
CA LEU A 3301 51.62 -15.92 39.59
C LEU A 3301 51.99 -16.65 40.89
N GLU A 3302 53.16 -16.34 41.47
CA GLU A 3302 53.58 -16.96 42.71
C GLU A 3302 53.02 -16.24 43.93
N GLY A 3303 52.34 -15.11 43.74
CA GLY A 3303 51.59 -14.45 44.81
C GLY A 3303 52.41 -13.41 45.60
N ARG A 3304 53.46 -12.85 44.97
CA ARG A 3304 54.27 -11.82 45.60
C ARG A 3304 54.09 -10.49 44.88
N HIS A 3305 54.56 -9.40 45.51
CA HIS A 3305 54.57 -8.06 44.92
C HIS A 3305 53.15 -7.61 44.59
N ARG A 3306 52.28 -7.66 45.59
CA ARG A 3306 50.91 -7.20 45.43
C ARG A 3306 50.89 -5.68 45.27
N LYS A 3307 50.06 -5.20 44.33
CA LYS A 3307 49.97 -3.77 44.09
C LYS A 3307 48.54 -3.38 43.73
N MET A 3308 48.07 -2.28 44.33
CA MET A 3308 46.81 -1.66 43.97
C MET A 3308 46.99 -0.89 42.66
N ILE A 3309 46.13 -1.16 41.67
CA ILE A 3309 46.21 -0.46 40.39
C ILE A 3309 44.95 0.34 40.09
N ALA A 3310 43.86 0.17 40.86
CA ALA A 3310 42.67 0.98 40.67
C ALA A 3310 41.90 1.05 41.98
N GLN A 3311 41.34 2.24 42.25
CA GLN A 3311 40.47 2.46 43.40
C GLN A 3311 39.58 3.69 43.13
N HIS A 3312 38.65 3.94 44.05
CA HIS A 3312 37.72 5.07 43.97
C HIS A 3312 36.86 4.98 42.71
N CYS A 3313 36.95 5.98 41.82
CA CYS A 3313 36.03 6.10 40.70
C CYS A 3313 36.77 6.07 39.37
N VAL A 3314 36.01 6.02 38.27
CA VAL A 3314 36.57 5.81 36.95
C VAL A 3314 36.32 7.04 36.08
N ASP A 3315 35.05 7.43 35.97
CA ASP A 3315 34.67 8.53 35.10
C ASP A 3315 35.19 9.86 35.67
N ALA A 3316 35.25 10.87 34.80
CA ALA A 3316 35.70 12.21 35.18
C ALA A 3316 34.73 12.86 36.16
N ASN A 3317 33.46 12.45 36.14
CA ASN A 3317 32.43 13.00 36.99
C ASN A 3317 32.33 12.28 38.34
N ASN A 3318 33.07 11.17 38.51
CA ASN A 3318 33.00 10.33 39.70
C ASN A 3318 31.57 9.83 39.92
N THR A 3319 30.88 9.50 38.82
CA THR A 3319 29.53 8.95 38.89
C THR A 3319 29.59 7.42 39.03
N PHE A 3320 30.61 6.79 38.41
CA PHE A 3320 30.76 5.34 38.45
C PHE A 3320 32.01 5.02 39.26
N CYS A 3321 31.84 4.26 40.35
CA CYS A 3321 32.92 3.98 41.27
C CYS A 3321 32.88 2.51 41.68
N PHE A 3322 34.03 1.98 42.12
CA PHE A 3322 34.09 0.63 42.64
C PHE A 3322 33.17 0.56 43.86
N GLU A 3323 32.04 -0.13 43.72
CA GLU A 3323 31.14 -0.41 44.84
C GLU A 3323 30.97 -1.92 45.00
N HIS A 3324 30.66 -2.62 43.90
CA HIS A 3324 30.49 -4.07 43.90
C HIS A 3324 31.19 -4.67 42.69
N PRO A 3325 32.53 -4.71 42.67
CA PRO A 3325 33.26 -5.30 41.55
C PRO A 3325 32.95 -6.79 41.42
N ARG A 3326 32.75 -7.24 40.18
CA ARG A 3326 32.50 -8.64 39.90
C ARG A 3326 32.75 -8.90 38.43
N GLY A 3327 33.46 -10.00 38.14
CA GLY A 3327 33.80 -10.36 36.77
C GLY A 3327 34.99 -9.57 36.26
N ILE A 3328 35.93 -10.26 35.61
CA ILE A 3328 37.13 -9.63 35.10
C ILE A 3328 37.61 -10.42 33.88
N VAL A 3329 38.14 -9.71 32.87
CA VAL A 3329 38.74 -10.35 31.70
C VAL A 3329 39.92 -9.50 31.23
N LEU A 3330 41.04 -10.16 30.92
CA LEU A 3330 42.22 -9.47 30.39
C LEU A 3330 42.17 -9.48 28.86
N HIS A 3331 42.84 -8.51 28.24
CA HIS A 3331 43.08 -8.54 26.81
C HIS A 3331 44.53 -8.16 26.53
N PRO A 3332 45.51 -9.04 26.80
CA PRO A 3332 46.92 -8.69 26.78
C PRO A 3332 47.46 -8.27 25.41
N GLN A 3333 46.68 -8.43 24.33
CA GLN A 3333 47.04 -7.95 23.01
C GLN A 3333 47.06 -6.42 22.95
N ARG A 3334 46.12 -5.79 23.66
CA ARG A 3334 46.02 -4.33 23.74
C ARG A 3334 46.19 -3.80 25.16
N GLY A 3335 46.54 -4.69 26.10
CA GLY A 3335 46.97 -4.29 27.43
C GLY A 3335 45.86 -3.62 28.23
N HIS A 3336 44.66 -4.20 28.19
CA HIS A 3336 43.51 -3.65 28.92
C HIS A 3336 42.92 -4.71 29.86
N VAL A 3337 42.32 -4.23 30.94
CA VAL A 3337 41.57 -5.08 31.86
C VAL A 3337 40.13 -4.57 31.88
N TYR A 3338 39.16 -5.45 31.62
CA TYR A 3338 37.76 -5.07 31.69
C TYR A 3338 37.14 -5.74 32.91
N TRP A 3339 36.35 -4.98 33.66
CA TRP A 3339 35.65 -5.50 34.82
C TRP A 3339 34.26 -4.89 34.87
N ALA A 3340 33.38 -5.51 35.67
CA ALA A 3340 32.01 -5.03 35.80
C ALA A 3340 31.70 -4.76 37.27
N ASP A 3341 30.71 -3.89 37.48
CA ASP A 3341 30.24 -3.54 38.82
C ASP A 3341 28.72 -3.48 38.80
N TRP A 3342 28.09 -4.11 39.80
CA TRP A 3342 26.63 -4.15 39.89
C TRP A 3342 26.14 -3.27 41.02
N GLY A 3343 26.84 -2.17 41.28
CA GLY A 3343 26.43 -1.19 42.27
C GLY A 3343 25.18 -0.43 41.81
N VAL A 3344 24.84 0.66 42.51
CA VAL A 3344 23.70 1.46 42.13
C VAL A 3344 23.92 2.05 40.74
N HIS A 3345 25.11 2.60 40.50
CA HIS A 3345 25.48 3.07 39.18
C HIS A 3345 26.33 2.00 38.50
N ALA A 3346 25.66 0.94 38.02
CA ALA A 3346 26.32 -0.20 37.41
C ALA A 3346 27.01 0.22 36.11
N TYR A 3347 28.15 -0.38 35.83
CA TYR A 3347 28.93 -0.06 34.64
C TYR A 3347 29.89 -1.21 34.34
N ILE A 3348 30.46 -1.17 33.13
CA ILE A 3348 31.61 -1.99 32.77
C ILE A 3348 32.76 -1.04 32.54
N GLY A 3349 33.83 -1.21 33.32
CA GLY A 3349 34.97 -0.32 33.27
C GLY A 3349 36.08 -0.88 32.38
N ARG A 3350 37.12 -0.06 32.19
CA ARG A 3350 38.33 -0.49 31.51
C ARG A 3350 39.51 0.25 32.13
N ILE A 3351 40.65 -0.44 32.24
CA ILE A 3351 41.88 0.17 32.68
C ILE A 3351 43.04 -0.52 31.98
N GLY A 3352 44.16 0.19 31.83
CA GLY A 3352 45.38 -0.42 31.36
C GLY A 3352 45.89 -1.46 32.35
N MET A 3353 46.66 -2.43 31.85
CA MET A 3353 47.20 -3.48 32.70
C MET A 3353 48.18 -2.90 33.72
N ASP A 3354 48.70 -1.69 33.49
CA ASP A 3354 49.62 -1.03 34.39
C ASP A 3354 48.94 0.10 35.18
N GLY A 3355 47.61 0.22 35.09
CA GLY A 3355 46.84 1.11 35.95
C GLY A 3355 46.70 2.53 35.39
N THR A 3356 46.59 2.64 34.06
CA THR A 3356 46.38 3.91 33.39
C THR A 3356 45.20 3.78 32.43
N ASN A 3357 44.67 4.94 32.00
CA ASN A 3357 43.61 5.06 31.00
C ASN A 3357 42.28 4.48 31.50
N LYS A 3358 41.90 4.84 32.75
CA LYS A 3358 40.61 4.46 33.29
C LYS A 3358 39.50 5.06 32.43
N SER A 3359 38.52 4.25 32.09
CA SER A 3359 37.39 4.70 31.27
C SER A 3359 36.18 3.83 31.54
N VAL A 3360 35.00 4.33 31.13
CA VAL A 3360 33.76 3.60 31.27
C VAL A 3360 33.30 3.18 29.87
N ILE A 3361 33.06 1.86 29.71
CA ILE A 3361 32.75 1.28 28.41
C ILE A 3361 31.24 1.17 28.22
N ILE A 3362 30.53 0.61 29.21
CA ILE A 3362 29.07 0.51 29.16
C ILE A 3362 28.51 1.13 30.44
N SER A 3363 27.46 1.96 30.33
CA SER A 3363 26.84 2.55 31.50
C SER A 3363 25.31 2.64 31.40
N THR A 3364 24.73 2.25 30.26
CA THR A 3364 23.30 2.40 30.05
C THR A 3364 22.65 1.05 29.82
N LYS A 3365 21.41 0.90 30.30
CA LYS A 3365 20.64 -0.34 30.20
C LYS A 3365 21.44 -1.50 30.80
N ILE A 3366 21.85 -1.32 32.06
CA ILE A 3366 22.68 -2.31 32.74
C ILE A 3366 22.42 -2.17 34.23
N GLU A 3367 22.08 -3.28 34.89
CA GLU A 3367 21.72 -3.25 36.30
C GLU A 3367 22.57 -4.22 37.11
N TRP A 3368 22.70 -5.46 36.63
CA TRP A 3368 23.40 -6.51 37.35
C TRP A 3368 24.39 -7.23 36.43
N PRO A 3369 25.49 -6.58 36.01
CA PRO A 3369 26.48 -7.26 35.17
C PRO A 3369 27.39 -8.21 35.96
N ASN A 3370 26.89 -9.42 36.22
CA ASN A 3370 27.68 -10.41 36.93
C ASN A 3370 28.79 -11.00 36.04
N ALA A 3371 28.53 -11.08 34.73
CA ALA A 3371 29.30 -11.90 33.80
C ALA A 3371 30.02 -11.03 32.78
N ILE A 3372 31.28 -11.36 32.44
CA ILE A 3372 32.01 -10.61 31.42
C ILE A 3372 33.07 -11.49 30.76
N THR A 3373 33.29 -11.32 29.44
CA THR A 3373 34.37 -11.99 28.72
C THR A 3373 34.63 -11.31 27.38
N ILE A 3374 35.70 -11.72 26.70
CA ILE A 3374 36.06 -11.21 25.38
C ILE A 3374 36.26 -12.43 24.50
N ASP A 3375 35.89 -12.37 23.20
CA ASP A 3375 35.91 -13.58 22.40
C ASP A 3375 37.29 -13.83 21.75
N TYR A 3376 38.18 -12.82 21.72
CA TYR A 3376 39.53 -12.84 21.14
C TYR A 3376 39.60 -13.06 19.63
N THR A 3377 38.73 -13.88 19.02
CA THR A 3377 38.82 -14.14 17.59
C THR A 3377 38.17 -13.01 16.78
N ASN A 3378 37.06 -12.47 17.27
CA ASN A 3378 36.34 -11.38 16.64
C ASN A 3378 36.62 -10.04 17.33
N ASP A 3379 37.19 -10.07 18.55
CA ASP A 3379 37.47 -8.89 19.37
C ASP A 3379 36.17 -8.20 19.76
N LEU A 3380 35.22 -8.99 20.28
CA LEU A 3380 33.97 -8.48 20.84
C LEU A 3380 33.98 -8.70 22.35
N LEU A 3381 33.52 -7.67 23.08
CA LEU A 3381 33.22 -7.76 24.50
C LEU A 3381 31.82 -8.38 24.68
N TYR A 3382 31.67 -9.32 25.61
CA TYR A 3382 30.38 -9.92 25.93
C TYR A 3382 30.10 -9.77 27.42
N TRP A 3383 28.83 -9.52 27.78
CA TRP A 3383 28.43 -9.54 29.18
C TRP A 3383 26.98 -9.99 29.31
N ALA A 3384 26.62 -10.40 30.53
CA ALA A 3384 25.26 -10.81 30.85
C ALA A 3384 24.79 -10.02 32.06
N ASP A 3385 23.52 -9.61 32.02
CA ASP A 3385 22.89 -8.89 33.12
C ASP A 3385 21.94 -9.85 33.83
N ALA A 3386 22.06 -9.94 35.15
CA ALA A 3386 21.23 -10.86 35.94
C ALA A 3386 19.82 -10.32 36.12
N HIS A 3387 19.66 -9.00 36.21
CA HIS A 3387 18.35 -8.41 36.43
C HIS A 3387 17.57 -8.31 35.12
N LEU A 3388 18.11 -7.54 34.17
CA LEU A 3388 17.48 -7.40 32.86
C LEU A 3388 17.47 -8.72 32.10
N GLY A 3389 18.32 -9.67 32.51
CA GLY A 3389 18.25 -11.04 32.04
C GLY A 3389 18.71 -11.23 30.59
N TYR A 3390 19.59 -10.34 30.09
CA TYR A 3390 20.04 -10.43 28.71
C TYR A 3390 21.49 -10.94 28.65
N ILE A 3391 21.90 -11.35 27.45
CA ILE A 3391 23.30 -11.37 27.06
C ILE A 3391 23.43 -10.40 25.89
N GLU A 3392 24.45 -9.56 25.94
CA GLU A 3392 24.67 -8.55 24.92
C GLU A 3392 26.17 -8.55 24.61
N PHE A 3393 26.53 -8.09 23.41
CA PHE A 3393 27.92 -7.95 23.06
C PHE A 3393 28.14 -6.60 22.37
N SER A 3394 29.40 -6.18 22.30
CA SER A 3394 29.75 -4.84 21.86
C SER A 3394 31.17 -4.83 21.30
N ASP A 3395 31.49 -3.81 20.49
CA ASP A 3395 32.86 -3.49 20.16
C ASP A 3395 33.67 -3.25 21.44
N LEU A 3396 35.01 -3.39 21.39
CA LEU A 3396 35.83 -3.24 22.58
C LEU A 3396 35.82 -1.80 23.15
N GLU A 3397 35.36 -0.81 22.35
CA GLU A 3397 35.23 0.57 22.79
C GLU A 3397 33.83 0.89 23.32
N GLY A 3398 32.92 -0.09 23.35
CA GLY A 3398 31.57 0.05 23.89
C GLY A 3398 30.51 0.43 22.85
N HIS A 3399 30.93 0.64 21.60
CA HIS A 3399 30.03 0.97 20.50
C HIS A 3399 29.28 -0.26 19.98
N HIS A 3400 28.20 -0.01 19.21
CA HIS A 3400 27.52 -1.03 18.40
C HIS A 3400 27.15 -2.27 19.21
N ARG A 3401 26.23 -2.11 20.17
CA ARG A 3401 25.77 -3.18 21.04
C ARG A 3401 24.68 -4.02 20.35
N HIS A 3402 24.68 -5.34 20.56
CA HIS A 3402 23.63 -6.22 20.05
C HIS A 3402 23.24 -7.24 21.13
N THR A 3403 21.92 -7.42 21.35
CA THR A 3403 21.46 -8.39 22.33
C THR A 3403 21.35 -9.77 21.67
N VAL A 3404 21.89 -10.78 22.36
CA VAL A 3404 21.80 -12.18 21.95
C VAL A 3404 20.50 -12.77 22.48
N TYR A 3405 20.29 -12.67 23.81
CA TYR A 3405 19.06 -13.08 24.46
C TYR A 3405 18.35 -11.83 24.98
N ASP A 3406 17.10 -11.61 24.52
CA ASP A 3406 16.41 -10.36 24.82
C ASP A 3406 15.66 -10.50 26.14
N GLY A 3407 16.42 -10.53 27.23
CA GLY A 3407 15.88 -10.48 28.58
C GLY A 3407 15.19 -11.77 29.03
N SER A 3408 15.49 -12.89 28.36
CA SER A 3408 14.82 -14.15 28.66
C SER A 3408 15.63 -15.03 29.60
N LEU A 3409 16.81 -14.59 30.05
CA LEU A 3409 17.57 -15.47 30.93
C LEU A 3409 17.27 -15.14 32.37
N PRO A 3410 17.02 -16.17 33.22
CA PRO A 3410 16.68 -15.94 34.62
C PRO A 3410 17.73 -15.17 35.39
N HIS A 3411 18.96 -15.69 35.45
CA HIS A 3411 19.99 -15.11 36.31
C HIS A 3411 21.39 -15.57 35.92
N PRO A 3412 21.92 -15.17 34.75
CA PRO A 3412 23.27 -15.59 34.38
C PRO A 3412 24.30 -14.99 35.32
N PHE A 3413 25.41 -15.72 35.54
CA PHE A 3413 26.45 -15.26 36.45
C PHE A 3413 27.80 -15.16 35.77
N ALA A 3414 28.18 -16.15 34.97
CA ALA A 3414 29.46 -16.16 34.28
C ALA A 3414 29.23 -16.71 32.88
N LEU A 3415 29.97 -16.20 31.90
CA LEU A 3415 29.82 -16.69 30.55
C LEU A 3415 31.20 -16.77 29.89
N THR A 3416 31.31 -17.64 28.88
CA THR A 3416 32.54 -17.87 28.15
C THR A 3416 32.20 -18.22 26.70
N ILE A 3417 33.16 -18.10 25.78
CA ILE A 3417 32.92 -18.29 24.36
C ILE A 3417 33.85 -19.41 23.87
N PHE A 3418 33.40 -20.22 22.90
CA PHE A 3418 34.37 -20.91 22.07
C PHE A 3418 33.80 -21.13 20.67
N GLU A 3419 34.61 -20.86 19.64
CA GLU A 3419 34.20 -21.03 18.25
C GLU A 3419 32.91 -20.24 17.99
N ASP A 3420 31.74 -20.92 17.81
CA ASP A 3420 30.46 -20.28 17.58
C ASP A 3420 29.56 -20.22 18.83
N THR A 3421 29.98 -20.79 19.96
CA THR A 3421 29.06 -21.06 21.07
C THR A 3421 29.36 -20.17 22.28
N VAL A 3422 28.34 -19.48 22.82
CA VAL A 3422 28.39 -18.95 24.18
C VAL A 3422 28.03 -20.07 25.15
N PHE A 3423 28.69 -20.09 26.32
CA PHE A 3423 28.30 -20.95 27.41
C PHE A 3423 28.10 -20.08 28.63
N TRP A 3424 27.11 -20.37 29.48
CA TRP A 3424 26.92 -19.56 30.68
C TRP A 3424 26.36 -20.39 31.83
N THR A 3425 26.59 -19.89 33.05
CA THR A 3425 26.07 -20.53 34.24
C THR A 3425 24.90 -19.71 34.76
N ASP A 3426 23.80 -20.40 35.06
CA ASP A 3426 22.57 -19.75 35.48
C ASP A 3426 22.31 -20.10 36.94
N TRP A 3427 22.10 -19.08 37.79
CA TRP A 3427 21.94 -19.30 39.21
C TRP A 3427 20.55 -19.83 39.55
N ASN A 3428 19.51 -19.19 39.02
CA ASN A 3428 18.15 -19.52 39.39
C ASN A 3428 17.80 -20.97 39.06
N THR A 3429 18.18 -21.42 37.85
CA THR A 3429 17.93 -22.79 37.43
C THR A 3429 19.05 -23.73 37.86
N ARG A 3430 20.18 -23.18 38.34
CA ARG A 3430 21.38 -23.95 38.69
C ARG A 3430 21.84 -24.82 37.53
N THR A 3431 21.84 -24.22 36.34
CA THR A 3431 22.10 -24.95 35.10
C THR A 3431 23.29 -24.34 34.37
N VAL A 3432 23.97 -25.18 33.60
CA VAL A 3432 24.95 -24.73 32.62
C VAL A 3432 24.33 -24.92 31.24
N GLU A 3433 24.38 -23.86 30.44
CA GLU A 3433 23.68 -23.84 29.17
C GLU A 3433 24.60 -23.31 28.08
N LYS A 3434 24.25 -23.62 26.82
CA LYS A 3434 25.03 -23.17 25.67
C LYS A 3434 24.07 -22.73 24.57
N GLY A 3435 24.58 -21.94 23.60
CA GLY A 3435 23.80 -21.53 22.44
C GLY A 3435 24.66 -20.72 21.46
N ASN A 3436 24.12 -20.38 20.28
CA ASN A 3436 24.89 -19.65 19.30
C ASN A 3436 25.20 -18.22 19.80
N LYS A 3437 26.48 -17.81 19.71
CA LYS A 3437 26.99 -16.56 20.27
C LYS A 3437 26.45 -15.28 19.62
N TYR A 3438 25.65 -15.39 18.54
CA TYR A 3438 25.16 -14.22 17.84
C TYR A 3438 23.63 -14.06 17.90
N ASP A 3439 22.86 -15.15 17.89
CA ASP A 3439 21.41 -15.02 17.92
C ASP A 3439 20.76 -15.88 19.01
N GLY A 3440 21.56 -16.67 19.74
CA GLY A 3440 21.09 -17.49 20.83
C GLY A 3440 20.31 -18.72 20.39
N SER A 3441 20.28 -19.03 19.08
CA SER A 3441 19.59 -20.22 18.59
C SER A 3441 20.34 -21.47 19.04
N GLY A 3442 19.61 -22.60 19.04
CA GLY A 3442 20.15 -23.89 19.44
C GLY A 3442 20.51 -23.96 20.93
N ARG A 3443 19.74 -23.24 21.75
CA ARG A 3443 19.93 -23.25 23.20
C ARG A 3443 19.74 -24.66 23.75
N VAL A 3444 20.72 -25.13 24.52
CA VAL A 3444 20.72 -26.48 25.07
C VAL A 3444 21.21 -26.42 26.50
N VAL A 3445 20.56 -27.17 27.39
CA VAL A 3445 21.00 -27.30 28.76
C VAL A 3445 22.02 -28.44 28.83
N LEU A 3446 23.24 -28.12 29.29
CA LEU A 3446 24.30 -29.10 29.38
C LEU A 3446 24.19 -29.92 30.65
N VAL A 3447 23.99 -29.26 31.80
CA VAL A 3447 23.96 -29.96 33.07
C VAL A 3447 23.23 -29.09 34.09
N ASN A 3448 22.82 -29.72 35.20
CA ASN A 3448 22.10 -29.03 36.26
C ASN A 3448 22.47 -29.65 37.59
N THR A 3449 22.96 -28.80 38.50
CA THR A 3449 23.61 -29.26 39.72
C THR A 3449 22.78 -28.85 40.94
N THR A 3450 23.13 -29.42 42.09
CA THR A 3450 22.49 -29.09 43.35
C THR A 3450 22.91 -27.69 43.82
N HIS A 3451 24.19 -27.36 43.64
CA HIS A 3451 24.71 -26.08 44.09
C HIS A 3451 24.78 -25.09 42.94
N LYS A 3452 24.90 -23.81 43.26
CA LYS A 3452 25.05 -22.78 42.25
C LYS A 3452 26.36 -22.99 41.49
N PRO A 3453 26.38 -22.75 40.16
CA PRO A 3453 27.63 -22.72 39.41
C PRO A 3453 28.26 -21.32 39.32
N PHE A 3454 29.58 -21.26 39.38
CA PHE A 3454 30.32 -20.01 39.35
C PHE A 3454 31.47 -20.09 38.37
N ASP A 3455 31.63 -19.04 37.56
CA ASP A 3455 32.86 -18.77 36.81
C ASP A 3455 33.27 -19.95 35.93
N ILE A 3456 32.45 -20.23 34.91
CA ILE A 3456 32.78 -21.21 33.89
C ILE A 3456 33.85 -20.67 32.92
N HIS A 3457 34.77 -21.56 32.48
CA HIS A 3457 35.81 -21.25 31.52
C HIS A 3457 35.96 -22.40 30.52
N VAL A 3458 36.13 -22.10 29.22
CA VAL A 3458 36.52 -23.11 28.25
C VAL A 3458 38.03 -23.31 28.31
N TYR A 3459 38.48 -24.51 28.71
CA TYR A 3459 39.90 -24.80 28.73
C TYR A 3459 40.37 -25.25 27.35
N HIS A 3460 41.14 -24.40 26.67
CA HIS A 3460 41.68 -24.72 25.36
C HIS A 3460 42.75 -23.70 25.01
N PRO A 3461 43.90 -24.10 24.45
CA PRO A 3461 44.98 -23.14 24.19
C PRO A 3461 44.61 -21.99 23.26
N TYR A 3462 43.51 -22.12 22.51
CA TYR A 3462 43.06 -21.04 21.62
C TYR A 3462 42.52 -19.87 22.46
N ARG A 3463 42.05 -20.16 23.67
CA ARG A 3463 41.44 -19.16 24.55
C ARG A 3463 42.47 -18.40 25.39
N GLN A 3464 43.77 -18.62 25.12
CA GLN A 3464 44.84 -17.77 25.64
C GLN A 3464 45.86 -17.52 24.53
N PRO A 3465 45.53 -16.78 23.46
CA PRO A 3465 46.33 -16.78 22.23
C PRO A 3465 47.78 -16.35 22.47
N ILE A 3466 48.71 -16.95 21.70
CA ILE A 3466 50.14 -16.71 21.84
C ILE A 3466 50.46 -15.25 21.52
N MET A 3467 51.26 -14.62 22.39
CA MET A 3467 51.73 -13.26 22.15
C MET A 3467 53.13 -13.11 22.73
N SER A 3468 53.89 -12.17 22.15
CA SER A 3468 55.21 -11.84 22.64
C SER A 3468 55.11 -11.19 24.02
N ASN A 3469 56.05 -11.51 24.90
CA ASN A 3469 56.10 -10.92 26.22
C ASN A 3469 56.96 -9.66 26.16
N PRO A 3470 56.39 -8.45 26.40
CA PRO A 3470 57.21 -7.24 26.46
C PRO A 3470 58.32 -7.29 27.50
N CYS A 3471 58.07 -7.97 28.62
CA CYS A 3471 59.06 -8.11 29.69
C CYS A 3471 59.98 -9.31 29.44
N GLY A 3472 60.17 -9.70 28.18
CA GLY A 3472 60.86 -10.93 27.80
C GLY A 3472 62.20 -11.17 28.51
N THR A 3473 62.26 -12.30 29.23
CA THR A 3473 63.47 -12.93 29.75
C THR A 3473 64.39 -11.97 30.51
N ASN A 3474 63.87 -10.83 30.97
CA ASN A 3474 64.67 -9.93 31.77
C ASN A 3474 63.83 -9.21 32.84
N ASN A 3475 62.56 -9.62 33.02
CA ASN A 3475 61.62 -8.89 33.88
C ASN A 3475 61.51 -7.43 33.43
N GLY A 3476 61.80 -7.16 32.15
CA GLY A 3476 61.79 -5.82 31.58
C GLY A 3476 62.82 -4.89 32.24
N GLY A 3477 63.79 -5.48 32.95
CA GLY A 3477 64.75 -4.72 33.72
C GLY A 3477 64.17 -4.07 34.98
N CYS A 3478 62.89 -4.34 35.28
CA CYS A 3478 62.25 -3.75 36.44
C CYS A 3478 62.69 -4.49 37.70
N SER A 3479 62.75 -3.77 38.82
CA SER A 3479 63.18 -4.33 40.10
C SER A 3479 62.18 -5.37 40.61
N HIS A 3480 60.90 -4.99 40.63
CA HIS A 3480 59.88 -5.83 41.23
C HIS A 3480 58.84 -6.31 40.21
N LEU A 3481 58.14 -5.35 39.58
CA LEU A 3481 57.03 -5.68 38.70
C LEU A 3481 57.23 -5.04 37.33
N CYS A 3482 56.93 -5.82 36.28
CA CYS A 3482 56.87 -5.32 34.92
C CYS A 3482 55.46 -5.53 34.41
N LEU A 3483 54.75 -4.43 34.12
CA LEU A 3483 53.35 -4.47 33.72
C LEU A 3483 53.22 -3.95 32.29
N ILE A 3484 52.31 -4.55 31.51
CA ILE A 3484 52.13 -4.18 30.13
C ILE A 3484 51.47 -2.81 30.05
N LYS A 3485 52.03 -1.94 29.21
CA LYS A 3485 51.47 -0.60 29.02
C LYS A 3485 50.14 -0.68 28.29
N ALA A 3486 49.28 0.33 28.53
CA ALA A 3486 48.04 0.47 27.79
C ALA A 3486 48.36 0.55 26.30
N GLY A 3487 47.62 -0.22 25.49
CA GLY A 3487 47.92 -0.37 24.07
C GLY A 3487 48.78 -1.59 23.75
N GLY A 3488 49.36 -2.25 24.78
CA GLY A 3488 50.01 -3.54 24.60
C GLY A 3488 51.48 -3.43 24.18
N ARG A 3489 51.88 -2.31 23.58
CA ARG A 3489 53.20 -2.21 22.94
C ARG A 3489 54.31 -2.15 23.99
N GLY A 3490 54.15 -1.30 25.01
CA GLY A 3490 55.22 -1.02 25.96
C GLY A 3490 55.02 -1.75 27.28
N PHE A 3491 55.91 -1.45 28.23
CA PHE A 3491 55.81 -1.98 29.58
C PHE A 3491 56.21 -0.90 30.58
N THR A 3492 55.71 -1.06 31.82
CA THR A 3492 55.91 -0.08 32.87
C THR A 3492 56.39 -0.80 34.13
N CYS A 3493 57.48 -0.31 34.71
CA CYS A 3493 57.96 -0.82 35.99
C CYS A 3493 57.09 -0.26 37.11
N ALA A 3494 56.85 -1.10 38.12
CA ALA A 3494 56.01 -0.72 39.24
C ALA A 3494 56.60 -1.29 40.53
N CYS A 3495 56.07 -0.79 41.66
CA CYS A 3495 56.50 -1.23 42.97
C CYS A 3495 55.30 -1.79 43.75
N PRO A 3496 55.53 -2.73 44.68
CA PRO A 3496 54.44 -3.28 45.49
C PRO A 3496 53.77 -2.22 46.38
N ASP A 3497 52.82 -2.66 47.20
CA ASP A 3497 52.02 -1.74 48.02
C ASP A 3497 52.91 -0.90 48.94
N ASP A 3498 53.65 -1.54 49.84
CA ASP A 3498 54.44 -0.82 50.84
C ASP A 3498 55.83 -0.47 50.29
N PHE A 3499 55.87 0.13 49.10
CA PHE A 3499 57.11 0.62 48.52
C PHE A 3499 56.87 1.99 47.90
N GLN A 3500 57.92 2.82 47.89
CA GLN A 3500 57.84 4.17 47.34
C GLN A 3500 58.59 4.20 46.01
N THR A 3501 57.92 4.73 44.98
CA THR A 3501 58.48 4.80 43.64
C THR A 3501 59.30 6.08 43.50
N VAL A 3502 60.59 5.99 43.81
CA VAL A 3502 61.50 7.11 43.65
C VAL A 3502 62.10 7.01 42.25
N GLN A 3503 61.40 7.61 41.28
CA GLN A 3503 61.78 7.50 39.88
C GLN A 3503 63.08 8.26 39.63
N LEU A 3504 64.07 7.57 39.06
CA LEU A 3504 65.38 8.14 38.78
C LEU A 3504 65.48 8.43 37.28
N ARG A 3505 66.67 8.78 36.80
CA ARG A 3505 66.87 9.26 35.45
C ARG A 3505 66.53 8.17 34.43
N ASP A 3506 67.00 6.94 34.68
CA ASP A 3506 66.85 5.85 33.73
C ASP A 3506 66.39 4.57 34.42
N ARG A 3507 65.86 4.65 35.64
CA ARG A 3507 65.30 3.50 36.32
C ARG A 3507 64.32 3.97 37.40
N THR A 3508 63.45 3.06 37.84
CA THR A 3508 62.56 3.33 38.95
C THR A 3508 63.08 2.64 40.20
N LEU A 3509 63.31 3.44 41.25
CA LEU A 3509 63.71 2.89 42.54
C LEU A 3509 62.47 2.57 43.38
N CYS A 3510 62.34 1.29 43.76
CA CYS A 3510 61.30 0.86 44.68
C CYS A 3510 61.90 0.89 46.09
N MET A 3511 61.78 2.04 46.75
CA MET A 3511 62.31 2.20 48.10
C MET A 3511 61.31 1.66 49.10
N PRO A 3512 61.72 0.73 49.99
CA PRO A 3512 60.79 0.17 50.97
C PRO A 3512 60.22 1.24 51.89
N MET A 3513 58.92 1.15 52.17
CA MET A 3513 58.22 2.09 53.03
C MET A 3513 57.11 1.33 53.75
N CYS A 3514 57.44 0.84 54.96
CA CYS A 3514 56.54 -0.03 55.70
C CYS A 3514 56.34 0.53 57.11
N SER A 3515 55.14 0.31 57.65
CA SER A 3515 54.73 0.90 58.92
C SER A 3515 55.51 0.30 60.09
N SER A 3516 55.41 0.94 61.26
CA SER A 3516 56.05 0.46 62.48
C SER A 3516 55.45 -0.86 62.98
N THR A 3517 54.30 -1.26 62.43
CA THR A 3517 53.68 -2.55 62.73
C THR A 3517 54.03 -3.61 61.68
N GLN A 3518 55.05 -3.33 60.84
CA GLN A 3518 55.48 -4.26 59.80
C GLN A 3518 56.97 -4.55 59.95
N PHE A 3519 57.39 -5.72 59.44
CA PHE A 3519 58.77 -6.14 59.47
C PHE A 3519 59.30 -6.23 58.04
N LEU A 3520 60.47 -5.64 57.80
CA LEU A 3520 61.09 -5.66 56.48
C LEU A 3520 61.99 -6.89 56.36
N CYS A 3521 61.79 -7.66 55.28
CA CYS A 3521 62.56 -8.88 55.06
C CYS A 3521 64.01 -8.55 54.72
N GLY A 3522 64.88 -9.57 54.76
CA GLY A 3522 66.31 -9.39 54.63
C GLY A 3522 66.72 -8.79 53.29
N ASN A 3523 66.14 -9.26 52.18
CA ASN A 3523 66.53 -8.81 50.85
C ASN A 3523 65.70 -7.63 50.37
N ASN A 3524 64.82 -7.09 51.22
CA ASN A 3524 63.84 -6.06 50.85
C ASN A 3524 62.92 -6.54 49.73
N GLU A 3525 62.67 -7.86 49.67
CA GLU A 3525 61.78 -8.44 48.68
C GLU A 3525 60.32 -8.13 49.03
N LYS A 3526 60.02 -8.03 50.33
CA LYS A 3526 58.68 -7.68 50.81
C LYS A 3526 58.76 -7.29 52.28
N CYS A 3527 57.66 -6.74 52.81
CA CYS A 3527 57.54 -6.53 54.25
C CYS A 3527 56.19 -7.10 54.72
N ILE A 3528 56.22 -7.68 55.91
CA ILE A 3528 55.10 -8.45 56.44
C ILE A 3528 54.69 -7.86 57.79
N PRO A 3529 53.46 -8.14 58.28
CA PRO A 3529 53.05 -7.66 59.59
C PRO A 3529 53.97 -8.13 60.72
N ILE A 3530 54.10 -7.30 61.75
CA ILE A 3530 55.05 -7.52 62.82
C ILE A 3530 54.74 -8.82 63.58
N TRP A 3531 53.46 -9.22 63.65
CA TRP A 3531 53.11 -10.44 64.33
C TRP A 3531 53.46 -11.67 63.48
N TRP A 3532 53.84 -11.48 62.21
CA TRP A 3532 54.38 -12.57 61.40
C TRP A 3532 55.85 -12.85 61.73
N LYS A 3533 56.49 -11.96 62.49
CA LYS A 3533 57.87 -12.19 62.89
C LYS A 3533 57.90 -13.12 64.09
N CYS A 3534 58.89 -14.03 64.12
CA CYS A 3534 59.11 -14.94 65.24
C CYS A 3534 57.88 -15.82 65.50
N ASP A 3535 57.56 -16.68 64.53
CA ASP A 3535 56.56 -17.73 64.73
C ASP A 3535 57.07 -19.01 64.07
N GLY A 3536 56.17 -19.98 63.90
CA GLY A 3536 56.53 -21.29 63.38
C GLY A 3536 57.03 -21.26 61.93
N GLN A 3537 56.42 -20.40 61.11
CA GLN A 3537 56.63 -20.43 59.67
C GLN A 3537 57.64 -19.36 59.23
N LYS A 3538 58.51 -19.74 58.30
CA LYS A 3538 59.42 -18.80 57.65
C LYS A 3538 58.69 -18.16 56.48
N ASP A 3539 58.44 -16.84 56.58
CA ASP A 3539 57.65 -16.12 55.60
C ASP A 3539 58.53 -15.41 54.57
N CYS A 3540 59.63 -14.79 55.01
CA CYS A 3540 60.54 -14.09 54.12
C CYS A 3540 61.39 -15.08 53.32
N SER A 3541 61.82 -14.66 52.13
CA SER A 3541 62.71 -15.45 51.30
C SER A 3541 64.10 -15.55 51.94
N ASP A 3542 64.57 -14.44 52.52
CA ASP A 3542 65.89 -14.38 53.12
C ASP A 3542 65.96 -15.29 54.36
N GLY A 3543 64.85 -15.40 55.10
CA GLY A 3543 64.82 -16.18 56.32
C GLY A 3543 65.07 -15.34 57.57
N SER A 3544 65.17 -14.01 57.41
CA SER A 3544 65.32 -13.10 58.53
C SER A 3544 64.05 -13.05 59.40
N ASP A 3545 62.95 -13.60 58.87
CA ASP A 3545 61.69 -13.71 59.60
C ASP A 3545 61.88 -14.43 60.93
N GLU A 3546 62.77 -15.43 60.94
CA GLU A 3546 63.02 -16.25 62.11
C GLU A 3546 64.50 -16.22 62.44
N PRO A 3547 65.00 -15.14 63.08
CA PRO A 3547 66.41 -15.07 63.43
C PRO A 3547 66.77 -16.03 64.55
N ASP A 3548 68.07 -16.18 64.81
CA ASP A 3548 68.57 -17.05 65.87
C ASP A 3548 68.10 -16.52 67.23
N LEU A 3549 68.23 -15.20 67.44
CA LEU A 3549 67.78 -14.56 68.67
C LEU A 3549 66.28 -14.30 68.57
N CYS A 3550 65.50 -15.39 68.67
CA CYS A 3550 64.06 -15.32 68.58
C CYS A 3550 63.45 -15.91 69.84
N PRO A 3551 62.59 -15.16 70.57
CA PRO A 3551 61.97 -15.68 71.80
C PRO A 3551 61.07 -16.87 71.53
N HIS A 3552 60.72 -17.58 72.61
CA HIS A 3552 59.78 -18.69 72.55
C HIS A 3552 58.44 -18.20 72.01
N ARG A 3553 57.80 -19.04 71.18
CA ARG A 3553 56.49 -18.72 70.62
C ARG A 3553 55.43 -19.41 71.47
N PHE A 3554 54.69 -18.62 72.26
CA PHE A 3554 53.65 -19.11 73.14
C PHE A 3554 52.28 -19.19 72.47
N CYS A 3555 52.04 -18.38 71.42
CA CYS A 3555 50.72 -18.26 70.84
C CYS A 3555 50.60 -19.09 69.56
N ARG A 3556 49.37 -19.17 69.03
CA ARG A 3556 49.12 -19.86 67.77
C ARG A 3556 49.48 -18.93 66.61
N LEU A 3557 49.32 -19.44 65.38
CA LEU A 3557 49.62 -18.69 64.18
C LEU A 3557 48.64 -17.54 63.99
N GLY A 3558 49.13 -16.48 63.34
CA GLY A 3558 48.32 -15.32 63.00
C GLY A 3558 47.74 -14.62 64.23
N GLN A 3559 48.52 -14.58 65.31
CA GLN A 3559 48.08 -13.99 66.56
C GLN A 3559 49.27 -13.27 67.19
N PHE A 3560 49.01 -12.08 67.73
CA PHE A 3560 50.05 -11.27 68.35
C PHE A 3560 50.42 -11.85 69.72
N GLN A 3561 51.71 -11.82 70.04
CA GLN A 3561 52.23 -12.33 71.30
C GLN A 3561 52.68 -11.16 72.17
N CYS A 3562 52.14 -11.09 73.39
CA CYS A 3562 52.57 -10.11 74.38
C CYS A 3562 54.01 -10.42 74.82
N ARG A 3563 54.66 -9.40 75.39
CA ARG A 3563 56.05 -9.57 75.83
C ARG A 3563 56.12 -10.49 77.04
N ASP A 3564 55.02 -10.66 77.77
CA ASP A 3564 54.97 -11.51 78.95
C ASP A 3564 54.30 -12.85 78.64
N GLY A 3565 54.07 -13.16 77.36
CA GLY A 3565 53.63 -14.49 76.95
C GLY A 3565 52.11 -14.59 76.73
N ASN A 3566 51.37 -13.52 77.05
CA ASN A 3566 49.94 -13.49 76.78
C ASN A 3566 49.71 -13.37 75.28
N CYS A 3567 48.49 -13.68 74.84
CA CYS A 3567 48.16 -13.67 73.42
C CYS A 3567 46.95 -12.78 73.15
N THR A 3568 46.96 -12.09 72.00
CA THR A 3568 45.83 -11.27 71.59
C THR A 3568 45.77 -11.23 70.07
N SER A 3569 44.58 -10.89 69.54
CA SER A 3569 44.35 -10.83 68.11
C SER A 3569 45.07 -9.63 67.51
N PRO A 3570 45.45 -9.67 66.22
CA PRO A 3570 46.13 -8.55 65.58
C PRO A 3570 45.35 -7.23 65.64
N GLN A 3571 44.02 -7.28 65.67
CA GLN A 3571 43.20 -6.08 65.72
C GLN A 3571 43.42 -5.32 67.04
N ALA A 3572 44.02 -5.98 68.04
CA ALA A 3572 44.29 -5.34 69.32
C ALA A 3572 45.46 -4.34 69.21
N LEU A 3573 46.23 -4.41 68.11
CA LEU A 3573 47.39 -3.54 67.96
C LEU A 3573 46.94 -2.10 67.69
N CYS A 3574 47.35 -1.19 68.60
CA CYS A 3574 47.21 0.24 68.43
C CYS A 3574 45.75 0.63 68.19
N ASN A 3575 44.88 0.15 69.10
CA ASN A 3575 43.48 0.57 69.12
C ASN A 3575 43.17 1.39 70.38
N ALA A 3576 44.22 1.78 71.12
CA ALA A 3576 44.13 2.68 72.27
C ALA A 3576 43.49 2.00 73.48
N ARG A 3577 42.96 0.78 73.31
CA ARG A 3577 42.53 -0.02 74.44
C ARG A 3577 43.62 -1.06 74.71
N GLN A 3578 44.41 -0.86 75.78
CA GLN A 3578 45.48 -1.78 76.10
C GLN A 3578 44.89 -3.16 76.39
N ASP A 3579 45.40 -4.17 75.70
CA ASP A 3579 44.85 -5.52 75.75
C ASP A 3579 45.86 -6.52 76.28
N CYS A 3580 47.16 -6.30 76.00
CA CYS A 3580 48.21 -7.15 76.54
C CYS A 3580 48.37 -6.90 78.03
N ALA A 3581 48.95 -7.86 78.75
CA ALA A 3581 49.18 -7.71 80.19
C ALA A 3581 50.15 -6.56 80.45
N ASP A 3582 51.14 -6.38 79.59
CA ASP A 3582 52.12 -5.31 79.73
C ASP A 3582 51.65 -4.03 79.04
N GLY A 3583 50.54 -4.09 78.28
CA GLY A 3583 50.12 -2.99 77.44
C GLY A 3583 51.09 -2.77 76.26
N SER A 3584 51.87 -3.80 75.90
CA SER A 3584 52.84 -3.69 74.82
C SER A 3584 52.15 -3.46 73.46
N ASP A 3585 50.88 -3.86 73.35
CA ASP A 3585 50.12 -3.68 72.11
C ASP A 3585 49.86 -2.19 71.82
N GLU A 3586 50.08 -1.31 72.81
CA GLU A 3586 49.90 0.12 72.63
C GLU A 3586 51.22 0.88 72.83
N ASP A 3587 52.36 0.20 72.62
CA ASP A 3587 53.66 0.80 72.88
C ASP A 3587 53.93 1.91 71.86
N ARG A 3588 54.67 2.92 72.31
CA ARG A 3588 54.95 4.11 71.50
C ARG A 3588 55.73 3.72 70.24
N VAL A 3589 56.77 2.90 70.41
CA VAL A 3589 57.62 2.50 69.30
C VAL A 3589 56.81 1.71 68.27
N LEU A 3590 55.87 0.90 68.75
CA LEU A 3590 55.07 0.07 67.87
C LEU A 3590 54.03 0.92 67.13
N CYS A 3591 53.38 1.85 67.85
CA CYS A 3591 52.24 2.57 67.29
C CYS A 3591 52.62 3.93 66.70
N GLU A 3592 53.91 4.30 66.72
CA GLU A 3592 54.32 5.63 66.28
C GLU A 3592 54.00 5.85 64.80
N HIS A 3593 54.26 4.84 63.96
CA HIS A 3593 54.04 4.95 62.53
C HIS A 3593 53.05 3.91 62.04
N HIS A 3594 52.01 3.66 62.85
CA HIS A 3594 50.97 2.71 62.47
C HIS A 3594 50.18 3.25 61.28
N ARG A 3595 49.83 2.33 60.37
CA ARG A 3595 49.04 2.69 59.20
C ARG A 3595 48.05 1.58 58.92
N CYS A 3596 46.88 1.94 58.36
CA CYS A 3596 45.82 0.98 58.10
C CYS A 3596 45.33 1.09 56.67
N GLU A 3597 44.32 0.25 56.36
CA GLU A 3597 43.87 0.01 54.99
C GLU A 3597 43.19 1.26 54.43
N SER A 3598 43.01 1.26 53.11
CA SER A 3598 42.42 2.36 52.37
C SER A 3598 40.95 2.59 52.75
N ASN A 3599 40.29 1.56 53.32
CA ASN A 3599 38.88 1.65 53.67
C ASN A 3599 38.68 2.19 55.09
N GLU A 3600 39.76 2.60 55.77
CA GLU A 3600 39.67 3.09 57.13
C GLU A 3600 40.32 4.47 57.23
N TRP A 3601 39.89 5.24 58.24
CA TRP A 3601 40.43 6.55 58.54
C TRP A 3601 41.07 6.50 59.93
N GLN A 3602 42.23 7.15 60.07
CA GLN A 3602 43.00 7.07 61.30
C GLN A 3602 42.81 8.36 62.10
N CYS A 3603 42.40 8.23 63.36
CA CYS A 3603 42.33 9.37 64.27
C CYS A 3603 43.74 9.77 64.70
N ALA A 3604 43.89 11.02 65.16
CA ALA A 3604 45.14 11.51 65.71
C ALA A 3604 45.58 10.68 66.91
N ASN A 3605 44.62 9.97 67.53
CA ASN A 3605 44.90 9.02 68.59
C ASN A 3605 45.67 7.80 68.06
N LYS A 3606 45.73 7.65 66.72
CA LYS A 3606 46.36 6.51 66.06
C LYS A 3606 45.59 5.23 66.39
N ARG A 3607 44.27 5.33 66.20
CA ARG A 3607 43.37 4.18 66.13
C ARG A 3607 42.54 4.33 64.86
N CYS A 3608 42.40 3.21 64.13
CA CYS A 3608 41.77 3.23 62.82
C CYS A 3608 40.32 2.76 62.91
N ILE A 3609 39.43 3.52 62.26
CA ILE A 3609 38.00 3.21 62.22
C ILE A 3609 37.55 3.27 60.77
N PRO A 3610 36.43 2.61 60.40
CA PRO A 3610 35.96 2.67 59.01
C PRO A 3610 35.73 4.10 58.54
N GLN A 3611 36.01 4.34 57.25
CA GLN A 3611 36.03 5.67 56.68
C GLN A 3611 34.69 6.41 56.85
N SER A 3612 33.59 5.65 56.90
CA SER A 3612 32.24 6.20 57.02
C SER A 3612 31.86 6.58 58.46
N TRP A 3613 32.68 6.26 59.47
CA TRP A 3613 32.35 6.55 60.86
C TRP A 3613 32.86 7.91 61.32
N GLN A 3614 33.11 8.82 60.36
CA GLN A 3614 33.47 10.19 60.69
C GLN A 3614 32.20 11.04 60.75
N CYS A 3615 32.18 12.02 61.66
CA CYS A 3615 31.22 13.12 61.64
C CYS A 3615 29.79 12.61 61.66
N ASP A 3616 29.50 11.68 62.56
CA ASP A 3616 28.17 11.09 62.70
C ASP A 3616 27.62 11.29 64.12
N SER A 3617 28.21 12.18 64.91
CA SER A 3617 27.80 12.46 66.29
C SER A 3617 27.92 11.20 67.17
N VAL A 3618 28.85 10.32 66.82
CA VAL A 3618 29.13 9.13 67.61
C VAL A 3618 30.64 9.05 67.87
N ASN A 3619 31.01 8.79 69.12
CA ASN A 3619 32.40 8.82 69.56
C ASN A 3619 33.05 7.47 69.22
N ASP A 3620 33.34 7.26 67.94
CA ASP A 3620 33.98 6.04 67.47
C ASP A 3620 35.44 6.00 67.93
N CYS A 3621 36.15 7.13 67.84
CA CYS A 3621 37.46 7.26 68.47
C CYS A 3621 37.28 7.74 69.91
N LEU A 3622 38.35 7.64 70.71
CA LEU A 3622 38.28 7.95 72.13
C LEU A 3622 38.23 9.48 72.33
N ASP A 3623 39.03 10.21 71.55
CA ASP A 3623 39.26 11.63 71.78
C ASP A 3623 38.41 12.50 70.85
N ASN A 3624 37.33 11.94 70.29
CA ASN A 3624 36.38 12.65 69.46
C ASN A 3624 37.05 13.29 68.23
N SER A 3625 38.20 12.74 67.79
CA SER A 3625 38.87 13.24 66.60
C SER A 3625 38.03 13.01 65.35
N ASP A 3626 37.18 11.97 65.35
CA ASP A 3626 36.29 11.70 64.23
C ASP A 3626 35.17 12.73 64.17
N GLU A 3627 34.74 13.27 65.33
CA GLU A 3627 33.62 14.19 65.39
C GLU A 3627 34.07 15.63 65.66
N ASP A 3628 35.38 15.91 65.59
CA ASP A 3628 35.88 17.26 65.87
C ASP A 3628 35.32 18.23 64.82
N THR A 3629 34.87 19.40 65.28
CA THR A 3629 34.09 20.32 64.46
C THR A 3629 34.95 20.98 63.38
N SER A 3630 36.23 21.26 63.67
CA SER A 3630 37.15 21.82 62.68
C SER A 3630 37.34 20.84 61.51
N HIS A 3631 37.53 19.55 61.85
CA HIS A 3631 37.66 18.48 60.88
C HIS A 3631 36.35 18.31 60.10
N CYS A 3632 35.23 18.11 60.81
CA CYS A 3632 33.93 17.93 60.20
C CYS A 3632 33.42 19.15 59.42
N ALA A 3633 34.08 20.32 59.55
CA ALA A 3633 33.88 21.45 58.65
C ALA A 3633 34.77 21.34 57.41
N SER A 3634 36.08 21.10 57.61
CA SER A 3634 37.11 21.21 56.57
C SER A 3634 37.26 19.99 55.65
N ARG A 3635 36.89 18.77 56.11
CA ARG A 3635 37.13 17.52 55.38
C ARG A 3635 36.37 17.46 54.06
N THR A 3636 36.90 16.65 53.12
CA THR A 3636 36.24 16.36 51.84
C THR A 3636 35.88 14.89 51.77
N CYS A 3637 34.82 14.57 51.01
CA CYS A 3637 34.47 13.16 50.79
C CYS A 3637 35.40 12.53 49.75
N ARG A 3638 35.70 11.24 49.95
CA ARG A 3638 36.32 10.38 48.94
C ARG A 3638 35.53 10.45 47.63
N PRO A 3639 36.15 10.24 46.46
CA PRO A 3639 35.44 10.38 45.19
C PRO A 3639 34.22 9.46 45.14
N GLY A 3640 33.09 10.00 44.67
CA GLY A 3640 31.87 9.25 44.52
C GLY A 3640 30.86 9.46 45.65
N GLN A 3641 31.20 10.28 46.66
CA GLN A 3641 30.33 10.50 47.81
C GLN A 3641 29.98 11.98 47.95
N PHE A 3642 28.73 12.22 48.37
CA PHE A 3642 28.15 13.53 48.58
C PHE A 3642 28.46 14.01 50.00
N LYS A 3643 28.71 15.31 50.18
CA LYS A 3643 28.98 15.90 51.50
C LYS A 3643 27.78 16.72 51.98
N CYS A 3644 27.36 16.46 53.23
CA CYS A 3644 26.31 17.20 53.90
C CYS A 3644 26.89 18.42 54.64
N ASN A 3645 26.05 19.42 54.94
CA ASN A 3645 26.46 20.57 55.75
C ASN A 3645 26.80 20.14 57.18
N ASN A 3646 26.14 19.07 57.64
CA ASN A 3646 26.45 18.40 58.90
C ASN A 3646 27.91 17.93 58.95
N GLY A 3647 28.53 17.63 57.80
CA GLY A 3647 29.89 17.11 57.75
C GLY A 3647 29.97 15.60 57.50
N ARG A 3648 28.81 14.93 57.44
CA ARG A 3648 28.66 13.56 56.94
C ARG A 3648 29.09 13.47 55.47
N CYS A 3649 29.64 12.31 55.10
CA CYS A 3649 29.66 11.87 53.71
C CYS A 3649 28.69 10.70 53.52
N ILE A 3650 28.00 10.69 52.38
CA ILE A 3650 27.06 9.63 52.05
C ILE A 3650 27.28 9.18 50.60
N PRO A 3651 26.81 7.97 50.22
CA PRO A 3651 26.70 7.61 48.81
C PRO A 3651 25.97 8.68 48.01
N GLN A 3652 26.45 8.94 46.78
CA GLN A 3652 25.79 9.90 45.89
C GLN A 3652 24.33 9.49 45.64
N SER A 3653 24.05 8.19 45.65
CA SER A 3653 22.69 7.69 45.42
C SER A 3653 21.75 8.14 46.53
N TRP A 3654 22.29 8.37 47.74
CA TRP A 3654 21.49 8.79 48.88
C TRP A 3654 20.99 10.22 48.75
N LYS A 3655 21.50 11.00 47.80
CA LYS A 3655 20.99 12.34 47.58
C LYS A 3655 19.67 12.27 46.81
N CYS A 3656 18.66 13.00 47.29
CA CYS A 3656 17.33 13.05 46.69
C CYS A 3656 16.70 11.66 46.66
N ASP A 3657 16.54 11.06 47.84
CA ASP A 3657 15.82 9.80 47.96
C ASP A 3657 14.88 9.83 49.17
N VAL A 3658 14.36 11.01 49.51
CA VAL A 3658 13.33 11.19 50.53
C VAL A 3658 13.86 10.92 51.94
N ASP A 3659 14.63 9.85 52.10
CA ASP A 3659 15.16 9.50 53.41
C ASP A 3659 16.14 10.58 53.89
N ASN A 3660 15.99 11.01 55.15
CA ASN A 3660 16.86 12.02 55.75
C ASN A 3660 18.16 11.35 56.19
N ASP A 3661 19.10 11.24 55.27
CA ASP A 3661 20.35 10.54 55.52
C ASP A 3661 21.37 11.45 56.21
N CYS A 3662 21.40 12.74 55.84
CA CYS A 3662 22.36 13.66 56.44
C CYS A 3662 21.96 14.06 57.86
N GLY A 3663 20.67 13.88 58.22
CA GLY A 3663 20.17 14.35 59.51
C GLY A 3663 19.76 15.82 59.46
N ASP A 3664 20.44 16.59 58.59
CA ASP A 3664 20.16 18.01 58.39
C ASP A 3664 19.31 18.24 57.14
N TYR A 3665 18.84 17.14 56.50
CA TYR A 3665 18.08 17.20 55.26
C TYR A 3665 18.87 17.89 54.15
N SER A 3666 20.20 17.93 54.27
CA SER A 3666 21.06 18.52 53.25
C SER A 3666 21.05 17.68 51.97
N ASP A 3667 20.78 16.37 52.11
CA ASP A 3667 20.71 15.45 50.98
C ASP A 3667 19.35 15.52 50.27
N GLU A 3668 18.40 16.29 50.81
CA GLU A 3668 17.05 16.37 50.26
C GLU A 3668 16.65 17.82 50.07
N PRO A 3669 17.28 18.59 49.15
CA PRO A 3669 16.73 19.88 48.76
C PRO A 3669 15.51 19.71 47.87
N ILE A 3670 14.33 19.99 48.43
CA ILE A 3670 13.07 19.66 47.77
C ILE A 3670 12.95 20.40 46.44
N ASP A 3671 13.44 21.64 46.39
CA ASP A 3671 13.39 22.44 45.17
C ASP A 3671 14.20 21.78 44.06
N GLU A 3672 15.35 21.19 44.41
CA GLU A 3672 16.27 20.62 43.42
C GLU A 3672 15.93 19.16 43.15
N CYS A 3673 15.50 18.42 44.19
CA CYS A 3673 15.24 17.00 44.06
C CYS A 3673 14.09 16.72 43.09
N THR A 3674 13.17 17.68 42.93
CA THR A 3674 11.99 17.47 42.11
C THR A 3674 12.19 17.94 40.67
N THR A 3675 13.43 18.25 40.26
CA THR A 3675 13.68 18.71 38.91
C THR A 3675 13.91 17.53 37.97
N ALA A 3676 14.14 17.83 36.69
CA ALA A 3676 14.28 16.79 35.67
C ALA A 3676 15.61 16.04 35.83
N ALA A 3677 16.57 16.63 36.56
CA ALA A 3677 17.91 16.07 36.65
C ALA A 3677 17.95 14.77 37.46
N TYR A 3678 16.85 14.45 38.18
CA TYR A 3678 16.83 13.28 39.05
C TYR A 3678 15.70 12.32 38.67
N ASN A 3679 15.35 12.28 37.37
CA ASN A 3679 14.38 11.31 36.89
C ASN A 3679 14.95 9.90 36.99
N CYS A 3680 14.08 8.92 37.25
CA CYS A 3680 14.50 7.54 37.39
C CYS A 3680 14.93 6.97 36.04
N ASP A 3681 15.90 6.05 36.06
CA ASP A 3681 16.30 5.34 34.85
C ASP A 3681 15.20 4.35 34.49
N ASN A 3682 14.40 4.69 33.48
CA ASN A 3682 13.17 3.97 33.21
C ASN A 3682 13.43 2.56 32.69
N HIS A 3683 14.68 2.23 32.33
CA HIS A 3683 15.04 0.87 31.94
C HIS A 3683 15.09 -0.05 33.14
N THR A 3684 15.45 0.47 34.32
CA THR A 3684 15.75 -0.39 35.46
C THR A 3684 15.05 0.02 36.76
N GLU A 3685 14.60 1.28 36.89
CA GLU A 3685 14.09 1.77 38.16
C GLU A 3685 12.59 2.05 38.05
N PHE A 3686 11.89 1.86 39.17
CA PHE A 3686 10.47 2.13 39.28
C PHE A 3686 10.27 3.41 40.08
N SER A 3687 9.39 4.28 39.57
CA SER A 3687 9.13 5.58 40.18
C SER A 3687 8.00 5.45 41.20
N CYS A 3688 8.24 5.91 42.43
CA CYS A 3688 7.23 5.90 43.46
C CYS A 3688 6.12 6.89 43.11
N LYS A 3689 4.90 6.60 43.59
CA LYS A 3689 3.72 7.37 43.21
C LYS A 3689 3.71 8.75 43.88
N THR A 3690 3.74 8.78 45.22
CA THR A 3690 3.38 9.98 45.97
C THR A 3690 4.58 10.86 46.29
N ASN A 3691 5.79 10.46 45.86
CA ASN A 3691 6.97 11.27 46.08
C ASN A 3691 7.91 11.12 44.89
N TYR A 3692 9.14 11.66 45.03
CA TYR A 3692 10.11 11.70 43.96
C TYR A 3692 11.14 10.57 44.07
N ARG A 3693 10.90 9.59 44.94
CA ARG A 3693 11.82 8.49 45.12
C ARG A 3693 11.79 7.55 43.92
N CYS A 3694 12.97 7.05 43.55
CA CYS A 3694 13.11 5.99 42.56
C CYS A 3694 13.75 4.78 43.23
N ILE A 3695 13.22 3.59 42.95
CA ILE A 3695 13.76 2.36 43.50
C ILE A 3695 14.02 1.39 42.36
N PRO A 3696 15.01 0.47 42.49
CA PRO A 3696 15.24 -0.53 41.45
C PRO A 3696 14.03 -1.45 41.30
N GLN A 3697 13.82 -1.93 40.07
CA GLN A 3697 12.63 -2.68 39.73
C GLN A 3697 12.54 -3.97 40.55
N TRP A 3698 13.68 -4.57 40.92
CA TRP A 3698 13.67 -5.82 41.65
C TRP A 3698 13.15 -5.66 43.08
N ALA A 3699 12.99 -4.40 43.53
CA ALA A 3699 12.42 -4.14 44.85
C ALA A 3699 10.90 -4.05 44.82
N VAL A 3700 10.28 -4.21 43.64
CA VAL A 3700 8.84 -4.06 43.51
C VAL A 3700 8.15 -5.29 44.09
N CYS A 3701 7.21 -5.04 45.02
CA CYS A 3701 6.48 -6.07 45.75
C CYS A 3701 7.38 -7.25 46.13
N ASN A 3702 8.49 -6.92 46.79
CA ASN A 3702 9.38 -7.93 47.38
C ASN A 3702 8.98 -8.23 48.82
N GLY A 3703 7.93 -7.56 49.33
CA GLY A 3703 7.47 -7.74 50.70
C GLY A 3703 8.13 -6.75 51.68
N PHE A 3704 8.59 -5.60 51.18
CA PHE A 3704 9.21 -4.59 52.01
C PHE A 3704 8.88 -3.21 51.45
N ASP A 3705 8.55 -2.26 52.34
CA ASP A 3705 8.23 -0.90 51.95
C ASP A 3705 9.50 -0.16 51.55
N ASP A 3706 9.71 0.03 50.25
CA ASP A 3706 10.91 0.68 49.75
C ASP A 3706 10.64 2.11 49.28
N CYS A 3707 9.38 2.45 49.01
CA CYS A 3707 9.02 3.77 48.53
C CYS A 3707 8.57 4.70 49.67
N ARG A 3708 8.46 4.16 50.89
CA ARG A 3708 8.04 4.92 52.07
C ARG A 3708 6.55 5.28 52.00
N ASP A 3709 5.89 4.95 50.89
CA ASP A 3709 4.44 5.12 50.77
C ASP A 3709 3.77 3.82 50.31
N ASN A 3710 4.53 2.72 50.28
CA ASN A 3710 4.05 1.38 49.93
C ASN A 3710 3.52 1.33 48.49
N SER A 3711 4.02 2.21 47.62
CA SER A 3711 3.61 2.23 46.23
C SER A 3711 4.12 1.00 45.47
N ASP A 3712 5.29 0.49 45.87
CA ASP A 3712 5.94 -0.60 45.14
C ASP A 3712 5.35 -1.96 45.51
N GLU A 3713 4.48 -2.02 46.53
CA GLU A 3713 3.86 -3.27 46.94
C GLU A 3713 2.39 -3.35 46.53
N GLN A 3714 1.92 -2.41 45.72
CA GLN A 3714 0.52 -2.40 45.31
C GLN A 3714 0.33 -3.25 44.06
N GLY A 3715 -0.66 -4.16 44.12
CA GLY A 3715 -1.12 -4.92 42.98
C GLY A 3715 -0.04 -5.83 42.39
N CYS A 3716 0.62 -6.59 43.26
CA CYS A 3716 1.64 -7.54 42.81
C CYS A 3716 0.99 -8.75 42.12
N GLU A 3717 -0.35 -8.90 42.23
CA GLU A 3717 -1.07 -9.96 41.52
C GLU A 3717 -0.91 -9.82 40.02
N SER A 3718 -0.87 -8.57 39.52
CA SER A 3718 -0.75 -8.31 38.09
C SER A 3718 0.66 -8.58 37.60
N VAL A 3719 1.65 -8.64 38.50
CA VAL A 3719 3.05 -8.83 38.12
C VAL A 3719 3.28 -10.30 37.79
N PRO A 3720 3.68 -10.64 36.54
CA PRO A 3720 3.98 -12.03 36.19
C PRO A 3720 5.42 -12.40 36.51
N CYS A 3721 5.61 -13.61 37.05
CA CYS A 3721 6.94 -14.14 37.28
C CYS A 3721 7.61 -14.45 35.94
N HIS A 3722 8.95 -14.47 35.93
CA HIS A 3722 9.70 -14.93 34.76
C HIS A 3722 9.30 -16.36 34.47
N PRO A 3723 9.11 -16.76 33.20
CA PRO A 3723 8.53 -18.06 32.88
C PRO A 3723 9.26 -19.27 33.48
N SER A 3724 10.58 -19.18 33.69
CA SER A 3724 11.34 -20.35 34.10
C SER A 3724 12.12 -20.18 35.41
N GLY A 3725 12.50 -18.96 35.77
CA GLY A 3725 13.47 -18.72 36.83
C GLY A 3725 12.85 -18.56 38.23
N ASP A 3726 11.55 -18.28 38.29
CA ASP A 3726 10.92 -17.90 39.55
C ASP A 3726 9.87 -18.93 39.96
N PHE A 3727 9.56 -18.89 41.27
CA PHE A 3727 8.48 -19.69 41.84
C PHE A 3727 7.49 -18.76 42.53
N ARG A 3728 6.23 -18.82 42.10
CA ARG A 3728 5.19 -17.98 42.67
C ARG A 3728 4.80 -18.51 44.05
N CYS A 3729 4.69 -17.60 45.03
CA CYS A 3729 4.37 -17.97 46.40
C CYS A 3729 2.86 -18.10 46.55
N ALA A 3730 2.39 -18.35 47.79
CA ALA A 3730 0.96 -18.29 48.08
C ALA A 3730 0.45 -16.86 47.85
N ASN A 3731 1.21 -15.87 48.34
CA ASN A 3731 1.04 -14.49 47.92
C ASN A 3731 1.64 -14.33 46.53
N HIS A 3732 1.47 -13.15 45.94
CA HIS A 3732 1.81 -12.95 44.53
C HIS A 3732 3.27 -12.55 44.33
N HIS A 3733 4.14 -12.82 45.30
CA HIS A 3733 5.56 -12.54 45.14
C HIS A 3733 6.21 -13.63 44.29
N CYS A 3734 7.24 -13.23 43.51
CA CYS A 3734 8.08 -14.15 42.76
C CYS A 3734 9.44 -14.19 43.42
N ILE A 3735 9.90 -15.41 43.78
CA ILE A 3735 11.22 -15.61 44.35
C ILE A 3735 12.04 -16.45 43.38
N PRO A 3736 13.39 -16.39 43.43
CA PRO A 3736 14.21 -17.30 42.64
C PRO A 3736 13.92 -18.76 42.96
N LEU A 3737 13.92 -19.61 41.93
CA LEU A 3737 13.57 -21.02 42.11
C LEU A 3737 14.59 -21.71 43.01
N ARG A 3738 15.83 -21.23 43.04
CA ARG A 3738 16.88 -21.83 43.86
C ARG A 3738 16.55 -21.72 45.35
N TRP A 3739 15.57 -20.88 45.71
CA TRP A 3739 15.14 -20.72 47.08
C TRP A 3739 13.94 -21.60 47.43
N LYS A 3740 13.56 -22.53 46.55
CA LYS A 3740 12.48 -23.46 46.86
C LYS A 3740 13.02 -24.63 47.66
N CYS A 3741 12.39 -24.92 48.80
CA CYS A 3741 12.73 -26.06 49.65
C CYS A 3741 14.19 -25.99 50.12
N ASP A 3742 14.65 -24.78 50.40
CA ASP A 3742 16.01 -24.57 50.89
C ASP A 3742 16.10 -24.72 52.41
N GLY A 3743 14.94 -24.70 53.11
CA GLY A 3743 14.93 -24.81 54.56
C GLY A 3743 14.75 -23.47 55.27
N THR A 3744 14.47 -22.39 54.53
CA THR A 3744 14.14 -21.12 55.17
C THR A 3744 12.98 -20.46 54.42
N ASP A 3745 12.16 -19.71 55.16
CA ASP A 3745 10.99 -19.04 54.60
C ASP A 3745 11.45 -17.75 53.93
N ASP A 3746 11.25 -17.65 52.61
CA ASP A 3746 11.64 -16.48 51.85
C ASP A 3746 10.43 -15.78 51.23
N CYS A 3747 9.27 -16.44 51.17
CA CYS A 3747 8.08 -15.85 50.59
C CYS A 3747 7.33 -14.95 51.58
N GLY A 3748 7.66 -15.07 52.87
CA GLY A 3748 6.96 -14.38 53.94
C GLY A 3748 5.71 -15.12 54.40
N ASP A 3749 5.39 -16.27 53.79
CA ASP A 3749 4.24 -17.06 54.22
C ASP A 3749 4.53 -18.56 54.23
N ASN A 3750 5.81 -18.94 54.11
CA ASN A 3750 6.25 -20.34 54.20
C ASN A 3750 5.68 -21.17 53.05
N SER A 3751 5.22 -20.54 51.96
CA SER A 3751 4.68 -21.28 50.83
C SER A 3751 5.79 -21.94 50.01
N ASP A 3752 7.03 -21.44 50.12
CA ASP A 3752 8.16 -22.02 49.39
C ASP A 3752 8.61 -23.32 50.04
N GLU A 3753 8.58 -23.39 51.38
CA GLU A 3753 9.07 -24.55 52.11
C GLU A 3753 7.97 -25.58 52.36
N GLU A 3754 6.70 -25.27 52.05
CA GLU A 3754 5.64 -26.25 52.21
C GLU A 3754 5.62 -27.18 51.00
N ASN A 3755 5.15 -28.41 51.22
CA ASN A 3755 5.05 -29.43 50.17
C ASN A 3755 6.44 -29.68 49.58
N CYS A 3756 7.41 -29.94 50.45
CA CYS A 3756 8.79 -30.15 50.04
C CYS A 3756 9.25 -31.58 50.32
N VAL A 3757 10.33 -31.97 49.66
CA VAL A 3757 10.99 -33.24 49.89
C VAL A 3757 12.48 -32.95 50.01
N PRO A 3758 13.18 -33.54 51.02
CA PRO A 3758 14.62 -33.28 51.19
C PRO A 3758 15.42 -33.60 49.94
N ARG A 3759 16.36 -32.72 49.61
CA ARG A 3759 17.20 -32.87 48.43
C ARG A 3759 18.32 -33.87 48.71
N GLU A 3760 18.76 -34.55 47.65
CA GLU A 3760 19.78 -35.59 47.76
C GLU A 3760 21.16 -34.94 47.96
N CYS A 3761 22.04 -35.67 48.65
CA CYS A 3761 23.39 -35.20 48.93
C CYS A 3761 24.28 -35.41 47.70
N SER A 3762 25.34 -34.59 47.61
CA SER A 3762 26.33 -34.68 46.55
C SER A 3762 27.57 -35.45 47.04
N GLU A 3763 28.65 -35.43 46.25
CA GLU A 3763 29.80 -36.32 46.39
C GLU A 3763 30.55 -36.13 47.71
N SER A 3764 30.68 -34.87 48.17
CA SER A 3764 31.43 -34.54 49.38
C SER A 3764 30.51 -34.20 50.55
N GLU A 3765 29.18 -34.35 50.39
CA GLU A 3765 28.25 -34.12 51.49
C GLU A 3765 27.99 -35.43 52.24
N PHE A 3766 27.54 -35.28 53.49
CA PHE A 3766 27.15 -36.37 54.36
C PHE A 3766 25.70 -36.14 54.79
N ARG A 3767 24.92 -37.22 55.00
CA ARG A 3767 23.49 -37.10 55.23
C ARG A 3767 23.12 -37.43 56.68
N CYS A 3768 22.66 -36.39 57.41
CA CYS A 3768 22.16 -36.52 58.78
C CYS A 3768 20.96 -37.45 58.84
N ALA A 3769 20.62 -37.95 60.04
CA ALA A 3769 19.40 -38.71 60.28
C ALA A 3769 18.14 -37.98 59.77
N ASP A 3770 18.15 -36.63 59.81
CA ASP A 3770 17.07 -35.78 59.33
C ASP A 3770 17.06 -35.61 57.80
N GLN A 3771 17.80 -36.46 57.07
CA GLN A 3771 17.94 -36.42 55.62
C GLN A 3771 18.50 -35.09 55.11
N GLN A 3772 19.04 -34.24 56.00
CA GLN A 3772 19.65 -32.99 55.57
C GLN A 3772 21.14 -33.22 55.33
N CYS A 3773 21.67 -32.57 54.28
CA CYS A 3773 23.04 -32.77 53.87
C CYS A 3773 23.95 -31.68 54.47
N ILE A 3774 25.11 -32.09 54.98
CA ILE A 3774 26.15 -31.19 55.45
C ILE A 3774 27.46 -31.54 54.75
N PRO A 3775 28.46 -30.64 54.73
CA PRO A 3775 29.80 -31.00 54.28
C PRO A 3775 30.39 -32.15 55.11
N SER A 3776 31.10 -33.06 54.45
CA SER A 3776 31.71 -34.21 55.09
C SER A 3776 32.76 -33.80 56.12
N ARG A 3777 33.43 -32.64 55.94
CA ARG A 3777 34.43 -32.14 56.89
C ARG A 3777 33.88 -32.05 58.31
N TRP A 3778 32.57 -31.83 58.45
CA TRP A 3778 31.93 -31.64 59.75
C TRP A 3778 31.67 -32.97 60.48
N VAL A 3779 31.96 -34.11 59.85
CA VAL A 3779 31.79 -35.41 60.48
C VAL A 3779 32.91 -35.68 61.47
N CYS A 3780 32.55 -36.23 62.65
CA CYS A 3780 33.49 -36.66 63.69
C CYS A 3780 34.47 -35.55 64.10
N ASP A 3781 34.01 -34.28 64.18
CA ASP A 3781 34.89 -33.16 64.54
C ASP A 3781 34.49 -32.52 65.89
N GLN A 3782 34.24 -33.37 66.91
CA GLN A 3782 33.87 -33.04 68.30
C GLN A 3782 32.51 -32.32 68.43
N GLU A 3783 32.33 -31.15 67.81
CA GLU A 3783 31.07 -30.44 67.88
C GLU A 3783 30.04 -31.13 66.98
N ASN A 3784 28.75 -31.11 67.33
CA ASN A 3784 27.75 -31.56 66.37
C ASN A 3784 27.42 -30.43 65.40
N ASP A 3785 26.95 -30.84 64.22
CA ASP A 3785 26.50 -29.91 63.19
C ASP A 3785 25.11 -30.30 62.66
N CYS A 3786 24.70 -31.57 62.76
CA CYS A 3786 23.37 -32.01 62.35
C CYS A 3786 22.27 -31.53 63.29
N GLY A 3787 22.63 -30.99 64.48
CA GLY A 3787 21.65 -30.55 65.47
C GLY A 3787 21.52 -31.58 66.59
N ASP A 3788 21.15 -32.80 66.23
CA ASP A 3788 21.50 -33.97 67.04
C ASP A 3788 22.98 -34.32 66.80
N ASN A 3789 23.48 -35.42 67.39
CA ASN A 3789 24.87 -35.79 67.17
C ASN A 3789 25.02 -36.76 65.98
N SER A 3790 24.12 -36.67 65.00
CA SER A 3790 24.12 -37.62 63.87
C SER A 3790 25.36 -37.48 62.99
N ASP A 3791 26.20 -36.44 63.15
CA ASP A 3791 27.47 -36.34 62.42
C ASP A 3791 28.68 -36.81 63.24
N GLU A 3792 28.53 -36.95 64.57
CA GLU A 3792 29.52 -37.65 65.37
C GLU A 3792 29.07 -39.11 65.52
N ARG A 3793 28.68 -39.69 64.39
CA ARG A 3793 27.72 -40.77 64.31
C ARG A 3793 28.27 -42.07 64.93
N ASP A 3794 29.48 -42.40 64.48
CA ASP A 3794 30.33 -43.50 64.94
C ASP A 3794 31.71 -43.22 64.33
N CYS A 3795 32.79 -43.33 65.12
CA CYS A 3795 34.06 -42.73 64.70
C CYS A 3795 35.29 -43.61 64.92
N GLU A 3796 35.31 -44.50 65.93
CA GLU A 3796 36.51 -45.30 66.18
C GLU A 3796 36.80 -46.25 65.01
N MET A 3797 35.75 -46.89 64.47
CA MET A 3797 35.89 -47.82 63.36
C MET A 3797 35.74 -47.10 62.01
N LYS A 3798 36.35 -45.89 61.89
CA LYS A 3798 36.22 -45.05 60.71
C LYS A 3798 37.51 -44.28 60.43
N THR A 3799 37.83 -44.10 59.14
CA THR A 3799 38.95 -43.26 58.69
C THR A 3799 38.44 -41.86 58.34
N CYS A 3800 39.34 -40.87 58.25
CA CYS A 3800 38.95 -39.50 57.91
C CYS A 3800 39.86 -38.90 56.82
N HIS A 3801 39.81 -37.56 56.67
CA HIS A 3801 40.56 -36.86 55.62
C HIS A 3801 42.06 -37.10 55.73
N PRO A 3802 42.84 -36.83 54.65
CA PRO A 3802 44.29 -36.61 54.77
C PRO A 3802 44.59 -35.40 55.65
N GLU A 3803 45.86 -35.28 56.09
CA GLU A 3803 46.40 -34.18 56.90
C GLU A 3803 45.52 -33.83 58.12
N HIS A 3804 44.88 -34.86 58.69
CA HIS A 3804 44.17 -34.80 59.95
C HIS A 3804 44.73 -35.86 60.90
N PHE A 3805 44.70 -35.53 62.20
CA PHE A 3805 45.11 -36.42 63.28
C PHE A 3805 43.86 -36.99 63.96
N GLN A 3806 43.84 -38.30 64.23
CA GLN A 3806 42.68 -38.93 64.85
C GLN A 3806 42.97 -39.17 66.34
N CYS A 3807 42.15 -38.55 67.19
CA CYS A 3807 42.19 -38.67 68.64
C CYS A 3807 41.89 -40.12 69.06
N THR A 3808 42.30 -40.55 70.26
CA THR A 3808 41.96 -41.88 70.76
C THR A 3808 40.43 -42.06 70.82
N SER A 3809 39.70 -40.97 71.12
CA SER A 3809 38.24 -40.87 71.07
C SER A 3809 37.64 -41.00 69.65
N GLY A 3810 38.49 -41.25 68.63
CA GLY A 3810 38.03 -41.50 67.26
C GLY A 3810 37.72 -40.24 66.45
N HIS A 3811 37.41 -39.12 67.11
CA HIS A 3811 37.25 -37.82 66.47
C HIS A 3811 38.54 -37.40 65.77
N CYS A 3812 38.48 -36.54 64.73
CA CYS A 3812 39.71 -36.15 64.05
C CYS A 3812 39.79 -34.63 63.79
N VAL A 3813 41.00 -34.08 64.01
CA VAL A 3813 41.33 -32.66 64.01
C VAL A 3813 42.42 -32.37 62.96
N PRO A 3814 42.55 -31.13 62.44
CA PRO A 3814 43.68 -30.77 61.59
C PRO A 3814 45.01 -31.08 62.27
N LYS A 3815 45.96 -31.64 61.49
CA LYS A 3815 47.17 -32.25 62.03
C LYS A 3815 48.06 -31.20 62.70
N ALA A 3816 47.95 -29.94 62.27
CA ALA A 3816 48.78 -28.85 62.77
C ALA A 3816 48.57 -28.63 64.28
N LEU A 3817 47.43 -29.08 64.83
CA LEU A 3817 47.11 -28.85 66.22
C LEU A 3817 47.59 -29.99 67.12
N ALA A 3818 48.44 -30.90 66.60
CA ALA A 3818 48.99 -31.98 67.41
C ALA A 3818 50.34 -31.57 68.01
N CYS A 3819 50.57 -31.96 69.27
CA CYS A 3819 51.81 -31.74 70.01
C CYS A 3819 52.18 -30.25 70.05
N ASP A 3820 51.22 -29.39 70.43
CA ASP A 3820 51.43 -27.94 70.52
C ASP A 3820 50.88 -27.39 71.86
N GLY A 3821 50.91 -28.20 72.92
CA GLY A 3821 50.63 -27.74 74.28
C GLY A 3821 49.13 -27.69 74.61
N ARG A 3822 48.32 -27.06 73.74
CA ARG A 3822 46.89 -27.00 73.95
C ARG A 3822 46.27 -28.37 73.68
N ALA A 3823 45.30 -28.77 74.50
CA ALA A 3823 44.51 -29.96 74.23
C ALA A 3823 43.42 -29.60 73.22
N ASP A 3824 43.60 -30.03 71.96
CA ASP A 3824 42.68 -29.67 70.89
C ASP A 3824 41.73 -30.82 70.54
N CYS A 3825 42.15 -32.07 70.73
CA CYS A 3825 41.20 -33.15 70.90
C CYS A 3825 40.44 -32.93 72.21
N LEU A 3826 39.17 -33.36 72.25
CA LEU A 3826 38.37 -33.30 73.47
C LEU A 3826 39.04 -34.12 74.60
N ASP A 3827 39.56 -35.31 74.26
CA ASP A 3827 40.22 -36.23 75.18
C ASP A 3827 41.72 -35.89 75.40
N ALA A 3828 42.20 -34.75 74.87
CA ALA A 3828 43.60 -34.32 74.90
C ALA A 3828 44.57 -35.31 74.22
N SER A 3829 44.08 -36.26 73.42
CA SER A 3829 44.91 -37.30 72.81
C SER A 3829 45.90 -36.75 71.77
N ASP A 3830 45.72 -35.49 71.35
CA ASP A 3830 46.66 -34.78 70.48
C ASP A 3830 47.93 -34.34 71.20
N GLU A 3831 47.91 -34.35 72.55
CA GLU A 3831 49.04 -33.97 73.37
C GLU A 3831 49.56 -35.15 74.21
N SER A 3832 48.70 -36.10 74.61
CA SER A 3832 49.05 -37.09 75.63
C SER A 3832 50.12 -38.09 75.16
N ALA A 3833 50.50 -38.06 73.87
CA ALA A 3833 51.61 -38.86 73.38
C ALA A 3833 52.47 -38.04 72.39
N CYS A 3834 53.52 -37.40 72.92
CA CYS A 3834 54.41 -36.52 72.15
C CYS A 3834 55.83 -36.62 72.72
N PRO A 3835 56.90 -36.34 71.91
CA PRO A 3835 58.27 -36.27 72.42
C PRO A 3835 58.48 -35.09 73.37
N THR A 3836 59.58 -35.11 74.17
CA THR A 3836 59.87 -34.00 75.07
C THR A 3836 60.18 -32.73 74.25
N ARG A 3837 59.82 -31.54 74.78
CA ARG A 3837 59.88 -30.32 74.00
C ARG A 3837 61.21 -29.59 74.18
N PHE A 3838 61.85 -29.76 75.36
CA PHE A 3838 63.06 -29.06 75.75
C PHE A 3838 64.17 -30.03 76.17
N PRO A 3839 65.46 -29.63 76.04
CA PRO A 3839 66.60 -30.52 76.31
C PRO A 3839 66.87 -30.81 77.79
N ASN A 3840 65.80 -30.89 78.59
CA ASN A 3840 65.82 -31.39 79.96
C ASN A 3840 64.56 -32.22 80.28
N GLY A 3841 63.69 -32.47 79.28
CA GLY A 3841 62.51 -33.32 79.45
C GLY A 3841 61.23 -32.57 79.81
N THR A 3842 61.30 -31.26 80.05
CA THR A 3842 60.08 -30.47 80.20
C THR A 3842 59.34 -30.33 78.86
N TYR A 3843 58.01 -30.26 78.93
CA TYR A 3843 57.15 -30.04 77.77
C TYR A 3843 56.79 -28.56 77.60
N CYS A 3844 56.67 -27.85 78.72
CA CYS A 3844 56.15 -26.48 78.70
C CYS A 3844 57.21 -25.49 79.19
N PRO A 3845 57.17 -24.22 78.74
CA PRO A 3845 58.02 -23.18 79.30
C PRO A 3845 57.76 -23.00 80.80
N ALA A 3846 58.72 -22.40 81.51
CA ALA A 3846 58.59 -22.14 82.94
C ALA A 3846 57.39 -21.24 83.26
N ALA A 3847 56.96 -20.42 82.28
CA ALA A 3847 55.84 -19.51 82.47
C ALA A 3847 54.53 -20.29 82.63
N MET A 3848 54.39 -21.40 81.90
CA MET A 3848 53.18 -22.21 81.96
C MET A 3848 53.31 -23.28 83.04
N PHE A 3849 52.16 -23.78 83.48
CA PHE A 3849 52.07 -24.98 84.28
C PHE A 3849 52.03 -26.20 83.34
N GLU A 3850 52.43 -27.36 83.87
CA GLU A 3850 52.52 -28.57 83.07
C GLU A 3850 51.63 -29.63 83.71
N CYS A 3851 50.47 -29.89 83.07
CA CYS A 3851 49.59 -30.97 83.49
C CYS A 3851 50.30 -32.30 83.23
N LYS A 3852 50.03 -33.31 84.07
CA LYS A 3852 50.75 -34.57 84.00
C LYS A 3852 50.53 -35.29 82.67
N ASN A 3853 49.45 -34.94 81.94
CA ASN A 3853 49.20 -35.52 80.62
C ASN A 3853 49.89 -34.73 79.51
N HIS A 3854 50.97 -33.98 79.85
CA HIS A 3854 51.77 -33.17 78.93
C HIS A 3854 51.02 -31.97 78.33
N VAL A 3855 49.90 -31.56 78.93
CA VAL A 3855 49.17 -30.41 78.43
C VAL A 3855 49.77 -29.14 79.02
N CYS A 3856 50.10 -28.17 78.17
CA CYS A 3856 50.53 -26.87 78.65
C CYS A 3856 49.31 -26.01 78.98
N ILE A 3857 49.45 -25.21 80.03
CA ILE A 3857 48.35 -24.40 80.55
C ILE A 3857 48.94 -23.11 81.13
N GLN A 3858 48.20 -22.00 80.99
CA GLN A 3858 48.58 -20.73 81.60
C GLN A 3858 48.70 -20.90 83.11
N SER A 3859 49.67 -20.20 83.72
CA SER A 3859 49.97 -20.35 85.14
C SER A 3859 48.79 -19.93 86.02
N PHE A 3860 48.10 -18.84 85.64
CA PHE A 3860 47.09 -18.28 86.53
C PHE A 3860 45.78 -19.07 86.48
N TRP A 3861 45.67 -20.07 85.59
CA TRP A 3861 44.51 -20.95 85.53
C TRP A 3861 44.52 -21.97 86.66
N ILE A 3862 45.56 -21.98 87.51
CA ILE A 3862 45.77 -23.03 88.48
C ILE A 3862 44.63 -23.06 89.49
N CYS A 3863 43.88 -24.18 89.50
CA CYS A 3863 42.84 -24.45 90.47
C CYS A 3863 41.85 -23.28 90.61
N ASP A 3864 41.49 -22.66 89.50
CA ASP A 3864 40.54 -21.55 89.50
C ASP A 3864 39.09 -22.07 89.53
N GLY A 3865 38.96 -23.40 89.63
CA GLY A 3865 37.68 -24.10 89.65
C GLY A 3865 37.32 -24.67 88.28
N GLU A 3866 37.84 -24.08 87.20
CA GLU A 3866 37.60 -24.62 85.87
C GLU A 3866 38.47 -25.85 85.66
N ASN A 3867 37.85 -26.94 85.17
CA ASN A 3867 38.57 -28.16 84.85
C ASN A 3867 39.36 -27.92 83.56
N ASP A 3868 40.55 -27.33 83.72
CA ASP A 3868 41.34 -26.83 82.60
C ASP A 3868 42.18 -27.95 81.98
N CYS A 3869 42.97 -28.64 82.80
CA CYS A 3869 43.66 -29.83 82.34
C CYS A 3869 42.62 -30.95 82.24
N VAL A 3870 42.46 -31.54 81.05
CA VAL A 3870 41.51 -32.62 80.83
C VAL A 3870 41.85 -33.83 81.71
N ASP A 3871 43.13 -33.97 82.09
CA ASP A 3871 43.56 -34.98 83.04
C ASP A 3871 42.99 -34.66 84.43
N GLY A 3872 42.95 -33.37 84.78
CA GLY A 3872 42.53 -32.94 86.11
C GLY A 3872 43.72 -32.54 86.99
N SER A 3873 44.92 -32.46 86.41
CA SER A 3873 46.12 -32.08 87.14
C SER A 3873 46.05 -30.63 87.61
N ASP A 3874 45.10 -29.85 87.09
CA ASP A 3874 44.96 -28.45 87.44
C ASP A 3874 44.38 -28.28 88.84
N GLU A 3875 43.67 -29.31 89.35
CA GLU A 3875 42.82 -29.12 90.53
C GLU A 3875 43.27 -29.98 91.72
N GLU A 3876 44.57 -30.22 91.87
CA GLU A 3876 45.09 -30.94 93.02
C GLU A 3876 45.11 -30.02 94.23
N ILE A 3877 44.57 -30.50 95.36
CA ILE A 3877 44.36 -29.68 96.55
C ILE A 3877 45.69 -29.12 97.08
N HIS A 3878 46.75 -29.92 97.02
CA HIS A 3878 48.05 -29.50 97.50
C HIS A 3878 48.55 -28.29 96.72
N LEU A 3879 48.29 -28.26 95.39
CA LEU A 3879 48.59 -27.07 94.60
C LEU A 3879 47.59 -25.95 94.94
N CYS A 3880 46.32 -26.31 95.14
CA CYS A 3880 45.26 -25.33 95.30
C CYS A 3880 45.49 -24.45 96.53
N PHE A 3881 45.97 -25.06 97.62
CA PHE A 3881 46.08 -24.37 98.90
C PHE A 3881 47.10 -23.24 98.83
N ASN A 3882 48.17 -23.43 98.05
CA ASN A 3882 49.32 -22.51 98.09
C ASN A 3882 49.22 -21.43 97.02
N ILE A 3883 48.15 -21.40 96.22
CA ILE A 3883 48.01 -20.38 95.19
C ILE A 3883 47.63 -19.07 95.86
N PRO A 3884 48.25 -17.92 95.50
CA PRO A 3884 47.89 -16.65 96.11
C PRO A 3884 46.47 -16.27 95.69
N CYS A 3885 45.73 -15.70 96.64
CA CYS A 3885 44.32 -15.39 96.43
C CYS A 3885 43.99 -14.02 97.02
N GLU A 3886 42.86 -13.47 96.60
CA GLU A 3886 42.37 -12.19 97.09
C GLU A 3886 40.85 -12.27 97.15
N SER A 3887 40.27 -11.86 98.29
CA SER A 3887 38.88 -12.14 98.64
C SER A 3887 37.89 -11.68 97.56
N PRO A 3888 37.99 -10.43 97.01
CA PRO A 3888 37.06 -10.02 95.97
C PRO A 3888 37.14 -10.83 94.68
N GLN A 3889 38.25 -11.56 94.47
CA GLN A 3889 38.45 -12.30 93.23
C GLN A 3889 38.56 -13.81 93.47
N ARG A 3890 39.34 -14.22 94.48
CA ARG A 3890 39.44 -15.64 94.82
C ARG A 3890 39.52 -15.79 96.34
N PHE A 3891 38.67 -16.65 96.92
CA PHE A 3891 38.63 -16.82 98.37
C PHE A 3891 38.74 -18.30 98.75
N ARG A 3892 39.34 -18.57 99.92
CA ARG A 3892 39.46 -19.92 100.47
C ARG A 3892 38.09 -20.45 100.92
N CYS A 3893 37.62 -21.53 100.26
CA CYS A 3893 36.62 -22.41 100.85
C CYS A 3893 37.30 -23.27 101.93
N ASP A 3894 36.52 -23.72 102.91
CA ASP A 3894 37.04 -24.35 104.12
C ASP A 3894 37.61 -25.74 103.83
N ASN A 3895 37.50 -26.23 102.59
CA ASN A 3895 38.15 -27.47 102.18
C ASN A 3895 39.53 -27.20 101.57
N SER A 3896 40.14 -26.05 101.89
CA SER A 3896 41.45 -25.65 101.40
C SER A 3896 41.46 -25.40 99.89
N ARG A 3897 40.29 -25.18 99.30
CA ARG A 3897 40.19 -24.90 97.87
C ARG A 3897 39.80 -23.43 97.67
N CYS A 3898 40.63 -22.69 96.94
CA CYS A 3898 40.38 -21.28 96.70
C CYS A 3898 39.35 -21.14 95.56
N VAL A 3899 38.06 -21.13 95.95
CA VAL A 3899 36.94 -20.94 95.04
C VAL A 3899 36.98 -19.54 94.42
N TYR A 3900 36.56 -19.45 93.15
CA TYR A 3900 36.50 -18.20 92.42
C TYR A 3900 35.39 -17.32 93.00
N GLY A 3901 35.65 -16.01 93.20
CA GLY A 3901 34.77 -15.12 93.95
C GLY A 3901 33.37 -14.98 93.35
N HIS A 3902 33.24 -15.06 92.03
CA HIS A 3902 31.97 -15.05 91.32
C HIS A 3902 31.06 -16.21 91.76
N GLN A 3903 31.66 -17.34 92.16
CA GLN A 3903 30.96 -18.57 92.52
C GLN A 3903 30.39 -18.55 93.94
N LEU A 3904 30.84 -17.63 94.81
CA LEU A 3904 30.17 -17.40 96.08
C LEU A 3904 28.73 -16.95 95.82
N CYS A 3905 27.77 -17.65 96.47
CA CYS A 3905 26.34 -17.39 96.36
C CYS A 3905 25.80 -17.46 94.92
N ASN A 3906 26.49 -18.17 94.01
CA ASN A 3906 26.07 -18.32 92.63
C ASN A 3906 24.85 -19.25 92.47
N GLY A 3907 24.45 -19.95 93.54
CA GLY A 3907 23.33 -20.89 93.53
C GLY A 3907 23.77 -22.36 93.57
N VAL A 3908 25.09 -22.62 93.62
CA VAL A 3908 25.69 -23.93 93.43
C VAL A 3908 26.73 -24.16 94.53
N ASP A 3909 26.75 -25.36 95.12
CA ASP A 3909 27.86 -25.77 95.99
C ASP A 3909 29.08 -26.09 95.11
N ASP A 3910 29.94 -25.12 94.80
CA ASP A 3910 31.14 -25.39 94.01
C ASP A 3910 32.21 -26.11 94.84
N CYS A 3911 32.17 -25.95 96.18
CA CYS A 3911 32.99 -26.74 97.10
C CYS A 3911 32.06 -27.51 98.03
N GLY A 3912 32.50 -28.68 98.50
CA GLY A 3912 31.61 -29.72 98.98
C GLY A 3912 31.16 -29.55 100.44
N ASP A 3913 30.93 -28.30 100.88
CA ASP A 3913 30.36 -28.08 102.21
C ASP A 3913 29.39 -26.91 102.24
N GLY A 3914 29.17 -26.23 101.10
CA GLY A 3914 28.19 -25.15 101.03
C GLY A 3914 28.71 -23.84 101.64
N SER A 3915 30.04 -23.73 101.82
CA SER A 3915 30.67 -22.47 102.22
C SER A 3915 30.51 -21.40 101.13
N ASP A 3916 30.63 -21.80 99.85
CA ASP A 3916 30.48 -20.87 98.73
C ASP A 3916 29.01 -20.57 98.43
N GLU A 3917 28.11 -20.80 99.40
CA GLU A 3917 26.68 -20.53 99.29
C GLU A 3917 26.08 -19.93 100.58
N LYS A 3918 26.85 -19.92 101.70
CA LYS A 3918 26.34 -19.50 103.00
C LYS A 3918 26.21 -17.96 103.06
N GLU A 3919 25.21 -17.48 103.81
CA GLU A 3919 24.82 -16.07 103.81
C GLU A 3919 25.84 -15.14 104.47
N GLU A 3920 26.79 -15.66 105.29
CA GLU A 3920 27.64 -14.84 106.16
C GLU A 3920 28.70 -14.07 105.36
N HIS A 3921 29.37 -14.75 104.41
CA HIS A 3921 30.27 -14.11 103.45
C HIS A 3921 29.51 -13.33 102.37
N CYS A 3922 28.22 -13.67 102.20
CA CYS A 3922 27.27 -13.04 101.29
C CYS A 3922 26.78 -11.69 101.86
N ARG A 3923 25.67 -11.17 101.30
CA ARG A 3923 24.97 -9.96 101.76
C ARG A 3923 25.97 -8.80 101.97
N LYS A 3924 25.68 -7.93 102.95
CA LYS A 3924 26.59 -6.89 103.45
C LYS A 3924 26.62 -6.94 104.97
N PRO A 3925 27.80 -6.86 105.64
CA PRO A 3925 27.86 -6.79 107.11
C PRO A 3925 27.10 -5.60 107.71
N THR A 3926 27.24 -4.41 107.09
CA THR A 3926 26.60 -3.19 107.55
C THR A 3926 25.98 -2.36 106.41
N HIS A 3927 26.24 -2.75 105.15
CA HIS A 3927 25.87 -2.01 103.94
C HIS A 3927 26.43 -0.58 103.94
N LYS A 3928 27.71 -0.44 104.31
CA LYS A 3928 28.50 0.80 104.19
C LYS A 3928 27.74 2.01 104.74
N PRO A 3929 27.40 2.03 106.06
CA PRO A 3929 26.55 3.08 106.64
C PRO A 3929 27.20 4.45 106.69
N CYS A 3930 26.35 5.49 106.73
CA CYS A 3930 26.81 6.87 106.65
C CYS A 3930 27.34 7.33 108.01
N THR A 3931 28.44 8.10 107.98
CA THR A 3931 28.88 8.88 109.13
C THR A 3931 28.48 10.34 108.92
N ASP A 3932 28.99 11.25 109.77
CA ASP A 3932 28.74 12.67 109.63
C ASP A 3932 29.34 13.21 108.32
N THR A 3933 30.34 12.51 107.76
CA THR A 3933 31.04 12.97 106.58
C THR A 3933 30.32 12.53 105.30
N GLU A 3934 29.26 11.71 105.43
CA GLU A 3934 28.54 11.21 104.26
C GLU A 3934 27.16 11.85 104.16
N TYR A 3935 26.40 11.42 103.14
CA TYR A 3935 25.05 11.89 102.93
C TYR A 3935 24.13 10.70 102.64
N LYS A 3936 22.93 10.72 103.24
CA LYS A 3936 21.99 9.61 103.17
C LYS A 3936 21.34 9.53 101.79
N CYS A 3937 21.18 10.69 101.12
CA CYS A 3937 20.43 10.79 99.87
C CYS A 3937 19.01 10.29 100.06
N SER A 3938 18.63 9.22 99.34
CA SER A 3938 17.28 8.69 99.39
C SER A 3938 17.10 7.77 100.60
N ASN A 3939 17.82 6.64 100.62
CA ASN A 3939 17.63 5.66 101.70
C ASN A 3939 18.92 4.90 102.03
N GLY A 3940 20.10 5.52 101.90
CA GLY A 3940 21.34 4.86 102.30
C GLY A 3940 22.49 4.98 101.30
N ASN A 3941 22.34 5.78 100.25
CA ASN A 3941 23.40 6.00 99.28
C ASN A 3941 24.50 6.86 99.90
N CYS A 3942 25.41 6.20 100.62
CA CYS A 3942 26.37 6.86 101.49
C CYS A 3942 27.56 7.41 100.71
N ILE A 3943 27.34 8.45 99.91
CA ILE A 3943 28.43 9.23 99.32
C ILE A 3943 28.71 10.40 100.28
N SER A 3944 29.87 11.04 100.11
CA SER A 3944 30.32 12.14 100.97
C SER A 3944 29.24 13.22 101.10
N GLN A 3945 29.36 14.00 102.17
CA GLN A 3945 28.29 14.87 102.63
C GLN A 3945 28.06 16.04 101.67
N HIS A 3946 29.06 16.39 100.86
CA HIS A 3946 29.07 17.63 100.11
C HIS A 3946 28.01 17.68 99.00
N TYR A 3947 27.14 16.67 98.93
CA TYR A 3947 26.01 16.72 98.01
C TYR A 3947 24.85 17.54 98.57
N VAL A 3948 24.94 17.96 99.84
CA VAL A 3948 23.82 18.56 100.55
C VAL A 3948 23.41 19.89 99.91
N CYS A 3949 22.22 19.90 99.30
CA CYS A 3949 21.57 21.08 98.73
C CYS A 3949 22.54 21.96 97.94
N ASP A 3950 23.38 21.33 97.11
CA ASP A 3950 24.16 22.05 96.13
C ASP A 3950 23.35 22.27 94.84
N ASN A 3951 22.05 21.94 94.89
CA ASN A 3951 21.11 22.14 93.78
C ASN A 3951 21.52 21.34 92.54
N VAL A 3952 22.14 20.17 92.79
CA VAL A 3952 22.54 19.26 91.73
C VAL A 3952 22.12 17.85 92.13
N ASN A 3953 21.56 17.10 91.17
CA ASN A 3953 21.14 15.73 91.39
C ASN A 3953 22.37 14.82 91.29
N ASP A 3954 23.22 14.87 92.31
CA ASP A 3954 24.46 14.11 92.31
C ASP A 3954 24.19 12.64 92.64
N CYS A 3955 23.21 12.38 93.52
CA CYS A 3955 22.96 11.03 94.02
C CYS A 3955 22.50 10.09 92.90
N GLY A 3956 21.97 10.64 91.80
CA GLY A 3956 21.38 9.82 90.75
C GLY A 3956 19.90 9.57 91.03
N ASP A 3957 19.59 9.02 92.22
CA ASP A 3957 18.21 9.00 92.70
C ASP A 3957 17.75 10.43 92.93
N LEU A 3958 16.52 10.75 92.47
CA LEU A 3958 16.01 12.11 92.54
C LEU A 3958 15.58 12.43 93.98
N SER A 3959 16.53 12.30 94.91
CA SER A 3959 16.30 12.61 96.32
C SER A 3959 17.52 13.29 96.94
N ASP A 3960 18.46 13.78 96.12
CA ASP A 3960 19.67 14.40 96.64
C ASP A 3960 19.31 15.70 97.38
N GLU A 3961 18.34 16.45 96.84
CA GLU A 3961 17.89 17.69 97.45
C GLU A 3961 16.50 17.47 98.06
N THR A 3962 16.45 17.39 99.39
CA THR A 3962 15.19 17.34 100.12
C THR A 3962 15.10 18.57 101.01
N GLY A 3963 13.96 19.27 100.95
CA GLY A 3963 13.88 20.59 101.56
C GLY A 3963 14.66 21.61 100.74
N CYS A 3964 15.83 22.01 101.27
CA CYS A 3964 16.79 22.86 100.56
C CYS A 3964 16.16 24.21 100.20
N ASN A 3965 15.72 24.93 101.23
CA ASN A 3965 15.26 26.31 101.08
C ASN A 3965 16.32 27.24 101.64
N LEU A 3966 16.88 28.10 100.78
CA LEU A 3966 18.09 28.84 101.11
C LEU A 3966 17.82 29.89 102.17
N GLY A 3967 18.90 30.30 102.86
CA GLY A 3967 18.84 31.23 103.98
C GLY A 3967 19.71 30.75 105.13
N ASP A 3968 20.69 31.58 105.54
CA ASP A 3968 21.75 31.15 106.43
C ASP A 3968 21.22 30.98 107.86
N ASN A 3969 20.30 31.85 108.27
CA ASN A 3969 19.88 31.93 109.67
C ASN A 3969 18.72 30.99 109.97
N ARG A 3970 18.91 29.68 109.76
CA ARG A 3970 17.88 28.69 110.06
C ARG A 3970 18.49 27.40 110.58
N THR A 3971 17.80 26.80 111.57
CA THR A 3971 17.94 25.39 111.90
C THR A 3971 16.54 24.81 112.07
N CYS A 3972 16.30 23.63 111.50
CA CYS A 3972 14.98 23.02 111.53
C CYS A 3972 14.69 22.41 112.91
N ALA A 3973 15.61 22.56 113.88
CA ALA A 3973 15.33 22.20 115.25
C ALA A 3973 14.22 23.10 115.80
N GLU A 3974 13.95 24.21 115.11
CA GLU A 3974 12.83 25.09 115.41
C GLU A 3974 11.50 24.54 114.89
N ASN A 3975 11.45 23.24 114.56
CA ASN A 3975 10.28 22.56 114.03
C ASN A 3975 9.89 23.16 112.67
N ILE A 3976 10.88 23.25 111.78
CA ILE A 3976 10.63 23.63 110.40
C ILE A 3976 10.35 22.38 109.56
N CYS A 3977 11.07 21.28 109.80
CA CYS A 3977 10.77 20.00 109.19
C CYS A 3977 10.40 18.98 110.27
N GLU A 3978 9.77 17.88 109.84
CA GLU A 3978 9.21 16.90 110.76
C GLU A 3978 10.31 16.21 111.56
N GLN A 3979 11.17 15.47 110.89
CA GLN A 3979 12.09 14.59 111.60
C GLN A 3979 13.38 14.38 110.80
N ASN A 3980 14.48 14.18 111.53
CA ASN A 3980 15.76 13.75 111.00
C ASN A 3980 16.23 14.63 109.83
N CYS A 3981 16.55 15.89 110.18
CA CYS A 3981 17.18 16.82 109.26
C CYS A 3981 18.64 16.46 109.03
N THR A 3982 19.30 17.25 108.17
CA THR A 3982 20.72 17.50 108.21
C THR A 3982 20.93 19.00 108.07
N GLN A 3983 21.96 19.55 108.73
CA GLN A 3983 22.15 21.00 108.75
C GLN A 3983 22.61 21.47 107.37
N LEU A 3984 21.83 22.38 106.77
CA LEU A 3984 22.19 22.97 105.49
C LEU A 3984 23.15 24.13 105.77
N SER A 3985 24.25 24.18 105.03
CA SER A 3985 25.31 25.17 105.24
C SER A 3985 24.83 26.59 104.99
N SER A 3986 23.85 26.77 104.09
CA SER A 3986 23.39 28.10 103.71
C SER A 3986 21.87 28.16 103.56
N GLY A 3987 21.16 27.12 104.02
CA GLY A 3987 19.70 27.10 103.88
C GLY A 3987 19.00 26.49 105.09
N GLY A 3988 19.75 26.16 106.15
CA GLY A 3988 19.17 25.67 107.37
C GLY A 3988 18.89 24.17 107.36
N PHE A 3989 17.96 23.72 106.50
CA PHE A 3989 17.46 22.35 106.59
C PHE A 3989 17.58 21.63 105.24
N ILE A 3990 18.21 20.45 105.29
CA ILE A 3990 18.00 19.41 104.30
C ILE A 3990 17.41 18.21 105.04
N CYS A 3991 16.19 17.81 104.64
CA CYS A 3991 15.35 16.94 105.45
C CYS A 3991 14.93 15.73 104.63
N SER A 3992 15.71 14.65 104.71
CA SER A 3992 15.34 13.38 104.12
C SER A 3992 14.41 12.64 105.08
N CYS A 3993 13.45 11.89 104.53
CA CYS A 3993 12.49 11.17 105.33
C CYS A 3993 13.15 10.02 106.08
N ARG A 3994 12.72 9.81 107.33
CA ARG A 3994 13.17 8.68 108.13
C ARG A 3994 12.69 7.38 107.48
N PRO A 3995 13.39 6.25 107.70
CA PRO A 3995 13.04 5.00 107.02
C PRO A 3995 11.59 4.61 107.24
N GLY A 3996 10.95 4.14 106.16
CA GLY A 3996 9.56 3.72 106.18
C GLY A 3996 8.59 4.83 105.76
N PHE A 3997 9.13 5.97 105.28
CA PHE A 3997 8.29 7.09 104.86
C PHE A 3997 8.80 7.66 103.54
N LYS A 3998 7.91 8.39 102.85
CA LYS A 3998 8.24 9.09 101.62
C LYS A 3998 7.73 10.53 101.74
N PRO A 3999 8.42 11.50 101.13
CA PRO A 3999 7.98 12.90 101.20
C PRO A 3999 6.73 13.14 100.37
N SER A 4000 5.84 13.98 100.89
CA SER A 4000 4.66 14.42 100.16
C SER A 4000 5.06 15.36 99.03
N THR A 4001 4.21 15.44 98.01
CA THR A 4001 4.43 16.35 96.88
C THR A 4001 4.40 17.79 97.39
N LEU A 4002 3.28 18.18 97.98
CA LEU A 4002 3.16 19.49 98.63
C LEU A 4002 3.68 19.31 100.05
N ASP A 4003 4.36 20.34 100.59
CA ASP A 4003 4.94 20.27 101.94
C ASP A 4003 5.80 19.01 102.04
N LYS A 4004 6.91 19.02 101.30
CA LYS A 4004 7.87 17.91 101.28
C LYS A 4004 8.51 17.69 102.64
N ASN A 4005 8.45 18.69 103.54
CA ASN A 4005 8.98 18.53 104.88
C ASN A 4005 8.16 17.54 105.71
N SER A 4006 6.94 17.21 105.25
CA SER A 4006 6.11 16.21 105.89
C SER A 4006 6.19 14.90 105.12
N CYS A 4007 6.44 13.79 105.84
CA CYS A 4007 6.70 12.51 105.22
C CYS A 4007 5.45 11.63 105.32
N GLN A 4008 5.07 11.01 104.20
CA GLN A 4008 3.92 10.14 104.15
C GLN A 4008 4.35 8.71 104.44
N ASP A 4009 3.57 8.01 105.27
CA ASP A 4009 3.84 6.61 105.59
C ASP A 4009 3.56 5.73 104.37
N ILE A 4010 4.45 4.77 104.13
CA ILE A 4010 4.30 3.84 103.02
C ILE A 4010 3.16 2.89 103.34
N ASN A 4011 2.57 2.30 102.29
CA ASN A 4011 1.61 1.21 102.46
C ASN A 4011 2.29 -0.09 101.99
N GLU A 4012 2.82 -0.85 102.96
CA GLU A 4012 3.64 -2.01 102.64
C GLU A 4012 2.79 -3.27 102.41
N CYS A 4013 1.47 -3.19 102.63
CA CYS A 4013 0.59 -4.30 102.32
C CYS A 4013 0.22 -4.34 100.84
N GLU A 4014 0.45 -3.23 100.12
CA GLU A 4014 0.01 -3.11 98.73
C GLU A 4014 0.99 -3.85 97.81
N GLU A 4015 2.28 -3.79 98.13
CA GLU A 4015 3.31 -4.37 97.28
C GLU A 4015 3.11 -5.88 97.18
N PHE A 4016 3.18 -6.40 95.95
CA PHE A 4016 2.90 -7.80 95.61
C PHE A 4016 3.87 -8.81 96.28
N GLY A 4017 3.34 -9.89 96.85
CA GLY A 4017 4.13 -11.00 97.39
C GLY A 4017 5.08 -10.65 98.55
N ILE A 4018 4.67 -9.70 99.41
CA ILE A 4018 5.41 -9.30 100.60
C ILE A 4018 5.31 -10.39 101.67
N CYS A 4019 4.18 -11.08 101.79
CA CYS A 4019 3.98 -12.12 102.81
C CYS A 4019 3.03 -13.23 102.31
N PRO A 4020 3.14 -14.49 102.81
CA PRO A 4020 2.35 -15.63 102.31
C PRO A 4020 0.82 -15.48 102.32
N GLN A 4021 0.23 -14.71 103.25
CA GLN A 4021 -1.24 -14.60 103.35
C GLN A 4021 -1.79 -13.21 103.64
N SER A 4022 -1.13 -12.36 104.47
CA SER A 4022 -1.78 -11.15 104.93
C SER A 4022 -0.75 -10.07 105.23
N CYS A 4023 -1.22 -8.94 105.77
CA CYS A 4023 -0.37 -7.83 106.16
C CYS A 4023 -1.18 -6.87 107.02
N ARG A 4024 -0.47 -6.07 107.83
CA ARG A 4024 -1.07 -5.01 108.63
C ARG A 4024 -0.17 -3.77 108.53
N ASN A 4025 -0.57 -2.81 107.70
CA ASN A 4025 0.18 -1.57 107.56
C ASN A 4025 0.16 -0.79 108.87
N SER A 4026 1.34 -0.31 109.27
CA SER A 4026 1.50 0.46 110.49
C SER A 4026 2.39 1.67 110.22
N LYS A 4027 2.70 2.42 111.29
CA LYS A 4027 3.46 3.66 111.19
C LYS A 4027 4.91 3.34 110.84
N GLY A 4028 5.26 3.52 109.55
CA GLY A 4028 6.62 3.33 109.06
C GLY A 4028 7.11 1.89 109.19
N SER A 4029 6.17 0.95 109.36
CA SER A 4029 6.48 -0.45 109.52
C SER A 4029 5.27 -1.28 109.08
N TYR A 4030 5.40 -2.60 109.13
CA TYR A 4030 4.32 -3.49 108.76
C TYR A 4030 4.41 -4.77 109.60
N GLU A 4031 3.27 -5.44 109.76
CA GLU A 4031 3.20 -6.74 110.38
C GLU A 4031 2.29 -7.64 109.55
N CYS A 4032 2.73 -8.89 109.34
CA CYS A 4032 1.97 -9.84 108.54
C CYS A 4032 1.81 -11.13 109.35
N PHE A 4033 0.68 -11.82 109.11
CA PHE A 4033 0.26 -12.91 109.97
C PHE A 4033 -0.42 -13.98 109.11
N CYS A 4034 -0.57 -15.18 109.68
CA CYS A 4034 -1.34 -16.24 109.05
C CYS A 4034 -2.80 -16.13 109.48
N VAL A 4035 -3.70 -16.22 108.51
CA VAL A 4035 -5.14 -16.19 108.80
C VAL A 4035 -5.56 -17.47 109.53
N ASP A 4036 -6.82 -17.50 109.97
CA ASP A 4036 -7.37 -18.63 110.71
C ASP A 4036 -7.18 -19.93 109.93
N GLY A 4037 -6.79 -20.99 110.66
CA GLY A 4037 -6.57 -22.31 110.08
C GLY A 4037 -5.14 -22.54 109.61
N PHE A 4038 -4.27 -21.54 109.68
CA PHE A 4038 -2.87 -21.69 109.26
C PHE A 4038 -1.95 -21.36 110.42
N LYS A 4039 -0.82 -22.07 110.50
CA LYS A 4039 0.13 -21.93 111.58
C LYS A 4039 1.42 -21.31 111.04
N SER A 4040 2.00 -20.40 111.82
CA SER A 4040 3.20 -19.67 111.42
C SER A 4040 4.40 -20.62 111.46
N MET A 4041 5.13 -20.69 110.33
CA MET A 4041 6.34 -21.49 110.26
C MET A 4041 7.38 -20.69 109.46
N SER A 4042 8.66 -21.00 109.68
CA SER A 4042 9.76 -20.36 108.97
C SER A 4042 10.63 -21.43 108.33
N THR A 4043 10.73 -21.38 106.99
CA THR A 4043 11.62 -22.20 106.18
C THR A 4043 13.02 -21.60 106.18
N HIS A 4044 13.97 -22.28 105.50
CA HIS A 4044 15.31 -21.74 105.26
C HIS A 4044 15.23 -20.42 104.49
N TYR A 4045 14.20 -20.25 103.63
CA TYR A 4045 14.01 -19.00 102.91
C TYR A 4045 13.38 -17.96 103.83
N GLY A 4046 12.22 -18.31 104.41
CA GLY A 4046 11.49 -17.37 105.25
C GLY A 4046 10.12 -17.91 105.63
N GLU A 4047 9.08 -17.06 105.50
CA GLU A 4047 7.74 -17.33 105.99
C GLU A 4047 7.07 -18.49 105.26
N ARG A 4048 6.28 -19.27 106.01
CA ARG A 4048 5.32 -20.22 105.46
C ARG A 4048 4.12 -20.30 106.42
N CYS A 4049 2.91 -20.11 105.90
CA CYS A 4049 1.71 -20.34 106.71
C CYS A 4049 1.18 -21.75 106.40
N ALA A 4050 1.47 -22.71 107.28
CA ALA A 4050 1.14 -24.11 107.03
C ALA A 4050 -0.34 -24.37 107.37
N ALA A 4051 -1.06 -25.02 106.43
CA ALA A 4051 -2.46 -25.42 106.66
C ALA A 4051 -2.55 -26.49 107.74
N ASP A 4052 -3.54 -26.39 108.63
CA ASP A 4052 -3.75 -27.38 109.68
C ASP A 4052 -4.49 -28.59 109.12
N GLY A 4053 -4.64 -29.62 109.97
CA GLY A 4053 -5.38 -30.83 109.63
C GLY A 4053 -4.58 -31.76 108.72
N SER A 4054 -5.30 -32.66 108.04
CA SER A 4054 -4.68 -33.66 107.18
C SER A 4054 -3.99 -32.96 106.00
N PRO A 4055 -2.84 -33.48 105.54
CA PRO A 4055 -2.09 -32.83 104.46
C PRO A 4055 -2.89 -32.83 103.16
N PRO A 4056 -2.65 -31.86 102.26
CA PRO A 4056 -3.43 -31.73 101.03
C PRO A 4056 -3.15 -32.86 100.07
N LEU A 4057 -4.17 -33.23 99.29
CA LEU A 4057 -4.06 -34.27 98.27
C LEU A 4057 -4.14 -33.64 96.87
N LEU A 4058 -3.61 -34.36 95.88
CA LEU A 4058 -3.85 -34.04 94.49
C LEU A 4058 -4.77 -35.10 93.91
N LEU A 4059 -5.67 -34.66 93.05
CA LEU A 4059 -6.52 -35.54 92.25
C LEU A 4059 -6.13 -35.40 90.79
N LEU A 4060 -5.74 -36.53 90.18
CA LEU A 4060 -5.29 -36.56 88.80
C LEU A 4060 -6.30 -37.32 87.94
N PRO A 4061 -7.17 -36.63 87.18
CA PRO A 4061 -8.06 -37.32 86.25
C PRO A 4061 -7.39 -37.63 84.92
N GLU A 4062 -7.43 -38.91 84.54
CA GLU A 4062 -7.03 -39.34 83.21
C GLU A 4062 -8.27 -39.87 82.47
N ASN A 4063 -8.08 -40.21 81.20
CA ASN A 4063 -9.18 -40.66 80.35
C ASN A 4063 -9.80 -41.95 80.86
N VAL A 4064 -9.10 -42.66 81.76
CA VAL A 4064 -9.57 -43.97 82.21
C VAL A 4064 -9.88 -43.96 83.70
N ARG A 4065 -9.13 -43.20 84.50
CA ARG A 4065 -9.26 -43.27 85.94
C ARG A 4065 -8.93 -41.92 86.58
N ILE A 4066 -9.23 -41.82 87.87
CA ILE A 4066 -8.84 -40.68 88.69
C ILE A 4066 -7.98 -41.22 89.83
N ARG A 4067 -6.79 -40.63 90.02
CA ARG A 4067 -5.84 -41.11 91.00
C ARG A 4067 -5.66 -40.06 92.11
N LYS A 4068 -5.64 -40.54 93.36
CA LYS A 4068 -5.31 -39.71 94.51
C LYS A 4068 -3.81 -39.70 94.74
N TYR A 4069 -3.33 -38.69 95.46
CA TYR A 4069 -1.91 -38.56 95.77
C TYR A 4069 -1.74 -37.82 97.08
N ASN A 4070 -0.91 -38.39 97.96
CA ASN A 4070 -0.44 -37.75 99.17
C ASN A 4070 0.77 -36.89 98.81
N THR A 4071 0.64 -35.58 98.99
CA THR A 4071 1.78 -34.68 98.82
C THR A 4071 2.74 -34.75 100.01
N SER A 4072 2.34 -35.42 101.11
CA SER A 4072 3.20 -35.58 102.27
C SER A 4072 3.78 -36.99 102.35
N SER A 4073 3.03 -38.01 101.89
CA SER A 4073 3.48 -39.40 101.98
C SER A 4073 4.11 -39.89 100.67
N GLU A 4074 3.72 -39.28 99.54
CA GLU A 4074 4.24 -39.59 98.20
C GLU A 4074 3.73 -40.95 97.70
N LYS A 4075 2.66 -41.50 98.29
CA LYS A 4075 2.07 -42.74 97.78
C LYS A 4075 0.77 -42.43 97.05
N PHE A 4076 0.55 -43.10 95.91
CA PHE A 4076 -0.69 -42.95 95.16
C PHE A 4076 -1.83 -43.71 95.84
N SER A 4077 -3.05 -43.41 95.37
CA SER A 4077 -4.24 -44.19 95.70
C SER A 4077 -5.09 -44.34 94.45
N GLU A 4078 -5.83 -45.45 94.35
CA GLU A 4078 -6.48 -45.85 93.11
C GLU A 4078 -7.67 -44.95 92.79
N TYR A 4079 -8.60 -44.82 93.76
CA TYR A 4079 -9.91 -44.21 93.55
C TYR A 4079 -10.61 -44.85 92.34
N LEU A 4080 -11.27 -44.02 91.53
CA LEU A 4080 -12.20 -44.49 90.51
C LEU A 4080 -11.41 -45.08 89.34
N GLU A 4081 -11.92 -46.17 88.77
CA GLU A 4081 -11.28 -46.87 87.67
C GLU A 4081 -12.33 -47.33 86.67
N GLU A 4082 -11.83 -47.85 85.54
CA GLU A 4082 -12.64 -48.50 84.51
C GLU A 4082 -13.48 -47.48 83.73
N GLU A 4083 -13.55 -46.21 84.18
CA GLU A 4083 -14.31 -45.18 83.49
C GLU A 4083 -13.61 -44.84 82.17
N GLU A 4084 -14.28 -44.04 81.35
CA GLU A 4084 -13.72 -43.66 80.05
C GLU A 4084 -14.01 -42.19 79.78
N HIS A 4085 -13.01 -41.51 79.20
CA HIS A 4085 -13.14 -40.16 78.67
C HIS A 4085 -13.51 -39.17 79.77
N ILE A 4086 -12.74 -39.19 80.86
CA ILE A 4086 -12.88 -38.17 81.90
C ILE A 4086 -12.08 -36.94 81.49
N GLN A 4087 -12.68 -35.75 81.66
CA GLN A 4087 -12.05 -34.52 81.19
C GLN A 4087 -11.70 -33.61 82.38
N THR A 4088 -12.67 -33.12 83.15
CA THR A 4088 -12.39 -32.23 84.28
C THR A 4088 -13.15 -32.67 85.53
N ILE A 4089 -12.63 -32.32 86.72
CA ILE A 4089 -13.26 -32.69 87.98
C ILE A 4089 -13.38 -31.48 88.90
N ASP A 4090 -14.24 -31.63 89.91
CA ASP A 4090 -14.33 -30.71 91.03
C ASP A 4090 -15.05 -31.43 92.16
N TYR A 4091 -14.91 -30.91 93.39
CA TYR A 4091 -15.43 -31.60 94.56
C TYR A 4091 -16.18 -30.65 95.49
N ASP A 4092 -16.92 -31.27 96.42
CA ASP A 4092 -17.60 -30.54 97.46
C ASP A 4092 -17.25 -31.20 98.79
N TRP A 4093 -16.60 -30.44 99.68
CA TRP A 4093 -15.99 -31.02 100.88
C TRP A 4093 -17.06 -31.35 101.93
N ASP A 4094 -17.15 -32.65 102.24
CA ASP A 4094 -17.86 -33.20 103.39
C ASP A 4094 -19.19 -32.48 103.65
N PRO A 4095 -20.21 -32.65 102.78
CA PRO A 4095 -21.48 -31.96 102.99
C PRO A 4095 -22.24 -32.44 104.24
N GLU A 4096 -22.26 -33.77 104.48
CA GLU A 4096 -23.09 -34.34 105.54
C GLU A 4096 -22.32 -34.53 106.85
N HIS A 4097 -21.05 -34.09 106.91
CA HIS A 4097 -20.17 -34.34 108.03
C HIS A 4097 -19.95 -35.84 108.26
N ILE A 4098 -20.28 -36.67 107.26
CA ILE A 4098 -20.13 -38.12 107.38
C ILE A 4098 -18.64 -38.51 107.26
N GLY A 4099 -17.78 -37.55 106.87
CA GLY A 4099 -16.37 -37.80 106.72
C GLY A 4099 -15.99 -38.15 105.28
N LEU A 4100 -16.91 -37.92 104.33
CA LEU A 4100 -16.67 -38.24 102.93
C LEU A 4100 -17.12 -37.07 102.06
N SER A 4101 -16.18 -36.46 101.33
CA SER A 4101 -16.54 -35.46 100.34
C SER A 4101 -17.14 -36.13 99.10
N VAL A 4102 -17.60 -35.32 98.16
CA VAL A 4102 -18.15 -35.81 96.91
C VAL A 4102 -17.38 -35.19 95.75
N VAL A 4103 -16.92 -36.03 94.83
CA VAL A 4103 -16.15 -35.59 93.68
C VAL A 4103 -17.03 -35.66 92.44
N TYR A 4104 -17.14 -34.53 91.74
CA TYR A 4104 -17.87 -34.45 90.49
C TYR A 4104 -16.85 -34.45 89.34
N TYR A 4105 -17.19 -35.14 88.26
CA TYR A 4105 -16.32 -35.18 87.10
C TYR A 4105 -17.17 -35.25 85.83
N THR A 4106 -16.65 -34.61 84.77
CA THR A 4106 -17.26 -34.63 83.46
C THR A 4106 -16.77 -35.83 82.66
N VAL A 4107 -17.63 -36.26 81.73
CA VAL A 4107 -17.34 -37.33 80.80
C VAL A 4107 -17.67 -36.82 79.41
N LEU A 4108 -16.74 -36.97 78.46
CA LEU A 4108 -16.95 -36.51 77.10
C LEU A 4108 -17.94 -37.42 76.35
N ALA A 4109 -18.51 -36.87 75.27
CA ALA A 4109 -19.15 -37.70 74.24
C ALA A 4109 -18.10 -38.57 73.55
N GLN A 4110 -18.40 -39.88 73.46
CA GLN A 4110 -17.56 -40.87 72.78
C GLN A 4110 -18.37 -41.47 71.64
N GLY A 4111 -17.77 -41.49 70.43
CA GLY A 4111 -18.44 -42.02 69.25
C GLY A 4111 -19.72 -41.25 68.94
N SER A 4112 -20.86 -41.96 68.94
CA SER A 4112 -22.15 -41.33 68.73
C SER A 4112 -22.99 -41.29 70.02
N GLN A 4113 -22.32 -41.28 71.18
CA GLN A 4113 -23.00 -41.30 72.46
C GLN A 4113 -22.69 -40.02 73.23
N PHE A 4114 -23.71 -39.46 73.88
CA PHE A 4114 -23.55 -38.28 74.73
C PHE A 4114 -22.73 -38.59 75.98
N GLY A 4115 -22.09 -37.56 76.54
CA GLY A 4115 -21.27 -37.70 77.73
C GLY A 4115 -22.12 -37.72 79.01
N ALA A 4116 -21.51 -37.26 80.13
CA ALA A 4116 -22.20 -37.18 81.40
C ALA A 4116 -21.53 -36.17 82.34
N ILE A 4117 -22.23 -35.78 83.41
CA ILE A 4117 -21.54 -35.34 84.62
C ILE A 4117 -21.86 -36.38 85.68
N LYS A 4118 -20.82 -36.95 86.29
CA LYS A 4118 -20.97 -37.99 87.29
C LYS A 4118 -20.32 -37.56 88.59
N ARG A 4119 -20.91 -38.04 89.70
CA ARG A 4119 -20.44 -37.72 91.04
C ARG A 4119 -20.24 -39.00 91.83
N ALA A 4120 -19.31 -38.95 92.79
CA ALA A 4120 -19.04 -40.09 93.66
C ALA A 4120 -18.41 -39.60 94.97
N TYR A 4121 -18.58 -40.40 96.01
CA TYR A 4121 -17.98 -40.14 97.31
C TYR A 4121 -16.46 -40.30 97.22
N ILE A 4122 -15.75 -39.56 98.07
CA ILE A 4122 -14.32 -39.74 98.27
C ILE A 4122 -14.07 -39.88 99.76
N PRO A 4123 -13.35 -40.92 100.22
CA PRO A 4123 -12.93 -40.98 101.61
C PRO A 4123 -11.88 -39.92 101.94
N ASN A 4124 -12.19 -39.09 102.94
CA ASN A 4124 -11.24 -38.11 103.44
C ASN A 4124 -10.07 -38.81 104.15
N PHE A 4125 -10.35 -39.97 104.74
CA PHE A 4125 -9.36 -40.74 105.49
C PHE A 4125 -8.52 -41.62 104.55
N GLU A 4126 -7.82 -42.60 105.13
CA GLU A 4126 -6.96 -43.50 104.39
C GLU A 4126 -7.79 -44.70 103.96
N SER A 4127 -7.92 -44.90 102.63
CA SER A 4127 -8.66 -46.04 102.11
C SER A 4127 -8.24 -46.32 100.67
N GLY A 4128 -8.20 -47.60 100.32
CA GLY A 4128 -7.87 -48.05 98.98
C GLY A 4128 -7.97 -49.57 98.85
N SER A 4129 -8.72 -50.03 97.84
CA SER A 4129 -8.92 -51.44 97.54
C SER A 4129 -9.78 -52.08 98.63
N ASN A 4130 -10.20 -51.30 99.63
CA ASN A 4130 -11.07 -51.78 100.69
C ASN A 4130 -12.48 -51.22 100.53
N ASN A 4131 -12.63 -50.09 99.80
CA ASN A 4131 -13.93 -49.51 99.53
C ASN A 4131 -14.14 -49.46 98.02
N PRO A 4132 -15.03 -50.31 97.45
CA PRO A 4132 -15.45 -50.11 96.07
C PRO A 4132 -16.09 -48.73 95.88
N ILE A 4133 -15.76 -48.07 94.77
CA ILE A 4133 -16.28 -46.75 94.47
C ILE A 4133 -17.43 -46.88 93.48
N ARG A 4134 -18.59 -46.36 93.88
CA ARG A 4134 -19.79 -46.41 93.05
C ARG A 4134 -20.11 -45.00 92.57
N GLU A 4135 -20.08 -44.81 91.24
CA GLU A 4135 -20.41 -43.54 90.64
C GLU A 4135 -21.88 -43.53 90.23
N VAL A 4136 -22.46 -42.32 90.21
CA VAL A 4136 -23.84 -42.13 89.78
C VAL A 4136 -23.86 -41.01 88.74
N ASP A 4137 -24.90 -41.04 87.91
CA ASP A 4137 -25.06 -40.08 86.82
C ASP A 4137 -26.13 -39.07 87.20
N LEU A 4138 -25.85 -37.78 86.95
CA LEU A 4138 -26.79 -36.71 87.26
C LEU A 4138 -28.03 -36.79 86.35
N GLY A 4139 -27.84 -37.28 85.11
CA GLY A 4139 -28.94 -37.44 84.17
C GLY A 4139 -29.10 -36.26 83.22
N LEU A 4140 -28.08 -35.37 83.19
CA LEU A 4140 -28.01 -34.28 82.24
C LEU A 4140 -27.77 -34.84 80.84
N LYS A 4141 -28.85 -35.01 80.07
CA LYS A 4141 -28.76 -35.49 78.70
C LYS A 4141 -28.09 -34.44 77.81
N TYR A 4142 -27.85 -34.80 76.53
CA TYR A 4142 -27.45 -33.87 75.50
C TYR A 4142 -26.07 -33.26 75.76
N LEU A 4143 -25.24 -33.91 76.59
CA LEU A 4143 -23.94 -33.37 76.97
C LEU A 4143 -22.87 -33.86 75.98
N MET A 4144 -21.96 -32.96 75.59
CA MET A 4144 -20.99 -33.27 74.53
C MET A 4144 -19.54 -33.01 74.95
N GLN A 4145 -19.09 -31.74 75.02
CA GLN A 4145 -17.76 -31.42 75.54
C GLN A 4145 -17.86 -30.64 76.86
N PRO A 4146 -18.27 -31.31 77.95
CA PRO A 4146 -18.30 -30.71 79.28
C PRO A 4146 -16.87 -30.54 79.78
N ASP A 4147 -16.31 -29.36 79.49
CA ASP A 4147 -14.86 -29.11 79.60
C ASP A 4147 -14.51 -28.18 80.76
N GLY A 4148 -15.47 -27.37 81.23
CA GLY A 4148 -15.28 -26.61 82.46
C GLY A 4148 -16.31 -27.04 83.49
N LEU A 4149 -15.86 -27.32 84.73
CA LEU A 4149 -16.76 -27.68 85.82
C LEU A 4149 -16.35 -26.93 87.09
N ALA A 4150 -17.35 -26.40 87.82
CA ALA A 4150 -17.12 -25.74 89.10
C ALA A 4150 -18.27 -26.04 90.04
N VAL A 4151 -17.95 -26.26 91.32
CA VAL A 4151 -18.98 -26.56 92.32
C VAL A 4151 -19.09 -25.39 93.28
N ASP A 4152 -20.29 -24.83 93.38
CA ASP A 4152 -20.57 -23.77 94.34
C ASP A 4152 -21.00 -24.44 95.64
N TRP A 4153 -20.10 -24.45 96.61
CA TRP A 4153 -20.32 -25.10 97.90
C TRP A 4153 -21.33 -24.34 98.76
N VAL A 4154 -21.55 -23.04 98.52
CA VAL A 4154 -22.38 -22.23 99.38
C VAL A 4154 -23.86 -22.32 98.95
N GLY A 4155 -24.13 -21.94 97.69
CA GLY A 4155 -25.48 -21.98 97.16
C GLY A 4155 -25.95 -23.39 96.79
N ARG A 4156 -25.03 -24.36 96.81
CA ARG A 4156 -25.31 -25.75 96.43
C ARG A 4156 -25.80 -25.80 94.97
N HIS A 4157 -25.03 -25.17 94.08
CA HIS A 4157 -25.23 -25.29 92.64
C HIS A 4157 -23.93 -25.76 91.98
N ILE A 4158 -24.07 -26.34 90.78
CA ILE A 4158 -22.93 -26.76 89.98
C ILE A 4158 -22.94 -25.99 88.66
N TYR A 4159 -21.82 -25.36 88.27
CA TYR A 4159 -21.75 -24.62 87.03
C TYR A 4159 -20.84 -25.36 86.06
N TRP A 4160 -21.22 -25.45 84.77
CA TRP A 4160 -20.32 -26.03 83.78
C TRP A 4160 -20.41 -25.25 82.48
N SER A 4161 -19.43 -25.51 81.59
CA SER A 4161 -19.45 -25.02 80.23
C SER A 4161 -19.46 -26.20 79.29
N ASP A 4162 -20.11 -26.05 78.14
CA ASP A 4162 -20.02 -27.05 77.08
C ASP A 4162 -19.35 -26.40 75.88
N ALA A 4163 -18.22 -26.96 75.43
CA ALA A 4163 -17.50 -26.38 74.31
C ALA A 4163 -18.29 -26.50 73.00
N LYS A 4164 -19.02 -27.62 72.75
CA LYS A 4164 -19.82 -27.74 71.54
C LYS A 4164 -20.98 -26.74 71.54
N SER A 4165 -21.74 -26.65 72.63
CA SER A 4165 -22.96 -25.86 72.67
C SER A 4165 -22.70 -24.36 72.90
N GLN A 4166 -21.45 -23.96 73.15
CA GLN A 4166 -21.07 -22.56 73.27
C GLN A 4166 -21.79 -21.85 74.41
N ARG A 4167 -22.15 -22.57 75.50
CA ARG A 4167 -22.96 -21.98 76.56
C ARG A 4167 -22.55 -22.48 77.95
N ILE A 4168 -22.94 -21.70 78.96
CA ILE A 4168 -22.67 -22.01 80.37
C ILE A 4168 -24.01 -22.29 81.04
N GLU A 4169 -24.08 -23.42 81.75
CA GLU A 4169 -25.30 -23.93 82.34
C GLU A 4169 -25.12 -24.06 83.85
N VAL A 4170 -26.24 -24.00 84.60
CA VAL A 4170 -26.21 -24.23 86.03
C VAL A 4170 -27.32 -25.22 86.39
N ALA A 4171 -27.10 -25.99 87.45
CA ALA A 4171 -28.08 -26.92 87.98
C ALA A 4171 -27.73 -27.24 89.42
N THR A 4172 -28.63 -27.96 90.10
CA THR A 4172 -28.38 -28.40 91.47
C THR A 4172 -27.39 -29.55 91.46
N LEU A 4173 -26.94 -29.92 92.67
CA LEU A 4173 -25.99 -30.99 92.88
C LEU A 4173 -26.62 -32.37 92.55
N ASP A 4174 -27.93 -32.40 92.26
CA ASP A 4174 -28.60 -33.65 91.91
C ASP A 4174 -29.16 -33.59 90.49
N GLY A 4175 -28.74 -32.60 89.70
CA GLY A 4175 -29.05 -32.53 88.28
C GLY A 4175 -30.42 -31.94 87.95
N ARG A 4176 -31.12 -31.40 88.95
CA ARG A 4176 -32.44 -30.84 88.71
C ARG A 4176 -32.35 -29.39 88.25
N TYR A 4177 -33.39 -28.95 87.52
CA TYR A 4177 -33.60 -27.55 87.19
C TYR A 4177 -32.40 -27.00 86.41
N ARG A 4178 -32.12 -27.58 85.23
CA ARG A 4178 -31.10 -27.02 84.36
C ARG A 4178 -31.52 -25.63 83.92
N LYS A 4179 -30.55 -24.71 83.81
CA LYS A 4179 -30.78 -23.34 83.38
C LYS A 4179 -29.53 -22.84 82.64
N TRP A 4180 -29.74 -22.18 81.50
CA TRP A 4180 -28.65 -21.58 80.75
C TRP A 4180 -28.41 -20.17 81.29
N LEU A 4181 -27.14 -19.81 81.47
CA LEU A 4181 -26.75 -18.52 82.02
C LEU A 4181 -26.15 -17.62 80.94
N ILE A 4182 -25.10 -18.11 80.28
CA ILE A 4182 -24.43 -17.34 79.23
C ILE A 4182 -24.58 -18.10 77.92
N THR A 4183 -25.13 -17.44 76.90
CA THR A 4183 -25.50 -18.12 75.66
C THR A 4183 -24.99 -17.42 74.41
N THR A 4184 -24.47 -16.19 74.53
CA THR A 4184 -24.10 -15.40 73.37
C THR A 4184 -22.65 -14.95 73.49
N GLN A 4185 -21.97 -14.78 72.33
CA GLN A 4185 -20.57 -14.39 72.21
C GLN A 4185 -19.60 -15.22 73.07
N LEU A 4186 -19.85 -16.53 73.16
CA LEU A 4186 -18.88 -17.52 73.63
C LEU A 4186 -18.44 -18.34 72.43
N ASP A 4187 -17.13 -18.48 72.19
CA ASP A 4187 -16.67 -19.33 71.09
C ASP A 4187 -16.40 -20.74 71.60
N GLN A 4188 -15.49 -20.89 72.57
CA GLN A 4188 -15.19 -22.15 73.22
C GLN A 4188 -15.01 -21.93 74.71
N PRO A 4189 -16.10 -21.95 75.50
CA PRO A 4189 -16.05 -21.68 76.93
C PRO A 4189 -15.40 -22.83 77.68
N ALA A 4190 -14.36 -22.51 78.46
CA ALA A 4190 -13.61 -23.49 79.23
C ALA A 4190 -13.32 -22.96 80.64
N ALA A 4191 -12.92 -23.88 81.54
CA ALA A 4191 -12.32 -23.57 82.84
C ALA A 4191 -13.09 -22.48 83.63
N ILE A 4192 -14.40 -22.68 83.82
CA ILE A 4192 -15.20 -21.86 84.72
C ILE A 4192 -14.70 -22.01 86.16
N ALA A 4193 -14.87 -20.95 86.97
CA ALA A 4193 -14.65 -20.93 88.41
C ALA A 4193 -15.65 -19.99 89.11
N VAL A 4194 -15.91 -20.23 90.41
CA VAL A 4194 -16.94 -19.54 91.19
C VAL A 4194 -16.40 -19.04 92.54
N ASN A 4195 -16.84 -17.85 92.97
CA ASN A 4195 -16.42 -17.28 94.25
C ASN A 4195 -17.62 -16.71 95.02
N PRO A 4196 -18.40 -17.55 95.73
CA PRO A 4196 -19.60 -17.13 96.46
C PRO A 4196 -19.38 -16.01 97.47
N LYS A 4197 -18.21 -15.99 98.12
CA LYS A 4197 -17.80 -14.96 99.07
C LYS A 4197 -17.60 -13.60 98.39
N LEU A 4198 -17.42 -13.57 97.07
CA LEU A 4198 -17.37 -12.36 96.24
C LEU A 4198 -18.66 -12.13 95.42
N GLY A 4199 -19.39 -13.20 95.09
CA GLY A 4199 -20.59 -13.21 94.27
C GLY A 4199 -20.27 -13.07 92.78
N LEU A 4200 -19.06 -13.48 92.37
CA LEU A 4200 -18.68 -13.48 90.96
C LEU A 4200 -18.27 -14.88 90.52
N MET A 4201 -18.56 -15.19 89.24
CA MET A 4201 -18.06 -16.38 88.58
C MET A 4201 -17.40 -16.00 87.27
N PHE A 4202 -16.36 -16.74 86.93
CA PHE A 4202 -15.37 -16.35 85.94
C PHE A 4202 -15.21 -17.48 84.95
N TRP A 4203 -15.06 -17.19 83.67
CA TRP A 4203 -14.82 -18.23 82.67
C TRP A 4203 -13.84 -17.72 81.63
N THR A 4204 -13.26 -18.68 80.90
CA THR A 4204 -12.33 -18.35 79.83
C THR A 4204 -12.95 -18.78 78.51
N ASP A 4205 -12.55 -18.11 77.44
CA ASP A 4205 -12.92 -18.50 76.10
C ASP A 4205 -11.63 -18.73 75.34
N GLN A 4206 -11.45 -19.94 74.81
CA GLN A 4206 -10.20 -20.30 74.12
C GLN A 4206 -10.44 -20.52 72.63
N GLY A 4207 -11.42 -19.81 72.07
CA GLY A 4207 -11.68 -19.84 70.63
C GLY A 4207 -10.78 -18.88 69.84
N LYS A 4208 -11.32 -18.41 68.70
CA LYS A 4208 -10.58 -17.67 67.67
C LYS A 4208 -10.20 -16.26 68.15
N GLN A 4209 -10.94 -15.70 69.11
CA GLN A 4209 -10.59 -14.45 69.79
C GLN A 4209 -10.69 -14.68 71.30
N PRO A 4210 -9.61 -15.18 71.94
CA PRO A 4210 -9.65 -15.54 73.36
C PRO A 4210 -9.95 -14.34 74.25
N LYS A 4211 -10.65 -14.60 75.35
CA LYS A 4211 -10.99 -13.61 76.36
C LYS A 4211 -11.20 -14.30 77.70
N ILE A 4212 -11.05 -13.55 78.79
CA ILE A 4212 -11.42 -13.98 80.14
C ILE A 4212 -12.52 -13.04 80.61
N GLU A 4213 -13.60 -13.60 81.16
CA GLU A 4213 -14.76 -12.80 81.53
C GLU A 4213 -15.17 -13.09 82.97
N SER A 4214 -15.92 -12.15 83.55
CA SER A 4214 -16.52 -12.31 84.86
C SER A 4214 -17.97 -11.85 84.80
N ALA A 4215 -18.81 -12.47 85.63
CA ALA A 4215 -20.22 -12.12 85.70
C ALA A 4215 -20.80 -12.57 87.02
N TRP A 4216 -21.96 -12.01 87.38
CA TRP A 4216 -22.70 -12.47 88.53
C TRP A 4216 -23.17 -13.89 88.28
N MET A 4217 -23.37 -14.66 89.36
CA MET A 4217 -23.84 -16.03 89.23
C MET A 4217 -25.24 -16.08 88.63
N ASN A 4218 -26.05 -15.03 88.87
CA ASN A 4218 -27.39 -14.98 88.31
C ASN A 4218 -27.36 -14.77 86.80
N GLY A 4219 -26.23 -14.31 86.25
CA GLY A 4219 -26.05 -14.19 84.81
C GLY A 4219 -26.00 -12.75 84.31
N GLU A 4220 -26.02 -11.76 85.22
CA GLU A 4220 -26.00 -10.36 84.83
C GLU A 4220 -24.60 -9.77 84.99
N HIS A 4221 -24.43 -8.54 84.47
CA HIS A 4221 -23.21 -7.76 84.58
C HIS A 4221 -22.00 -8.53 84.02
N ARG A 4222 -22.19 -9.19 82.88
CA ARG A 4222 -21.10 -9.84 82.17
C ARG A 4222 -20.15 -8.78 81.63
N SER A 4223 -18.84 -9.00 81.81
CA SER A 4223 -17.83 -8.07 81.33
C SER A 4223 -16.54 -8.82 81.01
N VAL A 4224 -15.68 -8.18 80.23
CA VAL A 4224 -14.43 -8.79 79.82
C VAL A 4224 -13.32 -8.29 80.74
N LEU A 4225 -12.59 -9.21 81.37
CA LEU A 4225 -11.46 -8.89 82.26
C LEU A 4225 -10.16 -8.69 81.48
N VAL A 4226 -9.74 -9.69 80.70
CA VAL A 4226 -8.51 -9.62 79.93
C VAL A 4226 -8.80 -10.06 78.49
N SER A 4227 -8.34 -9.24 77.54
CA SER A 4227 -8.41 -9.59 76.13
C SER A 4227 -7.05 -9.35 75.44
N GLU A 4228 -6.19 -8.56 76.09
CA GLU A 4228 -4.89 -8.21 75.53
C GLU A 4228 -3.91 -9.35 75.76
N ASN A 4229 -3.22 -9.77 74.68
CA ASN A 4229 -2.07 -10.66 74.75
C ASN A 4229 -2.44 -11.97 75.47
N LEU A 4230 -3.38 -12.71 74.86
CA LEU A 4230 -3.79 -14.00 75.37
C LEU A 4230 -3.83 -15.04 74.25
N GLY A 4231 -3.51 -16.28 74.60
CA GLY A 4231 -3.63 -17.42 73.69
C GLY A 4231 -3.97 -18.71 74.44
N TRP A 4232 -5.13 -19.29 74.10
CA TRP A 4232 -5.61 -20.54 74.70
C TRP A 4232 -5.52 -20.49 76.23
N PRO A 4233 -6.28 -19.60 76.91
CA PRO A 4233 -6.34 -19.59 78.37
C PRO A 4233 -7.18 -20.76 78.87
N ASN A 4234 -6.56 -21.94 78.96
CA ASN A 4234 -7.27 -23.20 79.10
C ASN A 4234 -7.69 -23.54 80.53
N GLY A 4235 -7.22 -22.79 81.52
CA GLY A 4235 -7.30 -23.19 82.92
C GLY A 4235 -7.35 -21.95 83.81
N LEU A 4236 -7.98 -22.04 85.00
CA LEU A 4236 -8.43 -20.84 85.73
C LEU A 4236 -8.57 -21.19 87.22
N SER A 4237 -8.04 -20.35 88.12
CA SER A 4237 -8.06 -20.59 89.57
C SER A 4237 -8.06 -19.26 90.34
N ILE A 4238 -8.59 -19.21 91.56
CA ILE A 4238 -8.71 -17.98 92.35
C ILE A 4238 -8.04 -18.15 93.72
N ASP A 4239 -7.23 -17.18 94.16
CA ASP A 4239 -6.66 -17.14 95.50
C ASP A 4239 -7.57 -16.39 96.47
N TYR A 4240 -8.33 -17.14 97.29
CA TYR A 4240 -9.28 -16.59 98.24
C TYR A 4240 -8.64 -15.82 99.41
N LEU A 4241 -7.32 -15.91 99.60
CA LEU A 4241 -6.61 -15.27 100.71
C LEU A 4241 -5.93 -13.96 100.28
N ASN A 4242 -5.40 -13.89 99.05
CA ASN A 4242 -4.83 -12.67 98.48
C ASN A 4242 -5.84 -11.94 97.58
N ASP A 4243 -6.71 -11.14 98.20
CA ASP A 4243 -7.67 -10.23 97.55
C ASP A 4243 -8.60 -10.86 96.49
N ASP A 4244 -8.82 -12.18 96.51
CA ASP A 4244 -9.56 -12.90 95.47
C ASP A 4244 -8.92 -12.76 94.07
N ARG A 4245 -7.60 -12.59 94.03
CA ARG A 4245 -6.82 -12.47 92.79
C ARG A 4245 -6.93 -13.76 91.98
N VAL A 4246 -7.14 -13.64 90.66
CA VAL A 4246 -7.37 -14.77 89.77
C VAL A 4246 -6.11 -15.10 88.96
N TYR A 4247 -5.83 -16.39 88.80
CA TYR A 4247 -4.78 -16.96 87.98
C TYR A 4247 -5.37 -17.70 86.77
N TRP A 4248 -4.67 -17.66 85.63
CA TRP A 4248 -4.99 -18.49 84.45
C TRP A 4248 -3.73 -18.97 83.71
N SER A 4249 -3.86 -20.03 82.90
CA SER A 4249 -2.74 -20.67 82.22
C SER A 4249 -2.98 -20.63 80.72
N ASP A 4250 -1.97 -20.22 79.95
CA ASP A 4250 -2.06 -20.18 78.51
C ASP A 4250 -1.42 -21.44 77.90
N SER A 4251 -1.57 -21.59 76.59
CA SER A 4251 -0.95 -22.71 75.87
C SER A 4251 -0.14 -22.25 74.66
N LYS A 4252 -0.41 -21.06 74.13
CA LYS A 4252 0.39 -20.54 73.02
C LYS A 4252 1.61 -19.78 73.57
N GLU A 4253 1.36 -18.79 74.44
CA GLU A 4253 2.43 -18.07 75.10
C GLU A 4253 2.91 -18.82 76.35
N ASP A 4254 2.19 -19.89 76.73
CA ASP A 4254 2.53 -20.83 77.79
C ASP A 4254 2.99 -20.14 79.08
N VAL A 4255 2.46 -18.95 79.35
CA VAL A 4255 2.74 -18.25 80.60
C VAL A 4255 1.60 -18.55 81.59
N ILE A 4256 1.87 -18.31 82.88
CA ILE A 4256 0.84 -18.28 83.90
C ILE A 4256 0.79 -16.88 84.49
N GLU A 4257 -0.39 -16.29 84.47
CA GLU A 4257 -0.62 -14.90 84.80
C GLU A 4257 -1.67 -14.78 85.90
N ALA A 4258 -1.55 -13.73 86.71
CA ALA A 4258 -2.57 -13.38 87.69
C ALA A 4258 -2.93 -11.88 87.61
N ILE A 4259 -4.15 -11.56 88.03
CA ILE A 4259 -4.72 -10.22 87.94
C ILE A 4259 -5.74 -10.02 89.07
N LYS A 4260 -5.95 -8.78 89.53
CA LYS A 4260 -7.05 -8.51 90.47
C LYS A 4260 -8.40 -8.87 89.84
N TYR A 4261 -9.37 -9.22 90.68
CA TYR A 4261 -10.69 -9.69 90.28
C TYR A 4261 -11.50 -8.66 89.45
N ASP A 4262 -11.23 -7.37 89.67
CA ASP A 4262 -11.80 -6.28 88.88
C ASP A 4262 -11.11 -6.12 87.53
N GLY A 4263 -9.95 -6.76 87.34
CA GLY A 4263 -9.23 -6.76 86.07
C GLY A 4263 -8.04 -5.79 86.04
N THR A 4264 -7.55 -5.38 87.22
CA THR A 4264 -6.44 -4.46 87.31
C THR A 4264 -5.17 -5.16 87.78
N ASP A 4265 -4.01 -4.54 87.57
CA ASP A 4265 -2.70 -5.04 88.02
C ASP A 4265 -2.35 -6.41 87.42
N ARG A 4266 -2.34 -6.52 86.08
CA ARG A 4266 -1.98 -7.76 85.42
C ARG A 4266 -0.49 -8.03 85.61
N ARG A 4267 -0.13 -9.24 86.06
CA ARG A 4267 1.26 -9.66 86.32
C ARG A 4267 1.55 -11.05 85.76
N LEU A 4268 2.71 -11.19 85.13
CA LEU A 4268 3.14 -12.44 84.53
C LEU A 4268 3.92 -13.24 85.59
N ILE A 4269 3.21 -14.14 86.27
CA ILE A 4269 3.72 -14.83 87.45
C ILE A 4269 4.77 -15.89 87.10
N ILE A 4270 4.52 -16.72 86.08
CA ILE A 4270 5.47 -17.75 85.67
C ILE A 4270 5.64 -17.70 84.16
N ASN A 4271 6.89 -17.70 83.70
CA ASN A 4271 7.21 -17.68 82.29
C ASN A 4271 7.71 -19.06 81.85
N GLU A 4272 7.66 -19.30 80.53
CA GLU A 4272 8.06 -20.55 79.90
C GLU A 4272 7.63 -21.75 80.73
N ALA A 4273 6.31 -21.89 80.92
CA ALA A 4273 5.73 -22.92 81.77
C ALA A 4273 5.42 -24.20 80.98
N MET A 4274 6.06 -24.39 79.82
CA MET A 4274 5.99 -25.63 79.05
C MET A 4274 4.53 -26.01 78.80
N LYS A 4275 3.73 -25.03 78.33
CA LYS A 4275 2.34 -25.21 77.94
C LYS A 4275 1.51 -25.76 79.10
N PRO A 4276 1.24 -24.97 80.14
CA PRO A 4276 0.38 -25.42 81.23
C PRO A 4276 -1.07 -25.60 80.76
N PHE A 4277 -1.78 -26.53 81.40
CA PHE A 4277 -3.14 -26.86 81.02
C PHE A 4277 -4.16 -26.60 82.13
N SER A 4278 -3.73 -26.55 83.40
CA SER A 4278 -4.65 -26.29 84.51
C SER A 4278 -3.88 -25.76 85.70
N LEU A 4279 -4.58 -25.20 86.71
CA LEU A 4279 -3.92 -24.70 87.91
C LEU A 4279 -4.64 -25.16 89.16
N ASP A 4280 -3.87 -25.18 90.26
CA ASP A 4280 -4.47 -24.99 91.56
C ASP A 4280 -3.50 -24.30 92.50
N ILE A 4281 -4.05 -23.48 93.39
CA ILE A 4281 -3.27 -22.64 94.28
C ILE A 4281 -3.67 -23.00 95.71
N PHE A 4282 -2.67 -23.28 96.56
CA PHE A 4282 -2.90 -23.66 97.94
C PHE A 4282 -1.65 -23.44 98.76
N GLU A 4283 -1.76 -22.99 100.02
CA GLU A 4283 -0.64 -23.01 100.99
C GLU A 4283 0.65 -22.35 100.46
N ASP A 4284 0.49 -21.21 99.77
CA ASP A 4284 1.55 -20.41 99.14
C ASP A 4284 2.22 -21.00 97.87
N LYS A 4285 1.73 -22.12 97.30
CA LYS A 4285 2.31 -22.71 96.09
C LYS A 4285 1.26 -22.89 94.99
N LEU A 4286 1.74 -22.82 93.74
CA LEU A 4286 0.93 -22.91 92.54
C LEU A 4286 1.34 -24.16 91.77
N TYR A 4287 0.37 -25.03 91.50
CA TYR A 4287 0.57 -26.30 90.82
C TYR A 4287 -0.01 -26.25 89.42
N TRP A 4288 0.64 -26.92 88.45
CA TRP A 4288 0.13 -26.96 87.09
C TRP A 4288 0.58 -28.22 86.36
N VAL A 4289 -0.05 -28.49 85.21
CA VAL A 4289 0.21 -29.66 84.39
C VAL A 4289 0.83 -29.22 83.07
N ALA A 4290 2.06 -29.69 82.76
CA ALA A 4290 2.60 -29.62 81.42
C ALA A 4290 2.04 -30.80 80.63
N LYS A 4291 1.15 -30.51 79.68
CA LYS A 4291 0.26 -31.53 79.12
C LYS A 4291 1.05 -32.56 78.32
N GLU A 4292 1.94 -32.09 77.43
CA GLU A 4292 2.68 -32.99 76.54
C GLU A 4292 3.62 -33.88 77.36
N LYS A 4293 4.34 -33.26 78.30
CA LYS A 4293 5.31 -33.99 79.10
C LYS A 4293 4.62 -34.83 80.18
N GLY A 4294 3.36 -34.51 80.51
CA GLY A 4294 2.59 -35.26 81.49
C GLY A 4294 3.14 -35.15 82.91
N GLU A 4295 3.74 -34.00 83.24
CA GLU A 4295 4.37 -33.81 84.54
C GLU A 4295 3.59 -32.76 85.32
N VAL A 4296 3.48 -32.98 86.64
CA VAL A 4296 2.92 -31.98 87.54
C VAL A 4296 4.08 -31.17 88.10
N TRP A 4297 3.91 -29.85 88.08
CA TRP A 4297 4.96 -28.91 88.41
C TRP A 4297 4.45 -27.89 89.43
N ARG A 4298 5.38 -27.21 90.08
CA ARG A 4298 5.11 -26.43 91.28
C ARG A 4298 6.01 -25.20 91.31
N GLN A 4299 5.52 -24.11 91.92
CA GLN A 4299 6.36 -22.97 92.28
C GLN A 4299 5.72 -22.23 93.45
N ASN A 4300 6.49 -21.39 94.16
CA ASN A 4300 5.93 -20.35 95.02
C ASN A 4300 4.92 -19.51 94.22
N LYS A 4301 3.70 -19.33 94.74
CA LYS A 4301 2.56 -18.77 94.02
C LYS A 4301 2.72 -17.33 93.53
N PHE A 4302 3.72 -16.59 94.04
CA PHE A 4302 3.98 -15.22 93.63
C PHE A 4302 5.03 -15.12 92.50
N GLY A 4303 5.58 -16.25 92.02
CA GLY A 4303 6.50 -16.25 90.89
C GLY A 4303 7.97 -16.18 91.30
N LYS A 4304 8.25 -16.06 92.60
CA LYS A 4304 9.63 -16.01 93.06
C LYS A 4304 10.21 -17.43 93.11
N GLU A 4305 11.53 -17.50 93.37
CA GLU A 4305 12.27 -18.75 93.45
C GLU A 4305 12.16 -19.48 92.11
N ASN A 4306 12.21 -20.82 92.12
CA ASN A 4306 12.34 -21.60 90.90
C ASN A 4306 11.31 -22.73 90.89
N LYS A 4307 11.21 -23.41 89.75
CA LYS A 4307 10.23 -24.48 89.57
C LYS A 4307 10.73 -25.74 90.25
N GLU A 4308 9.88 -26.79 90.23
CA GLU A 4308 10.21 -28.07 90.81
C GLU A 4308 9.22 -29.11 90.30
N LYS A 4309 9.74 -30.26 89.85
CA LYS A 4309 8.90 -31.37 89.43
C LYS A 4309 8.27 -32.04 90.64
N VAL A 4310 6.94 -32.22 90.59
CA VAL A 4310 6.23 -32.95 91.63
C VAL A 4310 6.27 -34.43 91.27
N LEU A 4311 5.63 -34.80 90.16
CA LEU A 4311 5.54 -36.19 89.71
C LEU A 4311 5.07 -36.22 88.26
N VAL A 4312 5.27 -37.37 87.61
CA VAL A 4312 4.88 -37.57 86.22
C VAL A 4312 3.82 -38.68 86.17
N VAL A 4313 2.75 -38.45 85.40
CA VAL A 4313 1.66 -39.42 85.32
C VAL A 4313 1.65 -40.07 83.94
N ASN A 4314 1.26 -39.30 82.93
CA ASN A 4314 0.79 -39.81 81.66
C ASN A 4314 0.59 -38.63 80.72
N PRO A 4315 0.57 -38.84 79.39
CA PRO A 4315 0.06 -37.81 78.48
C PRO A 4315 -1.45 -37.63 78.54
N TRP A 4316 -2.13 -38.53 79.27
CA TRP A 4316 -3.59 -38.48 79.42
C TRP A 4316 -4.01 -37.51 80.52
N LEU A 4317 -3.05 -36.95 81.27
CA LEU A 4317 -3.37 -36.09 82.41
C LEU A 4317 -4.05 -34.81 81.90
N THR A 4318 -5.25 -34.57 82.41
CA THR A 4318 -6.08 -33.47 81.93
C THR A 4318 -6.27 -32.37 82.97
N GLN A 4319 -5.93 -32.63 84.24
CA GLN A 4319 -6.09 -31.62 85.27
C GLN A 4319 -5.31 -32.02 86.52
N VAL A 4320 -4.98 -31.03 87.35
CA VAL A 4320 -4.62 -31.25 88.73
C VAL A 4320 -5.57 -30.42 89.58
N ARG A 4321 -6.16 -31.05 90.61
CA ARG A 4321 -7.07 -30.37 91.54
C ARG A 4321 -6.61 -30.71 92.96
N ILE A 4322 -6.31 -29.70 93.77
CA ILE A 4322 -5.81 -29.94 95.11
C ILE A 4322 -6.99 -30.16 96.06
N PHE A 4323 -6.88 -31.15 96.95
CA PHE A 4323 -8.00 -31.65 97.73
C PHE A 4323 -7.72 -31.42 99.20
N HIS A 4324 -8.36 -30.39 99.79
CA HIS A 4324 -8.23 -30.06 101.20
C HIS A 4324 -9.44 -29.25 101.64
N GLN A 4325 -9.83 -29.32 102.93
CA GLN A 4325 -11.01 -28.59 103.40
C GLN A 4325 -10.82 -27.07 103.26
N LEU A 4326 -9.61 -26.55 103.47
CA LEU A 4326 -9.30 -25.11 103.37
C LEU A 4326 -9.31 -24.55 101.94
N ARG A 4327 -9.42 -25.41 100.91
CA ARG A 4327 -9.41 -24.95 99.51
C ARG A 4327 -10.61 -24.06 99.21
N TYR A 4328 -11.76 -24.39 99.81
CA TYR A 4328 -13.05 -23.73 99.64
C TYR A 4328 -13.66 -23.47 101.04
N ASN A 4329 -13.51 -22.25 101.58
CA ASN A 4329 -13.85 -21.94 102.98
C ASN A 4329 -15.29 -22.36 103.34
N GLN A 4330 -15.43 -23.26 104.32
CA GLN A 4330 -16.69 -23.96 104.59
C GLN A 4330 -17.64 -23.12 105.44
N SER A 4331 -17.13 -22.05 106.08
CA SER A 4331 -17.91 -21.26 107.02
C SER A 4331 -18.60 -20.07 106.34
N VAL A 4332 -18.74 -20.10 105.01
CA VAL A 4332 -19.46 -19.06 104.29
C VAL A 4332 -20.95 -19.35 104.37
N SER A 4333 -21.72 -18.34 104.78
CA SER A 4333 -23.15 -18.50 105.06
C SER A 4333 -23.95 -18.37 103.76
N ASN A 4334 -24.94 -19.25 103.59
CA ASN A 4334 -25.82 -19.23 102.43
C ASN A 4334 -26.80 -18.06 102.55
N PRO A 4335 -26.78 -17.07 101.63
CA PRO A 4335 -27.71 -15.95 101.72
C PRO A 4335 -29.18 -16.28 101.46
N CYS A 4336 -29.46 -17.42 100.82
CA CYS A 4336 -30.83 -17.78 100.45
C CYS A 4336 -31.69 -18.00 101.70
N LYS A 4337 -32.97 -17.60 101.62
CA LYS A 4337 -33.89 -17.68 102.75
C LYS A 4337 -35.14 -18.49 102.40
N GLN A 4338 -34.98 -19.50 101.51
CA GLN A 4338 -36.00 -20.49 101.21
C GLN A 4338 -37.26 -19.86 100.61
N VAL A 4339 -37.19 -18.58 100.17
CA VAL A 4339 -38.34 -17.93 99.60
C VAL A 4339 -38.45 -18.26 98.11
N CYS A 4340 -37.34 -18.72 97.52
CA CYS A 4340 -37.30 -19.00 96.08
C CYS A 4340 -37.56 -20.48 95.85
N SER A 4341 -38.49 -20.78 94.92
CA SER A 4341 -38.65 -22.13 94.41
C SER A 4341 -37.63 -22.37 93.30
N HIS A 4342 -37.27 -23.65 93.11
CA HIS A 4342 -36.27 -24.03 92.11
C HIS A 4342 -34.94 -23.35 92.49
N LEU A 4343 -34.25 -22.75 91.51
CA LEU A 4343 -32.91 -22.22 91.73
C LEU A 4343 -32.95 -20.94 92.57
N CYS A 4344 -32.02 -20.85 93.52
CA CYS A 4344 -31.78 -19.63 94.28
C CYS A 4344 -30.32 -19.22 94.04
N LEU A 4345 -30.08 -18.47 92.97
CA LEU A 4345 -28.72 -18.11 92.58
C LEU A 4345 -28.15 -17.05 93.50
N LEU A 4346 -26.81 -16.90 93.46
CA LEU A 4346 -26.11 -15.92 94.27
C LEU A 4346 -25.74 -14.70 93.44
N ARG A 4347 -25.46 -13.60 94.13
CA ARG A 4347 -25.01 -12.36 93.52
C ARG A 4347 -24.25 -11.57 94.59
N PRO A 4348 -23.45 -10.55 94.21
CA PRO A 4348 -22.74 -9.74 95.20
C PRO A 4348 -23.64 -9.22 96.32
N GLY A 4349 -23.42 -9.76 97.52
CA GLY A 4349 -24.07 -9.29 98.74
C GLY A 4349 -25.48 -9.84 98.94
N GLY A 4350 -25.95 -10.74 98.07
CA GLY A 4350 -27.30 -11.26 98.20
C GLY A 4350 -27.57 -12.44 97.27
N TYR A 4351 -28.85 -12.80 97.14
CA TYR A 4351 -29.29 -13.90 96.31
C TYR A 4351 -30.17 -13.39 95.17
N SER A 4352 -30.70 -14.33 94.38
CA SER A 4352 -31.65 -14.05 93.33
C SER A 4352 -32.35 -15.35 92.94
N CYS A 4353 -33.69 -15.33 92.92
CA CYS A 4353 -34.46 -16.49 92.51
C CYS A 4353 -34.50 -16.56 90.99
N ALA A 4354 -34.50 -17.79 90.46
CA ALA A 4354 -34.52 -18.01 89.03
C ALA A 4354 -35.35 -19.25 88.70
N CYS A 4355 -35.87 -19.29 87.46
CA CYS A 4355 -36.67 -20.39 86.96
C CYS A 4355 -35.82 -21.30 86.09
N PRO A 4356 -36.14 -22.62 86.03
CA PRO A 4356 -35.45 -23.53 85.11
C PRO A 4356 -35.61 -23.09 83.65
N GLN A 4357 -34.77 -23.66 82.77
CA GLN A 4357 -34.81 -23.30 81.35
C GLN A 4357 -36.16 -23.66 80.75
N GLY A 4358 -36.63 -22.82 79.82
CA GLY A 4358 -37.91 -23.05 79.14
C GLY A 4358 -39.13 -22.89 80.07
N SER A 4359 -38.97 -22.11 81.15
CA SER A 4359 -40.08 -21.74 82.00
C SER A 4359 -39.87 -20.31 82.51
N ASP A 4360 -40.97 -19.64 82.85
CA ASP A 4360 -40.95 -18.26 83.30
C ASP A 4360 -41.57 -18.17 84.69
N PHE A 4361 -41.44 -16.98 85.31
CA PHE A 4361 -42.10 -16.70 86.57
C PHE A 4361 -43.61 -16.63 86.38
N VAL A 4362 -44.36 -16.92 87.45
CA VAL A 4362 -45.79 -16.65 87.48
C VAL A 4362 -45.99 -15.13 87.44
N THR A 4363 -46.87 -14.68 86.55
CA THR A 4363 -47.07 -13.25 86.32
C THR A 4363 -47.47 -12.57 87.62
N GLY A 4364 -46.77 -11.47 87.93
CA GLY A 4364 -46.97 -10.72 89.16
C GLY A 4364 -46.21 -11.30 90.35
N SER A 4365 -45.31 -12.27 90.10
CA SER A 4365 -44.48 -12.86 91.14
C SER A 4365 -43.02 -12.89 90.66
N THR A 4366 -42.09 -12.90 91.61
CA THR A 4366 -40.66 -12.94 91.31
C THR A 4366 -39.94 -14.01 92.14
N VAL A 4367 -40.69 -14.91 92.79
CA VAL A 4367 -40.11 -15.97 93.60
C VAL A 4367 -40.73 -17.31 93.23
N GLN A 4368 -41.71 -17.31 92.34
CA GLN A 4368 -42.41 -18.52 91.94
C GLN A 4368 -42.48 -18.59 90.41
N CYS A 4369 -42.36 -19.81 89.88
CA CYS A 4369 -42.39 -20.05 88.45
C CYS A 4369 -43.51 -21.04 88.14
N ASP A 4370 -43.98 -21.02 86.88
CA ASP A 4370 -45.11 -21.84 86.45
C ASP A 4370 -44.71 -23.31 86.29
N ALA A 4371 -43.41 -23.62 86.31
CA ALA A 4371 -42.92 -24.98 86.15
C ALA A 4371 -43.15 -25.79 87.42
N ALA A 4372 -43.07 -27.11 87.28
CA ALA A 4372 -43.22 -28.03 88.39
C ALA A 4372 -41.93 -28.12 89.20
N SER A 4373 -41.96 -28.94 90.26
CA SER A 4373 -40.80 -29.22 91.10
C SER A 4373 -40.53 -30.72 91.11
N GLU A 4374 -39.24 -31.07 91.31
CA GLU A 4374 -38.79 -32.45 91.35
C GLU A 4374 -38.15 -32.73 92.71
N LEU A 4375 -38.35 -33.96 93.20
CA LEU A 4375 -37.80 -34.38 94.48
C LEU A 4375 -36.29 -34.50 94.35
N PRO A 4376 -35.53 -34.25 95.44
CA PRO A 4376 -34.07 -34.43 95.41
C PRO A 4376 -33.69 -35.88 95.17
N VAL A 4377 -32.56 -36.08 94.49
CA VAL A 4377 -32.07 -37.40 94.14
C VAL A 4377 -31.00 -37.78 95.16
N THR A 4378 -31.31 -38.78 95.98
CA THR A 4378 -30.47 -39.15 97.11
C THR A 4378 -29.23 -39.90 96.62
N MET A 4379 -28.17 -39.87 97.45
CA MET A 4379 -26.98 -40.66 97.21
C MET A 4379 -27.23 -42.10 97.62
N PRO A 4380 -26.67 -43.09 96.90
CA PRO A 4380 -26.56 -44.44 97.46
C PRO A 4380 -25.66 -44.43 98.68
N PRO A 4381 -25.92 -45.31 99.67
CA PRO A 4381 -25.05 -45.41 100.84
C PRO A 4381 -23.63 -45.76 100.45
N PRO A 4382 -22.61 -45.07 101.01
CA PRO A 4382 -21.22 -45.33 100.64
C PRO A 4382 -20.51 -46.37 101.51
N CYS A 4383 -19.37 -46.84 101.01
CA CYS A 4383 -18.50 -47.73 101.76
C CYS A 4383 -17.60 -46.88 102.66
N ARG A 4384 -17.90 -46.85 103.96
CA ARG A 4384 -17.22 -45.95 104.88
C ARG A 4384 -16.08 -46.64 105.64
N CYS A 4385 -15.68 -47.85 105.22
CA CYS A 4385 -14.66 -48.61 105.93
C CYS A 4385 -13.33 -47.86 105.95
N MET A 4386 -12.69 -47.82 107.13
CA MET A 4386 -11.38 -47.17 107.25
C MET A 4386 -10.35 -48.19 107.74
N HIS A 4387 -9.07 -47.85 107.57
CA HIS A 4387 -7.94 -48.65 108.01
C HIS A 4387 -7.98 -50.05 107.37
N GLY A 4388 -8.34 -50.11 106.09
CA GLY A 4388 -8.20 -51.33 105.30
C GLY A 4388 -9.35 -52.33 105.49
N GLY A 4389 -10.39 -51.97 106.25
CA GLY A 4389 -11.55 -52.83 106.40
C GLY A 4389 -12.26 -52.99 105.05
N ASN A 4390 -12.68 -54.22 104.75
CA ASN A 4390 -13.28 -54.52 103.45
C ASN A 4390 -14.78 -54.23 103.50
N CYS A 4391 -15.27 -53.53 102.47
CA CYS A 4391 -16.69 -53.28 102.32
C CYS A 4391 -17.38 -54.55 101.81
N TYR A 4392 -18.68 -54.66 102.08
CA TYR A 4392 -19.42 -55.88 101.78
C TYR A 4392 -20.88 -55.54 101.47
N PHE A 4393 -21.47 -56.32 100.54
CA PHE A 4393 -22.87 -56.17 100.19
C PHE A 4393 -23.63 -57.46 100.47
N ASP A 4394 -24.76 -57.34 101.16
CA ASP A 4394 -25.59 -58.46 101.58
C ASP A 4394 -26.83 -58.50 100.68
N GLU A 4395 -27.84 -59.30 101.07
CA GLU A 4395 -29.11 -59.37 100.36
C GLU A 4395 -29.77 -57.99 100.29
N ASN A 4396 -29.56 -57.17 101.32
CA ASN A 4396 -30.10 -55.81 101.33
C ASN A 4396 -29.25 -54.86 100.47
N GLU A 4397 -28.05 -55.32 100.04
CA GLU A 4397 -27.15 -54.54 99.19
C GLU A 4397 -26.70 -53.26 99.89
N LEU A 4398 -26.80 -53.22 101.22
CA LEU A 4398 -26.26 -52.10 101.98
C LEU A 4398 -24.78 -52.32 102.22
N PRO A 4399 -23.95 -51.25 102.15
CA PRO A 4399 -22.52 -51.39 102.46
C PRO A 4399 -22.27 -51.60 103.94
N LYS A 4400 -21.59 -52.70 104.26
CA LYS A 4400 -21.13 -52.98 105.61
C LYS A 4400 -19.63 -53.30 105.56
N CYS A 4401 -19.05 -53.48 106.75
CA CYS A 4401 -17.60 -53.55 106.88
C CYS A 4401 -17.16 -54.94 107.33
N LYS A 4402 -16.14 -55.47 106.66
CA LYS A 4402 -15.35 -56.59 107.16
C LYS A 4402 -14.09 -56.02 107.81
N CYS A 4403 -14.29 -55.40 108.98
CA CYS A 4403 -13.29 -54.54 109.59
C CYS A 4403 -12.00 -55.33 109.87
N SER A 4404 -10.86 -54.65 109.72
CA SER A 4404 -9.56 -55.26 109.96
C SER A 4404 -9.31 -55.42 111.45
N SER A 4405 -8.20 -56.07 111.79
CA SER A 4405 -7.80 -56.29 113.16
C SER A 4405 -7.37 -54.98 113.82
N GLY A 4406 -7.46 -54.95 115.16
CA GLY A 4406 -7.02 -53.81 115.95
C GLY A 4406 -8.01 -52.65 115.95
N TYR A 4407 -9.18 -52.82 115.31
CA TYR A 4407 -10.20 -51.79 115.27
C TYR A 4407 -11.57 -52.44 115.40
N SER A 4408 -12.52 -51.70 116.01
CA SER A 4408 -13.87 -52.16 116.23
C SER A 4408 -14.87 -51.10 115.78
N GLY A 4409 -16.15 -51.47 115.82
CA GLY A 4409 -17.24 -50.57 115.48
C GLY A 4409 -18.01 -51.06 114.26
N GLU A 4410 -19.03 -50.29 113.87
CA GLU A 4410 -19.91 -50.70 112.78
C GLU A 4410 -19.13 -50.70 111.47
N TYR A 4411 -18.29 -49.69 111.22
CA TYR A 4411 -17.34 -49.83 110.11
C TYR A 4411 -15.96 -50.23 110.65
N CYS A 4412 -15.22 -49.25 111.18
CA CYS A 4412 -13.97 -49.50 111.89
C CYS A 4412 -13.70 -48.37 112.87
N GLU A 4413 -14.74 -47.69 113.36
CA GLU A 4413 -14.57 -46.35 113.90
C GLU A 4413 -13.90 -46.35 115.27
N VAL A 4414 -13.83 -47.52 115.94
CA VAL A 4414 -13.29 -47.59 117.30
C VAL A 4414 -11.92 -48.24 117.25
N GLY A 4415 -10.92 -47.58 117.86
CA GLY A 4415 -9.57 -48.10 117.90
C GLY A 4415 -9.44 -49.28 118.86
N GLU B 27 -50.21 -0.59 99.45
CA GLU B 27 -49.05 -0.66 100.38
C GLU B 27 -49.08 -1.99 101.15
N CYS B 28 -47.93 -2.35 101.74
CA CYS B 28 -47.75 -3.61 102.50
C CYS B 28 -48.29 -3.42 103.92
N GLY B 29 -48.35 -4.53 104.68
CA GLY B 29 -48.79 -4.53 106.08
C GLY B 29 -47.85 -3.78 107.00
N SER B 30 -48.24 -3.65 108.26
CA SER B 30 -47.41 -3.04 109.34
C SER B 30 -46.08 -3.79 109.47
N GLY B 31 -46.10 -5.13 109.38
CA GLY B 31 -44.91 -5.97 109.57
C GLY B 31 -44.12 -6.19 108.29
N ASN B 32 -44.51 -5.55 107.17
CA ASN B 32 -43.84 -5.78 105.86
C ASN B 32 -43.28 -4.46 105.34
N PHE B 33 -42.19 -4.55 104.56
CA PHE B 33 -41.52 -3.39 103.95
C PHE B 33 -41.75 -3.44 102.44
N ARG B 34 -42.24 -2.33 101.89
CA ARG B 34 -42.47 -2.19 100.43
C ARG B 34 -41.14 -1.92 99.74
N CYS B 35 -40.58 -2.93 99.06
CA CYS B 35 -39.43 -2.69 98.16
C CYS B 35 -39.89 -1.82 97.00
N ASP B 36 -38.97 -1.03 96.42
CA ASP B 36 -39.31 0.03 95.44
C ASP B 36 -40.09 -0.55 94.27
N ASN B 37 -39.83 -1.81 93.89
CA ASN B 37 -40.49 -2.44 92.71
C ASN B 37 -41.93 -2.83 93.04
N GLY B 38 -42.35 -2.79 94.32
CA GLY B 38 -43.70 -3.19 94.74
C GLY B 38 -43.71 -4.49 95.52
N TYR B 39 -42.59 -5.22 95.57
CA TYR B 39 -42.49 -6.49 96.32
C TYR B 39 -42.50 -6.17 97.82
N CYS B 40 -43.39 -6.83 98.57
CA CYS B 40 -43.49 -6.68 100.03
C CYS B 40 -42.50 -7.64 100.71
N ILE B 41 -41.62 -7.10 101.56
CA ILE B 41 -40.58 -7.89 102.26
C ILE B 41 -40.88 -7.87 103.76
N PRO B 42 -40.77 -9.00 104.48
CA PRO B 42 -40.91 -8.99 105.93
C PRO B 42 -39.89 -8.05 106.58
N ALA B 43 -40.34 -7.27 107.57
CA ALA B 43 -39.56 -6.20 108.24
C ALA B 43 -38.28 -6.76 108.87
N SER B 44 -38.22 -8.06 109.19
CA SER B 44 -37.01 -8.66 109.82
C SER B 44 -35.85 -8.63 108.83
N TRP B 45 -36.13 -8.84 107.53
CA TRP B 45 -35.07 -8.93 106.49
C TRP B 45 -34.48 -7.54 106.21
N ARG B 46 -35.13 -6.46 106.69
CA ARG B 46 -34.66 -5.09 106.42
C ARG B 46 -33.34 -4.84 107.15
N CYS B 47 -32.33 -4.36 106.41
CA CYS B 47 -30.99 -4.02 106.94
C CYS B 47 -30.37 -5.18 107.72
N ASP B 48 -30.64 -6.43 107.31
CA ASP B 48 -30.05 -7.61 107.99
C ASP B 48 -28.68 -7.93 107.39
N GLY B 49 -28.25 -7.23 106.34
CA GLY B 49 -26.94 -7.43 105.70
C GLY B 49 -27.01 -8.22 104.41
N THR B 50 -28.21 -8.45 103.87
CA THR B 50 -28.39 -9.20 102.60
C THR B 50 -29.33 -8.42 101.67
N ARG B 51 -28.96 -8.35 100.39
CA ARG B 51 -29.78 -7.66 99.36
C ARG B 51 -30.94 -8.60 99.01
N ASP B 52 -32.10 -8.37 99.63
CA ASP B 52 -33.20 -9.37 99.65
C ASP B 52 -34.21 -9.14 98.52
N CYS B 53 -34.21 -8.00 97.84
CA CYS B 53 -35.16 -7.76 96.73
C CYS B 53 -34.44 -7.11 95.54
N LEU B 54 -35.05 -7.18 94.36
CA LEU B 54 -34.36 -6.88 93.07
C LEU B 54 -33.90 -5.42 93.06
N ASP B 55 -34.74 -4.51 93.52
CA ASP B 55 -34.45 -3.06 93.49
C ASP B 55 -33.36 -2.69 94.50
N ASP B 56 -33.00 -3.63 95.40
CA ASP B 56 -31.92 -3.47 96.41
C ASP B 56 -32.30 -2.40 97.45
N THR B 57 -33.58 -2.05 97.56
CA THR B 57 -34.01 -0.99 98.52
C THR B 57 -34.23 -1.57 99.92
N ASP B 58 -34.17 -2.89 100.08
CA ASP B 58 -34.30 -3.51 101.42
C ASP B 58 -33.04 -3.21 102.23
N GLU B 59 -31.93 -2.81 101.58
CA GLU B 59 -30.67 -2.46 102.28
C GLU B 59 -30.31 -0.97 102.08
N ILE B 60 -31.06 -0.21 101.27
CA ILE B 60 -30.76 1.23 101.07
C ILE B 60 -31.20 2.00 102.33
N GLY B 61 -30.49 3.08 102.64
CA GLY B 61 -30.76 3.94 103.80
C GLY B 61 -30.68 3.17 105.11
N CYS B 62 -29.74 2.22 105.20
CA CYS B 62 -29.47 1.51 106.47
C CYS B 62 -28.86 2.47 107.49
N PRO B 63 -29.08 2.27 108.80
CA PRO B 63 -28.39 3.06 109.82
C PRO B 63 -26.86 2.98 109.68
N PRO B 64 -26.14 4.10 109.81
CA PRO B 64 -24.68 4.08 109.71
C PRO B 64 -24.01 3.18 110.76
N ARG B 65 -22.81 2.70 110.43
CA ARG B 65 -22.02 1.77 111.29
C ARG B 65 -21.42 2.55 112.46
N SER B 66 -22.17 2.66 113.56
CA SER B 66 -21.69 3.28 114.82
C SER B 66 -20.78 2.28 115.56
N CYS B 67 -19.57 2.72 115.94
CA CYS B 67 -18.61 1.86 116.66
C CYS B 67 -18.46 2.37 118.10
N GLU B 68 -17.97 3.60 118.27
CA GLU B 68 -17.64 4.14 119.61
C GLU B 68 -17.17 5.59 119.48
N SER B 69 -17.23 6.34 120.58
CA SER B 69 -16.70 7.71 120.67
C SER B 69 -15.17 7.67 120.62
N GLY B 70 -14.57 8.57 119.83
CA GLY B 70 -13.11 8.74 119.76
C GLY B 70 -12.45 7.76 118.81
N LEU B 71 -13.24 6.96 118.09
CA LEU B 71 -12.69 6.00 117.09
C LEU B 71 -13.39 6.24 115.75
N PHE B 72 -12.61 6.33 114.66
CA PHE B 72 -13.14 6.56 113.31
C PHE B 72 -13.26 5.22 112.61
N LEU B 73 -14.49 4.88 112.22
CA LEU B 73 -14.73 3.64 111.43
C LEU B 73 -14.76 3.99 109.94
N CYS B 74 -13.73 3.57 109.19
CA CYS B 74 -13.70 3.76 107.72
C CYS B 74 -14.45 2.59 107.08
N PRO B 75 -15.45 2.86 106.21
CA PRO B 75 -16.42 1.82 105.78
C PRO B 75 -15.83 0.58 105.12
N ALA B 76 -14.63 0.67 104.51
CA ALA B 76 -14.10 -0.43 103.68
C ALA B 76 -13.67 -1.63 104.53
N GLU B 77 -13.41 -1.46 105.83
CA GLU B 77 -12.98 -2.62 106.66
C GLU B 77 -13.98 -2.87 107.79
N GLY B 78 -14.54 -1.80 108.38
CA GLY B 78 -15.37 -1.92 109.60
C GLY B 78 -14.51 -1.86 110.85
N THR B 79 -13.20 -1.60 110.72
CA THR B 79 -12.29 -1.40 111.87
C THR B 79 -12.57 -0.02 112.50
N CYS B 80 -12.14 0.17 113.74
CA CYS B 80 -12.35 1.42 114.49
C CYS B 80 -10.99 1.96 114.94
N ILE B 81 -10.32 2.72 114.06
CA ILE B 81 -8.96 3.26 114.33
C ILE B 81 -9.09 4.49 115.25
N PRO B 82 -8.05 4.84 116.02
CA PRO B 82 -8.09 6.04 116.85
C PRO B 82 -8.31 7.32 116.01
N SER B 83 -9.06 8.28 116.59
CA SER B 83 -9.43 9.54 115.90
C SER B 83 -8.20 10.45 115.73
N SER B 84 -7.11 10.19 116.46
CA SER B 84 -5.84 10.95 116.29
C SER B 84 -5.24 10.68 114.90
N TRP B 85 -5.66 9.61 114.23
CA TRP B 85 -5.11 9.23 112.90
C TRP B 85 -5.86 9.94 111.76
N VAL B 86 -6.84 10.79 112.09
CA VAL B 86 -7.68 11.44 111.05
C VAL B 86 -6.98 12.74 110.63
N CYS B 87 -6.94 13.00 109.32
CA CYS B 87 -6.37 14.23 108.73
C CYS B 87 -4.91 14.40 109.17
N ASP B 88 -4.09 13.37 108.93
CA ASP B 88 -2.63 13.47 109.13
C ASP B 88 -1.88 13.05 107.87
N GLU B 89 -2.55 13.04 106.69
CA GLU B 89 -1.91 12.77 105.38
C GLU B 89 -1.35 11.35 105.31
N ASP B 90 -1.77 10.47 106.24
CA ASP B 90 -1.39 9.04 106.18
C ASP B 90 -2.60 8.20 105.81
N LYS B 91 -2.46 7.35 104.78
CA LYS B 91 -3.51 6.43 104.30
C LYS B 91 -3.57 5.24 105.25
N ASP B 92 -4.17 5.43 106.44
CA ASP B 92 -4.04 4.47 107.55
C ASP B 92 -4.75 3.16 107.19
N CYS B 93 -6.02 3.24 106.78
CA CYS B 93 -6.82 2.06 106.38
C CYS B 93 -6.95 2.05 104.85
N SER B 94 -7.51 0.97 104.28
CA SER B 94 -7.39 0.65 102.84
C SER B 94 -7.99 1.78 102.00
N ASP B 95 -9.20 2.24 102.32
CA ASP B 95 -9.88 3.29 101.52
C ASP B 95 -9.35 4.67 101.91
N GLY B 96 -8.64 4.79 103.03
CA GLY B 96 -8.10 6.09 103.50
C GLY B 96 -9.19 7.09 103.82
N ALA B 97 -10.32 6.64 104.39
CA ALA B 97 -11.46 7.55 104.71
C ALA B 97 -11.03 8.58 105.76
N ASP B 98 -9.95 8.32 106.50
CA ASP B 98 -9.45 9.27 107.51
C ASP B 98 -8.87 10.50 106.83
N GLU B 99 -8.59 10.44 105.52
CA GLU B 99 -8.00 11.59 104.78
C GLU B 99 -8.97 12.13 103.73
N GLN B 100 -9.44 11.28 102.81
CA GLN B 100 -10.25 11.75 101.66
C GLN B 100 -11.71 11.95 102.05
N GLN B 101 -12.21 11.27 103.09
CA GLN B 101 -13.66 11.31 103.43
C GLN B 101 -13.93 12.33 104.54
N ASN B 102 -12.94 12.69 105.35
CA ASN B 102 -13.18 13.61 106.50
C ASN B 102 -12.61 14.99 106.20
N CYS B 103 -11.38 15.07 105.67
CA CYS B 103 -10.66 16.36 105.45
C CYS B 103 -11.07 17.02 104.13
N ALA B 104 -12.20 16.61 103.51
CA ALA B 104 -12.56 17.03 102.14
C ALA B 104 -13.10 18.46 102.18
N LYS B 186 -59.85 23.29 100.92
CA LYS B 186 -59.14 23.21 99.62
C LYS B 186 -60.16 23.09 98.48
N GLU B 187 -59.86 23.70 97.32
CA GLU B 187 -60.78 23.73 96.15
C GLU B 187 -62.12 24.36 96.55
N PHE B 188 -63.16 24.11 95.78
CA PHE B 188 -64.54 24.51 96.15
C PHE B 188 -65.09 23.47 97.13
N GLU B 189 -65.26 23.88 98.40
CA GLU B 189 -65.88 23.01 99.42
C GLU B 189 -67.37 22.88 99.11
N CYS B 190 -67.82 21.69 98.71
CA CYS B 190 -69.23 21.43 98.35
C CYS B 190 -70.13 21.63 99.59
N GLY B 191 -71.44 21.64 99.37
CA GLY B 191 -72.45 21.77 100.43
C GLY B 191 -72.30 20.71 101.52
N SER B 192 -71.71 19.55 101.21
CA SER B 192 -71.53 18.45 102.19
C SER B 192 -70.05 18.10 102.33
N GLY B 193 -69.14 19.07 102.12
CA GLY B 193 -67.70 18.90 102.40
C GLY B 193 -67.00 18.00 101.38
N GLU B 194 -66.89 18.43 100.13
CA GLU B 194 -66.13 17.70 99.09
C GLU B 194 -65.27 18.69 98.33
N CYS B 195 -64.13 18.21 97.81
CA CYS B 195 -63.18 19.04 97.04
C CYS B 195 -63.63 19.08 95.57
N ILE B 196 -64.75 19.74 95.30
CA ILE B 196 -65.28 19.84 93.92
C ILE B 196 -64.39 20.81 93.12
N LEU B 197 -64.09 20.43 91.87
CA LEU B 197 -63.24 21.26 90.99
C LEU B 197 -63.94 22.60 90.71
N ARG B 198 -63.14 23.63 90.43
CA ARG B 198 -63.64 25.01 90.21
C ARG B 198 -64.58 25.05 89.02
N ALA B 199 -64.27 24.31 87.93
CA ALA B 199 -65.03 24.36 86.67
C ALA B 199 -66.36 23.62 86.81
N TYR B 200 -66.52 22.75 87.82
CA TYR B 200 -67.71 21.89 87.95
C TYR B 200 -68.92 22.70 88.42
N VAL B 201 -68.70 23.67 89.30
CA VAL B 201 -69.81 24.47 89.86
C VAL B 201 -70.38 25.37 88.75
N CYS B 202 -71.71 25.45 88.68
CA CYS B 202 -72.47 26.19 87.63
C CYS B 202 -72.05 25.79 86.22
N ASP B 203 -72.11 24.49 85.90
CA ASP B 203 -71.92 23.97 84.53
C ASP B 203 -73.21 23.26 84.08
N HIS B 204 -74.36 23.69 84.61
CA HIS B 204 -75.71 23.20 84.28
C HIS B 204 -75.93 21.75 84.71
N ASP B 205 -75.23 21.28 85.75
CA ASP B 205 -75.24 19.87 86.15
C ASP B 205 -75.24 19.70 87.68
N ASN B 206 -75.92 18.64 88.14
CA ASN B 206 -75.95 18.21 89.53
C ASN B 206 -74.64 17.48 89.88
N ASP B 207 -73.63 18.20 90.40
CA ASP B 207 -72.33 17.61 90.80
C ASP B 207 -72.30 17.36 92.30
N CYS B 208 -72.75 18.32 93.11
CA CYS B 208 -72.75 18.18 94.59
C CYS B 208 -73.72 17.05 94.99
N GLU B 209 -73.36 16.31 96.04
CA GLU B 209 -74.20 15.19 96.55
C GLU B 209 -75.54 15.71 97.09
N ASP B 210 -75.60 16.96 97.57
CA ASP B 210 -76.84 17.51 98.19
C ASP B 210 -77.54 18.46 97.21
N ASN B 211 -77.11 18.49 95.94
CA ASN B 211 -77.75 19.32 94.88
C ASN B 211 -77.67 20.80 95.28
N SER B 212 -76.46 21.29 95.52
CA SER B 212 -76.24 22.70 95.95
C SER B 212 -75.00 23.30 95.26
N ASP B 213 -74.55 22.75 94.12
CA ASP B 213 -73.28 23.22 93.50
C ASP B 213 -73.53 24.39 92.53
N GLU B 214 -74.79 24.76 92.26
CA GLU B 214 -75.06 25.78 91.21
C GLU B 214 -76.03 26.85 91.72
N ARG B 215 -76.28 26.94 93.03
CA ARG B 215 -77.40 27.77 93.54
C ARG B 215 -76.98 29.24 93.58
N ASN B 216 -75.73 29.53 93.95
CA ASN B 216 -75.28 30.88 94.38
C ASN B 216 -74.88 31.77 93.19
N CYS B 217 -74.70 31.21 91.98
CA CYS B 217 -74.23 31.95 90.78
C CYS B 217 -75.40 32.40 89.89
N ASN B 218 -75.06 32.90 88.69
CA ASN B 218 -75.98 32.91 87.52
C ASN B 218 -75.24 32.41 86.27
N TYR B 219 -76.00 32.00 85.24
CA TYR B 219 -75.51 31.60 83.91
C TYR B 219 -75.91 32.63 82.84
N ASP B 220 -75.02 32.95 81.87
CA ASP B 220 -75.35 33.85 80.73
C ASP B 220 -76.47 33.25 79.85
N THR B 221 -77.31 34.10 79.23
CA THR B 221 -78.39 33.64 78.31
C THR B 221 -77.84 33.15 76.95
N CYS B 222 -78.73 32.54 76.15
CA CYS B 222 -78.38 31.93 74.86
C CYS B 222 -78.39 32.94 73.71
N GLY B 223 -77.33 32.95 72.89
CA GLY B 223 -77.33 33.61 71.58
C GLY B 223 -78.34 33.02 70.62
N GLY B 224 -78.79 33.79 69.63
CA GLY B 224 -79.89 33.40 68.72
C GLY B 224 -79.65 32.11 67.97
N HIS B 225 -78.41 31.64 67.86
CA HIS B 225 -77.95 30.39 67.24
C HIS B 225 -77.96 29.18 68.20
N GLN B 226 -78.50 29.36 69.41
CA GLN B 226 -78.63 28.34 70.45
C GLN B 226 -80.07 28.30 71.02
N PHE B 227 -80.43 27.21 71.73
CA PHE B 227 -81.76 26.98 72.33
C PHE B 227 -81.66 26.55 73.81
N THR B 228 -82.76 26.72 74.56
CA THR B 228 -82.85 26.72 76.05
C THR B 228 -83.12 25.33 76.65
N CYS B 229 -82.83 25.15 77.95
CA CYS B 229 -83.29 24.01 78.77
C CYS B 229 -83.63 24.47 80.21
N SER B 230 -84.38 23.67 80.98
CA SER B 230 -84.69 23.95 82.40
C SER B 230 -83.44 23.99 83.30
N ASN B 231 -82.35 23.36 82.87
CA ASN B 231 -81.02 23.44 83.50
C ASN B 231 -80.36 24.84 83.41
N GLY B 232 -81.00 25.83 82.75
CA GLY B 232 -80.39 27.13 82.43
C GLY B 232 -79.40 27.09 81.27
N GLN B 233 -79.27 25.93 80.61
CA GLN B 233 -78.28 25.61 79.57
C GLN B 233 -78.63 26.18 78.19
N CYS B 234 -77.60 26.34 77.36
CA CYS B 234 -77.73 26.64 75.93
C CYS B 234 -77.17 25.49 75.07
N ILE B 235 -77.95 25.03 74.09
CA ILE B 235 -77.60 23.94 73.15
C ILE B 235 -77.68 24.43 71.70
N ASN B 236 -76.94 23.80 70.79
CA ASN B 236 -76.85 24.21 69.38
C ASN B 236 -78.23 24.23 68.73
N GLN B 237 -78.56 25.24 67.89
CA GLN B 237 -79.84 25.25 67.15
C GLN B 237 -80.10 23.90 66.44
N ASN B 238 -79.05 23.30 65.88
CA ASN B 238 -79.14 22.08 65.03
C ASN B 238 -79.58 20.85 65.82
N TRP B 239 -79.32 20.81 67.14
CA TRP B 239 -79.68 19.69 68.01
C TRP B 239 -81.17 19.60 68.29
N VAL B 240 -81.90 20.70 68.19
CA VAL B 240 -83.35 20.73 68.39
C VAL B 240 -84.03 19.83 67.36
N CYS B 241 -84.92 18.94 67.82
CA CYS B 241 -85.65 17.97 66.95
C CYS B 241 -84.70 17.19 66.04
N ASP B 242 -83.51 16.84 66.55
CA ASP B 242 -82.60 15.86 65.93
C ASP B 242 -82.87 14.44 66.41
N GLY B 243 -83.71 14.29 67.45
CA GLY B 243 -84.15 13.02 68.04
C GLY B 243 -83.41 12.69 69.33
N ASP B 244 -82.43 13.49 69.74
CA ASP B 244 -81.55 13.18 70.87
C ASP B 244 -81.93 14.00 72.11
N ASP B 245 -82.13 13.30 73.23
CA ASP B 245 -82.42 13.88 74.56
C ASP B 245 -81.16 14.55 75.13
N ASP B 246 -80.80 15.69 74.52
CA ASP B 246 -79.54 16.41 74.74
C ASP B 246 -79.50 17.18 76.07
N CYS B 247 -80.65 17.40 76.72
CA CYS B 247 -80.74 18.36 77.83
C CYS B 247 -81.70 17.98 78.97
N GLN B 248 -81.87 16.67 79.26
CA GLN B 248 -82.65 16.09 80.37
C GLN B 248 -84.17 16.28 80.33
N ASP B 249 -84.70 17.42 79.86
CA ASP B 249 -86.15 17.65 79.77
C ASP B 249 -86.81 16.83 78.63
N SER B 250 -86.00 16.32 77.69
CA SER B 250 -86.40 16.06 76.29
C SER B 250 -86.98 17.32 75.63
N GLY B 251 -86.67 18.52 76.14
CA GLY B 251 -87.37 19.76 75.82
C GLY B 251 -87.14 20.20 74.37
N ASP B 252 -85.93 19.99 73.85
CA ASP B 252 -85.61 20.21 72.42
C ASP B 252 -86.23 19.16 71.49
N GLU B 253 -86.99 18.19 72.02
CA GLU B 253 -87.75 17.18 71.27
C GLU B 253 -89.22 17.12 71.70
N ASP B 254 -89.77 18.21 72.27
CA ASP B 254 -91.21 18.30 72.61
C ASP B 254 -92.08 18.44 71.34
N GLY B 255 -92.60 17.31 70.85
CA GLY B 255 -93.54 17.22 69.72
C GLY B 255 -92.96 17.76 68.43
N CYS B 256 -91.90 17.12 67.92
CA CYS B 256 -91.33 17.42 66.58
C CYS B 256 -92.17 16.81 65.46
N GLU B 257 -93.37 16.29 65.79
CA GLU B 257 -94.23 15.52 64.87
C GLU B 257 -95.69 15.72 65.28
N SER B 258 -96.65 15.56 64.36
CA SER B 258 -98.08 15.89 64.61
C SER B 258 -99.03 14.84 64.02
N ASN B 259 -100.27 14.79 64.57
CA ASN B 259 -101.31 13.77 64.23
C ASN B 259 -100.71 12.37 64.50
N GLN B 260 -100.41 12.10 65.78
CA GLN B 260 -99.47 11.02 66.23
C GLN B 260 -100.06 10.22 67.40
N SER B 261 -99.45 9.06 67.72
CA SER B 261 -99.98 8.00 68.63
C SER B 261 -100.14 8.47 70.10
N HIS B 262 -99.24 9.33 70.61
CA HIS B 262 -99.22 9.69 72.05
C HIS B 262 -100.26 10.78 72.35
N HIS B 263 -101.55 10.45 72.19
CA HIS B 263 -102.64 11.46 72.31
C HIS B 263 -102.73 12.00 73.75
N ARG B 264 -102.96 11.11 74.75
CA ARG B 264 -103.16 11.48 76.18
C ARG B 264 -104.11 12.68 76.24
N CYS B 265 -105.34 12.48 75.76
CA CYS B 265 -106.22 13.58 75.31
C CYS B 265 -106.61 14.50 76.47
N TYR B 266 -106.97 15.73 76.12
CA TYR B 266 -107.19 16.87 77.04
C TYR B 266 -108.47 16.63 77.84
N PRO B 267 -108.74 17.40 78.91
CA PRO B 267 -109.96 17.24 79.69
C PRO B 267 -111.23 17.33 78.82
N ARG B 268 -112.26 16.56 79.19
CA ARG B 268 -113.56 16.48 78.46
C ARG B 268 -113.32 16.00 77.02
N GLU B 269 -112.44 15.02 76.84
CA GLU B 269 -112.19 14.39 75.52
C GLU B 269 -112.12 12.88 75.68
N TRP B 270 -112.39 12.15 74.60
CA TRP B 270 -112.35 10.67 74.58
C TRP B 270 -111.93 10.20 73.19
N ALA B 271 -111.29 9.02 73.12
CA ALA B 271 -110.71 8.49 71.87
C ALA B 271 -111.56 7.33 71.35
N CYS B 272 -112.01 7.44 70.10
CA CYS B 272 -112.71 6.33 69.40
C CYS B 272 -111.66 5.30 68.94
N PRO B 273 -111.76 4.02 69.35
CA PRO B 273 -110.68 3.04 69.10
C PRO B 273 -110.28 2.83 67.64
N GLY B 274 -111.16 3.20 66.68
CA GLY B 274 -110.98 2.90 65.25
C GLY B 274 -109.82 3.66 64.63
N SER B 275 -109.43 4.81 65.20
CA SER B 275 -108.38 5.67 64.60
C SER B 275 -107.71 6.51 65.70
N GLY B 276 -106.57 7.14 65.37
CA GLY B 276 -105.87 8.10 66.24
C GLY B 276 -106.58 9.45 66.28
N ARG B 277 -107.82 9.47 66.80
CA ARG B 277 -108.68 10.68 66.84
C ARG B 277 -109.30 10.78 68.24
N CYS B 278 -109.35 12.00 68.80
CA CYS B 278 -110.07 12.28 70.06
C CYS B 278 -111.20 13.28 69.81
N ILE B 279 -112.35 13.04 70.46
CA ILE B 279 -113.56 13.89 70.31
C ILE B 279 -114.06 14.28 71.69
N SER B 280 -114.52 15.53 71.82
CA SER B 280 -115.04 16.09 73.09
C SER B 280 -116.27 15.32 73.54
N ILE B 281 -116.50 15.28 74.85
CA ILE B 281 -117.61 14.51 75.46
C ILE B 281 -118.96 15.06 74.99
N ASP B 282 -119.06 16.38 74.75
CA ASP B 282 -120.30 17.02 74.26
C ASP B 282 -120.68 16.46 72.88
N LYS B 283 -119.72 15.88 72.15
CA LYS B 283 -119.99 15.24 70.84
C LYS B 283 -120.12 13.73 71.02
N VAL B 284 -119.26 13.12 71.83
CA VAL B 284 -119.21 11.65 71.99
C VAL B 284 -120.59 11.15 72.43
N CYS B 285 -121.18 10.24 71.64
CA CYS B 285 -122.50 9.61 71.91
C CYS B 285 -123.59 10.66 72.13
N ASP B 286 -123.58 11.77 71.37
CA ASP B 286 -124.67 12.77 71.45
C ASP B 286 -125.82 12.38 70.52
N GLY B 287 -125.67 11.30 69.75
CA GLY B 287 -126.70 10.83 68.80
C GLY B 287 -126.29 11.03 67.35
N VAL B 288 -125.19 11.76 67.08
CA VAL B 288 -124.71 11.97 65.70
C VAL B 288 -123.26 11.49 65.59
N PRO B 289 -122.91 10.73 64.54
CA PRO B 289 -121.52 10.31 64.32
C PRO B 289 -120.55 11.49 64.23
N ASP B 290 -119.56 11.54 65.13
CA ASP B 290 -118.62 12.68 65.21
C ASP B 290 -117.20 12.24 64.85
N CYS B 291 -116.78 11.05 65.28
CA CYS B 291 -115.64 10.36 64.63
C CYS B 291 -116.14 9.97 63.23
N PRO B 292 -115.44 10.31 62.13
CA PRO B 292 -115.96 10.06 60.78
C PRO B 292 -116.40 8.61 60.51
N GLU B 293 -115.79 7.62 61.21
CA GLU B 293 -116.10 6.20 60.97
C GLU B 293 -117.37 5.80 61.73
N GLY B 294 -118.03 6.73 62.44
CA GLY B 294 -119.20 6.39 63.28
C GLY B 294 -118.79 5.67 64.55
N ASP B 295 -117.53 5.84 64.99
CA ASP B 295 -116.95 5.09 66.13
C ASP B 295 -117.33 5.75 67.45
N ASP B 296 -118.19 6.78 67.45
CA ASP B 296 -118.68 7.41 68.71
C ASP B 296 -120.20 7.24 68.84
N GLU B 297 -120.80 6.39 68.01
CA GLU B 297 -122.25 6.07 68.10
C GLU B 297 -122.42 4.55 68.14
N ASN B 298 -123.68 4.10 68.19
CA ASN B 298 -124.04 2.66 68.26
C ASN B 298 -123.51 1.94 67.01
N ASN B 299 -122.82 0.81 67.24
CA ASN B 299 -122.37 -0.09 66.16
C ASN B 299 -122.73 -1.51 66.58
N VAL B 300 -123.91 -1.96 66.16
CA VAL B 300 -124.43 -3.31 66.54
C VAL B 300 -123.59 -4.39 65.84
N THR B 301 -123.08 -4.13 64.64
CA THR B 301 -122.26 -5.11 63.88
C THR B 301 -121.02 -5.47 64.71
N SER B 302 -120.46 -4.52 65.44
CA SER B 302 -119.31 -4.77 66.34
C SER B 302 -119.79 -5.01 67.78
N GLY B 303 -121.11 -5.01 68.01
CA GLY B 303 -121.67 -5.22 69.37
C GLY B 303 -121.31 -4.10 70.31
N ARG B 304 -121.37 -2.85 69.83
CA ARG B 304 -121.09 -1.66 70.68
C ARG B 304 -122.33 -0.77 70.72
N THR B 305 -122.68 -0.29 71.92
CA THR B 305 -123.79 0.67 72.11
C THR B 305 -123.34 1.77 73.07
N CYS B 306 -123.94 2.96 72.94
CA CYS B 306 -123.65 4.09 73.84
C CYS B 306 -124.28 3.81 75.20
N GLY B 307 -123.55 3.07 76.05
CA GLY B 307 -124.03 2.62 77.36
C GLY B 307 -123.74 3.61 78.48
N MET B 308 -124.36 3.40 79.65
CA MET B 308 -124.19 4.28 80.82
C MET B 308 -124.12 3.46 82.12
N GLY B 309 -124.09 2.12 82.01
CA GLY B 309 -124.19 1.22 83.18
C GLY B 309 -122.92 1.18 84.02
N VAL B 310 -121.78 1.56 83.43
CA VAL B 310 -120.45 1.39 84.07
C VAL B 310 -120.36 2.31 85.30
N CYS B 311 -121.02 3.46 85.27
CA CYS B 311 -120.95 4.46 86.36
C CYS B 311 -121.45 3.84 87.68
N SER B 312 -122.34 2.84 87.59
CA SER B 312 -122.98 2.23 88.78
C SER B 312 -121.94 1.50 89.62
N VAL B 313 -120.89 0.95 89.01
CA VAL B 313 -119.88 0.15 89.76
C VAL B 313 -118.57 0.92 89.78
N LEU B 314 -118.29 1.69 88.72
CA LEU B 314 -117.04 2.47 88.64
C LEU B 314 -117.08 3.61 89.65
N ASN B 315 -118.26 4.20 89.92
CA ASN B 315 -118.46 5.21 90.99
C ASN B 315 -117.54 6.42 90.72
N CYS B 316 -117.84 7.14 89.64
CA CYS B 316 -117.06 8.32 89.20
C CYS B 316 -116.96 9.36 90.30
N GLU B 317 -115.79 10.01 90.37
CA GLU B 317 -115.51 11.06 91.39
C GLU B 317 -116.38 12.29 91.14
N TYR B 318 -116.46 12.79 89.91
CA TYR B 318 -117.17 14.05 89.64
C TYR B 318 -118.42 13.80 88.79
N GLN B 319 -118.29 13.23 87.57
CA GLN B 319 -119.42 13.03 86.63
C GLN B 319 -119.18 11.77 85.79
N CYS B 320 -120.22 11.38 85.04
CA CYS B 320 -120.14 10.23 84.09
C CYS B 320 -120.77 10.64 82.76
N HIS B 321 -120.40 9.91 81.70
CA HIS B 321 -120.94 10.18 80.34
C HIS B 321 -121.02 8.86 79.59
N GLN B 322 -121.76 8.87 78.49
CA GLN B 322 -122.01 7.65 77.68
C GLN B 322 -120.93 7.48 76.61
N THR B 323 -120.40 6.27 76.49
CA THR B 323 -119.44 5.89 75.45
C THR B 323 -119.84 4.55 74.85
N PRO B 324 -119.34 4.17 73.65
CA PRO B 324 -119.58 2.82 73.12
C PRO B 324 -119.12 1.71 74.08
N PHE B 325 -118.14 2.01 74.94
CA PHE B 325 -117.70 1.08 76.00
C PHE B 325 -118.70 1.05 77.15
N GLY B 326 -119.32 2.18 77.48
CA GLY B 326 -120.24 2.27 78.63
C GLY B 326 -120.14 3.64 79.27
N GLY B 327 -120.55 3.71 80.54
CA GLY B 327 -120.49 4.95 81.33
C GLY B 327 -119.05 5.33 81.63
N GLU B 328 -118.56 6.44 81.05
CA GLU B 328 -117.15 6.86 81.25
C GLU B 328 -117.11 8.02 82.25
N CYS B 329 -116.20 7.92 83.23
CA CYS B 329 -116.06 8.94 84.30
C CYS B 329 -115.32 10.16 83.74
N PHE B 330 -115.71 11.35 84.21
CA PHE B 330 -115.08 12.62 83.80
C PHE B 330 -115.06 13.59 84.98
N CYS B 331 -114.20 14.60 84.87
CA CYS B 331 -113.96 15.60 85.95
C CYS B 331 -113.86 16.99 85.33
N PRO B 332 -114.07 18.08 86.08
CA PRO B 332 -114.30 19.39 85.47
C PRO B 332 -113.04 19.95 84.79
N PRO B 333 -113.20 20.96 83.91
CA PRO B 333 -112.08 21.76 83.42
C PRO B 333 -111.17 22.20 84.57
N GLY B 334 -109.85 22.12 84.36
CA GLY B 334 -108.82 22.20 85.40
C GLY B 334 -108.19 20.86 85.81
N HIS B 335 -108.71 19.72 85.33
CA HIS B 335 -108.35 18.40 85.88
C HIS B 335 -108.56 17.30 84.81
N ILE B 336 -107.78 16.20 84.79
CA ILE B 336 -107.98 15.06 83.84
C ILE B 336 -108.10 13.74 84.62
N ILE B 337 -108.77 12.76 84.00
CA ILE B 337 -109.00 11.43 84.63
C ILE B 337 -107.66 10.75 84.82
N ASN B 338 -107.39 10.31 86.06
CA ASN B 338 -106.16 9.57 86.40
C ASN B 338 -106.14 8.25 85.65
N SER B 339 -104.98 7.88 85.10
CA SER B 339 -104.83 6.70 84.21
C SER B 339 -104.65 5.41 85.03
N ASN B 340 -104.37 5.49 86.34
CA ASN B 340 -104.15 4.28 87.17
C ASN B 340 -105.46 3.48 87.28
N ASP B 341 -106.58 4.17 87.49
CA ASP B 341 -107.83 3.53 87.97
C ASP B 341 -108.99 3.93 87.06
N SER B 342 -108.91 5.11 86.44
CA SER B 342 -110.00 5.73 85.65
C SER B 342 -111.17 6.11 86.56
N ARG B 343 -110.95 6.15 87.88
CA ARG B 343 -112.02 6.55 88.83
C ARG B 343 -111.65 7.86 89.54
N THR B 344 -110.35 8.10 89.75
CA THR B 344 -109.86 9.37 90.34
C THR B 344 -109.58 10.37 89.22
N CYS B 345 -109.30 11.62 89.60
CA CYS B 345 -108.96 12.69 88.65
C CYS B 345 -107.85 13.55 89.26
N ILE B 346 -106.96 14.07 88.42
CA ILE B 346 -105.71 14.76 88.87
C ILE B 346 -105.68 16.16 88.28
N ASP B 347 -105.07 17.08 89.02
CA ASP B 347 -104.94 18.50 88.68
C ASP B 347 -104.23 18.67 87.33
N PHE B 348 -104.61 19.68 86.52
CA PHE B 348 -104.13 19.80 85.14
C PHE B 348 -103.79 21.24 84.69
N ASP B 349 -102.97 21.31 83.64
CA ASP B 349 -102.52 22.52 82.97
C ASP B 349 -103.30 22.71 81.66
N ASP B 350 -104.59 23.07 81.74
CA ASP B 350 -105.45 23.29 80.56
C ASP B 350 -104.91 24.37 79.61
N CYS B 351 -103.91 25.16 80.01
CA CYS B 351 -103.06 25.94 79.10
C CYS B 351 -102.47 25.11 77.95
N GLN B 352 -102.45 23.79 78.07
CA GLN B 352 -102.01 22.87 77.02
C GLN B 352 -103.06 22.64 75.92
N ILE B 353 -104.36 22.90 76.13
CA ILE B 353 -105.39 22.59 75.08
C ILE B 353 -105.14 23.41 73.81
N TRP B 354 -105.09 22.75 72.65
CA TRP B 354 -104.82 23.45 71.39
C TRP B 354 -106.07 24.18 70.91
N GLY B 355 -106.00 25.52 70.85
CA GLY B 355 -107.18 26.39 70.79
C GLY B 355 -107.54 27.06 72.11
N ILE B 356 -106.69 26.97 73.15
CA ILE B 356 -106.90 27.65 74.45
C ILE B 356 -107.06 29.16 74.28
N CYS B 357 -106.12 29.83 73.61
CA CYS B 357 -106.02 31.31 73.58
C CYS B 357 -105.40 31.86 72.30
N ASP B 358 -105.79 33.09 71.95
CA ASP B 358 -105.26 33.89 70.83
C ASP B 358 -103.84 34.44 71.06
N GLN B 359 -103.26 34.23 72.25
CA GLN B 359 -101.88 34.60 72.60
C GLN B 359 -101.26 33.60 73.58
N LYS B 360 -101.77 33.56 74.83
CA LYS B 360 -101.27 32.71 75.92
C LYS B 360 -102.46 32.37 76.84
N CYS B 361 -102.40 31.27 77.58
CA CYS B 361 -103.17 31.27 78.84
C CYS B 361 -102.55 32.28 79.81
N GLU B 362 -103.36 32.86 80.69
CA GLU B 362 -102.93 33.76 81.77
C GLU B 362 -104.01 33.77 82.86
N ASN B 363 -103.79 34.53 83.95
CA ASN B 363 -104.63 34.49 85.16
C ASN B 363 -104.62 33.07 85.78
N ARG B 364 -103.45 32.41 85.68
CA ARG B 364 -103.20 31.03 86.14
C ARG B 364 -103.17 30.93 87.68
N GLN B 365 -103.08 29.71 88.21
CA GLN B 365 -103.56 29.23 89.53
C GLN B 365 -105.10 29.21 89.59
N GLY B 366 -105.79 30.23 89.05
CA GLY B 366 -107.14 30.04 88.50
C GLY B 366 -107.06 29.16 87.26
N ARG B 367 -108.05 28.29 86.99
CA ARG B 367 -107.87 27.13 86.09
C ARG B 367 -107.30 27.51 84.72
N HIS B 368 -108.01 28.36 83.98
CA HIS B 368 -107.54 28.93 82.72
C HIS B 368 -108.48 30.01 82.19
N GLN B 369 -107.86 31.08 81.70
CA GLN B 369 -108.37 31.97 80.66
C GLN B 369 -107.15 32.58 79.96
N CYS B 370 -107.35 33.63 79.15
CA CYS B 370 -106.28 34.26 78.37
C CYS B 370 -105.81 35.61 78.95
N LEU B 371 -104.77 36.18 78.36
CA LEU B 371 -104.48 37.63 78.37
C LEU B 371 -103.92 38.03 77.01
N CYS B 372 -104.16 39.28 76.61
CA CYS B 372 -103.78 39.81 75.30
C CYS B 372 -102.82 40.98 75.47
N GLU B 373 -101.92 41.14 74.51
CA GLU B 373 -100.84 42.14 74.60
C GLU B 373 -101.32 43.58 74.30
N GLU B 374 -100.40 44.54 74.38
CA GLU B 374 -100.71 45.98 74.21
C GLU B 374 -101.23 46.23 72.80
N GLY B 375 -102.43 46.83 72.73
CA GLY B 375 -103.14 47.05 71.45
C GLY B 375 -104.27 46.05 71.24
N TYR B 376 -104.46 45.08 72.14
CA TYR B 376 -105.56 44.11 72.09
C TYR B 376 -106.43 44.17 73.35
N ILE B 377 -107.72 43.85 73.19
CA ILE B 377 -108.71 43.78 74.31
C ILE B 377 -109.41 42.43 74.27
N LEU B 378 -109.76 41.86 75.43
CA LEU B 378 -110.44 40.55 75.51
C LEU B 378 -111.96 40.68 75.24
N GLU B 379 -112.39 40.81 73.97
CA GLU B 379 -113.82 40.61 73.62
C GLU B 379 -114.21 39.20 74.11
N ARG B 380 -115.37 39.05 74.76
CA ARG B 380 -116.04 37.74 75.03
C ARG B 380 -115.23 36.80 75.96
N GLY B 381 -113.97 37.09 76.33
CA GLY B 381 -113.03 36.03 76.75
C GLY B 381 -112.53 35.21 75.56
N GLN B 382 -111.31 34.65 75.68
CA GLN B 382 -110.51 34.03 74.59
C GLN B 382 -110.07 34.98 73.47
N HIS B 383 -110.95 35.83 72.92
CA HIS B 383 -110.67 36.63 71.72
C HIS B 383 -109.84 37.88 72.01
N CYS B 384 -108.62 37.96 71.46
CA CYS B 384 -107.79 39.17 71.46
C CYS B 384 -108.18 40.12 70.31
N LYS B 385 -109.29 40.85 70.46
CA LYS B 385 -109.76 41.85 69.47
C LYS B 385 -108.78 43.03 69.45
N SER B 386 -108.46 43.55 68.27
CA SER B 386 -107.61 44.75 68.12
C SER B 386 -108.29 46.00 68.68
N SER B 387 -107.47 46.92 69.21
CA SER B 387 -107.91 48.21 69.79
C SER B 387 -108.60 49.09 68.75
N ASP B 388 -109.60 49.85 69.20
CA ASP B 388 -110.34 50.83 68.36
C ASP B 388 -109.39 51.94 67.89
N SER B 389 -108.24 52.13 68.57
CA SER B 389 -107.31 53.24 68.29
C SER B 389 -106.63 53.03 66.93
N PHE B 390 -106.71 51.83 66.34
CA PHE B 390 -106.05 51.55 65.05
C PHE B 390 -107.07 51.60 63.91
N SER B 391 -106.59 51.90 62.71
CA SER B 391 -107.44 51.95 61.49
C SER B 391 -107.98 50.55 61.18
N ALA B 392 -109.12 50.50 60.47
CA ALA B 392 -109.85 49.25 60.19
C ALA B 392 -108.91 48.28 59.46
N ALA B 393 -108.83 47.03 59.93
CA ALA B 393 -108.03 45.98 59.28
C ALA B 393 -108.58 45.70 57.89
N SER B 394 -107.68 45.57 56.91
CA SER B 394 -108.03 45.27 55.50
C SER B 394 -107.09 44.18 54.98
N VAL B 395 -107.61 43.29 54.12
CA VAL B 395 -106.80 42.22 53.47
C VAL B 395 -106.52 42.65 52.03
N ILE B 396 -105.24 42.77 51.69
CA ILE B 396 -104.81 43.04 50.28
C ILE B 396 -104.29 41.72 49.72
N PHE B 397 -104.65 41.42 48.48
CA PHE B 397 -104.33 40.10 47.88
C PHE B 397 -104.33 40.22 46.37
N SER B 398 -103.75 39.22 45.71
CA SER B 398 -103.74 39.13 44.24
C SER B 398 -104.82 38.12 43.82
N ASN B 399 -105.78 38.56 43.02
CA ASN B 399 -106.87 37.68 42.52
C ASN B 399 -106.36 36.84 41.34
N GLY B 400 -105.06 36.94 41.00
CA GLY B 400 -104.46 36.21 39.89
C GLY B 400 -103.85 37.12 38.84
N ARG B 401 -104.43 38.31 38.61
CA ARG B 401 -103.90 39.24 37.59
C ARG B 401 -103.70 40.62 38.22
N ASP B 402 -104.60 41.03 39.12
CA ASP B 402 -104.59 42.41 39.67
C ASP B 402 -104.55 42.37 41.19
N LEU B 403 -104.11 43.48 41.79
CA LEU B 403 -104.03 43.62 43.27
C LEU B 403 -105.37 44.15 43.76
N LEU B 404 -105.98 43.43 44.71
CA LEU B 404 -107.30 43.82 45.26
C LEU B 404 -107.17 44.07 46.76
N VAL B 405 -108.12 44.86 47.28
CA VAL B 405 -108.16 45.23 48.71
C VAL B 405 -109.59 45.01 49.22
N GLY B 406 -109.70 44.44 50.41
CA GLY B 406 -111.03 44.17 51.00
C GLY B 406 -110.95 44.11 52.51
N ASP B 407 -112.08 44.36 53.17
CA ASP B 407 -112.18 44.30 54.65
C ASP B 407 -112.21 42.83 55.09
N LEU B 408 -112.08 42.62 56.40
CA LEU B 408 -112.08 41.27 57.02
C LEU B 408 -113.43 40.57 56.81
N HIS B 409 -114.53 41.31 56.80
CA HIS B 409 -115.87 40.68 56.65
C HIS B 409 -116.16 40.32 55.19
N GLY B 410 -115.33 40.80 54.24
CA GLY B 410 -115.53 40.53 52.80
C GLY B 410 -116.80 41.16 52.28
N ARG B 411 -117.13 42.39 52.70
CA ARG B 411 -118.31 43.12 52.16
C ARG B 411 -117.91 44.01 50.99
N ASN B 412 -116.68 44.53 50.96
CA ASN B 412 -116.22 45.46 49.90
C ASN B 412 -114.95 44.90 49.26
N PHE B 413 -114.75 45.19 47.98
CA PHE B 413 -113.54 44.78 47.24
C PHE B 413 -113.15 45.89 46.28
N ARG B 414 -111.96 46.48 46.50
CA ARG B 414 -111.44 47.58 45.66
C ARG B 414 -110.20 47.08 44.93
N ILE B 415 -110.09 47.40 43.64
CA ILE B 415 -108.87 47.08 42.86
C ILE B 415 -107.83 48.17 43.16
N LEU B 416 -106.72 47.76 43.78
CA LEU B 416 -105.67 48.71 44.19
C LEU B 416 -104.79 49.08 42.99
N ALA B 417 -104.46 48.12 42.11
CA ALA B 417 -103.57 48.38 40.96
C ALA B 417 -103.78 47.28 39.93
N GLU B 418 -104.10 47.67 38.69
CA GLU B 418 -104.29 46.69 37.59
C GLU B 418 -102.94 46.47 36.90
N SER B 419 -102.67 45.23 36.50
CA SER B 419 -101.41 44.85 35.83
C SER B 419 -101.42 45.39 34.40
N LYS B 420 -100.26 45.89 33.95
CA LYS B 420 -100.10 46.40 32.57
C LYS B 420 -99.32 45.38 31.73
N ASN B 421 -99.49 45.46 30.40
CA ASN B 421 -98.69 44.68 29.43
C ASN B 421 -98.82 43.19 29.74
N ARG B 422 -100.05 42.72 30.01
CA ARG B 422 -100.35 41.29 30.27
C ARG B 422 -99.54 40.81 31.49
N GLY B 423 -99.43 41.67 32.51
CA GLY B 423 -98.69 41.36 33.74
C GLY B 423 -99.42 40.40 34.65
N MET B 424 -98.82 40.11 35.81
CA MET B 424 -99.41 39.18 36.79
C MET B 424 -98.87 39.52 38.17
N VAL B 425 -99.76 39.84 39.11
CA VAL B 425 -99.34 40.15 40.50
C VAL B 425 -99.14 38.82 41.24
N MET B 426 -97.91 38.52 41.62
CA MET B 426 -97.57 37.19 42.19
C MET B 426 -97.47 37.28 43.71
N GLY B 427 -96.59 38.15 44.24
CA GLY B 427 -96.32 38.25 45.68
C GLY B 427 -96.51 39.66 46.19
N VAL B 428 -97.31 39.84 47.25
CA VAL B 428 -97.65 41.20 47.77
C VAL B 428 -97.15 41.33 49.20
N ASP B 429 -96.83 42.57 49.59
CA ASP B 429 -96.45 42.90 50.98
C ASP B 429 -96.64 44.40 51.16
N PHE B 430 -96.55 44.89 52.40
CA PHE B 430 -96.93 46.28 52.71
C PHE B 430 -96.05 46.82 53.83
N HIS B 431 -95.86 48.14 53.80
CA HIS B 431 -95.23 48.90 54.90
C HIS B 431 -96.29 49.84 55.45
N TYR B 432 -96.52 49.79 56.77
CA TYR B 432 -97.65 50.54 57.38
C TYR B 432 -97.26 52.01 57.58
N GLN B 433 -96.11 52.28 58.19
CA GLN B 433 -95.75 53.66 58.59
C GLN B 433 -95.67 54.56 57.34
N LYS B 434 -95.09 54.06 56.25
CA LYS B 434 -95.04 54.81 54.97
C LYS B 434 -96.29 54.53 54.14
N HIS B 435 -97.20 53.67 54.63
CA HIS B 435 -98.47 53.29 53.93
C HIS B 435 -98.21 53.02 52.44
N ARG B 436 -97.30 52.08 52.18
CA ARG B 436 -96.97 51.64 50.80
C ARG B 436 -97.24 50.14 50.67
N VAL B 437 -97.61 49.72 49.46
CA VAL B 437 -97.83 48.29 49.12
C VAL B 437 -96.83 47.90 48.04
N PHE B 438 -96.11 46.82 48.28
CA PHE B 438 -95.08 46.31 47.35
C PHE B 438 -95.56 44.98 46.77
N TRP B 439 -95.45 44.83 45.45
CA TRP B 439 -95.80 43.54 44.80
C TRP B 439 -94.85 43.27 43.64
N THR B 440 -94.75 41.99 43.28
CA THR B 440 -93.83 41.52 42.21
C THR B 440 -94.65 41.05 41.01
N ASP B 441 -94.04 41.17 39.84
CA ASP B 441 -94.70 40.81 38.55
C ASP B 441 -93.71 39.95 37.77
N PRO B 442 -93.81 38.61 37.84
CA PRO B 442 -92.86 37.74 37.13
C PRO B 442 -93.07 37.75 35.61
N MET B 443 -94.25 38.13 35.12
CA MET B 443 -94.50 38.21 33.66
C MET B 443 -93.80 39.46 33.09
N GLN B 444 -93.82 40.58 33.81
CA GLN B 444 -93.10 41.81 33.38
C GLN B 444 -91.66 41.80 33.91
N GLU B 445 -91.34 40.85 34.80
CA GLU B 445 -89.98 40.72 35.41
C GLU B 445 -89.62 42.02 36.13
N LYS B 446 -90.57 42.61 36.88
CA LYS B 446 -90.33 43.89 37.59
C LYS B 446 -91.00 43.83 38.96
N VAL B 447 -90.56 44.74 39.85
CA VAL B 447 -91.17 44.88 41.20
C VAL B 447 -91.73 46.29 41.30
N PHE B 448 -92.97 46.39 41.80
CA PHE B 448 -93.70 47.68 41.84
C PHE B 448 -94.01 48.05 43.28
N SER B 449 -94.20 49.35 43.50
CA SER B 449 -94.61 49.89 44.82
C SER B 449 -95.64 50.99 44.60
N THR B 450 -96.69 51.00 45.42
CA THR B 450 -97.77 52.00 45.28
C THR B 450 -98.24 52.43 46.67
N ASP B 451 -98.89 53.59 46.70
CA ASP B 451 -99.55 54.08 47.93
C ASP B 451 -100.82 53.26 48.17
N ILE B 452 -101.21 53.11 49.44
CA ILE B 452 -102.36 52.26 49.84
C ILE B 452 -103.65 52.78 49.20
N ASN B 453 -103.78 54.10 49.03
CA ASN B 453 -105.00 54.70 48.43
C ASN B 453 -104.85 54.84 46.92
N GLY B 454 -103.74 54.36 46.34
CA GLY B 454 -103.46 54.52 44.91
C GLY B 454 -102.50 55.66 44.66
N LEU B 455 -102.18 55.94 43.39
CA LEU B 455 -101.21 56.99 42.96
C LEU B 455 -99.79 56.61 43.39
N ASN B 456 -98.80 57.36 42.89
CA ASN B 456 -97.37 57.18 43.25
C ASN B 456 -96.91 55.75 42.91
N THR B 457 -97.46 55.17 41.84
CA THR B 457 -97.01 53.83 41.40
C THR B 457 -95.68 53.97 40.67
N GLN B 458 -94.70 53.14 41.04
CA GLN B 458 -93.34 53.24 40.44
C GLN B 458 -92.67 51.87 40.48
N GLU B 459 -91.81 51.60 39.51
CA GLU B 459 -90.96 50.39 39.50
C GLU B 459 -89.87 50.53 40.57
N ILE B 460 -89.56 49.42 41.22
CA ILE B 460 -88.49 49.37 42.26
C ILE B 460 -87.27 48.64 41.70
N LEU B 461 -87.45 47.50 41.03
CA LEU B 461 -86.32 46.77 40.41
C LEU B 461 -86.72 46.33 39.00
N ASN B 462 -85.78 46.43 38.05
CA ASN B 462 -86.06 46.04 36.64
C ASN B 462 -84.85 45.33 36.03
N VAL B 463 -83.90 44.84 36.84
CA VAL B 463 -82.73 44.11 36.31
C VAL B 463 -82.48 42.89 37.21
N SER B 464 -82.25 41.72 36.59
CA SER B 464 -81.95 40.46 37.29
C SER B 464 -83.09 40.10 38.24
N VAL B 465 -84.32 40.42 37.84
CA VAL B 465 -85.52 40.20 38.67
C VAL B 465 -86.48 39.39 37.81
N ASP B 466 -85.92 38.52 36.98
CA ASP B 466 -86.67 37.80 35.91
C ASP B 466 -87.84 37.03 36.53
N THR B 467 -87.71 36.51 37.76
CA THR B 467 -88.81 35.74 38.41
C THR B 467 -88.80 36.04 39.91
N PRO B 468 -89.42 37.14 40.34
CA PRO B 468 -89.48 37.46 41.77
C PRO B 468 -90.63 36.71 42.45
N GLU B 469 -90.36 35.48 42.91
CA GLU B 469 -91.39 34.55 43.44
C GLU B 469 -92.08 35.11 44.69
N ASN B 470 -91.39 35.80 45.59
CA ASN B 470 -92.05 36.26 46.83
C ASN B 470 -91.45 37.57 47.32
N LEU B 471 -91.97 38.08 48.44
CA LEU B 471 -91.61 39.43 48.92
C LEU B 471 -91.89 39.52 50.42
N ALA B 472 -91.12 40.35 51.12
CA ALA B 472 -91.30 40.60 52.56
C ALA B 472 -90.53 41.87 52.94
N VAL B 473 -91.19 42.81 53.61
CA VAL B 473 -90.52 44.10 53.96
C VAL B 473 -90.04 44.02 55.40
N ASP B 474 -88.94 44.70 55.67
CA ASP B 474 -88.35 44.78 57.03
C ASP B 474 -88.68 46.16 57.59
N TRP B 475 -89.83 46.31 58.25
CA TRP B 475 -90.39 47.65 58.58
C TRP B 475 -89.49 48.39 59.58
N ILE B 476 -88.80 47.67 60.45
CA ILE B 476 -87.95 48.31 61.48
C ILE B 476 -86.75 49.00 60.82
N ASN B 477 -86.12 48.35 59.84
CA ASN B 477 -84.92 48.93 59.18
C ASN B 477 -85.26 49.44 57.78
N ASN B 478 -86.53 49.34 57.35
CA ASN B 478 -86.97 49.81 56.01
C ASN B 478 -86.15 49.09 54.92
N LYS B 479 -86.28 47.76 54.88
CA LYS B 479 -85.62 46.92 53.86
C LYS B 479 -86.67 46.04 53.20
N LEU B 480 -86.35 45.58 51.98
CA LEU B 480 -87.28 44.78 51.16
C LEU B 480 -86.59 43.47 50.79
N TYR B 481 -86.84 42.42 51.58
CA TYR B 481 -86.34 41.05 51.28
C TYR B 481 -87.19 40.46 50.16
N LEU B 482 -86.56 39.94 49.11
CA LEU B 482 -87.28 39.34 47.97
C LEU B 482 -86.63 38.02 47.58
N VAL B 483 -87.43 37.15 46.97
CA VAL B 483 -86.98 35.81 46.54
C VAL B 483 -86.94 35.79 45.01
N GLU B 484 -85.78 35.44 44.46
CA GLU B 484 -85.60 35.34 43.00
C GLU B 484 -85.33 33.87 42.65
N THR B 485 -86.01 33.36 41.61
CA THR B 485 -85.99 31.90 41.31
C THR B 485 -85.38 31.60 39.94
N LYS B 486 -85.10 32.60 39.09
CA LYS B 486 -84.34 32.34 37.84
C LYS B 486 -82.91 31.96 38.23
N VAL B 487 -82.27 32.82 39.03
CA VAL B 487 -81.02 32.46 39.75
C VAL B 487 -81.40 32.42 41.23
N ASN B 488 -81.44 31.21 41.79
CA ASN B 488 -82.01 30.99 43.14
C ASN B 488 -81.18 31.76 44.17
N ARG B 489 -81.78 32.79 44.77
CA ARG B 489 -81.11 33.63 45.79
C ARG B 489 -82.17 34.42 46.55
N ILE B 490 -81.76 35.01 47.68
CA ILE B 490 -82.62 35.91 48.48
C ILE B 490 -81.87 37.24 48.58
N ASP B 491 -82.44 38.28 47.98
CA ASP B 491 -81.77 39.59 47.89
C ASP B 491 -82.35 40.57 48.90
N VAL B 492 -81.61 41.66 49.14
CA VAL B 492 -82.06 42.75 50.02
C VAL B 492 -81.83 44.07 49.28
N VAL B 493 -82.84 44.92 49.31
CA VAL B 493 -82.76 46.27 48.69
C VAL B 493 -83.43 47.27 49.64
N ASN B 494 -83.20 48.55 49.39
CA ASN B 494 -83.94 49.63 50.09
C ASN B 494 -85.40 49.62 49.60
N LEU B 495 -86.27 50.34 50.30
CA LEU B 495 -87.69 50.45 49.88
C LEU B 495 -87.78 51.12 48.50
N GLU B 496 -86.79 51.93 48.11
CA GLU B 496 -86.82 52.60 46.78
C GLU B 496 -85.94 51.86 45.78
N GLY B 497 -85.33 50.72 46.18
CA GLY B 497 -84.69 49.78 45.24
C GLY B 497 -83.17 49.85 45.23
N ASN B 498 -82.55 50.83 45.89
CA ASN B 498 -81.09 51.02 45.80
C ASN B 498 -80.39 50.09 46.79
N GLN B 499 -79.06 49.98 46.67
CA GLN B 499 -78.19 49.25 47.63
C GLN B 499 -78.60 47.76 47.65
N ARG B 500 -78.49 47.10 46.50
CA ARG B 500 -78.84 45.66 46.39
C ARG B 500 -77.74 44.82 47.06
N VAL B 501 -78.16 43.87 47.90
CA VAL B 501 -77.22 42.92 48.56
C VAL B 501 -77.84 41.52 48.49
N THR B 502 -77.03 40.53 48.12
CA THR B 502 -77.45 39.12 48.07
C THR B 502 -77.06 38.46 49.39
N LEU B 503 -78.03 37.92 50.14
CA LEU B 503 -77.73 37.38 51.49
C LEU B 503 -77.50 35.87 51.45
N ILE B 504 -78.43 35.13 50.85
CA ILE B 504 -78.40 33.65 50.91
C ILE B 504 -78.44 33.13 49.48
N THR B 505 -77.54 32.20 49.16
CA THR B 505 -77.49 31.57 47.82
C THR B 505 -77.26 30.06 47.92
N GLU B 506 -76.51 29.58 48.92
CA GLU B 506 -76.06 28.17 49.00
C GLU B 506 -77.22 27.19 49.13
N ASN B 507 -77.16 26.08 48.36
CA ASN B 507 -78.12 24.95 48.41
C ASN B 507 -79.53 25.33 47.94
N LEU B 508 -79.88 26.61 47.73
CA LEU B 508 -81.28 27.02 47.46
C LEU B 508 -81.77 26.39 46.15
N GLY B 509 -82.71 25.45 46.26
CA GLY B 509 -83.20 24.70 45.11
C GLY B 509 -84.31 25.47 44.44
N HIS B 510 -85.50 25.41 45.01
CA HIS B 510 -86.67 26.20 44.55
C HIS B 510 -87.15 27.02 45.74
N PRO B 511 -86.53 28.17 46.04
CA PRO B 511 -86.95 29.00 47.16
C PRO B 511 -88.31 29.64 46.82
N ARG B 512 -89.20 29.71 47.81
CA ARG B 512 -90.58 30.21 47.54
C ARG B 512 -91.12 31.02 48.71
N GLY B 513 -91.42 30.44 49.88
CA GLY B 513 -91.99 31.20 51.01
C GLY B 513 -90.94 32.10 51.66
N ILE B 514 -91.31 33.29 52.14
CA ILE B 514 -90.38 34.11 52.96
C ILE B 514 -91.16 34.96 53.96
N ALA B 515 -90.61 35.12 55.17
CA ALA B 515 -91.22 35.95 56.23
C ALA B 515 -90.14 36.26 57.28
N LEU B 516 -90.34 37.32 58.05
CA LEU B 516 -89.34 37.69 59.09
C LEU B 516 -90.01 38.36 60.28
N ASP B 517 -89.32 38.35 61.41
CA ASP B 517 -89.74 39.05 62.64
C ASP B 517 -88.59 39.99 63.02
N PRO B 518 -88.64 41.27 62.62
CA PRO B 518 -87.55 42.20 62.95
C PRO B 518 -87.32 42.41 64.45
N THR B 519 -88.33 42.09 65.29
CA THR B 519 -88.25 42.34 66.75
C THR B 519 -87.16 41.45 67.35
N VAL B 520 -87.08 40.19 66.93
CA VAL B 520 -86.12 39.23 67.54
C VAL B 520 -84.93 39.04 66.60
N GLY B 521 -85.15 39.21 65.28
CA GLY B 521 -84.06 39.19 64.28
C GLY B 521 -84.04 37.98 63.34
N TYR B 522 -85.04 37.11 63.36
CA TYR B 522 -85.04 35.91 62.48
C TYR B 522 -85.72 36.14 61.13
N LEU B 523 -85.25 35.37 60.15
CA LEU B 523 -85.78 35.30 58.76
C LEU B 523 -86.16 33.84 58.49
N PHE B 524 -87.40 33.58 58.09
CA PHE B 524 -87.90 32.22 57.80
C PHE B 524 -88.18 32.11 56.30
N PHE B 525 -87.76 31.01 55.66
CA PHE B 525 -88.13 30.81 54.24
C PHE B 525 -88.34 29.33 53.96
N SER B 526 -88.97 29.03 52.82
CA SER B 526 -89.23 27.62 52.43
C SER B 526 -88.62 27.35 51.05
N ASP B 527 -88.08 26.15 50.89
CA ASP B 527 -87.44 25.70 49.64
C ASP B 527 -88.10 24.37 49.26
N TRP B 528 -88.85 24.35 48.15
CA TRP B 528 -89.58 23.12 47.76
C TRP B 528 -88.75 22.21 46.88
N GLY B 529 -87.42 22.33 46.85
CA GLY B 529 -86.58 21.38 46.11
C GLY B 529 -85.10 21.60 46.33
N SER B 530 -84.67 21.75 47.59
CA SER B 530 -83.28 22.16 47.92
C SER B 530 -82.26 21.24 47.23
N LEU B 531 -81.13 21.75 46.75
CA LEU B 531 -80.26 21.05 45.77
C LEU B 531 -79.75 19.70 46.28
N SER B 532 -79.56 19.56 47.60
CA SER B 532 -79.13 18.32 48.28
C SER B 532 -80.17 17.20 48.14
N GLY B 533 -81.43 17.53 47.83
CA GLY B 533 -82.50 16.57 47.51
C GLY B 533 -83.82 16.96 48.15
N GLN B 534 -83.80 17.24 49.46
CA GLN B 534 -85.04 17.37 50.28
C GLN B 534 -85.63 18.79 50.19
N PRO B 535 -86.98 18.92 50.27
CA PRO B 535 -87.62 20.21 50.50
C PRO B 535 -87.55 20.54 52.00
N LYS B 536 -87.49 21.83 52.36
CA LYS B 536 -87.29 22.23 53.77
C LYS B 536 -87.92 23.58 54.07
N VAL B 537 -88.29 23.79 55.33
CA VAL B 537 -88.61 25.14 55.87
C VAL B 537 -87.47 25.49 56.81
N GLU B 538 -86.94 26.70 56.73
CA GLU B 538 -85.68 26.98 57.48
C GLU B 538 -85.67 28.40 58.04
N ARG B 539 -84.86 28.56 59.08
CA ARG B 539 -84.67 29.81 59.83
C ARG B 539 -83.24 30.27 59.70
N ALA B 540 -83.05 31.57 59.56
CA ALA B 540 -81.71 32.20 59.55
C ALA B 540 -81.76 33.44 60.44
N PHE B 541 -80.60 33.98 60.81
CA PHE B 541 -80.51 35.38 61.26
C PHE B 541 -80.91 36.29 60.09
N MET B 542 -81.25 37.55 60.31
CA MET B 542 -81.80 38.37 59.19
C MET B 542 -80.75 38.75 58.16
N ASP B 543 -79.49 38.36 58.37
CA ASP B 543 -78.37 38.59 57.42
C ASP B 543 -77.92 37.27 56.76
N GLY B 544 -78.61 36.15 57.07
CA GLY B 544 -78.26 34.81 56.56
C GLY B 544 -77.25 34.05 57.41
N SER B 545 -76.81 34.57 58.57
CA SER B 545 -75.61 34.01 59.26
C SER B 545 -75.75 32.53 59.65
N ASN B 546 -76.83 32.14 60.34
CA ASN B 546 -76.83 30.86 61.11
C ASN B 546 -78.05 30.03 60.69
N ARG B 547 -77.99 29.40 59.51
CA ARG B 547 -79.17 28.67 58.96
C ARG B 547 -79.40 27.38 59.76
N LYS B 548 -80.67 27.09 60.02
CA LYS B 548 -81.15 25.83 60.62
C LYS B 548 -82.31 25.32 59.76
N ASP B 549 -82.31 24.02 59.47
CA ASP B 549 -83.52 23.33 58.99
C ASP B 549 -84.57 23.35 60.12
N LEU B 550 -85.65 24.08 59.94
CA LEU B 550 -86.66 24.27 61.00
C LEU B 550 -87.71 23.16 60.89
N VAL B 551 -88.05 22.75 59.67
CA VAL B 551 -88.96 21.59 59.46
C VAL B 551 -88.41 20.77 58.30
N THR B 552 -88.35 19.44 58.43
CA THR B 552 -87.87 18.60 57.31
C THR B 552 -88.67 17.30 57.17
N THR B 553 -89.20 16.72 58.26
CA THR B 553 -90.05 15.51 58.12
C THR B 553 -91.42 15.87 57.52
N LYS B 554 -91.92 15.04 56.59
CA LYS B 554 -93.25 15.21 55.94
C LYS B 554 -93.42 16.64 55.37
N VAL B 555 -92.39 17.18 54.70
CA VAL B 555 -92.42 18.61 54.24
C VAL B 555 -92.77 18.78 52.76
N GLY B 556 -92.91 17.73 51.91
CA GLY B 556 -93.68 17.85 50.65
C GLY B 556 -93.25 18.99 49.73
N TRP B 557 -94.13 20.00 49.54
CA TRP B 557 -93.84 21.25 48.80
C TRP B 557 -94.30 22.43 49.65
N PRO B 558 -93.46 23.00 50.52
CA PRO B 558 -93.88 24.09 51.41
C PRO B 558 -93.93 25.42 50.65
N ALA B 559 -95.15 25.92 50.42
CA ALA B 559 -95.40 26.92 49.37
C ALA B 559 -95.46 28.36 49.91
N GLY B 560 -95.65 28.56 51.21
CA GLY B 560 -95.88 29.91 51.73
C GLY B 560 -95.70 29.94 53.23
N ILE B 561 -95.20 31.05 53.77
CA ILE B 561 -94.93 31.19 55.23
C ILE B 561 -95.56 32.51 55.69
N THR B 562 -96.10 32.48 56.91
CA THR B 562 -96.42 33.72 57.67
C THR B 562 -96.17 33.44 59.15
N LEU B 563 -96.22 34.45 60.01
CA LEU B 563 -95.83 34.18 61.42
C LEU B 563 -96.65 35.00 62.42
N ASP B 564 -97.07 34.32 63.49
CA ASP B 564 -97.75 34.95 64.62
C ASP B 564 -96.68 35.64 65.45
N LEU B 565 -96.60 36.95 65.26
CA LEU B 565 -95.52 37.79 65.84
C LEU B 565 -95.62 37.82 67.37
N VAL B 566 -96.81 37.62 67.95
CA VAL B 566 -97.01 37.76 69.40
C VAL B 566 -96.98 36.41 70.10
N SER B 567 -97.39 35.32 69.43
CA SER B 567 -97.28 33.95 69.97
C SER B 567 -95.91 33.30 69.72
N LYS B 568 -95.02 33.93 68.92
CA LYS B 568 -93.70 33.40 68.48
C LYS B 568 -93.90 32.04 67.81
N ARG B 569 -94.74 32.01 66.77
CA ARG B 569 -94.99 30.79 65.96
C ARG B 569 -94.90 31.15 64.47
N VAL B 570 -94.68 30.14 63.63
CA VAL B 570 -94.59 30.31 62.16
C VAL B 570 -95.59 29.34 61.52
N TYR B 571 -96.42 29.84 60.60
CA TYR B 571 -97.44 29.05 59.88
C TYR B 571 -96.96 28.87 58.44
N TRP B 572 -97.05 27.64 57.94
CA TRP B 572 -96.69 27.37 56.52
C TRP B 572 -97.70 26.40 55.93
N VAL B 573 -97.79 26.39 54.60
CA VAL B 573 -98.79 25.58 53.89
C VAL B 573 -98.07 24.64 52.93
N ASP B 574 -98.74 23.57 52.53
CA ASP B 574 -98.15 22.56 51.61
C ASP B 574 -99.12 22.33 50.46
N SER B 575 -98.61 22.38 49.22
CA SER B 575 -99.42 22.14 48.01
C SER B 575 -99.46 20.64 47.66
N ARG B 576 -98.58 19.83 48.26
CA ARG B 576 -98.43 18.40 47.89
C ARG B 576 -99.06 17.48 48.93
N TYR B 577 -98.75 17.67 50.21
CA TYR B 577 -99.37 16.89 51.31
C TYR B 577 -100.62 17.60 51.82
N ASP B 578 -100.90 18.82 51.34
CA ASP B 578 -102.21 19.48 51.53
C ASP B 578 -102.50 19.66 53.03
N TYR B 579 -101.68 20.47 53.69
CA TYR B 579 -101.92 20.80 55.12
C TYR B 579 -101.51 22.25 55.38
N ILE B 580 -101.96 22.77 56.51
CA ILE B 580 -101.43 24.01 57.12
C ILE B 580 -100.94 23.62 58.51
N GLU B 581 -99.67 23.91 58.80
CA GLU B 581 -99.07 23.45 60.07
C GLU B 581 -98.34 24.59 60.77
N THR B 582 -98.08 24.40 62.06
CA THR B 582 -97.47 25.46 62.88
C THR B 582 -96.37 24.86 63.76
N VAL B 583 -95.25 25.57 63.86
CA VAL B 583 -94.16 25.23 64.80
C VAL B 583 -93.74 26.51 65.51
N THR B 584 -93.06 26.38 66.64
CA THR B 584 -92.51 27.55 67.36
C THR B 584 -91.33 28.10 66.54
N TYR B 585 -90.82 29.27 66.90
CA TYR B 585 -89.63 29.83 66.21
C TYR B 585 -88.44 28.85 66.29
N ASP B 586 -88.38 27.92 67.25
CA ASP B 586 -87.32 26.90 67.30
C ASP B 586 -87.71 25.54 66.70
N GLY B 587 -88.88 25.41 66.06
CA GLY B 587 -89.25 24.15 65.37
C GLY B 587 -89.95 23.13 66.26
N ILE B 588 -89.92 23.28 67.59
CA ILE B 588 -90.66 22.43 68.54
C ILE B 588 -92.18 22.67 68.47
N GLN B 589 -92.96 21.72 69.03
CA GLN B 589 -94.44 21.81 69.22
C GLN B 589 -95.15 22.00 67.88
N ARG B 590 -94.99 21.02 66.99
CA ARG B 590 -95.67 20.97 65.68
C ARG B 590 -97.15 20.65 65.87
N LYS B 591 -98.02 21.45 65.25
CA LYS B 591 -99.49 21.22 65.29
C LYS B 591 -100.08 21.48 63.91
N THR B 592 -101.19 20.80 63.61
CA THR B 592 -101.85 20.89 62.29
C THR B 592 -103.16 21.68 62.47
N VAL B 593 -103.41 22.65 61.60
CA VAL B 593 -104.63 23.50 61.73
C VAL B 593 -105.63 23.17 60.61
N ALA B 594 -105.21 22.48 59.54
CA ALA B 594 -106.12 22.02 58.47
C ALA B 594 -105.34 21.07 57.56
N ARG B 595 -106.00 20.01 57.09
CA ARG B 595 -105.33 19.02 56.20
C ARG B 595 -106.39 18.24 55.43
N GLY B 596 -105.94 17.55 54.39
CA GLY B 596 -106.81 16.77 53.48
C GLY B 596 -107.07 17.51 52.18
N GLY B 597 -107.16 16.74 51.09
CA GLY B 597 -107.40 17.28 49.73
C GLY B 597 -108.76 17.94 49.61
N SER B 598 -109.72 17.55 50.45
CA SER B 598 -111.09 18.12 50.40
C SER B 598 -111.12 19.50 51.05
N LEU B 599 -110.07 19.88 51.81
CA LEU B 599 -110.05 21.17 52.55
C LEU B 599 -109.02 22.12 51.94
N VAL B 600 -107.77 21.69 51.78
CA VAL B 600 -106.68 22.58 51.31
C VAL B 600 -105.98 21.89 50.14
N PRO B 601 -106.63 21.78 48.96
CA PRO B 601 -106.04 21.01 47.86
C PRO B 601 -104.69 21.55 47.35
N HIS B 602 -104.49 22.87 47.33
CA HIS B 602 -103.24 23.45 46.77
C HIS B 602 -103.05 24.87 47.31
N PRO B 603 -102.75 25.04 48.61
CA PRO B 603 -102.48 26.37 49.15
C PRO B 603 -101.15 26.93 48.63
N PHE B 604 -101.14 28.23 48.32
CA PHE B 604 -99.91 28.90 47.84
C PHE B 604 -99.47 29.97 48.83
N GLY B 605 -100.30 31.00 49.06
CA GLY B 605 -99.97 32.12 49.95
C GLY B 605 -100.67 31.97 51.29
N ILE B 606 -100.13 32.59 52.35
CA ILE B 606 -100.83 32.58 53.67
C ILE B 606 -100.50 33.87 54.42
N SER B 607 -101.43 34.34 55.25
CA SER B 607 -101.25 35.47 56.18
C SER B 607 -102.18 35.28 57.38
N LEU B 608 -101.98 35.96 58.50
CA LEU B 608 -102.94 35.79 59.62
C LEU B 608 -103.14 37.09 60.38
N PHE B 609 -104.31 37.23 61.02
CA PHE B 609 -104.64 38.36 61.89
C PHE B 609 -105.68 37.93 62.91
N GLU B 610 -105.56 38.44 64.15
CA GLU B 610 -106.33 38.02 65.34
C GLU B 610 -106.36 36.51 65.49
N GLU B 611 -107.51 35.83 65.34
CA GLU B 611 -107.60 34.35 65.38
C GLU B 611 -107.72 33.69 64.00
N HIS B 612 -107.64 34.44 62.88
CA HIS B 612 -107.84 33.85 61.53
C HIS B 612 -106.55 33.80 60.72
N VAL B 613 -106.47 32.72 59.95
CA VAL B 613 -105.45 32.50 58.89
C VAL B 613 -106.15 32.68 57.55
N PHE B 614 -105.59 33.53 56.70
CA PHE B 614 -106.10 33.76 55.34
C PHE B 614 -105.11 33.14 54.36
N PHE B 615 -105.53 32.18 53.54
CA PHE B 615 -104.61 31.57 52.56
C PHE B 615 -105.29 31.54 51.19
N THR B 616 -104.48 31.57 50.14
CA THR B 616 -104.99 31.41 48.75
C THR B 616 -104.68 29.99 48.29
N ASP B 617 -105.59 29.45 47.48
CA ASP B 617 -105.44 28.08 46.94
C ASP B 617 -105.62 28.13 45.43
N TRP B 618 -104.74 27.42 44.71
CA TRP B 618 -104.75 27.40 43.24
C TRP B 618 -105.86 26.48 42.70
N THR B 619 -106.35 25.54 43.51
CA THR B 619 -107.37 24.57 43.05
C THR B 619 -108.79 25.10 43.21
N LYS B 620 -109.16 25.60 44.40
CA LYS B 620 -110.49 26.23 44.59
C LYS B 620 -110.49 27.65 44.01
N MET B 621 -109.31 28.19 43.67
CA MET B 621 -109.17 29.50 42.99
C MET B 621 -109.83 30.59 43.82
N ALA B 622 -109.58 30.60 45.13
CA ALA B 622 -110.19 31.59 46.03
C ALA B 622 -109.28 31.83 47.23
N VAL B 623 -109.43 33.00 47.83
CA VAL B 623 -108.84 33.29 49.16
C VAL B 623 -109.74 32.64 50.23
N MET B 624 -109.15 31.99 51.22
CA MET B 624 -109.92 31.21 52.22
C MET B 624 -109.74 31.83 53.60
N LYS B 625 -110.72 31.66 54.49
CA LYS B 625 -110.57 32.02 55.91
C LYS B 625 -110.64 30.76 56.77
N ALA B 626 -109.71 30.63 57.73
CA ALA B 626 -109.65 29.45 58.62
C ALA B 626 -109.28 29.93 60.03
N SER B 627 -109.72 29.20 61.06
CA SER B 627 -109.27 29.44 62.46
C SER B 627 -107.78 29.12 62.57
N LYS B 628 -106.99 29.95 63.28
CA LYS B 628 -105.55 29.72 63.51
C LYS B 628 -105.24 28.46 64.37
N PHE B 629 -106.25 27.83 64.97
CA PHE B 629 -106.08 26.64 65.81
C PHE B 629 -106.49 25.36 65.07
N THR B 630 -107.75 25.26 64.67
CA THR B 630 -108.28 24.03 64.01
C THR B 630 -109.50 24.40 63.17
N GLU B 631 -109.45 24.06 61.88
CA GLU B 631 -110.56 24.42 60.97
C GLU B 631 -111.14 23.13 60.37
N THR B 632 -112.44 22.89 60.59
CA THR B 632 -113.12 21.69 60.04
C THR B 632 -113.41 21.90 58.55
N ASN B 633 -113.73 23.15 58.16
CA ASN B 633 -114.10 23.48 56.76
C ASN B 633 -113.82 24.95 56.52
N PRO B 634 -112.68 25.31 55.88
CA PRO B 634 -112.37 26.72 55.62
C PRO B 634 -113.45 27.41 54.77
N GLN B 635 -113.80 28.64 55.20
CA GLN B 635 -114.84 29.43 54.49
C GLN B 635 -114.20 30.13 53.30
N VAL B 636 -115.02 30.39 52.28
CA VAL B 636 -114.54 31.07 51.04
C VAL B 636 -114.45 32.58 51.31
N TYR B 637 -113.66 33.27 50.49
CA TYR B 637 -113.45 34.73 50.58
C TYR B 637 -112.99 35.21 49.20
N HIS B 638 -113.89 35.88 48.48
CA HIS B 638 -113.60 36.43 47.12
C HIS B 638 -113.15 35.32 46.18
N GLN B 639 -114.07 34.41 45.82
CA GLN B 639 -113.79 33.36 44.82
C GLN B 639 -113.41 34.04 43.50
N SER B 640 -112.32 33.58 42.88
CA SER B 640 -111.75 34.21 41.67
C SER B 640 -111.73 33.22 40.50
N SER B 641 -111.59 33.74 39.28
CA SER B 641 -111.54 32.92 38.04
C SER B 641 -110.09 32.57 37.69
N LEU B 642 -109.09 33.05 38.46
CA LEU B 642 -107.67 32.71 38.18
C LEU B 642 -107.00 32.17 39.45
N ARG B 643 -105.73 31.80 39.33
CA ARG B 643 -104.93 31.30 40.48
C ARG B 643 -104.61 32.49 41.39
N PRO B 644 -105.14 32.57 42.61
CA PRO B 644 -104.78 33.65 43.52
C PRO B 644 -103.36 33.42 44.06
N HIS B 645 -102.48 34.40 43.83
CA HIS B 645 -101.02 34.18 44.00
C HIS B 645 -100.49 34.74 45.32
N GLY B 646 -101.18 35.70 45.94
CA GLY B 646 -100.64 36.39 47.14
C GLY B 646 -101.71 36.92 48.05
N VAL B 647 -101.47 36.93 49.37
CA VAL B 647 -102.43 37.52 50.34
C VAL B 647 -101.64 38.02 51.56
N THR B 648 -102.06 39.15 52.13
CA THR B 648 -101.43 39.67 53.37
C THR B 648 -102.43 40.59 54.08
N VAL B 649 -102.50 40.52 55.41
CA VAL B 649 -103.41 41.44 56.13
C VAL B 649 -102.69 42.76 56.38
N TYR B 650 -103.35 43.88 56.05
CA TYR B 650 -102.81 45.24 56.24
C TYR B 650 -103.38 45.80 57.54
N HIS B 651 -102.56 45.86 58.59
CA HIS B 651 -103.00 46.46 59.88
C HIS B 651 -101.77 46.91 60.65
N ALA B 652 -101.96 47.85 61.59
CA ALA B 652 -100.85 48.42 62.37
C ALA B 652 -100.25 47.35 63.31
N LEU B 653 -101.09 46.54 63.98
CA LEU B 653 -100.61 45.51 64.93
C LEU B 653 -99.85 44.40 64.22
N ARG B 654 -100.03 44.29 62.90
CA ARG B 654 -99.31 43.32 62.05
C ARG B 654 -97.86 43.77 61.85
N GLN B 655 -97.49 44.99 62.28
CA GLN B 655 -96.09 45.46 62.19
C GLN B 655 -95.77 46.13 63.52
N PRO B 656 -95.36 45.35 64.53
CA PRO B 656 -95.02 45.91 65.82
C PRO B 656 -93.84 46.88 65.73
N ASN B 657 -93.59 47.55 66.87
CA ASN B 657 -92.80 48.80 66.94
C ASN B 657 -91.56 48.56 67.79
N ALA B 658 -90.37 48.83 67.24
CA ALA B 658 -89.09 48.53 67.92
C ALA B 658 -87.99 49.45 67.42
N THR B 659 -86.87 49.50 68.15
CA THR B 659 -85.73 50.38 67.86
C THR B 659 -84.74 49.65 66.96
N ASN B 660 -84.40 50.24 65.81
CA ASN B 660 -83.44 49.63 64.87
C ASN B 660 -82.01 50.00 65.30
N PRO B 661 -81.11 49.03 65.52
CA PRO B 661 -79.71 49.35 65.81
C PRO B 661 -79.04 50.18 64.71
N CYS B 662 -79.46 50.02 63.45
CA CYS B 662 -78.86 50.72 62.30
C CYS B 662 -79.28 52.19 62.27
N GLY B 663 -80.23 52.62 63.12
CA GLY B 663 -80.68 54.03 63.19
C GLY B 663 -79.57 54.98 63.60
N SER B 664 -78.59 54.49 64.38
CA SER B 664 -77.47 55.31 64.89
C SER B 664 -76.44 55.47 63.78
N ASN B 665 -76.57 56.55 62.99
CA ASN B 665 -75.62 56.92 61.91
C ASN B 665 -75.27 55.69 61.07
N ASN B 666 -76.30 54.96 60.64
CA ASN B 666 -76.17 53.80 59.72
C ASN B 666 -75.33 52.70 60.37
N GLY B 667 -75.28 52.67 61.72
CA GLY B 667 -74.53 51.67 62.48
C GLY B 667 -73.03 51.73 62.20
N GLY B 668 -72.57 52.85 61.62
CA GLY B 668 -71.14 53.04 61.28
C GLY B 668 -70.73 52.29 60.02
N CYS B 669 -71.67 51.60 59.36
CA CYS B 669 -71.36 50.83 58.13
C CYS B 669 -71.10 51.79 56.97
N ALA B 670 -70.10 51.50 56.15
CA ALA B 670 -69.72 52.35 55.00
C ALA B 670 -70.86 52.39 53.98
N GLN B 671 -71.45 51.24 53.62
CA GLN B 671 -72.41 51.21 52.50
C GLN B 671 -73.79 50.77 52.98
N VAL B 672 -73.90 49.56 53.55
CA VAL B 672 -75.22 48.96 53.87
C VAL B 672 -75.19 48.47 55.32
N CYS B 673 -76.29 48.69 56.05
CA CYS B 673 -76.47 48.18 57.42
C CYS B 673 -77.65 47.20 57.40
N VAL B 674 -77.40 45.93 57.72
CA VAL B 674 -78.44 44.87 57.67
C VAL B 674 -78.61 44.31 59.07
N LEU B 675 -79.86 44.14 59.51
CA LEU B 675 -80.17 43.64 60.88
C LEU B 675 -79.68 42.20 61.04
N SER B 676 -79.64 41.75 62.28
CA SER B 676 -79.34 40.34 62.59
C SER B 676 -80.16 39.91 63.81
N HIS B 677 -79.82 38.76 64.42
CA HIS B 677 -80.43 38.42 65.72
C HIS B 677 -79.95 39.43 66.77
N ARG B 678 -80.82 39.82 67.72
CA ARG B 678 -80.52 40.88 68.72
C ARG B 678 -79.29 40.53 69.54
N THR B 679 -79.01 39.25 69.77
CA THR B 679 -77.82 38.83 70.56
C THR B 679 -76.55 38.87 69.71
N ASP B 680 -76.68 38.93 68.38
CA ASP B 680 -75.51 38.75 67.49
C ASP B 680 -74.60 39.98 67.51
N ASN B 681 -73.35 39.81 67.05
CA ASN B 681 -72.36 40.91 66.95
C ASN B 681 -72.12 41.47 68.37
N GLY B 682 -72.09 40.59 69.37
CA GLY B 682 -71.89 40.96 70.78
C GLY B 682 -73.00 41.85 71.33
N GLY B 683 -74.23 41.67 70.85
CA GLY B 683 -75.43 42.37 71.34
C GLY B 683 -75.76 43.61 70.52
N LEU B 684 -74.96 43.95 69.49
CA LEU B 684 -75.30 45.11 68.62
C LEU B 684 -76.55 44.77 67.81
N GLY B 685 -76.67 43.53 67.31
CA GLY B 685 -77.85 43.09 66.55
C GLY B 685 -77.83 43.54 65.10
N TYR B 686 -76.65 43.79 64.53
CA TYR B 686 -76.53 44.12 63.10
C TYR B 686 -75.13 43.75 62.63
N ARG B 687 -75.00 43.57 61.31
CA ARG B 687 -73.69 43.42 60.65
C ARG B 687 -73.67 44.35 59.45
N CYS B 688 -72.48 44.82 59.09
CA CYS B 688 -72.30 45.65 57.88
C CYS B 688 -72.22 44.75 56.66
N LYS B 689 -72.92 45.15 55.59
CA LYS B 689 -72.86 44.42 54.30
C LYS B 689 -72.32 45.36 53.23
N CYS B 690 -71.91 44.79 52.10
CA CYS B 690 -71.21 45.53 51.03
C CYS B 690 -71.97 45.35 49.72
N GLU B 691 -71.98 46.40 48.90
CA GLU B 691 -72.65 46.33 47.57
C GLU B 691 -71.83 45.42 46.65
N PHE B 692 -72.35 45.17 45.46
CA PHE B 692 -71.79 44.17 44.52
C PHE B 692 -70.35 44.52 44.15
N GLY B 693 -70.07 45.79 43.84
CA GLY B 693 -68.75 46.21 43.31
C GLY B 693 -67.65 46.24 44.35
N PHE B 694 -67.95 45.98 45.63
CA PHE B 694 -66.96 46.15 46.72
C PHE B 694 -67.03 44.96 47.67
N GLU B 695 -66.01 44.86 48.55
CA GLU B 695 -65.92 43.79 49.57
C GLU B 695 -65.65 44.42 50.94
N LEU B 696 -65.98 43.67 51.99
CA LEU B 696 -65.85 44.16 53.39
C LEU B 696 -64.40 43.97 53.83
N ASP B 697 -63.82 44.99 54.46
CA ASP B 697 -62.40 44.99 54.87
C ASP B 697 -62.23 44.23 56.19
N ASP B 698 -61.03 44.28 56.76
CA ASP B 698 -60.70 43.55 58.02
C ASP B 698 -61.53 44.11 59.17
N ASP B 699 -61.70 45.44 59.22
CA ASP B 699 -62.43 46.09 60.34
C ASP B 699 -63.93 45.85 60.22
N GLU B 700 -64.38 45.09 59.20
CA GLU B 700 -65.80 44.78 58.91
C GLU B 700 -66.66 46.06 59.00
N HIS B 701 -66.07 47.20 58.63
CA HIS B 701 -66.82 48.48 58.60
C HIS B 701 -66.60 49.19 57.26
N ARG B 702 -65.38 49.13 56.73
CA ARG B 702 -65.04 49.85 55.48
C ARG B 702 -65.19 48.90 54.29
N CYS B 703 -65.74 49.41 53.19
CA CYS B 703 -65.92 48.62 51.95
C CYS B 703 -64.85 49.03 50.93
N VAL B 704 -64.13 48.04 50.40
CA VAL B 704 -63.09 48.31 49.36
C VAL B 704 -63.48 47.53 48.11
N ALA B 705 -63.04 48.03 46.94
CA ALA B 705 -63.40 47.44 45.64
C ALA B 705 -62.82 46.03 45.56
N VAL B 706 -63.64 45.08 45.11
CA VAL B 706 -63.19 43.68 44.91
C VAL B 706 -62.17 43.64 43.78
N LYS B 707 -61.20 42.74 43.89
CA LYS B 707 -60.07 42.67 42.93
C LYS B 707 -60.18 41.40 42.10
N ASN B 708 -60.68 40.29 42.66
CA ASN B 708 -60.73 39.03 41.88
C ASN B 708 -61.91 38.18 42.32
N PHE B 709 -62.57 37.53 41.35
CA PHE B 709 -63.62 36.54 41.61
C PHE B 709 -63.76 35.66 40.37
N LEU B 710 -64.37 34.49 40.53
CA LEU B 710 -64.48 33.50 39.44
C LEU B 710 -65.75 33.81 38.63
N LEU B 711 -65.55 34.27 37.40
CA LEU B 711 -66.68 34.60 36.50
C LEU B 711 -66.96 33.40 35.60
N PHE B 712 -68.22 32.99 35.51
CA PHE B 712 -68.64 31.85 34.68
C PHE B 712 -70.03 32.03 34.05
N SER B 713 -70.31 31.32 32.95
CA SER B 713 -71.55 31.45 32.14
C SER B 713 -72.43 30.20 32.21
N SER B 714 -73.47 30.11 31.37
CA SER B 714 -74.49 29.06 31.45
C SER B 714 -75.45 29.15 30.28
N LYS B 715 -76.41 28.22 30.14
CA LYS B 715 -77.67 28.55 29.45
C LYS B 715 -78.37 29.71 30.17
N THR B 716 -78.52 29.56 31.49
CA THR B 716 -79.41 30.39 32.34
C THR B 716 -78.94 31.83 32.43
N ALA B 717 -77.71 32.04 32.91
CA ALA B 717 -77.21 33.34 33.37
C ALA B 717 -75.68 33.31 33.47
N VAL B 718 -75.08 34.50 33.56
CA VAL B 718 -73.64 34.66 33.82
C VAL B 718 -73.49 35.11 35.26
N ARG B 719 -72.67 34.41 36.04
CA ARG B 719 -72.53 34.66 37.48
C ARG B 719 -71.07 34.85 37.85
N GLY B 720 -70.86 35.58 38.94
CA GLY B 720 -69.53 35.76 39.54
C GLY B 720 -69.53 35.29 40.97
N ILE B 721 -68.67 34.33 41.33
CA ILE B 721 -68.69 33.72 42.68
C ILE B 721 -67.31 33.88 43.30
N PRO B 722 -67.19 33.93 44.63
CA PRO B 722 -65.88 34.04 45.28
C PRO B 722 -65.02 32.79 45.00
N PHE B 723 -63.70 32.99 44.92
CA PHE B 723 -62.74 31.89 44.71
C PHE B 723 -62.73 30.94 45.92
N THR B 724 -62.87 31.48 47.13
CA THR B 724 -62.93 30.64 48.36
C THR B 724 -64.34 30.06 48.48
N LEU B 725 -64.44 28.83 49.01
CA LEU B 725 -65.75 28.18 49.21
C LEU B 725 -66.33 28.54 50.59
N SER B 726 -65.60 29.26 51.46
CA SER B 726 -66.12 29.70 52.77
C SER B 726 -67.47 30.42 52.63
N THR B 727 -67.57 31.34 51.67
CA THR B 727 -68.85 32.04 51.35
C THR B 727 -69.20 31.77 49.89
N GLN B 728 -70.46 31.44 49.64
CA GLN B 728 -70.93 31.08 48.27
C GLN B 728 -71.93 32.13 47.78
N GLU B 729 -71.73 33.40 48.19
CA GLU B 729 -72.64 34.49 47.78
C GLU B 729 -72.06 35.19 46.55
N ASP B 730 -72.90 35.41 45.54
CA ASP B 730 -72.47 36.03 44.26
C ASP B 730 -71.86 37.40 44.53
N VAL B 731 -70.74 37.68 43.88
CA VAL B 731 -70.00 38.96 44.08
C VAL B 731 -70.55 40.00 43.12
N MET B 732 -70.96 39.59 41.92
CA MET B 732 -71.57 40.54 40.95
C MET B 732 -73.01 40.10 40.70
N VAL B 733 -73.87 41.07 40.39
CA VAL B 733 -75.30 40.79 40.12
C VAL B 733 -75.38 39.91 38.87
N PRO B 734 -76.10 38.79 38.92
CA PRO B 734 -76.17 37.90 37.76
C PRO B 734 -76.73 38.58 36.52
N VAL B 735 -76.16 38.29 35.36
CA VAL B 735 -76.68 38.79 34.07
C VAL B 735 -77.63 37.74 33.49
N THR B 736 -78.87 38.14 33.23
CA THR B 736 -79.91 37.15 32.86
C THR B 736 -80.89 37.78 31.88
N GLY B 737 -81.44 36.94 31.00
CA GLY B 737 -82.58 37.29 30.13
C GLY B 737 -83.51 36.10 29.99
N SER B 738 -84.76 36.34 29.58
CA SER B 738 -85.76 35.24 29.44
C SER B 738 -85.40 34.38 28.22
N PRO B 739 -85.23 34.92 27.01
CA PRO B 739 -84.54 34.17 25.95
C PRO B 739 -83.03 34.38 26.06
N SER B 740 -82.32 33.36 26.52
CA SER B 740 -80.88 33.51 26.85
C SER B 740 -80.14 32.20 26.60
N PHE B 741 -78.87 32.24 26.16
CA PHE B 741 -77.92 31.10 26.17
C PHE B 741 -76.48 31.63 26.15
N PHE B 742 -75.85 31.82 27.31
CA PHE B 742 -74.61 32.62 27.41
C PHE B 742 -73.33 31.78 27.29
N VAL B 743 -72.53 31.97 26.23
CA VAL B 743 -71.41 31.04 25.93
C VAL B 743 -70.03 31.67 25.93
N GLY B 744 -69.86 32.92 25.46
CA GLY B 744 -68.59 33.64 25.57
C GLY B 744 -68.64 34.67 26.69
N ILE B 745 -67.52 34.84 27.40
CA ILE B 745 -67.44 35.83 28.51
C ILE B 745 -66.00 36.33 28.61
N ASP B 746 -65.87 37.60 29.00
CA ASP B 746 -64.57 38.20 29.37
C ASP B 746 -64.84 39.53 30.06
N PHE B 747 -63.83 40.07 30.72
CA PHE B 747 -64.03 41.19 31.66
C PHE B 747 -63.08 42.34 31.31
N ASP B 748 -63.41 43.52 31.82
CA ASP B 748 -62.58 44.74 31.67
C ASP B 748 -62.50 45.40 33.04
N ALA B 749 -61.47 45.06 33.81
CA ALA B 749 -61.34 45.48 35.22
C ALA B 749 -61.14 47.00 35.35
N GLN B 750 -60.73 47.68 34.28
CA GLN B 750 -60.48 49.15 34.34
C GLN B 750 -61.82 49.85 34.57
N HIS B 751 -62.83 49.52 33.77
CA HIS B 751 -64.17 50.16 33.89
C HIS B 751 -65.12 49.24 34.66
N SER B 752 -64.63 48.10 35.17
CA SER B 752 -65.45 47.14 35.97
C SER B 752 -66.67 46.70 35.17
N THR B 753 -66.45 46.35 33.91
CA THR B 753 -67.53 45.86 33.00
C THR B 753 -67.21 44.43 32.59
N VAL B 754 -68.24 43.69 32.20
CA VAL B 754 -68.11 42.28 31.76
C VAL B 754 -68.72 42.16 30.37
N PHE B 755 -67.95 41.61 29.43
CA PHE B 755 -68.44 41.30 28.08
C PHE B 755 -69.00 39.89 28.06
N TYR B 756 -70.06 39.69 27.28
CA TYR B 756 -70.64 38.35 27.07
C TYR B 756 -71.40 38.35 25.76
N SER B 757 -71.63 37.14 25.25
CA SER B 757 -72.41 36.89 24.02
C SER B 757 -73.61 36.03 24.38
N ASP B 758 -74.78 36.42 23.87
CA ASP B 758 -76.01 35.63 24.07
C ASP B 758 -76.30 34.88 22.76
N LEU B 759 -76.08 33.57 22.75
CA LEU B 759 -76.19 32.75 21.54
C LEU B 759 -77.65 32.59 21.11
N SER B 760 -78.62 32.99 21.95
CA SER B 760 -80.05 32.97 21.54
C SER B 760 -80.40 34.25 20.76
N LYS B 761 -79.75 35.38 21.08
CA LYS B 761 -80.06 36.67 20.42
C LYS B 761 -78.98 37.02 19.38
N ASP B 762 -77.81 36.37 19.43
CA ASP B 762 -76.66 36.67 18.54
C ASP B 762 -76.24 38.14 18.75
N ILE B 763 -76.15 38.57 20.01
CA ILE B 763 -75.72 39.95 20.35
C ILE B 763 -74.61 39.86 21.41
N ILE B 764 -73.59 40.69 21.24
CA ILE B 764 -72.50 40.80 22.25
C ILE B 764 -72.75 42.05 23.07
N TYR B 765 -72.84 41.87 24.39
CA TYR B 765 -73.16 42.95 25.33
C TYR B 765 -71.95 43.27 26.19
N LYS B 766 -71.97 44.45 26.82
CA LYS B 766 -71.08 44.74 27.96
C LYS B 766 -71.93 45.30 29.08
N GLN B 767 -71.67 44.84 30.30
CA GLN B 767 -72.47 45.24 31.47
C GLN B 767 -71.53 45.45 32.66
N LYS B 768 -71.83 46.47 33.45
CA LYS B 768 -71.03 46.80 34.64
C LYS B 768 -71.25 45.71 35.70
N ILE B 769 -70.36 45.66 36.69
CA ILE B 769 -70.40 44.59 37.72
C ILE B 769 -71.72 44.71 38.51
N ASP B 770 -72.08 45.93 38.89
CA ASP B 770 -73.31 46.17 39.69
C ASP B 770 -74.55 46.09 38.80
N GLY B 771 -74.40 46.01 37.48
CA GLY B 771 -75.52 45.80 36.53
C GLY B 771 -76.26 47.08 36.18
N THR B 772 -75.74 48.26 36.54
CA THR B 772 -76.45 49.54 36.31
C THR B 772 -76.53 49.83 34.81
N GLY B 773 -75.43 49.62 34.09
CA GLY B 773 -75.29 50.03 32.68
C GLY B 773 -75.09 48.85 31.77
N LYS B 774 -76.04 48.58 30.85
CA LYS B 774 -75.87 47.50 29.85
C LYS B 774 -76.05 48.10 28.46
N GLU B 775 -75.09 47.81 27.57
CA GLU B 775 -75.12 48.29 26.18
C GLU B 775 -74.75 47.12 25.28
N VAL B 776 -74.94 47.27 23.97
CA VAL B 776 -74.51 46.25 22.98
C VAL B 776 -73.15 46.69 22.42
N ILE B 777 -72.26 45.73 22.24
CA ILE B 777 -70.96 45.96 21.55
C ILE B 777 -71.21 45.89 20.05
N THR B 778 -71.81 44.79 19.59
CA THR B 778 -72.22 44.64 18.17
C THR B 778 -73.27 43.54 18.10
N ALA B 779 -74.11 43.60 17.07
CA ALA B 779 -75.18 42.60 16.84
C ALA B 779 -75.31 42.29 15.35
N ASN B 780 -74.31 42.67 14.54
CA ASN B 780 -74.39 42.55 13.07
C ASN B 780 -73.58 41.34 12.63
N ARG B 781 -74.15 40.51 11.74
CA ARG B 781 -73.46 39.37 11.06
C ARG B 781 -72.75 38.48 12.10
N LEU B 782 -73.48 38.00 13.11
CA LEU B 782 -72.97 36.97 14.06
C LEU B 782 -73.81 35.70 13.90
N GLU B 783 -73.15 34.54 13.86
CA GLU B 783 -73.85 33.25 13.67
C GLU B 783 -73.77 32.43 14.96
N SER B 784 -72.56 32.16 15.45
CA SER B 784 -72.36 31.48 16.74
C SER B 784 -71.04 31.94 17.35
N VAL B 785 -71.10 32.94 18.22
CA VAL B 785 -69.88 33.47 18.89
C VAL B 785 -69.53 32.53 20.02
N GLU B 786 -68.57 31.63 19.78
CA GLU B 786 -68.18 30.57 20.72
C GLU B 786 -67.43 31.10 21.94
N CYS B 787 -66.52 32.06 21.79
CA CYS B 787 -65.68 32.55 22.91
C CYS B 787 -65.28 34.00 22.67
N LEU B 788 -65.37 34.82 23.73
CA LEU B 788 -64.83 36.20 23.73
C LEU B 788 -63.44 36.19 24.35
N THR B 789 -62.62 37.17 23.99
CA THR B 789 -61.38 37.50 24.72
C THR B 789 -61.10 38.98 24.52
N PHE B 790 -60.53 39.60 25.54
CA PHE B 790 -60.36 41.08 25.56
C PHE B 790 -58.88 41.40 25.79
N ASP B 791 -58.32 42.22 24.89
CA ASP B 791 -56.94 42.73 25.03
C ASP B 791 -57.03 43.98 25.90
N TRP B 792 -56.72 43.85 27.18
CA TRP B 792 -56.98 44.95 28.16
C TRP B 792 -56.06 46.15 27.90
N ILE B 793 -54.96 46.00 27.17
CA ILE B 793 -54.02 47.13 26.95
C ILE B 793 -54.46 47.92 25.73
N SER B 794 -54.64 47.26 24.59
CA SER B 794 -55.00 47.94 23.33
C SER B 794 -56.51 48.09 23.20
N ARG B 795 -57.30 47.46 24.09
CA ARG B 795 -58.78 47.56 24.10
C ARG B 795 -59.35 47.03 22.78
N ASN B 796 -58.88 45.87 22.35
CA ASN B 796 -59.45 45.17 21.17
C ASN B 796 -60.17 43.91 21.66
N LEU B 797 -61.42 43.73 21.22
CA LEU B 797 -62.23 42.55 21.60
C LEU B 797 -62.21 41.55 20.45
N TYR B 798 -61.75 40.33 20.73
CA TYR B 798 -61.69 39.24 19.72
C TYR B 798 -62.79 38.23 20.02
N TRP B 799 -63.29 37.57 18.97
CA TRP B 799 -64.26 36.46 19.16
C TRP B 799 -64.18 35.50 17.98
N THR B 800 -64.38 34.22 18.27
CA THR B 800 -64.47 33.17 17.23
C THR B 800 -65.93 32.98 16.85
N ASP B 801 -66.17 32.75 15.56
CA ASP B 801 -67.53 32.53 15.05
C ASP B 801 -67.57 31.12 14.44
N GLY B 802 -68.32 30.21 15.08
CA GLY B 802 -68.46 28.82 14.61
C GLY B 802 -69.24 28.73 13.31
N GLY B 803 -70.17 29.67 13.06
CA GLY B 803 -71.02 29.66 11.86
C GLY B 803 -70.27 30.20 10.66
N LEU B 804 -69.62 31.36 10.82
CA LEU B 804 -68.81 31.98 9.73
C LEU B 804 -67.45 31.30 9.60
N LYS B 805 -67.07 30.46 10.59
CA LYS B 805 -65.76 29.75 10.59
C LYS B 805 -64.64 30.80 10.48
N SER B 806 -64.70 31.83 11.32
CA SER B 806 -63.73 32.95 11.29
C SER B 806 -63.64 33.58 12.68
N VAL B 807 -62.61 34.40 12.87
CA VAL B 807 -62.40 35.15 14.14
C VAL B 807 -62.37 36.63 13.77
N THR B 808 -62.96 37.46 14.61
CA THR B 808 -63.14 38.90 14.33
C THR B 808 -62.56 39.71 15.48
N VAL B 809 -61.92 40.83 15.15
CA VAL B 809 -61.38 41.78 16.16
C VAL B 809 -62.18 43.07 16.04
N LEU B 810 -62.53 43.66 17.19
CA LEU B 810 -63.31 44.92 17.24
C LEU B 810 -62.67 45.83 18.27
N ARG B 811 -62.52 47.10 17.91
CA ARG B 811 -61.98 48.13 18.82
C ARG B 811 -63.15 48.78 19.56
N LEU B 812 -62.95 49.10 20.84
CA LEU B 812 -64.04 49.65 21.67
C LEU B 812 -64.11 51.17 21.55
N ALA B 813 -62.97 51.86 21.44
CA ALA B 813 -62.94 53.34 21.38
C ALA B 813 -63.72 53.83 20.15
N ASP B 814 -63.48 53.20 19.00
CA ASP B 814 -64.33 53.39 17.80
C ASP B 814 -64.66 52.01 17.25
N LYS B 815 -65.87 51.83 16.73
CA LYS B 815 -66.39 50.49 16.37
C LYS B 815 -65.79 50.04 15.05
N SER B 816 -64.46 50.05 14.93
CA SER B 816 -63.77 49.43 13.77
C SER B 816 -63.82 47.90 13.92
N ARG B 817 -64.13 47.21 12.83
CA ARG B 817 -64.29 45.73 12.86
C ARG B 817 -63.53 45.15 11.68
N ARG B 818 -62.82 44.05 11.91
CA ARG B 818 -62.03 43.38 10.85
C ARG B 818 -62.04 41.88 11.09
N GLN B 819 -62.27 41.09 10.04
CA GLN B 819 -62.23 39.61 10.13
C GLN B 819 -60.80 39.18 9.81
N ILE B 820 -59.96 39.07 10.83
CA ILE B 820 -58.50 38.85 10.65
C ILE B 820 -58.22 37.43 10.15
N ILE B 821 -58.89 36.42 10.71
CA ILE B 821 -58.69 35.00 10.33
C ILE B 821 -59.99 34.45 9.77
N SER B 822 -59.91 33.68 8.69
CA SER B 822 -61.09 33.14 8.00
C SER B 822 -60.80 31.71 7.54
N ASN B 823 -61.83 31.05 6.96
CA ASN B 823 -61.70 29.73 6.30
C ASN B 823 -61.23 28.66 7.30
N LEU B 824 -61.65 28.77 8.56
CA LEU B 824 -61.39 27.71 9.56
C LEU B 824 -62.47 26.63 9.43
N ASN B 825 -62.44 25.63 10.30
CA ASN B 825 -63.43 24.52 10.26
C ASN B 825 -64.29 24.57 11.52
N ASN B 826 -63.67 24.48 12.71
CA ASN B 826 -64.42 24.48 14.00
C ASN B 826 -63.62 25.27 15.02
N PRO B 827 -63.52 26.60 14.90
CA PRO B 827 -62.84 27.39 15.91
C PRO B 827 -63.72 27.49 17.16
N ARG B 828 -63.15 27.12 18.32
CA ARG B 828 -63.93 27.18 19.57
C ARG B 828 -63.34 28.24 20.49
N SER B 829 -62.12 28.02 20.97
CA SER B 829 -61.56 28.84 22.07
C SER B 829 -60.47 29.77 21.53
N ILE B 830 -60.44 31.00 22.02
CA ILE B 830 -59.44 32.01 21.61
C ILE B 830 -58.94 32.73 22.84
N VAL B 831 -57.62 32.86 22.95
CA VAL B 831 -56.98 33.61 24.07
C VAL B 831 -55.92 34.52 23.45
N VAL B 832 -55.86 35.75 23.94
CA VAL B 832 -54.91 36.76 23.42
C VAL B 832 -53.93 37.11 24.53
N HIS B 833 -52.67 37.26 24.17
CA HIS B 833 -51.60 37.63 25.11
C HIS B 833 -51.08 39.01 24.73
N PRO B 834 -51.53 40.08 25.40
CA PRO B 834 -51.15 41.43 24.98
C PRO B 834 -49.64 41.71 25.08
N THR B 835 -49.04 41.48 26.25
CA THR B 835 -47.60 41.78 26.46
C THR B 835 -46.73 40.90 25.53
N ALA B 836 -47.05 39.60 25.43
CA ALA B 836 -46.28 38.69 24.57
C ALA B 836 -46.56 38.99 23.09
N GLY B 837 -47.80 39.35 22.75
CA GLY B 837 -48.16 39.73 21.36
C GLY B 837 -48.85 38.59 20.60
N TYR B 838 -48.91 37.38 21.17
CA TYR B 838 -49.52 36.24 20.44
C TYR B 838 -50.99 36.12 20.78
N MET B 839 -51.75 35.57 19.84
CA MET B 839 -53.14 35.11 20.04
C MET B 839 -53.15 33.59 19.84
N PHE B 840 -53.96 32.88 20.62
CA PHE B 840 -53.99 31.41 20.60
C PHE B 840 -55.40 30.95 20.29
N LEU B 841 -55.49 29.92 19.46
CA LEU B 841 -56.80 29.44 18.93
C LEU B 841 -56.79 27.91 18.90
N SER B 842 -57.97 27.33 19.05
CA SER B 842 -58.16 25.87 19.01
C SER B 842 -59.22 25.55 17.96
N ASP B 843 -58.93 24.53 17.14
CA ASP B 843 -59.90 23.97 16.18
C ASP B 843 -60.09 22.49 16.51
N TRP B 844 -61.34 22.05 16.62
CA TRP B 844 -61.64 20.67 17.06
C TRP B 844 -62.16 19.83 15.91
N PHE B 845 -61.90 20.21 14.66
CA PHE B 845 -62.24 19.34 13.50
C PHE B 845 -61.36 18.08 13.56
N ARG B 846 -61.60 17.14 12.65
CA ARG B 846 -60.91 15.82 12.65
C ARG B 846 -59.39 16.02 12.75
N PRO B 847 -58.70 16.78 11.87
CA PRO B 847 -57.28 17.08 12.11
C PRO B 847 -57.15 18.25 13.09
N ALA B 848 -57.53 18.02 14.36
CA ALA B 848 -57.59 19.06 15.40
C ALA B 848 -56.19 19.64 15.65
N LYS B 849 -56.13 20.95 15.87
CA LYS B 849 -54.84 21.60 16.19
C LYS B 849 -55.09 22.84 17.04
N ILE B 850 -54.05 23.26 17.76
CA ILE B 850 -54.03 24.56 18.48
C ILE B 850 -53.07 25.47 17.75
N MET B 851 -53.58 26.61 17.28
CA MET B 851 -52.78 27.52 16.43
C MET B 851 -52.50 28.81 17.19
N ARG B 852 -51.36 29.41 16.89
CA ARG B 852 -51.00 30.74 17.44
C ARG B 852 -50.69 31.67 16.28
N ALA B 853 -50.86 32.97 16.51
CA ALA B 853 -50.59 34.02 15.52
C ALA B 853 -50.35 35.35 16.24
N TRP B 854 -49.78 36.31 15.51
CA TRP B 854 -49.65 37.70 16.02
C TRP B 854 -51.07 38.26 16.24
N SER B 855 -51.19 39.25 17.11
CA SER B 855 -52.48 39.93 17.39
C SER B 855 -53.06 40.51 16.09
N ASP B 856 -52.19 40.81 15.12
CA ASP B 856 -52.60 41.26 13.76
C ASP B 856 -53.47 40.18 13.12
N GLY B 857 -53.13 38.90 13.29
CA GLY B 857 -53.81 37.79 12.61
C GLY B 857 -52.91 37.17 11.55
N SER B 858 -51.70 37.70 11.34
CA SER B 858 -50.71 37.11 10.41
C SER B 858 -49.88 36.06 11.16
N HIS B 859 -48.99 35.38 10.44
CA HIS B 859 -48.09 34.34 11.02
C HIS B 859 -48.92 33.22 11.65
N LEU B 860 -50.09 32.93 11.09
CA LEU B 860 -50.96 31.87 11.65
C LEU B 860 -50.31 30.52 11.32
N MET B 861 -49.79 29.86 12.34
CA MET B 861 -49.11 28.55 12.17
C MET B 861 -49.58 27.60 13.27
N PRO B 862 -49.65 26.28 13.02
CA PRO B 862 -50.00 25.33 14.06
C PRO B 862 -48.97 25.31 15.19
N ILE B 863 -49.44 25.06 16.41
CA ILE B 863 -48.55 24.95 17.60
C ILE B 863 -48.63 23.55 18.22
N VAL B 864 -49.84 23.00 18.38
CA VAL B 864 -49.99 21.61 18.86
C VAL B 864 -50.97 20.90 17.93
N ASN B 865 -50.47 20.03 17.05
CA ASN B 865 -51.37 19.40 16.04
C ASN B 865 -51.23 17.87 16.06
N THR B 866 -50.73 17.29 17.17
CA THR B 866 -50.58 15.82 17.25
C THR B 866 -51.10 15.34 18.60
N SER B 867 -51.60 14.10 18.61
CA SER B 867 -52.16 13.44 19.82
C SER B 867 -53.24 14.35 20.43
N LEU B 868 -54.08 14.94 19.57
CA LEU B 868 -55.08 15.93 20.01
C LEU B 868 -56.43 15.61 19.37
N GLY B 869 -57.49 15.84 20.13
CA GLY B 869 -58.88 15.69 19.64
C GLY B 869 -59.84 16.45 20.53
N TRP B 870 -60.66 17.32 19.94
CA TRP B 870 -61.61 18.18 20.69
C TRP B 870 -60.88 19.02 21.74
N PRO B 871 -59.98 19.94 21.37
CA PRO B 871 -59.43 20.90 22.34
C PRO B 871 -60.42 22.03 22.66
N ASN B 872 -61.36 21.77 23.57
CA ASN B 872 -62.53 22.65 23.80
C ASN B 872 -62.16 23.98 24.47
N GLY B 873 -61.04 24.09 25.21
CA GLY B 873 -60.78 25.32 25.97
C GLY B 873 -59.29 25.63 26.06
N LEU B 874 -58.96 26.92 26.12
CA LEU B 874 -57.55 27.39 26.27
C LEU B 874 -57.49 28.37 27.44
N ALA B 875 -56.31 28.42 28.08
CA ALA B 875 -56.04 29.39 29.17
C ALA B 875 -54.54 29.60 29.25
N ILE B 876 -54.13 30.77 29.76
CA ILE B 876 -52.70 31.12 29.87
C ILE B 876 -52.37 31.32 31.34
N ASP B 877 -51.28 30.69 31.79
CA ASP B 877 -50.73 30.91 33.14
C ASP B 877 -49.85 32.16 33.08
N TRP B 878 -50.42 33.31 33.43
CA TRP B 878 -49.72 34.61 33.32
C TRP B 878 -48.47 34.63 34.21
N SER B 879 -48.50 33.89 35.34
CA SER B 879 -47.39 33.90 36.32
C SER B 879 -46.16 33.20 35.72
N ALA B 880 -46.35 32.16 34.89
CA ALA B 880 -45.23 31.34 34.36
C ALA B 880 -45.16 31.40 32.83
N SER B 881 -46.12 32.05 32.16
CA SER B 881 -46.17 32.15 30.68
C SER B 881 -46.19 30.72 30.09
N ARG B 882 -47.24 29.98 30.42
CA ARG B 882 -47.51 28.64 29.85
C ARG B 882 -48.96 28.59 29.38
N LEU B 883 -49.20 27.85 28.30
CA LEU B 883 -50.54 27.73 27.69
C LEU B 883 -51.18 26.41 28.14
N TYR B 884 -52.23 26.48 28.95
CA TYR B 884 -53.04 25.30 29.35
C TYR B 884 -54.19 25.10 28.38
N TRP B 885 -54.52 23.83 28.11
CA TRP B 885 -55.74 23.49 27.32
C TRP B 885 -56.32 22.19 27.82
N VAL B 886 -57.61 21.99 27.56
CA VAL B 886 -58.36 20.76 27.93
C VAL B 886 -58.68 19.98 26.66
N ASP B 887 -58.60 18.66 26.76
CA ASP B 887 -59.00 17.76 25.67
C ASP B 887 -60.26 17.02 26.13
N ALA B 888 -61.34 17.11 25.37
CA ALA B 888 -62.63 16.50 25.72
C ALA B 888 -62.77 15.10 25.11
N PHE B 889 -61.86 14.71 24.21
CA PHE B 889 -61.90 13.36 23.60
C PHE B 889 -61.08 12.37 24.41
N PHE B 890 -59.81 12.71 24.68
CA PHE B 890 -58.91 11.89 25.50
C PHE B 890 -59.09 12.18 27.00
N ASP B 891 -59.92 13.16 27.37
CA ASP B 891 -60.29 13.44 28.79
C ASP B 891 -59.01 13.75 29.58
N LYS B 892 -58.29 14.78 29.16
CA LYS B 892 -56.98 15.13 29.78
C LYS B 892 -56.80 16.64 29.76
N ILE B 893 -55.95 17.14 30.67
CA ILE B 893 -55.48 18.55 30.68
C ILE B 893 -53.99 18.53 30.33
N GLU B 894 -53.57 19.36 29.38
CA GLU B 894 -52.14 19.49 29.03
C GLU B 894 -51.73 20.96 29.13
N HIS B 895 -50.43 21.20 29.25
CA HIS B 895 -49.90 22.57 29.26
C HIS B 895 -48.55 22.56 28.55
N SER B 896 -48.18 23.70 28.00
CA SER B 896 -46.93 23.84 27.23
C SER B 896 -46.51 25.31 27.21
N THR B 897 -45.27 25.55 26.80
CA THR B 897 -44.77 26.93 26.62
C THR B 897 -45.49 27.56 25.43
N LEU B 898 -45.35 28.88 25.29
CA LEU B 898 -46.07 29.64 24.24
C LEU B 898 -45.57 29.22 22.85
N ASP B 899 -44.45 28.49 22.76
CA ASP B 899 -43.92 28.01 21.46
C ASP B 899 -44.41 26.59 21.16
N GLY B 900 -45.20 26.00 22.06
CA GLY B 900 -45.71 24.63 21.88
C GLY B 900 -44.69 23.57 22.28
N LEU B 901 -43.52 23.97 22.79
CA LEU B 901 -42.46 23.02 23.20
C LEU B 901 -42.60 22.68 24.68
N ASP B 902 -41.90 21.62 25.12
CA ASP B 902 -41.92 21.16 26.53
C ASP B 902 -43.37 20.88 26.92
N ARG B 903 -44.09 20.13 26.08
CA ARG B 903 -45.49 19.78 26.37
C ARG B 903 -45.53 18.76 27.52
N LYS B 904 -46.33 19.05 28.56
CA LYS B 904 -46.53 18.11 29.68
C LYS B 904 -48.01 17.85 29.89
N ARG B 905 -48.33 16.67 30.42
CA ARG B 905 -49.72 16.26 30.67
C ARG B 905 -49.94 16.20 32.18
N LEU B 906 -51.01 16.85 32.65
CA LEU B 906 -51.36 16.82 34.09
C LEU B 906 -51.88 15.43 34.48
N GLY B 907 -51.90 15.18 35.80
CA GLY B 907 -52.40 13.91 36.37
C GLY B 907 -53.86 13.67 36.03
N HIS B 908 -54.32 12.42 36.08
CA HIS B 908 -55.72 12.10 35.74
C HIS B 908 -56.63 12.75 36.77
N VAL B 909 -57.68 13.45 36.31
CA VAL B 909 -58.72 14.05 37.19
C VAL B 909 -59.87 13.05 37.29
N ASP B 910 -60.39 12.89 38.51
CA ASP B 910 -61.27 11.76 38.92
C ASP B 910 -62.47 11.61 37.97
N GLN B 911 -63.39 12.56 37.95
CA GLN B 911 -64.64 12.39 37.20
C GLN B 911 -64.73 13.27 35.96
N MET B 912 -63.75 14.17 35.73
CA MET B 912 -63.73 15.01 34.52
C MET B 912 -63.80 14.12 33.28
N THR B 913 -64.83 14.29 32.46
CA THR B 913 -65.00 13.42 31.26
C THR B 913 -65.52 14.18 30.04
N HIS B 914 -66.07 15.38 30.20
CA HIS B 914 -66.32 16.26 29.03
C HIS B 914 -66.03 17.70 29.43
N PRO B 915 -64.75 18.06 29.61
CA PRO B 915 -64.36 19.43 29.92
C PRO B 915 -64.66 20.36 28.74
N PHE B 916 -64.95 21.62 29.03
CA PHE B 916 -65.26 22.63 28.02
C PHE B 916 -64.35 23.85 28.21
N GLY B 917 -64.71 24.77 29.10
CA GLY B 917 -63.87 25.90 29.45
C GLY B 917 -62.93 25.57 30.59
N LEU B 918 -61.76 26.21 30.62
CA LEU B 918 -60.90 26.23 31.83
C LEU B 918 -60.34 27.63 32.01
N THR B 919 -59.86 27.92 33.22
CA THR B 919 -59.06 29.15 33.47
C THR B 919 -58.03 28.84 34.54
N VAL B 920 -56.91 29.57 34.55
CA VAL B 920 -55.84 29.33 35.55
C VAL B 920 -55.73 30.57 36.43
N PHE B 921 -55.78 30.36 37.74
CA PHE B 921 -55.72 31.45 38.73
C PHE B 921 -54.90 30.99 39.93
N LYS B 922 -53.84 31.75 40.28
CA LYS B 922 -52.89 31.38 41.35
C LYS B 922 -52.42 29.93 41.11
N ASP B 923 -52.47 29.07 42.14
CA ASP B 923 -51.93 27.69 42.07
C ASP B 923 -52.91 26.73 41.38
N ASN B 924 -54.06 27.22 40.87
CA ASN B 924 -55.19 26.32 40.53
C ASN B 924 -55.70 26.47 39.09
N VAL B 925 -56.22 25.36 38.55
CA VAL B 925 -56.98 25.31 37.27
C VAL B 925 -58.43 25.10 37.63
N PHE B 926 -59.32 25.94 37.14
CA PHE B 926 -60.78 25.74 37.28
C PHE B 926 -61.27 25.21 35.93
N ILE B 927 -61.83 24.01 35.93
CA ILE B 927 -62.37 23.36 34.72
C ILE B 927 -63.89 23.40 34.82
N THR B 928 -64.57 23.56 33.69
CA THR B 928 -66.00 23.34 33.56
C THR B 928 -66.26 22.05 32.79
N ASP B 929 -67.08 21.16 33.35
CA ASP B 929 -67.41 19.87 32.72
C ASP B 929 -68.89 19.78 32.36
N TRP B 930 -69.19 19.51 31.08
CA TRP B 930 -70.56 19.45 30.59
C TRP B 930 -71.36 18.30 31.22
N ARG B 931 -70.80 17.10 31.25
CA ARG B 931 -71.52 15.89 31.73
C ARG B 931 -71.81 16.02 33.23
N LEU B 932 -70.86 16.48 34.05
CA LEU B 932 -71.16 16.70 35.48
C LEU B 932 -72.15 17.84 35.63
N GLY B 933 -72.15 18.82 34.73
CA GLY B 933 -72.91 20.06 34.92
C GLY B 933 -72.35 20.85 36.07
N ALA B 934 -71.03 20.85 36.21
CA ALA B 934 -70.34 21.35 37.40
C ALA B 934 -69.03 22.05 37.05
N ILE B 935 -68.59 22.93 37.95
CA ILE B 935 -67.28 23.61 37.86
C ILE B 935 -66.39 22.96 38.91
N ILE B 936 -65.21 22.47 38.53
CA ILE B 936 -64.32 21.72 39.46
C ILE B 936 -62.96 22.38 39.45
N ARG B 937 -62.20 22.26 40.53
CA ARG B 937 -60.91 22.95 40.69
C ARG B 937 -59.82 21.94 41.06
N VAL B 938 -58.62 22.12 40.51
CA VAL B 938 -57.45 21.24 40.77
C VAL B 938 -56.18 22.10 40.87
N ARG B 939 -55.07 21.57 41.41
CA ARG B 939 -53.76 22.28 41.40
C ARG B 939 -53.17 22.26 39.98
N LYS B 940 -52.58 23.38 39.55
CA LYS B 940 -51.98 23.52 38.20
C LYS B 940 -50.76 22.60 38.03
N SER B 941 -50.25 21.98 39.11
CA SER B 941 -49.03 21.15 39.03
C SER B 941 -49.37 19.79 38.42
N ASP B 942 -50.25 19.03 39.08
CA ASP B 942 -50.52 17.63 38.67
C ASP B 942 -52.01 17.31 38.83
N GLY B 943 -52.85 18.32 39.03
CA GLY B 943 -54.27 18.10 39.33
C GLY B 943 -54.45 17.88 40.82
N GLY B 944 -54.49 16.62 41.26
CA GLY B 944 -54.48 16.28 42.69
C GLY B 944 -55.86 16.44 43.30
N ASP B 945 -55.96 17.23 44.37
CA ASP B 945 -57.18 17.33 45.22
C ASP B 945 -58.28 18.05 44.44
N MET B 946 -59.01 17.32 43.61
CA MET B 946 -60.20 17.83 42.94
C MET B 946 -61.19 18.32 43.99
N THR B 947 -61.72 19.52 43.79
CA THR B 947 -62.84 20.03 44.61
C THR B 947 -63.92 20.57 43.68
N VAL B 948 -65.19 20.22 43.91
CA VAL B 948 -66.32 20.79 43.15
C VAL B 948 -66.72 22.15 43.71
N ILE B 949 -66.84 23.17 42.85
CA ILE B 949 -67.15 24.55 43.24
C ILE B 949 -68.65 24.86 43.19
N ARG B 950 -69.37 24.27 42.23
CA ARG B 950 -70.84 24.33 42.10
C ARG B 950 -71.33 23.03 41.46
N ARG B 951 -72.59 22.68 41.75
CA ARG B 951 -73.17 21.37 41.46
C ARG B 951 -74.53 21.57 40.80
N GLY B 952 -74.85 20.78 39.77
CA GLY B 952 -76.18 20.78 39.15
C GLY B 952 -76.54 22.06 38.41
N ILE B 953 -75.62 22.60 37.61
CA ILE B 953 -75.94 23.67 36.63
C ILE B 953 -76.84 23.11 35.50
N SER B 954 -77.62 23.97 34.85
CA SER B 954 -78.47 23.60 33.70
C SER B 954 -77.63 23.19 32.48
N SER B 955 -76.82 24.10 31.96
CA SER B 955 -75.73 23.87 31.00
C SER B 955 -74.65 24.89 31.32
N VAL B 956 -73.35 24.57 31.20
CA VAL B 956 -72.34 25.26 32.06
C VAL B 956 -71.20 26.02 31.36
N MET B 957 -70.94 25.77 30.08
CA MET B 957 -70.16 26.66 29.19
C MET B 957 -68.83 27.20 29.75
N HIS B 958 -68.51 28.50 29.65
CA HIS B 958 -67.17 28.99 30.04
C HIS B 958 -67.07 29.41 31.52
N VAL B 959 -65.82 29.36 32.02
CA VAL B 959 -65.34 30.05 33.23
C VAL B 959 -64.24 31.01 32.82
N LYS B 960 -64.06 32.06 33.60
CA LYS B 960 -63.00 33.08 33.40
C LYS B 960 -62.67 33.68 34.76
N ALA B 961 -61.39 33.91 35.03
CA ALA B 961 -60.93 34.45 36.33
C ALA B 961 -60.86 35.98 36.23
N TYR B 962 -61.89 36.68 36.72
CA TYR B 962 -61.85 38.14 36.85
C TYR B 962 -60.71 38.48 37.81
N ASP B 963 -59.87 39.44 37.42
CA ASP B 963 -58.68 39.82 38.22
C ASP B 963 -58.22 41.20 37.76
N ALA B 964 -58.28 42.19 38.65
CA ALA B 964 -57.83 43.55 38.36
C ALA B 964 -56.29 43.61 38.36
N ASP B 965 -55.61 42.65 38.98
CA ASP B 965 -54.13 42.67 39.09
C ASP B 965 -53.51 42.34 37.73
N LEU B 966 -54.04 41.33 37.03
CA LEU B 966 -53.38 40.86 35.78
C LEU B 966 -53.70 41.82 34.63
N GLN B 967 -54.76 42.64 34.76
CA GLN B 967 -55.11 43.63 33.71
C GLN B 967 -54.33 44.93 33.92
N THR B 968 -53.00 44.80 33.99
CA THR B 968 -52.10 45.96 34.15
C THR B 968 -50.97 45.86 33.12
N GLY B 969 -49.97 46.74 33.26
CA GLY B 969 -48.81 46.78 32.36
C GLY B 969 -49.11 47.59 31.10
N SER B 970 -48.12 47.70 30.22
CA SER B 970 -48.24 48.52 29.00
C SER B 970 -47.21 48.09 27.98
N ASN B 971 -47.41 48.54 26.73
CA ASN B 971 -46.46 48.35 25.63
C ASN B 971 -46.60 49.55 24.69
N TYR B 972 -46.06 49.46 23.48
CA TYR B 972 -46.02 50.60 22.54
C TYR B 972 -47.44 50.99 22.12
N CYS B 973 -48.44 50.13 22.38
CA CYS B 973 -49.84 50.44 22.04
C CYS B 973 -50.55 51.22 23.16
N SER B 974 -49.89 51.45 24.29
CA SER B 974 -50.51 52.16 25.44
C SER B 974 -49.52 53.13 26.08
N GLN B 975 -48.61 53.71 25.28
CA GLN B 975 -47.64 54.71 25.81
C GLN B 975 -48.43 55.94 26.26
N THR B 976 -48.02 56.55 27.37
CA THR B 976 -48.73 57.73 27.93
C THR B 976 -48.41 58.97 27.10
N THR B 977 -47.25 59.00 26.44
CA THR B 977 -46.76 60.21 25.73
C THR B 977 -47.47 60.42 24.40
N HIS B 978 -48.07 59.38 23.81
CA HIS B 978 -48.72 59.53 22.47
C HIS B 978 -49.85 58.50 22.36
N ALA B 979 -50.74 58.75 21.39
CA ALA B 979 -52.05 58.05 21.29
C ALA B 979 -51.86 56.66 20.68
N ASN B 980 -52.19 55.62 21.46
CA ASN B 980 -52.40 54.22 21.00
C ASN B 980 -51.36 53.79 19.97
N GLY B 981 -50.12 54.26 20.12
CA GLY B 981 -49.01 53.87 19.24
C GLY B 981 -49.12 54.53 17.87
N ASP B 982 -49.78 55.69 17.76
CA ASP B 982 -49.74 56.57 16.57
C ASP B 982 -50.48 55.90 15.41
N CYS B 983 -51.06 54.72 15.63
CA CYS B 983 -51.83 54.02 14.58
C CYS B 983 -53.29 54.48 14.67
N SER B 984 -53.83 55.02 13.58
CA SER B 984 -55.29 55.24 13.47
C SER B 984 -55.98 53.87 13.42
N HIS B 985 -57.19 53.80 14.00
CA HIS B 985 -57.98 52.54 14.06
C HIS B 985 -57.16 51.52 14.87
N PHE B 986 -56.95 50.30 14.36
CA PHE B 986 -56.41 49.20 15.18
C PHE B 986 -54.89 49.30 15.30
N CYS B 987 -54.37 49.11 16.52
CA CYS B 987 -52.93 48.83 16.75
C CYS B 987 -52.82 47.49 17.47
N PHE B 988 -51.87 46.66 17.03
CA PHE B 988 -51.73 45.29 17.54
C PHE B 988 -50.36 45.10 18.17
N PRO B 989 -50.29 44.50 19.37
CA PRO B 989 -48.98 44.14 19.93
C PRO B 989 -48.35 43.01 19.10
N VAL B 990 -47.03 42.98 19.07
CA VAL B 990 -46.30 41.96 18.30
C VAL B 990 -45.12 41.51 19.15
N PRO B 991 -44.74 40.22 19.08
CA PRO B 991 -43.61 39.68 19.84
C PRO B 991 -42.32 40.52 19.68
N ASN B 992 -41.43 40.37 20.66
CA ASN B 992 -40.23 41.24 20.85
C ASN B 992 -40.70 42.66 21.13
N PHE B 993 -41.84 42.80 21.81
CA PHE B 993 -42.40 44.10 22.28
C PHE B 993 -42.53 45.09 21.12
N GLN B 994 -42.94 44.66 19.92
CA GLN B 994 -43.21 45.59 18.80
C GLN B 994 -44.72 45.91 18.73
N ARG B 995 -45.10 46.80 17.81
CA ARG B 995 -46.54 47.07 17.52
C ARG B 995 -46.73 47.23 16.01
N VAL B 996 -47.90 46.84 15.49
CA VAL B 996 -48.22 47.04 14.04
C VAL B 996 -49.64 47.55 13.93
N CYS B 997 -49.89 48.42 12.96
CA CYS B 997 -51.20 49.10 12.82
C CYS B 997 -52.14 48.25 11.95
N GLY B 998 -53.46 48.46 12.07
CA GLY B 998 -54.48 47.78 11.26
C GLY B 998 -55.48 48.79 10.73
N CYS B 999 -56.40 48.37 9.85
CA CYS B 999 -57.47 49.27 9.38
C CYS B 999 -58.77 48.48 9.21
N PRO B 1000 -59.94 49.11 9.41
CA PRO B 1000 -61.23 48.41 9.35
C PRO B 1000 -61.48 47.81 7.97
N TYR B 1001 -62.55 47.00 7.86
CA TYR B 1001 -63.01 46.49 6.56
C TYR B 1001 -63.33 47.69 5.64
N GLY B 1002 -62.90 47.60 4.38
CA GLY B 1002 -63.14 48.64 3.37
C GLY B 1002 -62.09 49.73 3.42
N MET B 1003 -61.01 49.57 4.20
CA MET B 1003 -60.00 50.63 4.35
C MET B 1003 -58.61 49.99 4.32
N LYS B 1004 -57.64 50.62 3.63
CA LYS B 1004 -56.28 50.06 3.46
C LYS B 1004 -55.27 50.97 4.18
N LEU B 1005 -54.18 50.39 4.68
CA LEU B 1005 -53.12 51.13 5.39
C LEU B 1005 -52.21 51.83 4.37
N GLN B 1006 -51.90 53.11 4.58
CA GLN B 1006 -51.15 53.94 3.60
C GLN B 1006 -49.63 53.70 3.69
N ARG B 1007 -48.87 54.38 2.83
CA ARG B 1007 -47.38 54.30 2.77
C ARG B 1007 -46.75 54.66 4.12
N ASP B 1008 -47.38 55.53 4.92
CA ASP B 1008 -46.86 55.90 6.26
C ASP B 1008 -46.87 54.69 7.20
N GLN B 1009 -47.60 53.64 6.84
CA GLN B 1009 -47.80 52.40 7.65
C GLN B 1009 -48.49 52.72 8.98
N MET B 1010 -49.26 53.82 9.05
CA MET B 1010 -49.90 54.26 10.32
C MET B 1010 -51.28 54.90 10.06
N THR B 1011 -51.45 55.59 8.93
CA THR B 1011 -52.76 56.20 8.56
C THR B 1011 -53.49 55.27 7.59
N CYS B 1012 -54.81 55.37 7.53
CA CYS B 1012 -55.64 54.49 6.68
C CYS B 1012 -56.44 55.34 5.69
N GLU B 1013 -56.71 54.78 4.50
CA GLU B 1013 -57.57 55.40 3.46
C GLU B 1013 -58.54 54.35 2.93
N GLY B 1014 -59.71 54.80 2.45
CA GLY B 1014 -60.75 53.92 1.89
C GLY B 1014 -60.26 53.20 0.64
N ASP B 1015 -60.60 51.91 0.53
CA ASP B 1015 -60.28 51.08 -0.65
C ASP B 1015 -61.54 50.33 -1.09
N PRO B 1016 -62.42 50.99 -1.87
CA PRO B 1016 -63.60 50.32 -2.43
C PRO B 1016 -63.26 49.36 -3.59
N ALA B 1017 -62.00 49.24 -4.00
CA ALA B 1017 -61.61 48.32 -5.09
C ALA B 1017 -61.48 46.89 -4.54
N ARG B 1018 -60.75 46.69 -3.43
CA ARG B 1018 -60.54 45.31 -2.90
C ARG B 1018 -61.64 44.96 -1.90
N GLU B 1019 -62.16 45.94 -1.15
CA GLU B 1019 -63.15 45.70 -0.07
C GLU B 1019 -64.32 46.67 -0.26
N PRO B 1020 -65.21 46.49 -1.26
CA PRO B 1020 -66.29 47.43 -1.51
C PRO B 1020 -67.28 47.48 -0.34
N PRO B 1021 -67.92 48.65 -0.09
CA PRO B 1021 -68.93 48.80 0.95
C PRO B 1021 -70.12 47.82 0.81
N THR B 1022 -70.70 47.49 1.95
CA THR B 1022 -71.82 46.51 2.08
C THR B 1022 -72.93 47.13 2.92
N GLN B 1023 -74.18 46.80 2.59
CA GLN B 1023 -75.37 47.21 3.39
C GLN B 1023 -75.48 46.35 4.65
N GLN B 1024 -76.36 46.75 5.58
CA GLN B 1024 -76.47 46.08 6.90
C GLN B 1024 -76.80 44.60 6.73
N CYS B 1025 -77.65 44.24 5.75
CA CYS B 1025 -77.91 42.82 5.39
C CYS B 1025 -78.68 42.70 4.06
N GLY B 1026 -78.80 41.45 3.58
CA GLY B 1026 -79.40 41.11 2.27
C GLY B 1026 -80.87 41.47 2.16
N SER B 1027 -81.46 41.23 0.97
CA SER B 1027 -82.72 41.84 0.50
C SER B 1027 -83.94 41.40 1.32
N LEU B 1028 -84.02 40.12 1.72
CA LEU B 1028 -85.29 39.51 2.21
C LEU B 1028 -85.54 39.85 3.70
N SER B 1029 -84.91 40.92 4.20
CA SER B 1029 -84.78 41.17 5.66
C SER B 1029 -84.85 42.66 5.99
N PHE B 1030 -85.21 42.96 7.23
CA PHE B 1030 -85.34 44.33 7.78
C PHE B 1030 -84.12 44.61 8.66
N PRO B 1031 -83.40 45.75 8.49
CA PRO B 1031 -82.31 46.14 9.39
C PRO B 1031 -82.76 46.91 10.65
N CYS B 1032 -82.53 46.31 11.81
CA CYS B 1032 -82.84 46.92 13.13
C CYS B 1032 -81.89 48.09 13.43
N ASN B 1033 -82.24 48.94 14.38
CA ASN B 1033 -81.37 50.06 14.82
C ASN B 1033 -80.08 49.55 15.47
N ASN B 1034 -80.17 48.53 16.34
CA ASN B 1034 -78.98 47.99 17.07
C ASN B 1034 -78.03 47.25 16.13
N GLY B 1035 -78.35 47.11 14.83
CA GLY B 1035 -77.49 46.41 13.86
C GLY B 1035 -77.96 44.99 13.56
N LYS B 1036 -78.91 44.44 14.33
CA LYS B 1036 -79.54 43.14 14.01
C LYS B 1036 -80.17 43.18 12.62
N CYS B 1037 -80.42 42.00 12.05
CA CYS B 1037 -81.22 41.90 10.82
C CYS B 1037 -82.21 40.75 10.97
N VAL B 1038 -83.46 40.92 10.54
CA VAL B 1038 -84.53 39.91 10.75
C VAL B 1038 -85.29 39.68 9.44
N PRO B 1039 -85.82 38.47 9.15
CA PRO B 1039 -86.63 38.25 7.94
C PRO B 1039 -87.76 39.27 7.79
N SER B 1040 -88.12 39.70 6.59
CA SER B 1040 -89.09 40.82 6.43
C SER B 1040 -90.47 40.49 7.02
N PHE B 1041 -90.91 39.24 6.86
CA PHE B 1041 -92.19 38.72 7.36
C PHE B 1041 -92.28 38.52 8.89
N PHE B 1042 -91.26 38.92 9.65
CA PHE B 1042 -91.38 39.10 11.10
C PHE B 1042 -91.49 40.56 11.51
N ARG B 1043 -91.43 41.54 10.60
CA ARG B 1043 -91.73 42.93 10.98
C ARG B 1043 -93.22 43.06 11.32
N CYS B 1044 -93.57 43.96 12.24
CA CYS B 1044 -94.96 44.28 12.60
C CYS B 1044 -95.80 43.03 12.89
N ASP B 1045 -95.28 42.07 13.66
CA ASP B 1045 -96.05 40.90 14.11
C ASP B 1045 -96.46 41.01 15.60
N GLY B 1046 -96.17 42.14 16.23
CA GLY B 1046 -96.34 42.38 17.66
C GLY B 1046 -95.23 41.76 18.51
N VAL B 1047 -94.30 40.99 17.96
CA VAL B 1047 -93.21 40.36 18.74
C VAL B 1047 -91.92 41.14 18.50
N ASP B 1048 -91.22 41.49 19.58
CA ASP B 1048 -89.96 42.23 19.49
C ASP B 1048 -88.86 41.26 19.06
N ASP B 1049 -88.60 41.16 17.76
CA ASP B 1049 -87.58 40.24 17.22
C ASP B 1049 -86.20 40.91 17.17
N CYS B 1050 -86.13 42.22 16.95
CA CYS B 1050 -84.85 42.97 16.94
C CYS B 1050 -84.26 43.14 18.34
N HIS B 1051 -85.05 42.88 19.40
CA HIS B 1051 -84.64 43.05 20.81
C HIS B 1051 -84.43 44.53 21.16
N ASP B 1052 -84.81 45.45 20.26
CA ASP B 1052 -84.84 46.89 20.58
C ASP B 1052 -86.13 47.53 20.08
N ASN B 1053 -87.12 46.70 19.69
CA ASN B 1053 -88.47 47.14 19.24
C ASN B 1053 -88.39 47.96 17.95
N SER B 1054 -87.32 47.81 17.16
CA SER B 1054 -87.17 48.45 15.83
C SER B 1054 -88.19 47.88 14.84
N ASP B 1055 -88.39 46.56 14.86
CA ASP B 1055 -89.27 45.88 13.87
C ASP B 1055 -90.75 46.06 14.25
N GLU B 1056 -91.05 46.52 15.47
CA GLU B 1056 -92.45 46.72 15.94
C GLU B 1056 -92.75 48.21 16.14
N HIS B 1057 -91.90 49.07 15.59
CA HIS B 1057 -92.08 50.54 15.62
C HIS B 1057 -93.02 50.93 14.49
N GLN B 1058 -94.04 51.75 14.80
CA GLN B 1058 -94.95 52.44 13.82
C GLN B 1058 -95.57 51.44 12.83
N CYS B 1059 -96.30 50.45 13.35
CA CYS B 1059 -97.00 49.44 12.56
C CYS B 1059 -98.49 49.79 12.36
N GLY B 1060 -99.03 49.56 11.16
CA GLY B 1060 -100.42 49.89 10.83
C GLY B 1060 -100.68 51.39 10.64
N VAL B 1061 -99.72 52.10 10.03
CA VAL B 1061 -99.76 53.57 9.70
C VAL B 1061 -98.82 53.86 8.54
N PHE B 1062 -99.14 54.87 7.71
CA PHE B 1062 -98.33 55.36 6.56
C PHE B 1062 -97.80 54.22 5.67
N ASN B 1063 -98.56 53.12 5.56
CA ASN B 1063 -98.25 51.93 4.71
C ASN B 1063 -96.99 51.17 5.18
N ASN B 1064 -96.68 51.22 6.48
CA ASN B 1064 -95.90 50.19 7.18
C ASN B 1064 -96.87 49.15 7.76
N THR B 1065 -97.34 48.25 6.91
CA THR B 1065 -98.49 47.36 7.17
C THR B 1065 -98.15 46.24 8.18
N CYS B 1066 -99.17 45.62 8.79
CA CYS B 1066 -98.96 44.48 9.71
C CYS B 1066 -98.71 43.18 8.94
N SER B 1067 -97.95 42.26 9.55
CA SER B 1067 -97.68 40.91 9.01
C SER B 1067 -98.83 39.93 9.28
N PRO B 1068 -98.91 38.80 8.54
CA PRO B 1068 -99.93 37.75 8.76
C PRO B 1068 -99.90 37.11 10.16
N SER B 1069 -98.78 37.25 10.87
CA SER B 1069 -98.61 36.82 12.26
C SER B 1069 -99.32 37.72 13.30
N ALA B 1070 -99.75 38.94 12.94
CA ALA B 1070 -100.51 39.82 13.85
C ALA B 1070 -102.04 39.70 13.67
N PHE B 1071 -102.80 40.20 14.66
CA PHE B 1071 -104.19 40.65 14.47
C PHE B 1071 -104.27 42.18 14.55
N ALA B 1072 -105.03 42.77 13.63
CA ALA B 1072 -105.09 44.23 13.43
C ALA B 1072 -106.08 44.91 14.39
N CYS B 1073 -105.62 45.91 15.14
CA CYS B 1073 -106.50 46.81 15.89
C CYS B 1073 -107.44 47.53 14.91
N VAL B 1074 -108.73 47.66 15.26
CA VAL B 1074 -109.80 48.21 14.37
C VAL B 1074 -109.42 49.55 13.73
N ARG B 1075 -108.92 50.47 14.56
CA ARG B 1075 -108.65 51.88 14.18
C ARG B 1075 -107.19 52.03 13.74
N GLY B 1076 -106.40 50.94 13.71
CA GLY B 1076 -104.98 50.94 13.35
C GLY B 1076 -104.07 51.55 14.43
N GLY B 1077 -102.80 51.76 14.07
CA GLY B 1077 -101.79 52.34 14.98
C GLY B 1077 -101.17 51.34 15.94
N GLN B 1078 -101.63 50.08 15.92
CA GLN B 1078 -101.04 48.98 16.71
C GLN B 1078 -101.27 47.64 16.00
N CYS B 1079 -100.43 46.65 16.33
CA CYS B 1079 -100.71 45.23 16.10
C CYS B 1079 -100.24 44.37 17.30
N ILE B 1080 -100.95 43.27 17.55
CA ILE B 1080 -100.65 42.26 18.58
C ILE B 1080 -100.53 40.90 17.88
N PRO B 1081 -99.83 39.90 18.46
CA PRO B 1081 -99.80 38.54 17.94
C PRO B 1081 -101.19 38.00 17.66
N GLY B 1082 -101.37 37.25 16.57
CA GLY B 1082 -102.62 36.52 16.29
C GLY B 1082 -103.02 35.56 17.41
N GLN B 1083 -102.04 35.08 18.19
CA GLN B 1083 -102.25 34.25 19.39
C GLN B 1083 -102.95 34.99 20.53
N TRP B 1084 -102.87 36.33 20.57
CA TRP B 1084 -103.55 37.18 21.56
C TRP B 1084 -104.90 37.70 21.07
N HIS B 1085 -105.35 37.36 19.87
CA HIS B 1085 -106.72 37.68 19.45
C HIS B 1085 -107.73 36.77 20.15
N CYS B 1086 -108.76 37.38 20.76
CA CYS B 1086 -109.80 36.67 21.57
C CYS B 1086 -109.19 35.85 22.73
N ASP B 1087 -108.04 36.26 23.31
CA ASP B 1087 -107.36 35.42 24.33
C ASP B 1087 -107.86 35.75 25.75
N ARG B 1088 -109.02 36.40 25.88
CA ARG B 1088 -109.62 36.80 27.19
C ARG B 1088 -108.78 37.90 27.86
N GLN B 1089 -107.69 38.35 27.24
CA GLN B 1089 -106.97 39.56 27.71
C GLN B 1089 -107.27 40.71 26.75
N ASN B 1090 -107.40 41.92 27.29
CA ASN B 1090 -107.64 43.14 26.48
C ASN B 1090 -106.28 43.74 26.14
N ASP B 1091 -105.68 43.33 25.03
CA ASP B 1091 -104.31 43.77 24.66
C ASP B 1091 -104.38 45.10 23.93
N CYS B 1092 -105.16 45.17 22.86
CA CYS B 1092 -105.29 46.38 22.03
C CYS B 1092 -105.99 47.48 22.86
N LEU B 1093 -105.58 48.74 22.69
CA LEU B 1093 -106.06 49.88 23.51
C LEU B 1093 -107.58 50.01 23.40
N ASP B 1094 -108.15 49.83 22.20
CA ASP B 1094 -109.60 50.06 21.98
C ASP B 1094 -110.41 48.80 22.28
N GLY B 1095 -109.75 47.69 22.63
CA GLY B 1095 -110.45 46.44 22.97
C GLY B 1095 -110.96 45.70 21.75
N SER B 1096 -110.51 46.03 20.54
CA SER B 1096 -110.92 45.36 19.29
C SER B 1096 -110.38 43.94 19.10
N ASP B 1097 -109.45 43.48 19.95
CA ASP B 1097 -109.01 42.07 19.98
C ASP B 1097 -109.96 41.16 20.77
N GLU B 1098 -110.78 41.70 21.67
CA GLU B 1098 -111.72 40.88 22.51
C GLU B 1098 -113.18 41.15 22.17
N GLN B 1099 -113.49 42.32 21.58
CA GLN B 1099 -114.84 42.57 21.00
C GLN B 1099 -115.14 41.56 19.88
N ASN B 1100 -116.43 41.25 19.71
CA ASN B 1100 -116.97 40.50 18.53
C ASN B 1100 -116.35 39.09 18.40
N CYS B 1101 -115.82 38.51 19.49
CA CYS B 1101 -115.17 37.17 19.48
C CYS B 1101 -116.24 36.08 19.64
N PRO B 1102 -116.51 35.25 18.62
CA PRO B 1102 -117.43 34.11 18.77
C PRO B 1102 -116.83 33.01 19.66
N THR B 1103 -117.72 32.21 20.28
CA THR B 1103 -117.29 31.11 21.20
C THR B 1103 -116.54 30.01 20.41
N HIS B 1104 -115.97 29.05 21.16
CA HIS B 1104 -115.48 27.77 20.59
C HIS B 1104 -116.28 26.61 21.21
N ALA B 1105 -117.56 26.85 21.51
CA ALA B 1105 -118.54 25.83 21.90
C ALA B 1105 -119.01 25.10 20.63
N THR B 1106 -118.10 24.29 20.06
CA THR B 1106 -118.30 23.51 18.81
C THR B 1106 -119.23 22.31 19.05
N SER B 1107 -119.69 21.69 17.96
CA SER B 1107 -120.17 20.29 17.98
C SER B 1107 -118.95 19.36 18.10
N SER B 1108 -118.56 19.03 19.33
CA SER B 1108 -117.37 18.18 19.62
C SER B 1108 -117.63 17.27 20.82
N THR B 1109 -116.85 16.18 20.92
CA THR B 1109 -116.90 15.25 22.09
C THR B 1109 -115.49 15.11 22.70
N CYS B 1110 -115.40 14.33 23.77
CA CYS B 1110 -114.12 14.04 24.44
C CYS B 1110 -113.90 12.53 24.41
N PRO B 1111 -112.67 12.00 24.18
CA PRO B 1111 -112.42 10.56 24.20
C PRO B 1111 -112.89 9.88 25.49
N SER B 1112 -113.46 8.66 25.37
CA SER B 1112 -114.03 7.89 26.50
C SER B 1112 -112.98 7.56 27.57
N THR B 1113 -111.69 7.57 27.18
CA THR B 1113 -110.52 7.41 28.09
C THR B 1113 -110.25 8.68 28.91
N SER B 1114 -111.07 9.73 28.75
CA SER B 1114 -110.73 11.11 29.18
C SER B 1114 -111.93 11.80 29.84
N PHE B 1115 -111.66 12.83 30.65
CA PHE B 1115 -112.66 13.63 31.39
C PHE B 1115 -112.78 15.00 30.73
N THR B 1116 -114.03 15.44 30.49
CA THR B 1116 -114.30 16.78 29.91
C THR B 1116 -114.32 17.80 31.04
N CYS B 1117 -113.34 18.71 31.05
CA CYS B 1117 -113.40 19.90 31.95
C CYS B 1117 -114.59 20.80 31.56
N ASP B 1118 -115.18 21.52 32.51
CA ASP B 1118 -116.27 22.49 32.23
C ASP B 1118 -115.79 23.59 31.29
N ASN B 1119 -114.47 23.76 31.17
CA ASN B 1119 -113.85 24.73 30.23
C ASN B 1119 -113.72 24.13 28.82
N HIS B 1120 -114.21 22.89 28.57
CA HIS B 1120 -114.16 22.22 27.24
C HIS B 1120 -112.71 22.07 26.78
N VAL B 1121 -111.91 21.51 27.69
CA VAL B 1121 -110.58 20.91 27.39
C VAL B 1121 -110.59 19.48 27.96
N CYS B 1122 -109.96 18.55 27.26
CA CYS B 1122 -109.92 17.12 27.68
C CYS B 1122 -108.67 16.85 28.53
N ILE B 1123 -108.83 16.07 29.61
CA ILE B 1123 -107.67 15.57 30.40
C ILE B 1123 -107.81 14.06 30.62
N PRO B 1124 -106.72 13.32 30.89
CA PRO B 1124 -106.81 11.92 31.33
C PRO B 1124 -107.82 11.74 32.47
N LYS B 1125 -108.66 10.71 32.37
CA LYS B 1125 -109.73 10.43 33.37
C LYS B 1125 -109.10 10.18 34.75
N ASP B 1126 -107.84 9.73 34.82
CA ASP B 1126 -107.13 9.51 36.11
C ASP B 1126 -106.72 10.82 36.80
N TRP B 1127 -106.83 11.99 36.16
CA TRP B 1127 -106.43 13.29 36.78
C TRP B 1127 -107.61 13.97 37.48
N VAL B 1128 -108.76 13.31 37.56
CA VAL B 1128 -109.88 13.78 38.41
C VAL B 1128 -109.55 13.51 39.88
N CYS B 1129 -109.89 14.46 40.76
CA CYS B 1129 -109.73 14.38 42.24
C CYS B 1129 -108.29 14.02 42.65
N ASP B 1130 -107.27 14.55 41.97
CA ASP B 1130 -105.85 14.37 42.38
C ASP B 1130 -105.37 15.52 43.28
N THR B 1131 -106.25 16.53 43.50
CA THR B 1131 -106.09 17.84 44.19
C THR B 1131 -105.38 18.88 43.31
N ASP B 1132 -105.01 18.55 42.07
CA ASP B 1132 -104.25 19.43 41.16
C ASP B 1132 -105.22 20.00 40.12
N ASN B 1133 -105.07 21.29 39.82
CA ASN B 1133 -105.96 21.99 38.87
C ASN B 1133 -105.43 21.76 37.44
N ASP B 1134 -105.63 20.56 36.93
CA ASP B 1134 -105.18 20.21 35.55
C ASP B 1134 -106.08 20.90 34.53
N CYS B 1135 -107.36 21.15 34.87
CA CYS B 1135 -108.31 21.79 33.94
C CYS B 1135 -108.01 23.28 33.79
N SER B 1136 -107.20 23.86 34.69
CA SER B 1136 -106.93 25.32 34.75
C SER B 1136 -108.23 26.09 35.01
N ASP B 1137 -109.28 25.38 35.45
CA ASP B 1137 -110.58 26.01 35.78
C ASP B 1137 -111.15 25.36 37.05
N GLY B 1138 -110.47 24.34 37.60
CA GLY B 1138 -110.88 23.66 38.83
C GLY B 1138 -112.02 22.68 38.63
N SER B 1139 -112.38 22.35 37.39
CA SER B 1139 -113.51 21.43 37.10
C SER B 1139 -113.17 20.01 37.61
N ASP B 1140 -111.95 19.54 37.36
CA ASP B 1140 -111.54 18.14 37.65
C ASP B 1140 -111.53 17.90 39.16
N GLU B 1141 -111.38 18.94 39.99
CA GLU B 1141 -111.30 18.76 41.46
C GLU B 1141 -112.62 19.14 42.14
N LYS B 1142 -113.65 19.48 41.36
CA LYS B 1142 -114.96 19.88 41.95
C LYS B 1142 -115.64 18.65 42.54
N ASN B 1143 -116.35 18.85 43.66
CA ASN B 1143 -117.17 17.81 44.32
C ASN B 1143 -116.31 16.62 44.75
N CYS B 1144 -114.99 16.78 44.95
CA CYS B 1144 -114.12 15.66 45.37
C CYS B 1144 -114.04 15.63 46.90
N GLN B 1145 -115.17 15.44 47.58
CA GLN B 1145 -115.21 15.33 49.06
C GLN B 1145 -114.57 14.01 49.54
N ALA B 1146 -114.27 13.95 50.85
CA ALA B 1146 -113.65 12.78 51.52
C ALA B 1146 -114.59 11.57 51.45
N SER B 1147 -115.92 11.80 51.49
CA SER B 1147 -116.95 10.78 51.19
C SER B 1147 -116.86 10.40 49.71
N GLY B 1148 -116.45 9.15 49.46
CA GLY B 1148 -116.32 8.57 48.11
C GLY B 1148 -115.23 7.50 48.07
N THR B 1149 -114.78 7.14 46.88
CA THR B 1149 -113.73 6.11 46.61
C THR B 1149 -112.81 6.65 45.52
N CYS B 1150 -111.67 6.01 45.29
CA CYS B 1150 -110.88 6.32 44.07
C CYS B 1150 -111.48 5.59 42.86
N GLN B 1151 -111.29 6.15 41.65
CA GLN B 1151 -111.70 5.48 40.41
C GLN B 1151 -110.94 4.14 40.31
N PRO B 1152 -111.46 3.11 39.61
CA PRO B 1152 -110.79 1.80 39.50
C PRO B 1152 -109.32 1.90 39.07
N THR B 1153 -109.00 2.86 38.20
CA THR B 1153 -107.63 3.06 37.65
C THR B 1153 -106.83 4.07 38.48
N GLN B 1154 -107.13 4.25 39.79
CA GLN B 1154 -106.34 5.14 40.68
C GLN B 1154 -105.94 4.42 41.97
N PHE B 1155 -104.82 4.83 42.55
CA PHE B 1155 -104.42 4.45 43.92
C PHE B 1155 -105.01 5.46 44.91
N ARG B 1156 -105.28 5.03 46.15
CA ARG B 1156 -105.76 5.94 47.22
C ARG B 1156 -104.66 6.20 48.26
N CYS B 1157 -104.37 7.48 48.52
CA CYS B 1157 -103.59 7.87 49.73
C CYS B 1157 -104.51 7.94 50.95
N PRO B 1158 -104.13 7.37 52.11
CA PRO B 1158 -104.97 7.41 53.32
C PRO B 1158 -105.37 8.84 53.69
N ASP B 1159 -106.68 9.12 53.62
CA ASP B 1159 -107.34 10.41 53.93
C ASP B 1159 -106.52 11.61 53.43
N HIS B 1160 -106.03 11.52 52.18
CA HIS B 1160 -105.31 12.65 51.54
C HIS B 1160 -105.86 12.92 50.13
N ARG B 1161 -105.68 11.99 49.18
CA ARG B 1161 -106.05 12.20 47.75
C ARG B 1161 -106.09 10.87 47.00
N CYS B 1162 -106.76 10.83 45.85
CA CYS B 1162 -106.52 9.75 44.87
C CYS B 1162 -105.37 10.16 43.94
N ILE B 1163 -104.66 9.19 43.35
CA ILE B 1163 -103.54 9.49 42.42
C ILE B 1163 -103.50 8.51 41.25
N SER B 1164 -102.88 8.96 40.16
CA SER B 1164 -102.51 8.10 39.01
C SER B 1164 -101.67 6.93 39.51
N PRO B 1165 -101.93 5.66 39.10
CA PRO B 1165 -101.05 4.54 39.42
C PRO B 1165 -99.63 4.75 38.88
N LEU B 1166 -99.48 5.64 37.89
CA LEU B 1166 -98.16 6.02 37.33
C LEU B 1166 -97.27 6.60 38.44
N TYR B 1167 -97.87 7.17 39.49
CA TYR B 1167 -97.11 7.76 40.61
C TYR B 1167 -96.83 6.71 41.69
N VAL B 1168 -97.35 5.49 41.53
CA VAL B 1168 -97.04 4.39 42.48
C VAL B 1168 -95.69 3.80 42.05
N CYS B 1169 -94.73 3.79 42.97
CA CYS B 1169 -93.33 3.35 42.71
C CYS B 1169 -92.75 4.15 41.54
N ASP B 1170 -93.03 5.45 41.48
CA ASP B 1170 -92.33 6.39 40.57
C ASP B 1170 -90.94 6.70 41.12
N GLY B 1171 -90.71 6.49 42.44
CA GLY B 1171 -89.43 6.78 43.10
C GLY B 1171 -89.60 7.69 44.31
N ASP B 1172 -90.61 8.56 44.35
CA ASP B 1172 -90.74 9.56 45.43
C ASP B 1172 -92.14 9.48 46.04
N LYS B 1173 -92.26 9.87 47.31
CA LYS B 1173 -93.52 9.68 48.08
C LYS B 1173 -94.48 10.82 47.74
N ASP B 1174 -95.58 10.50 47.06
CA ASP B 1174 -96.67 11.46 46.81
C ASP B 1174 -97.66 11.43 47.98
N CYS B 1175 -97.85 10.27 48.60
CA CYS B 1175 -98.76 10.12 49.75
C CYS B 1175 -98.23 10.91 50.94
N ALA B 1176 -99.14 11.35 51.82
CA ALA B 1176 -98.79 12.01 53.09
C ALA B 1176 -97.95 11.05 53.96
N ASP B 1177 -98.27 9.75 53.94
CA ASP B 1177 -97.59 8.73 54.79
C ASP B 1177 -96.73 7.81 53.91
N GLY B 1178 -96.59 8.12 52.61
CA GLY B 1178 -95.74 7.33 51.69
C GLY B 1178 -96.36 5.98 51.34
N SER B 1179 -97.69 5.86 51.38
CA SER B 1179 -98.39 4.60 51.02
C SER B 1179 -98.14 4.23 49.55
N ASP B 1180 -97.84 5.21 48.69
CA ASP B 1180 -97.67 4.95 47.24
C ASP B 1180 -96.32 4.24 47.03
N GLU B 1181 -95.32 4.54 47.86
CA GLU B 1181 -93.95 3.98 47.69
C GLU B 1181 -93.66 2.89 48.73
N ALA B 1182 -94.67 2.40 49.46
CA ALA B 1182 -94.42 1.49 50.60
C ALA B 1182 -94.03 0.09 50.09
N GLY B 1183 -92.77 -0.29 50.34
CA GLY B 1183 -92.25 -1.66 50.25
C GLY B 1183 -92.35 -2.29 48.88
N CYS B 1184 -92.46 -1.51 47.79
CA CYS B 1184 -92.51 -2.11 46.43
C CYS B 1184 -91.09 -2.24 45.87
N VAL B 1185 -90.92 -3.09 44.86
CA VAL B 1185 -89.58 -3.50 44.36
C VAL B 1185 -89.45 -3.05 42.91
N LEU B 1186 -88.20 -2.82 42.48
CA LEU B 1186 -87.88 -2.26 41.14
C LEU B 1186 -87.97 -3.34 40.06
N ASN B 1187 -88.42 -2.95 38.86
CA ASN B 1187 -88.47 -3.82 37.65
C ASN B 1187 -87.57 -3.17 36.59
N CYS B 1188 -86.29 -2.96 36.90
CA CYS B 1188 -85.33 -2.31 35.93
C CYS B 1188 -85.25 -3.16 34.66
N THR B 1189 -85.41 -2.51 33.50
CA THR B 1189 -85.47 -3.20 32.19
C THR B 1189 -84.07 -3.47 31.66
N SER B 1190 -84.00 -4.20 30.54
CA SER B 1190 -82.72 -4.56 29.87
C SER B 1190 -82.02 -3.30 29.38
N ALA B 1191 -82.78 -2.24 29.04
CA ALA B 1191 -82.22 -0.95 28.58
C ALA B 1191 -81.68 -0.18 29.79
N GLN B 1192 -81.73 -0.75 31.00
CA GLN B 1192 -81.25 -0.05 32.23
C GLN B 1192 -80.38 -1.00 33.03
N PHE B 1193 -79.57 -0.44 33.94
CA PHE B 1193 -78.69 -1.22 34.83
C PHE B 1193 -79.09 -0.92 36.26
N LYS B 1194 -79.17 -1.97 37.10
CA LYS B 1194 -79.60 -1.82 38.51
C LYS B 1194 -78.36 -1.72 39.41
N CYS B 1195 -78.32 -0.69 40.25
CA CYS B 1195 -77.19 -0.49 41.19
C CYS B 1195 -77.15 -1.66 42.17
N ALA B 1196 -75.97 -1.94 42.73
CA ALA B 1196 -75.74 -3.08 43.64
C ALA B 1196 -76.63 -2.94 44.88
N ASP B 1197 -76.85 -1.70 45.36
CA ASP B 1197 -77.66 -1.48 46.59
C ASP B 1197 -79.15 -1.68 46.30
N GLY B 1198 -79.55 -1.80 45.03
CA GLY B 1198 -80.95 -1.97 44.63
C GLY B 1198 -81.79 -0.74 44.94
N SER B 1199 -81.20 0.45 45.05
CA SER B 1199 -81.95 1.68 45.41
C SER B 1199 -82.68 2.20 44.17
N SER B 1200 -81.99 2.25 43.01
CA SER B 1200 -82.58 2.80 41.78
C SER B 1200 -81.85 2.24 40.56
N CYS B 1201 -82.47 2.41 39.39
CA CYS B 1201 -81.91 1.92 38.11
C CYS B 1201 -81.49 3.14 37.27
N ILE B 1202 -80.51 2.95 36.39
CA ILE B 1202 -80.02 4.04 35.50
C ILE B 1202 -79.92 3.53 34.08
N ASN B 1203 -79.87 4.46 33.13
CA ASN B 1203 -79.83 4.14 31.69
C ASN B 1203 -78.54 3.37 31.39
N SER B 1204 -78.62 2.45 30.42
CA SER B 1204 -77.47 1.60 30.00
C SER B 1204 -76.30 2.46 29.54
N ARG B 1205 -76.57 3.69 29.06
CA ARG B 1205 -75.51 4.59 28.57
C ARG B 1205 -74.57 5.00 29.70
N TYR B 1206 -75.10 5.10 30.93
CA TYR B 1206 -74.33 5.58 32.09
C TYR B 1206 -73.52 4.45 32.74
N ARG B 1207 -73.69 3.19 32.31
CA ARG B 1207 -72.88 2.07 32.86
C ARG B 1207 -71.47 2.15 32.27
N CYS B 1208 -70.44 2.17 33.11
CA CYS B 1208 -69.02 2.27 32.69
C CYS B 1208 -68.81 3.50 31.77
N ASP B 1209 -68.91 4.70 32.34
CA ASP B 1209 -68.65 5.96 31.59
C ASP B 1209 -67.61 6.82 32.30
N GLY B 1210 -67.27 6.55 33.57
CA GLY B 1210 -66.33 7.36 34.36
C GLY B 1210 -67.02 8.31 35.31
N VAL B 1211 -68.35 8.25 35.43
CA VAL B 1211 -69.10 9.07 36.42
C VAL B 1211 -69.84 8.11 37.34
N TYR B 1212 -69.82 8.37 38.65
CA TYR B 1212 -70.50 7.51 39.65
C TYR B 1212 -71.97 7.91 39.71
N ASP B 1213 -72.77 7.44 38.77
CA ASP B 1213 -74.22 7.71 38.72
C ASP B 1213 -74.94 7.03 39.90
N CYS B 1214 -74.56 5.80 40.24
CA CYS B 1214 -75.14 5.06 41.38
C CYS B 1214 -74.58 5.65 42.67
N ARG B 1215 -75.36 5.59 43.75
CA ARG B 1215 -74.95 6.12 45.07
C ARG B 1215 -73.77 5.30 45.60
N ASP B 1216 -73.73 3.99 45.33
CA ASP B 1216 -72.67 3.10 45.89
C ASP B 1216 -71.53 2.93 44.89
N ASN B 1217 -71.51 3.74 43.81
CA ASN B 1217 -70.46 3.69 42.77
C ASN B 1217 -70.44 2.31 42.09
N SER B 1218 -71.55 1.56 42.14
CA SER B 1218 -71.59 0.20 41.55
C SER B 1218 -71.59 0.25 40.01
N ASP B 1219 -72.01 1.37 39.40
CA ASP B 1219 -72.06 1.45 37.92
C ASP B 1219 -70.64 1.55 37.35
N GLU B 1220 -69.67 1.98 38.15
CA GLU B 1220 -68.27 2.13 37.70
C GLU B 1220 -67.38 1.04 38.31
N ALA B 1221 -67.88 0.30 39.31
CA ALA B 1221 -67.24 -0.93 39.82
C ALA B 1221 -67.23 -2.03 38.74
N GLY B 1222 -66.13 -2.78 38.63
CA GLY B 1222 -66.02 -3.97 37.76
C GLY B 1222 -66.02 -3.65 36.28
N CYS B 1223 -65.90 -2.37 35.89
CA CYS B 1223 -65.83 -1.97 34.46
C CYS B 1223 -64.51 -2.40 33.82
N PRO B 1224 -64.44 -2.55 32.47
CA PRO B 1224 -63.20 -2.86 31.79
C PRO B 1224 -62.10 -1.79 31.98
N THR B 1225 -60.84 -2.22 31.85
CA THR B 1225 -59.67 -1.33 31.76
C THR B 1225 -58.74 -1.78 30.63
N ARG B 1226 -57.80 -0.92 30.24
CA ARG B 1226 -56.68 -1.36 29.36
C ARG B 1226 -55.79 -2.32 30.15
N PRO B 1227 -55.27 -3.41 29.56
CA PRO B 1227 -54.23 -4.19 30.21
C PRO B 1227 -52.98 -3.32 30.47
N PRO B 1228 -52.18 -3.58 31.54
CA PRO B 1228 -51.11 -2.65 31.94
C PRO B 1228 -50.16 -2.27 30.80
N GLY B 1229 -49.97 -0.94 30.65
CA GLY B 1229 -49.05 -0.35 29.66
C GLY B 1229 -49.53 -0.48 28.22
N MET B 1230 -50.69 -1.11 27.99
CA MET B 1230 -51.16 -1.47 26.61
C MET B 1230 -52.49 -0.79 26.32
N CYS B 1231 -53.16 -1.16 25.22
CA CYS B 1231 -54.40 -0.50 24.74
C CYS B 1231 -55.46 -1.58 24.44
N HIS B 1232 -56.74 -1.18 24.34
CA HIS B 1232 -57.84 -2.15 24.10
C HIS B 1232 -57.61 -2.89 22.77
N LEU B 1233 -58.22 -4.08 22.63
CA LEU B 1233 -58.15 -4.87 21.37
C LEU B 1233 -58.62 -3.99 20.20
N ASP B 1234 -59.54 -3.05 20.47
CA ASP B 1234 -59.99 -1.98 19.55
C ASP B 1234 -58.82 -1.14 19.02
N GLU B 1235 -58.14 -0.43 19.93
CA GLU B 1235 -57.31 0.79 19.71
C GLU B 1235 -56.00 0.54 18.96
N PHE B 1236 -55.31 1.63 18.61
CA PHE B 1236 -53.92 1.59 18.10
C PHE B 1236 -53.00 2.21 19.15
N GLN B 1237 -51.73 1.76 19.23
CA GLN B 1237 -50.79 2.34 20.20
C GLN B 1237 -49.69 3.13 19.48
N CYS B 1238 -49.47 4.36 19.95
CA CYS B 1238 -48.30 5.18 19.57
C CYS B 1238 -47.00 4.51 20.00
N GLN B 1239 -46.08 4.28 19.07
CA GLN B 1239 -44.75 3.73 19.39
C GLN B 1239 -43.90 4.75 20.14
N GLY B 1240 -44.13 6.06 19.92
CA GLY B 1240 -43.27 7.10 20.53
C GLY B 1240 -43.39 7.12 22.05
N ASP B 1241 -44.62 7.11 22.57
CA ASP B 1241 -44.83 7.39 24.01
C ASP B 1241 -45.94 6.50 24.59
N GLY B 1242 -46.44 5.49 23.85
CA GLY B 1242 -47.41 4.52 24.38
C GLY B 1242 -48.83 5.04 24.46
N THR B 1243 -49.10 6.24 23.94
CA THR B 1243 -50.45 6.86 23.88
C THR B 1243 -51.42 5.95 23.12
N CYS B 1244 -52.55 5.59 23.70
CA CYS B 1244 -53.60 4.83 22.96
C CYS B 1244 -54.45 5.81 22.14
N ILE B 1245 -54.63 5.54 20.85
CA ILE B 1245 -55.47 6.38 19.94
C ILE B 1245 -56.54 5.49 19.28
N PRO B 1246 -57.66 6.05 18.81
CA PRO B 1246 -58.68 5.26 18.12
C PRO B 1246 -58.10 4.53 16.91
N ASN B 1247 -58.60 3.32 16.66
CA ASN B 1247 -58.08 2.43 15.61
C ASN B 1247 -58.11 3.11 14.23
N THR B 1248 -59.17 3.88 13.94
CA THR B 1248 -59.35 4.63 12.68
C THR B 1248 -58.19 5.60 12.43
N TRP B 1249 -57.52 6.06 13.49
CA TRP B 1249 -56.44 7.06 13.35
C TRP B 1249 -55.13 6.39 12.90
N GLU B 1250 -55.04 5.06 12.87
CA GLU B 1250 -54.01 4.37 12.07
C GLU B 1250 -54.42 4.44 10.59
N CYS B 1251 -53.56 5.00 9.73
CA CYS B 1251 -53.72 5.03 8.26
C CYS B 1251 -54.95 5.86 7.87
N ASP B 1252 -54.93 7.15 8.19
CA ASP B 1252 -55.98 8.09 7.74
C ASP B 1252 -55.33 9.39 7.24
N GLY B 1253 -54.05 9.32 6.85
CA GLY B 1253 -53.34 10.42 6.17
C GLY B 1253 -52.73 11.45 7.11
N HIS B 1254 -53.25 11.58 8.34
CA HIS B 1254 -52.74 12.61 9.28
C HIS B 1254 -51.93 11.96 10.39
N PRO B 1255 -50.72 12.46 10.69
CA PRO B 1255 -49.91 11.88 11.76
C PRO B 1255 -50.44 12.25 13.15
N ASP B 1256 -51.42 11.48 13.64
CA ASP B 1256 -52.06 11.71 14.96
C ASP B 1256 -51.15 11.23 16.10
N CYS B 1257 -49.91 10.84 15.81
CA CYS B 1257 -48.99 10.35 16.87
C CYS B 1257 -47.76 11.25 16.95
N ILE B 1258 -47.13 11.30 18.14
CA ILE B 1258 -46.02 12.25 18.43
C ILE B 1258 -44.89 12.08 17.41
N HIS B 1259 -44.62 10.84 16.99
CA HIS B 1259 -43.46 10.56 16.10
C HIS B 1259 -43.94 9.88 14.81
N GLY B 1260 -45.22 10.05 14.48
CA GLY B 1260 -45.82 9.57 13.22
C GLY B 1260 -45.88 8.07 13.14
N SER B 1261 -46.03 7.37 14.28
CA SER B 1261 -46.12 5.88 14.33
C SER B 1261 -47.33 5.40 13.54
N ASP B 1262 -48.41 6.19 13.56
CA ASP B 1262 -49.72 5.85 12.96
C ASP B 1262 -49.74 6.18 11.45
N GLU B 1263 -48.64 6.65 10.85
CA GLU B 1263 -48.54 6.85 9.38
C GLU B 1263 -47.21 6.24 8.90
N HIS B 1264 -46.93 5.01 9.35
CA HIS B 1264 -45.71 4.24 8.98
C HIS B 1264 -45.71 3.93 7.47
N THR B 1265 -44.57 3.40 6.99
CA THR B 1265 -44.35 3.15 5.55
C THR B 1265 -45.30 2.06 5.06
N GLY B 1266 -45.76 1.18 5.96
CA GLY B 1266 -46.66 0.06 5.60
C GLY B 1266 -48.09 0.52 5.38
N CYS B 1267 -48.34 1.84 5.48
CA CYS B 1267 -49.68 2.41 5.26
C CYS B 1267 -50.01 2.47 3.76
N VAL B 1268 -50.92 1.60 3.32
CA VAL B 1268 -51.38 1.62 1.90
C VAL B 1268 -52.19 2.90 1.67
N PRO B 1269 -51.82 3.77 0.70
CA PRO B 1269 -52.49 5.06 0.52
C PRO B 1269 -53.88 4.94 -0.11
N LYS B 1270 -54.64 6.04 -0.09
CA LYS B 1270 -56.02 6.11 -0.62
C LYS B 1270 -56.09 7.12 -1.78
N THR B 1271 -56.94 6.85 -2.78
CA THR B 1271 -57.16 7.74 -3.96
C THR B 1271 -58.67 7.94 -4.22
N CYS B 1272 -59.01 8.83 -5.19
CA CYS B 1272 -60.41 9.25 -5.48
C CYS B 1272 -60.81 8.93 -6.93
N SER B 1273 -62.12 8.91 -7.20
CA SER B 1273 -62.70 8.78 -8.56
C SER B 1273 -62.06 9.79 -9.52
N PRO B 1274 -61.83 9.47 -10.82
CA PRO B 1274 -61.36 10.47 -11.80
C PRO B 1274 -62.17 11.77 -11.84
N THR B 1275 -63.50 11.72 -11.58
CA THR B 1275 -64.41 12.88 -11.49
C THR B 1275 -64.18 13.70 -10.21
N HIS B 1276 -63.16 13.36 -9.42
CA HIS B 1276 -62.82 14.09 -8.17
C HIS B 1276 -61.34 14.50 -8.17
N PHE B 1277 -61.09 15.61 -7.47
CA PHE B 1277 -59.78 16.10 -7.01
C PHE B 1277 -59.31 15.22 -5.84
N LEU B 1278 -57.99 15.21 -5.60
CA LEU B 1278 -57.42 14.69 -4.33
C LEU B 1278 -56.89 15.86 -3.52
N CYS B 1279 -57.46 16.08 -2.33
CA CYS B 1279 -56.99 17.12 -1.37
C CYS B 1279 -55.71 16.64 -0.69
N ASP B 1280 -54.92 17.56 -0.13
CA ASP B 1280 -53.66 17.23 0.61
C ASP B 1280 -53.96 16.24 1.73
N ASN B 1281 -55.09 16.41 2.43
CA ASN B 1281 -55.40 15.57 3.61
C ASN B 1281 -56.09 14.27 3.16
N GLY B 1282 -56.35 14.08 1.86
CA GLY B 1282 -56.93 12.82 1.32
C GLY B 1282 -58.43 12.88 1.13
N ASN B 1283 -59.08 14.05 1.32
CA ASN B 1283 -60.50 14.25 0.94
C ASN B 1283 -60.66 14.19 -0.60
N CYS B 1284 -61.88 13.87 -1.06
CA CYS B 1284 -62.28 13.87 -2.48
C CYS B 1284 -63.34 14.97 -2.72
N ILE B 1285 -63.17 15.81 -3.75
CA ILE B 1285 -64.19 16.86 -4.12
C ILE B 1285 -64.38 16.90 -5.64
N TYR B 1286 -65.58 17.24 -6.13
CA TYR B 1286 -65.93 17.19 -7.58
C TYR B 1286 -65.04 18.11 -8.43
N LYS B 1287 -64.94 17.82 -9.73
CA LYS B 1287 -64.11 18.58 -10.70
C LYS B 1287 -64.58 20.04 -10.75
N ALA B 1288 -65.89 20.26 -10.80
CA ALA B 1288 -66.48 21.62 -10.86
C ALA B 1288 -66.22 22.37 -9.56
N TRP B 1289 -66.02 21.65 -8.45
CA TRP B 1289 -65.87 22.26 -7.11
C TRP B 1289 -64.43 22.73 -6.89
N ILE B 1290 -63.50 22.45 -7.81
CA ILE B 1290 -62.09 22.86 -7.63
C ILE B 1290 -62.03 24.38 -7.84
N CYS B 1291 -61.54 25.10 -6.83
CA CYS B 1291 -61.42 26.58 -6.83
C CYS B 1291 -62.75 27.21 -7.21
N ASP B 1292 -63.89 26.68 -6.73
CA ASP B 1292 -65.22 27.30 -6.98
C ASP B 1292 -65.47 28.43 -5.98
N GLY B 1293 -64.62 28.59 -4.96
CA GLY B 1293 -64.77 29.64 -3.93
C GLY B 1293 -65.30 29.09 -2.62
N ASP B 1294 -65.21 27.77 -2.37
CA ASP B 1294 -65.68 27.17 -1.11
C ASP B 1294 -64.61 26.19 -0.59
N ASN B 1295 -64.56 26.01 0.73
CA ASN B 1295 -63.57 25.11 1.37
C ASN B 1295 -64.09 23.68 1.31
N ASP B 1296 -64.23 23.14 0.09
CA ASP B 1296 -64.78 21.77 -0.10
C ASP B 1296 -63.76 20.75 0.44
N CYS B 1297 -62.47 20.99 0.20
CA CYS B 1297 -61.40 20.09 0.69
C CYS B 1297 -61.28 20.17 2.22
N ARG B 1298 -61.87 21.18 2.86
CA ARG B 1298 -61.79 21.44 4.33
C ARG B 1298 -60.34 21.64 4.79
N ASP B 1299 -59.37 21.69 3.87
CA ASP B 1299 -57.98 22.11 4.20
C ASP B 1299 -57.50 23.15 3.20
N MET B 1300 -58.42 23.71 2.39
CA MET B 1300 -58.14 24.80 1.42
C MET B 1300 -57.24 24.31 0.27
N SER B 1301 -57.07 22.99 0.07
CA SER B 1301 -56.18 22.46 -0.99
C SER B 1301 -56.76 22.82 -2.37
N ASP B 1302 -58.08 22.68 -2.53
CA ASP B 1302 -58.74 22.87 -3.85
C ASP B 1302 -58.72 24.36 -4.21
N GLU B 1303 -58.66 25.25 -3.22
CA GLU B 1303 -58.65 26.71 -3.48
C GLU B 1303 -57.21 27.21 -3.63
N LYS B 1304 -56.26 26.69 -2.83
CA LYS B 1304 -54.89 27.24 -2.78
C LYS B 1304 -54.10 26.79 -4.02
N ASP B 1305 -54.51 25.69 -4.67
CA ASP B 1305 -53.70 25.06 -5.74
C ASP B 1305 -53.67 25.95 -6.99
N CYS B 1306 -54.83 26.19 -7.60
CA CYS B 1306 -54.91 26.89 -8.91
C CYS B 1306 -55.68 28.20 -8.73
N PRO B 1307 -55.02 29.37 -8.59
CA PRO B 1307 -55.74 30.65 -8.45
C PRO B 1307 -56.28 31.18 -9.80
N THR B 1308 -57.61 31.08 -9.98
CA THR B 1308 -58.30 31.51 -11.22
C THR B 1308 -58.22 33.04 -11.41
N GLN B 1309 -58.30 33.48 -12.67
CA GLN B 1309 -58.15 34.92 -13.07
C GLN B 1309 -59.41 35.36 -13.83
N PRO B 1310 -60.54 35.63 -13.14
CA PRO B 1310 -61.82 35.97 -13.81
C PRO B 1310 -61.93 37.43 -14.29
N PHE B 1311 -60.84 37.98 -14.85
CA PHE B 1311 -60.80 39.38 -15.34
C PHE B 1311 -61.40 39.46 -16.74
N HIS B 1312 -62.74 39.30 -16.81
CA HIS B 1312 -63.55 39.42 -18.05
C HIS B 1312 -64.98 39.85 -17.66
N CYS B 1313 -65.76 40.29 -18.65
CA CYS B 1313 -67.21 40.61 -18.45
C CYS B 1313 -68.05 39.41 -18.89
N PRO B 1314 -68.44 38.46 -18.01
CA PRO B 1314 -69.36 37.36 -18.38
C PRO B 1314 -70.82 37.83 -18.58
N SER B 1315 -71.13 39.04 -18.11
CA SER B 1315 -72.44 39.72 -18.26
C SER B 1315 -72.79 39.93 -19.75
N THR B 1316 -74.08 40.16 -20.02
CA THR B 1316 -74.57 40.62 -21.35
C THR B 1316 -74.01 42.01 -21.67
N GLN B 1317 -73.54 42.77 -20.66
CA GLN B 1317 -72.93 44.11 -20.84
C GLN B 1317 -71.83 44.07 -21.90
N TRP B 1318 -71.87 45.04 -22.81
CA TRP B 1318 -71.13 45.02 -24.09
C TRP B 1318 -69.69 45.51 -23.90
N GLN B 1319 -68.70 44.65 -24.16
CA GLN B 1319 -67.27 45.00 -23.94
C GLN B 1319 -66.70 45.73 -25.17
N CYS B 1320 -66.06 46.88 -24.94
CA CYS B 1320 -65.41 47.70 -26.00
C CYS B 1320 -64.17 46.98 -26.52
N PRO B 1321 -63.88 46.93 -27.84
CA PRO B 1321 -62.75 46.15 -28.36
C PRO B 1321 -61.40 46.55 -27.75
N GLY B 1322 -60.72 45.57 -27.13
CA GLY B 1322 -59.36 45.74 -26.61
C GLY B 1322 -59.32 46.36 -25.22
N TYR B 1323 -60.45 46.81 -24.66
CA TYR B 1323 -60.50 47.43 -23.32
C TYR B 1323 -61.03 46.43 -22.27
N SER B 1324 -60.71 46.68 -20.99
CA SER B 1324 -61.42 46.09 -19.83
C SER B 1324 -62.79 46.73 -19.63
N THR B 1325 -63.04 47.89 -20.27
CA THR B 1325 -64.33 48.63 -20.25
C THR B 1325 -65.46 47.80 -20.89
N CYS B 1326 -66.55 47.57 -20.14
CA CYS B 1326 -67.80 47.01 -20.71
C CYS B 1326 -69.00 47.82 -20.21
N ILE B 1327 -70.00 48.03 -21.08
CA ILE B 1327 -71.04 49.08 -20.91
C ILE B 1327 -72.46 48.52 -21.10
N ASN B 1328 -73.47 49.33 -20.75
CA ASN B 1328 -74.90 48.97 -20.91
C ASN B 1328 -75.23 48.77 -22.41
N LEU B 1329 -75.90 47.65 -22.74
CA LEU B 1329 -76.30 47.30 -24.13
C LEU B 1329 -77.13 48.43 -24.79
N SER B 1330 -77.77 49.31 -24.03
CA SER B 1330 -78.60 50.40 -24.61
C SER B 1330 -77.72 51.42 -25.37
N ALA B 1331 -76.39 51.39 -25.19
CA ALA B 1331 -75.44 52.39 -25.73
C ALA B 1331 -75.42 52.41 -27.27
N LEU B 1332 -75.73 51.28 -27.90
CA LEU B 1332 -75.48 51.05 -29.35
C LEU B 1332 -76.27 52.06 -30.20
N CYS B 1333 -75.53 53.00 -30.81
CA CYS B 1333 -76.07 54.05 -31.72
C CYS B 1333 -77.20 54.83 -31.04
N ASP B 1334 -77.08 55.10 -29.74
CA ASP B 1334 -78.15 55.81 -29.00
C ASP B 1334 -77.95 57.33 -29.09
N GLY B 1335 -76.84 57.80 -29.65
CA GLY B 1335 -76.60 59.23 -29.89
C GLY B 1335 -75.45 59.80 -29.08
N VAL B 1336 -74.91 59.06 -28.10
CA VAL B 1336 -73.77 59.56 -27.28
C VAL B 1336 -72.66 58.51 -27.33
N PHE B 1337 -71.43 58.94 -27.61
CA PHE B 1337 -70.24 58.06 -27.60
C PHE B 1337 -70.03 57.54 -26.18
N ASP B 1338 -70.20 56.23 -25.96
CA ASP B 1338 -70.14 55.60 -24.62
C ASP B 1338 -68.87 54.78 -24.39
N CYS B 1339 -68.45 53.95 -25.36
CA CYS B 1339 -67.10 53.32 -25.36
C CYS B 1339 -66.01 54.37 -25.63
N PRO B 1340 -64.73 54.15 -25.26
CA PRO B 1340 -63.66 55.14 -25.49
C PRO B 1340 -63.46 55.53 -26.96
N ASN B 1341 -63.68 54.60 -27.91
CA ASN B 1341 -63.59 54.89 -29.37
C ASN B 1341 -64.97 55.20 -29.94
N GLY B 1342 -66.03 55.20 -29.09
CA GLY B 1342 -67.41 55.41 -29.57
C GLY B 1342 -67.86 54.29 -30.48
N THR B 1343 -67.43 53.05 -30.22
CA THR B 1343 -67.80 51.87 -31.07
C THR B 1343 -69.30 51.58 -30.96
N ASP B 1344 -69.95 52.06 -29.89
CA ASP B 1344 -71.42 52.04 -29.75
C ASP B 1344 -72.04 52.95 -30.83
N GLU B 1345 -71.55 54.19 -30.99
CA GLU B 1345 -71.91 55.04 -32.17
C GLU B 1345 -71.06 54.59 -33.36
N SER B 1346 -71.19 53.32 -33.76
CA SER B 1346 -70.36 52.70 -34.82
C SER B 1346 -70.60 53.42 -36.15
N PRO B 1347 -69.59 53.47 -37.05
CA PRO B 1347 -69.84 53.95 -38.41
C PRO B 1347 -70.93 53.15 -39.12
N LEU B 1348 -71.02 51.84 -38.82
CA LEU B 1348 -72.14 51.00 -39.29
C LEU B 1348 -73.19 50.91 -38.18
N CYS B 1349 -73.90 52.02 -37.97
CA CYS B 1349 -75.10 52.06 -37.11
C CYS B 1349 -76.18 52.88 -37.82
N ASN B 1350 -77.41 52.82 -37.30
CA ASN B 1350 -78.61 53.45 -37.92
C ASN B 1350 -78.88 52.80 -39.29
N GLN B 1351 -78.64 51.50 -39.39
CA GLN B 1351 -79.10 50.70 -40.57
C GLN B 1351 -80.30 49.87 -40.12
N ASP B 1352 -81.35 49.85 -40.94
CA ASP B 1352 -82.62 49.18 -40.58
C ASP B 1352 -82.39 47.68 -40.40
N SER B 1353 -83.10 47.08 -39.43
CA SER B 1353 -83.03 45.63 -39.14
C SER B 1353 -83.49 44.84 -40.37
N CYS B 1354 -83.19 43.55 -40.41
CA CYS B 1354 -83.49 42.70 -41.59
C CYS B 1354 -85.01 42.51 -41.74
N SER B 1355 -85.81 42.88 -40.73
CA SER B 1355 -87.28 42.89 -40.83
C SER B 1355 -87.74 43.90 -41.90
N HIS B 1356 -86.84 44.82 -42.30
CA HIS B 1356 -87.18 45.87 -43.28
C HIS B 1356 -87.00 45.31 -44.70
N PHE B 1357 -87.86 44.34 -45.02
CA PHE B 1357 -87.89 43.66 -46.35
C PHE B 1357 -86.48 43.12 -46.66
N ASN B 1358 -85.98 42.26 -45.77
CA ASN B 1358 -84.64 41.61 -45.89
C ASN B 1358 -83.54 42.68 -45.86
N GLY B 1359 -83.87 43.90 -45.40
CA GLY B 1359 -82.93 45.03 -45.34
C GLY B 1359 -82.44 45.43 -46.72
N GLY B 1360 -83.14 45.01 -47.78
CA GLY B 1360 -82.77 45.32 -49.16
C GLY B 1360 -81.64 44.45 -49.69
N CYS B 1361 -81.13 43.50 -48.89
CA CYS B 1361 -80.03 42.60 -49.34
C CYS B 1361 -80.59 41.59 -50.34
N THR B 1362 -79.84 41.32 -51.40
CA THR B 1362 -80.29 40.42 -52.49
C THR B 1362 -80.03 38.96 -52.11
N HIS B 1363 -79.33 38.71 -51.00
CA HIS B 1363 -78.96 37.33 -50.58
C HIS B 1363 -79.18 37.21 -49.08
N GLN B 1364 -78.53 36.21 -48.45
CA GLN B 1364 -78.68 35.95 -47.00
C GLN B 1364 -78.31 37.23 -46.25
N CYS B 1365 -78.88 37.38 -45.05
CA CYS B 1365 -79.01 38.70 -44.36
C CYS B 1365 -78.63 38.55 -42.89
N MET B 1366 -77.99 39.59 -42.33
CA MET B 1366 -77.60 39.63 -40.90
C MET B 1366 -77.96 41.01 -40.34
N GLN B 1367 -78.36 41.04 -39.06
CA GLN B 1367 -78.85 42.27 -38.40
C GLN B 1367 -78.21 42.36 -37.01
N GLY B 1368 -76.88 42.23 -36.98
CA GLY B 1368 -76.10 42.19 -35.73
C GLY B 1368 -76.06 43.53 -35.01
N PRO B 1369 -75.23 43.68 -33.96
CA PRO B 1369 -75.18 44.92 -33.18
C PRO B 1369 -74.84 46.17 -34.02
N PHE B 1370 -74.08 45.99 -35.11
CA PHE B 1370 -73.68 47.12 -35.99
C PHE B 1370 -74.65 47.15 -37.18
N GLY B 1371 -75.83 47.73 -36.94
CA GLY B 1371 -76.85 47.97 -37.97
C GLY B 1371 -77.29 46.70 -38.69
N ALA B 1372 -76.86 46.52 -39.94
CA ALA B 1372 -77.19 45.32 -40.74
C ALA B 1372 -76.09 45.08 -41.76
N THR B 1373 -76.02 43.85 -42.28
CA THR B 1373 -74.94 43.44 -43.20
C THR B 1373 -75.52 42.49 -44.24
N CYS B 1374 -75.17 42.72 -45.50
CA CYS B 1374 -75.57 41.85 -46.63
C CYS B 1374 -74.41 40.91 -46.96
N LEU B 1375 -74.72 39.62 -47.14
CA LEU B 1375 -73.70 38.60 -47.47
C LEU B 1375 -74.04 37.95 -48.80
N CYS B 1376 -73.03 37.42 -49.50
CA CYS B 1376 -73.21 36.88 -50.86
C CYS B 1376 -72.60 35.49 -50.94
N PRO B 1377 -73.11 34.59 -51.82
CA PRO B 1377 -72.51 33.28 -51.98
C PRO B 1377 -71.13 33.34 -52.66
N LEU B 1378 -70.48 32.18 -52.74
CA LEU B 1378 -69.15 32.05 -53.41
C LEU B 1378 -69.30 32.49 -54.88
N GLY B 1379 -68.29 33.24 -55.36
CA GLY B 1379 -68.29 33.77 -56.73
C GLY B 1379 -69.04 35.09 -56.82
N TYR B 1380 -69.52 35.65 -55.70
CA TYR B 1380 -70.18 36.97 -55.68
C TYR B 1380 -69.43 37.91 -54.74
N GLN B 1381 -69.69 39.21 -54.90
CA GLN B 1381 -69.08 40.25 -54.03
C GLN B 1381 -70.12 41.33 -53.74
N LEU B 1382 -69.87 42.10 -52.68
CA LEU B 1382 -70.74 43.23 -52.29
C LEU B 1382 -70.55 44.39 -53.27
N ALA B 1383 -71.62 45.15 -53.48
CA ALA B 1383 -71.55 46.42 -54.23
C ALA B 1383 -70.83 47.46 -53.37
N ASN B 1384 -70.47 48.58 -53.97
CA ASN B 1384 -69.81 49.71 -53.26
C ASN B 1384 -70.71 50.21 -52.11
N ASP B 1385 -72.01 50.35 -52.35
CA ASP B 1385 -72.97 50.86 -51.33
C ASP B 1385 -73.60 49.71 -50.55
N THR B 1386 -73.12 48.48 -50.74
CA THR B 1386 -73.62 47.25 -50.06
C THR B 1386 -75.10 47.01 -50.39
N LYS B 1387 -75.60 47.58 -51.48
CA LYS B 1387 -77.05 47.47 -51.82
C LYS B 1387 -77.32 46.06 -52.33
N THR B 1388 -76.51 45.59 -53.29
CA THR B 1388 -76.77 44.30 -53.98
C THR B 1388 -75.46 43.51 -54.08
N CYS B 1389 -75.58 42.20 -54.29
CA CYS B 1389 -74.44 41.34 -54.64
C CYS B 1389 -74.08 41.57 -56.12
N GLU B 1390 -72.79 41.42 -56.44
CA GLU B 1390 -72.30 41.56 -57.83
C GLU B 1390 -71.40 40.37 -58.16
N ASP B 1391 -71.46 39.95 -59.42
CA ASP B 1391 -70.72 38.76 -59.90
C ASP B 1391 -69.24 39.11 -60.02
N ILE B 1392 -68.38 38.15 -59.68
CA ILE B 1392 -66.93 38.24 -60.01
C ILE B 1392 -66.77 37.83 -61.47
N ASN B 1393 -66.10 38.68 -62.25
CA ASN B 1393 -65.70 38.29 -63.63
C ASN B 1393 -64.37 37.55 -63.49
N GLU B 1394 -64.42 36.23 -63.24
CA GLU B 1394 -63.22 35.44 -62.91
C GLU B 1394 -62.27 35.42 -64.12
N CYS B 1395 -62.75 35.75 -65.32
CA CYS B 1395 -61.92 35.76 -66.55
C CYS B 1395 -61.23 37.11 -66.73
N ASP B 1396 -61.59 38.13 -65.94
CA ASP B 1396 -60.98 39.48 -66.06
C ASP B 1396 -59.68 39.58 -65.25
N ILE B 1397 -59.39 38.59 -64.39
CA ILE B 1397 -58.07 38.51 -63.70
C ILE B 1397 -57.17 37.56 -64.50
N PRO B 1398 -56.07 38.03 -65.10
CA PRO B 1398 -55.24 37.18 -65.97
C PRO B 1398 -54.63 35.97 -65.24
N GLY B 1399 -54.68 34.82 -65.92
CA GLY B 1399 -54.08 33.57 -65.41
C GLY B 1399 -54.91 32.90 -64.34
N PHE B 1400 -56.12 33.39 -64.02
CA PHE B 1400 -57.08 32.66 -63.15
C PHE B 1400 -57.36 31.29 -63.80
N CYS B 1401 -57.65 31.32 -65.10
CA CYS B 1401 -57.93 30.10 -65.89
C CYS B 1401 -56.86 30.03 -67.00
N SER B 1402 -56.21 28.87 -67.16
CA SER B 1402 -54.99 28.73 -67.99
C SER B 1402 -55.33 28.92 -69.48
N GLN B 1403 -56.53 28.51 -69.92
CA GLN B 1403 -57.00 28.70 -71.32
C GLN B 1403 -58.52 28.89 -71.35
N HIS B 1404 -59.03 29.70 -72.29
CA HIS B 1404 -60.46 29.82 -72.67
C HIS B 1404 -61.35 29.90 -71.43
N CYS B 1405 -61.23 30.99 -70.69
CA CYS B 1405 -62.11 31.27 -69.52
C CYS B 1405 -63.45 31.79 -70.02
N VAL B 1406 -64.54 31.28 -69.46
CA VAL B 1406 -65.92 31.73 -69.80
C VAL B 1406 -66.63 32.15 -68.52
N ASN B 1407 -67.26 33.32 -68.52
CA ASN B 1407 -67.87 33.88 -67.28
C ASN B 1407 -69.36 33.54 -67.25
N MET B 1408 -69.82 33.02 -66.11
CA MET B 1408 -71.26 32.70 -65.89
C MET B 1408 -71.86 33.74 -64.95
N ARG B 1409 -73.14 33.58 -64.58
CA ARG B 1409 -73.84 34.58 -63.75
C ARG B 1409 -73.24 34.59 -62.34
N GLY B 1410 -72.86 33.42 -61.80
CA GLY B 1410 -72.28 33.34 -60.46
C GLY B 1410 -71.09 32.41 -60.39
N SER B 1411 -70.54 32.02 -61.55
CA SER B 1411 -69.43 31.05 -61.60
C SER B 1411 -68.66 31.22 -62.91
N PHE B 1412 -67.81 30.25 -63.25
CA PHE B 1412 -67.01 30.30 -64.49
C PHE B 1412 -66.94 28.90 -65.10
N ARG B 1413 -66.73 28.88 -66.41
CA ARG B 1413 -66.50 27.64 -67.19
C ARG B 1413 -65.18 27.75 -67.93
N CYS B 1414 -64.45 26.64 -67.99
CA CYS B 1414 -63.10 26.61 -68.60
C CYS B 1414 -62.98 25.39 -69.52
N ALA B 1415 -62.14 25.54 -70.54
CA ALA B 1415 -61.80 24.45 -71.47
C ALA B 1415 -60.40 24.69 -72.02
N CYS B 1416 -59.77 23.62 -72.50
CA CYS B 1416 -58.38 23.70 -73.01
C CYS B 1416 -58.29 23.00 -74.36
N ASP B 1417 -57.22 23.34 -75.09
CA ASP B 1417 -57.05 22.89 -76.50
C ASP B 1417 -56.88 21.37 -76.54
N PRO B 1418 -57.19 20.72 -77.68
CA PRO B 1418 -57.06 19.26 -77.79
C PRO B 1418 -55.68 18.69 -77.41
N GLU B 1419 -54.66 19.55 -77.22
CA GLU B 1419 -53.31 19.10 -76.76
C GLU B 1419 -53.21 19.17 -75.24
N TYR B 1420 -54.28 19.51 -74.53
CA TYR B 1420 -54.22 19.71 -73.06
C TYR B 1420 -55.41 18.99 -72.43
N THR B 1421 -55.26 18.63 -71.16
CA THR B 1421 -56.33 17.95 -70.38
C THR B 1421 -56.51 18.71 -69.07
N LEU B 1422 -57.76 19.04 -68.74
CA LEU B 1422 -58.09 19.78 -67.51
C LEU B 1422 -57.74 18.95 -66.28
N GLU B 1423 -57.32 19.61 -65.22
CA GLU B 1423 -56.95 18.94 -63.93
C GLU B 1423 -58.19 18.83 -63.04
N SER B 1424 -58.00 18.41 -61.78
CA SER B 1424 -59.10 18.29 -60.80
C SER B 1424 -59.75 19.66 -60.62
N ASP B 1425 -58.92 20.71 -60.44
CA ASP B 1425 -59.43 22.09 -60.39
C ASP B 1425 -59.81 22.50 -61.82
N GLY B 1426 -60.96 23.17 -61.97
CA GLY B 1426 -61.49 23.56 -63.29
C GLY B 1426 -60.77 24.78 -63.86
N ARG B 1427 -59.49 24.97 -63.53
CA ARG B 1427 -58.76 26.19 -64.00
C ARG B 1427 -57.47 25.81 -64.71
N THR B 1428 -56.79 24.77 -64.22
CA THR B 1428 -55.45 24.36 -64.70
C THR B 1428 -55.58 23.24 -65.74
N CYS B 1429 -54.76 23.29 -66.79
CA CYS B 1429 -54.59 22.12 -67.67
C CYS B 1429 -53.10 21.85 -67.91
N LYS B 1430 -52.80 20.58 -68.20
CA LYS B 1430 -51.43 20.11 -68.54
C LYS B 1430 -51.44 19.51 -69.95
N VAL B 1431 -50.27 19.40 -70.57
CA VAL B 1431 -50.17 18.75 -71.91
C VAL B 1431 -50.63 17.29 -71.83
N THR B 1432 -51.25 16.81 -72.91
CA THR B 1432 -51.85 15.45 -72.96
C THR B 1432 -50.77 14.41 -73.29
N GLY B 1433 -49.63 14.86 -73.84
CA GLY B 1433 -48.55 13.97 -74.30
C GLY B 1433 -47.89 13.24 -73.16
N SER B 1434 -47.34 12.05 -73.48
CA SER B 1434 -46.38 11.28 -72.65
C SER B 1434 -44.97 11.85 -72.76
N GLU B 1435 -44.65 12.44 -73.91
CA GLU B 1435 -43.44 13.23 -74.15
C GLU B 1435 -43.36 14.40 -73.16
N ASN B 1436 -42.27 14.50 -72.40
CA ASN B 1436 -41.97 15.67 -71.56
C ASN B 1436 -41.41 16.82 -72.40
N PRO B 1437 -41.49 18.09 -71.96
CA PRO B 1437 -40.75 19.18 -72.60
C PRO B 1437 -39.24 19.00 -72.40
N LEU B 1438 -38.45 19.40 -73.39
CA LEU B 1438 -37.04 19.69 -73.15
C LEU B 1438 -36.77 21.15 -73.50
N LEU B 1439 -35.88 21.77 -72.75
CA LEU B 1439 -35.51 23.17 -72.96
C LEU B 1439 -34.13 23.19 -73.56
N VAL B 1440 -33.96 23.91 -74.66
CA VAL B 1440 -32.69 24.02 -75.37
C VAL B 1440 -32.21 25.47 -75.34
N VAL B 1441 -30.93 25.71 -75.02
CA VAL B 1441 -30.34 27.06 -74.93
C VAL B 1441 -29.01 27.14 -75.65
N ALA B 1442 -28.65 28.33 -76.12
CA ALA B 1442 -27.44 28.57 -76.93
C ALA B 1442 -26.42 29.38 -76.14
N SER B 1443 -25.53 28.70 -75.40
CA SER B 1443 -24.25 29.26 -74.94
C SER B 1443 -23.28 29.29 -76.13
N ARG B 1444 -22.36 30.26 -76.19
CA ARG B 1444 -21.43 30.48 -77.34
C ARG B 1444 -20.94 29.15 -77.95
N ASP B 1445 -20.18 28.32 -77.20
CA ASP B 1445 -19.54 27.10 -77.75
C ASP B 1445 -20.52 25.94 -77.95
N LYS B 1446 -21.66 25.92 -77.27
CA LYS B 1446 -22.47 24.67 -77.20
C LYS B 1446 -23.97 24.95 -77.10
N ILE B 1447 -24.73 24.19 -77.87
CA ILE B 1447 -26.16 24.06 -77.62
C ILE B 1447 -26.30 23.15 -76.41
N ILE B 1448 -27.00 23.60 -75.38
CA ILE B 1448 -27.24 22.81 -74.18
C ILE B 1448 -28.68 22.38 -74.19
N VAL B 1449 -28.92 21.10 -73.95
CA VAL B 1449 -30.25 20.52 -73.75
C VAL B 1449 -30.45 20.24 -72.27
N ASP B 1450 -31.61 20.60 -71.77
CA ASP B 1450 -32.03 20.27 -70.41
C ASP B 1450 -33.22 19.31 -70.43
N ASN B 1451 -33.02 18.10 -69.90
CA ASN B 1451 -34.10 17.20 -69.54
C ASN B 1451 -34.83 17.75 -68.33
N ILE B 1452 -35.98 18.40 -68.58
CA ILE B 1452 -37.07 18.54 -67.59
C ILE B 1452 -37.81 17.19 -67.51
N THR B 1453 -37.12 16.19 -66.97
CA THR B 1453 -37.64 14.84 -66.65
C THR B 1453 -37.63 14.70 -65.13
N ALA B 1454 -38.75 14.25 -64.54
CA ALA B 1454 -38.96 14.19 -63.08
C ALA B 1454 -38.60 15.51 -62.36
N HIS B 1455 -38.67 16.64 -63.10
CA HIS B 1455 -38.28 18.00 -62.68
C HIS B 1455 -36.85 18.09 -62.11
N THR B 1456 -35.98 17.15 -62.51
CA THR B 1456 -34.59 17.06 -62.04
C THR B 1456 -33.61 17.96 -62.79
N HIS B 1457 -34.01 18.48 -63.96
CA HIS B 1457 -33.19 19.30 -64.87
C HIS B 1457 -31.81 18.70 -65.19
N ASN B 1458 -31.77 17.58 -65.92
CA ASN B 1458 -30.51 16.91 -66.26
C ASN B 1458 -29.88 17.44 -67.56
N LEU B 1459 -28.77 18.17 -67.46
CA LEU B 1459 -28.15 18.89 -68.59
C LEU B 1459 -27.21 18.00 -69.41
N TYR B 1460 -27.23 18.18 -70.74
CA TYR B 1460 -26.23 17.58 -71.65
C TYR B 1460 -26.13 18.36 -72.96
N SER B 1461 -25.01 18.20 -73.68
CA SER B 1461 -24.80 18.87 -74.97
C SER B 1461 -25.68 18.27 -76.07
N LEU B 1462 -26.11 19.08 -77.04
CA LEU B 1462 -26.71 18.54 -78.28
C LEU B 1462 -25.65 18.15 -79.32
N VAL B 1463 -24.70 19.05 -79.64
CA VAL B 1463 -23.76 18.92 -80.79
C VAL B 1463 -22.37 19.39 -80.34
N GLN B 1464 -21.32 18.81 -80.94
CA GLN B 1464 -19.90 19.00 -80.52
C GLN B 1464 -19.20 20.14 -81.30
N ASP B 1465 -19.37 20.22 -82.63
CA ASP B 1465 -18.54 21.07 -83.53
C ASP B 1465 -18.90 22.56 -83.47
N VAL B 1466 -19.90 22.98 -82.66
CA VAL B 1466 -20.47 24.36 -82.69
C VAL B 1466 -19.41 25.37 -82.22
N SER B 1467 -19.40 26.56 -82.80
CA SER B 1467 -18.42 27.64 -82.48
C SER B 1467 -19.12 28.86 -81.86
N PHE B 1468 -20.19 29.36 -82.49
CA PHE B 1468 -20.95 30.51 -81.94
C PHE B 1468 -22.41 30.41 -82.36
N VAL B 1469 -23.22 29.75 -81.54
CA VAL B 1469 -24.67 29.61 -81.84
C VAL B 1469 -25.42 30.84 -81.29
N VAL B 1470 -26.37 31.36 -82.06
CA VAL B 1470 -27.18 32.55 -81.64
C VAL B 1470 -28.67 32.18 -81.65
N ALA B 1471 -29.18 31.69 -82.79
CA ALA B 1471 -30.61 31.38 -82.95
C ALA B 1471 -30.89 29.90 -82.69
N LEU B 1472 -32.10 29.58 -82.23
CA LEU B 1472 -32.53 28.18 -81.95
C LEU B 1472 -34.01 28.03 -82.28
N ASP B 1473 -34.37 26.96 -83.00
CA ASP B 1473 -35.78 26.57 -83.20
C ASP B 1473 -35.81 25.10 -83.59
N PHE B 1474 -37.00 24.50 -83.61
CA PHE B 1474 -37.16 23.06 -83.87
C PHE B 1474 -38.34 22.82 -84.80
N ASP B 1475 -38.28 21.68 -85.49
CA ASP B 1475 -39.36 21.22 -86.37
C ASP B 1475 -39.95 19.95 -85.76
N SER B 1476 -41.22 19.98 -85.39
CA SER B 1476 -41.90 18.83 -84.74
C SER B 1476 -42.17 17.72 -85.77
N VAL B 1477 -42.36 18.10 -87.04
CA VAL B 1477 -42.72 17.14 -88.11
C VAL B 1477 -41.55 16.17 -88.32
N THR B 1478 -40.32 16.65 -88.32
CA THR B 1478 -39.14 15.79 -88.58
C THR B 1478 -38.30 15.58 -87.33
N GLY B 1479 -38.60 16.29 -86.24
CA GLY B 1479 -37.88 16.14 -84.96
C GLY B 1479 -36.43 16.59 -85.08
N ARG B 1480 -36.20 17.75 -85.72
CA ARG B 1480 -34.84 18.32 -85.91
C ARG B 1480 -34.72 19.66 -85.19
N VAL B 1481 -33.52 19.99 -84.70
CA VAL B 1481 -33.21 21.27 -84.06
C VAL B 1481 -32.38 22.10 -85.03
N PHE B 1482 -32.80 23.33 -85.27
CA PHE B 1482 -32.17 24.27 -86.22
C PHE B 1482 -31.44 25.35 -85.43
N TRP B 1483 -30.24 25.70 -85.88
CA TRP B 1483 -29.47 26.80 -85.24
C TRP B 1483 -28.59 27.49 -86.26
N SER B 1484 -28.15 28.70 -85.93
CA SER B 1484 -27.27 29.49 -86.82
C SER B 1484 -25.95 29.75 -86.09
N ASP B 1485 -24.85 29.62 -86.82
CA ASP B 1485 -23.50 29.87 -86.29
C ASP B 1485 -23.06 31.27 -86.74
N LEU B 1486 -22.72 32.13 -85.79
CA LEU B 1486 -22.36 33.53 -86.12
C LEU B 1486 -20.98 33.57 -86.75
N LEU B 1487 -20.01 32.82 -86.22
CA LEU B 1487 -18.63 32.84 -86.75
C LEU B 1487 -18.57 32.16 -88.12
N GLN B 1488 -19.31 31.06 -88.33
CA GLN B 1488 -19.26 30.32 -89.61
C GLN B 1488 -20.16 31.01 -90.66
N GLY B 1489 -21.20 31.73 -90.22
CA GLY B 1489 -22.18 32.34 -91.13
C GLY B 1489 -23.04 31.29 -91.80
N LYS B 1490 -23.39 30.21 -91.07
CA LYS B 1490 -24.18 29.08 -91.59
C LYS B 1490 -25.38 28.79 -90.70
N THR B 1491 -26.46 28.25 -91.29
CA THR B 1491 -27.56 27.62 -90.54
C THR B 1491 -27.41 26.12 -90.64
N TRP B 1492 -27.46 25.44 -89.50
CA TRP B 1492 -27.37 23.97 -89.39
C TRP B 1492 -28.70 23.36 -88.95
N SER B 1493 -28.81 22.03 -89.05
CA SER B 1493 -29.84 21.27 -88.31
C SER B 1493 -29.31 19.89 -87.91
N VAL B 1494 -29.91 19.28 -86.89
CA VAL B 1494 -29.51 17.97 -86.33
C VAL B 1494 -30.77 17.26 -85.81
N PHE B 1495 -30.78 15.93 -85.63
CA PHE B 1495 -31.86 15.27 -84.87
C PHE B 1495 -31.70 15.54 -83.37
N GLN B 1496 -32.78 15.39 -82.62
CA GLN B 1496 -32.74 15.63 -81.18
C GLN B 1496 -31.85 14.64 -80.43
N ASN B 1497 -31.41 13.56 -81.07
CA ASN B 1497 -30.46 12.59 -80.45
C ASN B 1497 -29.02 12.92 -80.85
N GLY B 1498 -28.76 14.05 -81.54
CA GLY B 1498 -27.41 14.53 -81.87
C GLY B 1498 -26.85 13.94 -83.16
N THR B 1499 -27.62 13.09 -83.86
CA THR B 1499 -27.17 12.49 -85.15
C THR B 1499 -27.60 13.34 -86.35
N ASP B 1500 -26.92 13.14 -87.48
CA ASP B 1500 -27.27 13.73 -88.80
C ASP B 1500 -27.18 15.26 -88.79
N LYS B 1501 -26.06 15.81 -88.31
CA LYS B 1501 -25.78 17.26 -88.40
C LYS B 1501 -25.55 17.63 -89.86
N ARG B 1502 -26.42 18.48 -90.44
CA ARG B 1502 -26.36 18.89 -91.87
C ARG B 1502 -26.65 20.37 -92.05
N VAL B 1503 -26.02 20.99 -93.06
CA VAL B 1503 -26.14 22.45 -93.32
C VAL B 1503 -27.47 22.73 -94.03
N VAL B 1504 -28.03 23.92 -93.77
CA VAL B 1504 -29.33 24.37 -94.34
C VAL B 1504 -29.05 25.57 -95.24
N HIS B 1505 -28.42 26.60 -94.68
CA HIS B 1505 -27.88 27.75 -95.44
C HIS B 1505 -26.38 27.79 -95.21
N ASP B 1506 -25.58 27.75 -96.27
CA ASP B 1506 -24.09 27.70 -96.15
C ASP B 1506 -23.46 29.08 -96.36
N SER B 1507 -24.25 30.10 -96.75
CA SER B 1507 -23.70 31.37 -97.30
C SER B 1507 -24.75 32.49 -97.22
N GLY B 1508 -24.30 33.75 -97.20
CA GLY B 1508 -25.17 34.92 -97.32
C GLY B 1508 -25.94 35.27 -96.06
N LEU B 1509 -25.50 34.75 -94.91
CA LEU B 1509 -25.95 35.21 -93.57
C LEU B 1509 -24.81 36.01 -92.95
N SER B 1510 -25.11 37.14 -92.30
CA SER B 1510 -24.09 37.95 -91.60
C SER B 1510 -24.31 37.87 -90.08
N VAL B 1511 -25.45 38.37 -89.60
CA VAL B 1511 -25.79 38.24 -88.16
C VAL B 1511 -27.24 37.78 -88.07
N THR B 1512 -27.45 36.47 -87.99
CA THR B 1512 -28.80 35.90 -87.87
C THR B 1512 -29.22 35.96 -86.40
N GLU B 1513 -30.26 36.73 -86.10
CA GLU B 1513 -30.64 37.00 -84.69
C GLU B 1513 -31.51 35.85 -84.19
N MET B 1514 -32.65 35.60 -84.85
CA MET B 1514 -33.56 34.51 -84.44
C MET B 1514 -34.06 33.76 -85.66
N ILE B 1515 -34.38 32.48 -85.46
CA ILE B 1515 -34.96 31.61 -86.52
C ILE B 1515 -36.33 31.20 -86.03
N ALA B 1516 -37.29 31.14 -86.95
CA ALA B 1516 -38.63 30.62 -86.68
C ALA B 1516 -39.06 29.77 -87.86
N VAL B 1517 -39.25 28.47 -87.65
CA VAL B 1517 -39.60 27.55 -88.77
C VAL B 1517 -41.13 27.56 -88.87
N ASP B 1518 -41.64 27.38 -90.07
CA ASP B 1518 -43.08 27.28 -90.34
C ASP B 1518 -43.41 25.80 -90.51
N TRP B 1519 -43.92 25.16 -89.46
CA TRP B 1519 -44.11 23.69 -89.44
C TRP B 1519 -45.34 23.28 -90.26
N ILE B 1520 -46.19 24.21 -90.67
CA ILE B 1520 -47.37 23.87 -91.50
C ILE B 1520 -47.02 24.02 -92.98
N GLY B 1521 -46.49 25.19 -93.35
CA GLY B 1521 -46.11 25.49 -94.75
C GLY B 1521 -44.72 25.00 -95.12
N ARG B 1522 -43.98 24.37 -94.20
CA ARG B 1522 -42.61 23.83 -94.44
C ARG B 1522 -41.67 24.95 -94.90
N ASN B 1523 -41.80 26.15 -94.32
CA ASN B 1523 -40.93 27.29 -94.63
C ASN B 1523 -40.05 27.62 -93.43
N LEU B 1524 -39.00 28.41 -93.66
CA LEU B 1524 -38.03 28.78 -92.60
C LEU B 1524 -37.89 30.30 -92.67
N TYR B 1525 -38.19 31.00 -91.58
CA TYR B 1525 -38.10 32.47 -91.49
C TYR B 1525 -36.98 32.84 -90.53
N TRP B 1526 -36.23 33.89 -90.85
CA TRP B 1526 -35.17 34.39 -89.94
C TRP B 1526 -34.98 35.89 -90.15
N THR B 1527 -34.35 36.53 -89.17
CA THR B 1527 -34.07 37.99 -89.18
C THR B 1527 -32.56 38.18 -89.19
N ASP B 1528 -32.07 39.03 -90.10
CA ASP B 1528 -30.62 39.32 -90.20
C ASP B 1528 -30.40 40.76 -89.81
N TYR B 1529 -29.56 40.99 -88.79
CA TYR B 1529 -29.35 42.34 -88.21
C TYR B 1529 -28.54 43.20 -89.19
N ALA B 1530 -27.48 42.61 -89.77
CA ALA B 1530 -26.56 43.34 -90.66
C ALA B 1530 -27.27 43.70 -91.97
N LEU B 1531 -28.01 42.75 -92.56
CA LEU B 1531 -28.68 43.00 -93.86
C LEU B 1531 -29.95 43.82 -93.64
N GLU B 1532 -30.49 43.86 -92.41
CA GLU B 1532 -31.72 44.62 -92.07
C GLU B 1532 -32.87 44.09 -92.91
N THR B 1533 -33.02 42.76 -92.99
CA THR B 1533 -34.12 42.13 -93.74
C THR B 1533 -34.76 41.02 -92.91
N ILE B 1534 -36.00 40.70 -93.27
CA ILE B 1534 -36.66 39.44 -92.83
C ILE B 1534 -36.71 38.52 -94.03
N GLU B 1535 -36.09 37.35 -93.92
CA GLU B 1535 -35.96 36.43 -95.08
C GLU B 1535 -36.76 35.16 -94.84
N VAL B 1536 -37.18 34.54 -95.94
CA VAL B 1536 -37.91 33.23 -95.87
C VAL B 1536 -37.28 32.30 -96.90
N SER B 1537 -37.33 31.00 -96.60
CA SER B 1537 -36.81 29.91 -97.45
C SER B 1537 -37.70 28.67 -97.32
N LYS B 1538 -37.61 27.72 -98.25
CA LYS B 1538 -38.06 26.34 -97.96
C LYS B 1538 -37.31 25.81 -96.74
N ILE B 1539 -37.89 24.87 -96.00
CA ILE B 1539 -37.30 24.32 -94.75
C ILE B 1539 -35.97 23.61 -95.03
N ASP B 1540 -35.72 23.14 -96.25
CA ASP B 1540 -34.43 22.53 -96.63
C ASP B 1540 -33.38 23.57 -97.07
N GLY B 1541 -33.75 24.86 -97.05
CA GLY B 1541 -32.88 25.99 -97.43
C GLY B 1541 -32.93 26.36 -98.90
N SER B 1542 -33.72 25.69 -99.76
CA SER B 1542 -33.52 25.72 -101.24
C SER B 1542 -33.75 27.11 -101.88
N HIS B 1543 -34.92 27.71 -101.67
CA HIS B 1543 -35.34 28.91 -102.43
C HIS B 1543 -35.45 30.10 -101.47
N ARG B 1544 -34.42 30.95 -101.45
CA ARG B 1544 -34.32 32.06 -100.46
C ARG B 1544 -34.82 33.35 -101.10
N THR B 1545 -35.68 34.08 -100.40
CA THR B 1545 -36.08 35.43 -100.88
C THR B 1545 -36.15 36.37 -99.68
N VAL B 1546 -36.07 37.66 -99.96
CA VAL B 1546 -36.19 38.72 -98.91
C VAL B 1546 -37.67 39.08 -98.79
N LEU B 1547 -38.21 38.92 -97.60
CA LEU B 1547 -39.67 39.11 -97.39
C LEU B 1547 -39.98 40.56 -97.02
N ILE B 1548 -39.32 41.08 -95.98
CA ILE B 1548 -39.60 42.45 -95.48
C ILE B 1548 -38.32 43.27 -95.55
N SER B 1549 -38.39 44.47 -96.17
CA SER B 1549 -37.21 45.36 -96.35
C SER B 1549 -37.55 46.83 -96.07
N LYS B 1550 -38.82 47.25 -96.18
CA LYS B 1550 -39.17 48.69 -96.01
C LYS B 1550 -39.34 49.02 -94.52
N ASN B 1551 -38.61 50.04 -94.06
CA ASN B 1551 -38.46 50.37 -92.62
C ASN B 1551 -38.20 49.09 -91.81
N VAL B 1552 -37.05 48.45 -92.04
CA VAL B 1552 -36.54 47.41 -91.13
C VAL B 1552 -35.12 47.83 -90.76
N THR B 1553 -34.94 48.35 -89.55
CA THR B 1553 -33.64 48.93 -89.13
C THR B 1553 -32.80 47.87 -88.42
N LYS B 1554 -33.24 47.39 -87.27
CA LYS B 1554 -32.51 46.38 -86.47
C LYS B 1554 -33.50 45.31 -86.05
N PRO B 1555 -33.86 44.38 -86.93
CA PRO B 1555 -34.81 43.34 -86.57
C PRO B 1555 -34.16 42.31 -85.64
N ARG B 1556 -34.78 42.05 -84.49
CA ARG B 1556 -34.28 41.00 -83.60
C ARG B 1556 -35.29 39.86 -83.45
N GLY B 1557 -36.48 40.16 -82.92
CA GLY B 1557 -37.45 39.12 -82.55
C GLY B 1557 -38.19 38.57 -83.77
N LEU B 1558 -38.80 37.40 -83.62
CA LEU B 1558 -39.59 36.78 -84.72
C LEU B 1558 -40.43 35.64 -84.14
N ALA B 1559 -41.74 35.68 -84.44
CA ALA B 1559 -42.69 34.63 -84.01
C ALA B 1559 -43.67 34.37 -85.15
N LEU B 1560 -44.22 33.15 -85.19
CA LEU B 1560 -45.12 32.71 -86.27
C LEU B 1560 -46.37 32.08 -85.66
N ASP B 1561 -47.48 32.21 -86.38
CA ASP B 1561 -48.74 31.51 -86.04
C ASP B 1561 -49.27 30.89 -87.33
N PRO B 1562 -48.73 29.73 -87.76
CA PRO B 1562 -49.09 29.16 -89.05
C PRO B 1562 -50.49 28.53 -89.13
N ARG B 1563 -51.26 28.56 -88.03
CA ARG B 1563 -52.65 28.02 -88.06
C ARG B 1563 -53.46 28.83 -89.09
N MET B 1564 -54.22 28.13 -89.92
CA MET B 1564 -54.86 28.73 -91.13
C MET B 1564 -55.74 29.91 -90.69
N GLY B 1565 -56.42 29.80 -89.54
CA GLY B 1565 -57.22 30.90 -88.96
C GLY B 1565 -56.42 32.19 -88.82
N ASP B 1566 -55.18 32.08 -88.33
CA ASP B 1566 -54.33 33.27 -88.05
C ASP B 1566 -53.42 33.54 -89.24
N ASN B 1567 -52.50 32.60 -89.56
CA ASN B 1567 -51.50 32.76 -90.64
C ASN B 1567 -50.83 34.14 -90.53
N VAL B 1568 -50.20 34.41 -89.39
CA VAL B 1568 -49.67 35.76 -89.09
C VAL B 1568 -48.23 35.63 -88.60
N MET B 1569 -47.46 36.69 -88.73
CA MET B 1569 -46.04 36.74 -88.28
C MET B 1569 -45.84 38.00 -87.44
N PHE B 1570 -44.88 37.91 -86.51
CA PHE B 1570 -44.50 39.05 -85.65
C PHE B 1570 -42.98 39.18 -85.66
N TRP B 1571 -42.49 40.41 -85.58
CA TRP B 1571 -41.05 40.68 -85.39
C TRP B 1571 -40.85 41.97 -84.62
N SER B 1572 -39.67 42.11 -84.02
CA SER B 1572 -39.30 43.26 -83.17
C SER B 1572 -38.14 44.01 -83.82
N ASP B 1573 -38.20 45.33 -83.80
CA ASP B 1573 -37.14 46.19 -84.38
C ASP B 1573 -36.72 47.19 -83.31
N TRP B 1574 -35.43 47.28 -83.03
CA TRP B 1574 -34.93 48.15 -81.93
C TRP B 1574 -34.11 49.31 -82.50
N GLY B 1575 -34.35 49.69 -83.75
CA GLY B 1575 -33.77 50.93 -84.30
C GLY B 1575 -34.46 52.14 -83.74
N HIS B 1576 -34.21 53.31 -84.34
CA HIS B 1576 -34.94 54.54 -83.98
C HIS B 1576 -36.43 54.29 -84.24
N HIS B 1577 -37.25 54.75 -83.30
CA HIS B 1577 -38.70 54.44 -83.23
C HIS B 1577 -38.84 52.93 -83.08
N PRO B 1578 -38.44 52.33 -81.95
CA PRO B 1578 -38.56 50.89 -81.80
C PRO B 1578 -40.04 50.49 -81.76
N ARG B 1579 -40.33 49.26 -82.20
CA ARG B 1579 -41.73 48.80 -82.30
C ARG B 1579 -41.78 47.29 -82.44
N ILE B 1580 -42.96 46.73 -82.15
CA ILE B 1580 -43.31 45.33 -82.51
C ILE B 1580 -44.26 45.41 -83.70
N GLU B 1581 -43.93 44.69 -84.77
CA GLU B 1581 -44.73 44.77 -86.00
C GLU B 1581 -45.44 43.44 -86.27
N ARG B 1582 -46.65 43.54 -86.81
CA ARG B 1582 -47.46 42.36 -87.17
C ARG B 1582 -47.69 42.38 -88.68
N ALA B 1583 -47.49 41.23 -89.31
CA ALA B 1583 -47.77 41.08 -90.74
C ALA B 1583 -48.13 39.63 -91.03
N SER B 1584 -49.02 39.42 -91.99
CA SER B 1584 -49.33 38.06 -92.50
C SER B 1584 -48.07 37.54 -93.19
N MET B 1585 -47.82 36.23 -93.08
CA MET B 1585 -46.68 35.61 -93.76
C MET B 1585 -46.89 35.80 -95.27
N ASP B 1586 -45.80 36.11 -95.96
CA ASP B 1586 -45.75 36.74 -97.32
C ASP B 1586 -45.70 38.26 -97.19
N GLY B 1587 -45.87 38.82 -95.98
CA GLY B 1587 -45.60 40.25 -95.69
C GLY B 1587 -46.52 41.19 -96.45
N THR B 1588 -47.80 40.86 -96.57
CA THR B 1588 -48.76 41.77 -97.25
C THR B 1588 -49.42 42.68 -96.21
N MET B 1589 -50.08 42.10 -95.21
CA MET B 1589 -50.92 42.88 -94.26
C MET B 1589 -50.04 43.37 -93.09
N ARG B 1590 -49.15 44.32 -93.39
CA ARG B 1590 -48.17 44.79 -92.41
C ARG B 1590 -48.79 45.87 -91.52
N THR B 1591 -48.67 45.69 -90.19
CA THR B 1591 -49.16 46.68 -89.21
C THR B 1591 -48.21 46.76 -88.03
N VAL B 1592 -48.27 47.87 -87.30
CA VAL B 1592 -47.51 48.04 -86.04
C VAL B 1592 -48.49 47.90 -84.87
N ILE B 1593 -48.13 47.08 -83.89
CA ILE B 1593 -49.07 46.74 -82.79
C ILE B 1593 -48.60 47.35 -81.48
N VAL B 1594 -47.29 47.46 -81.27
CA VAL B 1594 -46.76 48.00 -79.99
C VAL B 1594 -45.67 49.02 -80.32
N GLN B 1595 -45.87 50.28 -79.92
CA GLN B 1595 -44.82 51.31 -80.12
C GLN B 1595 -44.75 52.25 -78.92
N GLU B 1596 -45.58 52.03 -77.90
CA GLU B 1596 -45.59 52.89 -76.69
C GLU B 1596 -44.86 52.20 -75.54
N LYS B 1597 -44.05 52.98 -74.81
CA LYS B 1597 -43.25 52.48 -73.66
C LYS B 1597 -42.40 51.31 -74.14
N ILE B 1598 -41.66 51.51 -75.24
CA ILE B 1598 -40.77 50.46 -75.78
C ILE B 1598 -39.42 51.08 -76.09
N TYR B 1599 -38.36 50.37 -75.73
CA TYR B 1599 -36.95 50.81 -75.90
C TYR B 1599 -36.08 49.57 -75.81
N TRP B 1600 -35.44 49.21 -76.93
CA TRP B 1600 -34.70 47.93 -77.03
C TRP B 1600 -35.67 46.77 -76.85
N PRO B 1601 -36.66 46.55 -77.73
CA PRO B 1601 -37.42 45.32 -77.68
C PRO B 1601 -36.56 44.12 -78.12
N CYS B 1602 -36.73 42.99 -77.44
CA CYS B 1602 -35.91 41.79 -77.71
C CYS B 1602 -36.72 40.54 -77.42
N GLY B 1603 -36.68 39.56 -78.34
CA GLY B 1603 -37.31 38.25 -78.11
C GLY B 1603 -38.83 38.32 -78.27
N LEU B 1604 -39.40 37.27 -78.84
CA LEU B 1604 -40.87 37.16 -79.02
C LEU B 1604 -41.24 35.69 -78.83
N SER B 1605 -42.46 35.45 -78.35
CA SER B 1605 -43.02 34.09 -78.32
C SER B 1605 -44.55 34.18 -78.36
N ILE B 1606 -45.20 33.15 -78.90
CA ILE B 1606 -46.68 33.11 -78.95
C ILE B 1606 -47.19 32.07 -77.94
N ASP B 1607 -48.16 32.49 -77.14
CA ASP B 1607 -49.11 31.59 -76.46
C ASP B 1607 -50.14 31.17 -77.50
N TYR B 1608 -50.06 29.96 -78.03
CA TYR B 1608 -50.96 29.52 -79.13
C TYR B 1608 -52.40 29.37 -78.64
N PRO B 1609 -52.69 28.71 -77.50
CA PRO B 1609 -54.07 28.58 -77.04
C PRO B 1609 -54.82 29.91 -76.83
N ASN B 1610 -54.13 30.93 -76.32
CA ASN B 1610 -54.77 32.23 -75.99
C ASN B 1610 -54.52 33.26 -77.10
N ARG B 1611 -53.64 32.97 -78.05
CA ARG B 1611 -53.26 33.93 -79.13
C ARG B 1611 -52.77 35.23 -78.50
N LEU B 1612 -51.82 35.11 -77.56
CA LEU B 1612 -51.14 36.27 -76.93
C LEU B 1612 -49.67 36.26 -77.36
N ILE B 1613 -49.15 37.42 -77.77
CA ILE B 1613 -47.72 37.53 -78.15
C ILE B 1613 -46.96 38.08 -76.93
N TYR B 1614 -46.10 37.24 -76.34
CA TYR B 1614 -45.22 37.67 -75.24
C TYR B 1614 -43.99 38.37 -75.84
N PHE B 1615 -43.59 39.50 -75.26
CA PHE B 1615 -42.38 40.23 -75.68
C PHE B 1615 -41.62 40.71 -74.47
N MET B 1616 -40.36 41.04 -74.68
CA MET B 1616 -39.43 41.41 -73.58
C MET B 1616 -38.71 42.71 -73.95
N ASP B 1617 -38.05 43.30 -72.96
CA ASP B 1617 -37.39 44.60 -73.12
C ASP B 1617 -36.10 44.57 -72.30
N ALA B 1618 -34.99 45.03 -72.90
CA ALA B 1618 -33.66 45.00 -72.26
C ALA B 1618 -33.31 46.34 -71.62
N TYR B 1619 -33.90 47.45 -72.09
CA TYR B 1619 -33.60 48.79 -71.54
C TYR B 1619 -34.58 49.14 -70.42
N LEU B 1620 -35.87 48.93 -70.66
CA LEU B 1620 -36.92 49.17 -69.63
C LEU B 1620 -37.02 47.97 -68.68
N ASP B 1621 -36.45 46.82 -69.05
CA ASP B 1621 -36.31 45.64 -68.17
C ASP B 1621 -37.70 45.18 -67.72
N TYR B 1622 -38.50 44.70 -68.67
CA TYR B 1622 -39.82 44.10 -68.36
C TYR B 1622 -40.07 42.90 -69.27
N ILE B 1623 -41.06 42.08 -68.89
CA ILE B 1623 -41.67 41.03 -69.75
C ILE B 1623 -43.16 41.34 -69.82
N GLU B 1624 -43.72 41.37 -71.02
CA GLU B 1624 -45.14 41.75 -71.22
C GLU B 1624 -45.77 40.82 -72.25
N PHE B 1625 -47.09 40.92 -72.40
CA PHE B 1625 -47.83 40.22 -73.46
C PHE B 1625 -49.02 41.07 -73.87
N CYS B 1626 -49.57 40.78 -75.06
CA CYS B 1626 -50.71 41.53 -75.60
C CYS B 1626 -51.38 40.69 -76.68
N ASP B 1627 -52.57 41.13 -77.11
CA ASP B 1627 -53.34 40.46 -78.18
C ASP B 1627 -52.58 40.56 -79.49
N TYR B 1628 -53.11 39.91 -80.52
CA TYR B 1628 -52.50 39.96 -81.87
C TYR B 1628 -52.60 41.38 -82.45
N ASP B 1629 -53.53 42.21 -81.95
CA ASP B 1629 -53.68 43.59 -82.45
C ASP B 1629 -52.98 44.57 -81.52
N GLY B 1630 -52.33 44.09 -80.45
CA GLY B 1630 -51.59 44.96 -79.52
C GLY B 1630 -52.45 45.41 -78.35
N HIS B 1631 -53.74 45.09 -78.34
CA HIS B 1631 -54.66 45.50 -77.25
C HIS B 1631 -54.46 44.58 -76.05
N ASN B 1632 -55.00 44.99 -74.89
CA ASN B 1632 -54.94 44.23 -73.62
C ASN B 1632 -53.47 43.97 -73.25
N ARG B 1633 -52.62 45.00 -73.38
CA ARG B 1633 -51.20 44.91 -72.99
C ARG B 1633 -51.10 44.77 -71.47
N ARG B 1634 -50.32 43.80 -71.01
CA ARG B 1634 -50.21 43.49 -69.56
C ARG B 1634 -48.77 43.15 -69.21
N GLN B 1635 -48.43 43.26 -67.93
CA GLN B 1635 -47.05 43.07 -67.43
C GLN B 1635 -46.98 41.79 -66.59
N VAL B 1636 -46.03 40.92 -66.93
CA VAL B 1636 -45.83 39.65 -66.22
C VAL B 1636 -44.59 39.73 -65.32
N ILE B 1637 -43.56 40.48 -65.71
CA ILE B 1637 -42.57 41.01 -64.75
C ILE B 1637 -42.28 42.46 -65.13
N ALA B 1638 -42.35 43.40 -64.17
CA ALA B 1638 -42.00 44.82 -64.40
C ALA B 1638 -41.54 45.43 -63.08
N SER B 1639 -40.67 46.44 -63.17
CA SER B 1639 -40.12 47.14 -61.98
C SER B 1639 -39.50 46.11 -61.03
N ASP B 1640 -38.80 45.12 -61.58
CA ASP B 1640 -38.13 44.06 -60.83
C ASP B 1640 -36.65 44.05 -61.20
N LEU B 1641 -35.77 44.08 -60.19
CA LEU B 1641 -34.30 44.10 -60.39
C LEU B 1641 -33.79 42.78 -60.99
N VAL B 1642 -34.56 41.70 -60.99
CA VAL B 1642 -34.00 40.41 -61.46
C VAL B 1642 -33.74 40.45 -62.96
N LEU B 1643 -34.47 41.25 -63.74
CA LEU B 1643 -34.11 41.43 -65.17
C LEU B 1643 -32.94 42.42 -65.27
N HIS B 1644 -31.89 42.03 -65.97
CA HIS B 1644 -30.74 42.94 -66.21
C HIS B 1644 -30.61 43.21 -67.70
N HIS B 1645 -30.51 42.15 -68.51
CA HIS B 1645 -30.47 42.28 -69.98
C HIS B 1645 -31.02 40.99 -70.56
N PRO B 1646 -32.34 40.79 -70.49
CA PRO B 1646 -32.95 39.60 -71.10
C PRO B 1646 -32.82 39.66 -72.63
N HIS B 1647 -32.67 38.50 -73.25
CA HIS B 1647 -32.46 38.43 -74.73
C HIS B 1647 -33.59 37.65 -75.41
N ALA B 1648 -33.81 36.39 -75.03
CA ALA B 1648 -34.76 35.51 -75.74
C ALA B 1648 -35.67 34.80 -74.74
N LEU B 1649 -36.76 34.25 -75.25
CA LEU B 1649 -37.99 33.99 -74.47
C LEU B 1649 -38.64 32.69 -74.95
N THR B 1650 -39.31 31.97 -74.04
CA THR B 1650 -39.94 30.66 -74.37
C THR B 1650 -41.09 30.40 -73.40
N LEU B 1651 -42.14 29.74 -73.89
CA LEU B 1651 -43.33 29.42 -73.05
C LEU B 1651 -43.55 27.90 -73.05
N PHE B 1652 -44.07 27.39 -71.94
CA PHE B 1652 -44.53 25.98 -71.87
C PHE B 1652 -45.54 25.87 -70.73
N GLU B 1653 -46.73 25.33 -71.02
CA GLU B 1653 -47.87 25.28 -70.06
C GLU B 1653 -48.06 26.67 -69.41
N ASP B 1654 -47.84 26.82 -68.08
CA ASP B 1654 -48.00 28.12 -67.39
C ASP B 1654 -46.64 28.70 -66.98
N PHE B 1655 -45.51 28.17 -67.43
CA PHE B 1655 -44.20 28.76 -67.20
C PHE B 1655 -43.73 29.59 -68.39
N VAL B 1656 -42.92 30.60 -68.08
CA VAL B 1656 -42.10 31.36 -69.04
C VAL B 1656 -40.64 31.18 -68.67
N TYR B 1657 -39.80 30.99 -69.68
CA TYR B 1657 -38.35 30.89 -69.51
C TYR B 1657 -37.71 31.96 -70.36
N TRP B 1658 -36.61 32.54 -69.89
CA TRP B 1658 -35.91 33.56 -70.68
C TRP B 1658 -34.41 33.52 -70.41
N THR B 1659 -33.60 33.98 -71.36
CA THR B 1659 -32.13 34.00 -71.19
C THR B 1659 -31.72 35.44 -70.89
N ASP B 1660 -30.87 35.60 -69.88
CA ASP B 1660 -30.40 36.93 -69.47
C ASP B 1660 -28.92 37.05 -69.81
N ARG B 1661 -28.56 38.00 -70.68
CA ARG B 1661 -27.15 38.20 -71.09
C ARG B 1661 -26.37 38.92 -69.98
N GLY B 1662 -27.07 39.60 -69.05
CA GLY B 1662 -26.41 40.31 -67.94
C GLY B 1662 -25.97 39.33 -66.87
N THR B 1663 -26.92 38.57 -66.33
CA THR B 1663 -26.65 37.60 -65.24
C THR B 1663 -26.07 36.33 -65.83
N ARG B 1664 -26.10 36.16 -67.15
CA ARG B 1664 -25.62 34.93 -67.84
C ARG B 1664 -26.35 33.71 -67.28
N GLN B 1665 -27.67 33.81 -67.14
CA GLN B 1665 -28.51 32.69 -66.63
C GLN B 1665 -29.70 32.47 -67.56
N VAL B 1666 -30.35 31.31 -67.47
CA VAL B 1666 -31.71 31.14 -67.98
C VAL B 1666 -32.66 30.93 -66.80
N MET B 1667 -33.73 31.69 -66.77
CA MET B 1667 -34.65 31.79 -65.64
C MET B 1667 -35.97 31.07 -65.92
N GLN B 1668 -36.74 30.88 -64.85
CA GLN B 1668 -38.08 30.30 -64.88
C GLN B 1668 -38.99 31.16 -64.02
N ALA B 1669 -40.20 31.46 -64.51
CA ALA B 1669 -41.24 32.12 -63.70
C ALA B 1669 -42.65 31.77 -64.20
N ASN B 1670 -43.67 32.03 -63.39
CA ASN B 1670 -45.07 31.77 -63.77
C ASN B 1670 -45.56 32.80 -64.79
N LYS B 1671 -46.01 32.38 -65.96
CA LYS B 1671 -46.23 33.27 -67.12
C LYS B 1671 -47.37 34.29 -66.96
N TRP B 1672 -48.04 34.34 -65.81
CA TRP B 1672 -49.15 35.26 -65.56
C TRP B 1672 -48.85 36.34 -64.52
N HIS B 1673 -48.00 36.05 -63.52
CA HIS B 1673 -47.66 37.00 -62.45
C HIS B 1673 -46.18 37.00 -62.05
N GLY B 1674 -45.35 36.22 -62.74
CA GLY B 1674 -43.89 36.22 -62.54
C GLY B 1674 -43.47 35.69 -61.18
N GLY B 1675 -44.35 35.03 -60.43
CA GLY B 1675 -44.24 34.95 -58.97
C GLY B 1675 -43.34 33.86 -58.40
N ASN B 1676 -43.01 32.83 -59.18
CA ASN B 1676 -42.35 31.61 -58.66
C ASN B 1676 -40.98 31.42 -59.30
N GLN B 1677 -40.13 32.43 -59.12
CA GLN B 1677 -38.88 32.60 -59.87
C GLN B 1677 -37.79 31.60 -59.45
N SER B 1678 -37.07 31.04 -60.42
CA SER B 1678 -35.85 30.27 -60.13
C SER B 1678 -34.88 30.29 -61.30
N VAL B 1679 -33.61 29.99 -61.02
CA VAL B 1679 -32.57 29.78 -62.04
C VAL B 1679 -32.70 28.37 -62.60
N VAL B 1680 -32.85 28.23 -63.92
CA VAL B 1680 -32.77 26.92 -64.59
C VAL B 1680 -31.32 26.45 -64.62
N MET B 1681 -30.40 27.25 -65.15
CA MET B 1681 -28.96 26.93 -65.14
C MET B 1681 -28.11 28.19 -65.27
N TYR B 1682 -26.85 28.08 -64.85
CA TYR B 1682 -25.82 29.13 -65.00
C TYR B 1682 -24.94 28.77 -66.20
N SER B 1683 -24.68 29.76 -67.05
CA SER B 1683 -23.88 29.58 -68.28
C SER B 1683 -22.55 30.34 -68.13
N VAL B 1684 -21.45 29.76 -68.60
CA VAL B 1684 -20.13 30.45 -68.60
C VAL B 1684 -20.23 31.66 -69.54
N HIS B 1685 -20.71 31.43 -70.76
CA HIS B 1685 -20.88 32.49 -71.79
C HIS B 1685 -22.30 33.06 -71.76
N GLN B 1686 -22.54 34.09 -72.58
CA GLN B 1686 -23.87 34.75 -72.68
C GLN B 1686 -24.84 33.76 -73.35
N PRO B 1687 -25.96 33.39 -72.71
CA PRO B 1687 -26.96 32.56 -73.39
C PRO B 1687 -27.82 33.42 -74.31
N LEU B 1688 -27.79 33.13 -75.61
CA LEU B 1688 -28.48 33.99 -76.59
C LEU B 1688 -29.85 33.42 -76.94
N GLY B 1689 -29.89 32.20 -77.49
CA GLY B 1689 -31.14 31.58 -77.98
C GLY B 1689 -31.74 30.63 -76.97
N ILE B 1690 -33.07 30.48 -77.02
CA ILE B 1690 -33.80 29.46 -76.23
C ILE B 1690 -35.03 28.98 -77.01
N THR B 1691 -35.35 27.68 -76.89
CA THR B 1691 -36.62 27.12 -77.40
C THR B 1691 -37.02 25.92 -76.53
N ALA B 1692 -38.33 25.65 -76.43
CA ALA B 1692 -38.86 24.45 -75.74
C ALA B 1692 -39.32 23.43 -76.78
N ILE B 1693 -38.64 22.28 -76.83
CA ILE B 1693 -38.93 21.11 -77.67
C ILE B 1693 -40.20 20.42 -77.13
N HIS B 1694 -41.36 20.55 -77.79
CA HIS B 1694 -42.55 19.80 -77.34
C HIS B 1694 -43.64 19.86 -78.41
N PRO B 1695 -44.38 18.77 -78.70
CA PRO B 1695 -45.45 18.82 -79.69
C PRO B 1695 -46.51 19.90 -79.45
N SER B 1696 -46.75 20.30 -78.18
CA SER B 1696 -47.74 21.33 -77.84
C SER B 1696 -47.31 22.71 -78.37
N ARG B 1697 -46.00 22.93 -78.54
CA ARG B 1697 -45.46 24.22 -79.04
C ARG B 1697 -45.64 24.35 -80.55
N GLN B 1698 -46.12 23.32 -81.24
CA GLN B 1698 -46.39 23.41 -82.70
C GLN B 1698 -47.73 22.74 -82.97
N PRO B 1699 -48.86 23.41 -82.69
CA PRO B 1699 -50.16 22.79 -82.88
C PRO B 1699 -50.38 22.38 -84.34
N PRO B 1700 -51.02 21.23 -84.61
CA PRO B 1700 -51.32 20.84 -85.98
C PRO B 1700 -52.42 21.72 -86.58
N SER B 1701 -52.37 21.88 -87.91
CA SER B 1701 -53.36 22.68 -88.66
C SER B 1701 -53.43 22.16 -90.10
N ARG B 1702 -54.64 22.23 -90.67
CA ARG B 1702 -54.86 21.84 -92.08
C ARG B 1702 -54.02 22.76 -92.96
N ASN B 1703 -53.28 22.16 -93.90
CA ASN B 1703 -52.27 22.89 -94.70
C ASN B 1703 -52.93 23.47 -95.95
N PRO B 1704 -53.08 24.80 -96.09
CA PRO B 1704 -53.73 25.34 -97.29
C PRO B 1704 -52.87 25.25 -98.55
N CYS B 1705 -51.55 25.06 -98.39
CA CYS B 1705 -50.61 25.09 -99.55
C CYS B 1705 -50.37 23.66 -100.06
N ALA B 1706 -51.02 22.64 -99.46
CA ALA B 1706 -50.85 21.23 -99.88
C ALA B 1706 -51.33 21.07 -101.33
N SER B 1707 -52.43 21.74 -101.69
CA SER B 1707 -53.05 21.63 -103.03
C SER B 1707 -52.45 22.67 -103.98
N ALA B 1708 -51.55 23.55 -103.49
CA ALA B 1708 -50.97 24.62 -104.33
C ALA B 1708 -50.05 24.02 -105.38
N SER B 1709 -50.02 24.65 -106.57
CA SER B 1709 -49.12 24.25 -107.68
C SER B 1709 -48.07 25.34 -107.92
N CYS B 1710 -47.83 26.21 -106.93
CA CYS B 1710 -46.83 27.30 -107.08
C CYS B 1710 -45.45 26.67 -107.28
N SER B 1711 -44.71 27.18 -108.28
CA SER B 1711 -43.28 26.83 -108.44
C SER B 1711 -42.48 27.62 -107.39
N HIS B 1712 -41.37 27.05 -106.92
CA HIS B 1712 -40.48 27.71 -105.93
C HIS B 1712 -41.27 27.86 -104.63
N LEU B 1713 -41.29 29.06 -104.02
CA LEU B 1713 -41.84 29.23 -102.66
C LEU B 1713 -43.37 29.30 -102.70
N CYS B 1714 -44.00 28.70 -101.69
CA CYS B 1714 -45.45 28.89 -101.41
C CYS B 1714 -45.58 29.28 -99.94
N LEU B 1715 -46.07 30.49 -99.66
CA LEU B 1715 -46.12 31.02 -98.28
C LEU B 1715 -47.57 31.07 -97.81
N LEU B 1716 -47.81 30.67 -96.56
CA LEU B 1716 -49.16 30.76 -95.95
C LEU B 1716 -49.52 32.24 -95.82
N SER B 1717 -50.79 32.56 -96.07
CA SER B 1717 -51.29 33.95 -96.02
C SER B 1717 -52.56 34.01 -95.19
N ALA B 1718 -52.82 35.16 -94.56
CA ALA B 1718 -54.03 35.35 -93.73
C ALA B 1718 -55.16 35.92 -94.58
N GLN B 1719 -54.88 36.33 -95.81
CA GLN B 1719 -55.87 37.05 -96.66
C GLN B 1719 -56.49 36.09 -97.67
N ALA B 1720 -57.77 36.32 -97.97
CA ALA B 1720 -58.57 35.55 -98.97
C ALA B 1720 -58.84 34.13 -98.45
N PRO B 1721 -59.88 33.44 -98.96
CA PRO B 1721 -60.14 32.05 -98.58
C PRO B 1721 -58.99 31.08 -98.94
N ARG B 1722 -58.16 31.43 -99.94
CA ARG B 1722 -57.08 30.54 -100.41
C ARG B 1722 -56.02 30.40 -99.31
N HIS B 1723 -55.74 31.49 -98.58
CA HIS B 1723 -54.82 31.48 -97.42
C HIS B 1723 -53.40 31.07 -97.81
N TYR B 1724 -52.98 31.32 -99.05
CA TYR B 1724 -51.58 31.12 -99.46
C TYR B 1724 -51.27 32.06 -100.62
N SER B 1725 -49.98 32.31 -100.83
CA SER B 1725 -49.52 33.16 -101.95
C SER B 1725 -48.20 32.59 -102.48
N CYS B 1726 -48.09 32.52 -103.81
CA CYS B 1726 -46.87 32.00 -104.47
C CYS B 1726 -45.82 33.12 -104.51
N ALA B 1727 -44.55 32.75 -104.27
CA ALA B 1727 -43.42 33.70 -104.39
C ALA B 1727 -42.21 32.93 -104.88
N CYS B 1728 -41.19 33.67 -105.32
CA CYS B 1728 -39.96 33.04 -105.88
C CYS B 1728 -38.72 33.77 -105.37
N PRO B 1729 -37.55 33.10 -105.37
CA PRO B 1729 -36.35 33.67 -104.79
C PRO B 1729 -35.92 35.00 -105.44
N SER B 1730 -34.84 35.55 -104.89
CA SER B 1730 -34.18 36.78 -105.40
C SER B 1730 -33.76 36.58 -106.85
N GLY B 1731 -34.12 37.53 -107.72
CA GLY B 1731 -33.76 37.54 -109.15
C GLY B 1731 -34.75 36.79 -110.02
N TRP B 1732 -36.01 36.67 -109.57
CA TRP B 1732 -37.07 36.04 -110.37
C TRP B 1732 -38.26 37.00 -110.50
N ASN B 1733 -38.87 37.05 -111.69
CA ASN B 1733 -40.16 37.74 -111.89
C ASN B 1733 -41.27 36.97 -111.16
N LEU B 1734 -42.36 37.66 -110.85
CA LEU B 1734 -43.67 36.98 -110.68
C LEU B 1734 -44.38 37.01 -112.03
N SER B 1735 -44.82 35.85 -112.53
CA SER B 1735 -45.56 35.80 -113.82
C SER B 1735 -46.96 36.35 -113.61
N ASP B 1736 -47.61 36.74 -114.71
CA ASP B 1736 -49.03 37.20 -114.67
C ASP B 1736 -49.89 36.03 -114.19
N ASP B 1737 -49.63 34.83 -114.70
CA ASP B 1737 -50.25 33.59 -114.16
C ASP B 1737 -49.58 33.32 -112.80
N SER B 1738 -50.24 33.72 -111.71
CA SER B 1738 -49.60 33.87 -110.37
C SER B 1738 -49.30 32.50 -109.74
N VAL B 1739 -48.70 31.57 -110.48
CA VAL B 1739 -48.23 30.28 -109.89
C VAL B 1739 -46.82 29.97 -110.40
N ASN B 1740 -46.36 30.63 -111.48
CA ASN B 1740 -45.06 30.34 -112.09
C ASN B 1740 -44.14 31.54 -111.94
N CYS B 1741 -42.83 31.30 -112.01
CA CYS B 1741 -41.81 32.37 -111.93
C CYS B 1741 -40.75 32.14 -113.00
N VAL B 1742 -40.22 33.23 -113.55
CA VAL B 1742 -39.17 33.17 -114.59
C VAL B 1742 -37.96 33.94 -114.07
N ARG B 1743 -36.76 33.42 -114.34
CA ARG B 1743 -35.50 34.02 -113.86
C ARG B 1743 -35.35 35.40 -114.50
N GLY B 1744 -35.04 36.41 -113.68
CA GLY B 1744 -34.82 37.79 -114.17
C GLY B 1744 -33.48 37.90 -114.89
N ASP B 1745 -33.51 38.11 -116.21
CA ASP B 1745 -32.26 38.22 -117.00
C ASP B 1745 -31.80 39.68 -117.05
N GLN B 1746 -32.52 40.59 -116.39
CA GLN B 1746 -32.15 42.03 -116.41
C GLN B 1746 -30.82 42.20 -115.64
N PRO B 1747 -29.98 43.17 -116.03
CA PRO B 1747 -28.74 43.41 -115.31
C PRO B 1747 -28.95 44.01 -113.91
N PHE B 1748 -27.90 43.90 -113.08
CA PHE B 1748 -27.88 44.53 -111.74
C PHE B 1748 -26.43 44.87 -111.38
N LEU B 1749 -26.28 45.83 -110.48
CA LEU B 1749 -24.95 46.35 -110.07
C LEU B 1749 -24.48 45.59 -108.83
N MET B 1750 -23.33 44.91 -108.97
CA MET B 1750 -22.69 44.26 -107.81
C MET B 1750 -21.84 45.32 -107.10
N SER B 1751 -22.25 45.68 -105.88
CA SER B 1751 -21.56 46.68 -105.03
C SER B 1751 -20.66 45.91 -104.07
N VAL B 1752 -19.35 45.97 -104.29
CA VAL B 1752 -18.39 45.36 -103.35
C VAL B 1752 -18.22 46.31 -102.17
N ARG B 1753 -18.20 45.74 -100.97
CA ARG B 1753 -17.97 46.51 -99.72
C ARG B 1753 -16.96 45.71 -98.92
N ASP B 1754 -16.33 46.30 -97.92
CA ASP B 1754 -15.14 45.71 -97.30
C ASP B 1754 -15.41 44.26 -96.83
N ASN B 1755 -16.58 43.95 -96.27
CA ASN B 1755 -16.84 42.60 -95.70
C ASN B 1755 -18.05 41.88 -96.31
N ILE B 1756 -18.64 42.39 -97.39
CA ILE B 1756 -19.84 41.80 -98.02
C ILE B 1756 -19.94 42.30 -99.46
N ILE B 1757 -20.57 41.51 -100.32
CA ILE B 1757 -20.87 41.92 -101.72
C ILE B 1757 -22.38 41.91 -101.91
N PHE B 1758 -22.91 43.05 -102.38
CA PHE B 1758 -24.36 43.22 -102.58
C PHE B 1758 -24.66 43.32 -104.07
N GLY B 1759 -25.75 42.68 -104.49
CA GLY B 1759 -26.33 42.93 -105.81
C GLY B 1759 -27.52 43.85 -105.69
N ILE B 1760 -27.42 45.06 -106.26
CA ILE B 1760 -28.48 46.10 -106.16
C ILE B 1760 -29.06 46.37 -107.55
N SER B 1761 -30.36 46.66 -107.62
CA SER B 1761 -31.04 46.96 -108.90
C SER B 1761 -30.48 48.25 -109.53
N LEU B 1762 -30.40 48.30 -110.86
CA LEU B 1762 -29.93 49.51 -111.58
C LEU B 1762 -30.94 50.66 -111.46
N ASP B 1763 -32.21 50.36 -111.16
CA ASP B 1763 -33.25 51.38 -110.93
C ASP B 1763 -32.97 52.07 -109.59
N PRO B 1764 -32.69 53.40 -109.55
CA PRO B 1764 -32.39 54.09 -108.29
C PRO B 1764 -33.58 54.11 -107.31
N GLU B 1765 -34.81 53.89 -107.77
CA GLU B 1765 -36.00 53.96 -106.87
C GLU B 1765 -36.13 52.68 -106.05
N VAL B 1766 -35.52 51.57 -106.48
CA VAL B 1766 -35.70 50.23 -105.84
C VAL B 1766 -34.55 50.01 -104.85
N LYS B 1767 -34.84 50.10 -103.54
CA LYS B 1767 -33.79 50.17 -102.50
C LYS B 1767 -33.71 48.87 -101.68
N SER B 1768 -34.07 47.73 -102.29
CA SER B 1768 -34.24 46.42 -101.61
C SER B 1768 -32.90 45.71 -101.32
N ASN B 1769 -31.87 45.90 -102.16
CA ASN B 1769 -30.54 45.24 -102.05
C ASN B 1769 -30.69 43.70 -102.10
N ASP B 1770 -31.51 43.19 -103.03
CA ASP B 1770 -31.79 41.74 -103.13
C ASP B 1770 -31.77 41.27 -104.59
N ALA B 1771 -30.97 41.87 -105.48
CA ALA B 1771 -30.86 41.39 -106.87
C ALA B 1771 -30.17 40.03 -106.91
N MET B 1772 -29.41 39.68 -105.85
CA MET B 1772 -28.77 38.34 -105.71
C MET B 1772 -28.55 38.07 -104.22
N VAL B 1773 -28.35 36.81 -103.84
CA VAL B 1773 -28.11 36.45 -102.42
C VAL B 1773 -26.75 37.03 -102.00
N PRO B 1774 -26.66 37.93 -101.00
CA PRO B 1774 -25.41 38.63 -100.69
C PRO B 1774 -24.27 37.68 -100.31
N ILE B 1775 -23.05 38.04 -100.68
CA ILE B 1775 -21.88 37.18 -100.36
C ILE B 1775 -21.26 37.71 -99.07
N SER B 1776 -21.66 37.14 -97.93
CA SER B 1776 -21.11 37.55 -96.61
C SER B 1776 -19.74 36.93 -96.36
N GLY B 1777 -19.06 37.40 -95.29
CA GLY B 1777 -17.79 36.79 -94.81
C GLY B 1777 -16.59 37.13 -95.67
N ILE B 1778 -16.61 38.25 -96.38
CA ILE B 1778 -15.43 38.70 -97.15
C ILE B 1778 -14.43 39.30 -96.16
N GLN B 1779 -13.14 38.97 -96.32
CA GLN B 1779 -12.10 39.53 -95.43
C GLN B 1779 -11.77 40.96 -95.85
N HIS B 1780 -11.20 41.13 -97.05
CA HIS B 1780 -10.83 42.47 -97.55
C HIS B 1780 -11.26 42.58 -98.99
N GLY B 1781 -12.50 43.02 -99.21
CA GLY B 1781 -13.10 43.06 -100.55
C GLY B 1781 -12.61 44.27 -101.31
N TYR B 1782 -12.07 44.06 -102.51
CA TYR B 1782 -11.71 45.19 -103.40
C TYR B 1782 -12.47 45.02 -104.71
N ASP B 1783 -12.40 43.82 -105.31
CA ASP B 1783 -12.93 43.65 -106.68
C ASP B 1783 -13.69 42.35 -106.77
N VAL B 1784 -14.66 42.33 -107.69
CA VAL B 1784 -15.50 41.14 -107.92
C VAL B 1784 -15.55 40.88 -109.41
N GLU B 1785 -15.85 39.63 -109.76
CA GLU B 1785 -15.93 39.25 -111.18
C GLU B 1785 -16.90 38.08 -111.30
N PHE B 1786 -17.56 37.99 -112.45
CA PHE B 1786 -18.65 37.02 -112.63
C PHE B 1786 -18.50 36.28 -113.95
N ASP B 1787 -19.14 35.12 -114.02
CA ASP B 1787 -19.32 34.35 -115.26
C ASP B 1787 -20.82 34.19 -115.49
N ASP B 1788 -21.32 34.74 -116.59
CA ASP B 1788 -22.76 34.64 -116.95
C ASP B 1788 -23.16 33.16 -117.03
N SER B 1789 -22.40 32.39 -117.83
CA SER B 1789 -22.58 30.92 -117.88
C SER B 1789 -22.26 30.35 -116.48
N GLU B 1790 -23.10 29.42 -116.01
CA GLU B 1790 -22.93 28.77 -114.70
C GLU B 1790 -23.28 29.76 -113.58
N GLN B 1791 -23.53 31.04 -113.92
CA GLN B 1791 -23.95 32.07 -112.95
C GLN B 1791 -23.06 32.04 -111.70
N PHE B 1792 -21.74 32.17 -111.90
CA PHE B 1792 -20.77 32.18 -110.78
C PHE B 1792 -20.27 33.59 -110.52
N ILE B 1793 -19.97 33.86 -109.25
CA ILE B 1793 -19.37 35.16 -108.80
C ILE B 1793 -18.00 34.86 -108.20
N TYR B 1794 -16.96 35.53 -108.69
CA TYR B 1794 -15.57 35.27 -108.28
C TYR B 1794 -15.02 36.46 -107.51
N TRP B 1795 -14.24 36.16 -106.47
CA TRP B 1795 -13.50 37.19 -105.72
C TRP B 1795 -12.29 36.53 -105.06
N VAL B 1796 -11.33 37.35 -104.65
CA VAL B 1796 -10.07 36.82 -104.04
C VAL B 1796 -10.17 36.97 -102.52
N GLU B 1797 -9.28 36.27 -101.82
CA GLU B 1797 -9.22 36.34 -100.35
C GLU B 1797 -7.78 36.55 -99.90
N ASN B 1798 -7.61 36.85 -98.61
CA ASN B 1798 -6.29 37.26 -98.04
C ASN B 1798 -5.25 36.15 -98.22
N PRO B 1799 -5.51 34.88 -97.85
CA PRO B 1799 -4.44 33.87 -97.88
C PRO B 1799 -3.84 33.58 -99.26
N GLY B 1800 -4.28 34.27 -100.32
CA GLY B 1800 -3.79 34.04 -101.69
C GLY B 1800 -4.55 32.91 -102.36
N GLU B 1801 -5.86 33.08 -102.48
CA GLU B 1801 -6.73 32.10 -103.16
C GLU B 1801 -7.94 32.82 -103.74
N ILE B 1802 -8.66 32.13 -104.62
CA ILE B 1802 -9.83 32.71 -105.33
C ILE B 1802 -11.04 31.86 -104.98
N HIS B 1803 -12.16 32.53 -104.67
CA HIS B 1803 -13.40 31.85 -104.24
C HIS B 1803 -14.49 32.08 -105.30
N ARG B 1804 -15.50 31.23 -105.25
CA ARG B 1804 -16.63 31.28 -106.20
C ARG B 1804 -17.93 30.97 -105.44
N VAL B 1805 -19.02 31.47 -105.95
CA VAL B 1805 -20.38 31.14 -105.43
C VAL B 1805 -21.40 31.38 -106.55
N LYS B 1806 -22.52 30.64 -106.51
CA LYS B 1806 -23.63 30.89 -107.45
C LYS B 1806 -24.33 32.20 -107.05
N THR B 1807 -25.14 32.75 -107.93
CA THR B 1807 -26.01 33.91 -107.58
C THR B 1807 -27.06 33.47 -106.57
N ASP B 1808 -27.31 32.15 -106.45
CA ASP B 1808 -28.28 31.61 -105.48
C ASP B 1808 -27.59 31.26 -104.15
N GLY B 1809 -26.25 31.29 -104.08
CA GLY B 1809 -25.50 30.87 -102.87
C GLY B 1809 -25.12 29.40 -102.87
N SER B 1810 -25.62 28.59 -103.81
CA SER B 1810 -25.66 27.10 -103.67
C SER B 1810 -24.29 26.39 -103.68
N ASN B 1811 -23.20 26.99 -104.20
CA ASN B 1811 -21.92 26.26 -104.40
C ASN B 1811 -20.72 27.07 -103.90
N ARG B 1812 -20.82 27.65 -102.72
CA ARG B 1812 -19.70 28.47 -102.21
C ARG B 1812 -18.51 27.57 -101.93
N THR B 1813 -17.45 27.72 -102.73
CA THR B 1813 -16.22 26.90 -102.56
C THR B 1813 -14.99 27.76 -102.86
N VAL B 1814 -13.85 27.33 -102.36
CA VAL B 1814 -12.54 27.93 -102.75
C VAL B 1814 -12.16 27.32 -104.09
N PHE B 1815 -11.95 28.16 -105.09
CA PHE B 1815 -11.86 27.68 -106.49
C PHE B 1815 -10.46 27.12 -106.77
N ALA B 1816 -9.42 27.92 -106.55
CA ALA B 1816 -8.05 27.51 -106.87
C ALA B 1816 -7.06 28.33 -106.05
N PRO B 1817 -5.87 27.80 -105.73
CA PRO B 1817 -4.79 28.60 -105.20
C PRO B 1817 -4.30 29.59 -106.26
N LEU B 1818 -4.11 30.85 -105.84
CA LEU B 1818 -3.88 31.96 -106.80
C LEU B 1818 -2.38 32.24 -106.92
N SER B 1819 -1.70 32.57 -105.82
CA SER B 1819 -0.26 32.93 -105.84
C SER B 1819 0.33 32.68 -104.46
N LEU B 1820 1.56 32.17 -104.39
CA LEU B 1820 2.22 31.87 -103.10
C LEU B 1820 3.00 33.09 -102.61
N LEU B 1821 3.10 34.14 -103.43
CA LEU B 1821 3.99 35.31 -103.14
C LEU B 1821 3.15 36.52 -102.76
N GLY B 1822 2.01 36.31 -102.07
CA GLY B 1822 1.16 37.41 -101.58
C GLY B 1822 -0.21 37.41 -102.22
N SER B 1823 -1.02 38.37 -101.79
CA SER B 1823 -2.45 38.48 -102.16
C SER B 1823 -2.59 39.19 -103.50
N SER B 1824 -3.69 38.89 -104.19
CA SER B 1824 -4.05 39.55 -105.46
C SER B 1824 -5.06 40.67 -105.19
N LEU B 1825 -5.08 41.68 -106.06
CA LEU B 1825 -5.95 42.86 -105.87
C LEU B 1825 -6.96 42.93 -107.00
N GLY B 1826 -6.49 42.99 -108.26
CA GLY B 1826 -7.34 43.20 -109.44
C GLY B 1826 -7.94 41.90 -109.95
N LEU B 1827 -9.09 41.99 -110.63
CA LEU B 1827 -9.69 40.81 -111.31
C LEU B 1827 -10.23 41.24 -112.67
N ALA B 1828 -10.11 40.33 -113.64
CA ALA B 1828 -10.72 40.48 -114.97
C ALA B 1828 -10.88 39.08 -115.56
N LEU B 1829 -12.05 38.82 -116.14
CA LEU B 1829 -12.38 37.47 -116.65
C LEU B 1829 -12.56 37.53 -118.16
N ASP B 1830 -11.85 36.66 -118.87
CA ASP B 1830 -12.01 36.48 -120.33
C ASP B 1830 -13.11 35.44 -120.53
N TRP B 1831 -14.35 35.91 -120.69
CA TRP B 1831 -15.52 35.00 -120.75
C TRP B 1831 -15.50 34.21 -122.06
N VAL B 1832 -14.91 34.76 -123.14
CA VAL B 1832 -14.88 34.08 -124.45
C VAL B 1832 -13.97 32.85 -124.37
N SER B 1833 -12.80 32.99 -123.75
CA SER B 1833 -11.78 31.90 -123.73
C SER B 1833 -11.75 31.20 -122.37
N ARG B 1834 -12.64 31.57 -121.44
CA ARG B 1834 -12.70 30.95 -120.08
C ARG B 1834 -11.35 31.09 -119.37
N ASN B 1835 -10.79 32.30 -119.35
CA ASN B 1835 -9.59 32.62 -118.55
C ASN B 1835 -9.94 33.76 -117.60
N ILE B 1836 -9.16 33.87 -116.53
CA ILE B 1836 -9.30 34.98 -115.56
C ILE B 1836 -7.93 35.62 -115.37
N TYR B 1837 -7.90 36.95 -115.38
CA TYR B 1837 -6.66 37.73 -115.22
C TYR B 1837 -6.72 38.45 -113.87
N TYR B 1838 -5.60 38.47 -113.16
CA TYR B 1838 -5.52 39.10 -111.83
C TYR B 1838 -4.15 39.69 -111.62
N THR B 1839 -4.09 40.75 -110.81
CA THR B 1839 -2.83 41.45 -110.49
C THR B 1839 -2.48 41.19 -109.03
N THR B 1840 -1.20 40.99 -108.77
CA THR B 1840 -0.68 40.75 -107.41
C THR B 1840 0.37 41.83 -107.12
N PRO B 1841 0.00 42.91 -106.41
CA PRO B 1841 0.98 43.96 -106.14
C PRO B 1841 2.14 43.47 -105.25
N ALA B 1842 1.91 42.42 -104.45
CA ALA B 1842 2.96 41.83 -103.59
C ALA B 1842 4.10 41.29 -104.46
N SER B 1843 3.78 40.54 -105.51
CA SER B 1843 4.79 39.97 -106.45
C SER B 1843 5.03 40.94 -107.61
N ARG B 1844 4.20 41.98 -107.74
CA ARG B 1844 4.34 42.99 -108.82
C ARG B 1844 4.28 42.29 -110.18
N SER B 1845 3.18 41.60 -110.43
CA SER B 1845 3.00 40.86 -111.69
C SER B 1845 1.53 40.79 -112.07
N ILE B 1846 1.28 40.56 -113.36
CA ILE B 1846 -0.08 40.30 -113.88
C ILE B 1846 -0.12 38.85 -114.34
N GLU B 1847 -1.03 38.08 -113.77
CA GLU B 1847 -1.06 36.62 -113.97
C GLU B 1847 -2.40 36.19 -114.58
N VAL B 1848 -2.39 35.02 -115.21
CA VAL B 1848 -3.59 34.44 -115.87
C VAL B 1848 -3.82 33.05 -115.27
N LEU B 1849 -5.09 32.73 -115.04
CA LEU B 1849 -5.49 31.41 -114.49
C LEU B 1849 -6.63 30.89 -115.36
N THR B 1850 -6.61 29.59 -115.66
CA THR B 1850 -7.68 28.96 -116.47
C THR B 1850 -8.78 28.45 -115.54
N LEU B 1851 -10.03 28.56 -116.00
CA LEU B 1851 -11.16 27.91 -115.30
C LEU B 1851 -12.00 27.07 -116.26
N LYS B 1852 -11.38 26.51 -117.31
CA LYS B 1852 -12.10 25.68 -118.31
C LYS B 1852 -12.07 24.21 -117.87
N GLY B 1853 -10.86 23.65 -117.69
CA GLY B 1853 -10.68 22.21 -117.43
C GLY B 1853 -10.80 21.87 -115.95
N ASP B 1854 -10.51 20.60 -115.62
CA ASP B 1854 -10.54 20.10 -114.22
C ASP B 1854 -9.28 20.56 -113.48
N THR B 1855 -8.14 20.69 -114.19
CA THR B 1855 -6.86 21.06 -113.56
C THR B 1855 -6.60 22.55 -113.77
N ARG B 1856 -6.22 23.24 -112.71
CA ARG B 1856 -6.00 24.71 -112.75
C ARG B 1856 -4.56 24.97 -113.21
N TYR B 1857 -4.40 25.79 -114.24
CA TYR B 1857 -3.08 26.18 -114.77
C TYR B 1857 -2.91 27.69 -114.64
N GLY B 1858 -1.79 28.10 -114.04
CA GLY B 1858 -1.49 29.50 -113.73
C GLY B 1858 -0.18 29.92 -114.35
N LYS B 1859 -0.09 31.16 -114.81
CA LYS B 1859 1.12 31.67 -115.48
C LYS B 1859 1.24 33.16 -115.20
N THR B 1860 2.47 33.66 -115.09
CA THR B 1860 2.72 35.11 -114.95
C THR B 1860 2.95 35.71 -116.34
N LEU B 1861 2.19 36.75 -116.68
CA LEU B 1861 2.28 37.36 -118.03
C LEU B 1861 3.29 38.50 -118.03
N ILE B 1862 3.08 39.53 -117.21
CA ILE B 1862 3.99 40.69 -117.18
C ILE B 1862 4.57 40.82 -115.78
N ALA B 1863 5.89 41.05 -115.70
CA ALA B 1863 6.61 41.15 -114.42
C ALA B 1863 7.42 42.43 -114.38
N ASN B 1864 7.87 42.79 -113.17
CA ASN B 1864 8.53 44.08 -112.94
C ASN B 1864 9.99 43.99 -113.42
N ASP B 1865 10.21 44.26 -114.69
CA ASP B 1865 11.59 44.40 -115.20
C ASP B 1865 12.05 45.85 -115.00
N GLY B 1866 13.26 46.17 -115.44
CA GLY B 1866 13.86 47.51 -115.24
C GLY B 1866 13.09 48.58 -116.00
N THR B 1867 12.61 48.22 -117.20
CA THR B 1867 12.09 49.20 -118.18
C THR B 1867 10.77 49.78 -117.71
N PRO B 1868 10.43 51.01 -118.11
CA PRO B 1868 9.11 51.58 -117.84
C PRO B 1868 7.95 50.77 -118.42
N LEU B 1869 8.19 49.96 -119.47
CA LEU B 1869 7.12 49.21 -120.15
C LEU B 1869 6.56 48.09 -119.26
N GLY B 1870 7.26 47.72 -118.18
CA GLY B 1870 6.85 46.57 -117.34
C GLY B 1870 5.74 46.92 -116.38
N VAL B 1871 5.67 46.19 -115.28
CA VAL B 1871 4.61 46.39 -114.26
C VAL B 1871 5.28 46.99 -113.02
N GLY B 1872 4.82 48.18 -112.62
CA GLY B 1872 5.30 48.84 -111.40
C GLY B 1872 4.55 48.36 -110.16
N PHE B 1873 3.24 48.63 -110.14
CA PHE B 1873 2.37 48.31 -109.00
C PHE B 1873 0.93 48.28 -109.51
N PRO B 1874 0.48 47.13 -110.00
CA PRO B 1874 -0.76 47.05 -110.74
C PRO B 1874 -1.96 47.15 -109.79
N VAL B 1875 -2.91 48.02 -110.14
CA VAL B 1875 -4.10 48.26 -109.29
C VAL B 1875 -5.30 47.58 -109.94
N GLY B 1876 -5.69 48.06 -111.13
CA GLY B 1876 -6.89 47.58 -111.84
C GLY B 1876 -6.50 46.87 -113.13
N ILE B 1877 -7.47 46.17 -113.71
CA ILE B 1877 -7.21 45.40 -114.96
C ILE B 1877 -8.53 45.24 -115.71
N ALA B 1878 -8.48 45.44 -117.03
CA ALA B 1878 -9.64 45.31 -117.92
C ALA B 1878 -9.19 44.55 -119.16
N VAL B 1879 -10.10 43.77 -119.75
CA VAL B 1879 -9.76 42.87 -120.88
C VAL B 1879 -10.73 43.15 -122.03
N ASP B 1880 -10.26 42.89 -123.24
CA ASP B 1880 -11.10 42.95 -124.46
C ASP B 1880 -10.89 41.63 -125.21
N PRO B 1881 -11.59 40.55 -124.83
CA PRO B 1881 -11.36 39.24 -125.44
C PRO B 1881 -11.47 39.21 -126.96
N ALA B 1882 -12.39 40.00 -127.54
CA ALA B 1882 -12.64 40.00 -129.00
C ALA B 1882 -11.42 40.53 -129.75
N ARG B 1883 -10.61 41.40 -129.13
CA ARG B 1883 -9.47 42.04 -129.83
C ARG B 1883 -8.13 41.65 -129.21
N GLY B 1884 -8.13 40.83 -128.15
CA GLY B 1884 -6.88 40.29 -127.57
C GLY B 1884 -6.03 41.38 -126.94
N LYS B 1885 -6.67 42.37 -126.30
CA LYS B 1885 -5.96 43.48 -125.62
C LYS B 1885 -6.25 43.43 -124.13
N LEU B 1886 -5.24 43.81 -123.35
CA LEU B 1886 -5.33 43.86 -121.87
C LEU B 1886 -4.92 45.26 -121.42
N TYR B 1887 -5.68 45.82 -120.49
CA TYR B 1887 -5.43 47.18 -119.98
C TYR B 1887 -5.33 47.13 -118.46
N TRP B 1888 -4.38 47.88 -117.89
CA TRP B 1888 -4.21 47.92 -116.43
C TRP B 1888 -3.73 49.30 -116.01
N SER B 1889 -4.16 49.71 -114.82
CA SER B 1889 -3.74 50.98 -114.18
C SER B 1889 -2.58 50.68 -113.24
N ASP B 1890 -1.53 51.48 -113.32
CA ASP B 1890 -0.26 51.18 -112.64
C ASP B 1890 0.19 52.40 -111.86
N HIS B 1891 0.53 52.22 -110.59
CA HIS B 1891 1.33 53.23 -109.86
C HIS B 1891 2.77 53.16 -110.36
N GLY B 1892 3.53 54.18 -109.95
CA GLY B 1892 4.96 54.29 -110.31
C GLY B 1892 5.84 53.49 -109.36
N THR B 1893 7.09 53.31 -109.77
CA THR B 1893 8.15 52.77 -108.90
C THR B 1893 9.33 53.72 -108.97
N ASP B 1894 10.09 53.76 -107.88
CA ASP B 1894 11.25 54.68 -107.76
C ASP B 1894 12.28 54.28 -108.81
N SER B 1895 12.66 55.25 -109.66
CA SER B 1895 13.71 55.10 -110.69
C SER B 1895 13.27 54.08 -111.74
N GLY B 1896 12.06 53.53 -111.68
CA GLY B 1896 11.62 52.49 -112.62
C GLY B 1896 10.47 52.95 -113.49
N VAL B 1897 9.30 52.39 -113.19
CA VAL B 1897 8.08 52.58 -114.02
C VAL B 1897 7.37 53.84 -113.54
N PRO B 1898 6.87 54.69 -114.44
CA PRO B 1898 5.98 55.78 -114.04
C PRO B 1898 4.53 55.34 -113.87
N ALA B 1899 3.77 56.12 -113.09
CA ALA B 1899 2.32 55.92 -112.92
C ALA B 1899 1.65 56.16 -114.26
N LYS B 1900 0.92 55.15 -114.75
CA LYS B 1900 0.46 55.18 -116.14
C LYS B 1900 -0.76 54.29 -116.33
N ILE B 1901 -1.41 54.47 -117.48
CA ILE B 1901 -2.40 53.51 -118.01
C ILE B 1901 -1.73 52.77 -119.15
N ALA B 1902 -1.68 51.44 -119.05
CA ALA B 1902 -0.90 50.62 -119.99
C ALA B 1902 -1.80 49.64 -120.73
N SER B 1903 -1.37 49.26 -121.93
CA SER B 1903 -2.07 48.26 -122.76
C SER B 1903 -1.08 47.17 -123.15
N ALA B 1904 -1.60 45.96 -123.30
CA ALA B 1904 -0.79 44.81 -123.75
C ALA B 1904 -1.69 43.74 -124.35
N ASN B 1905 -1.07 42.87 -125.15
CA ASN B 1905 -1.77 41.66 -125.65
C ASN B 1905 -2.08 40.74 -124.48
N MET B 1906 -3.15 39.96 -124.60
CA MET B 1906 -3.60 39.11 -123.48
C MET B 1906 -2.60 37.98 -123.23
N ASP B 1907 -1.61 37.80 -124.12
CA ASP B 1907 -0.48 36.87 -123.83
C ASP B 1907 0.75 37.66 -123.36
N GLY B 1908 0.64 38.99 -123.23
CA GLY B 1908 1.67 39.81 -122.58
C GLY B 1908 2.88 40.08 -123.46
N THR B 1909 2.76 39.98 -124.79
CA THR B 1909 3.98 40.01 -125.65
C THR B 1909 4.15 41.38 -126.30
N SER B 1910 3.28 42.35 -125.99
CA SER B 1910 3.42 43.71 -126.58
C SER B 1910 3.03 44.76 -125.55
N LEU B 1911 4.01 45.25 -124.78
CA LEU B 1911 3.75 46.28 -123.75
C LEU B 1911 3.61 47.63 -124.44
N LYS B 1912 2.80 48.50 -123.84
CA LYS B 1912 2.63 49.87 -124.35
C LYS B 1912 2.21 50.79 -123.21
N ILE B 1913 2.62 52.05 -123.30
CA ILE B 1913 2.18 53.10 -122.35
C ILE B 1913 1.18 53.98 -123.08
N LEU B 1914 -0.05 54.06 -122.58
CA LEU B 1914 -1.11 54.85 -123.23
C LEU B 1914 -1.12 56.28 -122.67
N PHE B 1915 -1.32 56.43 -121.36
CA PHE B 1915 -1.48 57.76 -120.74
C PHE B 1915 -0.57 57.84 -119.52
N THR B 1916 0.16 58.96 -119.41
CA THR B 1916 0.98 59.26 -118.21
C THR B 1916 0.89 60.76 -117.94
N GLY B 1917 1.18 61.15 -116.70
CA GLY B 1917 1.14 62.56 -116.28
C GLY B 1917 0.53 62.69 -114.91
N ASN B 1918 -0.57 63.45 -114.80
CA ASN B 1918 -1.23 63.70 -113.51
C ASN B 1918 -2.06 62.47 -113.13
N LEU B 1919 -1.37 61.37 -112.78
CA LEU B 1919 -2.03 60.09 -112.44
C LEU B 1919 -1.55 59.62 -111.08
N GLN B 1920 -1.34 60.56 -110.15
CA GLN B 1920 -0.96 60.19 -108.77
C GLN B 1920 -2.16 59.54 -108.11
N HIS B 1921 -1.93 58.42 -107.42
CA HIS B 1921 -3.00 57.65 -106.73
C HIS B 1921 -4.08 57.27 -107.76
N LEU B 1922 -3.68 56.46 -108.73
CA LEU B 1922 -4.64 55.92 -109.72
C LEU B 1922 -5.55 54.89 -109.05
N GLU B 1923 -6.82 54.89 -109.45
CA GLU B 1923 -7.79 53.85 -109.04
C GLU B 1923 -7.92 52.84 -110.18
N VAL B 1924 -8.92 51.96 -110.06
CA VAL B 1924 -9.12 50.90 -111.08
C VAL B 1924 -9.41 51.53 -112.44
N VAL B 1925 -9.10 50.77 -113.48
CA VAL B 1925 -9.39 51.16 -114.88
C VAL B 1925 -10.50 50.24 -115.38
N THR B 1926 -11.50 50.83 -116.02
CA THR B 1926 -12.63 50.07 -116.62
C THR B 1926 -12.66 50.40 -118.10
N LEU B 1927 -13.12 49.44 -118.90
CA LEU B 1927 -13.14 49.57 -120.37
C LEU B 1927 -14.59 49.50 -120.87
N ASP B 1928 -14.95 50.44 -121.74
CA ASP B 1928 -16.22 50.35 -122.50
C ASP B 1928 -15.90 49.68 -123.84
N ILE B 1929 -16.24 48.39 -123.97
CA ILE B 1929 -15.87 47.61 -125.17
C ILE B 1929 -16.61 48.15 -126.40
N GLN B 1930 -17.84 48.66 -126.22
CA GLN B 1930 -18.66 49.17 -127.34
C GLN B 1930 -17.94 50.34 -128.01
N GLU B 1931 -17.69 51.42 -127.26
CA GLU B 1931 -17.12 52.66 -127.85
C GLU B 1931 -15.60 52.62 -127.81
N GLN B 1932 -14.99 51.61 -127.15
CA GLN B 1932 -13.50 51.46 -127.10
C GLN B 1932 -12.90 52.69 -126.42
N LYS B 1933 -13.36 53.00 -125.20
CA LYS B 1933 -12.78 54.09 -124.39
C LYS B 1933 -12.52 53.58 -122.98
N LEU B 1934 -11.45 54.08 -122.35
CA LEU B 1934 -11.05 53.69 -120.99
C LEU B 1934 -11.53 54.75 -119.99
N TYR B 1935 -11.83 54.32 -118.78
CA TYR B 1935 -12.28 55.23 -117.70
C TYR B 1935 -11.42 54.94 -116.46
N TRP B 1936 -10.92 56.00 -115.82
CA TRP B 1936 -10.06 55.88 -114.62
C TRP B 1936 -10.55 56.86 -113.57
N ALA B 1937 -10.18 56.61 -112.32
CA ALA B 1937 -10.37 57.57 -111.23
C ALA B 1937 -9.00 57.98 -110.71
N VAL B 1938 -8.76 59.29 -110.67
CA VAL B 1938 -7.51 59.83 -110.10
C VAL B 1938 -7.86 60.46 -108.76
N THR B 1939 -7.46 59.81 -107.66
CA THR B 1939 -7.87 60.24 -106.32
C THR B 1939 -7.19 61.57 -105.99
N SER B 1940 -5.94 61.76 -106.40
CA SER B 1940 -5.17 62.98 -106.07
C SER B 1940 -5.90 64.23 -106.58
N ARG B 1941 -6.39 64.20 -107.81
CA ARG B 1941 -7.14 65.34 -108.37
C ARG B 1941 -8.64 65.19 -108.11
N GLY B 1942 -9.08 64.02 -107.65
CA GLY B 1942 -10.51 63.78 -107.36
C GLY B 1942 -11.35 63.88 -108.62
N VAL B 1943 -10.86 63.31 -109.72
CA VAL B 1943 -11.58 63.36 -111.02
C VAL B 1943 -11.69 61.96 -111.61
N ILE B 1944 -12.66 61.80 -112.51
CA ILE B 1944 -12.76 60.59 -113.36
C ILE B 1944 -12.43 61.02 -114.78
N GLU B 1945 -11.46 60.36 -115.40
CA GLU B 1945 -10.99 60.74 -116.74
C GLU B 1945 -11.39 59.67 -117.75
N ARG B 1946 -11.36 60.05 -119.02
CA ARG B 1946 -11.72 59.17 -120.16
C ARG B 1946 -10.62 59.29 -121.21
N GLY B 1947 -10.35 58.18 -121.89
CA GLY B 1947 -9.34 58.17 -122.96
C GLY B 1947 -9.56 56.99 -123.90
N ASN B 1948 -9.16 57.17 -125.16
CA ASN B 1948 -9.28 56.08 -126.16
C ASN B 1948 -8.23 55.00 -125.87
N VAL B 1949 -8.49 53.81 -126.38
CA VAL B 1949 -7.61 52.62 -126.13
C VAL B 1949 -6.26 52.81 -126.84
N ASP B 1950 -6.19 53.70 -127.83
CA ASP B 1950 -4.94 53.88 -128.62
C ASP B 1950 -4.05 54.94 -127.99
N GLY B 1951 -4.48 55.58 -126.89
CA GLY B 1951 -3.66 56.58 -126.18
C GLY B 1951 -3.90 57.99 -126.68
N THR B 1952 -5.15 58.30 -127.03
CA THR B 1952 -5.51 59.66 -127.54
C THR B 1952 -6.76 60.17 -126.84
N GLU B 1953 -6.95 61.50 -126.86
CA GLU B 1953 -8.18 62.18 -126.42
C GLU B 1953 -8.44 61.90 -124.93
N ARG B 1954 -7.45 62.23 -124.10
CA ARG B 1954 -7.63 62.16 -122.63
C ARG B 1954 -8.39 63.40 -122.18
N MET B 1955 -9.41 63.23 -121.34
CA MET B 1955 -10.27 64.35 -120.92
C MET B 1955 -11.01 63.99 -119.63
N ILE B 1956 -11.35 65.02 -118.86
CA ILE B 1956 -11.89 64.87 -117.48
C ILE B 1956 -13.42 64.86 -117.55
N LEU B 1957 -14.02 63.79 -117.03
CA LEU B 1957 -15.48 63.56 -117.12
C LEU B 1957 -16.19 64.08 -115.87
N VAL B 1958 -15.74 63.68 -114.68
CA VAL B 1958 -16.43 64.06 -113.42
C VAL B 1958 -15.43 64.80 -112.52
N HIS B 1959 -15.89 65.88 -111.88
CA HIS B 1959 -15.01 66.71 -111.00
C HIS B 1959 -15.49 66.59 -109.55
N HIS B 1960 -14.63 67.08 -108.64
CA HIS B 1960 -14.95 67.30 -107.21
C HIS B 1960 -15.37 66.00 -106.53
N LEU B 1961 -14.65 64.91 -106.84
CA LEU B 1961 -14.86 63.65 -106.07
C LEU B 1961 -13.86 63.59 -104.93
N ALA B 1962 -14.18 62.78 -103.91
CA ALA B 1962 -13.37 62.66 -102.68
C ALA B 1962 -12.46 61.44 -102.78
N HIS B 1963 -13.03 60.25 -102.96
CA HIS B 1963 -12.22 59.01 -103.10
C HIS B 1963 -12.98 58.01 -103.95
N PRO B 1964 -12.96 58.18 -105.29
CA PRO B 1964 -13.69 57.30 -106.18
C PRO B 1964 -13.04 55.91 -106.28
N TRP B 1965 -13.39 55.04 -105.34
CA TRP B 1965 -12.71 53.75 -105.17
C TRP B 1965 -13.04 52.80 -106.33
N GLY B 1966 -14.28 52.84 -106.84
CA GLY B 1966 -14.70 51.88 -107.89
C GLY B 1966 -15.59 52.54 -108.90
N LEU B 1967 -15.53 52.09 -110.15
CA LEU B 1967 -16.40 52.61 -111.22
C LEU B 1967 -16.57 51.55 -112.30
N VAL B 1968 -17.65 51.68 -113.05
CA VAL B 1968 -18.01 50.70 -114.10
C VAL B 1968 -18.93 51.39 -115.11
N VAL B 1969 -18.76 51.02 -116.37
CA VAL B 1969 -19.61 51.58 -117.46
C VAL B 1969 -20.51 50.48 -118.01
N TYR B 1970 -21.81 50.74 -118.04
CA TYR B 1970 -22.79 49.82 -118.68
C TYR B 1970 -23.83 50.65 -119.43
N GLY B 1971 -24.08 50.28 -120.69
CA GLY B 1971 -25.02 51.00 -121.57
C GLY B 1971 -24.63 52.46 -121.68
N SER B 1972 -25.58 53.37 -121.44
CA SER B 1972 -25.37 54.82 -121.65
C SER B 1972 -25.00 55.51 -120.34
N PHE B 1973 -24.80 54.77 -119.24
CA PHE B 1973 -24.53 55.38 -117.93
C PHE B 1973 -23.18 54.91 -117.36
N LEU B 1974 -22.64 55.72 -116.47
CA LEU B 1974 -21.39 55.41 -115.72
C LEU B 1974 -21.74 55.37 -114.24
N TYR B 1975 -21.41 54.26 -113.58
CA TYR B 1975 -21.66 54.10 -112.13
C TYR B 1975 -20.32 54.16 -111.40
N TYR B 1976 -20.25 54.97 -110.35
CA TYR B 1976 -19.04 55.06 -109.51
C TYR B 1976 -19.44 55.11 -108.04
N SER B 1977 -18.56 54.57 -107.20
CA SER B 1977 -18.68 54.58 -105.73
C SER B 1977 -17.64 55.56 -105.18
N ASP B 1978 -18.07 56.46 -104.31
CA ASP B 1978 -17.11 57.36 -103.62
C ASP B 1978 -17.09 56.94 -102.15
N GLU B 1979 -15.89 56.61 -101.67
CA GLU B 1979 -15.73 55.97 -100.36
C GLU B 1979 -15.84 56.99 -99.24
N GLN B 1980 -15.49 58.26 -99.48
CA GLN B 1980 -15.63 59.32 -98.46
C GLN B 1980 -17.04 59.93 -98.47
N TYR B 1981 -17.63 60.15 -99.64
CA TYR B 1981 -19.04 60.61 -99.75
C TYR B 1981 -20.02 59.50 -99.36
N GLU B 1982 -19.56 58.25 -99.21
CA GLU B 1982 -20.37 57.08 -98.79
C GLU B 1982 -21.57 56.91 -99.73
N VAL B 1983 -21.32 57.02 -101.04
CA VAL B 1983 -22.42 57.11 -102.04
C VAL B 1983 -22.10 56.28 -103.28
N ILE B 1984 -23.13 55.68 -103.89
CA ILE B 1984 -23.04 55.13 -105.26
C ILE B 1984 -23.84 56.06 -106.17
N GLU B 1985 -23.25 56.54 -107.26
CA GLU B 1985 -23.89 57.54 -108.14
C GLU B 1985 -23.82 57.09 -109.60
N ARG B 1986 -24.79 57.51 -110.40
CA ARG B 1986 -24.88 57.17 -111.83
C ARG B 1986 -24.88 58.47 -112.62
N VAL B 1987 -24.03 58.54 -113.64
CA VAL B 1987 -23.92 59.72 -114.53
C VAL B 1987 -23.90 59.22 -115.97
N ASP B 1988 -24.12 60.13 -116.91
CA ASP B 1988 -24.06 59.82 -118.36
C ASP B 1988 -22.62 59.47 -118.74
N LYS B 1989 -22.45 58.56 -119.70
CA LYS B 1989 -21.11 58.11 -120.13
C LYS B 1989 -20.46 59.19 -120.99
N SER B 1990 -21.25 60.10 -121.60
CA SER B 1990 -20.72 61.13 -122.52
C SER B 1990 -20.34 62.40 -121.74
N SER B 1991 -20.90 62.60 -120.55
CA SER B 1991 -20.62 63.78 -119.70
C SER B 1991 -21.06 63.49 -118.27
N GLY B 1992 -20.46 64.20 -117.31
CA GLY B 1992 -20.77 64.03 -115.88
C GLY B 1992 -22.16 64.54 -115.54
N ASN B 1993 -22.96 64.92 -116.54
CA ASN B 1993 -24.29 65.54 -116.30
C ASN B 1993 -25.29 64.47 -115.86
N ASN B 1994 -26.48 64.90 -115.42
CA ASN B 1994 -27.63 64.02 -115.09
C ASN B 1994 -27.22 63.06 -113.96
N LYS B 1995 -26.62 63.60 -112.89
CA LYS B 1995 -26.18 62.76 -111.74
C LYS B 1995 -27.39 62.21 -111.00
N VAL B 1996 -27.32 60.93 -110.62
CA VAL B 1996 -28.39 60.26 -109.85
C VAL B 1996 -27.73 59.42 -108.75
N VAL B 1997 -28.25 59.52 -107.51
CA VAL B 1997 -27.78 58.69 -106.37
C VAL B 1997 -28.54 57.36 -106.38
N LEU B 1998 -27.81 56.23 -106.37
CA LEU B 1998 -28.42 54.90 -106.21
C LEU B 1998 -28.53 54.57 -104.72
N ARG B 1999 -27.46 54.79 -103.96
CA ARG B 1999 -27.44 54.55 -102.49
C ARG B 1999 -26.57 55.64 -101.84
N ASP B 2000 -26.90 55.99 -100.60
CA ASP B 2000 -26.05 56.90 -99.78
C ASP B 2000 -26.00 56.38 -98.33
N ASN B 2001 -25.10 56.97 -97.52
CA ASN B 2001 -24.80 56.51 -96.14
C ASN B 2001 -24.33 55.05 -96.14
N VAL B 2002 -23.51 54.67 -97.12
CA VAL B 2002 -22.95 53.30 -97.21
C VAL B 2002 -21.50 53.32 -96.73
N PRO B 2003 -21.14 52.67 -95.61
CA PRO B 2003 -19.76 52.62 -95.17
C PRO B 2003 -18.93 51.60 -95.94
N TYR B 2004 -17.62 51.87 -96.07
CA TYR B 2004 -16.63 50.94 -96.64
C TYR B 2004 -17.00 50.50 -98.06
N LEU B 2005 -17.44 51.45 -98.91
CA LEU B 2005 -17.63 51.14 -100.35
C LEU B 2005 -16.29 50.77 -100.99
N ARG B 2006 -16.35 49.89 -102.00
CA ARG B 2006 -15.15 49.38 -102.70
C ARG B 2006 -15.50 49.30 -104.19
N GLY B 2007 -15.05 48.25 -104.90
CA GLY B 2007 -15.27 48.12 -106.35
C GLY B 2007 -16.73 48.04 -106.77
N LEU B 2008 -16.98 48.34 -108.05
CA LEU B 2008 -18.31 48.16 -108.68
C LEU B 2008 -18.15 47.31 -109.94
N ARG B 2009 -19.18 46.51 -110.25
CA ARG B 2009 -19.25 45.80 -111.55
C ARG B 2009 -20.70 45.44 -111.82
N VAL B 2010 -21.06 45.35 -113.11
CA VAL B 2010 -22.47 45.11 -113.51
C VAL B 2010 -22.61 43.67 -114.00
N TYR B 2011 -23.45 42.89 -113.32
CA TYR B 2011 -23.78 41.53 -113.77
C TYR B 2011 -24.80 41.63 -114.91
N HIS B 2012 -24.42 41.20 -116.10
CA HIS B 2012 -25.32 41.32 -117.28
C HIS B 2012 -25.07 40.14 -118.21
N ARG B 2013 -25.85 40.10 -119.30
CA ARG B 2013 -25.79 38.98 -120.27
C ARG B 2013 -24.68 39.23 -121.29
N ARG B 2014 -23.45 38.97 -120.87
CA ARG B 2014 -22.29 38.93 -121.79
C ARG B 2014 -22.40 37.62 -122.58
N ASN B 2015 -22.45 37.70 -123.92
CA ASN B 2015 -22.64 36.52 -124.78
C ASN B 2015 -21.26 36.06 -125.29
N ALA B 2016 -21.03 34.73 -125.20
CA ALA B 2016 -19.77 34.06 -125.59
C ALA B 2016 -19.73 33.88 -127.12
N ALA B 2017 -20.83 34.18 -127.83
CA ALA B 2017 -20.93 33.92 -129.28
C ALA B 2017 -20.83 35.23 -130.08
N ASP B 2018 -21.39 36.33 -129.57
CA ASP B 2018 -21.32 37.63 -130.28
C ASP B 2018 -19.86 38.13 -130.31
N SER B 2019 -19.11 37.84 -129.24
CA SER B 2019 -17.65 38.11 -129.18
C SER B 2019 -16.91 36.79 -129.29
N SER B 2020 -16.05 36.67 -130.31
CA SER B 2020 -15.28 35.44 -130.57
C SER B 2020 -13.81 35.81 -130.80
N ASN B 2021 -12.92 34.84 -130.53
CA ASN B 2021 -11.47 35.04 -130.73
C ASN B 2021 -10.88 33.70 -131.18
N GLY B 2022 -9.54 33.66 -131.29
CA GLY B 2022 -8.84 32.47 -131.76
C GLY B 2022 -9.05 31.30 -130.84
N CYS B 2023 -9.06 31.53 -129.52
CA CYS B 2023 -9.19 30.45 -128.53
C CYS B 2023 -10.59 29.81 -128.60
N SER B 2024 -11.62 30.62 -128.83
CA SER B 2024 -13.02 30.11 -128.94
C SER B 2024 -13.18 29.35 -130.26
N ASN B 2025 -12.56 29.84 -131.34
CA ASN B 2025 -12.66 29.20 -132.67
C ASN B 2025 -11.85 27.90 -132.67
N ASN B 2026 -10.84 27.79 -131.81
CA ASN B 2026 -9.95 26.61 -131.80
C ASN B 2026 -9.89 26.03 -130.39
N PRO B 2027 -10.94 25.35 -129.91
CA PRO B 2027 -10.91 24.76 -128.58
C PRO B 2027 -9.91 23.59 -128.52
N ASN B 2028 -9.37 23.35 -127.32
CA ASN B 2028 -8.41 22.26 -127.01
C ASN B 2028 -7.28 22.22 -128.05
N ALA B 2029 -6.88 23.38 -128.56
CA ALA B 2029 -5.71 23.48 -129.47
C ALA B 2029 -4.43 23.45 -128.64
N CYS B 2030 -4.38 24.22 -127.54
CA CYS B 2030 -3.19 24.28 -126.64
C CYS B 2030 -3.35 23.26 -125.52
N GLN B 2031 -2.23 22.74 -125.02
CA GLN B 2031 -2.24 21.70 -123.97
C GLN B 2031 -2.80 22.30 -122.67
N GLN B 2032 -2.29 23.46 -122.24
CA GLN B 2032 -2.63 23.98 -120.89
C GLN B 2032 -3.40 25.30 -121.00
N ILE B 2033 -2.83 26.32 -121.63
CA ILE B 2033 -3.43 27.68 -121.63
C ILE B 2033 -3.49 28.19 -123.05
N CYS B 2034 -4.64 28.77 -123.42
CA CYS B 2034 -4.81 29.48 -124.70
C CYS B 2034 -5.01 30.97 -124.41
N LEU B 2035 -4.21 31.81 -125.06
CA LEU B 2035 -4.30 33.28 -124.87
C LEU B 2035 -4.53 33.95 -126.22
N PRO B 2036 -5.65 34.66 -126.41
CA PRO B 2036 -5.89 35.31 -127.68
C PRO B 2036 -4.99 36.53 -127.91
N VAL B 2037 -4.77 36.83 -129.18
CA VAL B 2037 -3.93 37.98 -129.60
C VAL B 2037 -4.66 38.77 -130.69
N PRO B 2038 -4.32 40.05 -130.90
CA PRO B 2038 -4.96 40.83 -131.94
C PRO B 2038 -4.88 40.20 -133.32
N GLY B 2039 -5.99 40.32 -134.07
CA GLY B 2039 -6.12 39.80 -135.45
C GLY B 2039 -6.79 38.44 -135.49
N GLY B 2040 -7.41 38.01 -134.38
CA GLY B 2040 -8.22 36.78 -134.31
C GLY B 2040 -7.35 35.53 -134.19
N MET B 2041 -6.04 35.68 -133.96
CA MET B 2041 -5.14 34.53 -133.79
C MET B 2041 -5.07 34.17 -132.30
N PHE B 2042 -4.24 33.19 -131.95
CA PHE B 2042 -4.06 32.77 -130.55
C PHE B 2042 -2.63 32.27 -130.36
N SER B 2043 -2.15 32.38 -129.13
CA SER B 2043 -0.81 31.90 -128.73
C SER B 2043 -0.96 30.97 -127.54
N CYS B 2044 -0.36 29.79 -127.61
CA CYS B 2044 -0.42 28.81 -126.50
C CYS B 2044 0.52 29.28 -125.38
N ALA B 2045 0.20 28.89 -124.15
CA ALA B 2045 1.05 29.20 -122.99
C ALA B 2045 1.02 28.01 -122.04
N CYS B 2046 2.03 27.96 -121.16
CA CYS B 2046 2.18 26.84 -120.20
C CYS B 2046 2.25 27.40 -118.78
N ALA B 2047 1.93 26.55 -117.81
CA ALA B 2047 1.91 26.93 -116.38
C ALA B 2047 3.32 27.31 -115.94
N SER B 2048 3.44 27.88 -114.75
CA SER B 2048 4.75 28.22 -114.15
C SER B 2048 5.59 26.94 -114.02
N GLY B 2049 6.85 27.01 -114.50
CA GLY B 2049 7.78 25.86 -114.52
C GLY B 2049 7.68 25.02 -115.79
N PHE B 2050 6.85 25.44 -116.75
CA PHE B 2050 6.74 24.76 -118.05
C PHE B 2050 6.90 25.79 -119.16
N LYS B 2051 7.41 25.36 -120.30
CA LYS B 2051 7.58 26.24 -121.47
C LYS B 2051 7.10 25.51 -122.72
N LEU B 2052 6.76 26.30 -123.74
CA LEU B 2052 6.22 25.76 -125.01
C LEU B 2052 7.27 24.90 -125.68
N SER B 2053 6.86 23.73 -126.16
CA SER B 2053 7.70 22.90 -127.06
C SER B 2053 7.78 23.58 -128.42
N PRO B 2054 8.78 23.28 -129.27
CA PRO B 2054 8.86 23.91 -130.59
C PRO B 2054 7.63 23.68 -131.48
N ASP B 2055 6.85 22.61 -131.18
CA ASP B 2055 5.61 22.31 -131.95
C ASP B 2055 4.57 23.41 -131.73
N GLY B 2056 4.70 24.20 -130.64
CA GLY B 2056 3.78 25.33 -130.35
C GLY B 2056 2.51 24.88 -129.66
N ARG B 2057 2.36 23.59 -129.35
CA ARG B 2057 1.12 23.08 -128.69
C ARG B 2057 1.43 22.45 -127.33
N SER B 2058 2.62 21.85 -127.17
CA SER B 2058 2.94 21.05 -125.95
C SER B 2058 3.74 21.88 -124.96
N CYS B 2059 3.88 21.34 -123.75
CA CYS B 2059 4.64 21.98 -122.65
C CYS B 2059 5.72 21.02 -122.19
N SER B 2060 6.88 21.56 -121.83
CA SER B 2060 8.00 20.79 -121.26
C SER B 2060 8.57 21.55 -120.07
N PRO B 2061 9.16 20.88 -119.07
CA PRO B 2061 9.80 21.58 -117.97
C PRO B 2061 10.95 22.47 -118.46
N TYR B 2062 11.12 23.61 -117.78
CA TYR B 2062 12.21 24.55 -118.13
C TYR B 2062 13.50 23.76 -118.02
N ASN B 2063 14.49 24.14 -118.83
CA ASN B 2063 15.82 23.50 -118.81
C ASN B 2063 16.91 24.49 -118.42
N SER B 2064 16.72 25.78 -118.73
CA SER B 2064 17.76 26.82 -118.50
C SER B 2064 17.13 28.03 -117.82
N PHE B 2065 17.35 28.18 -116.52
CA PHE B 2065 16.81 29.34 -115.77
C PHE B 2065 17.70 29.63 -114.58
N MET B 2066 17.56 30.85 -114.06
CA MET B 2066 18.31 31.31 -112.88
C MET B 2066 17.48 31.03 -111.63
N VAL B 2067 18.16 30.60 -110.56
CA VAL B 2067 17.47 30.35 -109.27
C VAL B 2067 17.85 31.49 -108.33
N VAL B 2068 16.88 32.38 -108.11
CA VAL B 2068 17.07 33.55 -107.22
C VAL B 2068 16.47 33.22 -105.85
N SER B 2069 17.29 33.31 -104.83
CA SER B 2069 16.89 32.95 -103.45
C SER B 2069 16.78 34.21 -102.60
N MET B 2070 15.69 34.33 -101.82
CA MET B 2070 15.51 35.45 -100.89
C MET B 2070 14.96 34.88 -99.59
N LEU B 2071 14.90 35.71 -98.54
CA LEU B 2071 14.44 35.24 -97.21
C LEU B 2071 13.02 34.67 -97.31
N PRO B 2072 12.03 35.35 -97.93
CA PRO B 2072 10.68 34.81 -97.95
C PRO B 2072 10.47 33.63 -98.91
N ALA B 2073 11.24 33.53 -100.01
CA ALA B 2073 10.92 32.54 -101.05
C ALA B 2073 12.14 32.21 -101.90
N VAL B 2074 11.98 31.19 -102.75
CA VAL B 2074 12.93 30.87 -103.84
C VAL B 2074 12.16 30.94 -105.15
N ARG B 2075 12.68 31.71 -106.10
CA ARG B 2075 11.98 31.95 -107.38
C ARG B 2075 12.94 31.71 -108.54
N GLY B 2076 12.36 31.39 -109.70
CA GLY B 2076 13.12 31.05 -110.91
C GLY B 2076 12.75 31.96 -112.05
N PHE B 2077 13.73 32.53 -112.75
CA PHE B 2077 13.49 33.41 -113.91
C PHE B 2077 14.22 32.86 -115.13
N SER B 2078 13.61 33.05 -116.31
CA SER B 2078 14.23 32.67 -117.59
C SER B 2078 15.53 33.45 -117.76
N LEU B 2079 16.51 32.82 -118.41
CA LEU B 2079 17.82 33.46 -118.66
C LEU B 2079 17.73 34.40 -119.87
N GLU B 2080 16.58 34.41 -120.57
CA GLU B 2080 16.31 35.41 -121.63
C GLU B 2080 15.36 36.45 -121.03
N LEU B 2081 15.79 37.72 -120.95
CA LEU B 2081 15.04 38.76 -120.22
C LEU B 2081 13.60 38.86 -120.73
N SER B 2082 13.38 38.64 -122.03
CA SER B 2082 12.03 38.81 -122.66
C SER B 2082 10.97 38.00 -121.91
N ASP B 2083 11.21 36.70 -121.65
CA ASP B 2083 10.18 35.83 -121.03
C ASP B 2083 10.08 36.17 -119.55
N HIS B 2084 8.90 36.64 -119.11
CA HIS B 2084 8.70 37.06 -117.70
C HIS B 2084 8.10 35.92 -116.89
N SER B 2085 7.83 34.76 -117.52
CA SER B 2085 7.15 33.65 -116.84
C SER B 2085 7.99 33.18 -115.65
N GLU B 2086 7.31 32.71 -114.60
CA GLU B 2086 8.00 32.03 -113.48
C GLU B 2086 8.48 30.67 -113.99
N ALA B 2087 9.79 30.53 -114.21
CA ALA B 2087 10.40 29.30 -114.78
C ALA B 2087 10.42 28.19 -113.73
N MET B 2088 9.85 28.41 -112.55
CA MET B 2088 9.85 27.38 -111.50
C MET B 2088 8.73 27.70 -110.51
N VAL B 2089 8.10 26.66 -109.99
CA VAL B 2089 7.04 26.82 -108.95
C VAL B 2089 7.71 27.44 -107.73
N PRO B 2090 7.30 28.66 -107.31
CA PRO B 2090 8.00 29.34 -106.24
C PRO B 2090 7.90 28.59 -104.91
N VAL B 2091 9.07 28.35 -104.32
CA VAL B 2091 9.13 27.77 -102.95
C VAL B 2091 8.89 28.91 -101.97
N ALA B 2092 7.72 28.91 -101.32
CA ALA B 2092 7.39 29.94 -100.31
C ALA B 2092 6.44 29.32 -99.30
N GLY B 2093 5.77 30.15 -98.49
CA GLY B 2093 4.85 29.68 -97.44
C GLY B 2093 5.48 29.71 -96.05
N GLN B 2094 4.77 29.15 -95.06
CA GLN B 2094 5.23 29.25 -93.65
C GLN B 2094 6.50 28.44 -93.47
N GLY B 2095 7.46 29.01 -92.73
CA GLY B 2095 8.71 28.35 -92.37
C GLY B 2095 9.82 28.57 -93.38
N ARG B 2096 9.65 29.46 -94.36
CA ARG B 2096 10.73 29.72 -95.34
C ARG B 2096 11.52 30.95 -94.92
N ASN B 2097 12.81 30.75 -94.60
CA ASN B 2097 13.78 31.83 -94.32
C ASN B 2097 15.06 31.50 -95.09
N VAL B 2098 14.89 31.26 -96.38
CA VAL B 2098 15.97 30.71 -97.23
C VAL B 2098 17.19 31.63 -97.18
N LEU B 2099 18.37 31.05 -96.91
CA LEU B 2099 19.63 31.84 -96.93
C LEU B 2099 20.36 31.61 -98.26
N HIS B 2100 20.52 30.37 -98.69
CA HIS B 2100 21.26 30.04 -99.93
C HIS B 2100 20.55 28.91 -100.65
N ALA B 2101 20.83 28.79 -101.95
CA ALA B 2101 20.23 27.75 -102.79
C ALA B 2101 21.30 27.11 -103.68
N ASP B 2102 21.08 25.85 -104.04
CA ASP B 2102 21.92 25.18 -105.04
C ASP B 2102 21.06 24.21 -105.84
N VAL B 2103 21.55 23.79 -106.99
CA VAL B 2103 20.74 23.04 -107.97
C VAL B 2103 21.40 21.70 -108.28
N ASP B 2104 20.56 20.74 -108.67
CA ASP B 2104 21.00 19.41 -109.15
C ASP B 2104 20.31 19.20 -110.50
N VAL B 2105 20.98 19.60 -111.57
CA VAL B 2105 20.32 19.70 -112.90
C VAL B 2105 19.98 18.29 -113.37
N ALA B 2106 20.90 17.32 -113.18
CA ALA B 2106 20.72 15.93 -113.66
C ALA B 2106 19.46 15.31 -113.06
N ASN B 2107 19.30 15.40 -111.74
CA ASN B 2107 18.16 14.77 -111.05
C ASN B 2107 16.97 15.72 -111.00
N GLY B 2108 17.15 17.00 -111.35
CA GLY B 2108 16.05 18.00 -111.30
C GLY B 2108 15.64 18.28 -109.87
N PHE B 2109 16.56 18.78 -109.05
CA PHE B 2109 16.27 19.17 -107.66
C PHE B 2109 16.90 20.54 -107.37
N ILE B 2110 16.23 21.29 -106.50
CA ILE B 2110 16.77 22.56 -105.96
C ILE B 2110 16.93 22.40 -104.45
N TYR B 2111 18.15 22.61 -103.96
CA TYR B 2111 18.45 22.50 -102.52
C TYR B 2111 18.54 23.91 -101.93
N TRP B 2112 17.95 24.10 -100.75
CA TRP B 2112 18.04 25.39 -100.03
C TRP B 2112 18.12 25.11 -98.53
N CYS B 2113 18.60 26.10 -97.79
CA CYS B 2113 18.78 25.98 -96.33
C CYS B 2113 17.91 27.02 -95.63
N ASP B 2114 17.04 26.58 -94.73
CA ASP B 2114 16.24 27.49 -93.89
C ASP B 2114 17.01 27.81 -92.61
N PHE B 2115 16.76 28.99 -92.05
CA PHE B 2115 17.43 29.42 -90.82
C PHE B 2115 16.43 30.17 -89.95
N SER B 2116 16.34 29.75 -88.70
CA SER B 2116 15.54 30.44 -87.67
C SER B 2116 16.35 30.49 -86.38
N SER B 2117 16.47 31.68 -85.80
CA SER B 2117 17.24 31.89 -84.55
C SER B 2117 16.42 31.47 -83.34
N SER B 2118 15.11 31.24 -83.51
CA SER B 2118 14.19 30.92 -82.39
C SER B 2118 13.76 29.47 -82.46
N VAL B 2119 13.15 29.07 -83.58
CA VAL B 2119 12.57 27.71 -83.72
C VAL B 2119 13.66 26.77 -84.24
N ARG B 2120 13.94 25.70 -83.50
CA ARG B 2120 14.97 24.71 -83.92
C ARG B 2120 14.45 23.85 -85.07
N SER B 2121 13.14 23.76 -85.27
CA SER B 2121 12.55 22.92 -86.34
C SER B 2121 12.78 23.58 -87.71
N SER B 2122 12.85 24.92 -87.76
CA SER B 2122 12.92 25.67 -89.02
C SER B 2122 14.38 25.83 -89.47
N ASN B 2123 15.27 24.97 -88.95
CA ASN B 2123 16.69 24.98 -89.36
C ASN B 2123 16.99 23.67 -90.08
N GLY B 2124 17.60 23.77 -91.25
CA GLY B 2124 18.04 22.57 -91.97
C GLY B 2124 18.07 22.79 -93.46
N ILE B 2125 18.33 21.71 -94.19
CA ILE B 2125 18.42 21.73 -95.66
C ILE B 2125 17.24 20.95 -96.23
N ARG B 2126 16.55 21.58 -97.20
CA ARG B 2126 15.39 20.95 -97.85
C ARG B 2126 15.61 20.97 -99.36
N ARG B 2127 14.94 20.06 -100.06
CA ARG B 2127 15.02 20.00 -101.54
C ARG B 2127 13.62 19.82 -102.10
N ILE B 2128 13.47 20.21 -103.37
CA ILE B 2128 12.17 20.11 -104.07
C ILE B 2128 12.44 20.06 -105.57
N LYS B 2129 11.51 19.48 -106.30
CA LYS B 2129 11.56 19.51 -107.78
C LYS B 2129 11.23 20.93 -108.23
N PRO B 2130 11.73 21.37 -109.40
CA PRO B 2130 11.39 22.70 -109.91
C PRO B 2130 9.90 22.87 -110.21
N ASP B 2131 9.15 21.77 -110.35
CA ASP B 2131 7.69 21.81 -110.60
C ASP B 2131 6.90 21.72 -109.29
N GLY B 2132 7.57 21.65 -108.13
CA GLY B 2132 6.92 21.79 -106.82
C GLY B 2132 6.55 20.46 -106.18
N SER B 2133 6.99 19.33 -106.75
CA SER B 2133 6.67 18.01 -106.20
C SER B 2133 7.85 17.44 -105.42
N ASN B 2134 7.60 16.36 -104.67
CA ASN B 2134 8.65 15.57 -103.97
C ASN B 2134 9.43 16.48 -103.03
N PHE B 2135 8.74 17.21 -102.16
CA PHE B 2135 9.39 18.02 -101.11
C PHE B 2135 10.01 17.07 -100.11
N THR B 2136 11.20 17.41 -99.62
CA THR B 2136 11.96 16.52 -98.72
C THR B 2136 12.89 17.34 -97.84
N ASN B 2137 12.98 16.93 -96.58
CA ASN B 2137 13.99 17.46 -95.63
C ASN B 2137 15.27 16.65 -95.81
N VAL B 2138 16.37 17.32 -96.15
CA VAL B 2138 17.64 16.63 -96.49
C VAL B 2138 18.52 16.54 -95.25
N VAL B 2139 18.75 17.67 -94.58
CA VAL B 2139 19.53 17.70 -93.32
C VAL B 2139 18.66 18.39 -92.27
N THR B 2140 18.48 17.73 -91.12
CA THR B 2140 17.65 18.30 -90.03
C THR B 2140 18.28 18.11 -88.65
N TYR B 2141 19.27 17.23 -88.50
CA TYR B 2141 19.87 16.95 -87.18
C TYR B 2141 21.23 17.66 -87.10
N GLY B 2142 21.57 18.14 -85.90
CA GLY B 2142 22.93 18.61 -85.55
C GLY B 2142 23.26 19.94 -86.19
N ILE B 2143 22.25 20.73 -86.53
CA ILE B 2143 22.51 22.10 -87.03
C ILE B 2143 22.83 22.98 -85.82
N GLY B 2144 23.88 23.79 -85.96
CA GLY B 2144 24.32 24.71 -84.90
C GLY B 2144 23.33 25.82 -84.66
N ALA B 2145 23.62 26.64 -83.65
CA ALA B 2145 22.80 27.81 -83.29
C ALA B 2145 22.71 28.74 -84.49
N ASN B 2146 23.84 28.99 -85.17
CA ASN B 2146 23.90 29.96 -86.28
C ASN B 2146 23.36 29.35 -87.56
N GLY B 2147 23.06 28.05 -87.58
CA GLY B 2147 22.39 27.46 -88.72
C GLY B 2147 23.32 27.17 -89.89
N ILE B 2148 22.77 26.55 -90.93
CA ILE B 2148 23.53 26.24 -92.16
C ILE B 2148 23.78 27.56 -92.87
N ARG B 2149 25.02 27.83 -93.23
CA ARG B 2149 25.39 29.14 -93.79
C ARG B 2149 25.80 29.05 -95.26
N GLY B 2150 25.84 27.83 -95.83
CA GLY B 2150 26.23 27.65 -97.24
C GLY B 2150 26.05 26.22 -97.67
N VAL B 2151 25.58 25.99 -98.90
CA VAL B 2151 25.37 24.62 -99.41
C VAL B 2151 25.90 24.55 -100.83
N ALA B 2152 26.66 23.49 -101.14
CA ALA B 2152 27.24 23.29 -102.48
C ALA B 2152 27.15 21.81 -102.83
N LEU B 2153 26.56 21.49 -103.97
CA LEU B 2153 26.31 20.08 -104.36
C LEU B 2153 27.37 19.65 -105.38
N ASP B 2154 28.03 18.52 -105.12
CA ASP B 2154 28.97 17.90 -106.08
C ASP B 2154 28.17 16.99 -107.00
N TRP B 2155 27.74 17.51 -108.13
CA TRP B 2155 26.85 16.77 -109.05
C TRP B 2155 27.52 15.52 -109.64
N ALA B 2156 28.86 15.44 -109.60
CA ALA B 2156 29.61 14.29 -110.14
C ALA B 2156 29.58 13.14 -109.14
N ALA B 2157 29.93 13.39 -107.87
CA ALA B 2157 30.01 12.34 -106.82
C ALA B 2157 28.67 12.18 -106.08
N GLY B 2158 27.73 13.13 -106.23
CA GLY B 2158 26.48 13.15 -105.45
C GLY B 2158 26.74 13.55 -104.00
N ASN B 2159 27.88 14.19 -103.71
CA ASN B 2159 28.14 14.75 -102.37
C ASN B 2159 27.43 16.10 -102.26
N LEU B 2160 27.00 16.46 -101.06
CA LEU B 2160 26.42 17.80 -100.75
C LEU B 2160 27.24 18.42 -99.62
N TYR B 2161 28.20 19.27 -99.95
CA TYR B 2161 29.00 20.00 -98.96
C TYR B 2161 28.14 21.09 -98.38
N PHE B 2162 28.13 21.27 -97.07
CA PHE B 2162 27.46 22.41 -96.43
C PHE B 2162 28.28 22.83 -95.22
N THR B 2163 28.06 24.07 -94.80
CA THR B 2163 28.76 24.67 -93.64
C THR B 2163 27.78 24.79 -92.47
N ASN B 2164 28.14 24.15 -91.36
CA ASN B 2164 27.31 24.17 -90.13
C ASN B 2164 28.01 25.07 -89.13
N ALA B 2165 27.34 26.16 -88.73
CA ALA B 2165 27.96 27.23 -87.92
C ALA B 2165 27.39 27.21 -86.51
N PHE B 2166 28.27 27.21 -85.51
CA PHE B 2166 27.88 27.29 -84.08
C PHE B 2166 28.24 28.67 -83.55
N VAL B 2167 28.16 28.81 -82.23
CA VAL B 2167 28.30 30.12 -81.57
C VAL B 2167 29.75 30.59 -81.72
N TYR B 2168 30.72 29.69 -81.48
CA TYR B 2168 32.15 30.08 -81.46
C TYR B 2168 32.96 29.16 -82.37
N GLU B 2169 32.32 28.32 -83.19
CA GLU B 2169 33.09 27.40 -84.07
C GLU B 2169 32.21 26.98 -85.22
N THR B 2170 32.86 26.50 -86.28
CA THR B 2170 32.19 26.24 -87.57
C THR B 2170 32.64 24.88 -88.09
N LEU B 2171 31.71 24.13 -88.68
CA LEU B 2171 31.99 22.80 -89.26
C LEU B 2171 31.78 22.85 -90.77
N ILE B 2172 32.54 22.07 -91.50
CA ILE B 2172 32.24 21.73 -92.90
C ILE B 2172 31.87 20.27 -92.91
N GLU B 2173 30.78 19.92 -93.54
CA GLU B 2173 30.27 18.52 -93.53
C GLU B 2173 29.91 18.09 -94.95
N VAL B 2174 29.95 16.78 -95.19
CA VAL B 2174 29.53 16.16 -96.46
C VAL B 2174 28.38 15.22 -96.15
N LEU B 2175 27.35 15.27 -97.00
CA LEU B 2175 26.26 14.28 -96.98
C LEU B 2175 26.16 13.69 -98.39
N ARG B 2176 26.19 12.37 -98.50
CA ARG B 2176 25.98 11.69 -99.80
C ARG B 2176 24.46 11.57 -100.00
N ILE B 2177 23.98 12.00 -101.16
CA ILE B 2177 22.52 12.13 -101.41
C ILE B 2177 21.89 10.74 -101.43
N ASN B 2178 20.69 10.63 -100.85
CA ASN B 2178 19.94 9.35 -100.75
C ASN B 2178 20.76 8.33 -99.94
N THR B 2179 21.57 8.78 -98.99
CA THR B 2179 22.25 7.85 -98.05
C THR B 2179 22.22 8.49 -96.66
N THR B 2180 22.50 7.67 -95.64
CA THR B 2180 22.56 8.14 -94.24
C THR B 2180 23.99 8.54 -93.90
N TYR B 2181 24.92 8.45 -94.85
CA TYR B 2181 26.35 8.73 -94.60
C TYR B 2181 26.55 10.25 -94.46
N ARG B 2182 27.16 10.66 -93.35
CA ARG B 2182 27.43 12.09 -93.09
C ARG B 2182 28.63 12.17 -92.16
N ARG B 2183 29.59 13.02 -92.50
CA ARG B 2183 30.80 13.17 -91.67
C ARG B 2183 31.27 14.61 -91.73
N VAL B 2184 32.11 14.95 -90.75
CA VAL B 2184 32.70 16.31 -90.67
C VAL B 2184 34.08 16.23 -91.30
N LEU B 2185 34.41 17.18 -92.18
CA LEU B 2185 35.73 17.28 -92.80
C LEU B 2185 36.69 18.21 -92.06
N LEU B 2186 36.18 19.24 -91.39
CA LEU B 2186 37.01 20.31 -90.82
C LEU B 2186 36.24 21.00 -89.71
N LYS B 2187 36.93 21.38 -88.63
CA LYS B 2187 36.38 22.20 -87.53
C LYS B 2187 37.35 23.33 -87.21
N VAL B 2188 36.89 24.56 -87.27
CA VAL B 2188 37.71 25.74 -87.04
C VAL B 2188 36.98 26.65 -86.07
N SER B 2189 37.75 27.31 -85.20
CA SER B 2189 37.21 28.29 -84.23
C SER B 2189 37.56 29.71 -84.69
N VAL B 2190 38.83 29.94 -85.01
CA VAL B 2190 39.29 31.31 -85.42
C VAL B 2190 38.72 31.65 -86.79
N ASP B 2191 38.73 30.73 -87.76
CA ASP B 2191 38.16 31.01 -89.09
C ASP B 2191 36.65 30.76 -89.07
N MET B 2192 35.92 31.29 -90.04
CA MET B 2192 34.47 30.98 -90.19
C MET B 2192 34.13 30.96 -91.68
N PRO B 2193 34.26 29.80 -92.34
CA PRO B 2193 33.74 29.59 -93.66
C PRO B 2193 32.24 29.91 -93.66
N ARG B 2194 31.72 30.64 -94.65
CA ARG B 2194 30.26 30.90 -94.71
C ARG B 2194 29.68 30.41 -96.03
N HIS B 2195 30.17 30.93 -97.15
CA HIS B 2195 29.63 30.52 -98.47
C HIS B 2195 30.64 29.61 -99.17
N ILE B 2196 30.17 28.45 -99.62
CA ILE B 2196 31.05 27.39 -100.15
C ILE B 2196 30.63 27.04 -101.57
N ILE B 2197 31.56 26.83 -102.47
CA ILE B 2197 31.31 26.33 -103.84
C ILE B 2197 32.24 25.16 -104.11
N VAL B 2198 31.84 24.28 -105.03
CA VAL B 2198 32.64 23.08 -105.36
C VAL B 2198 32.85 23.05 -106.87
N ASP B 2199 34.02 22.58 -107.29
CA ASP B 2199 34.33 22.41 -108.73
C ASP B 2199 34.82 20.99 -108.96
N PRO B 2200 33.97 20.04 -109.40
CA PRO B 2200 34.41 18.69 -109.72
C PRO B 2200 35.32 18.59 -110.96
N LYS B 2201 35.42 19.64 -111.77
CA LYS B 2201 36.29 19.67 -112.98
C LYS B 2201 37.76 19.82 -112.57
N HIS B 2202 38.10 20.70 -111.62
CA HIS B 2202 39.49 20.82 -111.11
C HIS B 2202 39.68 20.11 -109.77
N ARG B 2203 38.60 19.56 -109.19
CA ARG B 2203 38.58 18.81 -107.90
C ARG B 2203 39.02 19.71 -106.75
N TYR B 2204 38.48 20.93 -106.68
CA TYR B 2204 38.71 21.88 -105.59
C TYR B 2204 37.39 22.32 -104.96
N LEU B 2205 37.51 22.80 -103.74
CA LEU B 2205 36.43 23.33 -102.91
C LEU B 2205 36.87 24.70 -102.38
N PHE B 2206 36.05 25.72 -102.54
CA PHE B 2206 36.32 27.14 -102.19
C PHE B 2206 35.24 27.62 -101.23
N TRP B 2207 35.66 28.38 -100.23
CA TRP B 2207 34.73 29.05 -99.34
C TRP B 2207 35.18 30.45 -99.00
N ALA B 2208 34.22 31.27 -98.63
CA ALA B 2208 34.45 32.69 -98.31
C ALA B 2208 34.33 32.86 -96.80
N ASP B 2209 35.31 33.57 -96.22
CA ASP B 2209 35.36 33.83 -94.78
C ASP B 2209 35.19 35.34 -94.59
N TYR B 2210 34.27 35.74 -93.71
CA TYR B 2210 34.08 37.17 -93.37
C TYR B 2210 34.24 37.37 -91.86
N GLY B 2211 35.01 36.50 -91.20
CA GLY B 2211 35.28 36.63 -89.76
C GLY B 2211 36.35 37.68 -89.51
N GLN B 2212 37.15 37.46 -88.45
CA GLN B 2212 38.15 38.46 -88.01
C GLN B 2212 39.30 38.50 -89.01
N LYS B 2213 39.48 37.44 -89.81
CA LYS B 2213 40.52 37.43 -90.87
C LYS B 2213 39.84 37.09 -92.19
N PRO B 2214 39.20 38.06 -92.85
CA PRO B 2214 38.51 37.80 -94.09
C PRO B 2214 39.46 37.25 -95.15
N LYS B 2215 39.00 36.26 -95.91
CA LYS B 2215 39.81 35.59 -96.93
C LYS B 2215 38.92 34.83 -97.90
N ILE B 2216 39.47 34.44 -99.04
CA ILE B 2216 38.87 33.41 -99.88
C ILE B 2216 39.81 32.24 -99.85
N GLU B 2217 39.30 31.05 -99.62
CA GLU B 2217 40.12 29.90 -99.26
C GLU B 2217 39.79 28.71 -100.15
N ARG B 2218 40.78 27.88 -100.48
CA ARG B 2218 40.65 26.69 -101.34
C ARG B 2218 41.12 25.45 -100.62
N SER B 2219 40.56 24.30 -100.93
CA SER B 2219 41.10 23.01 -100.54
C SER B 2219 40.82 21.94 -101.58
N PHE B 2220 41.38 20.75 -101.40
CA PHE B 2220 40.90 19.57 -102.12
C PHE B 2220 39.52 19.16 -101.57
N LEU B 2221 38.80 18.29 -102.27
CA LEU B 2221 37.41 17.93 -101.95
C LEU B 2221 37.21 17.20 -100.62
N ASP B 2222 38.25 17.07 -99.82
CA ASP B 2222 38.26 16.47 -98.49
C ASP B 2222 38.66 17.47 -97.39
N CYS B 2223 38.78 18.76 -97.75
CA CYS B 2223 39.24 19.86 -96.88
C CYS B 2223 40.63 19.67 -96.26
N THR B 2224 41.52 18.91 -96.89
CA THR B 2224 42.89 18.73 -96.38
C THR B 2224 43.83 19.89 -96.72
N ASN B 2225 43.99 20.24 -97.99
CA ASN B 2225 45.17 20.98 -98.45
C ASN B 2225 45.02 22.51 -98.41
N ARG B 2226 44.51 23.04 -97.29
CA ARG B 2226 44.05 24.44 -97.18
C ARG B 2226 45.05 25.48 -97.70
N THR B 2227 44.62 26.40 -98.55
CA THR B 2227 45.44 27.53 -99.01
C THR B 2227 44.59 28.76 -99.30
N VAL B 2228 45.17 29.95 -99.20
CA VAL B 2228 44.41 31.20 -99.16
C VAL B 2228 44.61 31.99 -100.44
N LEU B 2229 43.56 32.10 -101.26
CA LEU B 2229 43.64 32.71 -102.59
C LEU B 2229 43.66 34.23 -102.49
N VAL B 2230 42.76 34.79 -101.69
CA VAL B 2230 42.75 36.24 -101.42
C VAL B 2230 42.84 36.44 -99.90
N SER B 2231 43.76 37.31 -99.45
CA SER B 2231 43.92 37.60 -98.00
C SER B 2231 43.94 39.10 -97.74
N GLU B 2232 44.10 39.94 -98.77
CA GLU B 2232 44.17 41.41 -98.57
C GLU B 2232 43.22 42.09 -99.56
N GLY B 2233 42.76 43.29 -99.19
CA GLY B 2233 41.77 44.04 -99.99
C GLY B 2233 40.45 43.29 -100.05
N ILE B 2234 40.04 42.68 -98.94
CA ILE B 2234 38.78 41.89 -98.90
C ILE B 2234 38.20 41.99 -97.49
N VAL B 2235 36.98 42.51 -97.39
CA VAL B 2235 36.25 42.62 -96.10
C VAL B 2235 34.82 42.16 -96.34
N THR B 2236 34.40 41.10 -95.64
CA THR B 2236 33.04 40.51 -95.73
C THR B 2236 32.72 40.05 -97.16
N PRO B 2237 33.40 39.02 -97.71
CA PRO B 2237 32.92 38.41 -98.94
C PRO B 2237 31.79 37.42 -98.64
N ARG B 2238 30.59 37.69 -99.15
CA ARG B 2238 29.44 36.79 -98.82
C ARG B 2238 28.91 36.12 -100.10
N GLY B 2239 29.76 35.94 -101.11
CA GLY B 2239 29.34 35.29 -102.37
C GLY B 2239 30.52 34.80 -103.17
N LEU B 2240 30.42 33.59 -103.73
CA LEU B 2240 31.46 33.03 -104.63
C LEU B 2240 30.76 32.46 -105.87
N ALA B 2241 31.50 32.39 -106.97
CA ALA B 2241 31.01 31.78 -108.22
C ALA B 2241 32.20 31.23 -109.00
N MET B 2242 31.93 30.21 -109.81
CA MET B 2242 32.97 29.53 -110.62
C MET B 2242 32.62 29.71 -112.10
N ASP B 2243 33.65 29.85 -112.93
CA ASP B 2243 33.45 30.06 -114.38
C ASP B 2243 33.39 28.72 -115.12
N HIS B 2244 34.20 27.75 -114.69
CA HIS B 2244 34.18 26.36 -115.25
C HIS B 2244 34.72 26.34 -116.68
N ASP B 2245 34.99 27.50 -117.28
CA ASP B 2245 35.53 27.56 -118.66
C ASP B 2245 36.84 28.35 -118.69
N THR B 2246 37.00 29.32 -117.79
CA THR B 2246 38.24 30.15 -117.74
C THR B 2246 38.98 29.91 -116.42
N GLY B 2247 38.36 29.18 -115.48
CA GLY B 2247 38.98 28.84 -114.18
C GLY B 2247 39.16 30.06 -113.28
N TYR B 2248 38.29 31.06 -113.38
CA TYR B 2248 38.33 32.23 -112.48
C TYR B 2248 37.34 32.04 -111.33
N ILE B 2249 37.67 32.64 -110.20
CA ILE B 2249 36.77 32.67 -109.02
C ILE B 2249 36.22 34.08 -108.89
N TYR B 2250 34.90 34.21 -109.03
CA TYR B 2250 34.21 35.51 -108.89
C TYR B 2250 33.63 35.63 -107.48
N TRP B 2251 33.75 36.81 -106.89
CA TRP B 2251 33.19 37.06 -105.54
C TRP B 2251 32.68 38.49 -105.43
N VAL B 2252 31.71 38.69 -104.55
CA VAL B 2252 31.08 40.00 -104.28
C VAL B 2252 31.48 40.42 -102.87
N ASP B 2253 31.80 41.71 -102.72
CA ASP B 2253 32.30 42.25 -101.44
C ASP B 2253 31.49 43.50 -101.12
N ASP B 2254 30.56 43.40 -100.16
CA ASP B 2254 29.60 44.49 -99.84
C ASP B 2254 30.20 45.53 -98.89
N SER B 2255 31.41 45.34 -98.34
CA SER B 2255 32.07 46.40 -97.55
C SER B 2255 33.07 47.22 -98.39
N LEU B 2256 33.57 46.71 -99.50
CA LEU B 2256 34.42 47.54 -100.42
C LEU B 2256 33.65 47.92 -101.68
N ASP B 2257 32.39 47.47 -101.81
CA ASP B 2257 31.48 47.82 -102.92
C ASP B 2257 32.14 47.47 -104.27
N LEU B 2258 32.54 46.21 -104.45
CA LEU B 2258 33.13 45.78 -105.75
C LEU B 2258 32.81 44.31 -106.03
N ILE B 2259 32.93 43.97 -107.30
CA ILE B 2259 32.92 42.58 -107.79
C ILE B 2259 34.29 42.32 -108.43
N ALA B 2260 35.00 41.30 -107.92
CA ALA B 2260 36.35 40.99 -108.41
C ALA B 2260 36.46 39.51 -108.76
N ARG B 2261 37.50 39.17 -109.52
CA ARG B 2261 37.74 37.77 -109.92
C ARG B 2261 39.23 37.44 -109.72
N ILE B 2262 39.50 36.16 -109.47
CA ILE B 2262 40.87 35.65 -109.29
C ILE B 2262 40.95 34.27 -109.92
N HIS B 2263 42.12 33.93 -110.46
CA HIS B 2263 42.33 32.61 -111.09
C HIS B 2263 42.48 31.55 -110.01
N LEU B 2264 42.41 30.27 -110.40
CA LEU B 2264 42.58 29.13 -109.47
C LEU B 2264 43.98 29.19 -108.84
N ASP B 2265 45.01 29.55 -109.60
CA ASP B 2265 46.42 29.48 -109.14
C ASP B 2265 46.73 30.64 -108.18
N GLY B 2266 45.82 31.61 -108.05
CA GLY B 2266 45.99 32.72 -107.08
C GLY B 2266 46.95 33.78 -107.58
N GLY B 2267 46.64 34.36 -108.75
CA GLY B 2267 47.43 35.47 -109.34
C GLY B 2267 47.09 36.80 -108.68
N GLU B 2268 46.86 37.83 -109.51
CA GLU B 2268 46.47 39.16 -108.98
C GLU B 2268 44.97 39.36 -109.25
N SER B 2269 44.25 39.81 -108.24
CA SER B 2269 42.78 40.00 -108.33
C SER B 2269 42.45 41.08 -109.38
N GLN B 2270 41.42 40.82 -110.19
CA GLN B 2270 40.98 41.78 -111.23
C GLN B 2270 39.60 42.31 -110.83
N VAL B 2271 39.44 43.64 -110.90
CA VAL B 2271 38.16 44.28 -110.53
C VAL B 2271 37.23 44.23 -111.74
N VAL B 2272 36.06 43.62 -111.57
CA VAL B 2272 35.06 43.53 -112.65
C VAL B 2272 34.13 44.74 -112.55
N ARG B 2273 33.49 44.94 -111.39
CA ARG B 2273 32.64 46.14 -111.17
C ARG B 2273 33.02 46.75 -109.83
N TYR B 2274 32.97 48.07 -109.75
CA TYR B 2274 33.38 48.80 -108.52
C TYR B 2274 32.77 50.19 -108.55
N GLY B 2275 32.58 50.75 -107.35
CA GLY B 2275 32.13 52.13 -107.14
C GLY B 2275 30.92 52.19 -106.23
N SER B 2276 30.33 53.39 -106.14
CA SER B 2276 29.22 53.68 -105.22
C SER B 2276 27.95 52.98 -105.72
N ARG B 2277 27.84 52.73 -107.04
CA ARG B 2277 26.60 52.22 -107.66
C ARG B 2277 26.42 50.72 -107.37
N TYR B 2278 27.32 50.09 -106.59
CA TYR B 2278 27.19 48.66 -106.23
C TYR B 2278 27.29 48.54 -104.71
N PRO B 2279 26.25 48.91 -103.96
CA PRO B 2279 26.35 49.12 -102.52
C PRO B 2279 26.37 47.81 -101.73
N THR B 2280 25.54 46.85 -102.11
CA THR B 2280 25.45 45.57 -101.36
C THR B 2280 25.26 44.40 -102.32
N PRO B 2281 26.27 44.02 -103.13
CA PRO B 2281 26.17 42.78 -103.87
C PRO B 2281 26.29 41.57 -102.91
N TYR B 2282 25.19 40.82 -102.79
CA TYR B 2282 25.08 39.75 -101.76
C TYR B 2282 25.39 38.38 -102.33
N GLY B 2283 25.09 38.13 -103.60
CA GLY B 2283 25.36 36.83 -104.23
C GLY B 2283 25.70 37.00 -105.70
N ILE B 2284 26.48 36.08 -106.27
CA ILE B 2284 26.88 36.19 -107.69
C ILE B 2284 26.89 34.81 -108.34
N THR B 2285 26.70 34.80 -109.66
CA THR B 2285 26.81 33.58 -110.49
C THR B 2285 27.34 33.98 -111.86
N VAL B 2286 27.85 33.01 -112.60
CA VAL B 2286 28.44 33.24 -113.95
C VAL B 2286 27.69 32.38 -114.94
N PHE B 2287 27.26 32.97 -116.05
CA PHE B 2287 26.60 32.24 -117.14
C PHE B 2287 27.10 32.80 -118.47
N GLY B 2288 27.77 31.95 -119.25
CA GLY B 2288 28.36 32.34 -120.54
C GLY B 2288 29.31 33.51 -120.39
N GLU B 2289 29.03 34.64 -121.08
CA GLU B 2289 29.96 35.78 -121.14
C GLU B 2289 29.60 36.83 -120.08
N SER B 2290 28.57 36.59 -119.25
CA SER B 2290 28.07 37.62 -118.32
C SER B 2290 28.04 37.07 -116.89
N ILE B 2291 28.18 37.98 -115.92
CA ILE B 2291 27.97 37.68 -114.49
C ILE B 2291 26.59 38.17 -114.10
N ILE B 2292 25.96 37.47 -113.15
CA ILE B 2292 24.66 37.87 -112.61
C ILE B 2292 24.79 37.96 -111.09
N TRP B 2293 24.38 39.09 -110.53
CA TRP B 2293 24.44 39.30 -109.07
C TRP B 2293 23.18 40.01 -108.60
N VAL B 2294 22.90 39.85 -107.31
CA VAL B 2294 21.74 40.50 -106.65
C VAL B 2294 22.26 41.59 -105.73
N ASP B 2295 21.41 42.58 -105.47
CA ASP B 2295 21.74 43.70 -104.57
C ASP B 2295 20.65 43.81 -103.52
N ARG B 2296 21.04 43.78 -102.24
CA ARG B 2296 20.08 43.88 -101.14
C ARG B 2296 19.50 45.30 -101.09
N ASN B 2297 20.36 46.31 -101.18
CA ASN B 2297 19.91 47.72 -101.07
C ASN B 2297 19.04 48.08 -102.27
N LEU B 2298 19.51 47.78 -103.49
CA LEU B 2298 18.79 48.25 -104.70
C LEU B 2298 17.62 47.35 -105.02
N LYS B 2299 17.56 46.14 -104.44
CA LYS B 2299 16.42 45.21 -104.61
C LYS B 2299 16.31 44.83 -106.09
N LYS B 2300 17.46 44.70 -106.78
CA LYS B 2300 17.46 44.33 -108.21
C LYS B 2300 18.39 43.15 -108.45
N VAL B 2301 18.13 42.44 -109.54
CA VAL B 2301 19.01 41.37 -110.06
C VAL B 2301 19.62 41.90 -111.34
N PHE B 2302 20.96 41.90 -111.41
CA PHE B 2302 21.69 42.56 -112.51
C PHE B 2302 22.36 41.53 -113.41
N GLN B 2303 22.66 41.96 -114.64
CA GLN B 2303 23.44 41.16 -115.62
C GLN B 2303 24.42 42.11 -116.31
N ALA B 2304 25.69 41.74 -116.35
CA ALA B 2304 26.75 42.57 -116.95
C ALA B 2304 27.89 41.67 -117.42
N SER B 2305 28.73 42.22 -118.30
CA SER B 2305 29.86 41.48 -118.90
C SER B 2305 30.84 41.05 -117.79
N LYS B 2306 31.29 39.79 -117.83
CA LYS B 2306 32.18 39.24 -116.77
C LYS B 2306 33.60 39.74 -116.97
N GLN B 2307 33.94 40.30 -118.14
CA GLN B 2307 35.32 40.73 -118.43
C GLN B 2307 35.62 42.02 -117.66
N PRO B 2308 36.77 42.12 -116.97
CA PRO B 2308 37.11 43.33 -116.25
C PRO B 2308 37.38 44.49 -117.22
N GLY B 2309 37.07 45.71 -116.75
CA GLY B 2309 37.26 46.95 -117.51
C GLY B 2309 36.08 47.29 -118.39
N ASN B 2310 35.04 46.44 -118.43
CA ASN B 2310 33.82 46.75 -119.21
C ASN B 2310 33.06 47.88 -118.51
N THR B 2311 32.46 48.79 -119.28
CA THR B 2311 31.81 50.01 -118.74
C THR B 2311 30.35 50.09 -119.15
N ASP B 2312 29.78 49.02 -119.71
CA ASP B 2312 28.34 49.01 -120.06
C ASP B 2312 27.52 49.04 -118.77
N PRO B 2313 26.41 49.80 -118.72
CA PRO B 2313 25.55 49.78 -117.54
C PRO B 2313 24.93 48.40 -117.32
N PRO B 2314 24.81 47.94 -116.07
CA PRO B 2314 24.27 46.61 -115.81
C PRO B 2314 22.80 46.51 -116.20
N VAL B 2315 22.45 45.45 -116.93
CA VAL B 2315 21.06 45.21 -117.36
C VAL B 2315 20.26 44.63 -116.20
N VAL B 2316 19.08 45.18 -115.98
CA VAL B 2316 18.20 44.77 -114.85
C VAL B 2316 17.31 43.63 -115.32
N ILE B 2317 17.24 42.55 -114.54
CA ILE B 2317 16.35 41.40 -114.86
C ILE B 2317 15.04 41.55 -114.09
N ARG B 2318 15.12 41.69 -112.78
CA ARG B 2318 13.91 41.87 -111.94
C ARG B 2318 14.27 42.86 -110.83
N ASP B 2319 13.35 43.76 -110.45
CA ASP B 2319 13.62 44.79 -109.41
C ASP B 2319 12.45 44.81 -108.41
N LYS B 2320 12.64 45.59 -107.35
CA LYS B 2320 11.70 45.64 -106.20
C LYS B 2320 11.49 44.24 -105.65
N ILE B 2321 12.55 43.45 -105.56
CA ILE B 2321 12.49 42.14 -104.85
C ILE B 2321 13.12 42.33 -103.47
N ASN B 2322 12.37 41.98 -102.43
CA ASN B 2322 12.80 42.27 -101.05
C ASN B 2322 13.65 41.13 -100.50
N LEU B 2323 14.68 41.51 -99.72
CA LEU B 2323 15.51 40.56 -98.94
C LEU B 2323 16.24 39.60 -99.89
N LEU B 2324 16.85 40.11 -100.95
CA LEU B 2324 17.61 39.25 -101.90
C LEU B 2324 18.79 38.64 -101.15
N ARG B 2325 19.03 37.35 -101.39
CA ARG B 2325 20.13 36.64 -100.70
C ARG B 2325 21.17 36.14 -101.70
N ASP B 2326 20.75 35.37 -102.72
CA ASP B 2326 21.72 34.70 -103.60
C ASP B 2326 21.07 34.38 -104.93
N VAL B 2327 21.91 34.04 -105.90
CA VAL B 2327 21.45 33.70 -107.27
C VAL B 2327 22.30 32.53 -107.78
N THR B 2328 21.65 31.62 -108.49
CA THR B 2328 22.32 30.39 -109.00
C THR B 2328 21.73 30.06 -110.37
N ILE B 2329 22.52 29.38 -111.20
CA ILE B 2329 22.12 29.02 -112.57
C ILE B 2329 21.72 27.54 -112.59
N PHE B 2330 20.52 27.27 -113.07
CA PHE B 2330 20.03 25.89 -113.29
C PHE B 2330 20.13 25.61 -114.78
N ASP B 2331 21.25 25.03 -115.20
CA ASP B 2331 21.49 24.76 -116.64
C ASP B 2331 22.34 23.50 -116.76
N GLU B 2332 22.18 22.78 -117.89
CA GLU B 2332 23.00 21.59 -118.17
C GLU B 2332 24.45 22.01 -118.36
N HIS B 2333 24.69 23.15 -119.03
CA HIS B 2333 26.05 23.64 -119.31
C HIS B 2333 26.80 23.91 -118.00
N ALA B 2334 26.09 24.33 -116.94
CA ALA B 2334 26.72 24.69 -115.65
C ALA B 2334 27.13 23.42 -114.89
N GLN B 2335 26.52 22.27 -115.19
CA GLN B 2335 26.81 20.98 -114.51
C GLN B 2335 27.06 19.90 -115.58
N PRO B 2336 28.26 19.85 -116.20
CA PRO B 2336 28.58 18.83 -117.20
C PRO B 2336 28.70 17.44 -116.56
N LEU B 2337 28.53 16.39 -117.37
CA LEU B 2337 28.59 14.99 -116.85
C LEU B 2337 29.45 14.09 -117.74
N SER B 2338 29.82 14.49 -118.97
CA SER B 2338 30.74 13.65 -119.78
C SER B 2338 32.14 13.66 -119.16
N PRO B 2339 32.86 12.52 -119.13
CA PRO B 2339 34.24 12.50 -118.66
C PRO B 2339 35.16 13.45 -119.42
N ALA B 2340 34.85 13.73 -120.70
CA ALA B 2340 35.58 14.70 -121.53
C ALA B 2340 35.48 16.12 -120.96
N GLU B 2341 34.35 16.51 -120.38
CA GLU B 2341 34.18 17.82 -119.72
C GLU B 2341 34.80 17.81 -118.32
N LEU B 2342 34.47 16.80 -117.50
CA LEU B 2342 34.89 16.74 -116.08
C LEU B 2342 36.32 16.20 -115.92
N ASN B 2343 37.18 16.23 -116.95
CA ASN B 2343 38.59 15.74 -116.88
C ASN B 2343 38.65 14.34 -116.25
N ASN B 2344 37.72 13.44 -116.65
CA ASN B 2344 37.68 12.02 -116.22
C ASN B 2344 37.62 11.90 -114.69
N ASN B 2345 36.69 12.62 -114.06
CA ASN B 2345 36.43 12.56 -112.59
C ASN B 2345 36.12 11.12 -112.16
N PRO B 2346 36.95 10.46 -111.32
CA PRO B 2346 36.78 9.03 -110.97
C PRO B 2346 35.51 8.66 -110.20
N CYS B 2347 34.74 9.62 -109.71
CA CYS B 2347 33.49 9.32 -108.97
C CYS B 2347 32.31 9.07 -109.91
N LEU B 2348 32.43 9.37 -111.22
CA LEU B 2348 31.29 9.26 -112.16
C LEU B 2348 30.82 7.80 -112.31
N GLN B 2349 31.75 6.85 -112.44
CA GLN B 2349 31.44 5.45 -112.90
C GLN B 2349 30.38 4.80 -112.00
N SER B 2350 30.70 4.64 -110.71
CA SER B 2350 29.74 4.27 -109.64
C SER B 2350 30.40 4.56 -108.30
N ASN B 2351 30.44 5.84 -107.90
CA ASN B 2351 31.06 6.31 -106.63
C ASN B 2351 32.52 5.86 -106.55
N GLY B 2352 33.22 5.70 -107.70
CA GLY B 2352 34.61 5.21 -107.74
C GLY B 2352 34.77 3.79 -107.21
N GLY B 2353 33.69 3.01 -107.10
CA GLY B 2353 33.68 1.69 -106.42
C GLY B 2353 33.79 1.80 -104.90
N CYS B 2354 33.81 3.02 -104.38
CA CYS B 2354 34.07 3.31 -102.95
C CYS B 2354 32.82 3.01 -102.13
N SER B 2355 33.00 2.56 -100.87
CA SER B 2355 31.88 2.10 -100.01
C SER B 2355 31.07 3.31 -99.48
N HIS B 2356 31.74 4.32 -98.91
CA HIS B 2356 31.07 5.53 -98.36
C HIS B 2356 31.23 6.73 -99.31
N PHE B 2357 32.29 7.53 -99.14
CA PHE B 2357 32.51 8.76 -99.96
C PHE B 2357 33.72 8.57 -100.88
N CYS B 2358 33.62 8.96 -102.15
CA CYS B 2358 34.83 9.07 -103.00
C CYS B 2358 35.19 10.56 -103.10
N PHE B 2359 36.46 10.88 -102.90
CA PHE B 2359 36.98 12.24 -103.08
C PHE B 2359 38.06 12.20 -104.18
N ALA B 2360 37.72 12.74 -105.35
CA ALA B 2360 38.68 12.90 -106.45
C ALA B 2360 39.72 13.95 -106.03
N LEU B 2361 40.99 13.79 -106.41
CA LEU B 2361 42.06 14.76 -106.10
C LEU B 2361 42.54 15.47 -107.37
N PRO B 2362 43.34 16.54 -107.28
CA PRO B 2362 43.67 17.37 -108.44
C PRO B 2362 44.36 16.65 -109.60
N GLU B 2363 45.18 15.61 -109.35
CA GLU B 2363 46.02 14.95 -110.38
C GLU B 2363 45.97 13.42 -110.29
N LEU B 2364 45.64 12.83 -109.13
CA LEU B 2364 45.59 11.35 -109.01
C LEU B 2364 44.38 10.81 -109.79
N PRO B 2365 44.55 9.78 -110.65
CA PRO B 2365 43.44 9.16 -111.38
C PRO B 2365 42.63 8.15 -110.56
N THR B 2366 43.10 7.84 -109.33
CA THR B 2366 42.37 6.97 -108.36
C THR B 2366 41.76 7.83 -107.26
N PRO B 2367 40.47 7.65 -106.91
CA PRO B 2367 39.86 8.46 -105.87
C PRO B 2367 40.38 8.07 -104.48
N ARG B 2368 40.59 9.07 -103.62
CA ARG B 2368 40.76 8.85 -102.18
C ARG B 2368 39.41 8.41 -101.62
N CYS B 2369 39.37 7.38 -100.79
CA CYS B 2369 38.10 6.91 -100.19
C CYS B 2369 37.97 7.49 -98.79
N GLY B 2370 36.87 8.23 -98.57
CA GLY B 2370 36.48 8.74 -97.25
C GLY B 2370 35.53 7.76 -96.58
N CYS B 2371 35.64 7.67 -95.26
CA CYS B 2371 34.80 6.75 -94.45
C CYS B 2371 33.90 7.59 -93.53
N ALA B 2372 32.59 7.39 -93.64
CA ALA B 2372 31.60 8.09 -92.79
C ALA B 2372 31.71 7.58 -91.35
N PHE B 2373 31.80 6.26 -91.15
CA PHE B 2373 31.95 5.69 -89.80
C PHE B 2373 32.84 4.46 -89.90
N GLY B 2374 33.65 4.23 -88.86
CA GLY B 2374 34.62 3.13 -88.82
C GLY B 2374 35.94 3.52 -89.48
N THR B 2375 36.69 2.53 -89.92
CA THR B 2375 38.06 2.72 -90.46
C THR B 2375 38.12 2.10 -91.85
N LEU B 2376 38.94 2.69 -92.72
CA LEU B 2376 39.04 2.21 -94.12
C LEU B 2376 39.80 0.89 -94.11
N GLY B 2377 39.28 -0.10 -94.86
CA GLY B 2377 39.90 -1.43 -94.99
C GLY B 2377 41.22 -1.37 -95.73
N ASN B 2378 42.03 -2.44 -95.63
CA ASN B 2378 43.36 -2.49 -96.29
C ASN B 2378 43.20 -2.46 -97.82
N ASP B 2379 42.04 -2.90 -98.33
CA ASP B 2379 41.73 -2.87 -99.78
C ASP B 2379 41.63 -1.43 -100.26
N GLY B 2380 41.46 -0.45 -99.36
CA GLY B 2380 41.46 0.98 -99.70
C GLY B 2380 40.09 1.47 -100.17
N LYS B 2381 39.04 0.64 -100.15
CA LYS B 2381 37.69 1.07 -100.63
C LYS B 2381 36.57 0.66 -99.68
N SER B 2382 36.77 -0.30 -98.77
CA SER B 2382 35.70 -0.74 -97.84
C SER B 2382 35.92 -0.14 -96.45
N CYS B 2383 34.86 -0.15 -95.63
CA CYS B 2383 34.89 0.40 -94.25
C CYS B 2383 34.43 -0.68 -93.28
N ALA B 2384 35.05 -0.73 -92.09
CA ALA B 2384 34.70 -1.69 -91.03
C ALA B 2384 34.85 -1.01 -89.68
N THR B 2385 34.30 -1.63 -88.63
CA THR B 2385 34.33 -1.06 -87.27
C THR B 2385 35.79 -0.89 -86.85
N SER B 2386 36.09 0.22 -86.18
CA SER B 2386 37.47 0.57 -85.77
C SER B 2386 37.98 -0.47 -84.78
N GLN B 2387 39.24 -0.86 -84.94
CA GLN B 2387 39.93 -1.76 -83.98
C GLN B 2387 40.73 -0.92 -82.98
N GLU B 2388 40.72 0.42 -83.09
CA GLU B 2388 41.48 1.29 -82.17
C GLU B 2388 40.72 1.42 -80.85
N ASP B 2389 41.35 2.10 -79.88
CA ASP B 2389 40.68 2.47 -78.62
C ASP B 2389 40.01 3.83 -78.81
N PHE B 2390 38.83 4.01 -78.21
CA PHE B 2390 38.05 5.26 -78.36
C PHE B 2390 37.02 5.42 -77.25
N LEU B 2391 36.49 6.63 -77.11
CA LEU B 2391 35.38 6.95 -76.17
C LEU B 2391 34.05 6.45 -76.72
N ILE B 2392 33.17 6.15 -75.77
CA ILE B 2392 31.74 5.91 -76.03
C ILE B 2392 30.95 6.74 -75.02
N TYR B 2393 29.82 7.31 -75.43
CA TYR B 2393 28.99 8.10 -74.49
C TYR B 2393 27.52 7.95 -74.87
N SER B 2394 26.65 8.01 -73.88
CA SER B 2394 25.19 7.98 -74.15
C SER B 2394 24.72 9.41 -74.43
N LEU B 2395 23.87 9.54 -75.45
CA LEU B 2395 23.23 10.82 -75.80
C LEU B 2395 21.75 10.54 -76.01
N ASN B 2396 20.98 10.74 -74.93
CA ASN B 2396 19.51 10.52 -74.92
C ASN B 2396 19.16 9.11 -75.43
N ASN B 2397 18.45 8.99 -76.56
CA ASN B 2397 17.97 7.68 -77.08
C ASN B 2397 19.01 6.98 -77.97
N SER B 2398 20.32 7.21 -77.76
CA SER B 2398 21.33 6.58 -78.64
C SER B 2398 22.67 6.50 -77.92
N LEU B 2399 23.51 5.55 -78.38
CA LEU B 2399 24.91 5.43 -77.91
C LEU B 2399 25.82 5.94 -79.02
N ARG B 2400 26.63 6.94 -78.67
CA ARG B 2400 27.55 7.58 -79.65
C ARG B 2400 28.97 7.13 -79.36
N SER B 2401 29.87 7.38 -80.31
CA SER B 2401 31.30 7.04 -80.20
C SER B 2401 32.14 8.26 -80.58
N LEU B 2402 33.42 8.29 -80.17
CA LEU B 2402 34.28 9.48 -80.35
C LEU B 2402 35.73 9.06 -80.24
N HIS B 2403 36.56 9.32 -81.27
CA HIS B 2403 38.02 9.02 -81.18
C HIS B 2403 38.66 9.91 -80.12
N PHE B 2404 39.77 9.43 -79.54
CA PHE B 2404 40.57 10.22 -78.57
C PHE B 2404 41.24 11.39 -79.30
N ASP B 2405 41.53 11.23 -80.59
CA ASP B 2405 42.25 12.28 -81.36
C ASP B 2405 41.31 13.46 -81.59
N PRO B 2406 41.59 14.67 -81.09
CA PRO B 2406 40.69 15.80 -81.28
C PRO B 2406 40.44 16.18 -82.74
N ARG B 2407 41.43 15.99 -83.63
CA ARG B 2407 41.27 16.42 -85.05
C ARG B 2407 40.92 15.22 -85.93
N ASP B 2408 40.56 14.06 -85.34
CA ASP B 2408 40.07 12.91 -86.13
C ASP B 2408 38.54 12.93 -86.09
N HIS B 2409 37.91 13.17 -87.24
CA HIS B 2409 36.44 13.41 -87.29
C HIS B 2409 35.69 12.15 -87.74
N SER B 2410 36.37 11.02 -87.89
CA SER B 2410 35.71 9.75 -88.32
C SER B 2410 35.15 9.05 -87.08
N LEU B 2411 33.86 8.72 -87.10
CA LEU B 2411 33.23 7.99 -85.98
C LEU B 2411 33.73 6.55 -85.98
N PRO B 2412 34.30 6.03 -84.87
CA PRO B 2412 34.73 4.65 -84.80
C PRO B 2412 33.65 3.62 -85.14
N PHE B 2413 32.37 3.90 -84.80
CA PHE B 2413 31.27 3.05 -85.29
C PHE B 2413 30.02 3.90 -85.50
N GLN B 2414 29.09 3.37 -86.32
CA GLN B 2414 27.79 4.03 -86.58
C GLN B 2414 26.98 4.03 -85.27
N VAL B 2415 26.20 5.09 -85.07
CA VAL B 2415 25.48 5.32 -83.79
C VAL B 2415 24.47 4.18 -83.61
N ILE B 2416 24.32 3.72 -82.37
CA ILE B 2416 23.31 2.69 -82.02
C ILE B 2416 22.08 3.40 -81.45
N SER B 2417 20.92 3.09 -82.01
CA SER B 2417 19.63 3.64 -81.52
C SER B 2417 19.03 2.66 -80.50
N VAL B 2418 18.62 3.19 -79.33
CA VAL B 2418 17.99 2.35 -78.29
C VAL B 2418 16.69 3.03 -77.85
N ALA B 2419 15.81 2.26 -77.22
CA ALA B 2419 14.56 2.80 -76.66
C ALA B 2419 14.86 3.55 -75.35
N GLY B 2420 13.94 4.44 -74.97
CA GLY B 2420 14.10 5.27 -73.75
C GLY B 2420 15.34 6.14 -73.84
N THR B 2421 16.00 6.35 -72.70
CA THR B 2421 17.22 7.19 -72.60
C THR B 2421 18.31 6.38 -71.91
N ALA B 2422 19.50 6.31 -72.50
CA ALA B 2422 20.63 5.56 -71.93
C ALA B 2422 21.38 6.47 -70.94
N ILE B 2423 21.54 6.04 -69.67
CA ILE B 2423 22.11 6.96 -68.64
C ILE B 2423 23.58 6.64 -68.39
N ALA B 2424 23.97 5.36 -68.24
CA ALA B 2424 25.36 5.00 -67.88
C ALA B 2424 25.78 3.74 -68.63
N LEU B 2425 27.08 3.58 -68.91
CA LEU B 2425 27.53 2.47 -69.79
C LEU B 2425 28.94 1.97 -69.46
N ASP B 2426 29.22 0.72 -69.85
CA ASP B 2426 30.55 0.10 -69.69
C ASP B 2426 30.79 -1.00 -70.74
N TYR B 2427 32.04 -1.20 -71.12
CA TYR B 2427 32.42 -2.10 -72.24
C TYR B 2427 32.97 -3.42 -71.70
N ASP B 2428 32.47 -4.53 -72.26
CA ASP B 2428 32.98 -5.89 -71.98
C ASP B 2428 33.95 -6.27 -73.12
N ARG B 2429 35.23 -6.37 -72.79
CA ARG B 2429 36.27 -6.61 -73.83
C ARG B 2429 36.15 -8.04 -74.36
N ARG B 2430 35.86 -9.03 -73.50
CA ARG B 2430 35.88 -10.43 -73.98
C ARG B 2430 34.80 -10.63 -75.05
N ASN B 2431 33.55 -10.27 -74.77
CA ASN B 2431 32.44 -10.55 -75.71
C ASN B 2431 32.19 -9.36 -76.64
N ASN B 2432 32.97 -8.27 -76.50
CA ASN B 2432 32.87 -7.09 -77.39
C ASN B 2432 31.44 -6.52 -77.31
N ARG B 2433 31.02 -6.16 -76.10
CA ARG B 2433 29.67 -5.61 -75.87
C ARG B 2433 29.76 -4.35 -75.02
N ILE B 2434 28.73 -3.50 -75.12
CA ILE B 2434 28.53 -2.42 -74.14
C ILE B 2434 27.26 -2.72 -73.35
N PHE B 2435 27.42 -2.86 -72.04
CA PHE B 2435 26.26 -2.88 -71.10
C PHE B 2435 25.88 -1.44 -70.79
N PHE B 2436 24.59 -1.12 -70.86
CA PHE B 2436 24.16 0.27 -70.61
C PHE B 2436 22.81 0.26 -69.90
N THR B 2437 22.67 1.19 -68.96
CA THR B 2437 21.40 1.44 -68.23
C THR B 2437 20.47 2.18 -69.19
N GLN B 2438 19.17 2.12 -68.90
CA GLN B 2438 18.16 2.61 -69.85
C GLN B 2438 16.95 3.07 -69.05
N LYS B 2439 16.68 4.38 -69.07
CA LYS B 2439 15.53 4.96 -68.36
C LYS B 2439 14.29 4.90 -69.25
N LEU B 2440 13.16 4.52 -68.68
CA LEU B 2440 11.88 4.38 -69.42
C LEU B 2440 10.89 5.47 -68.97
N ASN B 2441 10.80 5.75 -67.66
CA ASN B 2441 9.98 6.87 -67.14
C ASN B 2441 10.56 7.31 -65.78
N SER B 2442 9.76 8.07 -65.02
CA SER B 2442 10.17 8.61 -63.70
C SER B 2442 10.53 7.45 -62.74
N LEU B 2443 9.87 6.29 -62.90
CA LEU B 2443 10.06 5.16 -61.96
C LEU B 2443 10.54 3.90 -62.69
N ARG B 2444 10.56 3.90 -64.03
CA ARG B 2444 10.90 2.66 -64.79
C ARG B 2444 12.31 2.76 -65.36
N GLY B 2445 13.12 1.71 -65.12
CA GLY B 2445 14.48 1.61 -65.67
C GLY B 2445 14.83 0.16 -65.95
N GLN B 2446 15.82 -0.06 -66.80
CA GLN B 2446 16.24 -1.42 -67.18
C GLN B 2446 17.69 -1.39 -67.64
N ILE B 2447 18.28 -2.57 -67.78
CA ILE B 2447 19.69 -2.75 -68.22
C ILE B 2447 19.67 -3.58 -69.49
N SER B 2448 20.37 -3.09 -70.53
CA SER B 2448 20.45 -3.81 -71.82
C SER B 2448 21.92 -3.90 -72.25
N TYR B 2449 22.17 -4.58 -73.36
CA TYR B 2449 23.52 -4.66 -73.95
C TYR B 2449 23.39 -4.80 -75.47
N VAL B 2450 24.47 -4.43 -76.16
CA VAL B 2450 24.55 -4.51 -77.64
C VAL B 2450 25.97 -4.91 -78.02
N SER B 2451 26.11 -5.69 -79.08
CA SER B 2451 27.42 -6.20 -79.56
C SER B 2451 27.99 -5.24 -80.60
N LEU B 2452 29.32 -5.10 -80.62
CA LEU B 2452 30.02 -4.28 -81.64
C LEU B 2452 30.59 -5.16 -82.75
N TYR B 2453 30.29 -6.46 -82.78
CA TYR B 2453 30.79 -7.34 -83.86
C TYR B 2453 30.20 -6.93 -85.20
N SER B 2454 30.94 -7.23 -86.28
CA SER B 2454 30.56 -6.94 -87.67
C SER B 2454 29.14 -7.44 -87.93
N GLY B 2455 28.43 -6.71 -88.80
CA GLY B 2455 26.98 -6.89 -89.04
C GLY B 2455 26.19 -5.93 -88.17
N SER B 2456 25.20 -6.44 -87.42
CA SER B 2456 24.43 -5.63 -86.46
C SER B 2456 23.66 -6.56 -85.53
N SER B 2457 23.13 -5.99 -84.44
CA SER B 2457 22.22 -6.68 -83.50
C SER B 2457 21.45 -5.63 -82.70
N SER B 2458 20.12 -5.79 -82.63
CA SER B 2458 19.25 -4.87 -81.85
C SER B 2458 19.63 -4.98 -80.38
N PRO B 2459 19.48 -3.89 -79.59
CA PRO B 2459 19.75 -3.96 -78.16
C PRO B 2459 18.85 -4.98 -77.46
N THR B 2460 19.44 -5.78 -76.58
CA THR B 2460 18.76 -6.91 -75.91
C THR B 2460 18.68 -6.63 -74.41
N VAL B 2461 17.49 -6.72 -73.84
CA VAL B 2461 17.28 -6.36 -72.41
C VAL B 2461 17.91 -7.46 -71.55
N LEU B 2462 18.67 -7.04 -70.53
CA LEU B 2462 19.35 -8.00 -69.62
C LEU B 2462 18.52 -8.23 -68.35
N LEU B 2463 17.99 -7.16 -67.75
CA LEU B 2463 17.09 -7.29 -66.59
C LEU B 2463 16.16 -6.10 -66.60
N SER B 2464 14.84 -6.34 -66.63
CA SER B 2464 13.82 -5.27 -66.58
C SER B 2464 13.38 -5.04 -65.13
N ASN B 2465 12.30 -4.27 -64.92
CA ASN B 2465 11.66 -4.11 -63.60
C ASN B 2465 12.65 -3.54 -62.59
N ILE B 2466 13.38 -2.49 -62.98
CA ILE B 2466 14.26 -1.74 -62.05
C ILE B 2466 13.79 -0.29 -62.00
N GLY B 2467 14.10 0.41 -60.90
CA GLY B 2467 13.99 1.87 -60.85
C GLY B 2467 15.01 2.52 -61.77
N VAL B 2468 15.11 3.84 -61.69
CA VAL B 2468 16.09 4.60 -62.52
C VAL B 2468 17.50 4.23 -62.02
N THR B 2469 18.35 3.84 -62.97
CA THR B 2469 19.74 3.46 -62.67
C THR B 2469 20.69 4.48 -63.27
N ASP B 2470 21.57 5.02 -62.43
CA ASP B 2470 22.46 6.15 -62.80
C ASP B 2470 23.91 5.67 -63.01
N GLY B 2471 24.21 4.39 -62.76
CA GLY B 2471 25.60 3.92 -62.77
C GLY B 2471 25.70 2.44 -63.10
N ILE B 2472 26.82 2.05 -63.72
CA ILE B 2472 27.06 0.63 -64.07
C ILE B 2472 28.56 0.39 -64.19
N ALA B 2473 29.00 -0.79 -63.76
CA ALA B 2473 30.42 -1.19 -63.81
C ALA B 2473 30.48 -2.70 -64.05
N PHE B 2474 31.39 -3.12 -64.93
CA PHE B 2474 31.55 -4.54 -65.30
C PHE B 2474 32.86 -5.06 -64.70
N ASP B 2475 32.78 -6.19 -64.00
CA ASP B 2475 33.96 -6.88 -63.45
C ASP B 2475 34.44 -7.87 -64.51
N TRP B 2476 35.65 -7.68 -65.02
CA TRP B 2476 36.21 -8.54 -66.09
C TRP B 2476 36.87 -9.79 -65.50
N ILE B 2477 37.02 -9.86 -64.18
CA ILE B 2477 37.67 -11.04 -63.52
C ILE B 2477 36.60 -12.03 -63.08
N ASN B 2478 35.57 -11.57 -62.37
CA ASN B 2478 34.51 -12.46 -61.85
C ASN B 2478 33.30 -12.50 -62.79
N ARG B 2479 33.31 -11.71 -63.88
CA ARG B 2479 32.20 -11.69 -64.88
C ARG B 2479 30.87 -11.34 -64.17
N ARG B 2480 30.82 -10.17 -63.54
CA ARG B 2480 29.60 -9.70 -62.87
C ARG B 2480 29.33 -8.25 -63.27
N ILE B 2481 28.07 -7.84 -63.17
CA ILE B 2481 27.64 -6.45 -63.51
C ILE B 2481 27.13 -5.80 -62.22
N TYR B 2482 27.72 -4.68 -61.85
CA TYR B 2482 27.28 -3.87 -60.69
C TYR B 2482 26.59 -2.61 -61.19
N TYR B 2483 25.58 -2.15 -60.46
CA TYR B 2483 24.83 -0.94 -60.84
C TYR B 2483 24.21 -0.32 -59.60
N SER B 2484 23.85 0.95 -59.72
CA SER B 2484 23.27 1.78 -58.63
C SER B 2484 21.82 2.09 -58.94
N ASP B 2485 20.90 1.52 -58.16
CA ASP B 2485 19.46 1.83 -58.30
C ASP B 2485 19.17 3.11 -57.51
N PHE B 2486 18.92 4.23 -58.21
CA PHE B 2486 18.66 5.53 -57.54
C PHE B 2486 17.30 5.48 -56.83
N SER B 2487 16.27 4.92 -57.49
CA SER B 2487 14.91 4.84 -56.93
C SER B 2487 14.90 3.99 -55.66
N ASN B 2488 15.61 2.86 -55.66
CA ASN B 2488 15.58 1.88 -54.55
C ASN B 2488 16.69 2.20 -53.54
N GLN B 2489 17.56 3.16 -53.84
CA GLN B 2489 18.61 3.65 -52.91
C GLN B 2489 19.52 2.49 -52.48
N THR B 2490 20.02 1.74 -53.46
CA THR B 2490 20.84 0.55 -53.14
C THR B 2490 21.86 0.28 -54.25
N ILE B 2491 22.91 -0.45 -53.92
CA ILE B 2491 23.91 -0.93 -54.89
C ILE B 2491 23.65 -2.42 -55.11
N ASN B 2492 23.46 -2.81 -56.36
CA ASN B 2492 23.10 -4.20 -56.70
C ASN B 2492 24.20 -4.86 -57.54
N SER B 2493 24.09 -6.17 -57.72
CA SER B 2493 25.06 -6.97 -58.49
C SER B 2493 24.33 -8.13 -59.16
N MET B 2494 24.94 -8.67 -60.21
CA MET B 2494 24.35 -9.81 -60.95
C MET B 2494 25.46 -10.55 -61.71
N ALA B 2495 25.13 -11.71 -62.25
CA ALA B 2495 26.00 -12.38 -63.22
C ALA B 2495 25.84 -11.68 -64.57
N GLU B 2496 26.80 -11.90 -65.47
CA GLU B 2496 26.84 -11.20 -66.78
C GLU B 2496 25.72 -11.71 -67.69
N ASP B 2497 25.05 -12.83 -67.33
CA ASP B 2497 23.97 -13.40 -68.16
C ASP B 2497 22.60 -12.99 -67.62
N GLY B 2498 22.53 -12.10 -66.63
CA GLY B 2498 21.26 -11.59 -66.07
C GLY B 2498 20.74 -12.42 -64.91
N SER B 2499 21.48 -13.44 -64.45
CA SER B 2499 21.05 -14.26 -63.31
C SER B 2499 21.82 -13.87 -62.04
N ASN B 2500 21.43 -14.47 -60.91
CA ASN B 2500 22.14 -14.33 -59.61
C ASN B 2500 22.17 -12.85 -59.19
N ARG B 2501 21.00 -12.23 -59.07
CA ARG B 2501 20.91 -10.84 -58.56
C ARG B 2501 21.27 -10.82 -57.08
N ALA B 2502 22.00 -9.79 -56.67
CA ALA B 2502 22.42 -9.60 -55.26
C ALA B 2502 22.33 -8.12 -54.90
N VAL B 2503 22.23 -7.86 -53.59
CA VAL B 2503 22.25 -6.48 -53.05
C VAL B 2503 23.56 -6.30 -52.28
N ILE B 2504 24.28 -5.23 -52.59
CA ILE B 2504 25.64 -5.00 -52.04
C ILE B 2504 25.56 -4.00 -50.88
N ALA B 2505 24.85 -2.88 -51.05
CA ALA B 2505 24.74 -1.89 -49.97
C ALA B 2505 23.45 -1.09 -50.12
N ARG B 2506 23.03 -0.43 -49.04
CA ARG B 2506 21.89 0.52 -49.07
C ARG B 2506 22.44 1.94 -48.97
N VAL B 2507 22.31 2.71 -50.06
CA VAL B 2507 22.93 4.05 -50.12
C VAL B 2507 21.91 5.05 -50.66
N SER B 2508 21.75 6.18 -49.97
CA SER B 2508 20.82 7.24 -50.41
C SER B 2508 21.44 7.97 -51.61
N LYS B 2509 20.81 7.86 -52.78
CA LYS B 2509 21.21 8.61 -54.00
C LYS B 2509 22.63 8.25 -54.43
N PRO B 2510 22.91 7.02 -54.90
CA PRO B 2510 24.21 6.71 -55.48
C PRO B 2510 24.26 7.01 -56.98
N ARG B 2511 25.42 7.47 -57.46
CA ARG B 2511 25.57 7.83 -58.89
C ARG B 2511 26.55 6.87 -59.57
N ALA B 2512 27.83 6.88 -59.20
CA ALA B 2512 28.89 6.22 -60.00
C ALA B 2512 29.46 5.01 -59.26
N ILE B 2513 29.99 4.04 -60.02
CA ILE B 2513 30.67 2.85 -59.45
C ILE B 2513 31.94 2.58 -60.25
N VAL B 2514 33.03 2.26 -59.55
CA VAL B 2514 34.26 1.73 -60.19
C VAL B 2514 34.68 0.48 -59.44
N LEU B 2515 35.45 -0.39 -60.10
CA LEU B 2515 35.85 -1.69 -59.53
C LEU B 2515 37.37 -1.86 -59.65
N ASP B 2516 37.94 -2.55 -58.66
CA ASP B 2516 39.36 -2.96 -58.68
C ASP B 2516 39.37 -4.44 -58.29
N PRO B 2517 39.02 -5.36 -59.21
CA PRO B 2517 38.87 -6.77 -58.85
C PRO B 2517 40.18 -7.41 -58.38
N CYS B 2518 41.31 -6.94 -58.90
CA CYS B 2518 42.64 -7.48 -58.52
C CYS B 2518 42.89 -7.24 -57.01
N ARG B 2519 42.48 -6.08 -56.50
CA ARG B 2519 42.60 -5.78 -55.05
C ARG B 2519 41.29 -6.09 -54.32
N GLY B 2520 40.25 -6.52 -55.04
CA GLY B 2520 38.97 -6.91 -54.44
C GLY B 2520 38.23 -5.75 -53.83
N TYR B 2521 38.45 -4.51 -54.30
CA TYR B 2521 37.79 -3.31 -53.73
C TYR B 2521 36.92 -2.65 -54.79
N MET B 2522 35.83 -2.05 -54.32
CA MET B 2522 34.94 -1.24 -55.19
C MET B 2522 34.70 0.10 -54.52
N TYR B 2523 34.54 1.13 -55.35
CA TYR B 2523 34.27 2.50 -54.88
C TYR B 2523 32.99 2.99 -55.55
N TRP B 2524 32.19 3.76 -54.82
CA TRP B 2524 30.97 4.36 -55.40
C TRP B 2524 30.71 5.70 -54.73
N THR B 2525 29.93 6.54 -55.38
CA THR B 2525 29.71 7.95 -54.97
C THR B 2525 28.30 8.13 -54.43
N ASP B 2526 28.19 8.81 -53.30
CA ASP B 2526 26.89 9.19 -52.71
C ASP B 2526 26.78 10.70 -52.81
N TRP B 2527 25.68 11.19 -53.39
CA TRP B 2527 25.42 12.64 -53.51
C TRP B 2527 24.15 13.00 -52.72
N GLY B 2528 24.06 14.28 -52.35
CA GLY B 2528 22.97 14.81 -51.52
C GLY B 2528 23.41 15.00 -50.08
N THR B 2529 22.52 14.69 -49.12
CA THR B 2529 22.84 14.80 -47.68
C THR B 2529 23.99 13.83 -47.37
N ASN B 2530 24.95 14.29 -46.58
CA ASN B 2530 26.13 13.49 -46.16
C ASN B 2530 26.82 12.89 -47.39
N ALA B 2531 27.03 13.68 -48.45
CA ALA B 2531 27.69 13.21 -49.68
C ALA B 2531 29.13 12.79 -49.36
N LYS B 2532 29.55 11.64 -49.88
CA LYS B 2532 30.89 11.09 -49.60
C LYS B 2532 31.28 10.08 -50.68
N ILE B 2533 32.58 9.80 -50.75
CA ILE B 2533 33.12 8.70 -51.60
C ILE B 2533 33.49 7.56 -50.67
N GLU B 2534 32.91 6.38 -50.90
CA GLU B 2534 33.06 5.26 -49.95
C GLU B 2534 33.60 4.03 -50.67
N ARG B 2535 34.33 3.19 -49.92
CA ARG B 2535 34.95 1.97 -50.47
C ARG B 2535 34.43 0.76 -49.70
N ALA B 2536 34.21 -0.33 -50.43
CA ALA B 2536 33.88 -1.63 -49.83
C ALA B 2536 34.50 -2.72 -50.71
N THR B 2537 34.51 -3.95 -50.20
CA THR B 2537 34.91 -5.11 -51.00
C THR B 2537 33.82 -5.38 -52.04
N LEU B 2538 34.14 -6.16 -53.07
CA LEU B 2538 33.13 -6.55 -54.07
C LEU B 2538 32.03 -7.36 -53.37
N GLY B 2539 32.32 -7.97 -52.22
CA GLY B 2539 31.29 -8.58 -51.35
C GLY B 2539 30.39 -7.53 -50.75
N GLY B 2540 30.99 -6.39 -50.32
CA GLY B 2540 30.23 -5.26 -49.74
C GLY B 2540 30.18 -5.28 -48.22
N ASN B 2541 31.17 -5.87 -47.55
CA ASN B 2541 31.16 -5.94 -46.06
C ASN B 2541 31.85 -4.71 -45.47
N PHE B 2542 33.13 -4.49 -45.79
CA PHE B 2542 33.95 -3.44 -45.15
C PHE B 2542 33.65 -2.08 -45.81
N ARG B 2543 32.55 -1.46 -45.41
CA ARG B 2543 32.19 -0.10 -45.89
C ARG B 2543 32.99 0.93 -45.09
N VAL B 2544 33.83 1.69 -45.77
CA VAL B 2544 34.53 2.84 -45.13
C VAL B 2544 34.39 4.06 -46.04
N PRO B 2545 34.27 5.27 -45.49
CA PRO B 2545 34.26 6.48 -46.31
C PRO B 2545 35.70 6.92 -46.65
N ILE B 2546 36.03 6.90 -47.94
CA ILE B 2546 37.38 7.32 -48.41
C ILE B 2546 37.48 8.85 -48.31
N VAL B 2547 36.48 9.59 -48.79
CA VAL B 2547 36.50 11.09 -48.74
C VAL B 2547 35.10 11.57 -48.32
N ASN B 2548 35.02 12.54 -47.39
CA ASN B 2548 33.72 13.12 -46.97
C ASN B 2548 33.80 14.62 -46.65
N THR B 2549 35.01 15.24 -46.69
CA THR B 2549 35.16 16.71 -46.57
C THR B 2549 34.85 17.38 -47.91
N SER B 2550 34.18 18.55 -47.88
CA SER B 2550 33.93 19.44 -49.05
C SER B 2550 33.55 18.63 -50.30
N LEU B 2551 32.34 18.05 -50.26
CA LEU B 2551 31.65 17.43 -51.41
C LEU B 2551 30.16 17.77 -51.31
N VAL B 2552 29.51 17.91 -52.46
CA VAL B 2552 28.05 18.15 -52.54
C VAL B 2552 27.44 17.18 -53.56
N TRP B 2553 27.91 17.21 -54.80
CA TRP B 2553 27.33 16.40 -55.90
C TRP B 2553 28.44 15.62 -56.60
N PRO B 2554 28.98 14.55 -56.00
CA PRO B 2554 29.96 13.71 -56.71
C PRO B 2554 29.33 12.84 -57.81
N ASN B 2555 29.08 13.44 -58.97
CA ASN B 2555 28.41 12.73 -60.09
C ASN B 2555 29.37 11.72 -60.73
N GLY B 2556 30.64 12.10 -60.92
CA GLY B 2556 31.60 11.32 -61.71
C GLY B 2556 32.61 10.60 -60.83
N LEU B 2557 33.01 9.39 -61.23
CA LEU B 2557 34.10 8.66 -60.54
C LEU B 2557 34.83 7.78 -61.55
N ALA B 2558 36.17 7.84 -61.53
CA ALA B 2558 37.02 7.00 -62.39
C ALA B 2558 38.27 6.61 -61.64
N LEU B 2559 38.92 5.54 -62.10
CA LEU B 2559 40.16 5.03 -61.48
C LEU B 2559 41.23 4.93 -62.56
N ASP B 2560 42.43 5.44 -62.26
CA ASP B 2560 43.58 5.33 -63.18
C ASP B 2560 44.42 4.13 -62.74
N LEU B 2561 44.21 2.97 -63.35
CA LEU B 2561 44.86 1.72 -62.92
C LEU B 2561 46.37 1.80 -63.17
N GLU B 2562 46.78 2.52 -64.21
CA GLU B 2562 48.21 2.64 -64.59
C GLU B 2562 48.96 3.42 -63.50
N THR B 2563 48.31 4.35 -62.80
CA THR B 2563 49.01 5.21 -61.79
C THR B 2563 48.41 5.02 -60.39
N ASP B 2564 47.34 4.24 -60.24
CA ASP B 2564 46.68 3.99 -58.92
C ASP B 2564 46.22 5.32 -58.32
N LEU B 2565 45.36 6.04 -59.04
CA LEU B 2565 44.76 7.30 -58.56
C LEU B 2565 43.25 7.26 -58.77
N LEU B 2566 42.52 7.93 -57.89
CA LEU B 2566 41.04 8.00 -57.99
C LEU B 2566 40.65 9.42 -58.40
N TYR B 2567 39.82 9.53 -59.45
CA TYR B 2567 39.36 10.82 -59.99
C TYR B 2567 37.86 10.95 -59.75
N TRP B 2568 37.41 12.07 -59.19
CA TRP B 2568 35.95 12.30 -59.05
C TRP B 2568 35.58 13.71 -59.51
N ALA B 2569 34.32 13.88 -59.86
CA ALA B 2569 33.81 15.17 -60.34
C ALA B 2569 32.70 15.64 -59.42
N ASP B 2570 32.90 16.77 -58.74
CA ASP B 2570 31.80 17.38 -57.98
C ASP B 2570 31.11 18.41 -58.89
N ALA B 2571 29.88 18.10 -59.32
CA ALA B 2571 29.09 18.95 -60.23
C ALA B 2571 28.58 20.21 -59.53
N SER B 2572 28.48 20.23 -58.20
CA SER B 2572 28.03 21.42 -57.44
C SER B 2572 29.21 22.35 -57.14
N LEU B 2573 30.34 21.79 -56.69
CA LEU B 2573 31.57 22.58 -56.41
C LEU B 2573 32.35 22.84 -57.72
N GLN B 2574 31.86 22.30 -58.84
CA GLN B 2574 32.36 22.53 -60.22
C GLN B 2574 33.85 22.23 -60.34
N LYS B 2575 34.31 21.05 -59.89
CA LYS B 2575 35.75 20.72 -60.02
C LYS B 2575 35.98 19.22 -60.18
N ILE B 2576 37.12 18.88 -60.76
CA ILE B 2576 37.64 17.49 -60.83
C ILE B 2576 38.82 17.39 -59.87
N GLU B 2577 38.88 16.33 -59.08
CA GLU B 2577 39.98 16.13 -58.10
C GLU B 2577 40.61 14.75 -58.27
N ARG B 2578 41.88 14.64 -57.88
CA ARG B 2578 42.61 13.35 -57.83
C ARG B 2578 43.03 13.09 -56.38
N SER B 2579 43.14 11.82 -56.01
CA SER B 2579 43.82 11.43 -54.75
C SER B 2579 44.46 10.06 -54.91
N THR B 2580 45.30 9.69 -53.94
CA THR B 2580 45.64 8.25 -53.77
C THR B 2580 44.34 7.48 -53.47
N LEU B 2581 44.41 6.17 -53.59
CA LEU B 2581 43.41 5.31 -52.90
C LEU B 2581 43.52 5.62 -51.39
N THR B 2582 42.39 5.58 -50.64
CA THR B 2582 42.25 6.03 -49.22
C THR B 2582 42.37 7.55 -49.05
N GLY B 2583 42.42 8.35 -50.12
CA GLY B 2583 42.15 9.80 -50.04
C GLY B 2583 43.29 10.64 -49.47
N THR B 2584 44.53 10.15 -49.52
CA THR B 2584 45.73 10.96 -49.17
C THR B 2584 46.07 11.89 -50.35
N ASN B 2585 46.73 13.03 -50.06
CA ASN B 2585 47.24 14.05 -51.02
C ASN B 2585 46.21 14.44 -52.09
N ARG B 2586 44.94 14.53 -51.69
CA ARG B 2586 43.82 15.08 -52.49
C ARG B 2586 44.20 16.45 -53.10
N GLU B 2587 43.96 16.63 -54.39
CA GLU B 2587 44.20 17.95 -55.05
C GLU B 2587 43.32 18.12 -56.30
N VAL B 2588 43.11 19.39 -56.69
CA VAL B 2588 42.28 19.72 -57.89
C VAL B 2588 43.07 19.40 -59.16
N VAL B 2589 42.46 18.62 -60.05
CA VAL B 2589 42.96 18.37 -61.42
C VAL B 2589 42.55 19.56 -62.30
N VAL B 2590 41.27 19.93 -62.25
CA VAL B 2590 40.81 21.12 -62.99
C VAL B 2590 39.64 21.74 -62.23
N SER B 2591 39.74 23.03 -61.94
CA SER B 2591 38.63 23.84 -61.39
C SER B 2591 37.70 24.34 -62.51
N THR B 2592 36.47 24.67 -62.14
CA THR B 2592 35.41 25.21 -63.05
C THR B 2592 35.04 24.20 -64.16
N ALA B 2593 35.19 22.89 -63.93
CA ALA B 2593 34.46 21.90 -64.74
C ALA B 2593 32.96 22.03 -64.40
N PHE B 2594 32.14 22.59 -65.31
CA PHE B 2594 30.88 23.26 -64.91
C PHE B 2594 29.89 22.31 -64.22
N HIS B 2595 29.47 21.21 -64.86
CA HIS B 2595 28.36 20.38 -64.32
C HIS B 2595 28.52 18.95 -64.80
N SER B 2596 29.61 18.32 -64.38
CA SER B 2596 30.04 16.97 -64.84
C SER B 2596 28.97 15.92 -64.55
N PHE B 2597 28.85 14.91 -65.41
CA PHE B 2597 28.09 13.69 -65.07
C PHE B 2597 29.04 12.49 -65.04
N GLY B 2598 29.48 11.99 -66.20
CA GLY B 2598 30.40 10.85 -66.25
C GLY B 2598 31.84 11.29 -66.43
N LEU B 2599 32.80 10.46 -66.02
CA LEU B 2599 34.25 10.74 -66.18
C LEU B 2599 35.00 9.44 -66.53
N THR B 2600 36.11 9.55 -67.26
CA THR B 2600 36.96 8.37 -67.58
C THR B 2600 38.42 8.82 -67.82
N VAL B 2601 39.37 7.91 -67.57
CA VAL B 2601 40.82 8.22 -67.71
C VAL B 2601 41.40 7.25 -68.75
N TYR B 2602 42.10 7.80 -69.73
CA TYR B 2602 42.80 6.97 -70.75
C TYR B 2602 44.07 7.72 -71.16
N GLY B 2603 45.17 6.97 -71.26
CA GLY B 2603 46.49 7.53 -71.61
C GLY B 2603 46.90 8.58 -70.59
N GLN B 2604 47.12 9.82 -71.05
CA GLN B 2604 47.52 10.93 -70.14
C GLN B 2604 46.42 11.96 -70.05
N TYR B 2605 45.16 11.59 -70.32
CA TYR B 2605 44.05 12.57 -70.32
C TYR B 2605 42.85 12.02 -69.57
N ILE B 2606 42.02 12.93 -69.06
CA ILE B 2606 40.71 12.60 -68.47
C ILE B 2606 39.63 13.19 -69.38
N TYR B 2607 38.51 12.50 -69.48
CA TYR B 2607 37.40 12.95 -70.32
C TYR B 2607 36.15 12.99 -69.45
N TRP B 2608 35.33 14.02 -69.61
CA TRP B 2608 34.07 14.09 -68.85
C TRP B 2608 32.98 14.74 -69.68
N THR B 2609 31.74 14.32 -69.41
CA THR B 2609 30.52 14.90 -70.03
C THR B 2609 30.02 16.02 -69.14
N ASP B 2610 29.64 17.13 -69.77
CA ASP B 2610 29.16 18.32 -69.03
C ASP B 2610 27.67 18.52 -69.35
N LEU B 2611 26.82 18.59 -68.32
CA LEU B 2611 25.36 18.70 -68.52
C LEU B 2611 24.95 20.14 -68.80
N TYR B 2612 25.78 21.13 -68.43
CA TYR B 2612 25.41 22.55 -68.59
C TYR B 2612 25.73 23.02 -70.01
N THR B 2613 26.95 22.80 -70.49
CA THR B 2613 27.34 23.20 -71.86
C THR B 2613 27.06 22.10 -72.90
N ARG B 2614 26.61 20.90 -72.50
CA ARG B 2614 26.27 19.77 -73.40
C ARG B 2614 27.48 19.40 -74.28
N LYS B 2615 28.67 19.35 -73.68
CA LYS B 2615 29.93 19.06 -74.41
C LYS B 2615 30.70 17.97 -73.68
N ILE B 2616 31.63 17.33 -74.38
CA ILE B 2616 32.67 16.47 -73.76
C ILE B 2616 33.97 17.26 -73.75
N TYR B 2617 34.66 17.29 -72.61
CA TYR B 2617 35.93 18.03 -72.49
C TYR B 2617 37.06 17.05 -72.22
N ARG B 2618 38.27 17.46 -72.64
CA ARG B 2618 39.51 16.70 -72.38
C ARG B 2618 40.49 17.59 -71.63
N ALA B 2619 41.12 17.07 -70.57
CA ALA B 2619 42.20 17.77 -69.85
C ALA B 2619 43.30 16.76 -69.50
N ASN B 2620 44.52 17.23 -69.27
CA ASN B 2620 45.63 16.35 -68.86
C ASN B 2620 45.30 15.70 -67.50
N LYS B 2621 45.81 14.49 -67.21
CA LYS B 2621 45.41 13.76 -65.97
C LYS B 2621 46.12 14.30 -64.71
N TYR B 2622 47.25 14.99 -64.82
CA TYR B 2622 48.04 15.46 -63.65
C TYR B 2622 47.65 16.89 -63.27
N ASP B 2623 47.62 17.75 -64.30
CA ASP B 2623 47.36 19.20 -64.21
C ASP B 2623 46.21 19.54 -65.15
N GLY B 2624 45.52 20.67 -64.94
CA GLY B 2624 44.45 21.15 -65.83
C GLY B 2624 44.91 21.52 -67.23
N SER B 2625 46.20 21.34 -67.57
CA SER B 2625 46.79 21.82 -68.84
C SER B 2625 46.17 21.10 -70.03
N ASP B 2626 46.25 21.75 -71.20
CA ASP B 2626 45.79 21.21 -72.49
C ASP B 2626 44.29 20.87 -72.39
N LEU B 2627 43.50 21.75 -71.77
CA LEU B 2627 42.02 21.60 -71.80
C LEU B 2627 41.51 21.94 -73.21
N VAL B 2628 40.61 21.12 -73.73
CA VAL B 2628 39.99 21.36 -75.06
C VAL B 2628 38.60 20.74 -75.05
N ALA B 2629 37.71 21.23 -75.93
CA ALA B 2629 36.35 20.68 -76.09
C ALA B 2629 36.39 19.61 -77.18
N MET B 2630 36.00 18.38 -76.83
CA MET B 2630 36.07 17.23 -77.75
C MET B 2630 34.98 17.35 -78.82
N THR B 2631 33.79 17.86 -78.44
CA THR B 2631 32.61 17.88 -79.34
C THR B 2631 32.03 19.29 -79.39
N THR B 2632 31.14 19.51 -80.36
CA THR B 2632 30.29 20.72 -80.43
C THR B 2632 29.24 20.63 -79.32
N ARG B 2633 28.44 21.68 -79.20
CA ARG B 2633 27.30 21.66 -78.26
C ARG B 2633 26.30 20.62 -78.76
N LEU B 2634 26.15 19.50 -78.04
CA LEU B 2634 25.28 18.39 -78.51
C LEU B 2634 23.80 18.77 -78.40
N PRO B 2635 22.92 18.23 -79.27
CA PRO B 2635 21.49 18.55 -79.25
C PRO B 2635 20.74 18.23 -77.95
N THR B 2636 21.26 17.30 -77.14
CA THR B 2636 20.69 16.94 -75.81
C THR B 2636 21.84 16.73 -74.82
N GLN B 2637 21.53 16.53 -73.54
CA GLN B 2637 22.59 16.34 -72.51
C GLN B 2637 23.28 14.98 -72.70
N PRO B 2638 24.62 14.93 -72.90
CA PRO B 2638 25.34 13.66 -72.83
C PRO B 2638 25.40 13.19 -71.38
N SER B 2639 25.21 11.89 -71.14
CA SER B 2639 25.19 11.33 -69.77
C SER B 2639 26.48 10.54 -69.49
N GLY B 2640 26.41 9.21 -69.34
CA GLY B 2640 27.57 8.35 -69.08
C GLY B 2640 28.59 8.38 -70.20
N ILE B 2641 29.86 8.30 -69.83
CA ILE B 2641 30.99 8.19 -70.80
C ILE B 2641 31.91 7.08 -70.30
N SER B 2642 32.50 6.33 -71.23
CA SER B 2642 33.46 5.25 -70.91
C SER B 2642 34.36 5.04 -72.13
N THR B 2643 35.26 4.07 -72.07
CA THR B 2643 36.22 3.82 -73.16
C THR B 2643 36.14 2.37 -73.59
N VAL B 2644 36.15 2.17 -74.90
CA VAL B 2644 36.37 0.85 -75.51
C VAL B 2644 37.88 0.67 -75.61
N VAL B 2645 38.42 -0.31 -74.88
CA VAL B 2645 39.87 -0.65 -74.99
C VAL B 2645 39.97 -2.11 -75.41
N LYS B 2646 40.66 -2.36 -76.53
CA LYS B 2646 40.82 -3.74 -77.07
C LYS B 2646 41.89 -4.49 -76.28
N THR B 2647 42.85 -3.78 -75.70
CA THR B 2647 43.91 -4.41 -74.88
C THR B 2647 43.29 -4.94 -73.57
N GLN B 2648 43.70 -6.13 -73.17
CA GLN B 2648 43.15 -6.74 -71.92
C GLN B 2648 43.68 -5.95 -70.72
N ARG B 2649 42.77 -5.59 -69.80
CA ARG B 2649 43.12 -4.83 -68.59
C ARG B 2649 43.81 -5.78 -67.59
N GLN B 2650 44.22 -5.24 -66.43
CA GLN B 2650 44.97 -6.00 -65.41
C GLN B 2650 44.26 -7.32 -65.10
N GLN B 2651 44.97 -8.43 -65.30
CA GLN B 2651 44.40 -9.79 -65.12
C GLN B 2651 44.96 -10.39 -63.83
N CYS B 2652 44.10 -11.00 -63.03
CA CYS B 2652 44.49 -11.65 -61.76
C CYS B 2652 43.74 -12.99 -61.64
N SER B 2653 44.26 -13.87 -60.79
CA SER B 2653 43.66 -15.22 -60.56
C SER B 2653 42.31 -15.05 -59.87
N ASN B 2654 41.22 -15.48 -60.52
CA ASN B 2654 39.86 -15.39 -59.95
C ASN B 2654 39.74 -16.41 -58.81
N PRO B 2655 39.48 -15.99 -57.55
CA PRO B 2655 39.34 -16.94 -56.46
C PRO B 2655 38.18 -17.94 -56.63
N CYS B 2656 37.17 -17.59 -57.44
CA CYS B 2656 35.93 -18.38 -57.55
C CYS B 2656 36.08 -19.54 -58.53
N ASP B 2657 37.22 -19.66 -59.24
CA ASP B 2657 37.39 -20.73 -60.26
C ASP B 2657 37.43 -22.12 -59.59
N GLN B 2658 37.70 -22.20 -58.27
CA GLN B 2658 37.73 -23.48 -57.53
C GLN B 2658 36.38 -23.67 -56.84
N PHE B 2659 35.49 -24.48 -57.46
CA PHE B 2659 34.16 -24.86 -56.91
C PHE B 2659 33.39 -23.62 -56.39
N ASN B 2660 33.22 -22.60 -57.25
CA ASN B 2660 32.44 -21.38 -56.92
C ASN B 2660 33.07 -20.64 -55.72
N GLY B 2661 34.36 -20.85 -55.44
CA GLY B 2661 35.05 -20.25 -54.27
C GLY B 2661 34.56 -20.83 -52.95
N GLY B 2662 33.90 -21.99 -52.97
CA GLY B 2662 33.29 -22.59 -51.78
C GLY B 2662 31.98 -21.93 -51.34
N CYS B 2663 31.55 -20.83 -51.97
CA CYS B 2663 30.29 -20.16 -51.59
C CYS B 2663 29.10 -21.02 -52.04
N SER B 2664 27.99 -20.92 -51.30
CA SER B 2664 26.73 -21.66 -51.60
C SER B 2664 26.10 -21.14 -52.89
N HIS B 2665 25.69 -19.87 -52.90
CA HIS B 2665 24.92 -19.32 -54.04
C HIS B 2665 25.81 -18.42 -54.89
N ILE B 2666 26.33 -17.33 -54.30
CA ILE B 2666 27.00 -16.25 -55.07
C ILE B 2666 28.35 -15.97 -54.42
N CYS B 2667 29.38 -15.76 -55.24
CA CYS B 2667 30.75 -15.46 -54.75
C CYS B 2667 31.22 -14.09 -55.24
N ALA B 2668 32.32 -13.60 -54.68
CA ALA B 2668 32.97 -12.34 -55.10
C ALA B 2668 34.40 -12.34 -54.56
N PRO B 2669 35.39 -11.89 -55.35
CA PRO B 2669 36.78 -11.84 -54.89
C PRO B 2669 36.99 -10.73 -53.85
N GLY B 2670 37.33 -11.12 -52.62
CA GLY B 2670 37.65 -10.16 -51.54
C GLY B 2670 39.07 -9.66 -51.65
N PRO B 2671 39.49 -8.70 -50.79
CA PRO B 2671 40.87 -8.23 -50.79
C PRO B 2671 41.88 -9.34 -50.44
N ASN B 2672 41.45 -10.36 -49.69
CA ASN B 2672 42.33 -11.37 -49.07
C ASN B 2672 41.80 -12.78 -49.34
N GLY B 2673 40.77 -12.95 -50.19
CA GLY B 2673 40.28 -14.28 -50.55
C GLY B 2673 38.89 -14.22 -51.15
N ALA B 2674 38.24 -15.38 -51.29
CA ALA B 2674 36.86 -15.48 -51.79
C ALA B 2674 35.89 -14.93 -50.74
N GLU B 2675 34.82 -14.29 -51.20
CA GLU B 2675 33.72 -13.82 -50.32
C GLU B 2675 32.39 -14.34 -50.86
N CYS B 2676 31.39 -14.44 -49.99
CA CYS B 2676 30.09 -15.04 -50.34
C CYS B 2676 28.96 -14.05 -50.10
N GLN B 2677 27.95 -14.09 -50.98
CA GLN B 2677 26.75 -13.22 -50.88
C GLN B 2677 25.50 -14.10 -51.01
N CYS B 2678 24.38 -13.63 -50.46
CA CYS B 2678 23.10 -14.36 -50.56
C CYS B 2678 22.19 -13.68 -51.59
N PRO B 2679 21.28 -14.41 -52.25
CA PRO B 2679 20.37 -13.81 -53.22
C PRO B 2679 19.47 -12.72 -52.63
N HIS B 2680 18.86 -11.94 -53.52
CA HIS B 2680 18.03 -10.77 -53.15
C HIS B 2680 16.59 -11.22 -52.88
N GLU B 2681 15.74 -10.26 -52.51
CA GLU B 2681 14.25 -10.41 -52.43
C GLU B 2681 13.90 -11.55 -51.47
N GLY B 2682 14.23 -11.37 -50.18
CA GLY B 2682 13.87 -12.32 -49.13
C GLY B 2682 14.80 -12.19 -47.94
N ASN B 2683 14.86 -13.24 -47.12
CA ASN B 2683 15.68 -13.25 -45.89
C ASN B 2683 16.62 -14.45 -45.96
N TRP B 2684 17.93 -14.21 -45.89
CA TRP B 2684 18.93 -15.27 -45.68
C TRP B 2684 19.85 -14.88 -44.54
N TYR B 2685 20.63 -15.85 -44.04
CA TYR B 2685 21.76 -15.60 -43.11
C TYR B 2685 22.95 -16.43 -43.58
N LEU B 2686 24.10 -16.19 -42.95
CA LEU B 2686 25.43 -16.64 -43.45
C LEU B 2686 26.18 -17.35 -42.32
N ALA B 2687 26.74 -18.53 -42.62
CA ALA B 2687 27.46 -19.38 -41.64
C ALA B 2687 28.40 -20.35 -42.36
N ASN B 2688 28.87 -21.38 -41.63
CA ASN B 2688 29.84 -22.42 -42.07
C ASN B 2688 31.10 -21.71 -42.60
N ASP B 2689 31.82 -20.99 -41.73
CA ASP B 2689 33.06 -20.26 -42.10
C ASP B 2689 32.71 -19.22 -43.19
N ASN B 2690 31.53 -18.61 -43.08
CA ASN B 2690 31.05 -17.56 -44.01
C ASN B 2690 30.97 -18.06 -45.45
N LYS B 2691 30.75 -19.37 -45.67
CA LYS B 2691 30.64 -19.93 -47.05
C LYS B 2691 29.18 -20.20 -47.43
N TYR B 2692 28.36 -20.69 -46.50
CA TYR B 2692 26.99 -21.15 -46.84
C TYR B 2692 25.96 -20.10 -46.43
N CYS B 2693 25.10 -19.74 -47.39
CA CYS B 2693 23.84 -19.01 -47.08
C CYS B 2693 22.81 -19.99 -46.53
N VAL B 2694 21.87 -19.47 -45.75
CA VAL B 2694 20.76 -20.28 -45.19
C VAL B 2694 19.54 -19.38 -45.03
N VAL B 2695 18.37 -19.95 -45.23
CA VAL B 2695 17.10 -19.18 -45.13
C VAL B 2695 16.95 -18.69 -43.69
N ASP B 2696 16.79 -17.37 -43.53
CA ASP B 2696 16.73 -16.75 -42.19
C ASP B 2696 15.49 -17.23 -41.44
N THR B 2697 15.65 -17.47 -40.15
CA THR B 2697 14.51 -17.84 -39.26
C THR B 2697 14.81 -17.36 -37.84
N GLY B 2698 13.91 -17.69 -36.90
CA GLY B 2698 14.00 -17.24 -35.50
C GLY B 2698 14.95 -18.10 -34.69
N THR B 2699 15.53 -19.16 -35.26
CA THR B 2699 16.44 -20.06 -34.53
C THR B 2699 17.78 -20.16 -35.26
N ARG B 2700 18.86 -20.30 -34.48
CA ARG B 2700 20.24 -20.38 -35.02
C ARG B 2700 20.86 -21.72 -34.60
N CYS B 2701 22.15 -21.90 -34.85
CA CYS B 2701 22.86 -23.17 -34.51
C CYS B 2701 24.12 -22.85 -33.71
N ASN B 2702 24.60 -23.84 -32.96
CA ASN B 2702 25.76 -23.68 -32.04
C ASN B 2702 27.05 -24.12 -32.75
N GLN B 2703 28.17 -23.99 -32.06
CA GLN B 2703 29.52 -24.14 -32.66
C GLN B 2703 29.78 -25.62 -32.95
N LEU B 2704 29.20 -26.54 -32.17
CA LEU B 2704 29.53 -27.98 -32.27
C LEU B 2704 28.75 -28.65 -33.41
N GLN B 2705 28.09 -27.87 -34.29
CA GLN B 2705 27.29 -28.47 -35.39
C GLN B 2705 27.51 -27.64 -36.66
N PHE B 2706 27.32 -28.28 -37.82
CA PHE B 2706 27.39 -27.72 -39.19
C PHE B 2706 25.98 -27.62 -39.75
N THR B 2707 25.58 -26.44 -40.23
CA THR B 2707 24.19 -26.20 -40.71
C THR B 2707 24.07 -26.59 -42.17
N CYS B 2708 22.91 -27.13 -42.56
CA CYS B 2708 22.60 -27.44 -43.97
C CYS B 2708 21.85 -26.26 -44.59
N LEU B 2709 21.60 -26.31 -45.90
CA LEU B 2709 20.90 -25.22 -46.60
C LEU B 2709 19.46 -25.11 -46.10
N ASN B 2710 18.83 -26.23 -45.70
CA ASN B 2710 17.42 -26.24 -45.27
C ASN B 2710 17.27 -25.84 -43.79
N GLY B 2711 18.36 -25.35 -43.16
CA GLY B 2711 18.33 -24.88 -41.76
C GLY B 2711 18.60 -25.98 -40.74
N HIS B 2712 18.54 -27.26 -41.17
CA HIS B 2712 18.88 -28.44 -40.34
C HIS B 2712 20.37 -28.37 -39.99
N CYS B 2713 20.74 -28.50 -38.71
CA CYS B 2713 22.17 -28.43 -38.26
C CYS B 2713 22.58 -29.79 -37.68
N ILE B 2714 23.75 -30.30 -38.08
CA ILE B 2714 24.20 -31.71 -37.81
C ILE B 2714 25.59 -31.69 -37.15
N ASN B 2715 25.95 -32.74 -36.40
CA ASN B 2715 27.22 -32.77 -35.61
C ASN B 2715 28.43 -32.37 -36.48
N GLN B 2716 29.33 -31.52 -35.95
CA GLN B 2716 30.47 -30.92 -36.69
C GLN B 2716 31.34 -31.97 -37.40
N ASP B 2717 31.43 -33.20 -36.84
CA ASP B 2717 32.31 -34.28 -37.37
C ASP B 2717 31.67 -35.00 -38.56
N TRP B 2718 30.37 -34.81 -38.86
CA TRP B 2718 29.62 -35.67 -39.80
C TRP B 2718 29.79 -35.23 -41.28
N LYS B 2719 30.18 -33.98 -41.56
CA LYS B 2719 30.45 -33.57 -42.95
C LYS B 2719 31.54 -34.45 -43.58
N CYS B 2720 31.46 -34.61 -44.89
CA CYS B 2720 32.51 -35.25 -45.74
C CYS B 2720 32.94 -36.62 -45.20
N ASP B 2721 31.99 -37.42 -44.68
CA ASP B 2721 32.26 -38.83 -44.27
C ASP B 2721 31.57 -39.82 -45.23
N ASN B 2722 31.02 -39.30 -46.33
CA ASN B 2722 30.31 -40.01 -47.42
C ASN B 2722 28.90 -40.47 -46.99
N ASP B 2723 28.33 -39.95 -45.87
CA ASP B 2723 26.90 -40.17 -45.54
C ASP B 2723 26.14 -38.86 -45.73
N ASN B 2724 24.91 -38.94 -46.26
CA ASN B 2724 24.02 -37.76 -46.39
C ASN B 2724 23.41 -37.46 -45.01
N ASP B 2725 24.22 -36.95 -44.08
CA ASP B 2725 23.78 -36.61 -42.71
C ASP B 2725 22.78 -35.45 -42.73
N CYS B 2726 22.91 -34.53 -43.69
CA CYS B 2726 21.98 -33.38 -43.84
C CYS B 2726 20.60 -33.80 -44.36
N GLY B 2727 20.48 -34.95 -45.05
CA GLY B 2727 19.27 -35.28 -45.84
C GLY B 2727 19.19 -34.49 -47.14
N ASP B 2728 19.42 -33.17 -47.12
CA ASP B 2728 19.42 -32.30 -48.32
C ASP B 2728 20.76 -32.37 -49.09
N GLY B 2729 21.72 -33.20 -48.65
CA GLY B 2729 23.03 -33.37 -49.34
C GLY B 2729 24.10 -32.38 -48.90
N SER B 2730 23.77 -31.28 -48.20
CA SER B 2730 24.67 -30.12 -47.97
C SER B 2730 26.05 -30.51 -47.43
N ASP B 2731 26.15 -31.57 -46.60
CA ASP B 2731 27.41 -31.92 -45.88
C ASP B 2731 28.36 -32.77 -46.74
N GLU B 2732 28.00 -33.10 -48.00
CA GLU B 2732 28.84 -34.00 -48.85
C GLU B 2732 29.16 -33.38 -50.21
N LEU B 2733 28.86 -32.10 -50.46
CA LEU B 2733 29.26 -31.44 -51.74
C LEU B 2733 30.77 -31.18 -51.76
N PRO B 2734 31.47 -31.32 -52.91
CA PRO B 2734 32.87 -30.87 -53.05
C PRO B 2734 33.05 -29.38 -52.73
N THR B 2735 31.98 -28.58 -52.87
CA THR B 2735 31.89 -27.17 -52.43
C THR B 2735 32.46 -26.99 -51.02
N VAL B 2736 32.27 -27.97 -50.11
CA VAL B 2736 32.92 -27.98 -48.77
C VAL B 2736 34.04 -29.01 -48.72
N CYS B 2737 33.87 -30.20 -49.32
CA CYS B 2737 34.84 -31.32 -49.14
C CYS B 2737 36.17 -31.07 -49.88
N ALA B 2738 36.29 -30.01 -50.70
CA ALA B 2738 37.58 -29.52 -51.22
C ALA B 2738 38.41 -28.84 -50.11
N PHE B 2739 37.79 -27.91 -49.38
CA PHE B 2739 38.50 -26.98 -48.46
C PHE B 2739 38.60 -27.56 -47.05
N HIS B 2740 37.64 -28.40 -46.66
CA HIS B 2740 37.69 -29.22 -45.42
C HIS B 2740 38.95 -30.10 -45.44
N THR B 2741 39.55 -30.32 -44.26
CA THR B 2741 40.50 -31.44 -44.04
C THR B 2741 40.05 -32.25 -42.83
N CYS B 2742 40.54 -33.47 -42.71
CA CYS B 2742 40.08 -34.37 -41.62
C CYS B 2742 40.63 -33.90 -40.26
N ARG B 2743 39.88 -34.20 -39.19
CA ARG B 2743 40.39 -34.06 -37.80
C ARG B 2743 41.66 -34.90 -37.68
N SER B 2744 42.64 -34.43 -36.89
CA SER B 2744 43.93 -35.14 -36.70
C SER B 2744 43.71 -36.61 -36.27
N THR B 2745 42.59 -36.94 -35.60
CA THR B 2745 42.32 -38.32 -35.10
C THR B 2745 41.56 -39.18 -36.12
N ALA B 2746 41.30 -38.70 -37.35
CA ALA B 2746 40.51 -39.46 -38.34
C ALA B 2746 41.42 -40.06 -39.42
N PHE B 2747 40.94 -41.11 -40.09
CA PHE B 2747 41.59 -41.67 -41.30
C PHE B 2747 41.15 -40.86 -42.52
N THR B 2748 42.01 -40.77 -43.54
CA THR B 2748 41.71 -40.04 -44.81
C THR B 2748 41.62 -41.03 -45.97
N CYS B 2749 40.48 -41.02 -46.67
CA CYS B 2749 40.23 -41.89 -47.85
C CYS B 2749 41.00 -41.43 -49.10
N GLY B 2750 41.09 -42.33 -50.10
CA GLY B 2750 41.55 -41.99 -51.47
C GLY B 2750 40.81 -40.78 -52.03
N ASN B 2751 39.47 -40.78 -51.91
CA ASN B 2751 38.59 -39.67 -52.38
C ASN B 2751 38.57 -38.48 -51.40
N GLY B 2752 39.40 -38.48 -50.34
CA GLY B 2752 39.55 -37.30 -49.45
C GLY B 2752 38.54 -37.25 -48.30
N ARG B 2753 37.50 -38.10 -48.31
CA ARG B 2753 36.54 -38.26 -47.18
C ARG B 2753 37.25 -38.63 -45.88
N CYS B 2754 36.61 -38.28 -44.76
CA CYS B 2754 37.16 -38.43 -43.40
C CYS B 2754 36.38 -39.48 -42.61
N VAL B 2755 37.09 -40.45 -42.03
CA VAL B 2755 36.46 -41.68 -41.47
C VAL B 2755 36.97 -41.90 -40.05
N PRO B 2756 36.10 -42.03 -39.03
CA PRO B 2756 36.53 -42.37 -37.66
C PRO B 2756 37.46 -43.58 -37.64
N TYR B 2757 38.53 -43.50 -36.86
CA TYR B 2757 39.68 -44.42 -37.04
C TYR B 2757 39.30 -45.88 -36.71
N HIS B 2758 38.30 -46.12 -35.87
CA HIS B 2758 37.83 -47.51 -35.59
C HIS B 2758 37.23 -48.18 -36.84
N TYR B 2759 36.86 -47.45 -37.90
CA TYR B 2759 36.32 -48.07 -39.13
C TYR B 2759 37.43 -48.59 -40.07
N ARG B 2760 38.68 -48.13 -39.93
CA ARG B 2760 39.81 -48.65 -40.73
C ARG B 2760 39.94 -50.17 -40.54
N CYS B 2761 39.88 -50.93 -41.63
CA CYS B 2761 39.99 -52.42 -41.62
C CYS B 2761 39.04 -53.03 -40.56
N ASP B 2762 37.76 -52.63 -40.51
CA ASP B 2762 36.79 -53.19 -39.52
C ASP B 2762 35.87 -54.23 -40.16
N TYR B 2763 36.08 -54.56 -41.45
CA TYR B 2763 35.26 -55.45 -42.33
C TYR B 2763 34.03 -54.71 -42.90
N TYR B 2764 34.10 -53.40 -43.11
CA TYR B 2764 33.09 -52.68 -43.90
C TYR B 2764 33.78 -51.73 -44.87
N ASN B 2765 33.18 -51.49 -46.02
CA ASN B 2765 33.53 -50.31 -46.86
C ASN B 2765 32.90 -49.07 -46.22
N ASP B 2766 33.73 -48.14 -45.74
CA ASP B 2766 33.28 -46.89 -45.09
C ASP B 2766 33.62 -45.68 -45.96
N CYS B 2767 34.78 -45.70 -46.61
CA CYS B 2767 35.22 -44.61 -47.52
C CYS B 2767 34.37 -44.52 -48.79
N GLY B 2768 33.63 -45.58 -49.16
CA GLY B 2768 32.99 -45.71 -50.48
C GLY B 2768 33.93 -46.39 -51.48
N ASP B 2769 35.20 -45.95 -51.55
CA ASP B 2769 36.24 -46.56 -52.42
C ASP B 2769 36.90 -47.77 -51.73
N ASN B 2770 36.46 -48.15 -50.52
CA ASN B 2770 37.02 -49.23 -49.68
C ASN B 2770 38.52 -49.00 -49.38
N SER B 2771 39.05 -47.78 -49.56
CA SER B 2771 40.48 -47.48 -49.21
C SER B 2771 40.69 -47.53 -47.70
N ASP B 2772 39.63 -47.39 -46.88
CA ASP B 2772 39.75 -47.68 -45.42
C ASP B 2772 40.07 -49.16 -45.18
N GLU B 2773 39.95 -50.04 -46.18
CA GLU B 2773 40.34 -51.47 -46.04
C GLU B 2773 41.34 -51.88 -47.15
N ALA B 2774 41.99 -50.93 -47.82
CA ALA B 2774 43.20 -51.22 -48.62
C ALA B 2774 44.37 -51.56 -47.68
N GLY B 2775 45.21 -52.53 -48.08
CA GLY B 2775 46.48 -52.84 -47.41
C GLY B 2775 46.35 -53.60 -46.11
N CYS B 2776 45.13 -53.94 -45.65
CA CYS B 2776 44.93 -54.66 -44.36
C CYS B 2776 45.47 -56.09 -44.44
N LEU B 2777 46.07 -56.57 -43.36
CA LEU B 2777 46.23 -58.02 -43.13
C LEU B 2777 45.08 -58.50 -42.24
N PHE B 2778 44.46 -59.65 -42.59
CA PHE B 2778 43.44 -60.29 -41.75
C PHE B 2778 43.82 -61.75 -41.46
N ARG B 2779 43.49 -62.21 -40.25
CA ARG B 2779 43.82 -63.57 -39.77
C ARG B 2779 42.98 -64.61 -40.53
N ASN B 2780 43.64 -65.47 -41.32
CA ASN B 2780 43.00 -66.67 -41.89
C ASN B 2780 42.75 -67.66 -40.75
N CYS B 2781 41.51 -68.17 -40.61
CA CYS B 2781 41.09 -68.98 -39.45
C CYS B 2781 41.14 -70.48 -39.79
N ASN B 2782 40.70 -71.34 -38.87
CA ASN B 2782 40.82 -72.81 -39.02
C ASN B 2782 39.70 -73.33 -39.92
N SER B 2783 40.02 -74.38 -40.70
CA SER B 2783 39.07 -75.03 -41.64
C SER B 2783 37.94 -75.70 -40.86
N THR B 2784 38.05 -75.79 -39.53
CA THR B 2784 37.07 -76.50 -38.68
C THR B 2784 35.72 -75.79 -38.76
N THR B 2785 35.69 -74.49 -38.50
CA THR B 2785 34.40 -73.74 -38.40
C THR B 2785 34.57 -72.33 -38.96
N GLU B 2786 35.23 -72.19 -40.12
CA GLU B 2786 35.34 -70.84 -40.74
C GLU B 2786 34.85 -70.89 -42.19
N PHE B 2787 34.07 -69.88 -42.58
CA PHE B 2787 33.79 -69.55 -43.99
C PHE B 2787 34.34 -68.16 -44.27
N THR B 2788 35.29 -68.05 -45.20
CA THR B 2788 35.95 -66.75 -45.52
C THR B 2788 35.30 -66.17 -46.78
N CYS B 2789 34.49 -65.12 -46.61
CA CYS B 2789 33.86 -64.40 -47.74
C CYS B 2789 34.83 -63.33 -48.29
N SER B 2790 34.43 -62.61 -49.35
CA SER B 2790 35.36 -61.89 -50.27
C SER B 2790 36.12 -60.76 -49.57
N ASN B 2791 35.48 -60.03 -48.66
CA ASN B 2791 36.13 -58.95 -47.87
C ASN B 2791 37.14 -59.52 -46.86
N GLY B 2792 37.05 -60.82 -46.51
CA GLY B 2792 37.80 -61.40 -45.39
C GLY B 2792 36.97 -61.36 -44.11
N ARG B 2793 36.79 -62.53 -43.46
CA ARG B 2793 35.91 -62.74 -42.27
C ARG B 2793 36.04 -64.21 -41.84
N CYS B 2794 35.52 -64.55 -40.65
CA CYS B 2794 35.56 -65.93 -40.10
C CYS B 2794 34.25 -66.20 -39.35
N ILE B 2795 33.34 -66.95 -39.97
CA ILE B 2795 32.06 -67.34 -39.31
C ILE B 2795 31.85 -68.85 -39.47
N PRO B 2796 31.09 -69.49 -38.56
CA PRO B 2796 30.91 -70.94 -38.60
C PRO B 2796 30.25 -71.46 -39.87
N LEU B 2797 30.62 -72.68 -40.26
CA LEU B 2797 29.99 -73.41 -41.40
C LEU B 2797 28.51 -73.62 -41.12
N SER B 2798 28.12 -73.73 -39.84
CA SER B 2798 26.70 -73.90 -39.46
C SER B 2798 25.92 -72.60 -39.74
N TYR B 2799 26.57 -71.43 -39.59
CA TYR B 2799 25.91 -70.10 -39.66
C TYR B 2799 25.53 -69.73 -41.10
N VAL B 2800 26.30 -70.15 -42.12
CA VAL B 2800 25.93 -69.86 -43.54
C VAL B 2800 24.57 -70.47 -43.89
N CYS B 2801 23.97 -70.04 -45.01
CA CYS B 2801 22.79 -70.70 -45.65
C CYS B 2801 21.57 -70.67 -44.70
N ASN B 2802 21.47 -69.68 -43.79
CA ASN B 2802 20.44 -69.63 -42.71
C ASN B 2802 19.71 -68.27 -42.66
N GLY B 2803 18.93 -68.01 -41.59
CA GLY B 2803 18.05 -66.83 -41.43
C GLY B 2803 18.74 -65.50 -41.12
N ILE B 2804 20.07 -65.45 -40.90
CA ILE B 2804 20.80 -64.22 -40.48
C ILE B 2804 22.00 -64.01 -41.42
N ASN B 2805 22.26 -62.78 -41.88
CA ASN B 2805 23.47 -62.51 -42.72
C ASN B 2805 24.71 -62.42 -41.81
N ASN B 2806 25.46 -63.53 -41.65
CA ASN B 2806 26.63 -63.63 -40.74
C ASN B 2806 27.94 -63.19 -41.43
N CYS B 2807 28.37 -63.85 -42.52
CA CYS B 2807 29.50 -63.39 -43.39
C CYS B 2807 28.99 -62.20 -44.21
N HIS B 2808 28.89 -61.05 -43.54
CA HIS B 2808 28.23 -59.80 -44.02
C HIS B 2808 29.12 -59.09 -45.05
N ASP B 2809 29.37 -59.81 -46.15
CA ASP B 2809 30.19 -59.38 -47.30
C ASP B 2809 29.41 -58.34 -48.11
N ASN B 2810 30.11 -57.68 -49.04
CA ASN B 2810 29.54 -56.67 -49.97
C ASN B 2810 28.42 -57.27 -50.86
N ASP B 2811 28.33 -58.60 -51.01
CA ASP B 2811 27.31 -59.23 -51.88
C ASP B 2811 26.75 -60.52 -51.24
N THR B 2812 26.35 -60.42 -49.96
CA THR B 2812 25.54 -61.41 -49.19
C THR B 2812 26.05 -62.86 -49.35
N SER B 2813 27.37 -63.05 -49.35
CA SER B 2813 28.04 -64.36 -49.56
C SER B 2813 27.52 -65.43 -48.58
N ASP B 2814 27.15 -65.02 -47.37
CA ASP B 2814 26.74 -65.91 -46.25
C ASP B 2814 25.57 -66.82 -46.60
N GLU B 2815 24.65 -66.39 -47.47
CA GLU B 2815 23.53 -67.23 -48.00
C GLU B 2815 23.62 -67.39 -49.53
N LYS B 2816 24.41 -66.56 -50.24
CA LYS B 2816 24.61 -66.70 -51.71
C LYS B 2816 25.37 -67.99 -52.01
N ASN B 2817 26.07 -68.56 -51.03
CA ASN B 2817 26.64 -69.93 -51.08
C ASN B 2817 25.55 -71.00 -51.28
N CYS B 2818 24.26 -70.66 -51.20
CA CYS B 2818 23.13 -71.59 -51.45
C CYS B 2818 22.12 -71.03 -52.48
N PRO B 2819 22.46 -70.91 -53.79
CA PRO B 2819 21.51 -70.35 -54.78
C PRO B 2819 20.24 -71.19 -55.05
N PRO B 2820 20.31 -72.52 -55.34
CA PRO B 2820 19.12 -73.29 -55.76
C PRO B 2820 18.28 -73.94 -54.65
N HIS B 2821 18.54 -73.59 -53.38
CA HIS B 2821 17.90 -74.21 -52.19
C HIS B 2821 16.46 -73.70 -52.01
N THR B 2822 15.69 -74.34 -51.11
CA THR B 2822 14.26 -74.02 -50.87
C THR B 2822 13.99 -73.47 -49.46
N CYS B 2823 13.10 -72.47 -49.40
CA CYS B 2823 12.42 -72.01 -48.17
C CYS B 2823 10.93 -71.82 -48.48
N PRO B 2824 9.98 -72.24 -47.61
CA PRO B 2824 8.55 -72.08 -47.88
C PRO B 2824 8.10 -70.62 -48.07
N PRO B 2825 7.03 -70.37 -48.88
CA PRO B 2825 6.39 -69.04 -48.95
C PRO B 2825 5.73 -68.68 -47.60
N ASP B 2826 5.25 -67.42 -47.48
CA ASP B 2826 4.90 -66.75 -46.18
C ASP B 2826 6.21 -66.50 -45.40
N PHE B 2827 6.98 -67.54 -45.13
CA PHE B 2827 8.36 -67.51 -44.56
C PHE B 2827 9.40 -67.23 -45.67
N THR B 2828 9.01 -66.51 -46.73
CA THR B 2828 9.65 -66.53 -48.07
C THR B 2828 11.14 -66.14 -48.04
N LYS B 2829 11.96 -66.77 -48.89
CA LYS B 2829 13.34 -66.27 -49.13
C LYS B 2829 13.28 -64.81 -49.60
N CYS B 2830 14.33 -64.05 -49.34
CA CYS B 2830 14.68 -62.86 -50.14
C CYS B 2830 14.78 -63.27 -51.62
N GLN B 2831 14.15 -62.54 -52.54
CA GLN B 2831 14.17 -62.93 -53.98
C GLN B 2831 15.61 -63.12 -54.48
N THR B 2832 15.96 -64.36 -54.89
CA THR B 2832 17.30 -64.81 -55.36
C THR B 2832 18.40 -64.78 -54.27
N THR B 2833 18.07 -64.77 -52.97
CA THR B 2833 19.06 -65.08 -51.88
C THR B 2833 18.39 -65.95 -50.80
N ASN B 2834 19.07 -67.01 -50.34
CA ASN B 2834 18.48 -68.06 -49.46
C ASN B 2834 18.42 -67.63 -47.98
N ILE B 2835 18.05 -66.37 -47.69
CA ILE B 2835 17.78 -65.86 -46.32
C ILE B 2835 16.26 -65.73 -46.18
N CYS B 2836 15.67 -66.36 -45.15
CA CYS B 2836 14.22 -66.67 -45.14
C CYS B 2836 13.50 -65.75 -44.12
N VAL B 2837 12.51 -64.98 -44.58
CA VAL B 2837 12.04 -63.72 -43.93
C VAL B 2837 10.51 -63.60 -44.06
N PRO B 2838 9.76 -63.30 -42.99
CA PRO B 2838 8.32 -63.21 -43.10
C PRO B 2838 7.95 -62.10 -44.10
N ARG B 2839 6.99 -62.39 -44.98
CA ARG B 2839 6.60 -61.59 -46.18
C ARG B 2839 6.24 -60.12 -45.91
N ALA B 2840 6.16 -59.75 -44.63
CA ALA B 2840 5.93 -58.41 -44.10
C ALA B 2840 7.21 -57.55 -44.05
N PHE B 2841 8.35 -58.10 -43.64
CA PHE B 2841 9.56 -57.34 -43.31
C PHE B 2841 10.35 -56.93 -44.56
N LEU B 2842 9.83 -55.89 -45.23
CA LEU B 2842 10.23 -55.29 -46.51
C LEU B 2842 9.85 -53.80 -46.50
N CYS B 2843 10.43 -52.99 -47.40
CA CYS B 2843 9.96 -51.64 -47.77
C CYS B 2843 9.78 -50.70 -46.59
N ASP B 2844 10.74 -50.69 -45.68
CA ASP B 2844 10.56 -50.18 -44.33
C ASP B 2844 11.81 -49.51 -43.75
N GLY B 2845 12.85 -49.31 -44.56
CA GLY B 2845 14.13 -48.76 -44.09
C GLY B 2845 14.89 -49.70 -43.15
N ASP B 2846 14.47 -50.95 -43.04
CA ASP B 2846 15.15 -52.03 -42.31
C ASP B 2846 15.92 -52.88 -43.31
N ASN B 2847 17.15 -53.28 -43.00
CA ASN B 2847 18.03 -54.02 -43.95
C ASN B 2847 17.72 -55.52 -43.84
N ASP B 2848 16.53 -55.94 -44.25
CA ASP B 2848 16.06 -57.33 -44.14
C ASP B 2848 16.79 -58.29 -45.09
N CYS B 2849 17.37 -57.77 -46.18
CA CYS B 2849 18.20 -58.58 -47.11
C CYS B 2849 19.31 -57.74 -47.77
N GLY B 2850 20.44 -58.37 -48.13
CA GLY B 2850 21.58 -57.72 -48.81
C GLY B 2850 21.49 -57.78 -50.33
N ASP B 2851 20.32 -58.11 -50.89
CA ASP B 2851 20.11 -58.33 -52.34
C ASP B 2851 18.60 -58.28 -52.66
N GLY B 2852 18.26 -58.28 -53.97
CA GLY B 2852 16.89 -58.44 -54.50
C GLY B 2852 15.84 -57.59 -53.77
N SER B 2853 14.90 -58.24 -53.08
CA SER B 2853 13.70 -57.58 -52.51
C SER B 2853 13.90 -57.29 -51.02
N ASP B 2854 14.46 -56.12 -50.67
CA ASP B 2854 14.38 -55.60 -49.29
C ASP B 2854 13.48 -54.37 -49.28
N GLU B 2855 13.88 -53.34 -50.01
CA GLU B 2855 13.02 -52.19 -50.31
C GLU B 2855 12.42 -52.44 -51.70
N ASN B 2856 11.52 -53.43 -51.74
CA ASN B 2856 11.04 -54.19 -52.92
C ASN B 2856 10.93 -53.34 -54.21
N PRO B 2857 11.59 -53.76 -55.32
CA PRO B 2857 11.46 -53.06 -56.62
C PRO B 2857 10.11 -53.22 -57.35
N ILE B 2858 9.09 -53.85 -56.74
CA ILE B 2858 7.69 -53.81 -57.24
C ILE B 2858 6.58 -54.03 -56.17
N TYR B 2859 6.64 -55.08 -55.32
CA TYR B 2859 5.48 -55.56 -54.52
C TYR B 2859 5.49 -55.15 -53.03
N CYS B 2860 4.94 -53.97 -52.66
CA CYS B 2860 4.79 -53.55 -51.24
C CYS B 2860 3.46 -52.85 -50.89
N ALA B 2861 2.40 -53.13 -51.64
CA ALA B 2861 1.02 -52.85 -51.23
C ALA B 2861 0.09 -53.93 -51.81
N SER B 2862 -1.04 -54.21 -51.15
CA SER B 2862 -1.99 -55.30 -51.46
C SER B 2862 -1.40 -56.73 -51.29
N HIS B 2863 -0.19 -57.00 -51.80
CA HIS B 2863 0.58 -58.24 -51.60
C HIS B 2863 1.19 -58.39 -50.19
N THR B 2864 1.21 -57.31 -49.40
CA THR B 2864 1.89 -57.23 -48.08
C THR B 2864 0.93 -56.68 -47.02
N CYS B 2865 0.51 -55.41 -47.15
CA CYS B 2865 -0.49 -54.73 -46.33
C CYS B 2865 -1.52 -54.03 -47.24
N ARG B 2866 -2.80 -54.01 -46.86
CA ARG B 2866 -3.93 -53.78 -47.81
C ARG B 2866 -5.04 -52.85 -47.30
N SER B 2867 -5.59 -53.11 -46.11
CA SER B 2867 -6.69 -52.37 -45.47
C SER B 2867 -6.62 -52.57 -43.95
N ASN B 2868 -7.42 -51.81 -43.18
CA ASN B 2868 -7.27 -51.60 -41.71
C ASN B 2868 -6.00 -50.83 -41.33
N GLU B 2869 -4.88 -51.08 -42.02
CA GLU B 2869 -3.55 -50.54 -41.74
C GLU B 2869 -2.94 -49.88 -42.99
N PHE B 2870 -2.02 -48.93 -42.81
CA PHE B 2870 -1.41 -48.13 -43.91
C PHE B 2870 0.12 -48.24 -43.98
N GLN B 2871 0.68 -48.31 -45.19
CA GLN B 2871 2.05 -48.81 -45.47
C GLN B 2871 3.13 -47.89 -44.89
N CYS B 2872 4.25 -48.47 -44.39
CA CYS B 2872 5.08 -47.80 -43.36
C CYS B 2872 6.50 -48.41 -43.18
N LEU B 2873 7.34 -47.70 -42.40
CA LEU B 2873 8.72 -48.05 -41.97
C LEU B 2873 8.78 -49.12 -40.83
N SER B 2874 9.98 -49.42 -40.28
CA SER B 2874 10.32 -50.68 -39.56
C SER B 2874 9.37 -51.16 -38.42
N PRO B 2875 9.36 -50.65 -37.16
CA PRO B 2875 8.50 -51.13 -36.08
C PRO B 2875 7.00 -51.26 -36.42
N GLN B 2876 6.37 -52.37 -36.00
CA GLN B 2876 4.93 -52.69 -36.15
C GLN B 2876 4.33 -52.49 -37.56
N ARG B 2877 5.17 -52.45 -38.60
CA ARG B 2877 4.83 -52.78 -40.00
C ARG B 2877 3.93 -51.83 -40.77
N CYS B 2878 2.70 -51.62 -40.32
CA CYS B 2878 1.66 -50.96 -41.10
C CYS B 2878 0.75 -50.19 -40.13
N ILE B 2879 0.71 -48.86 -40.25
CA ILE B 2879 -0.02 -47.88 -39.41
C ILE B 2879 -1.48 -48.35 -39.17
N PRO B 2880 -1.82 -49.00 -38.05
CA PRO B 2880 -3.13 -49.60 -37.87
C PRO B 2880 -4.21 -48.58 -37.49
N SER B 2881 -5.46 -48.87 -37.84
CA SER B 2881 -6.61 -48.08 -37.35
C SER B 2881 -6.62 -48.03 -35.81
N TYR B 2882 -6.80 -46.81 -35.28
CA TYR B 2882 -6.90 -46.48 -33.84
C TYR B 2882 -5.60 -46.66 -33.02
N TRP B 2883 -4.57 -47.30 -33.58
CA TRP B 2883 -3.15 -47.09 -33.24
C TRP B 2883 -2.55 -45.88 -34.00
N PHE B 2884 -3.11 -45.55 -35.16
CA PHE B 2884 -2.93 -44.29 -35.89
C PHE B 2884 -3.52 -43.12 -35.10
N CYS B 2885 -2.70 -42.09 -34.83
CA CYS B 2885 -3.06 -40.96 -33.95
C CYS B 2885 -3.74 -41.42 -32.66
N ASP B 2886 -3.09 -42.37 -31.99
CA ASP B 2886 -3.38 -42.84 -30.63
C ASP B 2886 -2.66 -41.98 -29.60
N GLY B 2887 -1.50 -41.44 -29.99
CA GLY B 2887 -0.60 -40.59 -29.18
C GLY B 2887 0.83 -41.11 -29.23
N GLU B 2888 1.00 -42.45 -29.17
CA GLU B 2888 2.32 -43.13 -29.23
C GLU B 2888 2.55 -43.78 -30.60
N ALA B 2889 3.81 -43.75 -31.01
CA ALA B 2889 4.28 -44.11 -32.35
C ALA B 2889 4.31 -45.63 -32.50
N ASP B 2890 3.27 -46.18 -33.12
CA ASP B 2890 3.16 -47.62 -33.35
C ASP B 2890 4.05 -48.05 -34.52
N CYS B 2891 4.09 -47.26 -35.60
CA CYS B 2891 4.94 -47.51 -36.77
C CYS B 2891 5.70 -46.26 -37.24
N ALA B 2892 6.89 -46.45 -37.79
CA ALA B 2892 7.95 -45.42 -37.90
C ALA B 2892 7.84 -44.51 -39.14
N ASP B 2893 6.79 -44.60 -39.95
CA ASP B 2893 6.54 -43.61 -41.01
C ASP B 2893 6.24 -42.23 -40.42
N GLY B 2894 6.56 -41.15 -41.14
CA GLY B 2894 6.37 -39.78 -40.67
C GLY B 2894 4.93 -39.40 -40.33
N SER B 2895 3.93 -40.20 -40.74
CA SER B 2895 2.49 -39.89 -40.62
C SER B 2895 1.84 -40.22 -39.26
N ASP B 2896 2.42 -41.05 -38.39
CA ASP B 2896 1.66 -41.66 -37.27
C ASP B 2896 1.19 -40.64 -36.20
N GLU B 2897 2.08 -39.79 -35.68
CA GLU B 2897 1.74 -38.66 -34.78
C GLU B 2897 2.58 -37.37 -35.02
N PRO B 2898 2.69 -36.84 -36.26
CA PRO B 2898 3.29 -35.51 -36.49
C PRO B 2898 2.29 -34.37 -36.23
N ASP B 2899 1.58 -34.40 -35.08
CA ASP B 2899 0.51 -33.43 -34.77
C ASP B 2899 -0.55 -33.34 -35.87
N THR B 2900 -0.87 -34.44 -36.55
CA THR B 2900 -2.08 -34.49 -37.43
C THR B 2900 -3.28 -35.10 -36.69
N CYS B 2901 -3.16 -35.29 -35.36
CA CYS B 2901 -4.19 -35.99 -34.55
C CYS B 2901 -5.35 -35.05 -34.25
N GLY B 2902 -6.57 -35.42 -34.69
CA GLY B 2902 -7.81 -34.76 -34.27
C GLY B 2902 -8.50 -35.59 -33.20
N HIS B 2903 -8.68 -35.03 -32.00
CA HIS B 2903 -9.10 -35.83 -30.82
C HIS B 2903 -10.50 -36.40 -31.06
N SER B 2904 -11.46 -35.53 -31.40
CA SER B 2904 -12.88 -35.91 -31.52
C SER B 2904 -13.47 -35.41 -32.83
N VAL B 2905 -12.66 -35.30 -33.89
CA VAL B 2905 -13.17 -34.92 -35.23
C VAL B 2905 -14.09 -36.06 -35.71
N ASN B 2906 -13.65 -37.32 -35.56
CA ASN B 2906 -14.50 -38.49 -35.80
C ASN B 2906 -14.50 -39.36 -34.53
N THR B 2907 -15.68 -39.60 -33.95
CA THR B 2907 -15.82 -40.30 -32.65
C THR B 2907 -16.38 -41.70 -32.86
N CYS B 2908 -16.17 -42.57 -31.87
CA CYS B 2908 -16.65 -43.97 -31.89
C CYS B 2908 -18.18 -43.99 -31.83
N ARG B 2909 -18.78 -45.08 -32.32
CA ARG B 2909 -20.25 -45.23 -32.38
C ARG B 2909 -20.73 -46.33 -31.43
N ALA B 2910 -22.05 -46.59 -31.43
CA ALA B 2910 -22.71 -47.56 -30.53
C ALA B 2910 -22.27 -49.00 -30.81
N SER B 2911 -21.73 -49.29 -32.02
CA SER B 2911 -21.26 -50.65 -32.39
C SER B 2911 -20.13 -51.09 -31.45
N GLN B 2912 -19.34 -50.13 -30.95
CA GLN B 2912 -18.33 -50.37 -29.89
C GLN B 2912 -18.53 -49.27 -28.86
N PHE B 2913 -19.21 -49.60 -27.75
CA PHE B 2913 -19.80 -48.58 -26.85
C PHE B 2913 -18.71 -47.64 -26.33
N GLN B 2914 -18.97 -46.33 -26.38
CA GLN B 2914 -17.95 -45.29 -26.14
C GLN B 2914 -17.83 -45.01 -24.64
N CYS B 2915 -16.63 -44.66 -24.20
CA CYS B 2915 -16.38 -44.25 -22.79
C CYS B 2915 -15.54 -42.98 -22.72
N ASP B 2916 -14.68 -42.75 -23.72
CA ASP B 2916 -13.84 -41.52 -23.80
C ASP B 2916 -13.42 -41.31 -25.25
N ASN B 2917 -12.89 -40.11 -25.56
CA ASN B 2917 -12.49 -39.73 -26.93
C ASN B 2917 -11.43 -40.72 -27.45
N GLY B 2918 -11.70 -41.33 -28.62
CA GLY B 2918 -10.80 -42.31 -29.25
C GLY B 2918 -10.65 -43.61 -28.48
N ARG B 2919 -11.62 -43.93 -27.59
CA ARG B 2919 -11.55 -45.04 -26.63
C ARG B 2919 -12.97 -45.62 -26.40
N CYS B 2920 -13.24 -46.81 -26.90
CA CYS B 2920 -14.60 -47.39 -26.79
C CYS B 2920 -14.49 -48.91 -26.69
N ILE B 2921 -15.40 -49.53 -25.93
CA ILE B 2921 -15.35 -50.98 -25.64
C ILE B 2921 -16.77 -51.53 -25.50
N SER B 2922 -16.87 -52.87 -25.40
CA SER B 2922 -18.16 -53.57 -25.23
C SER B 2922 -17.91 -54.94 -24.59
N GLY B 2923 -19.00 -55.72 -24.44
CA GLY B 2923 -18.94 -57.07 -23.86
C GLY B 2923 -18.71 -57.05 -22.36
N ASN B 2924 -17.75 -57.85 -21.88
CA ASN B 2924 -17.44 -57.95 -20.43
C ASN B 2924 -16.55 -56.78 -20.02
N TRP B 2925 -16.07 -55.98 -20.99
CA TRP B 2925 -15.22 -54.80 -20.69
C TRP B 2925 -15.93 -53.87 -19.69
N VAL B 2926 -17.23 -53.63 -19.90
CA VAL B 2926 -17.98 -52.52 -19.24
C VAL B 2926 -18.03 -52.72 -17.72
N CYS B 2927 -17.79 -53.93 -17.21
CA CYS B 2927 -17.58 -54.14 -15.76
C CYS B 2927 -16.69 -55.36 -15.55
N ASP B 2928 -15.38 -55.16 -15.55
CA ASP B 2928 -14.42 -56.24 -15.18
C ASP B 2928 -13.25 -55.65 -14.37
N GLY B 2929 -13.04 -54.33 -14.43
CA GLY B 2929 -11.93 -53.66 -13.73
C GLY B 2929 -10.68 -53.54 -14.57
N ASP B 2930 -10.65 -54.10 -15.79
CA ASP B 2930 -9.46 -53.96 -16.69
C ASP B 2930 -9.41 -52.53 -17.24
N ASN B 2931 -8.20 -52.00 -17.39
CA ASN B 2931 -7.97 -50.65 -17.97
C ASN B 2931 -8.27 -50.70 -19.48
N ASP B 2932 -9.51 -50.40 -19.84
CA ASP B 2932 -10.01 -50.56 -21.23
C ASP B 2932 -9.97 -49.22 -21.97
N CYS B 2933 -10.40 -48.15 -21.31
CA CYS B 2933 -10.59 -46.82 -21.93
C CYS B 2933 -9.33 -45.96 -21.78
N GLY B 2934 -8.27 -46.50 -21.15
CA GLY B 2934 -7.03 -45.75 -20.85
C GLY B 2934 -7.13 -44.98 -19.55
N ASP B 2935 -8.33 -44.87 -18.95
CA ASP B 2935 -8.52 -44.13 -17.67
C ASP B 2935 -9.53 -44.84 -16.79
N MET B 2936 -9.85 -46.12 -17.08
CA MET B 2936 -10.88 -46.92 -16.36
C MET B 2936 -12.25 -46.22 -16.39
N SER B 2937 -12.45 -45.26 -17.30
CA SER B 2937 -13.80 -44.66 -17.52
C SER B 2937 -14.70 -45.65 -18.26
N ASP B 2938 -14.13 -46.71 -18.85
CA ASP B 2938 -14.92 -47.73 -19.58
C ASP B 2938 -15.95 -48.33 -18.62
N GLU B 2939 -15.62 -48.41 -17.32
CA GLU B 2939 -16.61 -48.88 -16.30
C GLU B 2939 -16.87 -47.80 -15.25
N ASP B 2940 -15.84 -47.04 -14.82
CA ASP B 2940 -15.95 -46.12 -13.65
C ASP B 2940 -16.46 -46.90 -12.42
N GLN B 2941 -16.45 -48.23 -12.50
CA GLN B 2941 -17.03 -49.18 -11.52
C GLN B 2941 -18.39 -48.69 -11.05
N ARG B 2942 -19.17 -48.03 -11.91
CA ARG B 2942 -20.50 -47.48 -11.54
C ARG B 2942 -21.54 -47.84 -12.58
N HIS B 2943 -21.29 -47.50 -13.84
CA HIS B 2943 -22.35 -47.66 -14.87
C HIS B 2943 -22.33 -49.09 -15.41
N HIS B 2944 -23.52 -49.71 -15.47
CA HIS B 2944 -23.75 -51.08 -15.98
C HIS B 2944 -23.04 -52.13 -15.10
N CYS B 2945 -22.59 -51.74 -13.89
CA CYS B 2945 -22.05 -52.70 -12.89
C CYS B 2945 -23.20 -53.16 -11.99
N GLU B 2946 -22.87 -53.76 -10.83
CA GLU B 2946 -23.87 -54.14 -9.78
C GLU B 2946 -24.84 -55.18 -10.35
N LEU B 2947 -24.34 -56.07 -11.23
CA LEU B 2947 -25.11 -57.20 -11.80
C LEU B 2947 -24.12 -58.16 -12.45
N GLN B 2948 -24.02 -59.38 -11.92
CA GLN B 2948 -23.01 -60.36 -12.37
C GLN B 2948 -23.55 -61.79 -12.21
N ASN B 2949 -22.88 -62.75 -12.86
CA ASN B 2949 -23.05 -64.18 -12.55
C ASN B 2949 -21.69 -64.86 -12.65
N CYS B 2950 -21.55 -66.01 -11.98
CA CYS B 2950 -20.29 -66.78 -11.96
C CYS B 2950 -20.59 -68.22 -12.38
N SER B 2951 -19.66 -68.85 -13.11
CA SER B 2951 -19.87 -70.17 -13.73
C SER B 2951 -19.78 -71.28 -12.67
N SER B 2952 -20.27 -72.46 -13.03
CA SER B 2952 -20.31 -73.64 -12.13
C SER B 2952 -18.89 -74.20 -11.93
N THR B 2953 -18.00 -74.08 -12.93
CA THR B 2953 -16.58 -74.52 -12.79
C THR B 2953 -15.91 -73.74 -11.66
N GLN B 2954 -16.46 -72.58 -11.28
CA GLN B 2954 -16.01 -71.84 -10.08
C GLN B 2954 -17.06 -71.95 -8.98
N PHE B 2955 -16.78 -71.32 -7.84
CA PHE B 2955 -17.77 -71.15 -6.75
C PHE B 2955 -17.95 -69.66 -6.51
N THR B 2956 -19.20 -69.21 -6.48
CA THR B 2956 -19.54 -67.77 -6.40
C THR B 2956 -19.72 -67.41 -4.92
N CYS B 2957 -18.75 -66.69 -4.36
CA CYS B 2957 -18.90 -66.07 -3.03
C CYS B 2957 -19.62 -64.73 -3.23
N VAL B 2958 -20.94 -64.78 -3.32
CA VAL B 2958 -21.79 -63.62 -3.73
C VAL B 2958 -21.72 -62.54 -2.65
N ASN B 2959 -21.28 -62.88 -1.43
CA ASN B 2959 -21.39 -61.96 -0.27
C ASN B 2959 -20.22 -60.97 -0.28
N SER B 2960 -19.64 -60.67 -1.45
CA SER B 2960 -18.49 -59.75 -1.56
C SER B 2960 -18.82 -58.62 -2.52
N ARG B 2961 -18.61 -57.38 -2.09
CA ARG B 2961 -18.81 -56.18 -2.96
C ARG B 2961 -17.67 -56.07 -3.96
N PRO B 2962 -17.88 -55.38 -5.10
CA PRO B 2962 -16.93 -55.42 -6.22
C PRO B 2962 -15.45 -55.20 -5.84
N PRO B 2963 -15.11 -54.35 -4.85
CA PRO B 2963 -13.73 -54.34 -4.33
C PRO B 2963 -13.22 -55.70 -3.81
N ASN B 2964 -14.13 -56.65 -3.53
CA ASN B 2964 -13.75 -58.05 -3.21
C ASN B 2964 -14.38 -58.97 -4.25
N ARG B 2965 -13.59 -59.91 -4.79
CA ARG B 2965 -14.05 -60.79 -5.88
C ARG B 2965 -15.16 -61.72 -5.37
N ARG B 2966 -16.09 -62.10 -6.26
CA ARG B 2966 -17.26 -62.93 -5.87
C ARG B 2966 -17.32 -64.22 -6.69
N CYS B 2967 -16.19 -64.71 -7.20
CA CYS B 2967 -16.15 -65.95 -8.03
C CYS B 2967 -14.72 -66.49 -8.04
N ILE B 2968 -14.54 -67.72 -7.54
CA ILE B 2968 -13.19 -68.36 -7.51
C ILE B 2968 -13.30 -69.80 -8.01
N PRO B 2969 -12.30 -70.33 -8.72
CA PRO B 2969 -12.38 -71.67 -9.27
C PRO B 2969 -12.56 -72.77 -8.22
N GLN B 2970 -13.24 -73.85 -8.62
CA GLN B 2970 -13.54 -75.01 -7.73
C GLN B 2970 -12.25 -75.58 -7.15
N TYR B 2971 -11.14 -75.48 -7.89
CA TYR B 2971 -9.82 -75.95 -7.39
C TYR B 2971 -9.46 -75.15 -6.13
N TRP B 2972 -9.82 -73.86 -6.12
CA TRP B 2972 -9.48 -72.97 -4.98
C TRP B 2972 -10.32 -73.34 -3.76
N VAL B 2973 -11.49 -73.93 -3.97
CA VAL B 2973 -12.40 -74.29 -2.84
C VAL B 2973 -11.71 -75.34 -1.99
N CYS B 2974 -11.43 -75.00 -0.72
CA CYS B 2974 -10.71 -75.88 0.24
C CYS B 2974 -9.36 -76.31 -0.34
N ASP B 2975 -8.67 -75.43 -1.08
CA ASP B 2975 -7.31 -75.74 -1.57
C ASP B 2975 -6.31 -75.66 -0.41
N GLY B 2976 -6.61 -74.87 0.62
CA GLY B 2976 -5.70 -74.67 1.76
C GLY B 2976 -5.67 -73.23 2.25
N ASP B 2977 -6.15 -72.28 1.44
CA ASP B 2977 -6.20 -70.86 1.86
C ASP B 2977 -7.34 -70.15 1.15
N ALA B 2978 -7.89 -69.12 1.80
CA ALA B 2978 -9.16 -68.45 1.42
C ALA B 2978 -8.89 -67.31 0.46
N ASP B 2979 -9.91 -66.93 -0.32
CA ASP B 2979 -9.77 -65.89 -1.38
C ASP B 2979 -10.86 -64.83 -1.28
N CYS B 2980 -12.02 -65.11 -0.68
CA CYS B 2980 -13.11 -64.11 -0.54
C CYS B 2980 -13.09 -63.55 0.88
N SER B 2981 -13.41 -62.26 1.02
CA SER B 2981 -13.61 -61.62 2.34
C SER B 2981 -14.79 -62.31 3.04
N ASP B 2982 -15.77 -62.80 2.26
CA ASP B 2982 -16.86 -63.64 2.82
C ASP B 2982 -16.24 -64.89 3.44
N ALA B 2983 -15.17 -65.43 2.82
CA ALA B 2983 -14.37 -66.54 3.36
C ALA B 2983 -15.21 -67.79 3.60
N LEU B 2984 -16.22 -68.06 2.75
CA LEU B 2984 -16.91 -69.37 2.81
C LEU B 2984 -16.01 -70.45 2.21
N ASP B 2985 -14.91 -70.07 1.55
CA ASP B 2985 -13.99 -70.96 0.80
C ASP B 2985 -13.65 -72.22 1.62
N GLU B 2986 -12.96 -72.04 2.74
CA GLU B 2986 -12.39 -73.18 3.51
C GLU B 2986 -13.47 -73.85 4.37
N LEU B 2987 -14.67 -73.27 4.49
CA LEU B 2987 -15.71 -73.81 5.38
C LEU B 2987 -16.87 -74.41 4.58
N GLN B 2988 -16.79 -74.46 3.25
CA GLN B 2988 -17.81 -75.14 2.41
C GLN B 2988 -17.60 -76.66 2.52
N ASN B 2989 -18.27 -77.30 3.50
CA ASN B 2989 -18.29 -78.77 3.65
C ASN B 2989 -16.87 -79.34 3.62
N CYS B 2990 -15.98 -78.80 4.45
CA CYS B 2990 -14.59 -79.31 4.58
C CYS B 2990 -14.22 -79.41 6.05
N THR B 2991 -13.26 -80.29 6.36
CA THR B 2991 -12.96 -80.73 7.75
C THR B 2991 -12.00 -79.74 8.42
N MET B 2992 -11.53 -80.10 9.62
CA MET B 2992 -10.62 -79.25 10.42
C MET B 2992 -9.63 -80.13 11.18
N ARG B 2993 -8.69 -79.50 11.89
CA ARG B 2993 -7.64 -80.22 12.66
C ARG B 2993 -7.58 -79.64 14.07
N THR B 2994 -6.81 -80.28 14.95
CA THR B 2994 -6.64 -79.85 16.36
C THR B 2994 -5.58 -78.75 16.42
N CYS B 2995 -5.69 -77.73 15.55
CA CYS B 2995 -4.86 -76.51 15.57
C CYS B 2995 -3.36 -76.85 15.47
N SER B 2996 -2.53 -75.90 15.89
CA SER B 2996 -1.04 -76.04 15.87
C SER B 2996 -0.46 -75.24 17.05
N ALA B 2997 0.79 -75.52 17.40
CA ALA B 2997 1.48 -74.86 18.52
C ALA B 2997 1.63 -73.36 18.24
N GLY B 2998 2.01 -73.02 17.00
CA GLY B 2998 2.33 -71.63 16.62
C GLY B 2998 1.15 -70.91 15.99
N GLU B 2999 -0.06 -71.48 16.04
CA GLU B 2999 -1.22 -70.90 15.31
C GLU B 2999 -2.26 -70.36 16.29
N PHE B 3000 -3.17 -69.54 15.78
CA PHE B 3000 -4.22 -68.88 16.58
C PHE B 3000 -5.57 -69.47 16.21
N SER B 3001 -6.41 -69.72 17.22
CA SER B 3001 -7.76 -70.29 17.03
C SER B 3001 -8.72 -69.16 16.63
N CYS B 3002 -9.21 -69.18 15.40
CA CYS B 3002 -10.27 -68.23 14.96
C CYS B 3002 -11.62 -68.67 15.53
N ALA B 3003 -12.56 -67.74 15.60
CA ALA B 3003 -13.93 -67.99 16.10
C ALA B 3003 -14.67 -68.96 15.18
N ASN B 3004 -14.25 -69.09 13.90
CA ASN B 3004 -14.96 -69.95 12.93
C ASN B 3004 -14.36 -71.36 12.96
N GLY B 3005 -13.78 -71.76 14.11
CA GLY B 3005 -13.26 -73.11 14.33
C GLY B 3005 -12.08 -73.44 13.43
N ARG B 3006 -11.30 -72.42 13.03
CA ARG B 3006 -10.13 -72.64 12.14
C ARG B 3006 -8.91 -71.99 12.77
N CYS B 3007 -7.73 -72.50 12.44
CA CYS B 3007 -6.46 -72.03 13.05
C CYS B 3007 -5.55 -71.43 11.98
N VAL B 3008 -4.83 -70.38 12.38
CA VAL B 3008 -3.92 -69.63 11.48
C VAL B 3008 -2.78 -69.10 12.35
N ARG B 3009 -1.59 -68.95 11.77
CA ARG B 3009 -0.36 -68.64 12.54
C ARG B 3009 -0.54 -67.29 13.23
N GLN B 3010 0.01 -67.15 14.44
CA GLN B 3010 -0.22 -65.99 15.32
C GLN B 3010 0.39 -64.72 14.73
N SER B 3011 1.25 -64.82 13.70
CA SER B 3011 1.86 -63.63 13.05
C SER B 3011 0.80 -62.79 12.33
N PHE B 3012 -0.39 -63.32 12.07
CA PHE B 3012 -1.44 -62.57 11.34
C PHE B 3012 -2.37 -61.82 12.29
N ARG B 3013 -2.49 -62.24 13.55
CA ARG B 3013 -3.46 -61.60 14.47
C ARG B 3013 -2.97 -60.19 14.83
N CYS B 3014 -3.92 -59.29 15.10
CA CYS B 3014 -3.64 -57.89 15.48
C CYS B 3014 -2.78 -57.18 14.42
N ASP B 3015 -3.01 -57.47 13.13
CA ASP B 3015 -2.26 -56.80 12.05
C ASP B 3015 -3.18 -55.87 11.24
N ARG B 3016 -4.44 -55.71 11.67
CA ARG B 3016 -5.47 -54.92 10.93
C ARG B 3016 -5.74 -55.59 9.56
N ARG B 3017 -5.91 -56.92 9.56
CA ARG B 3017 -6.28 -57.64 8.31
C ARG B 3017 -7.18 -58.82 8.64
N ASN B 3018 -8.09 -59.13 7.71
CA ASN B 3018 -9.10 -60.18 7.90
C ASN B 3018 -8.52 -61.52 7.48
N ASP B 3019 -7.76 -62.16 8.38
CA ASP B 3019 -6.99 -63.38 8.03
C ASP B 3019 -7.85 -64.64 8.13
N CYS B 3020 -9.08 -64.58 8.68
CA CYS B 3020 -9.98 -65.77 8.62
C CYS B 3020 -11.43 -65.35 8.39
N GLY B 3021 -11.66 -64.21 7.73
CA GLY B 3021 -13.00 -63.86 7.22
C GLY B 3021 -13.86 -63.13 8.23
N ASP B 3022 -13.88 -63.52 9.51
CA ASP B 3022 -14.82 -62.94 10.48
C ASP B 3022 -14.11 -61.93 11.40
N TYR B 3023 -12.86 -61.55 11.08
CA TYR B 3023 -12.04 -60.62 11.90
C TYR B 3023 -11.84 -61.18 13.31
N SER B 3024 -12.00 -62.50 13.49
CA SER B 3024 -11.85 -63.14 14.82
C SER B 3024 -10.43 -62.89 15.36
N ASP B 3025 -9.44 -62.86 14.47
CA ASP B 3025 -8.03 -62.58 14.88
C ASP B 3025 -7.89 -61.11 15.30
N GLU B 3026 -8.88 -60.26 15.00
CA GLU B 3026 -8.75 -58.80 15.23
C GLU B 3026 -9.51 -58.35 16.47
N ARG B 3027 -10.31 -59.22 17.09
CA ARG B 3027 -11.07 -58.84 18.31
C ARG B 3027 -10.08 -58.59 19.45
N GLY B 3028 -10.25 -57.46 20.15
CA GLY B 3028 -9.48 -57.14 21.37
C GLY B 3028 -8.00 -57.00 21.11
N CYS B 3029 -7.62 -56.38 19.97
CA CYS B 3029 -6.21 -56.14 19.64
C CYS B 3029 -5.81 -54.71 20.04
N SER B 3030 -4.83 -54.59 20.93
CA SER B 3030 -4.26 -53.28 21.34
C SER B 3030 -3.18 -52.87 20.34
N TYR B 3031 -3.60 -52.31 19.21
CA TYR B 3031 -2.73 -52.00 18.06
C TYR B 3031 -1.60 -51.05 18.49
N PRO B 3032 -0.39 -51.20 17.94
CA PRO B 3032 0.70 -50.31 18.27
C PRO B 3032 0.42 -48.90 17.70
N PRO B 3033 0.99 -47.85 18.32
CA PRO B 3033 0.86 -46.51 17.77
C PRO B 3033 1.68 -46.34 16.49
N CYS B 3034 1.29 -45.35 15.69
CA CYS B 3034 1.93 -45.09 14.37
C CYS B 3034 3.22 -44.29 14.57
N HIS B 3035 4.15 -44.42 13.62
CA HIS B 3035 5.47 -43.76 13.70
C HIS B 3035 5.43 -42.45 12.90
N ALA B 3036 6.57 -41.74 12.88
CA ALA B 3036 6.73 -40.43 12.24
C ALA B 3036 6.42 -40.54 10.73
N ASN B 3037 6.96 -41.57 10.07
CA ASN B 3037 6.80 -41.75 8.61
C ASN B 3037 5.36 -42.14 8.28
N GLN B 3038 4.52 -42.39 9.30
CA GLN B 3038 3.13 -42.84 9.06
C GLN B 3038 2.17 -41.73 9.45
N PHE B 3039 1.31 -41.34 8.52
CA PHE B 3039 0.11 -40.51 8.82
C PHE B 3039 -0.89 -41.36 9.60
N THR B 3040 -1.64 -40.72 10.49
CA THR B 3040 -2.67 -41.42 11.29
C THR B 3040 -4.05 -40.95 10.82
N CYS B 3041 -4.93 -41.92 10.52
CA CYS B 3041 -6.31 -41.61 10.08
C CYS B 3041 -7.20 -41.43 11.31
N GLN B 3042 -8.49 -41.12 11.14
CA GLN B 3042 -9.39 -41.04 12.30
C GLN B 3042 -9.59 -42.43 12.92
N ASN B 3043 -9.66 -43.50 12.11
CA ASN B 3043 -9.48 -44.88 12.64
C ASN B 3043 -7.99 -45.22 12.63
N GLY B 3044 -7.55 -46.03 13.59
CA GLY B 3044 -6.15 -46.49 13.66
C GLY B 3044 -5.77 -47.20 12.37
N ARG B 3045 -4.97 -46.57 11.51
CA ARG B 3045 -4.55 -47.21 10.24
C ARG B 3045 -3.05 -47.11 10.07
N CYS B 3046 -2.40 -46.08 10.66
CA CYS B 3046 -0.93 -45.87 10.54
C CYS B 3046 -0.53 -45.93 9.06
N ILE B 3047 -1.16 -45.12 8.22
CA ILE B 3047 -0.85 -45.14 6.77
C ILE B 3047 0.39 -44.29 6.53
N PRO B 3048 1.31 -44.70 5.64
CA PRO B 3048 2.46 -43.85 5.32
C PRO B 3048 2.08 -42.55 4.59
N ARG B 3049 3.04 -41.64 4.52
CA ARG B 3049 2.80 -40.21 4.18
C ARG B 3049 2.49 -40.05 2.69
N PHE B 3050 2.88 -41.02 1.84
CA PHE B 3050 2.78 -40.85 0.37
C PHE B 3050 1.33 -40.61 -0.05
N PHE B 3051 0.39 -41.33 0.57
CA PHE B 3051 -1.04 -41.30 0.14
C PHE B 3051 -1.72 -40.03 0.64
N VAL B 3052 -1.08 -39.26 1.51
CA VAL B 3052 -1.75 -38.04 2.05
C VAL B 3052 -1.93 -37.04 0.90
N CYS B 3053 -3.18 -36.65 0.66
CA CYS B 3053 -3.58 -35.77 -0.46
C CYS B 3053 -3.17 -36.41 -1.80
N ASP B 3054 -3.17 -37.74 -1.90
CA ASP B 3054 -2.93 -38.41 -3.21
C ASP B 3054 -4.25 -38.52 -3.97
N GLU B 3055 -5.31 -37.85 -3.47
CA GLU B 3055 -6.65 -37.77 -4.11
C GLU B 3055 -7.33 -39.15 -4.15
N ASP B 3056 -6.84 -40.12 -3.39
CA ASP B 3056 -7.44 -41.46 -3.32
C ASP B 3056 -7.72 -41.77 -1.85
N ASN B 3057 -8.96 -42.15 -1.54
CA ASN B 3057 -9.34 -42.52 -0.15
C ASN B 3057 -8.65 -43.83 0.23
N ASP B 3058 -7.57 -43.73 1.01
CA ASP B 3058 -6.80 -44.93 1.42
C ASP B 3058 -7.07 -45.28 2.89
N CYS B 3059 -7.48 -44.31 3.72
CA CYS B 3059 -7.78 -44.59 5.14
C CYS B 3059 -9.12 -45.34 5.26
N GLY B 3060 -10.02 -45.18 4.27
CA GLY B 3060 -11.40 -45.68 4.37
C GLY B 3060 -12.30 -44.62 4.95
N ASP B 3061 -11.76 -43.76 5.83
CA ASP B 3061 -12.48 -42.66 6.47
C ASP B 3061 -12.27 -41.34 5.70
N GLY B 3062 -11.46 -41.31 4.62
CA GLY B 3062 -11.10 -40.07 3.93
C GLY B 3062 -10.31 -39.12 4.82
N SER B 3063 -9.75 -39.60 5.93
CA SER B 3063 -8.94 -38.77 6.83
C SER B 3063 -7.69 -38.27 6.11
N ASP B 3064 -7.15 -39.08 5.21
CA ASP B 3064 -5.90 -38.72 4.48
C ASP B 3064 -6.20 -37.73 3.35
N GLU B 3065 -7.49 -37.47 3.04
CA GLU B 3065 -7.86 -36.51 1.97
C GLU B 3065 -8.83 -35.47 2.52
N GLN B 3066 -8.73 -35.08 3.80
CA GLN B 3066 -9.58 -34.02 4.36
C GLN B 3066 -9.31 -32.70 3.62
N GLU B 3067 -10.36 -31.90 3.42
CA GLU B 3067 -10.32 -30.62 2.67
C GLU B 3067 -9.31 -29.66 3.33
N HIS B 3068 -9.24 -29.61 4.66
CA HIS B 3068 -8.37 -28.62 5.35
C HIS B 3068 -6.96 -29.20 5.55
N LEU B 3069 -6.75 -30.51 5.40
CA LEU B 3069 -5.38 -31.07 5.45
C LEU B 3069 -4.66 -30.74 4.15
N CYS B 3070 -5.36 -30.86 3.01
CA CYS B 3070 -4.82 -30.48 1.68
C CYS B 3070 -5.12 -29.00 1.39
N HIS B 3071 -5.28 -28.20 2.45
CA HIS B 3071 -5.64 -26.77 2.32
C HIS B 3071 -4.56 -26.07 1.50
N THR B 3072 -4.97 -25.40 0.43
CA THR B 3072 -4.06 -24.57 -0.41
C THR B 3072 -4.44 -23.11 -0.20
N PRO B 3073 -3.73 -22.34 0.66
CA PRO B 3073 -4.04 -20.93 0.83
C PRO B 3073 -3.84 -20.17 -0.49
N GLU B 3074 -4.72 -19.19 -0.75
CA GLU B 3074 -4.68 -18.42 -2.02
C GLU B 3074 -3.41 -17.56 -2.05
N PRO B 3075 -2.53 -17.68 -3.07
CA PRO B 3075 -1.47 -16.70 -3.27
C PRO B 3075 -2.12 -15.39 -3.78
N THR B 3076 -2.43 -14.47 -2.85
CA THR B 3076 -3.19 -13.22 -3.14
C THR B 3076 -2.27 -12.06 -3.52
N CYS B 3077 -0.94 -12.20 -3.34
CA CYS B 3077 0.06 -11.11 -3.46
C CYS B 3077 -0.25 -10.02 -2.42
N PRO B 3078 0.02 -10.24 -1.10
CA PRO B 3078 -0.51 -9.39 -0.03
C PRO B 3078 0.00 -7.94 0.07
N LEU B 3079 1.21 -7.65 -0.45
CA LEU B 3079 1.82 -6.30 -0.42
C LEU B 3079 1.29 -5.44 -1.59
N HIS B 3080 2.04 -4.40 -1.98
CA HIS B 3080 1.77 -3.64 -3.24
C HIS B 3080 2.24 -4.49 -4.42
N GLN B 3081 1.68 -5.70 -4.58
CA GLN B 3081 2.12 -6.73 -5.56
C GLN B 3081 0.92 -7.22 -6.36
N PHE B 3082 1.13 -7.54 -7.65
CA PHE B 3082 0.04 -7.89 -8.60
C PHE B 3082 0.01 -9.40 -8.89
N ARG B 3083 -1.18 -10.00 -8.82
CA ARG B 3083 -1.40 -11.45 -9.08
C ARG B 3083 -1.47 -11.75 -10.59
N CYS B 3084 -0.60 -12.66 -11.02
CA CYS B 3084 -0.65 -13.34 -12.34
C CYS B 3084 -1.62 -14.54 -12.24
N ASP B 3085 -2.46 -14.77 -13.23
CA ASP B 3085 -3.48 -15.86 -13.22
C ASP B 3085 -2.85 -17.19 -12.77
N ASN B 3086 -1.66 -17.52 -13.30
CA ASN B 3086 -0.95 -18.80 -13.03
C ASN B 3086 -0.50 -18.95 -11.55
N GLY B 3087 -0.49 -17.87 -10.76
CA GLY B 3087 -0.10 -17.90 -9.34
C GLY B 3087 1.11 -17.06 -8.99
N HIS B 3088 1.81 -16.46 -9.98
CA HIS B 3088 2.98 -15.60 -9.71
C HIS B 3088 2.53 -14.25 -9.12
N CYS B 3089 3.46 -13.59 -8.42
CA CYS B 3089 3.32 -12.17 -8.00
C CYS B 3089 4.43 -11.30 -8.63
N ILE B 3090 4.09 -10.06 -8.96
CA ILE B 3090 5.05 -9.08 -9.56
C ILE B 3090 4.94 -7.73 -8.86
N GLU B 3091 6.06 -7.02 -8.73
CA GLU B 3091 6.08 -5.65 -8.14
C GLU B 3091 5.34 -4.69 -9.07
N MET B 3092 4.79 -3.59 -8.51
CA MET B 3092 3.84 -2.67 -9.19
C MET B 3092 4.40 -2.13 -10.53
N GLY B 3093 5.73 -1.99 -10.68
CA GLY B 3093 6.35 -1.51 -11.92
C GLY B 3093 6.14 -2.46 -13.09
N ARG B 3094 5.84 -3.75 -12.82
CA ARG B 3094 5.67 -4.83 -13.82
C ARG B 3094 4.22 -4.90 -14.32
N VAL B 3095 3.35 -3.98 -13.91
CA VAL B 3095 1.95 -3.94 -14.41
C VAL B 3095 1.84 -2.87 -15.51
N CYS B 3096 1.21 -3.20 -16.63
CA CYS B 3096 0.90 -2.25 -17.74
C CYS B 3096 2.18 -1.56 -18.20
N ASN B 3097 3.19 -2.36 -18.53
CA ASN B 3097 4.49 -1.84 -19.05
C ASN B 3097 4.80 -2.51 -20.39
N HIS B 3098 3.78 -3.06 -21.07
CA HIS B 3098 3.88 -3.62 -22.44
C HIS B 3098 4.85 -4.79 -22.49
N VAL B 3099 5.09 -5.45 -21.36
CA VAL B 3099 5.93 -6.68 -21.30
C VAL B 3099 5.18 -7.71 -20.47
N ASP B 3100 5.01 -8.93 -21.01
CA ASP B 3100 4.31 -10.02 -20.29
C ASP B 3100 5.22 -10.54 -19.18
N ASP B 3101 5.15 -9.93 -18.00
CA ASP B 3101 5.96 -10.36 -16.84
C ASP B 3101 5.29 -11.53 -16.12
N CYS B 3102 4.01 -11.78 -16.38
CA CYS B 3102 3.24 -12.85 -15.74
C CYS B 3102 3.29 -14.17 -16.52
N SER B 3103 3.75 -14.14 -17.79
CA SER B 3103 3.79 -15.34 -18.68
C SER B 3103 2.36 -15.85 -18.93
N ASP B 3104 1.35 -15.03 -18.67
CA ASP B 3104 -0.06 -15.36 -18.99
C ASP B 3104 -0.78 -14.08 -19.44
N ASN B 3105 -0.03 -12.98 -19.56
CA ASN B 3105 -0.54 -11.65 -19.98
C ASN B 3105 -1.57 -11.11 -18.98
N SER B 3106 -1.55 -11.53 -17.71
CA SER B 3106 -2.46 -10.99 -16.66
C SER B 3106 -2.22 -9.49 -16.45
N ASP B 3107 -0.96 -9.07 -16.59
CA ASP B 3107 -0.47 -7.69 -16.32
C ASP B 3107 -0.66 -6.75 -17.53
N GLU B 3108 -1.05 -7.28 -18.71
CA GLU B 3108 -1.13 -6.47 -19.94
C GLU B 3108 -2.47 -6.63 -20.67
N LYS B 3109 -3.38 -7.53 -20.24
CA LYS B 3109 -4.69 -7.75 -20.91
C LYS B 3109 -5.66 -6.61 -20.58
N GLY B 3110 -5.28 -5.35 -20.88
CA GLY B 3110 -6.06 -4.15 -20.54
C GLY B 3110 -5.27 -2.87 -20.77
N CYS B 3111 -5.08 -2.07 -19.70
CA CYS B 3111 -4.21 -0.86 -19.71
C CYS B 3111 -4.72 0.15 -20.74
N GLY B 3112 -5.91 0.72 -20.50
CA GLY B 3112 -6.44 1.82 -21.33
C GLY B 3112 -7.94 1.68 -21.57
N ILE B 3113 -8.45 0.45 -21.66
CA ILE B 3113 -9.91 0.19 -21.75
C ILE B 3113 -10.50 0.34 -20.34
N ASN B 3114 -11.72 0.90 -20.26
CA ASN B 3114 -12.39 1.14 -18.95
C ASN B 3114 -13.85 0.69 -19.09
N GLU B 3115 -14.16 -0.55 -18.67
CA GLU B 3115 -15.54 -1.06 -18.83
C GLU B 3115 -16.51 -0.30 -17.92
N CYS B 3116 -16.07 0.40 -16.86
CA CYS B 3116 -17.01 1.28 -16.11
C CYS B 3116 -17.45 2.47 -16.97
N LEU B 3117 -16.68 2.84 -18.00
CA LEU B 3117 -17.13 3.81 -19.03
C LEU B 3117 -17.87 3.09 -20.15
N ASP B 3118 -17.54 1.82 -20.45
CA ASP B 3118 -18.37 0.98 -21.36
C ASP B 3118 -19.53 0.37 -20.55
N SER B 3119 -20.50 1.21 -20.19
CA SER B 3119 -21.70 0.87 -19.38
C SER B 3119 -22.41 -0.38 -19.89
N SER B 3120 -22.36 -0.65 -21.20
CA SER B 3120 -22.99 -1.83 -21.84
C SER B 3120 -22.35 -3.16 -21.40
N ILE B 3121 -21.11 -3.16 -20.87
CA ILE B 3121 -20.41 -4.42 -20.46
C ILE B 3121 -20.14 -4.42 -18.95
N SER B 3122 -19.83 -3.27 -18.30
CA SER B 3122 -19.79 -3.23 -16.82
C SER B 3122 -21.19 -3.51 -16.25
N ARG B 3123 -22.23 -2.87 -16.83
CA ARG B 3123 -23.67 -3.11 -16.54
C ARG B 3123 -24.05 -2.90 -15.06
N CYS B 3124 -23.14 -2.38 -14.21
CA CYS B 3124 -23.40 -2.21 -12.76
C CYS B 3124 -24.59 -1.26 -12.56
N ASP B 3125 -25.69 -1.72 -11.95
CA ASP B 3125 -26.80 -0.82 -11.56
C ASP B 3125 -26.31 0.15 -10.48
N HIS B 3126 -25.55 -0.35 -9.49
CA HIS B 3126 -24.88 0.51 -8.49
C HIS B 3126 -23.52 0.95 -9.03
N ASN B 3127 -22.69 1.58 -8.18
CA ASN B 3127 -21.38 2.14 -8.56
C ASN B 3127 -20.43 1.08 -9.12
N CYS B 3128 -19.43 1.55 -9.86
CA CYS B 3128 -18.44 0.71 -10.58
C CYS B 3128 -17.03 1.24 -10.25
N THR B 3129 -16.02 0.40 -10.40
CA THR B 3129 -14.61 0.82 -10.27
C THR B 3129 -13.77 0.04 -11.29
N ASP B 3130 -13.10 0.78 -12.18
CA ASP B 3130 -12.14 0.16 -13.12
C ASP B 3130 -10.75 0.32 -12.51
N THR B 3131 -10.22 -0.76 -11.94
CA THR B 3131 -8.81 -0.79 -11.48
C THR B 3131 -7.89 -0.95 -12.69
N ILE B 3132 -6.57 -0.92 -12.47
CA ILE B 3132 -5.51 -0.82 -13.52
C ILE B 3132 -5.80 -1.75 -14.71
N THR B 3133 -6.21 -3.00 -14.41
CA THR B 3133 -6.52 -4.05 -15.41
C THR B 3133 -7.97 -3.95 -15.93
N SER B 3134 -8.98 -3.85 -15.05
CA SER B 3134 -10.40 -4.13 -15.42
C SER B 3134 -11.40 -3.59 -14.39
N PHE B 3135 -12.69 -3.66 -14.74
CA PHE B 3135 -13.83 -3.24 -13.89
C PHE B 3135 -14.18 -4.26 -12.79
N TYR B 3136 -14.88 -3.74 -11.77
CA TYR B 3136 -15.84 -4.52 -10.95
C TYR B 3136 -17.00 -3.60 -10.54
N CYS B 3137 -18.16 -4.21 -10.31
CA CYS B 3137 -19.34 -3.53 -9.71
C CYS B 3137 -19.18 -3.46 -8.19
N SER B 3138 -19.97 -2.60 -7.53
CA SER B 3138 -20.01 -2.50 -6.04
C SER B 3138 -21.38 -2.01 -5.59
N CYS B 3139 -22.08 -2.81 -4.77
CA CYS B 3139 -23.47 -2.47 -4.35
C CYS B 3139 -23.44 -1.31 -3.34
N LEU B 3140 -24.44 -0.45 -3.43
CA LEU B 3140 -24.73 0.57 -2.38
C LEU B 3140 -25.10 -0.18 -1.09
N PRO B 3141 -24.96 0.46 0.08
CA PRO B 3141 -25.18 -0.24 1.33
C PRO B 3141 -26.67 -0.59 1.47
N GLY B 3142 -26.94 -1.68 2.19
CA GLY B 3142 -28.28 -2.28 2.29
C GLY B 3142 -28.53 -3.28 1.17
N TYR B 3143 -27.62 -3.38 0.19
CA TYR B 3143 -27.72 -4.38 -0.89
C TYR B 3143 -26.47 -5.26 -0.87
N LYS B 3144 -26.65 -6.52 -1.27
CA LYS B 3144 -25.57 -7.54 -1.24
C LYS B 3144 -25.23 -7.95 -2.67
N LEU B 3145 -23.97 -8.31 -2.89
CA LEU B 3145 -23.47 -8.81 -4.19
C LEU B 3145 -23.59 -10.33 -4.21
N MET B 3146 -23.79 -10.91 -5.40
CA MET B 3146 -23.97 -12.38 -5.54
C MET B 3146 -23.01 -12.91 -6.62
N SER B 3147 -23.28 -14.12 -7.10
CA SER B 3147 -22.38 -14.88 -8.01
C SER B 3147 -22.07 -14.05 -9.27
N ASP B 3148 -23.07 -13.35 -9.82
CA ASP B 3148 -22.94 -12.75 -11.17
C ASP B 3148 -21.95 -11.58 -11.14
N LYS B 3149 -21.60 -11.06 -9.95
CA LYS B 3149 -20.62 -9.95 -9.79
C LYS B 3149 -21.09 -8.69 -10.52
N ARG B 3150 -22.38 -8.59 -10.87
CA ARG B 3150 -22.90 -7.44 -11.64
C ARG B 3150 -24.19 -6.95 -10.99
N SER B 3151 -24.98 -7.86 -10.43
CA SER B 3151 -26.31 -7.53 -9.87
C SER B 3151 -26.18 -7.22 -8.37
N CYS B 3152 -27.28 -6.73 -7.78
CA CYS B 3152 -27.38 -6.54 -6.32
C CYS B 3152 -28.70 -7.13 -5.83
N VAL B 3153 -28.76 -7.45 -4.54
CA VAL B 3153 -30.01 -7.92 -3.90
C VAL B 3153 -30.19 -7.15 -2.60
N ASP B 3154 -31.44 -6.89 -2.21
CA ASP B 3154 -31.74 -6.29 -0.89
C ASP B 3154 -31.33 -7.28 0.21
N ILE B 3155 -30.68 -6.77 1.24
CA ILE B 3155 -30.38 -7.59 2.44
C ILE B 3155 -31.66 -7.72 3.27
N ASP B 3156 -31.92 -8.93 3.77
CA ASP B 3156 -33.03 -9.15 4.72
C ASP B 3156 -32.53 -8.89 6.14
N GLU B 3157 -32.32 -7.61 6.47
CA GLU B 3157 -31.55 -7.23 7.68
C GLU B 3157 -32.22 -7.77 8.95
N CYS B 3158 -33.54 -7.95 8.92
CA CYS B 3158 -34.26 -8.46 10.12
C CYS B 3158 -33.97 -9.96 10.32
N LYS B 3159 -33.40 -10.67 9.33
CA LYS B 3159 -33.05 -12.10 9.50
C LYS B 3159 -31.54 -12.32 9.35
N GLU B 3160 -30.84 -11.55 8.51
CA GLU B 3160 -29.37 -11.70 8.42
C GLU B 3160 -28.71 -11.11 9.69
N SER B 3161 -29.15 -9.92 10.11
CA SER B 3161 -28.52 -9.22 11.25
C SER B 3161 -29.61 -8.72 12.21
N PRO B 3162 -30.27 -9.61 12.98
CA PRO B 3162 -31.28 -9.16 13.94
C PRO B 3162 -30.73 -8.32 15.09
N GLN B 3163 -29.40 -8.20 15.21
CA GLN B 3163 -28.77 -7.45 16.33
C GLN B 3163 -29.03 -5.95 16.19
N LEU B 3164 -29.40 -5.48 15.00
CA LEU B 3164 -29.55 -4.03 14.75
C LEU B 3164 -30.72 -3.50 15.61
N CYS B 3165 -31.89 -4.14 15.51
CA CYS B 3165 -33.11 -3.60 16.16
C CYS B 3165 -33.47 -4.51 17.33
N SER B 3166 -33.50 -3.96 18.54
CA SER B 3166 -34.12 -4.69 19.68
C SER B 3166 -35.63 -4.75 19.44
N GLN B 3167 -36.24 -5.88 19.80
CA GLN B 3167 -37.65 -6.22 19.48
C GLN B 3167 -37.87 -6.24 17.96
N LYS B 3168 -39.13 -6.16 17.53
CA LYS B 3168 -39.57 -6.47 16.14
C LYS B 3168 -38.77 -5.66 15.12
N CYS B 3169 -38.47 -6.28 13.99
CA CYS B 3169 -37.78 -5.61 12.86
C CYS B 3169 -38.60 -5.85 11.59
N GLU B 3170 -38.71 -4.82 10.75
CA GLU B 3170 -39.48 -4.91 9.49
C GLU B 3170 -38.54 -4.58 8.33
N ASN B 3171 -38.39 -5.54 7.42
CA ASN B 3171 -37.40 -5.41 6.31
C ASN B 3171 -38.00 -4.55 5.20
N VAL B 3172 -37.16 -3.68 4.64
CA VAL B 3172 -37.54 -2.87 3.45
C VAL B 3172 -36.46 -3.09 2.40
N VAL B 3173 -36.83 -2.85 1.13
CA VAL B 3173 -35.84 -2.84 0.01
C VAL B 3173 -34.78 -1.79 0.32
N GLY B 3174 -33.56 -2.25 0.60
CA GLY B 3174 -32.40 -1.36 0.80
C GLY B 3174 -32.33 -0.75 2.19
N SER B 3175 -33.23 -1.11 3.11
CA SER B 3175 -33.16 -0.59 4.50
C SER B 3175 -34.03 -1.43 5.43
N TYR B 3176 -34.20 -0.97 6.67
CA TYR B 3176 -34.99 -1.71 7.67
C TYR B 3176 -35.65 -0.70 8.62
N ILE B 3177 -36.68 -1.15 9.32
CA ILE B 3177 -37.36 -0.33 10.35
C ILE B 3177 -37.39 -1.15 11.63
N CYS B 3178 -37.08 -0.51 12.76
CA CYS B 3178 -37.17 -1.15 14.10
C CYS B 3178 -38.51 -0.77 14.72
N LYS B 3179 -39.23 -1.76 15.26
CA LYS B 3179 -40.55 -1.56 15.89
C LYS B 3179 -40.54 -2.21 17.26
N CYS B 3180 -41.01 -1.51 18.28
CA CYS B 3180 -41.18 -2.15 19.61
C CYS B 3180 -42.51 -2.91 19.62
N ALA B 3181 -42.52 -4.04 20.34
CA ALA B 3181 -43.74 -4.83 20.54
C ALA B 3181 -44.72 -4.00 21.38
N PRO B 3182 -46.04 -4.17 21.21
CA PRO B 3182 -47.03 -3.40 21.97
C PRO B 3182 -46.81 -3.54 23.49
N GLY B 3183 -46.88 -2.39 24.18
CA GLY B 3183 -46.55 -2.29 25.61
C GLY B 3183 -45.13 -1.82 25.86
N TYR B 3184 -44.27 -1.73 24.84
CA TYR B 3184 -42.96 -1.06 24.97
C TYR B 3184 -42.94 0.20 24.11
N ILE B 3185 -42.24 1.23 24.61
CA ILE B 3185 -42.08 2.53 23.89
C ILE B 3185 -40.70 2.56 23.22
N ARG B 3186 -40.66 3.15 22.01
CA ARG B 3186 -39.42 3.25 21.21
C ARG B 3186 -38.68 4.54 21.62
N GLU B 3187 -37.47 4.38 22.16
CA GLU B 3187 -36.66 5.55 22.57
C GLU B 3187 -36.21 6.30 21.32
N PRO B 3188 -35.94 7.62 21.42
CA PRO B 3188 -35.63 8.42 20.23
C PRO B 3188 -34.43 7.92 19.41
N ASP B 3189 -33.56 7.10 20.00
CA ASP B 3189 -32.38 6.53 19.32
C ASP B 3189 -32.82 5.56 18.24
N GLY B 3190 -34.09 5.09 18.26
CA GLY B 3190 -34.64 4.16 17.27
C GLY B 3190 -34.17 2.72 17.48
N LYS B 3191 -33.48 2.43 18.59
CA LYS B 3191 -32.91 1.07 18.81
C LYS B 3191 -33.17 0.57 20.23
N SER B 3192 -33.62 1.42 21.17
CA SER B 3192 -33.96 0.96 22.54
C SER B 3192 -35.48 0.89 22.68
N CYS B 3193 -35.97 -0.23 23.23
CA CYS B 3193 -37.39 -0.33 23.66
C CYS B 3193 -37.42 -0.38 25.19
N ARG B 3194 -38.19 0.53 25.81
CA ARG B 3194 -38.39 0.53 27.28
C ARG B 3194 -39.79 0.00 27.58
N GLN B 3195 -39.94 -0.78 28.63
CA GLN B 3195 -41.28 -1.20 29.10
C GLN B 3195 -42.11 0.05 29.45
N ASN B 3196 -43.38 0.05 29.05
CA ASN B 3196 -44.31 1.16 29.34
C ASN B 3196 -45.06 0.93 30.66
N SER B 3197 -45.03 -0.30 31.19
CA SER B 3197 -45.76 -0.64 32.43
C SER B 3197 -45.15 0.10 33.63
N ASN B 3198 -45.97 0.29 34.67
CA ASN B 3198 -45.45 0.79 35.97
C ASN B 3198 -45.01 -0.37 36.85
N ILE B 3199 -45.23 -1.62 36.45
CA ILE B 3199 -44.77 -2.79 37.23
C ILE B 3199 -43.30 -3.07 36.89
N GLU B 3200 -42.47 -3.21 37.92
CA GLU B 3200 -41.02 -3.41 37.73
C GLU B 3200 -40.71 -4.90 37.81
N PRO B 3201 -40.00 -5.48 36.83
CA PRO B 3201 -39.72 -6.92 36.80
C PRO B 3201 -38.73 -7.33 37.89
N TYR B 3202 -38.87 -8.58 38.32
CA TYR B 3202 -37.91 -9.21 39.26
C TYR B 3202 -37.74 -10.67 38.87
N LEU B 3203 -36.64 -11.27 39.32
CA LEU B 3203 -36.25 -12.66 38.98
C LEU B 3203 -36.66 -13.57 40.13
N ILE B 3204 -37.47 -14.58 39.84
CA ILE B 3204 -37.71 -15.70 40.78
C ILE B 3204 -36.83 -16.87 40.32
N PHE B 3205 -35.98 -17.38 41.21
CA PHE B 3205 -35.17 -18.54 40.83
C PHE B 3205 -35.09 -19.53 41.99
N SER B 3206 -34.75 -20.78 41.65
CA SER B 3206 -34.73 -21.90 42.60
C SER B 3206 -33.30 -22.31 42.96
N ASN B 3207 -33.03 -22.45 44.25
CA ASN B 3207 -31.91 -23.25 44.78
C ASN B 3207 -32.44 -24.62 45.21
N ARG B 3208 -31.56 -25.45 45.78
CA ARG B 3208 -31.94 -26.73 46.42
C ARG B 3208 -33.17 -26.54 47.32
N TYR B 3209 -33.02 -25.78 48.41
CA TYR B 3209 -34.08 -25.70 49.45
C TYR B 3209 -34.96 -24.45 49.30
N TYR B 3210 -34.58 -23.49 48.44
CA TYR B 3210 -35.15 -22.13 48.48
C TYR B 3210 -35.63 -21.69 47.11
N ILE B 3211 -36.75 -20.99 47.08
CA ILE B 3211 -37.13 -20.14 45.93
C ILE B 3211 -36.89 -18.70 46.36
N ARG B 3212 -36.25 -17.90 45.50
CA ARG B 3212 -35.70 -16.60 45.93
C ARG B 3212 -36.22 -15.46 45.06
N ASN B 3213 -36.32 -14.28 45.69
CA ASN B 3213 -36.66 -12.99 45.05
C ASN B 3213 -35.36 -12.23 44.79
N LEU B 3214 -35.15 -11.81 43.55
CA LEU B 3214 -33.96 -11.00 43.20
C LEU B 3214 -34.38 -9.94 42.19
N THR B 3215 -34.23 -8.65 42.51
CA THR B 3215 -34.54 -7.59 41.52
C THR B 3215 -33.54 -7.67 40.37
N THR B 3216 -33.96 -7.28 39.17
CA THR B 3216 -33.12 -7.39 37.94
C THR B 3216 -31.84 -6.58 38.06
N ASP B 3217 -31.81 -5.58 38.94
CA ASP B 3217 -30.62 -4.73 39.19
C ASP B 3217 -29.71 -5.33 40.28
N GLY B 3218 -30.13 -6.44 40.90
CA GLY B 3218 -29.40 -7.11 41.99
C GLY B 3218 -29.52 -6.40 43.34
N SER B 3219 -30.15 -5.22 43.42
CA SER B 3219 -30.15 -4.40 44.66
C SER B 3219 -30.83 -5.16 45.81
N SER B 3220 -32.02 -5.72 45.56
CA SER B 3220 -32.85 -6.34 46.62
C SER B 3220 -32.88 -7.85 46.41
N TYR B 3221 -32.76 -8.62 47.49
CA TYR B 3221 -32.57 -10.08 47.39
C TYR B 3221 -33.17 -10.74 48.62
N SER B 3222 -34.36 -11.32 48.46
CA SER B 3222 -35.15 -11.85 49.59
C SER B 3222 -35.65 -13.25 49.22
N LEU B 3223 -36.21 -13.93 50.22
CA LEU B 3223 -36.58 -15.36 50.12
C LEU B 3223 -38.09 -15.47 49.96
N ILE B 3224 -38.53 -16.35 49.06
CA ILE B 3224 -39.98 -16.56 48.81
C ILE B 3224 -40.42 -17.77 49.62
N LEU B 3225 -39.61 -18.84 49.62
CA LEU B 3225 -39.96 -20.06 50.39
C LEU B 3225 -38.68 -20.74 50.85
N GLN B 3226 -38.80 -21.60 51.87
CA GLN B 3226 -37.65 -22.34 52.42
C GLN B 3226 -38.12 -23.69 52.94
N GLY B 3227 -37.17 -24.61 53.14
CA GLY B 3227 -37.43 -25.97 53.63
C GLY B 3227 -37.86 -26.92 52.52
N LEU B 3228 -37.80 -26.51 51.25
CA LEU B 3228 -38.21 -27.40 50.13
C LEU B 3228 -37.09 -28.42 49.90
N GLY B 3229 -37.45 -29.58 49.36
CA GLY B 3229 -36.51 -30.69 49.17
C GLY B 3229 -35.46 -30.38 48.11
N ASN B 3230 -35.88 -30.31 46.85
CA ASN B 3230 -34.95 -30.06 45.73
C ASN B 3230 -35.75 -29.44 44.58
N VAL B 3231 -35.71 -28.11 44.49
CA VAL B 3231 -36.55 -27.40 43.50
C VAL B 3231 -35.76 -27.31 42.20
N VAL B 3232 -35.95 -28.29 41.32
CA VAL B 3232 -35.14 -28.33 40.07
C VAL B 3232 -35.74 -27.41 39.03
N ALA B 3233 -37.06 -27.13 39.10
CA ALA B 3233 -37.69 -26.25 38.10
C ALA B 3233 -38.92 -25.59 38.70
N LEU B 3234 -39.25 -24.40 38.20
CA LEU B 3234 -40.50 -23.71 38.57
C LEU B 3234 -41.01 -22.89 37.39
N ASP B 3235 -42.29 -22.51 37.48
CA ASP B 3235 -42.87 -21.54 36.53
C ASP B 3235 -44.02 -20.82 37.22
N PHE B 3236 -44.43 -19.70 36.64
CA PHE B 3236 -45.44 -18.82 37.25
C PHE B 3236 -46.63 -18.68 36.29
N ASP B 3237 -47.77 -18.38 36.88
CA ASP B 3237 -49.00 -18.09 36.12
C ASP B 3237 -49.36 -16.63 36.35
N ARG B 3238 -49.41 -15.84 35.28
CA ARG B 3238 -49.76 -14.41 35.36
C ARG B 3238 -51.24 -14.26 35.74
N VAL B 3239 -52.08 -15.17 35.24
CA VAL B 3239 -53.55 -14.95 35.20
C VAL B 3239 -54.09 -14.90 36.63
N GLU B 3240 -53.66 -15.80 37.51
CA GLU B 3240 -54.18 -15.80 38.90
C GLU B 3240 -53.01 -15.82 39.89
N LYS B 3241 -51.82 -15.41 39.44
CA LYS B 3241 -50.67 -15.14 40.35
C LYS B 3241 -50.36 -16.37 41.20
N ARG B 3242 -50.14 -17.50 40.52
CA ARG B 3242 -49.73 -18.75 41.20
C ARG B 3242 -48.30 -19.07 40.78
N LEU B 3243 -47.59 -19.77 41.65
CA LEU B 3243 -46.22 -20.26 41.35
C LEU B 3243 -46.25 -21.78 41.40
N TYR B 3244 -45.72 -22.41 40.35
CA TYR B 3244 -45.66 -23.89 40.27
C TYR B 3244 -44.20 -24.31 40.31
N TRP B 3245 -43.90 -25.44 40.94
CA TRP B 3245 -42.50 -25.92 41.04
C TRP B 3245 -42.46 -27.43 41.19
N ILE B 3246 -41.31 -28.00 40.85
CA ILE B 3246 -41.09 -29.47 40.97
C ILE B 3246 -40.11 -29.68 42.12
N ASP B 3247 -40.53 -30.47 43.10
CA ASP B 3247 -39.62 -30.91 44.18
C ASP B 3247 -39.08 -32.28 43.79
N ALA B 3248 -37.87 -32.34 43.22
CA ALA B 3248 -37.28 -33.56 42.66
C ALA B 3248 -37.02 -34.61 43.75
N GLU B 3249 -36.93 -34.20 45.02
CA GLU B 3249 -36.69 -35.18 46.11
C GLU B 3249 -37.97 -35.96 46.40
N LYS B 3250 -39.09 -35.25 46.58
CA LYS B 3250 -40.38 -35.90 46.88
C LYS B 3250 -41.05 -36.39 45.59
N GLN B 3251 -40.57 -35.93 44.43
CA GLN B 3251 -41.16 -36.24 43.11
C GLN B 3251 -42.63 -35.82 43.09
N ILE B 3252 -42.90 -34.59 43.52
CA ILE B 3252 -44.26 -33.99 43.46
C ILE B 3252 -44.19 -32.64 42.77
N ILE B 3253 -45.33 -32.20 42.26
CA ILE B 3253 -45.47 -30.84 41.70
C ILE B 3253 -46.45 -30.07 42.60
N GLU B 3254 -45.99 -28.94 43.12
CA GLU B 3254 -46.80 -28.11 44.03
C GLU B 3254 -47.17 -26.80 43.36
N ARG B 3255 -48.09 -26.07 43.98
CA ARG B 3255 -48.43 -24.72 43.52
C ARG B 3255 -48.83 -23.89 44.73
N MET B 3256 -48.74 -22.57 44.59
CA MET B 3256 -48.99 -21.64 45.71
C MET B 3256 -49.17 -20.24 45.14
N PHE B 3257 -50.04 -19.45 45.77
CA PHE B 3257 -50.25 -18.05 45.39
C PHE B 3257 -49.00 -17.25 45.70
N LEU B 3258 -48.80 -16.14 44.99
CA LEU B 3258 -47.62 -15.30 45.23
C LEU B 3258 -47.72 -14.51 46.53
N ASN B 3259 -48.89 -14.47 47.20
CA ASN B 3259 -48.95 -13.89 48.57
C ASN B 3259 -48.58 -14.95 49.61
N LYS B 3260 -48.05 -16.11 49.17
CA LYS B 3260 -47.58 -17.22 50.06
C LYS B 3260 -48.77 -17.80 50.83
N THR B 3261 -49.84 -18.18 50.13
CA THR B 3261 -51.01 -18.85 50.74
C THR B 3261 -51.44 -20.01 49.85
N ASN B 3262 -52.26 -20.92 50.40
CA ASN B 3262 -52.88 -22.04 49.64
C ASN B 3262 -51.80 -22.86 48.95
N ARG B 3263 -50.70 -23.14 49.65
CA ARG B 3263 -49.68 -24.09 49.13
C ARG B 3263 -50.34 -25.47 49.08
N GLU B 3264 -50.24 -26.13 47.92
CA GLU B 3264 -50.91 -27.44 47.74
C GLU B 3264 -50.12 -28.27 46.72
N THR B 3265 -50.36 -29.57 46.73
CA THR B 3265 -49.73 -30.52 45.79
C THR B 3265 -50.77 -30.94 44.76
N ILE B 3266 -50.41 -30.89 43.49
CA ILE B 3266 -51.39 -31.22 42.41
C ILE B 3266 -51.03 -32.56 41.78
N ILE B 3267 -49.74 -32.85 41.59
CA ILE B 3267 -49.29 -34.17 41.07
C ILE B 3267 -48.45 -34.82 42.17
N ASN B 3268 -48.82 -36.04 42.55
CA ASN B 3268 -48.00 -36.82 43.52
C ASN B 3268 -47.99 -38.30 43.12
N HIS B 3269 -48.29 -38.61 41.85
CA HIS B 3269 -48.37 -40.03 41.41
C HIS B 3269 -47.49 -40.21 40.18
N ARG B 3270 -47.05 -41.46 39.98
CA ARG B 3270 -46.02 -41.83 38.98
C ARG B 3270 -44.87 -40.84 39.11
N LEU B 3271 -44.59 -40.08 38.03
CA LEU B 3271 -43.59 -38.98 38.04
C LEU B 3271 -42.23 -39.54 38.50
N ARG B 3272 -41.67 -40.48 37.73
CA ARG B 3272 -40.37 -41.12 38.08
C ARG B 3272 -39.30 -40.03 38.22
N ARG B 3273 -39.10 -39.20 37.19
CA ARG B 3273 -38.09 -38.13 37.29
C ARG B 3273 -38.47 -36.98 36.37
N ALA B 3274 -39.16 -35.98 36.93
CA ALA B 3274 -39.52 -34.77 36.16
C ALA B 3274 -38.36 -33.78 36.25
N GLU B 3275 -38.04 -33.14 35.11
CA GLU B 3275 -36.85 -32.26 35.03
C GLU B 3275 -37.27 -30.80 34.82
N SER B 3276 -38.17 -30.53 33.88
CA SER B 3276 -38.52 -29.13 33.53
C SER B 3276 -40.02 -29.06 33.30
N LEU B 3277 -40.62 -27.93 33.68
CA LEU B 3277 -42.08 -27.73 33.47
C LEU B 3277 -42.33 -26.31 32.99
N ALA B 3278 -43.47 -26.12 32.35
CA ALA B 3278 -43.90 -24.81 31.84
C ALA B 3278 -45.42 -24.72 31.99
N VAL B 3279 -45.89 -23.54 32.39
CA VAL B 3279 -47.33 -23.33 32.64
C VAL B 3279 -47.92 -22.64 31.43
N ASP B 3280 -49.03 -23.17 30.92
CA ASP B 3280 -49.71 -22.60 29.73
C ASP B 3280 -50.74 -21.59 30.22
N TRP B 3281 -50.42 -20.31 30.11
CA TRP B 3281 -51.32 -19.25 30.66
C TRP B 3281 -52.53 -19.10 29.75
N VAL B 3282 -52.43 -19.47 28.47
CA VAL B 3282 -53.54 -19.23 27.52
C VAL B 3282 -54.63 -20.29 27.73
N SER B 3283 -54.30 -21.56 27.48
CA SER B 3283 -55.29 -22.66 27.51
C SER B 3283 -55.36 -23.28 28.92
N ARG B 3284 -54.65 -22.73 29.91
CA ARG B 3284 -54.77 -23.16 31.33
C ARG B 3284 -54.34 -24.63 31.45
N LYS B 3285 -53.15 -24.95 30.92
CA LYS B 3285 -52.59 -26.31 31.00
C LYS B 3285 -51.20 -26.26 31.62
N LEU B 3286 -50.69 -27.43 32.00
CA LEU B 3286 -49.33 -27.61 32.53
C LEU B 3286 -48.62 -28.63 31.65
N TYR B 3287 -47.40 -28.32 31.19
CA TYR B 3287 -46.57 -29.23 30.39
C TYR B 3287 -45.31 -29.54 31.19
N TRP B 3288 -44.82 -30.79 31.21
CA TRP B 3288 -43.53 -31.10 31.86
C TRP B 3288 -42.87 -32.30 31.21
N LEU B 3289 -41.53 -32.36 31.32
CA LEU B 3289 -40.72 -33.44 30.73
C LEU B 3289 -40.36 -34.45 31.82
N ASP B 3290 -40.45 -35.73 31.47
CA ASP B 3290 -40.00 -36.82 32.37
C ASP B 3290 -38.75 -37.46 31.75
N ALA B 3291 -37.71 -37.65 32.55
CA ALA B 3291 -36.40 -38.12 32.07
C ALA B 3291 -36.31 -39.64 32.10
N ILE B 3292 -36.97 -40.31 33.05
CA ILE B 3292 -36.90 -41.79 33.12
C ILE B 3292 -37.91 -42.40 32.15
N LEU B 3293 -39.16 -41.92 32.15
CA LEU B 3293 -40.13 -42.43 31.16
C LEU B 3293 -39.78 -41.91 29.76
N ASP B 3294 -38.99 -40.82 29.68
CA ASP B 3294 -38.60 -40.20 28.39
C ASP B 3294 -39.87 -39.76 27.65
N CYS B 3295 -40.66 -38.91 28.29
CA CYS B 3295 -41.99 -38.51 27.75
C CYS B 3295 -42.20 -37.01 27.95
N LEU B 3296 -43.10 -36.43 27.16
CA LEU B 3296 -43.62 -35.07 27.39
C LEU B 3296 -45.05 -35.21 27.88
N PHE B 3297 -45.38 -34.63 29.03
CA PHE B 3297 -46.72 -34.77 29.63
C PHE B 3297 -47.50 -33.48 29.49
N VAL B 3298 -48.81 -33.59 29.70
CA VAL B 3298 -49.73 -32.42 29.74
C VAL B 3298 -50.80 -32.71 30.78
N SER B 3299 -51.27 -31.64 31.43
CA SER B 3299 -52.20 -31.78 32.56
C SER B 3299 -52.99 -30.50 32.75
N ASP B 3300 -54.12 -30.61 33.45
CA ASP B 3300 -54.89 -29.43 33.86
C ASP B 3300 -54.17 -28.76 35.03
N LEU B 3301 -54.40 -27.47 35.22
CA LEU B 3301 -53.67 -26.68 36.23
C LEU B 3301 -53.99 -27.18 37.63
N GLU B 3302 -55.13 -27.85 37.83
CA GLU B 3302 -55.41 -28.50 39.14
C GLU B 3302 -54.76 -29.89 39.18
N GLY B 3303 -54.21 -30.36 38.06
CA GLY B 3303 -53.50 -31.65 38.01
C GLY B 3303 -54.30 -32.78 37.41
N ARG B 3304 -55.61 -32.60 37.15
CA ARG B 3304 -56.49 -33.64 36.59
C ARG B 3304 -56.17 -33.87 35.10
N HIS B 3305 -56.62 -35.01 34.57
CA HIS B 3305 -56.46 -35.38 33.13
C HIS B 3305 -55.00 -35.34 32.70
N ARG B 3306 -54.13 -36.17 33.30
CA ARG B 3306 -52.74 -36.32 32.80
C ARG B 3306 -52.77 -37.06 31.46
N LYS B 3307 -51.99 -36.58 30.49
CA LYS B 3307 -51.84 -37.28 29.20
C LYS B 3307 -50.37 -37.23 28.76
N MET B 3308 -49.94 -38.30 28.10
CA MET B 3308 -48.57 -38.43 27.55
C MET B 3308 -48.64 -38.02 26.08
N ILE B 3309 -47.90 -36.97 25.70
CA ILE B 3309 -48.08 -36.23 24.40
C ILE B 3309 -46.98 -36.60 23.39
N ALA B 3310 -45.77 -36.94 23.85
CA ALA B 3310 -44.67 -37.31 22.93
C ALA B 3310 -43.76 -38.33 23.60
N GLN B 3311 -43.07 -39.10 22.76
CA GLN B 3311 -42.23 -40.25 23.19
C GLN B 3311 -41.40 -40.72 22.00
N HIS B 3312 -40.48 -41.66 22.26
CA HIS B 3312 -39.58 -42.27 21.23
C HIS B 3312 -38.78 -41.16 20.55
N CYS B 3313 -39.00 -40.89 19.25
CA CYS B 3313 -38.01 -40.18 18.44
C CYS B 3313 -38.67 -39.18 17.48
N VAL B 3314 -37.85 -38.26 16.95
CA VAL B 3314 -38.35 -37.02 16.31
C VAL B 3314 -37.96 -36.89 14.84
N ASP B 3315 -36.78 -37.32 14.39
CA ASP B 3315 -36.48 -37.43 12.96
C ASP B 3315 -36.98 -38.75 12.38
N ALA B 3316 -37.12 -38.82 11.05
CA ALA B 3316 -37.61 -40.02 10.32
C ALA B 3316 -36.80 -41.29 10.62
N ASN B 3317 -35.48 -41.15 10.74
CA ASN B 3317 -34.55 -42.27 10.99
C ASN B 3317 -34.58 -42.76 12.45
N ASN B 3318 -35.19 -41.99 13.36
CA ASN B 3318 -35.02 -42.13 14.80
C ASN B 3318 -33.56 -41.92 15.27
N THR B 3319 -32.79 -41.04 14.64
CA THR B 3319 -31.45 -40.63 15.12
C THR B 3319 -31.53 -39.89 16.45
N PHE B 3320 -32.57 -39.07 16.61
CA PHE B 3320 -32.81 -38.20 17.76
C PHE B 3320 -34.05 -38.67 18.52
N CYS B 3321 -33.85 -38.94 19.80
CA CYS B 3321 -34.83 -39.63 20.64
C CYS B 3321 -34.75 -39.10 22.05
N PHE B 3322 -35.86 -39.21 22.80
CA PHE B 3322 -35.89 -38.77 24.21
C PHE B 3322 -34.88 -39.62 24.98
N GLU B 3323 -33.76 -39.01 25.38
CA GLU B 3323 -32.72 -39.66 26.20
C GLU B 3323 -32.64 -38.96 27.56
N HIS B 3324 -32.36 -37.65 27.55
CA HIS B 3324 -32.29 -36.84 28.80
C HIS B 3324 -33.02 -35.52 28.51
N PRO B 3325 -34.36 -35.52 28.49
CA PRO B 3325 -35.09 -34.27 28.25
C PRO B 3325 -34.88 -33.29 29.41
N ARG B 3326 -34.50 -32.06 29.08
CA ARG B 3326 -34.32 -31.01 30.11
C ARG B 3326 -34.52 -29.66 29.46
N GLY B 3327 -35.27 -28.79 30.15
CA GLY B 3327 -35.59 -27.44 29.65
C GLY B 3327 -36.79 -27.51 28.73
N ILE B 3328 -37.81 -26.70 29.04
CA ILE B 3328 -39.05 -26.68 28.21
C ILE B 3328 -39.59 -25.26 28.19
N VAL B 3329 -40.09 -24.84 27.03
CA VAL B 3329 -40.70 -23.49 26.89
C VAL B 3329 -41.88 -23.60 25.95
N LEU B 3330 -42.86 -22.71 26.11
CA LEU B 3330 -44.08 -22.73 25.28
C LEU B 3330 -44.13 -21.46 24.43
N HIS B 3331 -44.74 -21.59 23.25
CA HIS B 3331 -45.01 -20.44 22.36
C HIS B 3331 -46.47 -20.55 21.95
N PRO B 3332 -47.42 -20.14 22.80
CA PRO B 3332 -48.84 -20.32 22.49
C PRO B 3332 -49.29 -19.64 21.18
N GLN B 3333 -48.61 -18.55 20.76
CA GLN B 3333 -49.01 -17.85 19.51
C GLN B 3333 -48.87 -18.80 18.32
N ARG B 3334 -47.79 -19.58 18.26
CA ARG B 3334 -47.60 -20.58 17.19
C ARG B 3334 -48.15 -21.95 17.61
N GLY B 3335 -48.62 -22.10 18.86
CA GLY B 3335 -49.13 -23.38 19.37
C GLY B 3335 -48.04 -24.46 19.40
N HIS B 3336 -46.80 -24.10 19.79
CA HIS B 3336 -45.67 -25.06 19.79
C HIS B 3336 -45.06 -25.21 21.18
N VAL B 3337 -44.44 -26.37 21.42
CA VAL B 3337 -43.68 -26.62 22.66
C VAL B 3337 -42.24 -26.95 22.27
N TYR B 3338 -41.27 -26.19 22.77
CA TYR B 3338 -39.85 -26.46 22.44
C TYR B 3338 -39.14 -27.05 23.66
N TRP B 3339 -38.30 -28.05 23.43
CA TRP B 3339 -37.53 -28.65 24.54
C TRP B 3339 -36.15 -29.07 24.04
N ALA B 3340 -35.24 -29.28 24.97
CA ALA B 3340 -33.85 -29.65 24.64
C ALA B 3340 -33.54 -31.00 25.28
N ASP B 3341 -32.52 -31.65 24.75
CA ASP B 3341 -32.08 -32.96 25.26
C ASP B 3341 -30.55 -33.00 25.23
N TRP B 3342 -29.93 -33.42 26.33
CA TRP B 3342 -28.46 -33.49 26.43
C TRP B 3342 -28.01 -34.95 26.36
N GLY B 3343 -28.79 -35.83 25.69
CA GLY B 3343 -28.35 -37.19 25.40
C GLY B 3343 -27.15 -37.21 24.46
N VAL B 3344 -26.66 -38.39 24.14
CA VAL B 3344 -25.47 -38.53 23.27
C VAL B 3344 -25.74 -37.84 21.94
N HIS B 3345 -26.95 -37.96 21.37
CA HIS B 3345 -27.36 -37.14 20.22
C HIS B 3345 -28.21 -35.98 20.71
N ALA B 3346 -27.54 -34.95 21.24
CA ALA B 3346 -28.20 -33.77 21.81
C ALA B 3346 -28.86 -32.96 20.70
N TYR B 3347 -30.04 -32.41 20.98
CA TYR B 3347 -30.85 -31.66 19.99
C TYR B 3347 -31.78 -30.70 20.72
N ILE B 3348 -32.40 -29.79 19.96
CA ILE B 3348 -33.60 -29.04 20.41
C ILE B 3348 -34.74 -29.46 19.50
N GLY B 3349 -35.83 -29.93 20.11
CA GLY B 3349 -37.02 -30.40 19.38
C GLY B 3349 -38.15 -29.39 19.45
N ARG B 3350 -39.14 -29.57 18.57
CA ARG B 3350 -40.38 -28.78 18.60
C ARG B 3350 -41.55 -29.71 18.34
N ILE B 3351 -42.71 -29.42 18.92
CA ILE B 3351 -43.94 -30.22 18.69
C ILE B 3351 -45.14 -29.28 18.82
N GLY B 3352 -46.25 -29.60 18.15
CA GLY B 3352 -47.52 -28.88 18.36
C GLY B 3352 -48.04 -29.14 19.77
N MET B 3353 -48.79 -28.19 20.33
CA MET B 3353 -49.22 -28.29 21.75
C MET B 3353 -50.16 -29.50 21.94
N ASP B 3354 -50.78 -30.03 20.86
CA ASP B 3354 -51.62 -31.25 20.96
C ASP B 3354 -50.86 -32.53 20.58
N GLY B 3355 -49.54 -32.45 20.34
CA GLY B 3355 -48.70 -33.62 20.07
C GLY B 3355 -48.47 -33.87 18.59
N THR B 3356 -49.09 -33.11 17.70
CA THR B 3356 -48.91 -33.29 16.24
C THR B 3356 -47.60 -32.62 15.77
N ASN B 3357 -47.09 -33.07 14.61
CA ASN B 3357 -46.13 -32.30 13.77
C ASN B 3357 -44.77 -32.08 14.49
N LYS B 3358 -44.24 -33.09 15.19
CA LYS B 3358 -42.93 -32.93 15.88
C LYS B 3358 -41.78 -32.88 14.85
N SER B 3359 -40.69 -32.20 15.19
CA SER B 3359 -39.49 -32.09 14.34
C SER B 3359 -38.24 -31.63 15.13
N VAL B 3360 -37.05 -31.88 14.57
CA VAL B 3360 -35.76 -31.29 15.04
C VAL B 3360 -35.65 -29.83 14.64
N ILE B 3361 -35.24 -28.96 15.57
CA ILE B 3361 -34.93 -27.54 15.26
C ILE B 3361 -33.42 -27.36 15.16
N ILE B 3362 -32.65 -27.86 16.13
CA ILE B 3362 -31.17 -27.77 16.14
C ILE B 3362 -30.62 -29.14 16.48
N SER B 3363 -29.59 -29.58 15.74
CA SER B 3363 -28.94 -30.89 15.98
C SER B 3363 -27.43 -30.82 15.74
N THR B 3364 -26.89 -29.71 15.26
CA THR B 3364 -25.46 -29.52 15.01
C THR B 3364 -24.86 -28.65 16.10
N LYS B 3365 -23.53 -28.69 16.23
CA LYS B 3365 -22.74 -27.81 17.12
C LYS B 3365 -23.38 -27.63 18.50
N ILE B 3366 -23.69 -28.76 19.12
CA ILE B 3366 -24.44 -28.85 20.37
C ILE B 3366 -23.92 -30.04 21.15
N GLU B 3367 -23.99 -30.00 22.48
CA GLU B 3367 -23.65 -31.17 23.28
C GLU B 3367 -24.50 -31.20 24.53
N TRP B 3368 -24.50 -30.13 25.33
CA TRP B 3368 -25.23 -30.15 26.63
C TRP B 3368 -26.19 -28.97 26.68
N PRO B 3369 -27.30 -28.98 25.92
CA PRO B 3369 -28.25 -27.88 25.98
C PRO B 3369 -29.15 -27.92 27.22
N ASN B 3370 -28.66 -27.41 28.34
CA ASN B 3370 -29.43 -27.46 29.60
C ASN B 3370 -30.50 -26.36 29.64
N ALA B 3371 -30.35 -25.29 28.83
CA ALA B 3371 -31.21 -24.09 28.97
C ALA B 3371 -31.92 -23.79 27.64
N ILE B 3372 -33.13 -23.28 27.73
CA ILE B 3372 -33.94 -22.91 26.53
C ILE B 3372 -34.98 -21.86 26.96
N THR B 3373 -35.21 -20.83 26.12
CA THR B 3373 -36.27 -19.83 26.34
C THR B 3373 -36.56 -19.06 25.05
N ILE B 3374 -37.63 -18.26 25.03
CA ILE B 3374 -37.99 -17.44 23.83
C ILE B 3374 -38.00 -15.98 24.26
N ASP B 3375 -37.61 -15.09 23.35
CA ASP B 3375 -37.97 -13.66 23.45
C ASP B 3375 -39.27 -13.44 22.69
N TYR B 3376 -40.39 -13.30 23.40
CA TYR B 3376 -41.73 -13.17 22.75
C TYR B 3376 -41.85 -11.87 21.95
N THR B 3377 -40.99 -10.88 22.22
CA THR B 3377 -41.02 -9.60 21.47
C THR B 3377 -40.28 -9.74 20.14
N ASN B 3378 -39.68 -10.90 19.84
CA ASN B 3378 -38.74 -11.02 18.70
C ASN B 3378 -38.91 -12.34 17.95
N ASP B 3379 -39.60 -13.33 18.52
CA ASP B 3379 -39.72 -14.68 17.91
C ASP B 3379 -38.31 -15.27 17.74
N LEU B 3380 -37.42 -14.99 18.70
CA LEU B 3380 -36.07 -15.58 18.73
C LEU B 3380 -36.00 -16.65 19.81
N LEU B 3381 -35.39 -17.77 19.46
CA LEU B 3381 -35.28 -18.94 20.34
C LEU B 3381 -33.89 -18.92 20.94
N TYR B 3382 -33.79 -18.76 22.27
CA TYR B 3382 -32.50 -18.68 22.97
C TYR B 3382 -32.23 -19.99 23.70
N TRP B 3383 -31.02 -20.50 23.58
CA TRP B 3383 -30.60 -21.69 24.33
C TRP B 3383 -29.14 -21.54 24.76
N ALA B 3384 -28.75 -22.32 25.75
CA ALA B 3384 -27.36 -22.35 26.25
C ALA B 3384 -26.80 -23.76 26.09
N ASP B 3385 -25.52 -23.91 26.40
CA ASP B 3385 -24.85 -25.22 26.33
C ASP B 3385 -23.84 -25.27 27.46
N ALA B 3386 -23.92 -26.30 28.30
CA ALA B 3386 -23.03 -26.43 29.48
C ALA B 3386 -21.64 -26.89 29.05
N HIS B 3387 -21.49 -27.62 27.94
CA HIS B 3387 -20.20 -28.17 27.48
C HIS B 3387 -19.47 -27.16 26.62
N LEU B 3388 -20.05 -26.85 25.46
CA LEU B 3388 -19.55 -25.88 24.49
C LEU B 3388 -19.52 -24.47 25.10
N GLY B 3389 -20.25 -24.25 26.19
CA GLY B 3389 -20.13 -23.03 27.03
C GLY B 3389 -20.67 -21.79 26.35
N TYR B 3390 -21.52 -21.93 25.33
CA TYR B 3390 -22.08 -20.76 24.61
C TYR B 3390 -23.49 -20.43 25.09
N ILE B 3391 -23.96 -19.25 24.68
CA ILE B 3391 -25.40 -18.94 24.56
C ILE B 3391 -25.61 -18.52 23.11
N GLU B 3392 -26.70 -18.97 22.51
CA GLU B 3392 -26.92 -18.80 21.06
C GLU B 3392 -28.40 -18.54 20.84
N PHE B 3393 -28.75 -17.84 19.76
CA PHE B 3393 -30.17 -17.61 19.44
C PHE B 3393 -30.34 -17.77 17.93
N SER B 3394 -31.53 -18.24 17.53
CA SER B 3394 -31.91 -18.46 16.12
C SER B 3394 -33.36 -18.03 15.91
N ASP B 3395 -33.83 -18.04 14.67
CA ASP B 3395 -35.29 -17.93 14.43
C ASP B 3395 -36.01 -19.18 14.98
N LEU B 3396 -37.35 -19.13 14.95
CA LEU B 3396 -38.23 -20.21 15.47
C LEU B 3396 -38.08 -21.51 14.68
N GLU B 3397 -37.60 -21.49 13.44
CA GLU B 3397 -37.37 -22.72 12.65
C GLU B 3397 -35.96 -23.29 12.90
N GLY B 3398 -35.08 -22.50 13.53
CA GLY B 3398 -33.69 -22.89 13.84
C GLY B 3398 -32.69 -22.38 12.83
N HIS B 3399 -33.09 -21.52 11.89
CA HIS B 3399 -32.15 -20.93 10.90
C HIS B 3399 -31.43 -19.73 11.52
N HIS B 3400 -30.28 -19.35 10.94
CA HIS B 3400 -29.50 -18.15 11.36
C HIS B 3400 -29.19 -18.22 12.85
N ARG B 3401 -28.37 -19.21 13.24
CA ARG B 3401 -27.87 -19.34 14.63
C ARG B 3401 -26.81 -18.25 14.87
N HIS B 3402 -27.12 -17.21 15.65
CA HIS B 3402 -26.12 -16.17 16.02
C HIS B 3402 -25.61 -16.45 17.43
N THR B 3403 -24.30 -16.48 17.62
CA THR B 3403 -23.69 -16.73 18.94
C THR B 3403 -23.64 -15.41 19.73
N VAL B 3404 -24.10 -15.44 20.99
CA VAL B 3404 -24.02 -14.27 21.91
C VAL B 3404 -22.68 -14.34 22.66
N TYR B 3405 -22.44 -15.45 23.37
CA TYR B 3405 -21.17 -15.69 24.08
C TYR B 3405 -20.43 -16.83 23.39
N ASP B 3406 -19.20 -16.55 22.95
CA ASP B 3406 -18.40 -17.51 22.14
C ASP B 3406 -17.72 -18.53 23.06
N GLY B 3407 -18.51 -19.33 23.79
CA GLY B 3407 -18.01 -20.51 24.52
C GLY B 3407 -17.27 -20.15 25.80
N SER B 3408 -17.54 -18.97 26.38
CA SER B 3408 -16.79 -18.49 27.57
C SER B 3408 -17.57 -18.77 28.85
N LEU B 3409 -18.73 -19.41 28.79
CA LEU B 3409 -19.52 -19.61 30.03
C LEU B 3409 -19.19 -20.97 30.63
N PRO B 3410 -18.92 -21.04 31.95
CA PRO B 3410 -18.50 -22.30 32.56
C PRO B 3410 -19.54 -23.42 32.41
N HIS B 3411 -20.76 -23.17 32.91
CA HIS B 3411 -21.82 -24.20 32.94
C HIS B 3411 -23.16 -23.50 33.18
N PRO B 3412 -23.74 -22.82 32.17
CA PRO B 3412 -25.08 -22.30 32.31
C PRO B 3412 -26.08 -23.45 32.47
N PHE B 3413 -27.17 -23.18 33.19
CA PHE B 3413 -28.22 -24.20 33.36
C PHE B 3413 -29.57 -23.71 32.84
N ALA B 3414 -29.99 -22.49 33.19
CA ALA B 3414 -31.29 -21.95 32.77
C ALA B 3414 -31.10 -20.50 32.38
N LEU B 3415 -31.95 -19.99 31.50
CA LEU B 3415 -31.87 -18.55 31.15
C LEU B 3415 -33.27 -18.00 30.84
N THR B 3416 -33.38 -16.68 30.95
CA THR B 3416 -34.63 -15.94 30.66
C THR B 3416 -34.25 -14.63 29.99
N ILE B 3417 -35.14 -14.08 29.17
CA ILE B 3417 -34.88 -12.78 28.49
C ILE B 3417 -35.83 -11.76 29.09
N PHE B 3418 -35.39 -10.52 29.26
CA PHE B 3418 -36.37 -9.41 29.34
C PHE B 3418 -35.77 -8.13 28.78
N GLU B 3419 -36.61 -7.39 28.03
CA GLU B 3419 -36.22 -6.10 27.40
C GLU B 3419 -34.95 -6.32 26.55
N ASP B 3420 -33.76 -5.84 26.98
CA ASP B 3420 -32.49 -6.00 26.19
C ASP B 3420 -31.53 -7.01 26.85
N THR B 3421 -31.97 -7.79 27.85
CA THR B 3421 -31.05 -8.50 28.77
C THR B 3421 -31.27 -10.02 28.73
N VAL B 3422 -30.19 -10.81 28.79
CA VAL B 3422 -30.24 -12.23 29.21
C VAL B 3422 -29.92 -12.28 30.70
N PHE B 3423 -30.69 -13.07 31.44
CA PHE B 3423 -30.31 -13.45 32.81
C PHE B 3423 -30.12 -14.95 32.79
N TRP B 3424 -29.10 -15.47 33.44
CA TRP B 3424 -28.88 -16.93 33.43
C TRP B 3424 -28.16 -17.37 34.70
N THR B 3425 -28.12 -18.68 34.93
CA THR B 3425 -27.55 -19.24 36.17
C THR B 3425 -26.39 -20.14 35.81
N ASP B 3426 -25.30 -20.07 36.57
CA ASP B 3426 -24.14 -20.97 36.36
C ASP B 3426 -24.03 -21.96 37.50
N TRP B 3427 -23.76 -23.22 37.20
CA TRP B 3427 -23.53 -24.21 38.25
C TRP B 3427 -22.10 -24.10 38.80
N ASN B 3428 -21.10 -23.93 37.92
CA ASN B 3428 -19.68 -23.97 38.36
C ASN B 3428 -19.41 -22.81 39.33
N THR B 3429 -19.88 -21.60 39.02
CA THR B 3429 -19.63 -20.42 39.89
C THR B 3429 -20.73 -20.28 40.95
N ARG B 3430 -21.85 -21.00 40.80
CA ARG B 3430 -23.06 -20.86 41.65
C ARG B 3430 -23.57 -19.42 41.60
N THR B 3431 -23.51 -18.76 40.45
CA THR B 3431 -23.89 -17.35 40.29
C THR B 3431 -25.18 -17.21 39.47
N VAL B 3432 -25.83 -16.06 39.64
CA VAL B 3432 -26.79 -15.54 38.64
C VAL B 3432 -26.07 -14.41 37.89
N GLU B 3433 -26.03 -14.52 36.57
CA GLU B 3433 -25.33 -13.55 35.70
C GLU B 3433 -26.37 -12.69 34.97
N LYS B 3434 -25.92 -11.60 34.38
CA LYS B 3434 -26.78 -10.72 33.58
C LYS B 3434 -25.93 -10.15 32.45
N GLY B 3435 -26.50 -9.91 31.26
CA GLY B 3435 -25.74 -9.28 30.17
C GLY B 3435 -26.64 -8.90 28.99
N ASN B 3436 -26.15 -8.07 28.07
CA ASN B 3436 -26.95 -7.70 26.88
C ASN B 3436 -27.27 -8.94 26.05
N LYS B 3437 -28.53 -9.13 25.65
CA LYS B 3437 -29.00 -10.38 24.99
C LYS B 3437 -28.46 -10.57 23.57
N TYR B 3438 -27.79 -9.55 23.00
CA TYR B 3438 -27.39 -9.67 21.57
C TYR B 3438 -25.87 -9.81 21.42
N ASP B 3439 -25.09 -9.11 22.24
CA ASP B 3439 -23.61 -9.18 22.09
C ASP B 3439 -22.94 -9.55 23.40
N GLY B 3440 -23.72 -9.76 24.48
CA GLY B 3440 -23.19 -10.18 25.79
C GLY B 3440 -22.42 -9.09 26.51
N SER B 3441 -22.46 -7.84 26.04
CA SER B 3441 -21.73 -6.72 26.69
C SER B 3441 -22.35 -6.42 28.05
N GLY B 3442 -21.58 -5.74 28.91
CA GLY B 3442 -22.03 -5.33 30.26
C GLY B 3442 -22.35 -6.53 31.15
N ARG B 3443 -21.60 -7.62 30.97
CA ARG B 3443 -21.78 -8.83 31.82
C ARG B 3443 -21.47 -8.47 33.27
N VAL B 3444 -22.42 -8.73 34.17
CA VAL B 3444 -22.27 -8.48 35.63
C VAL B 3444 -22.88 -9.64 36.42
N VAL B 3445 -22.41 -9.81 37.65
CA VAL B 3445 -22.90 -10.91 38.52
C VAL B 3445 -23.93 -10.31 39.49
N LEU B 3446 -25.14 -10.84 39.49
CA LEU B 3446 -26.20 -10.30 40.39
C LEU B 3446 -26.02 -10.87 41.79
N VAL B 3447 -25.82 -12.18 41.93
CA VAL B 3447 -25.62 -12.80 43.26
C VAL B 3447 -24.87 -14.11 43.11
N ASN B 3448 -24.21 -14.55 44.18
CA ASN B 3448 -23.62 -15.91 44.29
C ASN B 3448 -24.24 -16.61 45.52
N THR B 3449 -24.40 -17.95 45.45
CA THR B 3449 -25.27 -18.67 46.40
C THR B 3449 -24.54 -19.91 46.93
N THR B 3450 -24.86 -20.35 48.15
CA THR B 3450 -24.17 -21.51 48.79
C THR B 3450 -24.56 -22.84 48.14
N HIS B 3451 -25.58 -22.86 47.26
CA HIS B 3451 -26.12 -24.07 46.58
C HIS B 3451 -26.31 -23.73 45.10
N LYS B 3452 -26.41 -24.75 44.23
CA LYS B 3452 -26.57 -24.48 42.78
C LYS B 3452 -27.87 -23.70 42.53
N PRO B 3453 -27.85 -22.70 41.64
CA PRO B 3453 -29.08 -22.12 41.12
C PRO B 3453 -29.58 -22.93 39.93
N PHE B 3454 -30.87 -23.28 39.94
CA PHE B 3454 -31.49 -24.07 38.86
C PHE B 3454 -32.31 -23.18 37.92
N ASP B 3455 -33.60 -23.00 38.20
CA ASP B 3455 -34.53 -22.42 37.21
C ASP B 3455 -34.76 -20.94 37.51
N ILE B 3456 -34.84 -20.11 36.47
CA ILE B 3456 -34.96 -18.65 36.63
C ILE B 3456 -36.02 -18.10 35.68
N HIS B 3457 -36.89 -17.23 36.19
CA HIS B 3457 -37.94 -16.58 35.39
C HIS B 3457 -38.03 -15.10 35.78
N VAL B 3458 -38.13 -14.24 34.77
CA VAL B 3458 -38.53 -12.83 35.00
C VAL B 3458 -40.06 -12.82 35.22
N TYR B 3459 -40.52 -12.49 36.42
CA TYR B 3459 -41.97 -12.38 36.69
C TYR B 3459 -42.43 -10.99 36.25
N HIS B 3460 -43.20 -10.93 35.17
CA HIS B 3460 -43.72 -9.63 34.67
C HIS B 3460 -44.88 -9.93 33.74
N PRO B 3461 -45.95 -9.14 33.72
CA PRO B 3461 -47.06 -9.39 32.81
C PRO B 3461 -46.68 -9.45 31.32
N TYR B 3462 -45.53 -8.88 30.96
CA TYR B 3462 -45.09 -8.88 29.55
C TYR B 3462 -44.57 -10.27 29.16
N ARG B 3463 -44.05 -11.03 30.13
CA ARG B 3463 -43.40 -12.34 29.87
C ARG B 3463 -44.44 -13.44 29.61
N GLN B 3464 -45.73 -13.12 29.69
CA GLN B 3464 -46.80 -14.05 29.29
C GLN B 3464 -47.81 -13.25 28.47
N PRO B 3465 -47.54 -13.00 27.18
CA PRO B 3465 -48.35 -12.06 26.40
C PRO B 3465 -49.83 -12.46 26.34
N ILE B 3466 -50.70 -11.45 26.28
CA ILE B 3466 -52.17 -11.65 26.32
C ILE B 3466 -52.61 -12.15 24.94
N MET B 3467 -53.32 -13.28 24.89
CA MET B 3467 -53.99 -13.72 23.65
C MET B 3467 -55.31 -14.40 23.99
N SER B 3468 -56.18 -14.51 22.98
CA SER B 3468 -57.52 -15.12 23.13
C SER B 3468 -57.39 -16.64 23.21
N ASN B 3469 -58.06 -17.24 24.19
CA ASN B 3469 -58.01 -18.70 24.40
C ASN B 3469 -58.80 -19.39 23.29
N PRO B 3470 -58.18 -20.25 22.45
CA PRO B 3470 -58.94 -20.94 21.40
C PRO B 3470 -60.09 -21.80 21.94
N CYS B 3471 -59.90 -22.41 23.13
CA CYS B 3471 -60.98 -23.17 23.80
C CYS B 3471 -61.85 -22.19 24.59
N GLY B 3472 -62.56 -21.32 23.85
CA GLY B 3472 -63.34 -20.19 24.39
C GLY B 3472 -64.05 -20.51 25.71
N THR B 3473 -65.08 -21.36 25.65
CA THR B 3473 -65.81 -21.79 26.87
C THR B 3473 -66.11 -23.29 26.75
N ASN B 3474 -66.37 -23.93 27.89
CA ASN B 3474 -66.75 -25.37 27.95
C ASN B 3474 -65.63 -26.23 27.35
N ASN B 3475 -64.37 -25.75 27.42
CA ASN B 3475 -63.21 -26.49 26.88
C ASN B 3475 -63.43 -26.78 25.39
N GLY B 3476 -64.14 -25.87 24.71
CA GLY B 3476 -64.48 -26.03 23.28
C GLY B 3476 -65.40 -27.21 23.05
N GLY B 3477 -66.07 -27.67 24.13
CA GLY B 3477 -67.07 -28.74 24.05
C GLY B 3477 -66.49 -30.09 24.43
N CYS B 3478 -65.16 -30.23 24.53
CA CYS B 3478 -64.55 -31.53 24.91
C CYS B 3478 -64.82 -31.79 26.41
N SER B 3479 -65.10 -33.05 26.78
CA SER B 3479 -65.34 -33.48 28.17
C SER B 3479 -64.02 -33.55 28.95
N HIS B 3480 -62.90 -33.70 28.21
CA HIS B 3480 -61.54 -33.82 28.77
C HIS B 3480 -60.67 -32.70 28.18
N LEU B 3481 -59.35 -32.94 28.09
CA LEU B 3481 -58.34 -31.95 27.67
C LEU B 3481 -58.73 -31.29 26.34
N CYS B 3482 -58.72 -29.96 26.32
CA CYS B 3482 -58.78 -29.16 25.07
C CYS B 3482 -57.39 -28.58 24.82
N LEU B 3483 -56.73 -28.98 23.72
CA LEU B 3483 -55.31 -28.61 23.48
C LEU B 3483 -55.22 -27.76 22.21
N ILE B 3484 -54.28 -26.81 22.20
CA ILE B 3484 -54.13 -25.91 21.02
C ILE B 3484 -53.53 -26.70 19.85
N LYS B 3485 -54.04 -26.49 18.64
CA LYS B 3485 -53.51 -27.12 17.40
C LYS B 3485 -52.16 -26.49 17.05
N ALA B 3486 -51.27 -27.25 16.41
CA ALA B 3486 -50.03 -26.69 15.83
C ALA B 3486 -50.40 -25.52 14.90
N GLY B 3487 -49.72 -24.37 15.04
CA GLY B 3487 -50.05 -23.14 14.31
C GLY B 3487 -50.92 -22.19 15.11
N GLY B 3488 -51.54 -22.64 16.21
CA GLY B 3488 -52.27 -21.75 17.14
C GLY B 3488 -53.53 -21.15 16.54
N ARG B 3489 -54.21 -21.88 15.64
CA ARG B 3489 -55.51 -21.39 15.09
C ARG B 3489 -56.66 -22.22 15.66
N GLY B 3490 -56.54 -23.55 15.65
CA GLY B 3490 -57.62 -24.47 16.05
C GLY B 3490 -57.41 -25.06 17.42
N PHE B 3491 -58.16 -26.11 17.75
CA PHE B 3491 -58.01 -26.86 19.01
C PHE B 3491 -58.38 -28.33 18.77
N THR B 3492 -57.91 -29.19 19.66
CA THR B 3492 -58.03 -30.67 19.54
C THR B 3492 -58.51 -31.23 20.87
N CYS B 3493 -59.61 -31.98 20.86
CA CYS B 3493 -60.03 -32.76 22.06
C CYS B 3493 -59.03 -33.92 22.24
N ALA B 3494 -58.74 -34.29 23.48
CA ALA B 3494 -57.86 -35.46 23.74
C ALA B 3494 -58.25 -36.09 25.07
N CYS B 3495 -58.03 -37.39 25.22
CA CYS B 3495 -58.38 -38.13 26.46
C CYS B 3495 -57.14 -38.34 27.34
N PRO B 3496 -57.28 -38.59 28.65
CA PRO B 3496 -56.15 -39.01 29.48
C PRO B 3496 -55.53 -40.33 29.02
N ASP B 3497 -54.52 -40.82 29.77
CA ASP B 3497 -53.75 -42.01 29.36
C ASP B 3497 -54.64 -43.26 29.29
N ASP B 3498 -55.34 -43.62 30.37
CA ASP B 3498 -56.06 -44.92 30.45
C ASP B 3498 -57.46 -44.84 29.80
N PHE B 3499 -57.58 -44.17 28.66
CA PHE B 3499 -58.86 -44.05 27.92
C PHE B 3499 -58.64 -44.35 26.44
N GLN B 3500 -59.64 -44.98 25.82
CA GLN B 3500 -59.72 -45.15 24.35
C GLN B 3500 -60.29 -43.86 23.74
N THR B 3501 -59.59 -43.25 22.79
CA THR B 3501 -60.06 -42.01 22.11
C THR B 3501 -60.89 -42.40 20.89
N VAL B 3502 -62.12 -42.87 21.10
CA VAL B 3502 -62.99 -43.36 20.01
C VAL B 3502 -63.47 -42.15 19.20
N GLN B 3503 -63.12 -42.09 17.91
CA GLN B 3503 -63.42 -40.88 17.11
C GLN B 3503 -64.80 -41.01 16.47
N LEU B 3504 -65.63 -39.96 16.62
CA LEU B 3504 -66.81 -39.74 15.75
C LEU B 3504 -66.59 -38.44 14.97
N ARG B 3505 -67.55 -38.09 14.12
CA ARG B 3505 -67.54 -36.80 13.40
C ARG B 3505 -67.83 -35.65 14.38
N ASP B 3506 -68.67 -35.89 15.40
CA ASP B 3506 -69.11 -34.79 16.30
C ASP B 3506 -68.29 -34.77 17.59
N ARG B 3507 -67.69 -35.91 18.01
CA ARG B 3507 -67.19 -36.08 19.40
C ARG B 3507 -65.95 -36.97 19.42
N THR B 3508 -65.10 -36.79 20.45
CA THR B 3508 -64.07 -37.79 20.81
C THR B 3508 -64.58 -38.54 22.05
N LEU B 3509 -65.14 -39.73 21.88
CA LEU B 3509 -65.73 -40.46 23.02
C LEU B 3509 -64.58 -41.09 23.81
N CYS B 3510 -64.21 -40.46 24.93
CA CYS B 3510 -63.15 -40.99 25.82
C CYS B 3510 -63.72 -42.16 26.63
N MET B 3511 -63.60 -43.37 26.12
CA MET B 3511 -64.06 -44.57 26.85
C MET B 3511 -62.98 -44.94 27.87
N PRO B 3512 -63.25 -44.93 29.19
CA PRO B 3512 -62.29 -45.45 30.17
C PRO B 3512 -61.97 -46.92 29.89
N MET B 3513 -60.69 -47.29 29.98
CA MET B 3513 -60.25 -48.68 29.74
C MET B 3513 -59.01 -49.00 30.61
N CYS B 3514 -59.13 -48.73 31.90
CA CYS B 3514 -58.01 -48.96 32.84
C CYS B 3514 -57.86 -50.45 33.17
N SER B 3515 -56.64 -50.82 33.59
CA SER B 3515 -56.23 -52.21 33.88
C SER B 3515 -56.92 -52.73 35.15
N SER B 3516 -56.96 -54.05 35.34
CA SER B 3516 -57.63 -54.69 36.51
C SER B 3516 -56.91 -54.39 37.82
N THR B 3517 -55.76 -53.68 37.79
CA THR B 3517 -55.06 -53.20 39.02
C THR B 3517 -55.40 -51.74 39.31
N GLN B 3518 -56.45 -51.20 38.69
CA GLN B 3518 -56.89 -49.79 38.89
C GLN B 3518 -58.38 -49.77 39.29
N PHE B 3519 -58.80 -48.72 39.97
CA PHE B 3519 -60.22 -48.49 40.30
C PHE B 3519 -60.74 -47.30 39.50
N LEU B 3520 -61.88 -47.48 38.82
CA LEU B 3520 -62.53 -46.42 38.02
C LEU B 3520 -63.49 -45.63 38.90
N CYS B 3521 -63.31 -44.31 39.00
CA CYS B 3521 -64.24 -43.42 39.72
C CYS B 3521 -65.66 -43.51 39.13
N GLY B 3522 -66.70 -43.31 39.95
CA GLY B 3522 -68.10 -43.38 39.51
C GLY B 3522 -68.39 -42.52 38.29
N ASN B 3523 -67.88 -41.29 38.25
CA ASN B 3523 -68.23 -40.30 37.21
C ASN B 3523 -67.29 -40.39 36.00
N ASN B 3524 -66.37 -41.37 35.95
CA ASN B 3524 -65.34 -41.52 34.88
C ASN B 3524 -64.39 -40.31 34.80
N GLU B 3525 -64.13 -39.62 35.91
CA GLU B 3525 -63.11 -38.53 35.97
C GLU B 3525 -61.73 -39.12 35.63
N LYS B 3526 -61.41 -40.29 36.22
CA LYS B 3526 -60.08 -40.92 36.09
C LYS B 3526 -60.14 -42.35 36.64
N CYS B 3527 -59.15 -43.18 36.28
CA CYS B 3527 -58.87 -44.42 37.04
C CYS B 3527 -57.65 -44.19 37.93
N ILE B 3528 -57.77 -44.54 39.19
CA ILE B 3528 -56.67 -44.45 40.19
C ILE B 3528 -56.09 -45.85 40.38
N PRO B 3529 -54.88 -46.02 40.94
CA PRO B 3529 -54.39 -47.36 41.27
C PRO B 3529 -55.27 -48.02 42.34
N ILE B 3530 -55.42 -49.34 42.29
CA ILE B 3530 -56.44 -50.03 43.14
C ILE B 3530 -56.07 -49.93 44.62
N TRP B 3531 -54.79 -49.84 44.99
CA TRP B 3531 -54.42 -49.77 46.43
C TRP B 3531 -54.82 -48.40 47.03
N TRP B 3532 -55.34 -47.48 46.23
CA TRP B 3532 -55.93 -46.22 46.75
C TRP B 3532 -57.36 -46.45 47.22
N LYS B 3533 -58.04 -47.48 46.72
CA LYS B 3533 -59.47 -47.73 47.05
C LYS B 3533 -59.59 -48.01 48.56
N CYS B 3534 -60.45 -47.25 49.22
CA CYS B 3534 -60.77 -47.41 50.66
C CYS B 3534 -59.50 -47.31 51.52
N ASP B 3535 -58.62 -46.36 51.21
CA ASP B 3535 -57.38 -46.15 52.00
C ASP B 3535 -57.59 -45.06 53.07
N GLY B 3536 -58.75 -44.41 53.09
CA GLY B 3536 -59.11 -43.46 54.16
C GLY B 3536 -59.03 -42.00 53.73
N GLN B 3537 -58.56 -41.71 52.51
CA GLN B 3537 -58.62 -40.32 51.98
C GLN B 3537 -59.29 -40.34 50.62
N LYS B 3538 -60.04 -39.28 50.32
CA LYS B 3538 -60.89 -39.23 49.10
C LYS B 3538 -59.99 -38.96 47.89
N ASP B 3539 -59.73 -39.99 47.10
CA ASP B 3539 -58.93 -39.89 45.85
C ASP B 3539 -59.81 -39.58 44.64
N CYS B 3540 -60.93 -40.28 44.48
CA CYS B 3540 -61.88 -40.00 43.37
C CYS B 3540 -62.69 -38.75 43.70
N SER B 3541 -62.80 -37.84 42.74
CA SER B 3541 -63.41 -36.49 42.92
C SER B 3541 -64.89 -36.59 43.29
N ASP B 3542 -65.61 -37.63 42.83
CA ASP B 3542 -67.04 -37.79 43.16
C ASP B 3542 -67.20 -38.44 44.54
N GLY B 3543 -66.12 -38.98 45.12
CA GLY B 3543 -66.17 -39.63 46.44
C GLY B 3543 -66.51 -41.11 46.37
N SER B 3544 -66.54 -41.71 45.16
CA SER B 3544 -66.82 -43.16 45.00
C SER B 3544 -65.63 -43.99 45.50
N ASP B 3545 -64.47 -43.36 45.72
CA ASP B 3545 -63.26 -44.11 46.15
C ASP B 3545 -63.44 -44.66 47.57
N GLU B 3546 -64.35 -44.12 48.38
CA GLU B 3546 -64.53 -44.58 49.78
C GLU B 3546 -65.97 -44.97 50.02
N PRO B 3547 -66.48 -46.10 49.47
CA PRO B 3547 -67.83 -46.54 49.81
C PRO B 3547 -67.91 -47.02 51.27
N ASP B 3548 -69.16 -47.19 51.74
CA ASP B 3548 -69.42 -47.45 53.17
C ASP B 3548 -68.83 -48.81 53.55
N LEU B 3549 -69.09 -49.84 52.73
CA LEU B 3549 -68.80 -51.24 53.14
C LEU B 3549 -67.48 -51.69 52.50
N CYS B 3550 -66.36 -51.26 53.06
CA CYS B 3550 -65.05 -51.85 52.75
C CYS B 3550 -64.23 -51.95 54.04
N PRO B 3551 -63.34 -52.95 54.18
CA PRO B 3551 -62.78 -53.30 55.48
C PRO B 3551 -61.91 -52.18 56.08
N HIS B 3552 -61.66 -52.34 57.38
CA HIS B 3552 -60.84 -51.39 58.18
C HIS B 3552 -59.44 -51.34 57.57
N ARG B 3553 -58.93 -50.13 57.28
CA ARG B 3553 -57.63 -49.99 56.58
C ARG B 3553 -56.50 -50.22 57.59
N PHE B 3554 -55.72 -51.29 57.43
CA PHE B 3554 -54.59 -51.60 58.34
C PHE B 3554 -53.28 -50.98 57.84
N CYS B 3555 -53.11 -50.81 56.53
CA CYS B 3555 -51.79 -50.39 55.99
C CYS B 3555 -51.71 -48.86 55.94
N ARG B 3556 -50.52 -48.35 55.62
CA ARG B 3556 -50.29 -46.90 55.45
C ARG B 3556 -50.87 -46.48 54.09
N LEU B 3557 -50.89 -45.17 53.83
CA LEU B 3557 -51.18 -44.66 52.47
C LEU B 3557 -50.07 -45.11 51.53
N GLY B 3558 -50.44 -45.56 50.33
CA GLY B 3558 -49.48 -46.03 49.31
C GLY B 3558 -49.03 -47.46 49.53
N GLN B 3559 -49.74 -48.23 50.36
CA GLN B 3559 -49.44 -49.68 50.53
C GLN B 3559 -50.67 -50.51 50.15
N PHE B 3560 -50.43 -51.66 49.54
CA PHE B 3560 -51.53 -52.59 49.19
C PHE B 3560 -51.90 -53.40 50.44
N GLN B 3561 -53.20 -53.67 50.58
CA GLN B 3561 -53.71 -54.46 51.71
C GLN B 3561 -54.20 -55.80 51.19
N CYS B 3562 -53.67 -56.89 51.74
CA CYS B 3562 -54.15 -58.25 51.41
C CYS B 3562 -55.55 -58.44 51.99
N ARG B 3563 -56.27 -59.46 51.53
CA ARG B 3563 -57.67 -59.71 51.98
C ARG B 3563 -57.70 -60.04 53.47
N ASP B 3564 -56.58 -60.48 54.05
CA ASP B 3564 -56.54 -60.86 55.49
C ASP B 3564 -55.97 -59.70 56.33
N GLY B 3565 -55.57 -58.60 55.71
CA GLY B 3565 -55.13 -57.40 56.45
C GLY B 3565 -53.62 -57.23 56.45
N ASN B 3566 -52.84 -58.22 56.01
CA ASN B 3566 -51.37 -58.04 55.93
C ASN B 3566 -51.04 -57.11 54.76
N CYS B 3567 -49.86 -56.49 54.80
CA CYS B 3567 -49.54 -55.35 53.92
C CYS B 3567 -48.34 -55.66 53.04
N THR B 3568 -48.40 -55.20 51.79
CA THR B 3568 -47.30 -55.37 50.80
C THR B 3568 -47.14 -54.08 50.01
N SER B 3569 -45.94 -53.89 49.47
CA SER B 3569 -45.61 -52.74 48.58
C SER B 3569 -46.41 -52.87 47.28
N PRO B 3570 -46.76 -51.76 46.61
CA PRO B 3570 -47.44 -51.85 45.31
C PRO B 3570 -46.65 -52.64 44.25
N GLN B 3571 -45.32 -52.64 44.33
CA GLN B 3571 -44.49 -53.40 43.35
C GLN B 3571 -44.73 -54.89 43.50
N ALA B 3572 -45.32 -55.34 44.63
CA ALA B 3572 -45.58 -56.78 44.84
C ALA B 3572 -46.79 -57.22 44.01
N LEU B 3573 -47.55 -56.28 43.45
CA LEU B 3573 -48.78 -56.63 42.70
C LEU B 3573 -48.42 -57.34 41.39
N CYS B 3574 -48.87 -58.60 41.25
CA CYS B 3574 -48.75 -59.38 40.00
C CYS B 3574 -47.27 -59.44 39.57
N ASN B 3575 -46.37 -59.73 40.51
CA ASN B 3575 -44.93 -59.88 40.20
C ASN B 3575 -44.60 -61.37 40.05
N ALA B 3576 -45.62 -62.24 40.06
CA ALA B 3576 -45.49 -63.71 39.93
C ALA B 3576 -44.74 -64.30 41.14
N ARG B 3577 -44.69 -63.57 42.26
CA ARG B 3577 -44.15 -64.12 43.52
C ARG B 3577 -45.15 -63.87 44.64
N GLN B 3578 -45.46 -64.92 45.41
CA GLN B 3578 -46.48 -64.88 46.47
C GLN B 3578 -45.99 -63.99 47.63
N ASP B 3579 -46.41 -62.72 47.65
CA ASP B 3579 -46.04 -61.80 48.75
C ASP B 3579 -47.05 -61.91 49.89
N CYS B 3580 -48.34 -61.77 49.59
CA CYS B 3580 -49.42 -61.90 50.60
C CYS B 3580 -49.44 -63.33 51.13
N ALA B 3581 -49.67 -63.47 52.44
CA ALA B 3581 -49.70 -64.79 53.11
C ALA B 3581 -50.77 -65.69 52.48
N ASP B 3582 -51.85 -65.12 51.96
CA ASP B 3582 -52.96 -65.91 51.37
C ASP B 3582 -52.95 -65.78 49.85
N GLY B 3583 -51.87 -65.22 49.27
CA GLY B 3583 -51.78 -65.04 47.80
C GLY B 3583 -52.76 -64.02 47.29
N SER B 3584 -53.16 -63.04 48.12
CA SER B 3584 -54.07 -61.94 47.71
C SER B 3584 -53.45 -61.12 46.58
N ASP B 3585 -52.11 -61.06 46.50
CA ASP B 3585 -51.43 -60.14 45.56
C ASP B 3585 -51.39 -60.74 44.15
N GLU B 3586 -51.69 -62.04 43.97
CA GLU B 3586 -51.50 -62.69 42.65
C GLU B 3586 -52.81 -63.29 42.11
N ASP B 3587 -53.98 -62.84 42.59
CA ASP B 3587 -55.26 -63.45 42.13
C ASP B 3587 -55.46 -63.16 40.64
N ARG B 3588 -56.03 -64.16 39.94
CA ARG B 3588 -56.33 -64.02 38.49
C ARG B 3588 -57.32 -62.87 38.28
N VAL B 3589 -58.28 -62.65 39.20
CA VAL B 3589 -59.29 -61.56 39.07
C VAL B 3589 -58.62 -60.19 39.27
N LEU B 3590 -57.42 -60.14 39.85
CA LEU B 3590 -56.64 -58.89 39.99
C LEU B 3590 -55.64 -58.76 38.82
N CYS B 3591 -55.01 -59.85 38.40
CA CYS B 3591 -53.87 -59.79 37.45
C CYS B 3591 -54.26 -60.07 35.99
N GLU B 3592 -55.39 -60.71 35.66
CA GLU B 3592 -55.66 -61.18 34.27
C GLU B 3592 -55.71 -60.01 33.28
N HIS B 3593 -56.02 -58.79 33.71
CA HIS B 3593 -55.94 -57.59 32.81
C HIS B 3593 -54.97 -56.55 33.38
N HIS B 3594 -53.91 -56.99 34.06
CA HIS B 3594 -52.86 -56.08 34.59
C HIS B 3594 -52.04 -55.52 33.42
N ARG B 3595 -51.63 -54.26 33.54
CA ARG B 3595 -50.90 -53.52 32.48
C ARG B 3595 -49.66 -52.85 33.09
N CYS B 3596 -48.55 -52.84 32.35
CA CYS B 3596 -47.25 -52.40 32.90
C CYS B 3596 -46.99 -50.94 32.51
N GLU B 3597 -45.87 -50.39 33.00
CA GLU B 3597 -45.49 -48.98 32.72
C GLU B 3597 -45.08 -48.86 31.26
N SER B 3598 -44.97 -47.62 30.78
CA SER B 3598 -44.56 -47.31 29.39
C SER B 3598 -43.11 -47.72 29.15
N ASN B 3599 -42.28 -47.82 30.19
CA ASN B 3599 -40.83 -48.14 30.03
C ASN B 3599 -40.57 -49.60 30.44
N GLU B 3600 -41.62 -50.42 30.56
CA GLU B 3600 -41.43 -51.85 30.93
C GLU B 3600 -42.22 -52.72 29.96
N TRP B 3601 -41.80 -53.98 29.85
CA TRP B 3601 -42.44 -54.97 28.96
C TRP B 3601 -43.03 -56.08 29.83
N GLN B 3602 -44.19 -56.61 29.42
CA GLN B 3602 -44.92 -57.62 30.22
C GLN B 3602 -44.54 -59.02 29.70
N CYS B 3603 -44.25 -59.91 30.65
CA CYS B 3603 -43.81 -61.29 30.34
C CYS B 3603 -45.04 -62.15 30.00
N ALA B 3604 -44.83 -63.46 29.82
CA ALA B 3604 -45.93 -64.42 29.59
C ALA B 3604 -46.82 -64.45 30.84
N ASN B 3605 -46.20 -64.68 32.01
CA ASN B 3605 -46.87 -64.36 33.27
C ASN B 3605 -46.77 -62.84 33.46
N LYS B 3606 -47.74 -62.25 34.14
CA LYS B 3606 -47.97 -60.79 34.08
C LYS B 3606 -46.85 -59.97 34.73
N ARG B 3607 -45.73 -60.59 35.12
CA ARG B 3607 -44.59 -59.86 35.73
C ARG B 3607 -44.07 -58.82 34.74
N CYS B 3608 -43.82 -57.60 35.22
CA CYS B 3608 -43.30 -56.50 34.39
C CYS B 3608 -41.79 -56.36 34.64
N ILE B 3609 -41.03 -56.20 33.55
CA ILE B 3609 -39.56 -56.00 33.67
C ILE B 3609 -39.15 -54.83 32.79
N PRO B 3610 -38.03 -54.14 33.07
CA PRO B 3610 -37.55 -53.10 32.18
C PRO B 3610 -37.26 -53.66 30.78
N GLN B 3611 -37.48 -52.84 29.76
CA GLN B 3611 -37.41 -53.25 28.34
C GLN B 3611 -35.98 -53.61 27.95
N SER B 3612 -34.98 -52.98 28.55
CA SER B 3612 -33.55 -53.29 28.31
C SER B 3612 -33.17 -54.70 28.79
N TRP B 3613 -34.03 -55.41 29.54
CA TRP B 3613 -33.68 -56.76 30.05
C TRP B 3613 -34.13 -57.87 29.12
N GLN B 3614 -34.86 -57.59 28.03
CA GLN B 3614 -35.31 -58.68 27.13
C GLN B 3614 -34.17 -59.17 26.26
N CYS B 3615 -34.18 -60.46 25.90
CA CYS B 3615 -33.13 -61.10 25.06
C CYS B 3615 -31.71 -60.78 25.58
N ASP B 3616 -31.53 -60.65 26.90
CA ASP B 3616 -30.20 -60.29 27.48
C ASP B 3616 -29.47 -61.54 27.97
N SER B 3617 -29.95 -62.74 27.60
CA SER B 3617 -29.32 -64.03 28.00
C SER B 3617 -29.40 -64.22 29.51
N VAL B 3618 -30.38 -63.62 30.20
CA VAL B 3618 -30.68 -63.94 31.62
C VAL B 3618 -32.20 -64.08 31.73
N ASN B 3619 -32.64 -65.14 32.42
CA ASN B 3619 -34.08 -65.34 32.74
C ASN B 3619 -34.50 -64.25 33.75
N ASP B 3620 -35.30 -63.29 33.28
CA ASP B 3620 -35.83 -62.22 34.16
C ASP B 3620 -37.33 -62.41 34.42
N CYS B 3621 -38.03 -63.24 33.64
CA CYS B 3621 -39.49 -63.42 33.81
C CYS B 3621 -39.78 -64.64 34.69
N LEU B 3622 -38.75 -65.36 35.16
CA LEU B 3622 -38.89 -66.58 35.99
C LEU B 3622 -39.52 -67.72 35.18
N ASP B 3623 -39.89 -67.48 33.92
CA ASP B 3623 -40.28 -68.57 33.01
C ASP B 3623 -39.53 -68.42 31.67
N ASN B 3624 -38.49 -67.57 31.63
CA ASN B 3624 -37.62 -67.37 30.45
C ASN B 3624 -38.43 -66.92 29.24
N SER B 3625 -39.55 -66.23 29.45
CA SER B 3625 -40.35 -65.65 28.33
C SER B 3625 -39.66 -64.40 27.78
N ASP B 3626 -38.73 -63.80 28.53
CA ASP B 3626 -37.93 -62.66 28.00
C ASP B 3626 -36.84 -63.18 27.07
N GLU B 3627 -36.37 -64.43 27.27
CA GLU B 3627 -35.24 -64.97 26.48
C GLU B 3627 -35.70 -65.99 25.44
N ASP B 3628 -37.02 -66.08 25.17
CA ASP B 3628 -37.58 -67.01 24.16
C ASP B 3628 -36.89 -66.78 22.82
N THR B 3629 -36.36 -67.84 22.21
CA THR B 3629 -35.73 -67.76 20.86
C THR B 3629 -36.77 -67.35 19.81
N SER B 3630 -38.04 -67.76 19.95
CA SER B 3630 -39.09 -67.38 18.99
C SER B 3630 -39.31 -65.86 19.05
N HIS B 3631 -39.37 -65.33 20.27
CA HIS B 3631 -39.54 -63.89 20.57
C HIS B 3631 -38.33 -63.12 20.06
N CYS B 3632 -37.11 -63.52 20.46
CA CYS B 3632 -35.86 -62.82 20.08
C CYS B 3632 -35.60 -62.89 18.58
N ALA B 3633 -36.13 -63.88 17.85
CA ALA B 3633 -36.09 -63.89 16.37
C ALA B 3633 -37.06 -62.83 15.81
N SER B 3634 -38.27 -62.74 16.36
CA SER B 3634 -39.42 -62.03 15.74
C SER B 3634 -39.52 -60.55 16.15
N ARG B 3635 -39.10 -60.16 17.37
CA ARG B 3635 -39.44 -58.81 17.92
C ARG B 3635 -38.57 -57.71 17.31
N THR B 3636 -39.11 -56.48 17.31
CA THR B 3636 -38.40 -55.25 16.84
C THR B 3636 -38.09 -54.35 18.03
N CYS B 3637 -36.93 -53.70 17.98
CA CYS B 3637 -36.41 -52.84 19.07
C CYS B 3637 -37.13 -51.47 19.07
N ARG B 3638 -37.07 -50.75 20.20
CA ARG B 3638 -37.58 -49.35 20.30
C ARG B 3638 -36.91 -48.47 19.24
N PRO B 3639 -37.62 -47.46 18.72
CA PRO B 3639 -37.04 -46.40 17.92
C PRO B 3639 -35.71 -45.87 18.52
N GLY B 3640 -34.70 -45.69 17.66
CA GLY B 3640 -33.38 -45.20 18.07
C GLY B 3640 -32.49 -46.22 18.77
N GLN B 3641 -32.95 -47.46 18.99
CA GLN B 3641 -32.04 -48.57 19.36
C GLN B 3641 -31.62 -49.32 18.09
N PHE B 3642 -30.61 -50.17 18.24
CA PHE B 3642 -30.11 -51.09 17.20
C PHE B 3642 -30.25 -52.50 17.77
N LYS B 3643 -30.64 -53.47 16.94
CA LYS B 3643 -30.88 -54.86 17.40
C LYS B 3643 -29.68 -55.74 17.01
N CYS B 3644 -29.16 -56.50 17.99
CA CYS B 3644 -28.05 -57.45 17.75
C CYS B 3644 -28.57 -58.65 16.98
N ASN B 3645 -27.67 -59.50 16.50
CA ASN B 3645 -28.04 -60.77 15.84
C ASN B 3645 -28.72 -61.69 16.85
N ASN B 3646 -28.31 -61.68 18.11
CA ASN B 3646 -28.87 -62.58 19.14
C ASN B 3646 -30.13 -61.98 19.76
N GLY B 3647 -30.74 -60.94 19.15
CA GLY B 3647 -32.04 -60.38 19.59
C GLY B 3647 -31.96 -59.36 20.71
N ARG B 3648 -30.79 -59.20 21.35
CA ARG B 3648 -30.54 -58.13 22.35
C ARG B 3648 -30.67 -56.76 21.67
N CYS B 3649 -31.31 -55.80 22.33
CA CYS B 3649 -31.53 -54.44 21.77
C CYS B 3649 -30.67 -53.43 22.52
N ILE B 3650 -29.91 -52.59 21.82
CA ILE B 3650 -28.95 -51.67 22.50
C ILE B 3650 -29.02 -50.27 21.89
N PRO B 3651 -28.56 -49.22 22.61
CA PRO B 3651 -28.57 -47.86 22.08
C PRO B 3651 -27.76 -47.74 20.77
N GLN B 3652 -28.25 -46.93 19.84
CA GLN B 3652 -27.61 -46.76 18.53
C GLN B 3652 -26.18 -46.23 18.66
N SER B 3653 -25.85 -45.48 19.71
CA SER B 3653 -24.49 -44.96 19.91
C SER B 3653 -23.53 -46.10 20.25
N TRP B 3654 -24.02 -47.19 20.82
CA TRP B 3654 -23.15 -48.33 21.21
C TRP B 3654 -22.66 -49.10 19.99
N LYS B 3655 -23.24 -48.87 18.81
CA LYS B 3655 -22.79 -49.58 17.58
C LYS B 3655 -21.51 -48.91 17.07
N CYS B 3656 -20.53 -49.74 16.66
CA CYS B 3656 -19.25 -49.26 16.15
C CYS B 3656 -18.57 -48.35 17.18
N ASP B 3657 -18.38 -48.86 18.39
CA ASP B 3657 -17.68 -48.16 19.46
C ASP B 3657 -16.49 -48.96 20.02
N VAL B 3658 -15.99 -49.97 19.27
CA VAL B 3658 -14.83 -50.83 19.64
C VAL B 3658 -15.15 -51.53 20.95
N ASP B 3659 -16.41 -51.93 21.14
CA ASP B 3659 -16.78 -52.65 22.37
C ASP B 3659 -17.86 -53.67 22.05
N ASN B 3660 -17.71 -54.88 22.60
CA ASN B 3660 -18.63 -56.00 22.34
C ASN B 3660 -19.84 -55.85 23.26
N ASP B 3661 -20.77 -54.97 22.87
CA ASP B 3661 -21.99 -54.72 23.68
C ASP B 3661 -23.01 -55.83 23.44
N CYS B 3662 -22.95 -56.51 22.29
CA CYS B 3662 -23.95 -57.56 21.95
C CYS B 3662 -23.52 -58.94 22.44
N GLY B 3663 -22.26 -59.09 22.88
CA GLY B 3663 -21.74 -60.40 23.33
C GLY B 3663 -21.24 -61.24 22.16
N ASP B 3664 -21.89 -61.12 20.99
CA ASP B 3664 -21.55 -61.94 19.80
C ASP B 3664 -20.84 -61.05 18.76
N TYR B 3665 -20.52 -59.80 19.09
CA TYR B 3665 -19.81 -58.84 18.21
C TYR B 3665 -20.62 -58.57 16.93
N SER B 3666 -21.95 -58.62 16.99
CA SER B 3666 -22.78 -58.26 15.81
C SER B 3666 -22.79 -56.74 15.64
N ASP B 3667 -22.50 -55.98 16.70
CA ASP B 3667 -22.57 -54.49 16.67
C ASP B 3667 -21.24 -53.89 16.20
N GLU B 3668 -20.23 -54.72 15.90
CA GLU B 3668 -18.89 -54.21 15.56
C GLU B 3668 -18.42 -54.77 14.21
N PRO B 3669 -19.07 -54.48 13.08
CA PRO B 3669 -18.55 -54.89 11.78
C PRO B 3669 -17.39 -53.98 11.35
N ILE B 3670 -16.17 -54.52 11.35
CA ILE B 3670 -14.93 -53.71 11.14
C ILE B 3670 -14.99 -53.05 9.75
N ASP B 3671 -15.53 -53.76 8.75
CA ASP B 3671 -15.59 -53.22 7.37
C ASP B 3671 -16.49 -51.97 7.33
N GLU B 3672 -17.52 -51.92 8.19
CA GLU B 3672 -18.50 -50.81 8.18
C GLU B 3672 -18.08 -49.74 9.18
N CYS B 3673 -17.57 -50.12 10.36
CA CYS B 3673 -17.16 -49.14 11.40
C CYS B 3673 -16.02 -48.26 10.89
N THR B 3674 -15.09 -48.82 10.12
CA THR B 3674 -13.95 -48.03 9.59
C THR B 3674 -14.38 -47.32 8.29
N THR B 3675 -15.50 -46.59 8.29
CA THR B 3675 -15.99 -45.85 7.12
C THR B 3675 -16.48 -44.44 7.46
N ALA B 3676 -16.81 -43.65 6.43
CA ALA B 3676 -17.45 -42.33 6.59
C ALA B 3676 -18.81 -42.35 7.33
N ALA B 3677 -19.34 -43.51 7.73
CA ALA B 3677 -20.54 -43.61 8.58
C ALA B 3677 -20.28 -43.17 10.03
N TYR B 3678 -19.03 -43.20 10.50
CA TYR B 3678 -18.68 -43.04 11.92
C TYR B 3678 -17.41 -42.19 12.14
N ASN B 3679 -17.14 -41.22 11.27
CA ASN B 3679 -16.14 -40.16 11.53
C ASN B 3679 -16.52 -39.32 12.77
N CYS B 3680 -15.55 -38.61 13.37
CA CYS B 3680 -15.78 -37.78 14.57
C CYS B 3680 -15.90 -36.29 14.22
N ASP B 3681 -16.87 -35.57 14.79
CA ASP B 3681 -17.05 -34.10 14.58
C ASP B 3681 -16.14 -33.27 15.50
N ASN B 3682 -15.75 -32.08 15.05
CA ASN B 3682 -14.63 -31.26 15.56
C ASN B 3682 -14.64 -30.90 17.07
N HIS B 3683 -15.81 -30.88 17.72
CA HIS B 3683 -16.02 -30.16 19.00
C HIS B 3683 -16.80 -30.97 20.04
N THR B 3684 -17.86 -31.68 19.62
CA THR B 3684 -18.67 -32.54 20.51
C THR B 3684 -17.92 -33.83 20.86
N GLU B 3685 -16.92 -34.20 20.03
CA GLU B 3685 -16.23 -35.48 20.10
C GLU B 3685 -14.69 -35.34 20.14
N PHE B 3686 -14.06 -36.36 20.70
CA PHE B 3686 -12.62 -36.63 20.61
C PHE B 3686 -12.43 -37.96 19.87
N SER B 3687 -11.38 -38.08 19.06
CA SER B 3687 -11.06 -39.33 18.32
C SER B 3687 -9.88 -40.10 18.93
N CYS B 3688 -10.10 -41.38 19.26
CA CYS B 3688 -9.05 -42.25 19.85
C CYS B 3688 -7.88 -42.46 18.86
N LYS B 3689 -6.65 -42.68 19.34
CA LYS B 3689 -5.46 -42.77 18.46
C LYS B 3689 -5.41 -44.10 17.69
N THR B 3690 -5.57 -45.25 18.34
CA THR B 3690 -5.25 -46.56 17.71
C THR B 3690 -6.51 -47.30 17.29
N ASN B 3691 -7.69 -46.70 17.40
CA ASN B 3691 -8.94 -47.37 16.96
C ASN B 3691 -9.94 -46.32 16.51
N TYR B 3692 -11.10 -46.77 16.03
CA TYR B 3692 -12.11 -45.95 15.32
C TYR B 3692 -13.04 -45.15 16.24
N ARG B 3693 -12.97 -45.35 17.57
CA ARG B 3693 -13.92 -44.77 18.54
C ARG B 3693 -13.79 -43.24 18.63
N CYS B 3694 -14.94 -42.58 18.54
CA CYS B 3694 -15.13 -41.22 19.09
C CYS B 3694 -15.61 -41.32 20.55
N ILE B 3695 -15.37 -40.29 21.36
CA ILE B 3695 -15.93 -40.17 22.73
C ILE B 3695 -16.43 -38.74 22.96
N PRO B 3696 -17.30 -38.51 23.96
CA PRO B 3696 -17.66 -37.16 24.39
C PRO B 3696 -16.42 -36.37 24.77
N GLN B 3697 -16.29 -35.15 24.25
CA GLN B 3697 -15.06 -34.35 24.44
C GLN B 3697 -14.70 -34.18 25.93
N TRP B 3698 -15.66 -33.94 26.81
CA TRP B 3698 -15.44 -33.75 28.26
C TRP B 3698 -14.91 -34.99 29.00
N ALA B 3699 -14.83 -36.15 28.33
CA ALA B 3699 -14.23 -37.39 28.86
C ALA B 3699 -12.69 -37.32 28.87
N VAL B 3700 -12.11 -36.52 27.98
CA VAL B 3700 -10.64 -36.31 27.92
C VAL B 3700 -10.15 -35.82 29.29
N CYS B 3701 -9.01 -36.35 29.75
CA CYS B 3701 -8.36 -35.93 31.01
C CYS B 3701 -9.25 -36.14 32.25
N ASN B 3702 -10.33 -36.93 32.22
CA ASN B 3702 -11.25 -36.99 33.39
C ASN B 3702 -10.72 -37.90 34.51
N GLY B 3703 -9.59 -38.61 34.31
CA GLY B 3703 -9.09 -39.62 35.28
C GLY B 3703 -9.64 -41.00 35.01
N PHE B 3704 -10.09 -41.29 33.78
CA PHE B 3704 -10.67 -42.60 33.41
C PHE B 3704 -10.33 -42.93 31.96
N ASP B 3705 -10.38 -44.24 31.65
CA ASP B 3705 -9.94 -44.86 30.38
C ASP B 3705 -11.06 -44.75 29.31
N ASP B 3706 -11.42 -43.56 28.83
CA ASP B 3706 -12.63 -43.46 27.98
C ASP B 3706 -12.37 -43.97 26.57
N CYS B 3707 -11.16 -43.85 26.05
CA CYS B 3707 -10.72 -44.74 24.98
C CYS B 3707 -10.19 -46.02 25.64
N ARG B 3708 -10.49 -47.20 25.06
CA ARG B 3708 -9.84 -48.47 25.49
C ARG B 3708 -8.33 -48.42 25.23
N ASP B 3709 -7.90 -47.47 24.40
CA ASP B 3709 -6.51 -47.05 24.10
C ASP B 3709 -5.82 -46.37 25.30
N ASN B 3710 -6.58 -45.90 26.31
CA ASN B 3710 -6.12 -44.95 27.36
C ASN B 3710 -5.65 -43.61 26.75
N SER B 3711 -5.84 -43.35 25.46
CA SER B 3711 -5.14 -42.23 24.77
C SER B 3711 -5.91 -40.91 24.87
N ASP B 3712 -7.03 -40.89 25.62
CA ASP B 3712 -7.74 -39.66 26.06
C ASP B 3712 -7.14 -39.11 27.37
N GLU B 3713 -6.24 -39.88 28.02
CA GLU B 3713 -5.64 -39.48 29.33
C GLU B 3713 -4.17 -39.11 29.18
N GLN B 3714 -3.58 -39.34 28.00
CA GLN B 3714 -2.14 -39.11 27.73
C GLN B 3714 -1.85 -37.62 27.54
N GLY B 3715 -0.73 -37.16 28.13
CA GLY B 3715 -0.21 -35.79 27.95
C GLY B 3715 -1.17 -34.74 28.47
N CYS B 3716 -1.82 -35.01 29.61
CA CYS B 3716 -3.01 -34.26 30.06
C CYS B 3716 -2.65 -32.80 30.41
N GLU B 3717 -1.44 -32.55 30.92
CA GLU B 3717 -1.00 -31.18 31.34
C GLU B 3717 -1.00 -30.19 30.15
N SER B 3718 -1.15 -30.65 28.91
CA SER B 3718 -1.24 -29.78 27.71
C SER B 3718 -2.53 -28.93 27.69
N VAL B 3719 -3.67 -29.47 28.17
CA VAL B 3719 -4.97 -28.77 28.03
C VAL B 3719 -5.10 -27.68 29.11
N PRO B 3720 -5.53 -26.45 28.77
CA PRO B 3720 -5.87 -25.44 29.78
C PRO B 3720 -7.28 -25.65 30.35
N CYS B 3721 -7.41 -25.59 31.67
CA CYS B 3721 -8.74 -25.57 32.34
C CYS B 3721 -9.48 -24.27 31.99
N HIS B 3722 -10.80 -24.26 32.20
CA HIS B 3722 -11.60 -23.02 31.97
C HIS B 3722 -11.05 -21.91 32.85
N PRO B 3723 -10.88 -20.67 32.32
CA PRO B 3723 -10.24 -19.61 33.09
C PRO B 3723 -10.90 -19.29 34.43
N SER B 3724 -12.22 -19.48 34.58
CA SER B 3724 -12.96 -18.94 35.74
C SER B 3724 -13.67 -20.01 36.55
N GLY B 3725 -14.29 -21.00 35.89
CA GLY B 3725 -15.21 -21.94 36.58
C GLY B 3725 -14.52 -23.20 37.06
N ASP B 3726 -13.31 -23.47 36.54
CA ASP B 3726 -12.63 -24.76 36.76
C ASP B 3726 -11.52 -24.58 37.78
N PHE B 3727 -11.50 -25.44 38.79
CA PHE B 3727 -10.36 -25.54 39.74
C PHE B 3727 -9.47 -26.71 39.30
N ARG B 3728 -8.17 -26.44 39.13
CA ARG B 3728 -7.23 -27.47 38.65
C ARG B 3728 -6.60 -28.19 39.84
N CYS B 3729 -6.74 -29.53 39.86
CA CYS B 3729 -6.19 -30.37 40.96
C CYS B 3729 -4.66 -30.41 40.85
N ALA B 3730 -4.01 -30.94 41.88
CA ALA B 3730 -2.54 -31.09 41.90
C ALA B 3730 -2.07 -32.04 40.79
N ASN B 3731 -2.91 -32.96 40.32
CA ASN B 3731 -2.50 -33.95 39.28
C ASN B 3731 -2.93 -33.49 37.89
N HIS B 3732 -3.18 -32.19 37.68
CA HIS B 3732 -3.48 -31.54 36.37
C HIS B 3732 -4.87 -31.84 35.81
N HIS B 3733 -5.72 -32.64 36.48
CA HIS B 3733 -7.16 -32.74 36.10
C HIS B 3733 -7.90 -31.46 36.47
N CYS B 3734 -8.81 -30.98 35.61
CA CYS B 3734 -9.76 -29.88 35.91
C CYS B 3734 -11.01 -30.45 36.60
N ILE B 3735 -11.58 -29.73 37.56
CA ILE B 3735 -12.93 -30.05 38.09
C ILE B 3735 -13.72 -28.77 38.25
N PRO B 3736 -15.06 -28.81 38.14
CA PRO B 3736 -15.89 -27.64 38.41
C PRO B 3736 -15.66 -27.12 39.83
N LEU B 3737 -15.65 -25.80 39.97
CA LEU B 3737 -15.36 -25.13 41.27
C LEU B 3737 -16.39 -25.54 42.33
N ARG B 3738 -17.62 -25.83 41.94
CA ARG B 3738 -18.71 -26.14 42.91
C ARG B 3738 -18.39 -27.44 43.67
N TRP B 3739 -17.53 -28.30 43.12
CA TRP B 3739 -17.07 -29.53 43.80
C TRP B 3739 -15.87 -29.27 44.71
N LYS B 3740 -15.25 -28.09 44.61
CA LYS B 3740 -14.18 -27.73 45.56
C LYS B 3740 -14.77 -27.53 46.96
N CYS B 3741 -14.19 -28.20 47.95
CA CYS B 3741 -14.66 -28.17 49.36
C CYS B 3741 -16.11 -28.67 49.47
N ASP B 3742 -16.58 -29.53 48.56
CA ASP B 3742 -17.96 -30.08 48.68
C ASP B 3742 -17.99 -31.15 49.79
N GLY B 3743 -16.82 -31.57 50.30
CA GLY B 3743 -16.72 -32.59 51.35
C GLY B 3743 -16.41 -33.97 50.79
N THR B 3744 -16.13 -34.07 49.50
CA THR B 3744 -15.78 -35.37 48.86
C THR B 3744 -14.59 -35.18 47.92
N ASP B 3745 -13.76 -36.21 47.82
CA ASP B 3745 -12.64 -36.24 46.85
C ASP B 3745 -13.21 -36.33 45.43
N ASP B 3746 -12.75 -35.44 44.56
CA ASP B 3746 -13.17 -35.49 43.13
C ASP B 3746 -11.95 -35.52 42.21
N CYS B 3747 -10.74 -35.37 42.74
CA CYS B 3747 -9.50 -35.39 41.93
C CYS B 3747 -8.88 -36.79 41.97
N GLY B 3748 -8.84 -37.41 43.15
CA GLY B 3748 -8.16 -38.70 43.35
C GLY B 3748 -6.96 -38.52 44.27
N ASP B 3749 -6.28 -37.39 44.16
CA ASP B 3749 -5.17 -37.03 45.08
C ASP B 3749 -5.69 -36.09 46.18
N ASN B 3750 -7.01 -35.88 46.27
CA ASN B 3750 -7.66 -35.15 47.39
C ASN B 3750 -7.20 -33.69 47.44
N SER B 3751 -6.65 -33.15 46.35
CA SER B 3751 -6.12 -31.77 46.34
C SER B 3751 -7.26 -30.74 46.40
N ASP B 3752 -8.49 -31.13 46.04
CA ASP B 3752 -9.64 -30.20 46.09
C ASP B 3752 -10.06 -29.95 47.54
N GLU B 3753 -10.07 -31.00 48.36
CA GLU B 3753 -10.59 -30.95 49.75
C GLU B 3753 -9.49 -30.54 50.73
N GLU B 3754 -8.43 -29.87 50.26
CA GLU B 3754 -7.29 -29.51 51.13
C GLU B 3754 -7.23 -27.98 51.25
N ASN B 3755 -6.66 -27.50 52.37
CA ASN B 3755 -6.64 -26.05 52.71
C ASN B 3755 -8.09 -25.54 52.73
N CYS B 3756 -9.00 -26.31 53.33
CA CYS B 3756 -10.46 -26.11 53.12
C CYS B 3756 -11.09 -25.51 54.37
N VAL B 3757 -11.83 -24.41 54.19
CA VAL B 3757 -12.58 -23.78 55.32
C VAL B 3757 -14.06 -24.16 55.18
N PRO B 3758 -14.72 -24.66 56.24
CA PRO B 3758 -16.12 -25.04 56.16
C PRO B 3758 -16.99 -23.87 55.65
N ARG B 3759 -17.93 -24.16 54.74
CA ARG B 3759 -18.78 -23.13 54.10
C ARG B 3759 -19.78 -22.56 55.12
N GLU B 3760 -20.33 -21.39 54.81
CA GLU B 3760 -21.44 -20.80 55.61
C GLU B 3760 -22.71 -21.67 55.44
N CYS B 3761 -23.41 -21.99 56.53
CA CYS B 3761 -24.73 -22.65 56.42
C CYS B 3761 -25.75 -21.59 55.99
N SER B 3762 -26.61 -21.96 55.05
CA SER B 3762 -27.67 -21.08 54.49
C SER B 3762 -28.88 -21.01 55.46
N GLU B 3763 -29.90 -20.23 55.09
CA GLU B 3763 -30.99 -19.76 56.00
C GLU B 3763 -31.70 -20.94 56.67
N SER B 3764 -31.98 -22.02 55.93
CA SER B 3764 -32.80 -23.14 56.45
C SER B 3764 -31.92 -24.34 56.81
N GLU B 3765 -30.60 -24.15 56.92
CA GLU B 3765 -29.70 -25.24 57.38
C GLU B 3765 -29.39 -25.06 58.89
N PHE B 3766 -28.88 -26.13 59.51
CA PHE B 3766 -28.42 -26.13 60.92
C PHE B 3766 -26.96 -26.61 60.93
N ARG B 3767 -26.11 -26.06 61.80
CA ARG B 3767 -24.65 -26.38 61.80
C ARG B 3767 -24.29 -27.27 62.98
N CYS B 3768 -23.92 -28.52 62.69
CA CYS B 3768 -23.43 -29.51 63.69
C CYS B 3768 -22.16 -28.99 64.36
N ALA B 3769 -21.80 -29.53 65.53
CA ALA B 3769 -20.60 -29.15 66.29
C ALA B 3769 -19.35 -29.22 65.39
N ASP B 3770 -19.26 -30.21 64.49
CA ASP B 3770 -18.11 -30.38 63.57
C ASP B 3770 -18.27 -29.52 62.31
N GLN B 3771 -18.98 -28.39 62.39
CA GLN B 3771 -19.04 -27.34 61.32
C GLN B 3771 -19.65 -27.90 60.02
N GLN B 3772 -20.38 -29.00 60.09
CA GLN B 3772 -21.12 -29.52 58.92
C GLN B 3772 -22.53 -28.92 58.90
N CYS B 3773 -23.05 -28.69 57.70
CA CYS B 3773 -24.42 -28.12 57.50
C CYS B 3773 -25.40 -29.22 57.11
N ILE B 3774 -26.58 -29.25 57.75
CA ILE B 3774 -27.67 -30.21 57.39
C ILE B 3774 -28.99 -29.45 57.25
N PRO B 3775 -30.00 -29.99 56.56
CA PRO B 3775 -31.31 -29.35 56.50
C PRO B 3775 -31.89 -29.26 57.92
N SER B 3776 -32.49 -28.11 58.26
CA SER B 3776 -33.08 -27.89 59.61
C SER B 3776 -34.18 -28.92 59.91
N ARG B 3777 -34.89 -29.46 58.90
CA ARG B 3777 -35.95 -30.46 59.10
C ARG B 3777 -35.41 -31.69 59.83
N TRP B 3778 -34.11 -31.96 59.73
CA TRP B 3778 -33.49 -33.18 60.28
C TRP B 3778 -33.19 -33.03 61.78
N VAL B 3779 -33.28 -31.84 62.39
CA VAL B 3779 -32.94 -31.76 63.84
C VAL B 3779 -34.06 -32.42 64.65
N CYS B 3780 -33.67 -33.19 65.68
CA CYS B 3780 -34.59 -33.85 66.63
C CYS B 3780 -35.64 -34.70 65.89
N ASP B 3781 -35.26 -35.38 64.81
CA ASP B 3781 -36.19 -36.21 64.01
C ASP B 3781 -36.03 -37.69 64.38
N GLN B 3782 -35.18 -37.97 65.38
CA GLN B 3782 -34.84 -39.31 65.94
C GLN B 3782 -33.80 -40.00 65.06
N GLU B 3783 -33.01 -39.26 64.28
CA GLU B 3783 -31.93 -39.86 63.45
C GLU B 3783 -30.62 -39.11 63.69
N ASN B 3784 -29.51 -39.86 63.76
CA ASN B 3784 -28.15 -39.31 63.99
C ASN B 3784 -27.61 -38.68 62.70
N ASP B 3785 -28.08 -37.51 62.28
CA ASP B 3785 -27.75 -37.02 60.91
C ASP B 3785 -26.41 -36.29 60.89
N CYS B 3786 -25.98 -35.67 61.99
CA CYS B 3786 -24.63 -35.07 62.10
C CYS B 3786 -23.56 -36.16 62.19
N GLY B 3787 -23.95 -37.41 62.54
CA GLY B 3787 -23.00 -38.51 62.81
C GLY B 3787 -22.62 -38.60 64.29
N ASP B 3788 -22.61 -37.49 65.02
CA ASP B 3788 -22.28 -37.45 66.47
C ASP B 3788 -23.52 -37.10 67.32
N ASN B 3789 -24.72 -37.17 66.71
CA ASN B 3789 -26.02 -36.79 67.32
C ASN B 3789 -26.06 -35.31 67.74
N SER B 3790 -25.19 -34.44 67.20
CA SER B 3790 -25.24 -32.98 67.47
C SER B 3790 -26.57 -32.35 67.03
N ASP B 3791 -27.32 -33.03 66.14
CA ASP B 3791 -28.67 -32.59 65.69
C ASP B 3791 -29.79 -32.99 66.66
N GLU B 3792 -29.58 -34.00 67.51
CA GLU B 3792 -30.71 -34.67 68.21
C GLU B 3792 -30.73 -34.31 69.69
N ARG B 3793 -30.52 -33.02 70.03
CA ARG B 3793 -30.34 -32.63 71.45
C ARG B 3793 -31.01 -31.28 71.76
N ASP B 3794 -31.31 -31.05 73.05
CA ASP B 3794 -32.09 -29.91 73.60
C ASP B 3794 -33.51 -29.89 73.01
N CYS B 3795 -34.05 -31.04 72.62
CA CYS B 3795 -35.21 -31.08 71.70
C CYS B 3795 -36.49 -30.53 72.35
N GLU B 3796 -36.69 -30.68 73.66
CA GLU B 3796 -37.91 -30.14 74.32
C GLU B 3796 -37.75 -28.63 74.54
N MET B 3797 -36.54 -28.07 74.42
CA MET B 3797 -36.32 -26.62 74.65
C MET B 3797 -36.67 -25.81 73.38
N LYS B 3798 -37.22 -26.47 72.35
CA LYS B 3798 -37.64 -25.81 71.09
C LYS B 3798 -38.97 -26.42 70.65
N THR B 3799 -39.72 -25.69 69.81
CA THR B 3799 -40.94 -26.23 69.13
C THR B 3799 -40.54 -26.78 67.75
N CYS B 3800 -41.50 -27.18 66.92
CA CYS B 3800 -41.17 -27.62 65.53
C CYS B 3800 -42.33 -27.30 64.57
N HIS B 3801 -42.02 -27.38 63.28
CA HIS B 3801 -42.90 -26.93 62.16
C HIS B 3801 -44.33 -27.44 62.35
N PRO B 3802 -45.38 -26.62 62.12
CA PRO B 3802 -46.74 -26.89 62.59
C PRO B 3802 -47.38 -28.20 62.06
N GLU B 3803 -46.84 -28.77 60.99
CA GLU B 3803 -47.26 -30.08 60.43
C GLU B 3803 -46.74 -31.27 61.28
N HIS B 3804 -45.94 -31.05 62.32
CA HIS B 3804 -45.44 -32.15 63.18
C HIS B 3804 -46.23 -32.30 64.48
N PHE B 3805 -46.13 -33.51 65.04
CA PHE B 3805 -46.50 -33.84 66.43
C PHE B 3805 -45.21 -33.96 67.25
N GLN B 3806 -45.17 -33.35 68.44
CA GLN B 3806 -43.97 -33.33 69.29
C GLN B 3806 -44.14 -34.32 70.45
N CYS B 3807 -43.18 -35.25 70.58
CA CYS B 3807 -43.19 -36.35 71.59
C CYS B 3807 -42.98 -35.76 73.01
N THR B 3808 -43.23 -36.54 74.08
CA THR B 3808 -42.99 -36.08 75.47
C THR B 3808 -41.52 -35.71 75.64
N SER B 3809 -40.61 -36.44 74.98
CA SER B 3809 -39.15 -36.21 74.95
C SER B 3809 -38.74 -35.09 73.97
N GLY B 3810 -39.68 -34.38 73.35
CA GLY B 3810 -39.39 -33.18 72.54
C GLY B 3810 -39.01 -33.49 71.10
N HIS B 3811 -38.74 -34.75 70.73
CA HIS B 3811 -38.51 -35.10 69.30
C HIS B 3811 -39.78 -34.82 68.47
N CYS B 3812 -39.62 -34.68 67.15
CA CYS B 3812 -40.76 -34.34 66.26
C CYS B 3812 -40.96 -35.39 65.15
N VAL B 3813 -42.23 -35.74 64.91
CA VAL B 3813 -42.63 -36.69 63.84
C VAL B 3813 -43.81 -36.10 63.07
N PRO B 3814 -43.98 -36.34 61.75
CA PRO B 3814 -45.13 -35.81 61.02
C PRO B 3814 -46.47 -36.17 61.68
N LYS B 3815 -47.40 -35.21 61.66
CA LYS B 3815 -48.72 -35.29 62.34
C LYS B 3815 -49.50 -36.53 61.90
N ALA B 3816 -49.37 -36.94 60.64
CA ALA B 3816 -50.15 -38.07 60.07
C ALA B 3816 -49.83 -39.37 60.83
N LEU B 3817 -48.63 -39.47 61.43
CA LEU B 3817 -48.22 -40.73 62.09
C LEU B 3817 -48.73 -40.76 63.53
N ALA B 3818 -49.16 -39.63 64.10
CA ALA B 3818 -49.61 -39.62 65.52
C ALA B 3818 -51.10 -39.98 65.59
N CYS B 3819 -51.45 -40.85 66.53
CA CYS B 3819 -52.78 -41.52 66.63
C CYS B 3819 -53.04 -42.38 65.38
N ASP B 3820 -52.01 -42.99 64.79
CA ASP B 3820 -52.17 -43.88 63.60
C ASP B 3820 -52.31 -45.35 63.98
N GLY B 3821 -52.12 -45.71 65.26
CA GLY B 3821 -52.18 -47.10 65.75
C GLY B 3821 -50.81 -47.72 66.01
N ARG B 3822 -49.69 -47.03 65.76
CA ARG B 3822 -48.33 -47.60 65.95
C ARG B 3822 -47.42 -46.59 66.66
N ALA B 3823 -46.39 -47.06 67.36
CA ALA B 3823 -45.41 -46.19 68.04
C ALA B 3823 -44.41 -45.66 67.00
N ASP B 3824 -44.42 -44.34 66.76
CA ASP B 3824 -43.47 -43.67 65.83
C ASP B 3824 -42.55 -42.69 66.57
N CYS B 3825 -42.97 -42.10 67.67
CA CYS B 3825 -42.00 -41.62 68.68
C CYS B 3825 -41.28 -42.85 69.25
N LEU B 3826 -39.97 -42.75 69.50
CA LEU B 3826 -39.19 -43.85 70.14
C LEU B 3826 -39.74 -44.11 71.56
N ASP B 3827 -40.15 -43.04 72.27
CA ASP B 3827 -40.79 -43.11 73.60
C ASP B 3827 -42.27 -43.53 73.50
N ALA B 3828 -42.80 -43.78 72.28
CA ALA B 3828 -44.21 -44.12 72.02
C ALA B 3828 -45.14 -43.09 72.68
N SER B 3829 -44.73 -41.82 72.69
CA SER B 3829 -45.57 -40.70 73.19
C SER B 3829 -46.79 -40.51 72.29
N ASP B 3830 -46.66 -40.68 70.96
CA ASP B 3830 -47.85 -40.78 70.07
C ASP B 3830 -48.61 -42.06 70.44
N GLU B 3831 -49.91 -42.12 70.11
CA GLU B 3831 -50.80 -43.26 70.49
C GLU B 3831 -51.11 -43.27 71.99
N SER B 3832 -50.10 -43.14 72.89
CA SER B 3832 -50.28 -43.36 74.35
C SER B 3832 -51.09 -42.24 75.02
N ALA B 3833 -51.69 -41.30 74.26
CA ALA B 3833 -52.71 -40.38 74.80
C ALA B 3833 -53.89 -40.20 73.83
N CYS B 3834 -54.06 -41.10 72.84
CA CYS B 3834 -55.10 -40.98 71.79
C CYS B 3834 -56.41 -41.65 72.26
N PRO B 3835 -57.60 -41.20 71.80
CA PRO B 3835 -58.88 -41.77 72.25
C PRO B 3835 -59.13 -43.20 71.76
N THR B 3836 -60.18 -43.84 72.29
CA THR B 3836 -60.66 -45.17 71.83
C THR B 3836 -61.01 -45.13 70.34
N ARG B 3837 -61.01 -46.28 69.67
CA ARG B 3837 -61.29 -46.35 68.20
C ARG B 3837 -62.63 -47.03 67.93
N PHE B 3838 -63.14 -47.81 68.88
CA PHE B 3838 -64.45 -48.49 68.78
C PHE B 3838 -65.22 -48.30 70.10
N PRO B 3839 -66.55 -48.14 70.05
CA PRO B 3839 -67.34 -47.64 71.21
C PRO B 3839 -67.46 -48.63 72.37
N ASN B 3840 -67.00 -49.87 72.14
CA ASN B 3840 -66.82 -50.91 73.18
C ASN B 3840 -65.45 -50.75 73.88
N GLY B 3841 -64.82 -49.57 73.75
CA GLY B 3841 -63.58 -49.18 74.46
C GLY B 3841 -62.30 -49.48 73.69
N THR B 3842 -62.34 -50.33 72.65
CA THR B 3842 -61.12 -50.96 72.11
C THR B 3842 -60.29 -49.94 71.32
N TYR B 3843 -58.96 -49.99 71.47
CA TYR B 3843 -58.01 -49.10 70.77
C TYR B 3843 -57.55 -49.70 69.43
N CYS B 3844 -57.73 -51.00 69.20
CA CYS B 3844 -57.28 -51.69 67.98
C CYS B 3844 -58.40 -52.56 67.38
N PRO B 3845 -58.35 -52.90 66.08
CA PRO B 3845 -59.22 -53.95 65.53
C PRO B 3845 -58.92 -55.28 66.22
N ALA B 3846 -59.95 -56.11 66.39
CA ALA B 3846 -59.92 -57.31 67.25
C ALA B 3846 -58.88 -58.33 66.77
N ALA B 3847 -58.49 -58.28 65.47
CA ALA B 3847 -57.48 -59.18 64.88
C ALA B 3847 -56.12 -59.01 65.57
N MET B 3848 -55.80 -57.81 66.06
CA MET B 3848 -54.44 -57.48 66.55
C MET B 3848 -54.45 -57.28 68.06
N PHE B 3849 -53.44 -57.85 68.75
CA PHE B 3849 -53.23 -57.59 70.18
C PHE B 3849 -52.95 -56.10 70.36
N GLU B 3850 -53.65 -55.48 71.31
CA GLU B 3850 -53.41 -54.06 71.67
C GLU B 3850 -52.58 -54.01 72.96
N CYS B 3851 -51.42 -53.36 72.90
CA CYS B 3851 -50.61 -53.13 74.11
C CYS B 3851 -51.33 -52.10 74.99
N LYS B 3852 -51.09 -52.15 76.29
CA LYS B 3852 -51.83 -51.31 77.28
C LYS B 3852 -51.57 -49.83 77.01
N ASN B 3853 -50.46 -49.48 76.36
CA ASN B 3853 -50.14 -48.07 76.04
C ASN B 3853 -50.82 -47.65 74.72
N HIS B 3854 -51.88 -48.36 74.29
CA HIS B 3854 -52.76 -48.02 73.13
C HIS B 3854 -52.07 -48.18 71.78
N VAL B 3855 -51.01 -49.00 71.65
CA VAL B 3855 -50.42 -49.30 70.31
C VAL B 3855 -50.86 -50.70 69.85
N CYS B 3856 -51.20 -50.80 68.57
CA CYS B 3856 -51.55 -52.10 67.95
C CYS B 3856 -50.27 -52.73 67.42
N ILE B 3857 -50.07 -54.01 67.73
CA ILE B 3857 -49.01 -54.83 67.08
C ILE B 3857 -49.66 -56.06 66.46
N GLN B 3858 -49.01 -56.61 65.44
CA GLN B 3858 -49.53 -57.82 64.75
C GLN B 3858 -49.35 -59.00 65.70
N SER B 3859 -50.36 -59.88 65.76
CA SER B 3859 -50.53 -60.89 66.83
C SER B 3859 -49.37 -61.91 66.85
N PHE B 3860 -48.56 -62.05 65.80
CA PHE B 3860 -47.51 -63.10 65.78
C PHE B 3860 -46.19 -62.53 66.29
N TRP B 3861 -46.17 -61.25 66.71
CA TRP B 3861 -44.96 -60.67 67.36
C TRP B 3861 -44.97 -60.91 68.86
N ILE B 3862 -46.02 -61.54 69.38
CA ILE B 3862 -46.15 -61.78 70.84
C ILE B 3862 -45.11 -62.82 71.28
N CYS B 3863 -44.55 -62.62 72.47
CA CYS B 3863 -43.59 -63.56 73.13
C CYS B 3863 -42.40 -63.89 72.24
N ASP B 3864 -42.09 -63.10 71.19
CA ASP B 3864 -40.97 -63.41 70.28
C ASP B 3864 -39.64 -62.97 70.93
N GLY B 3865 -39.69 -62.42 72.15
CA GLY B 3865 -38.48 -61.96 72.88
C GLY B 3865 -38.13 -60.51 72.57
N GLU B 3866 -38.84 -59.85 71.66
CA GLU B 3866 -38.56 -58.44 71.30
C GLU B 3866 -39.66 -57.54 71.87
N ASN B 3867 -39.25 -56.42 72.49
CA ASN B 3867 -40.21 -55.45 73.05
C ASN B 3867 -40.86 -54.67 71.90
N ASP B 3868 -41.71 -55.34 71.13
CA ASP B 3868 -42.33 -54.78 69.92
C ASP B 3868 -43.19 -53.57 70.28
N CYS B 3869 -43.67 -53.48 71.53
CA CYS B 3869 -44.28 -52.25 72.05
C CYS B 3869 -43.62 -51.91 73.39
N VAL B 3870 -43.50 -50.62 73.69
CA VAL B 3870 -42.59 -50.14 74.77
C VAL B 3870 -43.19 -50.51 76.13
N ASP B 3871 -44.48 -50.78 76.22
CA ASP B 3871 -45.11 -51.09 77.53
C ASP B 3871 -44.66 -52.49 78.00
N GLY B 3872 -44.11 -53.33 77.13
CA GLY B 3872 -43.64 -54.67 77.50
C GLY B 3872 -44.78 -55.66 77.63
N SER B 3873 -46.01 -55.25 77.30
CA SER B 3873 -47.19 -56.15 77.34
C SER B 3873 -47.04 -57.23 76.26
N ASP B 3874 -46.24 -56.98 75.23
CA ASP B 3874 -46.08 -58.02 74.17
C ASP B 3874 -45.06 -59.07 74.62
N GLU B 3875 -44.53 -58.98 75.85
CA GLU B 3875 -43.56 -59.99 76.34
C GLU B 3875 -43.91 -60.46 77.75
N GLU B 3876 -45.04 -60.02 78.32
CA GLU B 3876 -45.41 -60.38 79.71
C GLU B 3876 -45.60 -61.90 79.80
N ILE B 3877 -45.07 -62.50 80.87
CA ILE B 3877 -44.95 -63.98 80.97
C ILE B 3877 -46.35 -64.58 81.08
N HIS B 3878 -47.20 -64.04 81.97
CA HIS B 3878 -48.51 -64.67 82.27
C HIS B 3878 -49.35 -64.76 81.00
N LEU B 3879 -49.47 -63.64 80.28
CA LEU B 3879 -50.30 -63.64 79.05
C LEU B 3879 -49.55 -64.38 77.93
N CYS B 3880 -48.29 -64.75 78.14
CA CYS B 3880 -47.52 -65.55 77.16
C CYS B 3880 -47.77 -67.06 77.35
N PHE B 3881 -48.55 -67.48 78.35
CA PHE B 3881 -48.81 -68.92 78.59
C PHE B 3881 -49.53 -69.56 77.39
N ASN B 3882 -50.39 -68.78 76.70
CA ASN B 3882 -51.22 -69.31 75.59
C ASN B 3882 -50.43 -69.23 74.28
N ILE B 3883 -49.44 -70.11 74.13
CA ILE B 3883 -48.61 -70.18 72.90
C ILE B 3883 -47.95 -71.56 72.83
N PRO B 3884 -47.77 -72.14 71.62
CA PRO B 3884 -46.92 -73.32 71.48
C PRO B 3884 -45.45 -72.95 71.31
N CYS B 3885 -44.61 -73.98 71.16
CA CYS B 3885 -43.16 -73.82 70.88
C CYS B 3885 -42.86 -74.41 69.51
N GLU B 3886 -42.18 -73.62 68.65
CA GLU B 3886 -41.78 -74.07 67.31
C GLU B 3886 -40.32 -74.53 67.40
N SER B 3887 -40.11 -75.85 67.50
CA SER B 3887 -38.77 -76.46 67.71
C SER B 3887 -37.77 -76.01 66.63
N PRO B 3888 -38.08 -76.03 65.32
CA PRO B 3888 -37.09 -75.59 64.32
C PRO B 3888 -36.79 -74.08 64.35
N GLN B 3889 -37.48 -73.31 65.20
CA GLN B 3889 -37.24 -71.84 65.29
C GLN B 3889 -37.00 -71.42 66.72
N ARG B 3890 -37.74 -71.97 67.70
CA ARG B 3890 -37.69 -71.48 69.09
C ARG B 3890 -37.65 -72.68 70.05
N PHE B 3891 -37.10 -72.45 71.24
CA PHE B 3891 -36.91 -73.51 72.25
C PHE B 3891 -37.32 -72.99 73.63
N ARG B 3892 -38.07 -73.81 74.37
CA ARG B 3892 -38.68 -73.39 75.65
C ARG B 3892 -37.64 -73.50 76.77
N CYS B 3893 -37.54 -72.45 77.59
CA CYS B 3893 -36.65 -72.43 78.77
C CYS B 3893 -37.40 -72.98 80.00
N ASP B 3894 -36.82 -72.82 81.19
CA ASP B 3894 -37.55 -73.12 82.45
C ASP B 3894 -38.76 -72.17 82.55
N ASN B 3895 -38.55 -70.89 82.24
CA ASN B 3895 -39.67 -69.97 81.95
C ASN B 3895 -40.35 -70.47 80.67
N SER B 3896 -41.67 -70.27 80.56
CA SER B 3896 -42.44 -70.71 79.38
C SER B 3896 -42.05 -69.89 78.13
N ARG B 3897 -41.12 -68.93 78.25
CA ARG B 3897 -40.61 -68.16 77.08
C ARG B 3897 -39.88 -69.10 76.12
N CYS B 3898 -40.17 -68.98 74.82
CA CYS B 3898 -39.59 -69.85 73.77
C CYS B 3898 -38.68 -68.96 72.91
N VAL B 3899 -37.42 -68.80 73.34
CA VAL B 3899 -36.46 -67.91 72.65
C VAL B 3899 -36.08 -68.50 71.30
N TYR B 3900 -35.66 -67.64 70.39
CA TYR B 3900 -35.19 -68.06 69.04
C TYR B 3900 -33.92 -68.89 69.18
N GLY B 3901 -33.68 -69.74 68.17
CA GLY B 3901 -32.64 -70.80 68.19
C GLY B 3901 -31.25 -70.25 68.45
N HIS B 3902 -30.88 -69.16 67.77
CA HIS B 3902 -29.49 -68.64 67.78
C HIS B 3902 -29.08 -68.20 69.19
N GLN B 3903 -30.03 -67.98 70.10
CA GLN B 3903 -29.72 -67.63 71.51
C GLN B 3903 -29.36 -68.90 72.30
N LEU B 3904 -29.73 -70.09 71.82
CA LEU B 3904 -29.37 -71.33 72.54
C LEU B 3904 -27.85 -71.53 72.42
N CYS B 3905 -27.20 -71.80 73.56
CA CYS B 3905 -25.73 -71.98 73.68
C CYS B 3905 -24.98 -70.73 73.19
N ASN B 3906 -25.58 -69.54 73.25
CA ASN B 3906 -24.89 -68.31 72.76
C ASN B 3906 -23.94 -67.78 73.82
N GLY B 3907 -23.98 -68.30 75.06
CA GLY B 3907 -23.17 -67.81 76.19
C GLY B 3907 -23.77 -66.57 76.84
N VAL B 3908 -25.01 -66.22 76.48
CA VAL B 3908 -25.75 -65.12 77.15
C VAL B 3908 -27.06 -65.67 77.71
N ASP B 3909 -27.27 -65.50 79.01
CA ASP B 3909 -28.52 -65.98 79.66
C ASP B 3909 -29.67 -65.10 79.15
N ASP B 3910 -30.45 -65.62 78.22
CA ASP B 3910 -31.49 -64.81 77.53
C ASP B 3910 -32.84 -64.94 78.24
N CYS B 3911 -33.19 -66.16 78.70
CA CYS B 3911 -34.51 -66.42 79.34
C CYS B 3911 -34.51 -65.97 80.81
N GLY B 3912 -33.32 -65.77 81.39
CA GLY B 3912 -33.18 -65.45 82.83
C GLY B 3912 -33.26 -66.70 83.69
N ASP B 3913 -33.16 -67.90 83.09
CA ASP B 3913 -33.16 -69.15 83.89
C ASP B 3913 -32.01 -70.09 83.49
N GLY B 3914 -31.16 -69.70 82.53
CA GLY B 3914 -29.97 -70.49 82.17
C GLY B 3914 -30.31 -71.72 81.35
N SER B 3915 -31.60 -71.89 81.02
CA SER B 3915 -32.07 -73.06 80.24
C SER B 3915 -31.50 -72.98 78.82
N ASP B 3916 -31.43 -71.77 78.25
CA ASP B 3916 -30.81 -71.55 76.93
C ASP B 3916 -29.34 -71.95 76.97
N GLU B 3917 -28.69 -71.82 78.14
CA GLU B 3917 -27.25 -72.13 78.29
C GLU B 3917 -27.04 -73.48 79.00
N LYS B 3918 -28.05 -74.36 79.01
CA LYS B 3918 -27.86 -75.74 79.49
C LYS B 3918 -27.03 -76.50 78.44
N GLU B 3919 -25.84 -76.95 78.81
CA GLU B 3919 -24.75 -77.41 77.88
C GLU B 3919 -25.19 -78.58 76.97
N GLU B 3920 -26.18 -79.40 77.33
CA GLU B 3920 -26.54 -80.63 76.57
C GLU B 3920 -27.04 -80.35 75.15
N HIS B 3921 -27.25 -79.09 74.75
CA HIS B 3921 -27.61 -78.73 73.36
C HIS B 3921 -26.40 -78.27 72.54
N CYS B 3922 -25.25 -77.99 73.18
CA CYS B 3922 -24.11 -77.28 72.56
C CYS B 3922 -23.16 -78.24 71.82
N ARG B 3923 -23.68 -79.37 71.26
CA ARG B 3923 -22.88 -80.37 70.52
C ARG B 3923 -23.79 -81.15 69.55
N LYS B 3924 -23.23 -81.61 68.42
CA LYS B 3924 -23.99 -82.16 67.26
C LYS B 3924 -24.58 -83.53 67.61
N PRO B 3925 -25.89 -83.79 67.39
CA PRO B 3925 -26.47 -85.13 67.60
C PRO B 3925 -25.92 -86.22 66.67
N THR B 3926 -26.24 -87.49 67.00
CA THR B 3926 -25.76 -88.70 66.28
C THR B 3926 -26.27 -88.71 64.83
N HIS B 3927 -25.43 -89.23 63.91
CA HIS B 3927 -25.77 -89.37 62.46
C HIS B 3927 -26.92 -90.38 62.30
N LYS B 3928 -27.92 -90.02 61.48
CA LYS B 3928 -29.20 -90.78 61.41
C LYS B 3928 -28.98 -92.15 60.75
N PRO B 3929 -29.45 -93.27 61.34
CA PRO B 3929 -29.49 -94.58 60.66
C PRO B 3929 -30.39 -94.61 59.40
N CYS B 3930 -30.21 -95.62 58.55
CA CYS B 3930 -31.07 -95.80 57.34
C CYS B 3930 -31.13 -97.24 56.82
N THR B 3931 -32.23 -97.54 56.10
CA THR B 3931 -32.53 -98.86 55.48
C THR B 3931 -31.47 -99.23 54.43
N ASP B 3932 -31.47 -100.48 53.97
CA ASP B 3932 -30.49 -100.98 52.97
C ASP B 3932 -30.66 -100.27 51.63
N THR B 3933 -31.79 -99.59 51.40
CA THR B 3933 -32.02 -98.82 50.15
C THR B 3933 -31.33 -97.45 50.24
N GLU B 3934 -30.67 -97.18 51.36
CA GLU B 3934 -29.88 -95.93 51.55
C GLU B 3934 -28.48 -96.32 52.04
N TYR B 3935 -27.60 -95.34 52.16
CA TYR B 3935 -26.20 -95.55 52.59
C TYR B 3935 -25.78 -94.40 53.48
N LYS B 3936 -25.12 -94.72 54.60
CA LYS B 3936 -24.53 -93.73 55.53
C LYS B 3936 -23.16 -93.32 54.95
N CYS B 3937 -23.06 -92.14 54.32
CA CYS B 3937 -21.81 -91.65 53.69
C CYS B 3937 -20.75 -91.38 54.78
N SER B 3938 -19.55 -90.98 54.38
CA SER B 3938 -18.50 -90.51 55.31
C SER B 3938 -19.01 -89.29 56.10
N ASN B 3939 -19.81 -88.42 55.46
CA ASN B 3939 -20.46 -87.25 56.09
C ASN B 3939 -21.58 -87.67 57.08
N GLY B 3940 -22.20 -86.67 57.74
CA GLY B 3940 -23.16 -86.89 58.84
C GLY B 3940 -24.54 -87.33 58.37
N ASN B 3941 -24.62 -88.08 57.26
CA ASN B 3941 -25.90 -88.24 56.52
C ASN B 3941 -26.10 -89.65 55.95
N CYS B 3942 -27.37 -89.99 55.71
CA CYS B 3942 -27.80 -91.21 54.99
C CYS B 3942 -28.38 -90.81 53.63
N ILE B 3943 -27.85 -91.37 52.53
CA ILE B 3943 -28.30 -91.05 51.15
C ILE B 3943 -28.76 -92.33 50.46
N SER B 3944 -29.83 -92.25 49.66
CA SER B 3944 -30.46 -93.43 49.02
C SER B 3944 -29.42 -94.21 48.21
N GLN B 3945 -29.49 -95.53 48.25
CA GLN B 3945 -28.57 -96.43 47.50
C GLN B 3945 -28.71 -96.21 46.00
N HIS B 3946 -29.89 -95.78 45.53
CA HIS B 3946 -30.08 -95.45 44.10
C HIS B 3946 -29.34 -94.16 43.73
N TYR B 3947 -28.91 -93.37 44.72
CA TYR B 3947 -28.00 -92.23 44.49
C TYR B 3947 -26.55 -92.69 44.65
N VAL B 3948 -26.33 -93.99 44.93
CA VAL B 3948 -24.96 -94.56 45.08
C VAL B 3948 -24.63 -95.32 43.79
N CYS B 3949 -23.41 -95.10 43.27
CA CYS B 3949 -22.94 -95.68 41.98
C CYS B 3949 -23.82 -95.20 40.83
N ASP B 3950 -24.43 -94.00 40.94
CA ASP B 3950 -25.07 -93.35 39.79
C ASP B 3950 -24.11 -92.35 39.17
N ASN B 3951 -22.88 -92.25 39.69
CA ASN B 3951 -21.79 -91.41 39.11
C ASN B 3951 -22.15 -89.93 39.16
N VAL B 3952 -22.91 -89.50 40.16
CA VAL B 3952 -23.18 -88.05 40.43
C VAL B 3952 -23.06 -87.83 41.93
N ASN B 3953 -22.26 -86.84 42.32
CA ASN B 3953 -22.04 -86.53 43.76
C ASN B 3953 -23.39 -86.19 44.41
N ASP B 3954 -23.69 -86.83 45.54
CA ASP B 3954 -25.01 -86.70 46.19
C ASP B 3954 -24.91 -86.42 47.69
N CYS B 3955 -23.82 -86.81 48.35
CA CYS B 3955 -23.66 -86.55 49.81
C CYS B 3955 -22.41 -85.73 50.09
N GLY B 3956 -22.04 -84.82 49.17
CA GLY B 3956 -20.96 -83.84 49.40
C GLY B 3956 -19.57 -84.44 49.26
N ASP B 3957 -19.26 -85.48 50.03
CA ASP B 3957 -17.89 -86.06 50.08
C ASP B 3957 -17.67 -87.05 48.92
N LEU B 3958 -18.66 -87.20 48.02
CA LEU B 3958 -18.60 -88.14 46.87
C LEU B 3958 -18.51 -89.59 47.35
N SER B 3959 -18.81 -89.83 48.64
CA SER B 3959 -18.74 -91.19 49.24
C SER B 3959 -19.70 -92.14 48.49
N ASP B 3960 -20.73 -91.60 47.85
CA ASP B 3960 -21.69 -92.43 47.08
C ASP B 3960 -21.00 -93.00 45.83
N GLU B 3961 -19.89 -92.41 45.37
CA GLU B 3961 -19.14 -92.95 44.20
C GLU B 3961 -17.64 -92.89 44.45
N THR B 3962 -17.21 -93.07 45.69
CA THR B 3962 -15.77 -93.20 46.05
C THR B 3962 -15.28 -94.57 45.58
N GLY B 3963 -15.08 -94.71 44.27
CA GLY B 3963 -14.52 -95.94 43.68
C GLY B 3963 -15.53 -97.08 43.66
N CYS B 3964 -16.59 -96.95 42.84
CA CYS B 3964 -17.55 -98.05 42.59
C CYS B 3964 -16.87 -99.08 41.69
N ASN B 3965 -17.08 -100.36 41.98
CA ASN B 3965 -16.38 -101.47 41.27
C ASN B 3965 -17.41 -102.43 40.69
N LEU B 3966 -16.99 -103.17 39.65
CA LEU B 3966 -17.84 -104.16 38.97
C LEU B 3966 -17.01 -105.43 38.70
N GLY B 3967 -17.70 -106.54 38.43
CA GLY B 3967 -17.07 -107.84 38.14
C GLY B 3967 -18.09 -108.98 38.16
N ASP B 3968 -18.01 -109.86 37.17
CA ASP B 3968 -18.87 -111.08 37.11
C ASP B 3968 -18.54 -112.01 38.28
N ASN B 3969 -17.25 -112.17 38.60
CA ASN B 3969 -16.81 -113.04 39.72
C ASN B 3969 -16.89 -112.27 41.03
N ARG B 3970 -17.10 -110.95 40.97
CA ARG B 3970 -16.91 -110.06 42.14
C ARG B 3970 -18.13 -110.10 43.06
N THR B 3971 -17.85 -110.17 44.37
CA THR B 3971 -18.85 -109.92 45.43
C THR B 3971 -18.25 -108.88 46.38
N CYS B 3972 -19.11 -108.03 46.95
CA CYS B 3972 -18.67 -106.94 47.86
C CYS B 3972 -17.99 -107.53 49.10
N ALA B 3973 -18.60 -108.55 49.72
CA ALA B 3973 -18.12 -109.12 50.99
C ALA B 3973 -17.25 -110.36 50.74
N GLU B 3974 -16.25 -110.25 49.86
CA GLU B 3974 -15.30 -111.38 49.66
C GLU B 3974 -13.93 -110.91 50.14
N ASN B 3975 -13.33 -109.98 49.38
CA ASN B 3975 -12.16 -109.18 49.84
C ASN B 3975 -11.90 -108.07 48.81
N ILE B 3976 -12.13 -106.81 49.18
CA ILE B 3976 -11.83 -105.69 48.26
C ILE B 3976 -11.08 -104.59 49.01
N CYS B 3977 -11.56 -104.14 50.18
CA CYS B 3977 -10.85 -103.11 50.98
C CYS B 3977 -10.80 -103.55 52.44
N GLU B 3978 -10.04 -102.81 53.24
CA GLU B 3978 -9.63 -103.25 54.61
C GLU B 3978 -10.83 -103.27 55.56
N GLN B 3979 -11.70 -102.25 55.53
CA GLN B 3979 -12.66 -102.08 56.65
C GLN B 3979 -14.09 -102.44 56.24
N ASN B 3980 -14.74 -101.62 55.40
CA ASN B 3980 -16.10 -101.98 54.89
C ASN B 3980 -16.22 -101.66 53.40
N CYS B 3981 -16.91 -102.55 52.70
CA CYS B 3981 -17.48 -102.34 51.34
C CYS B 3981 -19.00 -102.25 51.45
N THR B 3982 -19.66 -101.81 50.37
CA THR B 3982 -21.14 -101.73 50.29
C THR B 3982 -21.57 -102.20 48.91
N GLN B 3983 -22.62 -103.04 48.88
CA GLN B 3983 -23.10 -103.68 47.63
C GLN B 3983 -24.47 -103.10 47.23
N LEU B 3984 -24.72 -103.06 45.92
CA LEU B 3984 -26.08 -102.79 45.39
C LEU B 3984 -26.46 -103.92 44.41
N SER B 3985 -27.77 -104.06 44.19
CA SER B 3985 -28.39 -105.21 43.48
C SER B 3985 -27.91 -105.32 42.03
N SER B 3986 -27.32 -104.26 41.44
CA SER B 3986 -26.92 -104.27 40.01
C SER B 3986 -25.64 -105.08 39.80
N GLY B 3987 -24.99 -105.55 40.88
CA GLY B 3987 -23.71 -106.28 40.80
C GLY B 3987 -22.53 -105.39 41.12
N GLY B 3988 -22.73 -104.06 41.10
CA GLY B 3988 -21.68 -103.10 41.48
C GLY B 3988 -21.45 -103.09 42.98
N PHE B 3989 -20.27 -102.65 43.42
CA PHE B 3989 -19.94 -102.55 44.85
C PHE B 3989 -18.92 -101.43 45.05
N ILE B 3990 -18.93 -100.86 46.24
CA ILE B 3990 -18.12 -99.65 46.56
C ILE B 3990 -17.69 -99.71 48.02
N CYS B 3991 -16.54 -99.10 48.32
CA CYS B 3991 -15.94 -99.16 49.68
C CYS B 3991 -16.00 -97.81 50.38
N SER B 3992 -15.70 -97.82 51.67
CA SER B 3992 -15.53 -96.61 52.50
C SER B 3992 -14.58 -96.93 53.65
N CYS B 3993 -14.10 -95.89 54.33
CA CYS B 3993 -13.16 -96.06 55.46
C CYS B 3993 -13.73 -95.41 56.71
N ARG B 3994 -13.40 -95.99 57.86
CA ARG B 3994 -13.91 -95.51 59.16
C ARG B 3994 -13.29 -94.14 59.45
N PRO B 3995 -13.88 -93.34 60.35
CA PRO B 3995 -13.32 -92.04 60.72
C PRO B 3995 -11.84 -92.15 61.12
N GLY B 3996 -11.04 -91.19 60.62
CA GLY B 3996 -9.57 -91.20 60.75
C GLY B 3996 -8.89 -91.90 59.59
N PHE B 3997 -9.65 -92.39 58.60
CA PHE B 3997 -9.08 -93.04 57.41
C PHE B 3997 -9.76 -92.50 56.16
N LYS B 3998 -9.08 -92.65 55.03
CA LYS B 3998 -9.58 -92.26 53.70
C LYS B 3998 -8.95 -93.20 52.67
N PRO B 3999 -9.67 -93.60 51.60
CA PRO B 3999 -9.06 -94.40 50.54
C PRO B 3999 -7.84 -93.72 49.91
N SER B 4000 -6.83 -94.53 49.57
CA SER B 4000 -5.55 -94.03 49.01
C SER B 4000 -5.81 -93.33 47.67
N THR B 4001 -5.10 -92.23 47.42
CA THR B 4001 -5.27 -91.44 46.18
C THR B 4001 -4.89 -92.28 44.97
N LEU B 4002 -3.82 -93.08 45.07
CA LEU B 4002 -3.28 -93.84 43.92
C LEU B 4002 -4.02 -95.19 43.77
N ASP B 4003 -4.91 -95.53 44.72
CA ASP B 4003 -5.71 -96.76 44.62
C ASP B 4003 -6.96 -96.60 45.49
N LYS B 4004 -8.13 -96.49 44.87
CA LYS B 4004 -9.41 -96.26 45.58
C LYS B 4004 -9.94 -97.59 46.11
N ASN B 4005 -9.08 -98.42 46.73
CA ASN B 4005 -9.54 -99.70 47.33
C ASN B 4005 -8.76 -100.00 48.60
N SER B 4006 -7.96 -99.04 49.09
CA SER B 4006 -7.11 -99.24 50.29
C SER B 4006 -7.28 -98.03 51.22
N CYS B 4007 -7.63 -98.29 52.48
CA CYS B 4007 -7.80 -97.23 53.51
C CYS B 4007 -6.41 -96.79 54.00
N GLN B 4008 -6.19 -95.47 54.07
CA GLN B 4008 -4.95 -94.91 54.64
C GLN B 4008 -5.31 -93.88 55.70
N ASP B 4009 -4.48 -93.79 56.73
CA ASP B 4009 -4.73 -92.93 57.91
C ASP B 4009 -4.48 -91.47 57.53
N ILE B 4010 -5.28 -90.56 58.07
CA ILE B 4010 -4.99 -89.11 57.95
C ILE B 4010 -4.14 -88.69 59.15
N ASN B 4011 -2.98 -88.09 58.89
CA ASN B 4011 -2.17 -87.44 59.94
C ASN B 4011 -2.93 -86.20 60.40
N GLU B 4012 -3.47 -86.22 61.62
CA GLU B 4012 -4.29 -85.09 62.13
C GLU B 4012 -3.42 -83.86 62.37
N CYS B 4013 -2.08 -83.99 62.37
CA CYS B 4013 -1.17 -82.83 62.54
C CYS B 4013 -1.02 -82.06 61.22
N GLU B 4014 -1.70 -82.48 60.15
CA GLU B 4014 -1.71 -81.73 58.87
C GLU B 4014 -2.49 -80.41 59.02
N GLU B 4015 -3.30 -80.28 60.08
CA GLU B 4015 -4.13 -79.07 60.30
C GLU B 4015 -3.52 -78.25 61.43
N PHE B 4016 -3.55 -76.93 61.26
CA PHE B 4016 -2.86 -75.98 62.18
C PHE B 4016 -3.46 -76.04 63.58
N GLY B 4017 -4.80 -75.90 63.69
CA GLY B 4017 -5.49 -75.74 64.98
C GLY B 4017 -6.04 -77.05 65.53
N ILE B 4018 -5.26 -78.12 65.61
CA ILE B 4018 -5.82 -79.42 66.06
C ILE B 4018 -5.61 -79.56 67.57
N CYS B 4019 -4.38 -79.42 68.04
CA CYS B 4019 -4.07 -79.61 69.47
C CYS B 4019 -3.28 -78.41 69.99
N PRO B 4020 -3.39 -78.06 71.28
CA PRO B 4020 -2.39 -77.19 71.91
C PRO B 4020 -1.06 -77.96 72.05
N GLN B 4021 0.04 -77.20 72.12
CA GLN B 4021 1.41 -77.76 72.22
C GLN B 4021 1.66 -78.74 71.06
N SER B 4022 1.81 -80.03 71.39
CA SER B 4022 2.35 -81.04 70.45
C SER B 4022 1.20 -81.91 69.93
N CYS B 4023 1.08 -81.99 68.60
CA CYS B 4023 0.20 -82.98 67.95
C CYS B 4023 1.01 -84.23 67.62
N ARG B 4024 0.49 -85.41 67.95
CA ARG B 4024 1.17 -86.69 67.64
C ARG B 4024 0.19 -87.61 66.91
N ASN B 4025 0.64 -88.19 65.80
CA ASN B 4025 -0.23 -88.91 64.84
C ASN B 4025 -0.40 -90.37 65.28
N SER B 4026 -1.59 -90.91 65.09
CA SER B 4026 -1.87 -92.36 65.25
C SER B 4026 -2.64 -92.85 64.03
N LYS B 4027 -2.60 -94.15 63.75
CA LYS B 4027 -3.37 -94.74 62.63
C LYS B 4027 -4.86 -94.65 62.95
N GLY B 4028 -5.55 -93.67 62.38
CA GLY B 4028 -7.00 -93.50 62.57
C GLY B 4028 -7.35 -92.68 63.79
N SER B 4029 -6.37 -92.07 64.46
CA SER B 4029 -6.60 -91.27 65.68
C SER B 4029 -5.41 -90.34 65.90
N TYR B 4030 -5.37 -89.65 67.04
CA TYR B 4030 -4.25 -88.75 67.39
C TYR B 4030 -4.28 -88.50 68.88
N GLU B 4031 -3.33 -87.67 69.35
CA GLU B 4031 -3.27 -87.26 70.77
C GLU B 4031 -2.68 -85.86 70.86
N CYS B 4032 -2.94 -85.20 71.99
CA CYS B 4032 -2.53 -83.79 72.22
C CYS B 4032 -1.72 -83.72 73.52
N PHE B 4033 -0.75 -84.62 73.70
CA PHE B 4033 -0.02 -84.74 74.98
C PHE B 4033 0.73 -83.43 75.25
N CYS B 4034 0.82 -83.07 76.52
CA CYS B 4034 1.50 -81.83 76.94
C CYS B 4034 3.01 -82.10 77.07
N VAL B 4035 3.81 -81.10 76.71
CA VAL B 4035 5.29 -81.20 76.79
C VAL B 4035 5.70 -81.18 78.27
N ASP B 4036 6.95 -81.55 78.54
CA ASP B 4036 7.54 -81.50 79.90
C ASP B 4036 7.31 -80.10 80.49
N GLY B 4037 6.96 -80.08 81.79
CA GLY B 4037 6.73 -78.83 82.53
C GLY B 4037 5.27 -78.43 82.53
N PHE B 4038 4.53 -78.66 81.43
CA PHE B 4038 3.10 -78.32 81.36
C PHE B 4038 2.25 -79.45 81.93
N LYS B 4039 0.95 -79.16 82.12
CA LYS B 4039 -0.04 -80.14 82.62
C LYS B 4039 -1.28 -80.08 81.76
N SER B 4040 -1.98 -81.21 81.63
CA SER B 4040 -3.24 -81.31 80.87
C SER B 4040 -4.36 -80.63 81.64
N MET B 4041 -5.35 -80.12 80.92
CA MET B 4041 -6.51 -79.43 81.52
C MET B 4041 -7.61 -79.35 80.44
N SER B 4042 -8.86 -79.26 80.87
CA SER B 4042 -10.02 -79.10 79.96
C SER B 4042 -10.88 -77.94 80.44
N THR B 4043 -11.18 -76.99 79.54
CA THR B 4043 -11.89 -75.74 79.88
C THR B 4043 -13.22 -75.74 79.12
N HIS B 4044 -14.05 -74.71 79.34
CA HIS B 4044 -15.40 -74.62 78.71
C HIS B 4044 -15.31 -74.73 77.19
N TYR B 4045 -14.34 -74.04 76.58
CA TYR B 4045 -14.23 -73.96 75.11
C TYR B 4045 -13.60 -75.24 74.55
N GLY B 4046 -12.80 -75.96 75.35
CA GLY B 4046 -12.14 -77.20 74.90
C GLY B 4046 -10.90 -77.51 75.73
N GLU B 4047 -10.04 -78.38 75.20
CA GLU B 4047 -8.82 -78.85 75.90
C GLU B 4047 -7.82 -77.69 76.04
N ARG B 4048 -7.13 -77.62 77.18
CA ARG B 4048 -6.12 -76.57 77.45
C ARG B 4048 -4.90 -77.21 78.11
N CYS B 4049 -3.71 -76.77 77.69
CA CYS B 4049 -2.43 -77.21 78.29
C CYS B 4049 -1.90 -76.08 79.16
N ALA B 4050 -1.73 -76.33 80.45
CA ALA B 4050 -1.42 -75.30 81.46
C ALA B 4050 0.03 -75.45 81.92
N ALA B 4051 0.70 -74.32 82.16
CA ALA B 4051 2.09 -74.28 82.66
C ALA B 4051 2.12 -74.59 84.17
N ASP B 4052 3.30 -74.48 84.77
CA ASP B 4052 3.50 -74.75 86.22
C ASP B 4052 4.24 -73.58 86.86
N GLY B 4053 4.56 -73.74 88.16
CA GLY B 4053 5.33 -72.76 88.96
C GLY B 4053 4.60 -71.43 89.07
N SER B 4054 5.37 -70.33 89.09
CA SER B 4054 4.78 -68.98 89.27
C SER B 4054 3.91 -68.65 88.07
N PRO B 4055 2.79 -67.93 88.25
CA PRO B 4055 1.99 -67.50 87.11
C PRO B 4055 2.76 -66.49 86.24
N PRO B 4056 2.42 -66.35 84.95
CA PRO B 4056 3.16 -65.46 84.05
C PRO B 4056 3.03 -63.98 84.45
N LEU B 4057 4.09 -63.21 84.21
CA LEU B 4057 4.08 -61.74 84.43
C LEU B 4057 4.09 -61.03 83.09
N LEU B 4058 3.39 -59.90 83.03
CA LEU B 4058 3.45 -59.02 81.83
C LEU B 4058 4.28 -57.79 82.17
N LEU B 4059 5.38 -57.60 81.46
CA LEU B 4059 6.28 -56.44 81.69
C LEU B 4059 5.92 -55.33 80.70
N LEU B 4060 5.54 -54.17 81.24
CA LEU B 4060 4.93 -53.10 80.41
C LEU B 4060 5.82 -51.84 80.48
N PRO B 4061 6.68 -51.60 79.48
CA PRO B 4061 7.42 -50.34 79.41
C PRO B 4061 6.48 -49.19 79.01
N GLU B 4062 6.61 -48.06 79.72
CA GLU B 4062 5.68 -46.91 79.53
C GLU B 4062 6.47 -45.63 79.32
N ASN B 4063 7.70 -45.72 78.76
CA ASN B 4063 8.47 -44.53 78.31
C ASN B 4063 9.03 -43.78 79.52
N VAL B 4064 8.54 -44.09 80.72
CA VAL B 4064 9.14 -43.53 81.97
C VAL B 4064 9.40 -44.65 82.97
N ARG B 4065 8.68 -45.77 82.87
CA ARG B 4065 8.79 -46.84 83.90
C ARG B 4065 8.56 -48.19 83.25
N ILE B 4066 9.02 -49.24 83.93
CA ILE B 4066 8.66 -50.65 83.60
C ILE B 4066 7.81 -51.17 84.74
N ARG B 4067 6.59 -51.60 84.43
CA ARG B 4067 5.60 -51.95 85.47
C ARG B 4067 5.22 -53.42 85.30
N LYS B 4068 5.19 -54.16 86.40
CA LYS B 4068 4.89 -55.60 86.37
C LYS B 4068 3.39 -55.81 86.59
N TYR B 4069 2.88 -56.94 86.12
CA TYR B 4069 1.45 -57.32 86.30
C TYR B 4069 1.38 -58.83 86.51
N ASN B 4070 1.26 -59.24 87.78
CA ASN B 4070 1.09 -60.67 88.13
C ASN B 4070 -0.31 -61.09 87.67
N THR B 4071 -0.39 -61.78 86.53
CA THR B 4071 -1.65 -61.94 85.75
C THR B 4071 -2.67 -62.77 86.54
N SER B 4072 -2.23 -63.54 87.53
CA SER B 4072 -3.14 -64.35 88.39
C SER B 4072 -3.62 -63.56 89.61
N SER B 4073 -3.02 -62.40 89.90
CA SER B 4073 -3.44 -61.53 91.02
C SER B 4073 -4.20 -60.30 90.51
N GLU B 4074 -3.92 -59.88 89.26
CA GLU B 4074 -4.49 -58.63 88.67
C GLU B 4074 -4.07 -57.43 89.50
N LYS B 4075 -2.81 -57.43 89.97
CA LYS B 4075 -2.23 -56.31 90.74
C LYS B 4075 -0.92 -55.88 90.08
N PHE B 4076 -0.55 -54.63 90.29
CA PHE B 4076 0.70 -54.06 89.73
C PHE B 4076 1.80 -54.06 90.79
N SER B 4077 3.04 -53.85 90.35
CA SER B 4077 4.20 -53.68 91.25
C SER B 4077 5.15 -52.65 90.64
N GLU B 4078 5.89 -51.95 91.51
CA GLU B 4078 6.60 -50.68 91.19
C GLU B 4078 7.72 -50.95 90.18
N TYR B 4079 8.72 -51.76 90.54
CA TYR B 4079 9.94 -52.02 89.73
C TYR B 4079 10.58 -50.69 89.31
N LEU B 4080 11.06 -50.63 88.05
CA LEU B 4080 11.94 -49.54 87.58
C LEU B 4080 11.14 -48.25 87.49
N GLU B 4081 11.80 -47.13 87.79
CA GLU B 4081 11.15 -45.79 87.73
C GLU B 4081 12.19 -44.74 87.29
N GLU B 4082 11.73 -43.47 87.26
CA GLU B 4082 12.58 -42.26 87.04
C GLU B 4082 13.53 -42.49 85.87
N GLU B 4083 13.02 -43.08 84.78
CA GLU B 4083 13.78 -43.20 83.52
C GLU B 4083 13.04 -42.45 82.42
N GLU B 4084 13.67 -42.26 81.26
CA GLU B 4084 13.08 -41.42 80.20
C GLU B 4084 13.27 -42.08 78.83
N HIS B 4085 12.20 -42.03 78.03
CA HIS B 4085 12.23 -42.45 76.60
C HIS B 4085 12.70 -43.90 76.44
N ILE B 4086 12.26 -44.79 77.33
CA ILE B 4086 12.50 -46.24 77.13
C ILE B 4086 11.51 -46.72 76.07
N GLN B 4087 11.91 -47.70 75.26
CA GLN B 4087 11.16 -47.95 74.01
C GLN B 4087 10.94 -49.44 73.75
N THR B 4088 11.89 -50.34 74.05
CA THR B 4088 11.64 -51.79 73.95
C THR B 4088 12.41 -52.51 75.05
N ILE B 4089 11.90 -53.67 75.50
CA ILE B 4089 12.55 -54.45 76.59
C ILE B 4089 12.64 -55.92 76.19
N ASP B 4090 13.55 -56.64 76.85
CA ASP B 4090 13.62 -58.12 76.79
C ASP B 4090 14.45 -58.57 77.98
N TYR B 4091 14.32 -59.84 78.36
CA TYR B 4091 14.91 -60.34 79.62
C TYR B 4091 15.64 -61.65 79.39
N ASP B 4092 16.52 -61.97 80.34
CA ASP B 4092 17.22 -63.26 80.42
C ASP B 4092 16.85 -63.87 81.77
N TRP B 4093 16.37 -65.11 81.74
CA TRP B 4093 15.78 -65.74 82.95
C TRP B 4093 16.90 -66.28 83.85
N ASP B 4094 17.09 -65.63 85.01
CA ASP B 4094 17.95 -66.11 86.13
C ASP B 4094 19.26 -66.70 85.60
N PRO B 4095 20.17 -65.92 85.01
CA PRO B 4095 21.41 -66.49 84.45
C PRO B 4095 22.31 -67.14 85.51
N GLU B 4096 22.31 -66.61 86.75
CA GLU B 4096 23.30 -67.02 87.78
C GLU B 4096 22.64 -67.93 88.81
N HIS B 4097 21.42 -68.43 88.56
CA HIS B 4097 20.65 -69.28 89.51
C HIS B 4097 20.51 -68.56 90.85
N ILE B 4098 19.95 -67.35 90.77
CA ILE B 4098 19.83 -66.43 91.93
C ILE B 4098 18.36 -66.25 92.33
N GLY B 4099 17.40 -66.49 91.43
CA GLY B 4099 16.00 -66.06 91.61
C GLY B 4099 15.81 -64.60 91.20
N LEU B 4100 16.77 -64.04 90.46
CA LEU B 4100 16.71 -62.63 89.99
C LEU B 4100 17.08 -62.61 88.52
N SER B 4101 16.06 -62.57 87.64
CA SER B 4101 16.29 -62.46 86.19
C SER B 4101 16.81 -61.05 85.87
N VAL B 4102 17.31 -60.89 84.65
CA VAL B 4102 17.89 -59.61 84.20
C VAL B 4102 17.04 -59.09 83.04
N VAL B 4103 16.59 -57.84 83.15
CA VAL B 4103 15.76 -57.20 82.10
C VAL B 4103 16.63 -56.20 81.35
N TYR B 4104 16.70 -56.37 80.03
CA TYR B 4104 17.43 -55.43 79.15
C TYR B 4104 16.40 -54.51 78.48
N TYR B 4105 16.61 -53.20 78.59
CA TYR B 4105 15.70 -52.21 77.97
C TYR B 4105 16.51 -51.14 77.26
N THR B 4106 15.98 -50.66 76.15
CA THR B 4106 16.60 -49.57 75.35
C THR B 4106 16.16 -48.22 75.89
N VAL B 4107 16.96 -47.22 75.56
CA VAL B 4107 16.65 -45.79 75.83
C VAL B 4107 16.94 -45.05 74.53
N LEU B 4108 16.00 -44.22 74.05
CA LEU B 4108 16.19 -43.45 72.79
C LEU B 4108 17.19 -42.30 73.01
N ALA B 4109 17.78 -41.81 71.92
CA ALA B 4109 18.41 -40.47 71.91
C ALA B 4109 17.34 -39.39 72.06
N GLN B 4110 17.68 -38.31 72.78
CA GLN B 4110 16.87 -37.06 72.82
C GLN B 4110 17.82 -35.88 72.65
N GLY B 4111 17.48 -34.95 71.75
CA GLY B 4111 18.29 -33.75 71.47
C GLY B 4111 19.69 -34.11 71.04
N SER B 4112 20.69 -33.84 71.89
CA SER B 4112 22.12 -34.09 71.57
C SER B 4112 22.66 -35.24 72.43
N GLN B 4113 21.81 -35.91 73.23
CA GLN B 4113 22.27 -37.04 74.08
C GLN B 4113 21.90 -38.35 73.41
N PHE B 4114 22.88 -39.22 73.15
CA PHE B 4114 22.62 -40.53 72.50
C PHE B 4114 21.83 -41.46 73.43
N GLY B 4115 21.15 -42.43 72.81
CA GLY B 4115 20.49 -43.54 73.51
C GLY B 4115 21.46 -44.51 74.16
N ALA B 4116 20.90 -45.57 74.76
CA ALA B 4116 21.67 -46.61 75.47
C ALA B 4116 20.89 -47.92 75.53
N ILE B 4117 21.59 -49.02 75.80
CA ILE B 4117 20.92 -50.26 76.27
C ILE B 4117 21.27 -50.35 77.77
N LYS B 4118 20.27 -50.60 78.60
CA LYS B 4118 20.51 -50.72 80.06
C LYS B 4118 19.97 -52.05 80.55
N ARG B 4119 20.59 -52.57 81.62
CA ARG B 4119 20.25 -53.88 82.20
C ARG B 4119 20.06 -53.72 83.70
N ALA B 4120 19.13 -54.50 84.27
CA ALA B 4120 18.82 -54.47 85.71
C ALA B 4120 18.18 -55.78 86.12
N TYR B 4121 18.28 -56.09 87.42
CA TYR B 4121 17.70 -57.33 87.99
C TYR B 4121 16.21 -57.14 88.21
N ILE B 4122 15.46 -58.20 87.93
CA ILE B 4122 14.00 -58.26 88.22
C ILE B 4122 13.78 -59.40 89.20
N PRO B 4123 13.08 -59.18 90.33
CA PRO B 4123 12.80 -60.27 91.26
C PRO B 4123 11.83 -61.30 90.68
N ASN B 4124 12.26 -62.57 90.65
CA ASN B 4124 11.37 -63.68 90.21
C ASN B 4124 10.34 -63.97 91.32
N PHE B 4125 10.64 -63.60 92.57
CA PHE B 4125 9.79 -63.97 93.72
C PHE B 4125 8.72 -62.90 93.95
N GLU B 4126 7.93 -63.08 95.01
CA GLU B 4126 6.70 -62.30 95.27
C GLU B 4126 7.03 -60.83 95.60
N SER B 4127 8.26 -60.53 96.04
CA SER B 4127 8.60 -59.20 96.60
C SER B 4127 8.55 -58.12 95.50
N GLY B 4128 7.32 -57.71 95.14
CA GLY B 4128 7.10 -56.56 94.22
C GLY B 4128 7.06 -55.26 94.98
N SER B 4129 7.69 -55.21 96.17
CA SER B 4129 7.68 -54.04 97.06
C SER B 4129 8.52 -52.92 96.44
N ASN B 4130 8.61 -51.79 97.15
CA ASN B 4130 9.36 -50.61 96.66
C ASN B 4130 10.83 -50.78 97.02
N ASN B 4131 11.41 -51.95 96.70
CA ASN B 4131 12.84 -52.20 96.93
C ASN B 4131 13.67 -51.38 95.95
N PRO B 4132 14.87 -50.90 96.34
CA PRO B 4132 15.72 -50.14 95.44
C PRO B 4132 16.07 -50.96 94.19
N ILE B 4133 16.06 -50.30 93.04
CA ILE B 4133 16.47 -50.92 91.75
C ILE B 4133 17.56 -50.05 91.14
N ARG B 4134 18.72 -50.67 90.86
CA ARG B 4134 19.87 -49.98 90.24
C ARG B 4134 20.04 -50.51 88.82
N GLU B 4135 19.97 -49.59 87.85
CA GLU B 4135 20.19 -49.94 86.42
C GLU B 4135 21.67 -49.71 86.08
N VAL B 4136 22.16 -50.47 85.12
CA VAL B 4136 23.58 -50.36 84.67
C VAL B 4136 23.58 -50.11 83.17
N ASP B 4137 24.34 -49.10 82.73
CA ASP B 4137 24.49 -48.81 81.29
C ASP B 4137 25.56 -49.75 80.72
N LEU B 4138 25.26 -50.36 79.57
CA LEU B 4138 26.24 -51.24 78.88
C LEU B 4138 27.34 -50.39 78.25
N GLY B 4139 27.14 -49.09 78.01
CA GLY B 4139 28.19 -48.22 77.45
C GLY B 4139 28.36 -48.44 75.95
N LEU B 4140 27.36 -49.05 75.30
CA LEU B 4140 27.22 -49.04 73.82
C LEU B 4140 26.86 -47.61 73.38
N LYS B 4141 27.86 -46.80 73.02
CA LYS B 4141 27.61 -45.40 72.56
C LYS B 4141 27.01 -45.41 71.14
N TYR B 4142 26.73 -44.22 70.59
CA TYR B 4142 26.34 -44.05 69.17
C TYR B 4142 25.01 -44.74 68.85
N LEU B 4143 23.95 -44.47 69.64
CA LEU B 4143 22.61 -45.03 69.39
C LEU B 4143 21.59 -43.92 69.19
N MET B 4144 20.86 -43.93 68.06
CA MET B 4144 19.75 -42.96 67.86
C MET B 4144 18.46 -43.60 68.38
N GLN B 4145 18.05 -44.73 67.79
CA GLN B 4145 16.70 -45.29 68.03
C GLN B 4145 16.81 -46.81 68.06
N PRO B 4146 17.26 -47.42 69.17
CA PRO B 4146 17.29 -48.86 69.33
C PRO B 4146 15.83 -49.32 69.48
N ASP B 4147 15.26 -49.70 68.34
CA ASP B 4147 13.81 -49.91 68.15
C ASP B 4147 13.46 -51.39 68.34
N GLY B 4148 14.40 -52.28 68.03
CA GLY B 4148 14.25 -53.74 68.18
C GLY B 4148 15.36 -54.29 69.05
N LEU B 4149 15.03 -55.21 69.97
CA LEU B 4149 16.00 -55.74 70.95
C LEU B 4149 15.64 -57.19 71.28
N ALA B 4150 16.64 -58.07 71.35
CA ALA B 4150 16.43 -59.51 71.63
C ALA B 4150 17.64 -60.08 72.38
N VAL B 4151 17.40 -61.09 73.21
CA VAL B 4151 18.48 -61.69 74.04
C VAL B 4151 18.63 -63.16 73.66
N ASP B 4152 19.84 -63.55 73.27
CA ASP B 4152 20.18 -64.97 73.03
C ASP B 4152 20.62 -65.58 74.36
N TRP B 4153 19.73 -66.33 75.00
CA TRP B 4153 19.94 -66.78 76.40
C TRP B 4153 20.97 -67.91 76.49
N VAL B 4154 21.28 -68.58 75.39
CA VAL B 4154 22.29 -69.69 75.42
C VAL B 4154 23.64 -69.17 74.92
N GLY B 4155 23.67 -68.40 73.84
CA GLY B 4155 24.91 -67.82 73.30
C GLY B 4155 25.40 -66.64 74.12
N ARG B 4156 24.57 -66.14 75.07
CA ARG B 4156 24.93 -64.98 75.94
C ARG B 4156 25.24 -63.77 75.06
N HIS B 4157 24.41 -63.53 74.04
CA HIS B 4157 24.57 -62.34 73.16
C HIS B 4157 23.28 -61.52 73.19
N ILE B 4158 23.42 -60.24 72.92
CA ILE B 4158 22.27 -59.29 72.87
C ILE B 4158 22.21 -58.72 71.46
N TYR B 4159 21.12 -58.96 70.72
CA TYR B 4159 20.96 -58.45 69.34
C TYR B 4159 20.08 -57.21 69.36
N TRP B 4160 20.34 -56.20 68.53
CA TRP B 4160 19.43 -55.03 68.46
C TRP B 4160 19.48 -54.37 67.08
N SER B 4161 18.65 -53.34 66.87
CA SER B 4161 18.62 -52.59 65.59
C SER B 4161 18.39 -51.10 65.83
N ASP B 4162 19.42 -50.24 65.67
CA ASP B 4162 19.16 -48.78 65.64
C ASP B 4162 18.51 -48.45 64.29
N ALA B 4163 17.24 -48.07 64.32
CA ALA B 4163 16.46 -47.81 63.08
C ALA B 4163 17.12 -46.71 62.24
N LYS B 4164 17.57 -45.59 62.86
CA LYS B 4164 18.21 -44.49 62.11
C LYS B 4164 19.56 -44.94 61.53
N SER B 4165 20.31 -45.80 62.24
CA SER B 4165 21.60 -46.34 61.74
C SER B 4165 21.38 -47.32 60.59
N GLN B 4166 20.19 -47.93 60.48
CA GLN B 4166 19.86 -48.96 59.46
C GLN B 4166 20.78 -50.17 59.60
N ARG B 4167 20.92 -50.70 60.83
CA ARG B 4167 22.00 -51.66 61.11
C ARG B 4167 21.64 -52.61 62.26
N ILE B 4168 21.79 -53.92 62.04
CA ILE B 4168 21.50 -54.95 63.08
C ILE B 4168 22.84 -55.39 63.68
N GLU B 4169 22.99 -55.16 64.98
CA GLU B 4169 24.30 -55.34 65.65
C GLU B 4169 24.18 -56.43 66.72
N VAL B 4170 25.31 -57.07 67.02
CA VAL B 4170 25.37 -58.11 68.07
C VAL B 4170 26.54 -57.78 68.99
N ALA B 4171 26.37 -58.05 70.28
CA ALA B 4171 27.41 -57.85 71.29
C ALA B 4171 27.14 -58.78 72.46
N THR B 4172 28.14 -58.98 73.32
CA THR B 4172 27.95 -59.80 74.54
C THR B 4172 27.07 -59.04 75.51
N LEU B 4173 26.55 -59.75 76.52
CA LEU B 4173 25.57 -59.18 77.48
C LEU B 4173 26.19 -58.02 78.27
N ASP B 4174 27.53 -57.94 78.32
CA ASP B 4174 28.23 -56.87 79.06
C ASP B 4174 28.60 -55.72 78.12
N GLY B 4175 28.23 -55.79 76.84
CA GLY B 4175 28.43 -54.69 75.87
C GLY B 4175 29.81 -54.72 75.22
N ARG B 4176 30.56 -55.83 75.34
CA ARG B 4176 31.89 -55.91 74.69
C ARG B 4176 31.74 -56.42 73.26
N TYR B 4177 32.74 -56.13 72.43
CA TYR B 4177 32.89 -56.75 71.10
C TYR B 4177 31.66 -56.47 70.22
N ARG B 4178 31.34 -55.18 69.99
CA ARG B 4178 30.30 -54.83 68.99
C ARG B 4178 30.67 -55.42 67.63
N LYS B 4179 29.65 -55.82 66.87
CA LYS B 4179 29.83 -56.42 65.51
C LYS B 4179 28.61 -56.08 64.67
N TRP B 4180 28.82 -55.56 63.46
CA TRP B 4180 27.70 -55.22 62.55
C TRP B 4180 27.36 -56.47 61.73
N LEU B 4181 26.11 -56.92 61.77
CA LEU B 4181 25.67 -58.13 61.02
C LEU B 4181 25.06 -57.72 59.68
N ILE B 4182 24.01 -56.90 59.71
CA ILE B 4182 23.31 -56.47 58.48
C ILE B 4182 23.54 -54.97 58.31
N THR B 4183 24.07 -54.59 57.15
CA THR B 4183 24.42 -53.16 56.88
C THR B 4183 23.83 -52.67 55.56
N THR B 4184 23.24 -53.54 54.75
CA THR B 4184 22.69 -53.16 53.43
C THR B 4184 21.24 -53.59 53.32
N GLN B 4185 20.50 -52.91 52.42
CA GLN B 4185 19.06 -53.18 52.13
C GLN B 4185 18.22 -53.10 53.41
N LEU B 4186 18.57 -52.17 54.33
CA LEU B 4186 17.73 -51.89 55.52
C LEU B 4186 17.37 -50.41 55.49
N ASP B 4187 16.06 -50.11 55.57
CA ASP B 4187 15.57 -48.71 55.60
C ASP B 4187 15.13 -48.38 57.03
N GLN B 4188 14.27 -49.23 57.62
CA GLN B 4188 13.81 -49.08 59.02
C GLN B 4188 13.66 -50.48 59.63
N PRO B 4189 14.74 -51.10 60.12
CA PRO B 4189 14.64 -52.38 60.82
C PRO B 4189 13.88 -52.16 62.12
N ALA B 4190 12.64 -52.67 62.17
CA ALA B 4190 11.70 -52.32 63.25
C ALA B 4190 11.95 -53.21 64.47
N ALA B 4191 11.77 -54.51 64.33
CA ALA B 4191 11.90 -55.45 65.47
C ALA B 4191 12.62 -56.70 65.02
N ILE B 4192 13.10 -57.47 66.00
CA ILE B 4192 13.91 -58.68 65.74
C ILE B 4192 13.54 -59.74 66.78
N ALA B 4193 13.86 -61.00 66.45
CA ALA B 4193 13.67 -62.16 67.34
C ALA B 4193 14.71 -63.22 66.95
N VAL B 4194 15.09 -64.04 67.93
CA VAL B 4194 16.12 -65.08 67.71
C VAL B 4194 15.55 -66.44 68.12
N ASN B 4195 15.97 -67.48 67.40
CA ASN B 4195 15.60 -68.88 67.69
C ASN B 4195 16.90 -69.67 67.81
N PRO B 4196 17.62 -69.55 68.94
CA PRO B 4196 18.95 -70.16 69.05
C PRO B 4196 18.95 -71.70 68.94
N LYS B 4197 17.80 -72.34 69.20
CA LYS B 4197 17.66 -73.81 68.99
C LYS B 4197 17.93 -74.13 67.52
N LEU B 4198 17.35 -73.35 66.59
CA LEU B 4198 17.55 -73.57 65.13
C LEU B 4198 18.70 -72.71 64.61
N GLY B 4199 19.22 -71.77 65.42
CA GLY B 4199 20.30 -70.87 65.01
C GLY B 4199 19.84 -69.85 63.99
N LEU B 4200 18.54 -69.51 63.99
CA LEU B 4200 17.98 -68.51 63.05
C LEU B 4200 17.57 -67.25 63.82
N MET B 4201 17.74 -66.10 63.17
CA MET B 4201 17.26 -64.81 63.69
C MET B 4201 16.37 -64.16 62.64
N PHE B 4202 15.33 -63.46 63.10
CA PHE B 4202 14.30 -62.88 62.21
C PHE B 4202 14.17 -61.39 62.53
N TRP B 4203 13.87 -60.59 61.52
CA TRP B 4203 13.65 -59.14 61.70
C TRP B 4203 12.66 -58.63 60.66
N THR B 4204 12.12 -57.44 60.89
CA THR B 4204 11.13 -56.82 59.99
C THR B 4204 11.63 -55.46 59.52
N ASP B 4205 11.17 -55.04 58.34
CA ASP B 4205 11.46 -53.71 57.78
C ASP B 4205 10.13 -52.97 57.65
N GLN B 4206 10.07 -51.74 58.18
CA GLN B 4206 8.88 -50.87 58.12
C GLN B 4206 9.14 -49.64 57.25
N GLY B 4207 10.17 -49.64 56.38
CA GLY B 4207 10.54 -48.45 55.60
C GLY B 4207 9.70 -48.29 54.34
N LYS B 4208 10.36 -47.89 53.25
CA LYS B 4208 9.68 -47.65 51.94
C LYS B 4208 9.11 -48.97 51.42
N GLN B 4209 9.85 -50.07 51.58
CA GLN B 4209 9.43 -51.40 51.05
C GLN B 4209 9.37 -52.38 52.22
N PRO B 4210 8.23 -52.48 52.93
CA PRO B 4210 8.12 -53.39 54.06
C PRO B 4210 8.36 -54.86 53.67
N LYS B 4211 9.02 -55.58 54.56
CA LYS B 4211 9.37 -57.01 54.34
C LYS B 4211 9.75 -57.66 55.67
N ILE B 4212 9.75 -58.99 55.69
CA ILE B 4212 10.22 -59.77 56.87
C ILE B 4212 11.34 -60.68 56.39
N GLU B 4213 12.49 -60.62 57.07
CA GLU B 4213 13.70 -61.33 56.61
C GLU B 4213 14.25 -62.21 57.73
N SER B 4214 15.00 -63.23 57.35
CA SER B 4214 15.68 -64.14 58.30
C SER B 4214 17.07 -64.43 57.78
N ALA B 4215 17.96 -64.80 58.70
CA ALA B 4215 19.35 -65.18 58.37
C ALA B 4215 19.92 -66.03 59.50
N TRP B 4216 21.08 -66.64 59.26
CA TRP B 4216 21.80 -67.33 60.35
C TRP B 4216 22.19 -66.31 61.42
N MET B 4217 22.34 -66.78 62.64
CA MET B 4217 22.63 -65.90 63.80
C MET B 4217 24.06 -65.34 63.69
N ASN B 4218 24.90 -65.87 62.79
CA ASN B 4218 26.26 -65.31 62.55
C ASN B 4218 26.23 -64.28 61.41
N GLY B 4219 25.08 -64.04 60.78
CA GLY B 4219 24.92 -62.98 59.75
C GLY B 4219 25.01 -63.51 58.33
N GLU B 4220 25.03 -64.83 58.14
CA GLU B 4220 25.10 -65.42 56.78
C GLU B 4220 23.71 -65.88 56.33
N HIS B 4221 23.60 -66.23 55.04
CA HIS B 4221 22.37 -66.85 54.45
C HIS B 4221 21.16 -65.95 54.68
N ARG B 4222 21.31 -64.66 54.39
CA ARG B 4222 20.18 -63.71 54.47
C ARG B 4222 19.14 -64.06 53.41
N SER B 4223 17.86 -63.99 53.78
CA SER B 4223 16.74 -64.30 52.87
C SER B 4223 15.49 -63.53 53.31
N VAL B 4224 14.50 -63.47 52.43
CA VAL B 4224 13.21 -62.81 52.76
C VAL B 4224 12.14 -63.89 52.99
N LEU B 4225 11.09 -63.51 53.71
CA LEU B 4225 9.94 -64.42 53.97
C LEU B 4225 8.67 -63.85 53.35
N VAL B 4226 8.32 -62.61 53.66
CA VAL B 4226 7.06 -62.00 53.16
C VAL B 4226 7.38 -60.64 52.57
N SER B 4227 6.85 -60.35 51.38
CA SER B 4227 7.10 -59.06 50.68
C SER B 4227 5.80 -58.52 50.08
N GLU B 4228 4.65 -59.15 50.35
CA GLU B 4228 3.35 -58.70 49.79
C GLU B 4228 2.33 -58.63 50.92
N ASN B 4229 1.42 -57.65 50.86
CA ASN B 4229 0.34 -57.44 51.85
C ASN B 4229 0.96 -57.22 53.23
N LEU B 4230 1.85 -56.23 53.35
CA LEU B 4230 2.46 -55.84 54.64
C LEU B 4230 2.60 -54.32 54.69
N GLY B 4231 2.71 -53.78 55.91
CA GLY B 4231 2.99 -52.36 56.13
C GLY B 4231 3.24 -52.08 57.60
N TRP B 4232 4.40 -51.49 57.92
CA TRP B 4232 4.78 -51.19 59.32
C TRP B 4232 4.67 -52.46 60.17
N PRO B 4233 5.49 -53.50 59.94
CA PRO B 4233 5.50 -54.68 60.81
C PRO B 4233 6.18 -54.39 62.15
N ASN B 4234 5.40 -53.89 63.11
CA ASN B 4234 5.95 -53.32 64.37
C ASN B 4234 6.80 -54.35 65.13
N GLY B 4235 6.34 -55.60 65.26
CA GLY B 4235 7.00 -56.57 66.15
C GLY B 4235 6.65 -57.99 65.81
N LEU B 4236 7.53 -58.94 66.17
CA LEU B 4236 7.28 -60.39 65.96
C LEU B 4236 7.72 -61.18 67.19
N SER B 4237 7.12 -62.35 67.37
CA SER B 4237 7.53 -63.28 68.45
C SER B 4237 7.46 -64.72 67.93
N ILE B 4238 8.29 -65.59 68.50
CA ILE B 4238 8.45 -66.99 68.01
C ILE B 4238 7.83 -67.93 69.03
N ASP B 4239 6.98 -68.83 68.54
CA ASP B 4239 6.38 -69.91 69.36
C ASP B 4239 7.33 -71.10 69.24
N TYR B 4240 8.19 -71.28 70.24
CA TYR B 4240 9.24 -72.34 70.21
C TYR B 4240 8.60 -73.72 70.39
N LEU B 4241 7.31 -73.77 70.77
CA LEU B 4241 6.64 -75.05 71.13
C LEU B 4241 5.77 -75.56 69.97
N ASN B 4242 5.59 -74.78 68.89
CA ASN B 4242 4.78 -75.24 67.73
C ASN B 4242 5.60 -75.04 66.44
N ASP B 4243 6.47 -76.03 66.13
CA ASP B 4243 7.28 -76.05 64.89
C ASP B 4243 8.02 -74.71 64.72
N ASP B 4244 8.28 -73.98 65.80
CA ASP B 4244 8.99 -72.68 65.77
C ASP B 4244 8.30 -71.73 64.79
N ARG B 4245 6.96 -71.72 64.77
CA ARG B 4245 6.22 -70.76 63.92
C ARG B 4245 6.35 -69.37 64.54
N VAL B 4246 6.45 -68.36 63.67
CA VAL B 4246 6.65 -66.96 64.13
C VAL B 4246 5.40 -66.15 63.78
N TYR B 4247 4.81 -65.50 64.78
CA TYR B 4247 3.71 -64.53 64.57
C TYR B 4247 4.32 -63.12 64.51
N TRP B 4248 3.61 -62.19 63.86
CA TRP B 4248 4.03 -60.77 63.85
C TRP B 4248 2.79 -59.87 63.81
N SER B 4249 2.97 -58.61 64.20
CA SER B 4249 1.89 -57.60 64.25
C SER B 4249 2.05 -56.59 63.11
N ASP B 4250 0.97 -55.87 62.82
CA ASP B 4250 0.94 -54.88 61.72
C ASP B 4250 -0.10 -53.83 62.09
N SER B 4251 0.33 -52.56 62.15
CA SER B 4251 -0.56 -51.44 62.54
C SER B 4251 -1.04 -50.64 61.32
N LYS B 4252 -0.67 -51.04 60.11
CA LYS B 4252 -1.22 -50.40 58.89
C LYS B 4252 -2.32 -51.26 58.29
N GLU B 4253 -2.10 -52.58 58.21
CA GLU B 4253 -3.16 -53.53 57.79
C GLU B 4253 -4.05 -53.90 58.98
N ASP B 4254 -3.66 -53.49 60.20
CA ASP B 4254 -4.42 -53.77 61.45
C ASP B 4254 -4.67 -55.28 61.56
N VAL B 4255 -3.63 -56.07 61.33
CA VAL B 4255 -3.77 -57.55 61.28
C VAL B 4255 -2.66 -58.20 62.10
N ILE B 4256 -2.90 -59.43 62.55
CA ILE B 4256 -1.86 -60.30 63.16
C ILE B 4256 -1.89 -61.62 62.42
N GLU B 4257 -0.74 -62.03 61.87
CA GLU B 4257 -0.69 -63.28 61.05
C GLU B 4257 0.64 -63.98 61.29
N ALA B 4258 0.65 -65.29 61.06
CA ALA B 4258 1.80 -66.16 61.38
C ALA B 4258 2.34 -66.81 60.11
N ILE B 4259 3.55 -67.36 60.22
CA ILE B 4259 4.22 -68.06 59.10
C ILE B 4259 5.29 -68.98 59.69
N LYS B 4260 5.58 -70.07 58.97
CA LYS B 4260 6.65 -71.00 59.40
C LYS B 4260 8.00 -70.34 59.18
N TYR B 4261 9.03 -70.87 59.83
CA TYR B 4261 10.39 -70.27 59.79
C TYR B 4261 10.97 -70.30 58.36
N ASP B 4262 10.45 -71.15 57.47
CA ASP B 4262 10.98 -71.26 56.10
C ASP B 4262 10.20 -70.34 55.14
N GLY B 4263 9.13 -69.70 55.61
CA GLY B 4263 8.33 -68.78 54.77
C GLY B 4263 7.07 -69.42 54.22
N THR B 4264 6.72 -70.63 54.64
CA THR B 4264 5.50 -71.33 54.16
C THR B 4264 4.41 -71.30 55.22
N ASP B 4265 3.19 -71.75 54.85
CA ASP B 4265 2.03 -71.83 55.76
C ASP B 4265 1.73 -70.43 56.31
N ARG B 4266 1.38 -69.50 55.43
CA ARG B 4266 0.95 -68.15 55.88
C ARG B 4266 -0.52 -68.23 56.27
N ARG B 4267 -0.85 -67.82 57.50
CA ARG B 4267 -2.25 -67.84 57.99
C ARG B 4267 -2.57 -66.51 58.67
N LEU B 4268 -3.82 -66.06 58.54
CA LEU B 4268 -4.30 -64.86 59.26
C LEU B 4268 -4.92 -65.31 60.59
N ILE B 4269 -4.47 -64.69 61.68
CA ILE B 4269 -4.88 -65.13 63.04
C ILE B 4269 -5.87 -64.12 63.62
N ILE B 4270 -5.49 -62.84 63.69
CA ILE B 4270 -6.35 -61.77 64.26
C ILE B 4270 -6.70 -60.77 63.17
N ASN B 4271 -7.98 -60.45 63.05
CA ASN B 4271 -8.46 -59.36 62.17
C ASN B 4271 -9.05 -58.25 63.05
N GLU B 4272 -8.95 -57.00 62.59
CA GLU B 4272 -9.43 -55.81 63.35
C GLU B 4272 -8.75 -55.79 64.73
N ALA B 4273 -7.42 -55.71 64.76
CA ALA B 4273 -6.63 -55.74 66.01
C ALA B 4273 -6.39 -54.33 66.54
N MET B 4274 -7.13 -53.31 66.06
CA MET B 4274 -7.04 -51.90 66.52
C MET B 4274 -5.56 -51.47 66.69
N LYS B 4275 -4.79 -51.55 65.60
CA LYS B 4275 -3.41 -51.05 65.53
C LYS B 4275 -2.52 -51.80 66.53
N PRO B 4276 -2.23 -53.10 66.30
CA PRO B 4276 -1.32 -53.83 67.19
C PRO B 4276 0.12 -53.33 66.98
N PHE B 4277 0.83 -53.09 68.09
CA PHE B 4277 2.18 -52.50 68.06
C PHE B 4277 3.23 -53.44 68.66
N SER B 4278 2.81 -54.45 69.43
CA SER B 4278 3.74 -55.49 69.91
C SER B 4278 2.92 -56.76 70.22
N LEU B 4279 3.59 -57.90 70.33
CA LEU B 4279 2.88 -59.16 70.62
C LEU B 4279 3.80 -60.15 71.30
N ASP B 4280 3.17 -61.14 71.93
CA ASP B 4280 3.89 -62.25 72.60
C ASP B 4280 2.96 -63.46 72.70
N ILE B 4281 3.54 -64.65 72.57
CA ILE B 4281 2.75 -65.90 72.56
C ILE B 4281 3.22 -66.75 73.72
N PHE B 4282 2.28 -67.22 74.56
CA PHE B 4282 2.60 -68.03 75.74
C PHE B 4282 1.35 -68.79 76.19
N GLU B 4283 1.44 -70.12 76.33
CA GLU B 4283 0.32 -70.97 76.78
C GLU B 4283 -0.90 -70.68 75.90
N ASP B 4284 -0.81 -70.99 74.60
CA ASP B 4284 -1.94 -70.96 73.63
C ASP B 4284 -2.58 -69.57 73.58
N LYS B 4285 -2.04 -68.58 74.30
CA LYS B 4285 -2.60 -67.22 74.31
C LYS B 4285 -1.72 -66.27 73.51
N LEU B 4286 -2.34 -65.32 72.82
CA LEU B 4286 -1.62 -64.29 72.03
C LEU B 4286 -1.98 -62.94 72.64
N TYR B 4287 -0.97 -62.24 73.18
CA TYR B 4287 -1.16 -60.90 73.77
C TYR B 4287 -0.65 -59.85 72.79
N TRP B 4288 -1.34 -58.72 72.71
CA TRP B 4288 -0.89 -57.62 71.82
C TRP B 4288 -1.40 -56.28 72.34
N VAL B 4289 -0.78 -55.20 71.86
CA VAL B 4289 -1.00 -53.84 72.43
C VAL B 4289 -1.62 -52.96 71.34
N ALA B 4290 -2.74 -52.32 71.65
CA ALA B 4290 -3.34 -51.29 70.80
C ALA B 4290 -2.66 -49.96 71.11
N LYS B 4291 -1.73 -49.52 70.26
CA LYS B 4291 -0.89 -48.34 70.55
C LYS B 4291 -1.76 -47.08 70.60
N GLU B 4292 -2.78 -46.99 69.73
CA GLU B 4292 -3.64 -45.79 69.62
C GLU B 4292 -4.40 -45.53 70.93
N LYS B 4293 -4.70 -46.58 71.72
CA LYS B 4293 -5.60 -46.42 72.88
C LYS B 4293 -5.04 -47.14 74.12
N GLY B 4294 -3.93 -47.88 73.99
CA GLY B 4294 -3.18 -48.40 75.15
C GLY B 4294 -3.94 -49.43 75.98
N GLU B 4295 -4.54 -50.44 75.35
CA GLU B 4295 -5.06 -51.61 76.09
C GLU B 4295 -4.28 -52.86 75.69
N VAL B 4296 -4.12 -53.77 76.64
CA VAL B 4296 -3.49 -55.09 76.38
C VAL B 4296 -4.63 -56.07 76.06
N TRP B 4297 -4.52 -56.75 74.92
CA TRP B 4297 -5.61 -57.64 74.42
C TRP B 4297 -5.11 -59.07 74.35
N ARG B 4298 -6.03 -60.02 74.55
CA ARG B 4298 -5.69 -61.45 74.61
C ARG B 4298 -6.65 -62.25 73.73
N GLN B 4299 -6.11 -63.18 72.95
CA GLN B 4299 -6.90 -64.21 72.25
C GLN B 4299 -6.06 -65.46 72.11
N ASN B 4300 -6.72 -66.61 71.93
CA ASN B 4300 -6.03 -67.87 71.63
C ASN B 4300 -5.19 -67.68 70.36
N LYS B 4301 -3.95 -68.19 70.39
CA LYS B 4301 -2.97 -67.97 69.29
C LYS B 4301 -3.48 -68.56 67.97
N PHE B 4302 -4.39 -69.55 68.00
CA PHE B 4302 -4.93 -70.17 66.77
C PHE B 4302 -6.03 -69.31 66.15
N GLY B 4303 -6.55 -68.30 66.87
CA GLY B 4303 -7.51 -67.33 66.32
C GLY B 4303 -8.89 -67.92 66.13
N LYS B 4304 -9.24 -68.95 66.91
CA LYS B 4304 -10.57 -69.63 66.78
C LYS B 4304 -11.42 -69.32 68.01
N GLU B 4305 -11.08 -68.29 68.79
CA GLU B 4305 -11.89 -67.84 69.96
C GLU B 4305 -12.21 -66.36 69.80
N ASN B 4306 -12.78 -65.75 70.84
CA ASN B 4306 -13.18 -64.32 70.84
C ASN B 4306 -12.14 -63.51 71.60
N LYS B 4307 -12.09 -62.20 71.31
CA LYS B 4307 -11.09 -61.29 71.91
C LYS B 4307 -11.45 -61.05 73.38
N GLU B 4308 -10.44 -60.69 74.17
CA GLU B 4308 -10.61 -60.35 75.61
C GLU B 4308 -9.68 -59.21 75.97
N LYS B 4309 -10.20 -58.22 76.69
CA LYS B 4309 -9.37 -57.08 77.16
C LYS B 4309 -8.73 -57.47 78.49
N VAL B 4310 -7.41 -57.32 78.58
CA VAL B 4310 -6.68 -57.67 79.83
C VAL B 4310 -6.71 -56.45 80.75
N LEU B 4311 -6.13 -55.33 80.30
CA LEU B 4311 -6.08 -54.10 81.11
C LEU B 4311 -5.82 -52.89 80.20
N VAL B 4312 -6.07 -51.69 80.74
CA VAL B 4312 -5.90 -50.42 79.99
C VAL B 4312 -4.84 -49.60 80.72
N VAL B 4313 -3.89 -49.04 79.96
CA VAL B 4313 -2.84 -48.14 80.49
C VAL B 4313 -2.68 -46.97 79.52
N ASN B 4314 -1.77 -46.06 79.87
CA ASN B 4314 -1.48 -44.83 79.10
C ASN B 4314 -1.03 -45.19 77.68
N PRO B 4315 -1.20 -44.29 76.70
CA PRO B 4315 -0.71 -44.54 75.34
C PRO B 4315 0.81 -44.48 75.24
N TRP B 4316 1.50 -44.36 76.38
CA TRP B 4316 2.98 -44.48 76.45
C TRP B 4316 3.43 -45.94 76.41
N LEU B 4317 2.49 -46.89 76.47
CA LEU B 4317 2.84 -48.33 76.40
C LEU B 4317 3.45 -48.63 75.02
N THR B 4318 4.57 -49.35 75.00
CA THR B 4318 5.31 -49.58 73.74
C THR B 4318 5.43 -51.06 73.41
N GLN B 4319 5.27 -51.94 74.41
CA GLN B 4319 5.51 -53.38 74.19
C GLN B 4319 4.89 -54.17 75.33
N VAL B 4320 4.46 -55.39 75.00
CA VAL B 4320 4.04 -56.39 76.02
C VAL B 4320 5.00 -57.57 75.90
N ARG B 4321 5.51 -58.04 77.03
CA ARG B 4321 6.46 -59.17 77.05
C ARG B 4321 6.08 -60.08 78.21
N ILE B 4322 6.02 -61.39 77.95
CA ILE B 4322 5.63 -62.37 78.99
C ILE B 4322 6.88 -62.79 79.74
N PHE B 4323 6.87 -62.62 81.06
CA PHE B 4323 8.04 -62.90 81.92
C PHE B 4323 7.77 -64.20 82.68
N HIS B 4324 8.14 -65.32 82.07
CA HIS B 4324 7.90 -66.66 82.67
C HIS B 4324 9.05 -67.58 82.27
N GLN B 4325 9.30 -68.59 83.10
CA GLN B 4325 10.42 -69.54 82.89
C GLN B 4325 10.22 -70.30 81.57
N LEU B 4326 8.99 -70.74 81.28
CA LEU B 4326 8.70 -71.59 80.09
C LEU B 4326 8.63 -70.75 78.82
N ARG B 4327 8.73 -69.42 78.89
CA ARG B 4327 8.70 -68.56 77.68
C ARG B 4327 9.91 -68.92 76.79
N TYR B 4328 11.06 -69.16 77.42
CA TYR B 4328 12.28 -69.63 76.69
C TYR B 4328 12.71 -70.96 77.30
N ASN B 4329 13.08 -71.92 76.45
CA ASN B 4329 13.61 -73.22 76.92
C ASN B 4329 14.96 -72.95 77.58
N GLN B 4330 14.98 -72.93 78.92
CA GLN B 4330 16.18 -72.56 79.70
C GLN B 4330 17.22 -73.68 79.61
N SER B 4331 16.81 -74.92 79.26
CA SER B 4331 17.71 -76.09 79.32
C SER B 4331 18.45 -76.29 78.00
N VAL B 4332 18.31 -75.38 77.02
CA VAL B 4332 19.00 -75.55 75.72
C VAL B 4332 20.51 -75.49 75.96
N SER B 4333 21.25 -76.43 75.38
CA SER B 4333 22.72 -76.55 75.56
C SER B 4333 23.44 -75.54 74.67
N ASN B 4334 24.43 -74.84 75.23
CA ASN B 4334 25.25 -73.85 74.48
C ASN B 4334 26.26 -74.60 73.60
N PRO B 4335 26.18 -74.58 72.26
CA PRO B 4335 27.07 -75.42 71.44
C PRO B 4335 28.55 -74.99 71.40
N CYS B 4336 28.87 -73.76 71.79
CA CYS B 4336 30.25 -73.22 71.70
C CYS B 4336 31.23 -74.05 72.55
N LYS B 4337 32.48 -74.21 72.05
CA LYS B 4337 33.49 -75.12 72.65
C LYS B 4337 34.71 -74.34 73.17
N GLN B 4338 34.53 -73.08 73.59
CA GLN B 4338 35.59 -72.20 74.15
C GLN B 4338 36.75 -72.08 73.14
N VAL B 4339 36.42 -72.06 71.85
CA VAL B 4339 37.42 -71.94 70.75
C VAL B 4339 37.76 -70.46 70.52
N CYS B 4340 36.74 -69.63 70.30
CA CYS B 4340 36.92 -68.24 69.82
C CYS B 4340 37.57 -67.35 70.90
N SER B 4341 38.39 -66.42 70.43
CA SER B 4341 39.05 -65.37 71.24
C SER B 4341 38.07 -64.23 71.60
N HIS B 4342 37.00 -64.04 70.81
CA HIS B 4342 36.02 -62.95 71.02
C HIS B 4342 34.60 -63.53 70.94
N LEU B 4343 33.89 -63.33 69.82
CA LEU B 4343 32.48 -63.78 69.70
C LEU B 4343 32.42 -65.23 69.22
N CYS B 4344 31.55 -66.02 69.83
CA CYS B 4344 31.13 -67.33 69.29
C CYS B 4344 29.64 -67.26 68.99
N LEU B 4345 29.29 -66.89 67.75
CA LEU B 4345 27.87 -66.81 67.34
C LEU B 4345 27.38 -68.22 67.01
N LEU B 4346 26.05 -68.41 66.98
CA LEU B 4346 25.46 -69.71 66.59
C LEU B 4346 25.12 -69.73 65.10
N ARG B 4347 24.99 -70.95 64.56
CA ARG B 4347 24.55 -71.22 63.16
C ARG B 4347 23.79 -72.55 63.16
N PRO B 4348 23.04 -72.95 62.11
CA PRO B 4348 22.32 -74.22 62.14
C PRO B 4348 23.22 -75.39 62.52
N GLY B 4349 22.87 -76.06 63.64
CA GLY B 4349 23.60 -77.21 64.20
C GLY B 4349 25.03 -76.92 64.65
N GLY B 4350 25.38 -75.64 64.96
CA GLY B 4350 26.72 -75.34 65.51
C GLY B 4350 26.99 -73.87 65.75
N TYR B 4351 28.26 -73.48 65.61
CA TYR B 4351 28.71 -72.10 65.96
C TYR B 4351 29.65 -71.57 64.88
N SER B 4352 30.10 -70.32 65.06
CA SER B 4352 31.00 -69.63 64.11
C SER B 4352 31.66 -68.46 64.83
N CYS B 4353 33.00 -68.41 64.83
CA CYS B 4353 33.74 -67.31 65.51
C CYS B 4353 33.64 -66.01 64.68
N ALA B 4354 33.71 -64.87 65.36
CA ALA B 4354 33.76 -63.57 64.67
C ALA B 4354 34.60 -62.56 65.48
N CYS B 4355 35.21 -61.60 64.78
CA CYS B 4355 36.02 -60.53 65.41
C CYS B 4355 35.16 -59.28 65.70
N PRO B 4356 35.50 -58.48 66.71
CA PRO B 4356 34.86 -57.18 66.93
C PRO B 4356 34.98 -56.29 65.69
N GLN B 4357 34.08 -55.31 65.58
CA GLN B 4357 33.96 -54.47 64.36
C GLN B 4357 35.31 -53.81 64.06
N GLY B 4358 35.76 -53.93 62.80
CA GLY B 4358 37.02 -53.34 62.34
C GLY B 4358 38.23 -54.24 62.47
N SER B 4359 38.29 -55.12 63.47
CA SER B 4359 39.44 -56.06 63.63
C SER B 4359 39.20 -57.32 62.79
N ASP B 4360 40.28 -57.89 62.26
CA ASP B 4360 40.21 -59.10 61.40
C ASP B 4360 40.96 -60.26 62.08
N PHE B 4361 40.77 -61.47 61.54
CA PHE B 4361 41.53 -62.67 61.97
C PHE B 4361 42.99 -62.54 61.54
N VAL B 4362 43.90 -63.08 62.36
CA VAL B 4362 45.36 -63.02 62.08
C VAL B 4362 45.73 -64.23 61.22
N THR B 4363 46.23 -63.98 60.00
CA THR B 4363 46.75 -65.03 59.10
C THR B 4363 45.71 -66.14 58.89
N GLY B 4364 44.42 -65.79 58.80
CA GLY B 4364 43.31 -66.74 58.60
C GLY B 4364 43.23 -67.81 59.70
N SER B 4365 43.58 -67.46 60.94
CA SER B 4365 43.44 -68.38 62.10
C SER B 4365 41.95 -68.74 62.32
N THR B 4366 41.02 -67.84 61.98
CA THR B 4366 39.54 -68.04 62.11
C THR B 4366 39.14 -68.36 63.57
N VAL B 4367 40.05 -68.17 64.54
CA VAL B 4367 39.66 -68.19 65.98
C VAL B 4367 40.27 -66.98 66.70
N GLN B 4368 41.46 -66.51 66.26
CA GLN B 4368 42.19 -65.40 66.91
C GLN B 4368 42.13 -64.13 66.05
N CYS B 4369 41.73 -63.00 66.66
CA CYS B 4369 41.60 -61.68 66.00
C CYS B 4369 42.75 -60.74 66.39
N ASP B 4370 42.91 -59.63 65.66
CA ASP B 4370 43.92 -58.59 66.00
C ASP B 4370 43.45 -57.77 67.20
N ALA B 4371 42.16 -57.80 67.55
CA ALA B 4371 41.57 -57.06 68.69
C ALA B 4371 42.14 -57.56 70.03
N ALA B 4372 42.46 -56.62 70.93
CA ALA B 4372 42.80 -56.94 72.33
C ALA B 4372 41.54 -57.40 73.08
N SER B 4373 41.64 -58.51 73.84
CA SER B 4373 40.54 -59.03 74.68
C SER B 4373 40.23 -58.06 75.84
N GLU B 4374 38.96 -57.98 76.24
CA GLU B 4374 38.47 -57.00 77.25
C GLU B 4374 37.83 -57.75 78.42
N LEU B 4375 38.03 -57.26 79.64
CA LEU B 4375 37.56 -57.98 80.86
C LEU B 4375 36.03 -58.00 80.88
N PRO B 4376 35.40 -59.08 81.39
CA PRO B 4376 33.95 -59.10 81.56
C PRO B 4376 33.48 -58.05 82.58
N VAL B 4377 32.26 -57.57 82.41
CA VAL B 4377 31.65 -56.58 83.33
C VAL B 4377 30.56 -57.28 84.14
N THR B 4378 30.66 -57.19 85.47
CA THR B 4378 29.67 -57.81 86.38
C THR B 4378 28.74 -56.74 86.96
N MET B 4379 27.57 -57.17 87.42
CA MET B 4379 26.60 -56.22 88.03
C MET B 4379 26.81 -56.17 89.54
N PRO B 4380 26.55 -55.04 90.20
CA PRO B 4380 26.60 -54.97 91.65
C PRO B 4380 25.52 -55.88 92.29
N PRO B 4381 25.76 -56.42 93.49
CA PRO B 4381 24.77 -57.24 94.17
C PRO B 4381 23.45 -56.47 94.38
N PRO B 4382 22.31 -57.03 93.95
CA PRO B 4382 21.00 -56.41 94.20
C PRO B 4382 20.36 -56.88 95.51
N CYS B 4383 19.23 -56.24 95.85
CA CYS B 4383 18.38 -56.61 97.00
C CYS B 4383 17.57 -57.86 96.63
N ARG B 4384 17.73 -58.96 97.38
CA ARG B 4384 17.04 -60.24 97.06
C ARG B 4384 15.99 -60.56 98.12
N CYS B 4385 15.54 -59.59 98.90
CA CYS B 4385 14.70 -59.84 100.10
C CYS B 4385 13.38 -60.47 99.68
N MET B 4386 12.97 -61.51 100.40
CA MET B 4386 11.67 -62.17 100.15
C MET B 4386 10.64 -61.70 101.20
N HIS B 4387 9.35 -61.88 100.91
CA HIS B 4387 8.24 -61.57 101.83
C HIS B 4387 8.28 -60.09 102.22
N GLY B 4388 8.55 -59.21 101.24
CA GLY B 4388 8.29 -57.76 101.35
C GLY B 4388 9.18 -57.07 102.38
N GLY B 4389 10.46 -57.46 102.44
CA GLY B 4389 11.45 -56.82 103.31
C GLY B 4389 11.91 -55.48 102.75
N ASN B 4390 12.36 -54.58 103.63
CA ASN B 4390 13.03 -53.32 103.21
C ASN B 4390 14.42 -53.65 102.65
N CYS B 4391 15.18 -52.63 102.25
CA CYS B 4391 16.59 -52.82 101.83
C CYS B 4391 17.40 -51.58 102.20
N TYR B 4392 18.57 -51.78 102.82
CA TYR B 4392 19.46 -50.68 103.26
C TYR B 4392 20.89 -50.99 102.81
N PHE B 4393 21.78 -50.03 103.01
CA PHE B 4393 23.22 -50.15 102.66
C PHE B 4393 24.04 -49.81 103.90
N ASP B 4394 25.04 -50.63 104.20
CA ASP B 4394 25.89 -50.44 105.41
C ASP B 4394 26.99 -49.43 105.10
N GLU B 4395 27.98 -49.31 105.98
CA GLU B 4395 29.13 -48.39 105.79
C GLU B 4395 29.95 -48.84 104.58
N ASN B 4396 29.87 -50.11 104.18
CA ASN B 4396 30.59 -50.65 103.00
C ASN B 4396 29.70 -50.55 101.75
N GLU B 4397 28.48 -50.02 101.87
CA GLU B 4397 27.54 -49.81 100.73
C GLU B 4397 27.19 -51.16 100.10
N LEU B 4398 27.40 -52.27 100.81
CA LEU B 4398 26.89 -53.59 100.34
C LEU B 4398 25.41 -53.67 100.74
N PRO B 4399 24.48 -53.90 99.81
CA PRO B 4399 23.06 -53.95 100.16
C PRO B 4399 22.75 -55.14 101.08
N LYS B 4400 22.53 -54.82 102.36
CA LYS B 4400 22.04 -55.79 103.37
C LYS B 4400 20.66 -55.31 103.82
N CYS B 4401 19.68 -56.21 103.92
CA CYS B 4401 18.26 -55.78 104.03
C CYS B 4401 17.58 -56.46 105.21
N LYS B 4402 16.58 -55.77 105.76
CA LYS B 4402 15.87 -56.15 107.01
C LYS B 4402 14.38 -56.27 106.71
N CYS B 4403 13.68 -57.14 107.44
CA CYS B 4403 12.21 -57.32 107.29
C CYS B 4403 11.58 -57.54 108.66
N SER B 4404 10.25 -57.69 108.66
CA SER B 4404 9.47 -58.02 109.88
C SER B 4404 9.90 -59.39 110.40
N SER B 4405 9.96 -59.56 111.73
CA SER B 4405 10.48 -60.79 112.37
C SER B 4405 9.55 -61.98 112.11
N GLY B 4406 8.38 -61.77 111.47
CA GLY B 4406 7.48 -62.86 111.05
C GLY B 4406 8.22 -63.85 110.15
N TYR B 4407 9.04 -63.32 109.26
CA TYR B 4407 9.97 -64.12 108.42
C TYR B 4407 11.39 -63.70 108.75
N SER B 4408 12.31 -64.66 108.81
CA SER B 4408 13.70 -64.43 109.27
C SER B 4408 14.69 -64.87 108.20
N GLY B 4409 15.99 -64.79 108.54
CA GLY B 4409 17.08 -65.23 107.66
C GLY B 4409 17.90 -64.07 107.14
N GLU B 4410 19.01 -64.38 106.47
CA GLU B 4410 19.88 -63.36 105.84
C GLU B 4410 19.05 -62.57 104.81
N TYR B 4411 18.14 -63.23 104.10
CA TYR B 4411 17.41 -62.62 102.95
C TYR B 4411 15.91 -62.64 103.21
N CYS B 4412 15.49 -62.79 104.47
CA CYS B 4412 14.05 -62.88 104.86
C CYS B 4412 13.39 -64.01 104.07
N GLU B 4413 13.99 -65.20 104.11
CA GLU B 4413 13.53 -66.35 103.29
C GLU B 4413 12.81 -67.40 104.15
N VAL B 4414 13.20 -67.56 105.41
CA VAL B 4414 12.59 -68.60 106.28
C VAL B 4414 11.45 -67.98 107.09
N GLY B 4415 10.51 -68.83 107.51
CA GLY B 4415 9.31 -68.43 108.29
C GLY B 4415 9.68 -67.89 109.66
N GLU C 56 0.23 -53.99 -10.30
CA GLU C 56 1.22 -54.79 -11.07
C GLU C 56 0.58 -55.36 -12.34
N PHE C 57 -0.68 -55.83 -12.28
CA PHE C 57 -1.36 -56.42 -13.46
C PHE C 57 -2.68 -55.69 -13.73
N ARG C 58 -2.97 -55.46 -15.01
CA ARG C 58 -4.32 -55.04 -15.47
C ARG C 58 -5.27 -56.23 -15.34
N MET C 59 -4.78 -57.45 -15.57
CA MET C 59 -5.67 -58.63 -15.76
C MET C 59 -6.38 -58.96 -14.44
N GLU C 60 -7.67 -59.26 -14.54
CA GLU C 60 -8.55 -59.50 -13.36
C GLU C 60 -8.10 -60.78 -12.62
N LYS C 61 -8.21 -61.94 -13.29
CA LYS C 61 -8.02 -63.24 -12.61
C LYS C 61 -6.52 -63.51 -12.39
N LEU C 62 -5.63 -62.86 -13.15
CA LEU C 62 -4.17 -62.97 -12.89
C LEU C 62 -3.82 -62.20 -11.61
N ASN C 63 -4.52 -61.11 -11.32
CA ASN C 63 -4.35 -60.38 -10.04
C ASN C 63 -4.71 -61.32 -8.89
N GLN C 64 -5.78 -62.11 -9.05
CA GLN C 64 -6.24 -63.05 -8.00
C GLN C 64 -5.15 -64.09 -7.77
N LEU C 65 -4.61 -64.68 -8.85
CA LEU C 65 -3.58 -65.75 -8.74
C LEU C 65 -2.32 -65.15 -8.10
N TRP C 66 -1.98 -63.91 -8.47
CA TRP C 66 -0.70 -63.27 -8.04
C TRP C 66 -0.70 -63.05 -6.53
N GLU C 67 -1.88 -62.91 -5.92
CA GLU C 67 -1.98 -62.68 -4.46
C GLU C 67 -1.59 -63.96 -3.72
N LYS C 68 -1.96 -65.14 -4.24
CA LYS C 68 -1.70 -66.42 -3.53
C LYS C 68 -0.19 -66.61 -3.33
N ALA C 69 0.61 -66.34 -4.36
CA ALA C 69 2.07 -66.59 -4.33
C ALA C 69 2.70 -65.73 -3.23
N LYS C 70 2.15 -64.52 -3.00
CA LYS C 70 2.62 -63.66 -1.89
C LYS C 70 2.28 -64.35 -0.57
N ARG C 71 1.09 -64.98 -0.50
CA ARG C 71 0.60 -65.60 0.74
C ARG C 71 1.41 -66.87 1.03
N LEU C 72 1.93 -67.53 -0.02
CA LEU C 72 2.67 -68.82 0.16
C LEU C 72 4.15 -68.55 0.44
N HIS C 73 4.63 -67.31 0.24
CA HIS C 73 6.06 -66.94 0.46
C HIS C 73 6.97 -67.90 -0.32
N LEU C 74 6.69 -68.05 -1.61
CA LEU C 74 7.49 -68.91 -2.51
C LEU C 74 8.88 -68.30 -2.73
N SER C 75 9.75 -69.03 -3.43
CA SER C 75 11.15 -68.62 -3.72
C SER C 75 11.14 -67.26 -4.42
N PRO C 76 11.78 -66.22 -3.86
CA PRO C 76 11.66 -64.85 -4.40
C PRO C 76 12.08 -64.74 -5.88
N VAL C 77 13.13 -65.47 -6.29
CA VAL C 77 13.61 -65.43 -7.70
C VAL C 77 12.53 -66.06 -8.59
N ARG C 78 12.03 -67.24 -8.19
CA ARG C 78 10.92 -67.91 -8.89
C ARG C 78 9.66 -67.05 -8.74
N LEU C 79 9.48 -66.40 -7.58
CA LEU C 79 8.35 -65.48 -7.35
C LEU C 79 8.48 -64.28 -8.30
N ALA C 80 9.69 -63.73 -8.46
CA ALA C 80 9.93 -62.59 -9.38
C ALA C 80 9.68 -63.04 -10.82
N GLU C 81 10.14 -64.24 -11.18
CA GLU C 81 9.92 -64.78 -12.55
C GLU C 81 8.43 -65.05 -12.73
N LEU C 82 7.73 -65.43 -11.65
CA LEU C 82 6.27 -65.69 -11.72
C LEU C 82 5.55 -64.40 -12.12
N HIS C 83 5.95 -63.25 -11.57
CA HIS C 83 5.39 -61.96 -12.02
C HIS C 83 5.72 -61.75 -13.50
N SER C 84 6.95 -62.10 -13.89
CA SER C 84 7.50 -61.78 -15.25
C SER C 84 6.62 -62.43 -16.33
N ASP C 85 6.39 -63.74 -16.23
CA ASP C 85 5.61 -64.49 -17.24
C ASP C 85 4.14 -64.11 -17.15
N LEU C 86 3.64 -63.76 -15.95
CA LEU C 86 2.23 -63.32 -15.80
C LEU C 86 2.04 -61.95 -16.46
N LYS C 87 3.02 -61.06 -16.35
CA LYS C 87 2.97 -59.74 -17.04
C LYS C 87 3.05 -59.97 -18.54
N ILE C 88 3.82 -60.97 -18.98
CA ILE C 88 3.87 -61.36 -20.41
C ILE C 88 2.51 -61.96 -20.79
N GLN C 89 1.96 -62.84 -19.95
CA GLN C 89 0.70 -63.56 -20.29
C GLN C 89 -0.46 -62.56 -20.37
N GLU C 90 -0.50 -61.57 -19.47
CA GLU C 90 -1.64 -60.59 -19.43
C GLU C 90 -1.72 -59.87 -20.78
N ARG C 91 -0.58 -59.54 -21.38
CA ARG C 91 -0.55 -58.95 -22.74
C ARG C 91 -1.14 -59.95 -23.74
N ASP C 92 -0.76 -61.22 -23.62
CA ASP C 92 -1.28 -62.29 -24.51
C ASP C 92 -2.79 -62.47 -24.25
N GLU C 93 -3.20 -62.48 -22.98
CA GLU C 93 -4.60 -62.73 -22.59
C GLU C 93 -5.48 -61.60 -23.13
N LEU C 94 -5.04 -60.34 -22.95
CA LEU C 94 -5.81 -59.18 -23.45
C LEU C 94 -5.80 -59.25 -24.99
N ASN C 95 -4.68 -59.63 -25.59
CA ASN C 95 -4.56 -59.79 -27.07
C ASN C 95 -5.58 -60.83 -27.53
N TRP C 96 -5.66 -61.97 -26.82
CA TRP C 96 -6.60 -63.06 -27.15
C TRP C 96 -8.03 -62.52 -27.12
N LYS C 97 -8.41 -61.84 -26.03
CA LYS C 97 -9.81 -61.37 -25.87
C LYS C 97 -10.07 -60.28 -26.92
N LYS C 98 -9.11 -59.36 -27.15
CA LYS C 98 -9.17 -58.32 -28.22
C LYS C 98 -9.60 -58.94 -29.53
N LEU C 99 -9.20 -60.17 -29.81
CA LEU C 99 -9.71 -60.87 -31.02
C LEU C 99 -11.18 -61.28 -30.81
N LYS C 100 -11.60 -61.58 -29.57
CA LYS C 100 -12.98 -62.03 -29.30
C LYS C 100 -13.97 -60.92 -29.69
N VAL C 101 -13.66 -59.66 -29.35
CA VAL C 101 -14.52 -58.51 -29.77
C VAL C 101 -14.22 -58.20 -31.24
N GLU C 102 -13.00 -58.52 -31.72
CA GLU C 102 -12.63 -58.27 -33.14
C GLU C 102 -12.97 -59.48 -34.02
N GLY C 103 -13.38 -60.62 -33.41
CA GLY C 103 -13.78 -61.83 -34.15
C GLY C 103 -12.65 -62.36 -35.04
N LEU C 104 -11.39 -62.19 -34.62
CA LEU C 104 -10.22 -62.61 -35.42
C LEU C 104 -9.71 -64.00 -34.96
N ASP C 105 -10.51 -64.80 -34.24
CA ASP C 105 -10.18 -66.23 -34.00
C ASP C 105 -11.47 -67.02 -33.86
N GLY C 106 -11.48 -68.23 -34.45
CA GLY C 106 -12.61 -69.18 -34.35
C GLY C 106 -12.13 -70.61 -34.14
N ASP C 107 -10.82 -70.81 -33.94
CA ASP C 107 -10.21 -72.16 -33.91
C ASP C 107 -9.76 -72.52 -32.48
N GLY C 108 -9.87 -71.58 -31.52
CA GLY C 108 -9.56 -71.82 -30.10
C GLY C 108 -8.07 -71.83 -29.81
N GLU C 109 -7.20 -71.41 -30.76
CA GLU C 109 -5.73 -71.35 -30.54
C GLU C 109 -5.42 -70.36 -29.41
N LYS C 110 -5.96 -69.15 -29.48
CA LYS C 110 -5.57 -68.02 -28.58
C LYS C 110 -6.08 -68.27 -27.15
N GLU C 111 -6.96 -69.26 -26.94
CA GLU C 111 -7.35 -69.67 -25.57
C GLU C 111 -6.41 -70.78 -25.07
N ALA C 112 -6.21 -71.82 -25.89
CA ALA C 112 -5.45 -73.03 -25.48
C ALA C 112 -4.01 -72.63 -25.12
N LYS C 113 -3.37 -71.81 -25.96
CA LYS C 113 -1.94 -71.45 -25.81
C LYS C 113 -1.71 -70.82 -24.42
N LEU C 114 -2.69 -70.06 -23.93
CA LEU C 114 -2.54 -69.29 -22.67
C LEU C 114 -2.89 -70.17 -21.46
N VAL C 115 -3.91 -71.01 -21.58
CA VAL C 115 -4.35 -71.85 -20.44
C VAL C 115 -3.32 -72.98 -20.25
N HIS C 116 -2.64 -73.41 -21.32
CA HIS C 116 -1.59 -74.45 -21.20
C HIS C 116 -0.50 -73.99 -20.21
N ASN C 117 0.03 -72.79 -20.43
CA ASN C 117 1.09 -72.23 -19.57
C ASN C 117 0.53 -72.02 -18.16
N LEU C 118 -0.68 -71.47 -18.04
CA LEU C 118 -1.32 -71.18 -16.74
C LEU C 118 -1.46 -72.49 -15.95
N ASN C 119 -1.91 -73.56 -16.62
CA ASN C 119 -2.15 -74.87 -15.96
C ASN C 119 -0.83 -75.42 -15.40
N VAL C 120 0.26 -75.29 -16.16
CA VAL C 120 1.59 -75.77 -15.68
C VAL C 120 2.07 -74.82 -14.58
N ILE C 121 1.81 -73.52 -14.70
CA ILE C 121 2.16 -72.53 -13.64
C ILE C 121 1.42 -72.91 -12.35
N LEU C 122 0.23 -73.49 -12.46
CA LEU C 122 -0.48 -74.03 -11.27
C LEU C 122 0.37 -75.11 -10.60
N ALA C 123 1.17 -75.86 -11.36
CA ALA C 123 2.01 -76.95 -10.78
C ALA C 123 3.27 -76.36 -10.17
N ARG C 124 3.97 -75.48 -10.90
CA ARG C 124 5.28 -74.91 -10.45
C ARG C 124 5.07 -73.95 -9.28
N TYR C 125 3.82 -73.54 -8.99
CA TYR C 125 3.54 -72.53 -7.94
C TYR C 125 2.37 -72.96 -7.05
N GLY C 126 1.94 -74.23 -7.14
CA GLY C 126 0.86 -74.79 -6.30
C GLY C 126 -0.52 -74.24 -6.64
N LEU C 127 -0.62 -73.25 -7.53
CA LEU C 127 -1.92 -72.59 -7.85
C LEU C 127 -2.79 -73.56 -8.65
N GLU C 254 50.84 -74.46 15.90
CA GLU C 254 50.98 -75.78 16.58
C GLU C 254 52.20 -75.72 17.52
N PHE C 255 52.08 -74.97 18.62
CA PHE C 255 53.16 -74.85 19.64
C PHE C 255 52.50 -74.77 21.01
N GLU C 256 53.27 -75.10 22.06
CA GLU C 256 52.72 -75.27 23.43
C GLU C 256 53.28 -74.25 24.43
N GLU C 257 54.45 -73.65 24.19
CA GLU C 257 55.00 -72.68 25.17
C GLU C 257 54.70 -71.26 24.69
N PRO C 258 54.36 -70.32 25.61
CA PRO C 258 54.05 -68.95 25.22
C PRO C 258 55.21 -68.26 24.48
N ARG C 259 56.46 -68.52 24.91
CA ARG C 259 57.65 -67.85 24.32
C ARG C 259 57.80 -68.29 22.85
N VAL C 260 57.67 -69.59 22.57
CA VAL C 260 57.88 -70.09 21.17
C VAL C 260 56.70 -69.63 20.32
N ILE C 261 55.49 -69.53 20.91
CA ILE C 261 54.31 -69.00 20.18
C ILE C 261 54.59 -67.55 19.78
N ASP C 262 55.09 -66.74 20.73
CA ASP C 262 55.44 -65.32 20.47
C ASP C 262 56.48 -65.26 19.35
N LEU C 263 57.54 -66.06 19.46
CA LEU C 263 58.67 -65.99 18.48
C LEU C 263 58.13 -66.36 17.10
N TRP C 264 57.32 -67.42 17.00
CA TRP C 264 56.74 -67.86 15.71
C TRP C 264 55.85 -66.75 15.14
N ASP C 265 55.02 -66.14 15.99
CA ASP C 265 54.06 -65.09 15.56
C ASP C 265 54.87 -63.92 14.97
N LEU C 266 55.96 -63.53 15.64
CA LEU C 266 56.79 -62.38 15.17
C LEU C 266 57.54 -62.82 13.90
N ALA C 267 58.05 -64.06 13.85
CA ALA C 267 58.93 -64.51 12.74
C ALA C 267 58.10 -64.67 11.46
N GLN C 268 56.77 -64.86 11.59
CA GLN C 268 55.86 -64.91 10.41
C GLN C 268 56.01 -63.62 9.58
N SER C 269 56.16 -62.47 10.24
CA SER C 269 56.20 -61.15 9.57
C SER C 269 57.63 -60.74 9.23
N ALA C 270 58.63 -61.60 9.50
CA ALA C 270 60.05 -61.26 9.23
C ALA C 270 60.34 -61.45 7.73
N ASN C 271 61.52 -61.01 7.30
CA ASN C 271 62.00 -61.21 5.91
C ASN C 271 62.73 -62.56 5.81
N PHE C 272 62.07 -63.65 6.21
CA PHE C 272 62.66 -65.01 6.14
C PHE C 272 62.33 -65.66 4.81
N THR C 273 63.32 -66.31 4.21
CA THR C 273 63.12 -67.25 3.08
C THR C 273 62.35 -68.47 3.61
N GLU C 274 61.57 -69.10 2.73
CA GLU C 274 60.81 -70.34 3.07
C GLU C 274 61.77 -71.37 3.68
N LYS C 275 62.98 -71.52 3.11
CA LYS C 275 63.99 -72.47 3.64
C LYS C 275 64.38 -72.04 5.06
N GLU C 276 64.69 -70.75 5.25
CA GLU C 276 65.08 -70.25 6.59
C GLU C 276 63.86 -70.36 7.51
N LEU C 277 62.65 -70.19 6.99
CA LEU C 277 61.41 -70.30 7.83
C LEU C 277 61.29 -71.75 8.32
N GLU C 278 61.51 -72.74 7.45
CA GLU C 278 61.39 -74.17 7.85
C GLU C 278 62.48 -74.50 8.87
N SER C 279 63.71 -74.04 8.63
CA SER C 279 64.85 -74.29 9.55
C SER C 279 64.55 -73.61 10.90
N PHE C 280 63.96 -72.41 10.86
CA PHE C 280 63.58 -71.67 12.08
C PHE C 280 62.49 -72.44 12.83
N ARG C 281 61.54 -73.04 12.10
CA ARG C 281 60.48 -73.88 12.72
C ARG C 281 61.12 -75.02 13.49
N GLU C 282 62.05 -75.75 12.87
CA GLU C 282 62.75 -76.89 13.53
C GLU C 282 63.53 -76.35 14.75
N GLU C 283 64.10 -75.16 14.61
CA GLU C 283 64.88 -74.54 15.73
C GLU C 283 63.92 -74.26 16.89
N LEU C 284 62.71 -73.75 16.62
CA LEU C 284 61.73 -73.45 17.71
C LEU C 284 61.31 -74.79 18.35
N LYS C 285 61.22 -75.88 17.59
CA LYS C 285 60.85 -77.19 18.16
C LYS C 285 61.94 -77.61 19.15
N HIS C 286 63.22 -77.47 18.78
CA HIS C 286 64.35 -77.86 19.67
C HIS C 286 64.37 -76.93 20.88
N PHE C 287 64.09 -75.64 20.68
CA PHE C 287 64.04 -74.65 21.79
C PHE C 287 62.90 -75.02 22.74
N GLU C 288 61.77 -75.47 22.19
CA GLU C 288 60.59 -75.89 22.99
C GLU C 288 60.98 -77.10 23.84
N ALA C 289 61.69 -78.08 23.25
CA ALA C 289 62.16 -79.26 24.00
C ALA C 289 63.06 -78.78 25.15
N LYS C 290 63.90 -77.78 24.89
CA LYS C 290 64.85 -77.26 25.91
C LYS C 290 64.05 -76.65 27.07
N ILE C 291 63.03 -75.84 26.77
CA ILE C 291 62.26 -75.15 27.85
C ILE C 291 61.46 -76.20 28.62
N GLU C 292 60.91 -77.22 27.95
CA GLU C 292 60.17 -78.30 28.67
C GLU C 292 61.13 -79.01 29.62
N LYS C 293 62.37 -79.28 29.17
CA LYS C 293 63.39 -79.92 30.05
C LYS C 293 63.67 -78.99 31.24
N HIS C 294 63.82 -77.69 30.99
CA HIS C 294 64.15 -76.71 32.06
C HIS C 294 63.02 -76.68 33.10
N ASN C 295 61.75 -76.61 32.67
CA ASN C 295 60.63 -76.48 33.64
C ASN C 295 60.49 -77.81 34.39
N HIS C 296 60.69 -78.94 33.69
CA HIS C 296 60.61 -80.26 34.37
C HIS C 296 61.66 -80.33 35.49
N TYR C 297 62.90 -79.88 35.22
CA TYR C 297 63.96 -79.91 36.26
C TYR C 297 63.74 -78.83 37.32
N GLN C 298 63.17 -77.66 37.00
CA GLN C 298 62.78 -76.71 38.08
C GLN C 298 61.74 -77.35 39.00
N LYS C 299 60.78 -78.10 38.46
CA LYS C 299 59.73 -78.75 39.30
C LYS C 299 60.41 -79.85 40.13
N GLN C 300 61.37 -80.59 39.56
CA GLN C 300 62.17 -81.57 40.33
C GLN C 300 62.98 -80.86 41.43
N LEU C 301 63.56 -79.70 41.12
CA LEU C 301 64.31 -78.90 42.13
C LEU C 301 63.34 -78.46 43.24
N GLU C 302 62.06 -78.23 42.94
CA GLU C 302 61.06 -77.87 43.98
C GLU C 302 60.71 -79.10 44.84
N ILE C 303 60.47 -80.28 44.25
CA ILE C 303 60.05 -81.45 45.07
C ILE C 303 61.27 -81.94 45.88
N SER C 304 62.48 -81.87 45.33
CA SER C 304 63.71 -82.14 46.12
C SER C 304 63.85 -81.09 47.24
N HIS C 305 63.46 -79.83 47.01
CA HIS C 305 63.48 -78.80 48.09
C HIS C 305 62.46 -79.19 49.17
N GLN C 306 61.31 -79.74 48.79
CA GLN C 306 60.28 -80.17 49.77
C GLN C 306 60.85 -81.32 50.62
N LYS C 307 61.49 -82.29 49.95
CA LYS C 307 62.14 -83.42 50.66
C LYS C 307 63.23 -82.86 51.59
N LEU C 308 64.00 -81.87 51.12
CA LEU C 308 65.12 -81.27 51.90
C LEU C 308 64.52 -80.54 53.11
N LYS C 309 63.39 -79.85 52.94
CA LYS C 309 62.73 -79.12 54.07
C LYS C 309 62.31 -80.14 55.13
N HIS C 310 61.68 -81.25 54.69
CA HIS C 310 61.22 -82.30 55.64
C HIS C 310 62.43 -82.88 56.38
N VAL C 311 63.51 -83.16 55.65
CA VAL C 311 64.73 -83.79 56.24
C VAL C 311 65.37 -82.81 57.23
N GLU C 312 65.48 -81.53 56.85
CA GLU C 312 66.13 -80.51 57.72
C GLU C 312 65.30 -80.35 58.99
N SER C 313 63.97 -80.44 58.88
CA SER C 313 63.07 -80.39 60.06
C SER C 313 63.32 -81.63 60.92
N ILE C 314 63.52 -82.80 60.29
CA ILE C 314 63.80 -84.06 61.01
C ILE C 314 65.17 -83.93 61.70
N GLY C 315 66.18 -83.45 60.97
CA GLY C 315 67.53 -83.16 61.54
C GLY C 315 68.46 -84.36 61.53
N ASP C 316 68.17 -85.41 60.74
CA ASP C 316 69.07 -86.59 60.64
C ASP C 316 70.32 -86.18 59.86
N PRO C 317 71.54 -86.32 60.42
CA PRO C 317 72.76 -85.90 59.70
C PRO C 317 72.98 -86.69 58.41
N GLU C 318 72.67 -88.00 58.40
CA GLU C 318 72.86 -88.85 57.20
C GLU C 318 71.85 -88.42 56.13
N HIS C 319 70.58 -88.23 56.53
CA HIS C 319 69.52 -87.76 55.59
C HIS C 319 69.91 -86.39 55.04
N ILE C 320 70.41 -85.49 55.89
CA ILE C 320 70.81 -84.13 55.46
C ILE C 320 71.94 -84.25 54.45
N SER C 321 72.94 -85.09 54.73
CA SER C 321 74.12 -85.25 53.84
C SER C 321 73.66 -85.81 52.48
N ARG C 322 72.79 -86.83 52.49
CA ARG C 322 72.33 -87.48 51.24
C ARG C 322 71.50 -86.48 50.42
N ASN C 323 70.55 -85.80 51.08
CA ASN C 323 69.60 -84.90 50.38
C ASN C 323 70.40 -83.70 49.84
N LYS C 324 71.43 -83.24 50.56
CA LYS C 324 72.39 -82.25 50.00
C LYS C 324 73.11 -82.83 48.77
N GLU C 325 73.69 -84.04 48.84
CA GLU C 325 74.40 -84.66 47.68
C GLU C 325 73.50 -84.65 46.43
N LYS C 326 72.20 -84.95 46.58
CA LYS C 326 71.19 -84.78 45.50
C LYS C 326 70.99 -83.29 45.17
N TYR C 327 70.46 -82.50 46.11
CA TYR C 327 69.94 -81.13 45.88
C TYR C 327 71.03 -80.18 45.36
N VAL C 328 72.21 -80.15 45.98
CA VAL C 328 73.26 -79.13 45.68
C VAL C 328 73.82 -79.36 44.27
N LEU C 329 73.80 -80.60 43.77
CA LEU C 329 74.24 -80.93 42.39
C LEU C 329 73.06 -80.79 41.40
N LEU C 330 71.84 -81.20 41.79
CA LEU C 330 70.62 -80.99 40.98
C LEU C 330 70.40 -79.50 40.73
N GLU C 331 70.66 -78.62 41.71
CA GLU C 331 70.51 -77.15 41.51
C GLU C 331 71.39 -76.71 40.33
N GLU C 332 72.67 -77.09 40.33
CA GLU C 332 73.63 -76.64 39.30
C GLU C 332 73.18 -77.17 37.93
N LYS C 333 72.80 -78.46 37.84
CA LYS C 333 72.26 -79.05 36.60
C LYS C 333 71.07 -78.23 36.10
N THR C 334 70.13 -77.90 36.99
CA THR C 334 68.90 -77.12 36.66
C THR C 334 69.28 -75.72 36.18
N LYS C 335 70.25 -75.08 36.85
CA LYS C 335 70.67 -73.70 36.56
C LYS C 335 71.46 -73.63 35.24
N GLU C 336 72.29 -74.64 34.94
CA GLU C 336 73.03 -74.73 33.65
C GLU C 336 72.03 -74.75 32.48
N LEU C 337 70.92 -75.50 32.60
CA LEU C 337 69.82 -75.47 31.61
C LEU C 337 69.19 -74.07 31.59
N GLY C 338 68.96 -73.43 32.75
CA GLY C 338 68.40 -72.07 32.84
C GLY C 338 69.19 -71.07 32.02
N TYR C 339 70.52 -71.06 32.15
CA TYR C 339 71.43 -70.19 31.36
C TYR C 339 71.27 -70.46 29.85
N LYS C 340 71.32 -71.74 29.48
CA LYS C 340 71.25 -72.21 28.07
C LYS C 340 69.92 -71.80 27.43
N VAL C 341 68.80 -71.90 28.17
CA VAL C 341 67.46 -71.54 27.65
C VAL C 341 67.40 -70.01 27.47
N LYS C 342 67.93 -69.26 28.44
CA LYS C 342 67.92 -67.77 28.37
C LYS C 342 68.73 -67.30 27.15
N LYS C 343 69.92 -67.87 26.93
CA LYS C 343 70.81 -67.50 25.79
C LYS C 343 70.09 -67.79 24.48
N HIS C 344 69.48 -68.97 24.37
CA HIS C 344 68.78 -69.39 23.13
C HIS C 344 67.62 -68.41 22.88
N LEU C 345 66.88 -68.04 23.93
CA LEU C 345 65.74 -67.10 23.79
C LEU C 345 66.27 -65.74 23.28
N GLN C 346 67.37 -65.26 23.85
CA GLN C 346 67.97 -63.96 23.46
C GLN C 346 68.34 -64.03 21.97
N ASP C 347 69.03 -65.10 21.56
CA ASP C 347 69.50 -65.26 20.16
C ASP C 347 68.29 -65.22 19.22
N LEU C 348 67.28 -66.04 19.50
CA LEU C 348 66.10 -66.17 18.60
C LEU C 348 65.36 -64.84 18.52
N SER C 349 65.13 -64.19 19.67
CA SER C 349 64.36 -62.92 19.74
C SER C 349 65.13 -61.83 18.96
N SER C 350 66.45 -61.73 19.17
CA SER C 350 67.28 -60.70 18.50
C SER C 350 67.28 -60.95 16.98
N ARG C 351 67.40 -62.21 16.57
CA ARG C 351 67.43 -62.54 15.12
C ARG C 351 66.08 -62.17 14.50
N VAL C 352 64.97 -62.48 15.17
CA VAL C 352 63.62 -62.17 14.62
C VAL C 352 63.45 -60.65 14.54
N SER C 353 63.86 -59.92 15.58
CA SER C 353 63.73 -58.44 15.62
C SER C 353 64.56 -57.82 14.50
N ARG C 354 65.78 -58.34 14.27
CA ARG C 354 66.66 -57.86 13.16
C ARG C 354 65.99 -58.18 11.81
N ALA C 355 65.38 -59.36 11.68
CA ALA C 355 64.75 -59.81 10.40
C ALA C 355 63.41 -59.09 10.19
N ARG C 356 62.89 -58.36 11.19
CA ARG C 356 61.63 -57.59 10.98
C ARG C 356 61.92 -56.21 10.38
N HIS C 357 63.11 -55.65 10.63
CA HIS C 357 63.47 -54.30 10.13
C HIS C 357 64.41 -54.40 8.93
N ASN C 358 65.57 -55.05 9.12
CA ASN C 358 66.62 -55.19 8.09
C ASN C 358 67.07 -53.79 7.64
N GLU D 56 0.60 37.14 34.35
CA GLU D 56 -0.79 37.63 34.51
C GLU D 56 -0.93 39.16 34.34
N PHE D 57 -0.08 40.00 34.93
CA PHE D 57 -0.14 41.49 34.84
C PHE D 57 1.18 42.08 34.31
N ARG D 58 1.17 43.26 33.64
CA ARG D 58 2.36 43.77 32.93
C ARG D 58 3.52 44.13 33.85
N MET D 59 3.36 45.10 34.74
CA MET D 59 4.52 45.56 35.53
C MET D 59 4.86 44.56 36.64
N GLU D 60 6.17 44.35 36.85
CA GLU D 60 6.80 43.48 37.86
C GLU D 60 6.15 43.65 39.24
N LYS D 61 6.03 44.90 39.68
CA LYS D 61 5.37 45.26 40.94
C LYS D 61 3.88 44.85 40.97
N LEU D 62 3.13 44.91 39.87
CA LEU D 62 1.68 44.59 39.98
C LEU D 62 1.52 43.09 40.22
N ASN D 63 2.35 42.26 39.59
CA ASN D 63 2.32 40.80 39.81
C ASN D 63 2.70 40.53 41.28
N GLN D 64 3.70 41.26 41.79
CA GLN D 64 4.17 41.10 43.20
C GLN D 64 3.00 41.44 44.14
N LEU D 65 2.32 42.57 43.89
CA LEU D 65 1.16 42.98 44.71
C LEU D 65 0.06 41.93 44.59
N TRP D 66 -0.10 41.31 43.42
CA TRP D 66 -1.21 40.36 43.15
C TRP D 66 -0.95 39.05 43.91
N GLU D 67 0.29 38.53 43.90
CA GLU D 67 0.61 37.31 44.69
C GLU D 67 0.48 37.63 46.18
N LYS D 68 0.96 38.80 46.61
CA LYS D 68 0.98 39.14 48.06
C LYS D 68 -0.45 39.43 48.53
N ALA D 69 -1.30 39.99 47.66
CA ALA D 69 -2.73 40.20 47.97
C ALA D 69 -3.38 38.83 48.16
N LYS D 70 -3.04 37.85 47.32
CA LYS D 70 -3.54 36.46 47.50
C LYS D 70 -2.97 35.87 48.78
N ARG D 71 -1.72 36.22 49.14
CA ARG D 71 -1.11 35.75 50.40
C ARG D 71 -1.84 36.36 51.61
N LEU D 72 -2.55 37.48 51.42
CA LEU D 72 -3.31 38.13 52.53
C LEU D 72 -4.70 37.52 52.68
N HIS D 73 -5.12 36.63 51.77
CA HIS D 73 -6.44 35.94 51.78
C HIS D 73 -7.57 36.97 51.93
N LEU D 74 -7.42 38.14 51.30
CA LEU D 74 -8.43 39.22 51.37
C LEU D 74 -9.73 38.75 50.71
N SER D 75 -10.84 39.41 51.04
CA SER D 75 -12.17 39.11 50.48
C SER D 75 -12.10 39.25 48.95
N PRO D 76 -12.79 38.39 48.18
CA PRO D 76 -12.73 38.44 46.71
C PRO D 76 -13.15 39.80 46.14
N VAL D 77 -14.18 40.43 46.71
CA VAL D 77 -14.70 41.73 46.19
C VAL D 77 -13.64 42.81 46.42
N ARG D 78 -12.94 42.77 47.56
CA ARG D 78 -11.83 43.72 47.83
C ARG D 78 -10.66 43.36 46.90
N LEU D 79 -10.38 42.06 46.75
CA LEU D 79 -9.21 41.60 45.96
C LEU D 79 -9.45 41.94 44.48
N ALA D 80 -10.68 41.78 43.98
CA ALA D 80 -11.01 42.10 42.58
C ALA D 80 -10.87 43.61 42.36
N GLU D 81 -11.31 44.42 43.32
CA GLU D 81 -11.23 45.90 43.20
C GLU D 81 -9.76 46.34 43.17
N LEU D 82 -8.86 45.54 43.76
CA LEU D 82 -7.41 45.85 43.72
C LEU D 82 -6.94 45.85 42.25
N HIS D 83 -7.29 44.81 41.50
CA HIS D 83 -6.78 44.65 40.12
C HIS D 83 -7.34 45.78 39.26
N SER D 84 -8.63 46.11 39.44
CA SER D 84 -9.31 47.15 38.62
C SER D 84 -8.61 48.49 38.86
N ASP D 85 -8.17 48.75 40.10
CA ASP D 85 -7.40 49.98 40.40
C ASP D 85 -5.98 49.84 39.88
N LEU D 86 -5.40 48.63 39.91
CA LEU D 86 -4.00 48.44 39.45
C LEU D 86 -4.00 48.38 37.91
N LYS D 87 -5.00 47.72 37.31
CA LYS D 87 -5.02 47.54 35.83
C LYS D 87 -5.27 48.89 35.15
N ILE D 88 -6.07 49.76 35.77
CA ILE D 88 -6.25 51.13 35.22
C ILE D 88 -4.95 51.91 35.43
N GLN D 89 -4.23 51.63 36.51
CA GLN D 89 -2.89 52.22 36.74
C GLN D 89 -1.91 51.64 35.73
N GLU D 90 -2.14 50.41 35.25
CA GLU D 90 -1.25 49.77 34.25
C GLU D 90 -1.21 50.62 32.98
N ARG D 91 -2.37 51.13 32.55
CA ARG D 91 -2.44 52.00 31.34
C ARG D 91 -1.83 53.35 31.69
N ASP D 92 -1.96 53.81 32.94
CA ASP D 92 -1.39 55.11 33.38
C ASP D 92 0.14 54.99 33.40
N GLU D 93 0.72 53.91 33.93
CA GLU D 93 2.17 53.74 34.05
C GLU D 93 2.81 53.52 32.68
N LEU D 94 2.10 52.91 31.72
CA LEU D 94 2.64 52.75 30.35
C LEU D 94 2.91 54.12 29.71
N ASN D 95 1.96 55.05 29.79
CA ASN D 95 2.14 56.38 29.16
C ASN D 95 3.17 57.17 29.97
N TRP D 96 3.24 56.96 31.29
CA TRP D 96 4.31 57.56 32.13
C TRP D 96 5.67 57.09 31.61
N LYS D 97 5.82 55.78 31.41
CA LYS D 97 7.08 55.12 31.08
C LYS D 97 7.53 55.46 29.65
N LYS D 98 6.61 55.52 28.70
CA LYS D 98 6.87 56.04 27.34
C LYS D 98 7.41 57.48 27.40
N LEU D 99 6.71 58.40 28.10
CA LEU D 99 7.10 59.82 28.15
C LEU D 99 8.34 60.01 29.03
N LYS D 100 8.72 58.99 29.84
CA LYS D 100 9.90 59.10 30.74
C LYS D 100 11.16 58.79 29.95
N VAL D 101 11.23 57.63 29.28
CA VAL D 101 12.43 57.23 28.51
C VAL D 101 12.61 58.09 27.26
N GLU D 102 11.51 58.51 26.61
CA GLU D 102 11.56 59.47 25.51
C GLU D 102 11.82 60.91 26.00
N GLY D 103 11.67 61.19 27.30
CA GLY D 103 11.89 62.53 27.90
C GLY D 103 10.85 63.54 27.44
N LEU D 104 9.73 63.11 26.83
CA LEU D 104 8.70 64.05 26.35
C LEU D 104 7.89 64.62 27.55
N ASP D 105 7.90 63.95 28.71
CA ASP D 105 7.25 64.49 29.93
C ASP D 105 8.24 65.45 30.61
N GLY D 106 8.32 66.67 30.07
CA GLY D 106 9.26 67.71 30.54
C GLY D 106 8.98 68.14 31.96
N ASP D 107 7.76 67.92 32.45
CA ASP D 107 7.32 68.45 33.78
C ASP D 107 7.15 67.31 34.78
N GLY D 108 7.11 66.05 34.32
CA GLY D 108 6.95 64.87 35.19
C GLY D 108 5.61 64.85 35.90
N GLU D 109 4.54 65.34 35.25
CA GLU D 109 3.19 65.45 35.86
C GLU D 109 2.61 64.05 36.12
N LYS D 110 3.02 63.04 35.33
CA LYS D 110 2.36 61.71 35.35
C LYS D 110 2.89 60.86 36.50
N GLU D 111 3.93 61.30 37.23
CA GLU D 111 4.56 60.44 38.28
C GLU D 111 3.82 60.58 39.62
N ALA D 112 3.55 61.81 40.07
CA ALA D 112 2.88 62.09 41.36
C ALA D 112 1.50 61.39 41.39
N LYS D 113 0.74 61.48 40.29
CA LYS D 113 -0.66 61.01 40.27
C LYS D 113 -0.69 59.47 40.28
N LEU D 114 0.41 58.79 39.95
CA LEU D 114 0.46 57.30 40.02
C LEU D 114 1.03 56.90 41.38
N VAL D 115 1.98 57.67 41.92
CA VAL D 115 2.63 57.35 43.22
C VAL D 115 1.60 57.48 44.36
N HIS D 116 0.89 58.62 44.41
CA HIS D 116 -0.10 58.85 45.49
C HIS D 116 -1.24 57.83 45.35
N ASN D 117 -1.64 57.52 44.11
CA ASN D 117 -2.72 56.53 43.85
C ASN D 117 -2.29 55.16 44.39
N LEU D 118 -1.04 54.74 44.12
CA LEU D 118 -0.55 53.43 44.62
C LEU D 118 -0.52 53.46 46.15
N ASN D 119 -0.07 54.57 46.75
CA ASN D 119 0.03 54.67 48.24
C ASN D 119 -1.36 54.52 48.85
N VAL D 120 -2.36 55.24 48.31
CA VAL D 120 -3.74 55.20 48.89
C VAL D 120 -4.35 53.83 48.57
N ILE D 121 -3.95 53.21 47.45
CA ILE D 121 -4.40 51.82 47.14
C ILE D 121 -3.89 50.90 48.25
N LEU D 122 -2.62 51.04 48.63
CA LEU D 122 -2.01 50.17 49.68
C LEU D 122 -2.75 50.41 51.00
N ALA D 123 -3.07 51.68 51.32
CA ALA D 123 -3.74 52.03 52.59
C ALA D 123 -5.21 51.58 52.54
N ARG D 124 -5.89 51.80 51.41
CA ARG D 124 -7.36 51.61 51.29
C ARG D 124 -7.71 50.12 51.44
N TYR D 125 -6.94 49.23 50.81
CA TYR D 125 -7.35 47.81 50.66
C TYR D 125 -6.74 46.92 51.74
N GLY D 126 -6.05 47.50 52.74
CA GLY D 126 -5.47 46.73 53.87
C GLY D 126 -4.24 45.94 53.44
N LEU D 127 -3.17 46.65 53.07
CA LEU D 127 -1.88 46.00 52.70
C LEU D 127 -0.76 46.57 53.58
N GLU D 254 -53.90 25.50 72.64
CA GLU D 254 -54.43 25.24 74.01
C GLU D 254 -55.31 23.98 73.97
N PHE D 255 -54.70 22.81 73.73
CA PHE D 255 -55.42 21.52 73.70
C PHE D 255 -54.51 20.42 74.25
N GLU D 256 -55.11 19.36 74.79
CA GLU D 256 -54.36 18.19 75.30
C GLU D 256 -54.96 16.88 74.76
N GLU D 257 -56.29 16.79 74.62
CA GLU D 257 -56.95 15.50 74.29
C GLU D 257 -56.51 15.03 72.89
N PRO D 258 -56.12 13.76 72.70
CA PRO D 258 -55.79 13.25 71.37
C PRO D 258 -56.93 13.43 70.36
N ARG D 259 -58.18 13.22 70.79
CA ARG D 259 -59.37 13.34 69.91
C ARG D 259 -59.50 14.80 69.45
N VAL D 260 -59.37 15.75 70.36
CA VAL D 260 -59.61 17.19 70.04
C VAL D 260 -58.49 17.69 69.13
N ILE D 261 -57.25 17.20 69.34
CA ILE D 261 -56.06 17.74 68.62
C ILE D 261 -56.25 17.50 67.12
N ASP D 262 -56.64 16.29 66.72
CA ASP D 262 -56.87 15.96 65.28
C ASP D 262 -57.98 16.87 64.75
N LEU D 263 -59.08 17.02 65.50
CA LEU D 263 -60.25 17.82 65.04
C LEU D 263 -59.81 19.25 64.72
N TRP D 264 -58.97 19.86 65.57
CA TRP D 264 -58.45 21.23 65.31
C TRP D 264 -57.57 21.22 64.05
N ASP D 265 -56.73 20.20 63.89
CA ASP D 265 -55.87 20.06 62.68
C ASP D 265 -56.76 19.91 61.45
N LEU D 266 -57.79 19.08 61.53
CA LEU D 266 -58.74 18.87 60.39
C LEU D 266 -59.55 20.15 60.19
N ALA D 267 -59.79 20.94 61.24
CA ALA D 267 -60.59 22.19 61.15
C ALA D 267 -59.84 23.22 60.30
N GLN D 268 -58.51 23.30 60.45
CA GLN D 268 -57.69 24.33 59.74
C GLN D 268 -57.68 24.04 58.24
N SER D 269 -57.95 22.79 57.82
CA SER D 269 -57.98 22.42 56.38
C SER D 269 -59.43 22.39 55.86
N ALA D 270 -60.42 22.81 56.66
CA ALA D 270 -61.84 22.69 56.30
C ALA D 270 -62.33 23.97 55.61
N ASN D 271 -63.64 24.05 55.37
CA ASN D 271 -64.27 25.19 54.68
C ASN D 271 -64.56 26.33 55.66
N PHE D 272 -64.17 26.18 56.94
CA PHE D 272 -64.60 27.12 58.01
C PHE D 272 -64.11 28.54 57.70
N THR D 273 -65.07 29.48 57.79
CA THR D 273 -64.79 30.93 57.79
C THR D 273 -64.02 31.27 59.07
N GLU D 274 -63.20 32.32 59.03
CA GLU D 274 -62.46 32.84 60.21
C GLU D 274 -63.40 32.94 61.42
N LYS D 275 -64.60 33.50 61.22
CA LYS D 275 -65.62 33.61 62.29
C LYS D 275 -66.04 32.20 62.72
N GLU D 276 -66.30 31.30 61.76
CA GLU D 276 -66.72 29.91 62.06
C GLU D 276 -65.56 29.21 62.78
N LEU D 277 -64.32 29.40 62.30
CA LEU D 277 -63.14 28.73 62.90
C LEU D 277 -62.94 29.27 64.32
N GLU D 278 -63.11 30.57 64.54
CA GLU D 278 -62.96 31.20 65.87
C GLU D 278 -63.99 30.61 66.83
N SER D 279 -65.25 30.46 66.40
CA SER D 279 -66.33 29.88 67.24
C SER D 279 -66.06 28.38 67.42
N PHE D 280 -65.41 27.73 66.44
CA PHE D 280 -65.15 26.26 66.50
C PHE D 280 -64.22 25.96 67.67
N ARG D 281 -63.19 26.80 67.88
CA ARG D 281 -62.21 26.59 68.98
C ARG D 281 -62.95 26.67 70.32
N GLU D 282 -63.83 27.66 70.48
CA GLU D 282 -64.56 27.86 71.77
C GLU D 282 -65.52 26.69 72.02
N GLU D 283 -65.89 25.93 70.98
CA GLU D 283 -66.73 24.72 71.15
C GLU D 283 -65.86 23.53 71.57
N LEU D 284 -64.66 23.41 70.98
CA LEU D 284 -63.71 22.32 71.33
C LEU D 284 -63.30 22.45 72.81
N LYS D 285 -63.18 23.69 73.33
CA LYS D 285 -62.82 23.92 74.74
C LYS D 285 -63.89 23.30 75.65
N HIS D 286 -65.17 23.54 75.33
CA HIS D 286 -66.29 22.94 76.08
C HIS D 286 -66.27 21.42 75.88
N PHE D 287 -65.95 20.96 74.66
CA PHE D 287 -65.95 19.51 74.33
C PHE D 287 -64.88 18.81 75.17
N GLU D 288 -63.71 19.44 75.32
CA GLU D 288 -62.60 18.85 76.11
C GLU D 288 -63.03 18.76 77.58
N ALA D 289 -63.69 19.82 78.09
CA ALA D 289 -64.13 19.87 79.50
C ALA D 289 -65.09 18.70 79.75
N LYS D 290 -65.96 18.39 78.77
CA LYS D 290 -66.88 17.23 78.89
C LYS D 290 -66.05 15.93 78.96
N ILE D 291 -65.01 15.81 78.13
CA ILE D 291 -64.17 14.58 78.07
C ILE D 291 -63.43 14.42 79.41
N GLU D 292 -62.81 15.49 79.89
CA GLU D 292 -62.00 15.43 81.15
C GLU D 292 -62.96 15.13 82.31
N LYS D 293 -64.17 15.69 82.29
CA LYS D 293 -65.18 15.37 83.33
C LYS D 293 -65.53 13.88 83.21
N HIS D 294 -65.74 13.39 82.00
CA HIS D 294 -66.05 11.96 81.76
C HIS D 294 -64.86 11.10 82.22
N ASN D 295 -63.64 11.50 81.86
CA ASN D 295 -62.41 10.75 82.23
C ASN D 295 -62.27 10.69 83.76
N HIS D 296 -62.56 11.80 84.43
CA HIS D 296 -62.44 11.87 85.91
C HIS D 296 -63.42 10.86 86.53
N TYR D 297 -64.66 10.83 86.06
CA TYR D 297 -65.67 9.89 86.59
C TYR D 297 -65.36 8.44 86.16
N GLN D 298 -64.69 8.25 85.02
CA GLN D 298 -64.29 6.89 84.57
C GLN D 298 -63.35 6.28 85.61
N LYS D 299 -62.41 7.06 86.17
CA LYS D 299 -61.53 6.57 87.27
C LYS D 299 -62.39 6.30 88.51
N GLN D 300 -63.37 7.17 88.79
CA GLN D 300 -64.19 7.07 90.02
C GLN D 300 -65.06 5.81 89.94
N LEU D 301 -65.49 5.38 88.74
CA LEU D 301 -66.42 4.23 88.63
C LEU D 301 -65.70 2.96 89.11
N GLU D 302 -64.48 2.71 88.63
CA GLU D 302 -63.74 1.48 89.02
C GLU D 302 -63.20 1.67 90.43
N ILE D 303 -62.93 2.91 90.86
CA ILE D 303 -62.45 3.19 92.25
C ILE D 303 -63.56 2.79 93.24
N SER D 304 -64.79 3.23 92.97
CA SER D 304 -65.94 2.91 93.85
C SER D 304 -66.33 1.44 93.63
N HIS D 305 -66.09 0.90 92.43
CA HIS D 305 -66.41 -0.53 92.14
C HIS D 305 -65.56 -1.41 93.06
N GLN D 306 -64.27 -1.09 93.19
CA GLN D 306 -63.36 -1.82 94.12
C GLN D 306 -63.81 -1.53 95.55
N LYS D 307 -64.18 -0.28 95.85
CA LYS D 307 -64.69 0.08 97.21
C LYS D 307 -65.94 -0.75 97.52
N LEU D 308 -66.86 -0.89 96.54
CA LEU D 308 -68.09 -1.68 96.75
C LEU D 308 -67.72 -3.16 96.93
N LYS D 309 -66.75 -3.65 96.13
CA LYS D 309 -66.29 -5.06 96.22
C LYS D 309 -65.65 -5.29 97.59
N HIS D 310 -64.82 -4.36 98.06
CA HIS D 310 -64.14 -4.51 99.38
C HIS D 310 -65.21 -4.56 100.48
N VAL D 311 -66.20 -3.67 100.40
CA VAL D 311 -67.26 -3.59 101.45
C VAL D 311 -68.14 -4.84 101.41
N GLU D 312 -68.46 -5.35 100.21
CA GLU D 312 -69.28 -6.57 100.05
C GLU D 312 -68.54 -7.76 100.69
N SER D 313 -67.20 -7.77 100.62
CA SER D 313 -66.39 -8.83 101.28
C SER D 313 -66.48 -8.66 102.80
N ILE D 314 -66.55 -7.41 103.29
CA ILE D 314 -66.62 -7.13 104.76
C ILE D 314 -67.94 -7.70 105.31
N GLY D 315 -69.05 -7.46 104.60
CA GLY D 315 -70.34 -8.12 104.91
C GLY D 315 -71.28 -7.25 105.73
N ASP D 316 -70.93 -5.97 105.97
CA ASP D 316 -71.83 -5.07 106.75
C ASP D 316 -73.00 -4.67 105.85
N PRO D 317 -74.26 -5.02 106.19
CA PRO D 317 -75.39 -4.66 105.33
C PRO D 317 -75.57 -3.15 105.16
N GLU D 318 -75.28 -2.35 106.21
CA GLU D 318 -75.44 -0.88 106.15
C GLU D 318 -74.41 -0.30 105.15
N HIS D 319 -73.13 -0.70 105.29
CA HIS D 319 -72.05 -0.17 104.43
C HIS D 319 -72.31 -0.63 102.99
N ILE D 320 -72.76 -1.88 102.82
CA ILE D 320 -73.04 -2.43 101.46
C ILE D 320 -74.17 -1.60 100.83
N SER D 321 -75.24 -1.36 101.58
CA SER D 321 -76.42 -0.61 101.08
C SER D 321 -76.01 0.83 100.75
N ARG D 322 -75.25 1.47 101.65
CA ARG D 322 -74.84 2.89 101.49
C ARG D 322 -73.95 3.02 100.25
N ASN D 323 -72.95 2.14 100.12
CA ASN D 323 -71.98 2.21 98.98
C ASN D 323 -72.74 1.92 97.68
N LYS D 324 -73.69 0.97 97.70
CA LYS D 324 -74.47 0.62 96.49
C LYS D 324 -75.30 1.85 96.07
N GLU D 325 -75.93 2.54 97.03
CA GLU D 325 -76.76 3.73 96.72
C GLU D 325 -75.89 4.78 96.03
N LYS D 326 -74.66 5.00 96.52
CA LYS D 326 -73.72 5.96 95.90
C LYS D 326 -73.28 5.41 94.55
N TYR D 327 -73.07 4.09 94.45
CA TYR D 327 -72.46 3.45 93.25
C TYR D 327 -73.42 3.58 92.05
N VAL D 328 -74.69 3.21 92.23
CA VAL D 328 -75.66 3.16 91.08
C VAL D 328 -75.90 4.60 90.59
N LEU D 329 -75.85 5.59 91.48
CA LEU D 329 -75.99 7.01 91.08
C LEU D 329 -74.69 7.43 90.37
N LEU D 330 -73.53 6.95 90.83
CA LEU D 330 -72.21 7.25 90.20
C LEU D 330 -72.21 6.63 88.79
N GLU D 331 -72.77 5.41 88.64
CA GLU D 331 -72.82 4.72 87.34
C GLU D 331 -73.66 5.56 86.37
N GLU D 332 -74.80 6.09 86.84
CA GLU D 332 -75.67 6.96 86.01
C GLU D 332 -74.86 8.19 85.55
N LYS D 333 -74.07 8.77 86.46
CA LYS D 333 -73.25 9.98 86.15
C LYS D 333 -72.26 9.62 85.04
N THR D 334 -71.61 8.45 85.11
CA THR D 334 -70.65 8.01 84.07
C THR D 334 -71.40 7.72 82.77
N LYS D 335 -72.52 6.98 82.86
CA LYS D 335 -73.27 6.55 81.65
C LYS D 335 -73.84 7.77 80.93
N GLU D 336 -74.46 8.72 81.63
CA GLU D 336 -75.05 9.91 80.98
C GLU D 336 -73.95 10.75 80.32
N LEU D 337 -72.79 10.91 80.98
CA LEU D 337 -71.69 11.69 80.38
C LEU D 337 -71.13 10.93 79.16
N GLY D 338 -71.27 9.60 79.13
CA GLY D 338 -70.74 8.79 78.02
C GLY D 338 -71.36 9.22 76.70
N TYR D 339 -72.68 9.42 76.70
CA TYR D 339 -73.43 9.89 75.53
C TYR D 339 -73.22 11.38 75.27
N LYS D 340 -73.19 12.21 76.32
CA LYS D 340 -72.91 13.65 76.18
C LYS D 340 -71.63 13.88 75.35
N VAL D 341 -70.59 13.06 75.61
CA VAL D 341 -69.26 13.17 74.95
C VAL D 341 -69.37 12.58 73.54
N LYS D 342 -70.02 11.41 73.41
CA LYS D 342 -70.12 10.72 72.09
C LYS D 342 -70.94 11.58 71.12
N LYS D 343 -72.09 12.14 71.53
CA LYS D 343 -72.95 13.00 70.69
C LYS D 343 -72.17 14.24 70.25
N HIS D 344 -71.45 14.86 71.17
CA HIS D 344 -70.67 16.08 70.82
C HIS D 344 -69.55 15.67 69.85
N LEU D 345 -68.92 14.51 70.08
CA LEU D 345 -67.82 14.03 69.21
C LEU D 345 -68.37 13.80 67.80
N GLN D 346 -69.55 13.16 67.68
CA GLN D 346 -70.11 12.82 66.35
C GLN D 346 -70.41 14.13 65.60
N ASP D 347 -71.04 15.09 66.28
CA ASP D 347 -71.43 16.38 65.63
C ASP D 347 -70.16 17.09 65.15
N LEU D 348 -69.14 17.20 66.01
CA LEU D 348 -67.89 17.93 65.67
C LEU D 348 -67.19 17.21 64.50
N SER D 349 -67.09 15.87 64.57
CA SER D 349 -66.39 15.07 63.53
C SER D 349 -67.17 15.18 62.21
N SER D 350 -68.51 15.08 62.26
CA SER D 350 -69.36 15.12 61.04
C SER D 350 -69.25 16.51 60.39
N ARG D 351 -69.27 17.58 61.20
CA ARG D 351 -69.26 18.97 60.66
C ARG D 351 -67.94 19.20 59.91
N VAL D 352 -66.82 18.76 60.49
CA VAL D 352 -65.50 18.98 59.85
C VAL D 352 -65.39 18.02 58.65
N SER D 353 -66.01 16.83 58.73
CA SER D 353 -66.03 15.87 57.61
C SER D 353 -66.77 16.48 56.41
N ARG D 354 -67.94 17.09 56.65
CA ARG D 354 -68.78 17.71 55.61
C ARG D 354 -68.05 18.95 55.07
N ALA D 355 -67.37 19.72 55.94
CA ALA D 355 -66.64 20.95 55.53
C ALA D 355 -65.43 20.58 54.68
N ARG D 356 -64.89 19.35 54.81
CA ARG D 356 -63.73 18.90 54.00
C ARG D 356 -64.19 18.06 52.81
N HIS D 357 -65.47 17.67 52.65
CA HIS D 357 -65.85 16.60 51.69
C HIS D 357 -66.00 17.08 50.24
N ASN D 358 -66.57 18.28 50.07
CA ASN D 358 -66.91 18.88 48.77
C ASN D 358 -67.59 17.90 47.80
N UNK E 1 93.34 -41.50 1.94
CA UNK E 1 93.65 -42.89 2.35
C UNK E 1 94.38 -43.60 1.20
N UNK E 2 95.38 -44.43 1.55
CA UNK E 2 96.32 -45.07 0.60
C UNK E 2 96.01 -46.57 0.43
N UNK E 3 95.15 -47.14 1.30
CA UNK E 3 94.65 -48.53 1.17
C UNK E 3 94.00 -48.72 -0.20
N UNK E 4 93.42 -47.64 -0.76
CA UNK E 4 92.82 -47.61 -2.12
C UNK E 4 93.92 -47.83 -3.16
N UNK E 5 93.53 -48.44 -4.29
CA UNK E 5 94.45 -48.88 -5.37
C UNK E 5 94.92 -47.66 -6.19
N UNK E 6 93.98 -47.00 -6.89
CA UNK E 6 94.27 -45.87 -7.79
C UNK E 6 94.28 -44.57 -6.99
N UNK F 1 70.56 -27.94 -2.22
CA UNK F 1 69.43 -27.35 -2.98
C UNK F 1 68.72 -28.44 -3.80
N ASN F 2 68.08 -28.07 -4.92
CA ASN F 2 67.26 -28.99 -5.73
C ASN F 2 67.92 -29.25 -7.09
N UNK F 3 69.05 -28.58 -7.40
CA UNK F 3 69.78 -28.74 -8.67
C UNK F 3 70.33 -30.17 -8.77
N UNK F 4 70.43 -30.68 -10.01
CA UNK F 4 71.00 -32.01 -10.33
C UNK F 4 72.53 -31.96 -10.17
N UNK F 5 73.03 -32.13 -8.92
CA UNK F 5 74.46 -32.15 -8.55
C UNK F 5 75.20 -30.94 -9.15
N UNK G 1 26.46 35.73 -75.33
CA UNK G 1 26.49 37.21 -75.28
C UNK G 1 27.31 37.75 -76.47
N UNK G 2 26.77 38.80 -77.12
CA UNK G 2 27.40 39.51 -78.25
C UNK G 2 28.40 40.53 -77.69
N LEU G 3 29.61 40.55 -78.28
CA LEU G 3 30.75 41.36 -77.80
C LEU G 3 30.43 42.86 -77.87
N UNK G 4 29.42 43.27 -78.66
CA UNK G 4 28.95 44.67 -78.67
C UNK G 4 28.31 45.00 -77.31
N UNK G 5 28.61 46.20 -76.79
CA UNK G 5 28.29 46.63 -75.40
C UNK G 5 26.85 47.15 -75.29
N UNK G 6 26.30 47.75 -76.37
CA UNK G 6 24.94 48.36 -76.42
C UNK G 6 23.86 47.33 -76.08
N UNK H 1 6.32 61.33 -97.28
CA UNK H 1 6.45 59.93 -96.79
C UNK H 1 7.90 59.67 -96.35
N CYS H 2 8.84 59.50 -97.31
CA CYS H 2 10.24 59.05 -97.05
C CYS H 2 10.20 57.79 -96.18
N UNK H 3 10.77 57.85 -94.95
CA UNK H 3 10.82 56.71 -94.00
C UNK H 3 11.42 55.48 -94.70
N UNK I 1 -19.38 53.19 -74.50
CA UNK I 1 -20.64 52.85 -75.19
C UNK I 1 -21.00 53.94 -76.22
N GLU I 2 -20.05 54.85 -76.51
CA GLU I 2 -20.26 56.06 -77.34
C GLU I 2 -18.92 56.78 -77.53
N GLU I 3 -18.37 56.78 -78.77
CA GLU I 3 -17.11 57.50 -79.14
C GLU I 3 -15.92 56.92 -78.36
N UNK I 4 -14.68 57.31 -78.74
CA UNK I 4 -13.41 57.06 -78.01
C UNK I 4 -12.26 57.73 -78.75
N UNK I 5 -11.42 56.92 -79.44
CA UNK I 5 -10.26 57.36 -80.25
C UNK I 5 -9.36 58.29 -79.43
N UNK J 1 -19.22 40.08 -53.29
CA UNK J 1 -17.79 40.42 -53.10
C UNK J 1 -17.37 40.16 -51.64
N UNK J 2 -16.89 41.19 -50.94
CA UNK J 2 -16.56 41.15 -49.51
C UNK J 2 -17.56 42.00 -48.72
N ASN J 3 -18.07 41.46 -47.60
CA ASN J 3 -19.17 42.11 -46.84
C ASN J 3 -18.56 42.99 -45.74
N UNK J 4 -17.63 43.87 -46.11
CA UNK J 4 -17.04 44.89 -45.21
C UNK J 4 -17.82 46.21 -45.34
N UNK J 5 -17.17 47.36 -45.06
CA UNK J 5 -17.74 48.72 -45.25
C UNK J 5 -17.94 49.01 -46.75
N UNK K 1 20.62 -9.40 49.38
CA UNK K 1 19.78 -9.29 48.16
C UNK K 1 19.76 -10.65 47.44
N UNK K 2 19.38 -10.65 46.15
CA UNK K 2 19.26 -11.89 45.32
C UNK K 2 20.47 -12.02 44.39
N ASN K 3 21.51 -11.20 44.58
CA ASN K 3 22.67 -11.15 43.66
C ASN K 3 23.97 -11.39 44.44
N UNK K 4 23.89 -11.70 45.75
CA UNK K 4 25.07 -11.81 46.62
C UNK K 4 25.63 -13.24 46.57
N UNK K 5 26.71 -13.51 47.33
CA UNK K 5 27.39 -14.82 47.36
C UNK K 5 27.63 -15.23 48.82
N UNK L 1 -93.72 19.11 37.10
CA UNK L 1 -94.78 19.04 38.15
C UNK L 1 -95.82 20.15 37.94
N UNK L 2 -96.89 20.13 38.76
CA UNK L 2 -97.99 21.11 38.71
C UNK L 2 -97.57 22.41 39.42
N UNK L 3 -96.47 22.38 40.19
CA UNK L 3 -96.02 23.49 41.06
C UNK L 3 -95.44 24.65 40.24
N UNK L 4 -95.24 24.48 38.91
CA UNK L 4 -94.74 25.56 38.02
C UNK L 4 -95.71 26.75 38.02
N UNK L 5 -95.14 27.98 38.10
CA UNK L 5 -95.88 29.27 38.14
C UNK L 5 -96.90 29.34 36.99
N UNK L 6 -96.47 29.12 35.75
CA UNK L 6 -97.35 29.13 34.56
C UNK L 6 -96.97 27.98 33.62
N UNK M 1 -71.61 13.83 21.43
CA UNK M 1 -71.31 14.91 20.47
C UNK M 1 -70.70 16.11 21.21
N ASN M 2 -70.05 17.02 20.47
CA ASN M 2 -69.27 18.14 21.06
C ASN M 2 -69.70 19.50 20.49
N UNK M 3 -70.71 19.53 19.58
CA UNK M 3 -71.31 20.75 19.02
C UNK M 3 -71.99 21.54 20.15
N UNK M 4 -71.81 22.87 20.20
CA UNK M 4 -72.27 23.69 21.33
C UNK M 4 -73.79 23.89 21.33
N UNK M 5 -74.49 23.61 20.22
CA UNK M 5 -75.97 23.58 20.18
C UNK M 5 -76.52 22.60 21.23
N UNK N 1 -24.06 45.48 -70.68
CA UNK N 1 -23.79 44.82 -71.99
C UNK N 1 -24.58 45.53 -73.10
N UNK N 2 -23.87 45.98 -74.16
CA UNK N 2 -24.46 46.63 -75.35
C UNK N 2 -25.32 45.60 -76.09
N LEU N 3 -26.44 46.07 -76.67
CA LEU N 3 -27.50 45.20 -77.21
C LEU N 3 -26.97 44.38 -78.41
N UNK N 4 -26.02 44.92 -79.19
CA UNK N 4 -25.58 44.33 -80.47
C UNK N 4 -24.85 43.00 -80.18
N UNK N 5 -25.50 41.89 -80.56
CA UNK N 5 -25.06 40.48 -80.32
C UNK N 5 -23.58 40.26 -80.70
N UNK N 6 -23.13 40.83 -81.85
CA UNK N 6 -21.75 40.74 -82.39
C UNK N 6 -20.70 41.08 -81.31
N UNK O 1 -2.82 55.20 -101.73
CA UNK O 1 -3.03 54.96 -100.28
C UNK O 1 -4.33 54.17 -100.06
N CYS O 2 -4.80 53.43 -101.09
CA CYS O 2 -5.92 52.46 -101.01
C CYS O 2 -5.66 51.45 -99.88
N UNK O 3 -4.51 50.73 -99.94
CA UNK O 3 -4.09 49.71 -98.95
C UNK O 3 -5.16 48.61 -98.78
N UNK P 1 25.25 35.48 -85.69
CA UNK P 1 23.96 35.45 -86.43
C UNK P 1 23.79 36.74 -87.25
N GLU P 2 23.29 36.62 -88.49
CA GLU P 2 23.22 37.77 -89.42
C GLU P 2 21.76 38.08 -89.75
N GLU P 3 21.00 37.09 -90.27
CA GLU P 3 19.71 37.38 -90.94
C GLU P 3 18.64 36.46 -90.36
N UNK P 4 17.81 36.99 -89.44
CA UNK P 4 16.67 36.26 -88.85
C UNK P 4 15.38 37.06 -89.11
N UNK P 5 15.25 37.67 -90.30
CA UNK P 5 14.11 38.56 -90.63
C UNK P 5 13.19 37.88 -91.64
N UNK Q 1 19.57 21.94 -64.56
CA UNK Q 1 19.82 22.69 -63.30
C UNK Q 1 19.84 21.71 -62.11
N UNK Q 2 18.65 21.33 -61.59
CA UNK Q 2 18.50 20.35 -60.48
C UNK Q 2 19.13 19.01 -60.88
N ASN Q 3 19.95 18.43 -59.99
CA ASN Q 3 20.90 17.33 -60.31
C ASN Q 3 20.19 16.00 -60.62
N UNK Q 4 19.81 15.80 -61.89
CA UNK Q 4 19.17 14.56 -62.42
C UNK Q 4 19.57 14.39 -63.89
N UNK Q 5 19.57 13.13 -64.37
CA UNK Q 5 20.04 12.74 -65.73
C UNK Q 5 19.23 13.47 -66.81
N UNK R 1 -22.03 -37.75 36.54
CA UNK R 1 -21.22 -36.91 35.62
C UNK R 1 -21.16 -35.47 36.16
N UNK R 2 -20.96 -34.49 35.26
CA UNK R 2 -20.89 -33.06 35.60
C UNK R 2 -22.23 -32.37 35.27
N ASN R 3 -23.24 -33.12 34.80
CA ASN R 3 -24.48 -32.52 34.23
C ASN R 3 -25.73 -33.09 34.91
N UNK R 4 -25.60 -33.95 35.93
CA UNK R 4 -26.76 -34.63 36.57
C UNK R 4 -27.29 -33.78 37.74
N UNK R 5 -28.63 -33.76 37.91
CA UNK R 5 -29.32 -33.12 39.06
C UNK R 5 -29.21 -34.03 40.30
C1 NAG S . 84.09 -57.03 -24.95
C2 NAG S . 84.37 -56.03 -26.07
C3 NAG S . 83.61 -56.42 -27.34
C4 NAG S . 83.95 -57.84 -27.76
C5 NAG S . 83.82 -58.80 -26.57
C6 NAG S . 84.38 -60.17 -26.88
C7 NAG S . 84.95 -53.89 -25.10
C8 NAG S . 84.44 -52.62 -24.49
N2 NAG S . 84.05 -54.67 -25.68
O3 NAG S . 83.95 -55.48 -28.35
O4 NAG S . 83.06 -58.30 -28.77
O5 NAG S . 84.55 -58.29 -25.43
O6 NAG S . 83.86 -61.14 -25.99
O7 NAG S . 86.14 -54.20 -25.06
C1 NAG S . 83.53 -57.99 -30.08
C2 NAG S . 83.06 -59.06 -31.07
C3 NAG S . 83.46 -58.69 -32.50
C4 NAG S . 82.96 -57.30 -32.85
C5 NAG S . 83.46 -56.30 -31.81
C6 NAG S . 82.91 -54.91 -32.05
C7 NAG S . 82.79 -61.32 -30.20
C8 NAG S . 83.49 -62.56 -29.73
N2 NAG S . 83.56 -60.37 -30.72
O3 NAG S . 82.93 -59.65 -33.41
O4 NAG S . 83.45 -56.94 -34.13
O5 NAG S . 83.05 -56.70 -30.48
O6 NAG S . 83.41 -53.98 -31.08
O7 NAG S . 81.57 -61.19 -30.12
C1 NAG T . 94.47 -85.67 -9.90
C2 NAG T . 95.98 -85.64 -9.63
C3 NAG T . 96.76 -85.63 -10.94
C4 NAG T . 96.32 -86.75 -11.86
C5 NAG T . 94.81 -86.72 -12.03
C6 NAG T . 94.31 -87.90 -12.83
C7 NAG T . 96.38 -84.59 -7.48
C8 NAG T . 97.07 -83.47 -6.77
N2 NAG T . 96.33 -84.51 -8.81
O3 NAG T . 98.15 -85.73 -10.64
O4 NAG T . 96.91 -86.60 -13.14
O5 NAG T . 94.15 -86.75 -10.75
O6 NAG T . 92.89 -87.93 -12.89
O7 NAG T . 95.87 -85.54 -6.87
C1 NAG T . 98.07 -87.45 -13.30
C2 NAG T . 98.12 -87.91 -14.76
C3 NAG T . 99.40 -88.69 -15.04
C4 NAG T . 100.63 -87.93 -14.56
C5 NAG T . 100.46 -87.53 -13.10
C6 NAG T . 101.60 -86.70 -12.59
C7 NAG T . 96.33 -88.65 -16.23
C8 NAG T . 95.43 -89.81 -16.57
N2 NAG T . 96.96 -88.74 -15.07
O3 NAG T . 99.51 -88.95 -16.43
O4 NAG T . 101.77 -88.76 -14.68
O5 NAG T . 99.26 -86.75 -12.95
O6 NAG T . 101.45 -86.38 -11.22
O7 NAG T . 96.46 -87.69 -16.97
C1 BMA T . 102.70 -88.26 -15.65
C2 BMA T . 104.00 -89.04 -15.52
C3 BMA T . 105.00 -88.69 -16.61
C4 BMA T . 104.34 -88.79 -17.97
C5 BMA T . 103.09 -87.94 -18.01
C6 BMA T . 102.35 -88.04 -19.33
O2 BMA T . 103.73 -90.44 -15.54
O3 BMA T . 106.11 -89.59 -16.53
O4 BMA T . 105.25 -88.36 -18.98
O5 BMA T . 102.17 -88.38 -16.98
O6 BMA T . 101.17 -87.26 -19.31
C1 MAN T . 107.36 -88.88 -16.53
C2 MAN T . 108.46 -89.85 -16.87
C3 MAN T . 108.60 -90.92 -15.80
C4 MAN T . 108.78 -90.27 -14.43
C5 MAN T . 107.71 -89.22 -14.17
C6 MAN T . 108.00 -88.41 -12.92
O2 MAN T . 109.69 -89.15 -17.02
O3 MAN T . 109.71 -91.77 -16.10
O4 MAN T . 108.71 -91.27 -13.42
O5 MAN T . 107.65 -88.28 -15.28
O6 MAN T . 106.99 -87.43 -12.69
C1 MAN T . 100.62 -87.14 -20.63
C2 MAN T . 100.04 -85.74 -20.81
C3 MAN T . 98.78 -85.54 -19.97
C4 MAN T . 97.80 -86.67 -20.21
C5 MAN T . 98.48 -88.01 -19.99
C6 MAN T . 97.59 -89.19 -20.28
O2 MAN T . 99.76 -85.51 -22.19
O3 MAN T . 98.19 -84.29 -20.30
O4 MAN T . 96.69 -86.56 -19.31
O5 MAN T . 99.62 -88.12 -20.88
O6 MAN T . 98.19 -90.41 -19.85
C1 NAG U . 46.27 -23.00 -12.01
C2 NAG U . 46.30 -22.02 -13.17
C3 NAG U . 44.88 -21.68 -13.65
C4 NAG U . 44.04 -22.93 -13.86
C5 NAG U . 44.16 -23.89 -12.68
C6 NAG U . 43.49 -25.21 -12.94
C7 NAG U . 48.33 -20.70 -12.85
C8 NAG U . 48.90 -19.45 -12.26
N2 NAG U . 47.00 -20.80 -12.83
O3 NAG U . 44.97 -20.93 -14.85
O4 NAG U . 42.67 -22.54 -13.98
O5 NAG U . 45.55 -24.17 -12.40
O6 NAG U . 43.53 -26.04 -11.79
O7 NAG U . 49.04 -21.58 -13.31
C1 NAG U . 42.09 -22.90 -15.24
C2 NAG U . 40.58 -22.64 -15.15
C3 NAG U . 39.84 -22.80 -16.48
C4 NAG U . 40.67 -22.93 -17.76
C5 NAG U . 42.18 -22.73 -17.60
C6 NAG U . 42.74 -21.84 -18.68
C7 NAG U . 39.92 -23.05 -12.86
C8 NAG U . 40.06 -24.09 -11.79
N2 NAG U . 39.99 -23.48 -14.12
O3 NAG U . 39.00 -21.65 -16.56
O4 NAG U . 40.45 -24.23 -18.31
O5 NAG U . 42.56 -22.13 -16.34
O6 NAG U . 43.26 -22.62 -19.75
O7 NAG U . 39.76 -21.86 -12.61
C1 BMA U . 37.74 -21.68 -17.25
C2 BMA U . 37.78 -21.18 -18.68
C3 BMA U . 36.40 -20.75 -19.10
C4 BMA U . 35.48 -21.96 -19.00
C5 BMA U . 35.58 -22.61 -17.62
C6 BMA U . 34.80 -23.90 -17.55
O2 BMA U . 38.21 -22.21 -19.58
O3 BMA U . 36.40 -20.20 -20.42
O4 BMA U . 34.13 -21.58 -19.21
O5 BMA U . 36.96 -22.89 -17.26
O6 BMA U . 33.39 -23.60 -17.52
C1 MAN U . 36.75 -18.81 -20.37
C2 MAN U . 35.97 -18.09 -21.44
C3 MAN U . 36.46 -18.46 -22.83
C4 MAN U . 37.96 -18.23 -22.95
C5 MAN U . 38.68 -18.97 -21.84
C6 MAN U . 40.17 -18.69 -21.80
O2 MAN U . 36.06 -16.68 -21.23
O3 MAN U . 35.76 -17.67 -23.81
O4 MAN U . 38.41 -18.71 -24.20
O5 MAN U . 38.16 -18.56 -20.55
O6 MAN U . 40.82 -19.49 -20.80
C1 MAN U . 32.77 -24.08 -16.31
C2 MAN U . 31.32 -23.62 -16.25
C3 MAN U . 31.20 -22.14 -15.89
C4 MAN U . 31.98 -21.84 -14.63
C5 MAN U . 33.43 -22.29 -14.80
C6 MAN U . 34.26 -22.08 -13.55
O2 MAN U . 30.59 -24.40 -15.31
O3 MAN U . 29.83 -21.79 -15.72
O4 MAN U . 31.95 -20.44 -14.35
O5 MAN U . 33.47 -23.70 -15.11
O6 MAN U . 34.38 -20.69 -13.22
C1 NAG V . 37.75 51.22 -45.55
C2 NAG V . 37.47 52.73 -45.52
C3 NAG V . 37.87 53.37 -44.19
C4 NAG V . 37.40 52.53 -43.00
C5 NAG V . 38.06 51.16 -43.12
C6 NAG V . 37.81 50.22 -41.95
C7 NAG V . 37.55 54.19 -47.49
C8 NAG V . 38.43 54.88 -48.48
N2 NAG V . 38.16 53.42 -46.60
O3 NAG V . 37.36 54.71 -44.10
O4 NAG V . 37.65 53.17 -41.73
O5 NAG V . 37.55 50.52 -44.32
O6 NAG V . 38.46 48.96 -42.15
O7 NAG V . 36.34 54.37 -47.47
C1 NAG V . 38.94 53.78 -41.37
C2 NAG V . 38.71 54.92 -40.37
C3 NAG V . 40.04 55.47 -39.85
C4 NAG V . 40.93 54.35 -39.31
C5 NAG V . 41.12 53.27 -40.37
C6 NAG V . 41.92 52.06 -39.88
C7 NAG V . 36.57 56.11 -40.72
C8 NAG V . 35.90 57.22 -41.46
N2 NAG V . 37.89 55.98 -40.92
O3 NAG V . 39.82 56.47 -38.84
O4 NAG V . 42.20 54.91 -38.95
O5 NAG V . 39.82 52.78 -40.83
O6 NAG V . 41.28 51.38 -38.80
O7 NAG V . 35.95 55.36 -39.97
C1 NAG W . 34.62 64.12 -49.91
C2 NAG W . 34.33 64.92 -48.63
C3 NAG W . 34.63 66.40 -48.83
C4 NAG W . 36.04 66.60 -49.33
C5 NAG W . 36.27 65.76 -50.57
C6 NAG W . 37.70 65.81 -51.03
C7 NAG W . 32.63 64.61 -46.92
C8 NAG W . 31.22 64.90 -46.54
N2 NAG W . 32.96 64.80 -48.19
O3 NAG W . 34.42 67.11 -47.61
O4 NAG W . 36.23 67.99 -49.65
O5 NAG W . 35.95 64.37 -50.34
O6 NAG W . 38.58 65.23 -50.05
O7 NAG W . 33.45 64.18 -46.11
C1 NAG W . 37.19 68.62 -48.79
C2 NAG W . 37.81 69.79 -49.55
C3 NAG W . 38.82 70.53 -48.68
C4 NAG W . 38.13 71.00 -47.40
C5 NAG W . 37.46 69.82 -46.71
C6 NAG W . 36.63 70.24 -45.52
C7 NAG W . 37.96 69.82 -51.96
C8 NAG W . 38.96 69.87 -53.08
N2 NAG W . 38.40 69.36 -50.79
O3 NAG W . 39.35 71.63 -49.41
O4 NAG W . 39.09 71.56 -46.49
O5 NAG W . 36.56 69.15 -47.62
O6 NAG W . 35.53 71.06 -45.90
O7 NAG W . 36.80 70.18 -52.12
C1 BMA W . 39.19 72.98 -46.60
C2 BMA W . 39.52 73.53 -45.22
C3 BMA W . 39.84 75.02 -45.26
C4 BMA W . 40.90 75.30 -46.30
C5 BMA W . 40.46 74.77 -47.66
C6 BMA W . 41.51 74.96 -48.72
O2 BMA W . 40.62 72.81 -44.66
O3 BMA W . 40.28 75.46 -43.98
O4 BMA W . 41.13 76.70 -46.40
O5 BMA W . 40.19 73.34 -47.56
O6 BMA W . 41.02 74.57 -50.00
C1 NAG X . 45.89 51.60 -92.55
C2 NAG X . 47.35 52.05 -92.48
C3 NAG X . 48.03 51.96 -93.86
C4 NAG X . 47.79 50.62 -94.52
C5 NAG X . 46.29 50.30 -94.53
C6 NAG X . 46.00 48.91 -95.06
C7 NAG X . 48.61 53.87 -91.46
C8 NAG X . 48.76 55.37 -91.43
N2 NAG X . 47.48 53.40 -91.99
O3 NAG X . 49.43 52.18 -93.74
O4 NAG X . 48.27 50.70 -95.87
O5 NAG X . 45.77 50.35 -93.19
O6 NAG X . 46.55 47.92 -94.20
O7 NAG X . 49.47 53.12 -91.01
C1 NAG X . 49.19 49.63 -96.17
C2 NAG X . 49.13 49.40 -97.68
C3 NAG X . 50.10 48.27 -98.08
C4 NAG X . 51.50 48.60 -97.59
C5 NAG X . 51.49 48.89 -96.09
C6 NAG X . 52.83 49.35 -95.58
C7 NAG X . 47.00 50.06 -98.64
C8 NAG X . 45.60 49.65 -98.98
N2 NAG X . 47.78 49.12 -98.12
O3 NAG X . 50.06 48.10 -99.49
O4 NAG X . 52.35 47.48 -97.84
O5 NAG X . 50.53 49.93 -95.80
O6 NAG X . 53.88 48.46 -95.94
O7 NAG X . 47.40 51.21 -98.82
C1 NAG Y . 47.44 30.28 -53.53
C2 NAG Y . 47.32 29.72 -52.11
C3 NAG Y . 48.56 28.90 -51.74
C4 NAG Y . 48.89 27.90 -52.83
C5 NAG Y . 49.03 28.62 -54.16
C6 NAG Y . 49.32 27.67 -55.31
C7 NAG Y . 45.91 31.26 -50.85
C8 NAG Y . 45.83 32.16 -49.66
N2 NAG Y . 47.12 30.78 -51.15
O3 NAG Y . 48.31 28.24 -50.50
O4 NAG Y . 50.12 27.26 -52.51
O5 NAG Y . 47.80 29.29 -54.47
O6 NAG Y . 49.57 28.39 -56.52
O7 NAG Y . 44.92 30.98 -51.51
C1 NAG Y . 49.91 25.84 -52.27
C2 NAG Y . 51.29 25.18 -52.16
C3 NAG Y . 51.16 23.71 -51.78
C4 NAG Y . 50.24 23.54 -50.56
C5 NAG Y . 48.91 24.23 -50.82
C6 NAG Y . 47.96 24.15 -49.64
C7 NAG Y . 51.73 25.11 -54.59
C8 NAG Y . 52.48 25.85 -55.65
N2 NAG Y . 52.12 25.35 -53.33
O3 NAG Y . 52.44 23.15 -51.52
O4 NAG Y . 50.02 22.15 -50.31
O5 NAG Y . 49.14 25.63 -51.10
O6 NAG Y . 48.55 24.72 -48.48
O7 NAG Y . 50.82 24.33 -54.86
C1 NAG Z . 42.94 75.90 -91.27
C2 NAG Z . 43.18 77.09 -92.20
C3 NAG Z . 42.41 76.93 -93.50
C4 NAG Z . 42.74 75.61 -94.19
C5 NAG Z . 42.80 74.46 -93.20
C6 NAG Z . 43.59 73.32 -93.78
C7 NAG Z . 43.72 79.04 -90.91
C8 NAG Z . 43.18 80.18 -90.10
N2 NAG Z . 42.82 78.34 -91.58
O3 NAG Z . 42.74 78.05 -94.32
O4 NAG Z . 41.73 75.30 -95.15
O5 NAG Z . 43.46 74.78 -91.95
O6 NAG Z . 44.83 73.83 -94.25
O7 NAG Z . 44.91 78.77 -90.95
C1 NAG Z . 42.18 75.54 -96.50
C2 NAG Z . 41.13 75.02 -97.47
C3 NAG Z . 41.53 75.40 -98.90
C4 NAG Z . 41.60 76.92 -98.97
C5 NAG Z . 42.69 77.40 -98.02
C6 NAG Z . 42.82 78.90 -97.99
C7 NAG Z . 39.65 73.07 -97.48
C8 NAG Z . 39.55 71.59 -97.26
N2 NAG Z . 40.87 73.60 -97.35
O3 NAG Z . 40.62 74.87 -99.86
O4 NAG Z . 41.90 77.36 -100.30
O5 NAG Z . 42.41 76.94 -96.68
O6 NAG Z . 41.55 79.54 -97.75
O7 NAG Z . 38.67 73.76 -97.76
C1 BMA Z . 40.76 77.89 -101.00
C2 BMA Z . 41.21 79.05 -101.90
C3 BMA Z . 40.07 79.53 -102.76
C4 BMA Z . 39.45 78.40 -103.54
C5 BMA Z . 39.03 77.27 -102.60
C6 BMA Z . 38.55 76.05 -103.34
O2 BMA Z . 42.29 78.63 -102.71
O3 BMA Z . 40.55 80.52 -103.68
O4 BMA Z . 38.30 78.85 -104.25
O5 BMA Z . 40.16 76.85 -101.80
O6 BMA Z . 38.41 74.92 -102.49
C1 MAN Z . 40.16 81.84 -103.29
C2 MAN Z . 39.76 82.61 -104.52
C3 MAN Z . 40.95 82.78 -105.46
C4 MAN Z . 42.13 83.38 -104.72
C5 MAN Z . 42.42 82.59 -103.45
C6 MAN Z . 43.50 83.23 -102.59
O2 MAN Z . 39.25 83.89 -104.15
O3 MAN Z . 40.57 83.63 -106.54
O4 MAN Z . 43.29 83.35 -105.55
O5 MAN Z . 41.23 82.52 -102.64
O6 MAN Z . 43.15 84.57 -102.24
C1 MAN Z . 38.44 73.71 -103.26
C2 MAN Z . 37.93 72.57 -102.41
C3 MAN Z . 38.85 72.30 -101.23
C4 MAN Z . 40.28 72.09 -101.72
C5 MAN Z . 40.71 73.24 -102.61
C6 MAN Z . 42.07 73.03 -103.22
O2 MAN Z . 37.79 71.40 -103.21
O3 MAN Z . 38.39 71.15 -100.51
O4 MAN Z . 41.16 72.00 -100.61
O5 MAN Z . 39.77 73.39 -103.69
O6 MAN Z . 42.49 74.17 -103.96
C1 NAG AA . 27.11 78.54 -72.09
C2 NAG AA . 26.50 79.91 -71.81
C3 NAG AA . 27.40 80.71 -70.88
C4 NAG AA . 27.83 79.91 -69.65
C5 NAG AA . 28.26 78.49 -70.01
C6 NAG AA . 28.42 77.60 -68.79
C7 NAG AA . 25.09 80.52 -73.70
C8 NAG AA . 24.83 81.57 -74.74
N2 NAG AA . 26.25 80.62 -73.04
O3 NAG AA . 26.71 81.88 -70.48
O4 NAG AA . 28.95 80.57 -69.06
O5 NAG AA . 27.29 77.87 -70.85
O6 NAG AA . 27.16 77.36 -68.15
O7 NAG AA . 24.31 79.59 -73.50
C1 NAG AA . 28.73 80.92 -67.68
C2 NAG AA . 28.54 82.43 -67.58
C3 NAG AA . 28.24 82.85 -66.14
C4 NAG AA . 27.11 82.02 -65.57
C5 NAG AA . 27.43 80.54 -65.71
C6 NAG AA . 26.31 79.63 -65.23
C7 NAG AA . 29.72 83.62 -69.35
C8 NAG AA . 31.06 84.11 -69.83
N2 NAG AA . 29.68 83.15 -68.10
O3 NAG AA . 27.93 84.24 -66.11
O4 NAG AA . 26.94 82.33 -64.19
O5 NAG AA . 27.64 80.24 -67.11
O6 NAG AA . 25.13 79.80 -65.99
O7 NAG AA . 28.73 83.64 -70.07
C1 NAG BA . -14.23 83.86 -62.32
C2 NAG BA . -14.92 84.95 -63.14
C3 NAG BA . -14.01 85.51 -64.23
C4 NAG BA . -12.61 85.79 -63.71
C5 NAG BA . -12.07 84.60 -62.94
C6 NAG BA . -10.70 84.87 -62.35
C7 NAG BA . -17.18 85.15 -64.02
C8 NAG BA . -18.25 84.52 -64.86
N2 NAG BA . -16.12 84.41 -63.74
O3 NAG BA . -14.59 86.73 -64.72
O4 NAG BA . -11.74 86.03 -64.82
O5 NAG BA . -12.96 84.28 -61.86
O6 NAG BA . -10.16 83.70 -61.75
O7 NAG BA . -17.27 86.31 -63.62
C1 NAG BA . -11.44 87.45 -64.90
C2 NAG BA . -10.09 87.63 -65.58
C3 NAG BA . -9.76 89.10 -65.79
C4 NAG BA . -10.91 89.83 -66.46
C5 NAG BA . -12.23 89.54 -65.73
C6 NAG BA . -13.43 90.11 -66.46
C7 NAG BA . -8.53 85.79 -65.21
C8 NAG BA . -7.56 85.17 -64.24
N2 NAG BA . -9.03 86.98 -64.85
O3 NAG BA . -8.60 89.21 -66.59
O4 NAG BA . -10.64 91.23 -66.42
O5 NAG BA . -12.45 88.12 -65.63
O6 NAG BA . -13.50 91.53 -66.30
O7 NAG BA . -8.86 85.24 -66.26
C1 BMA BA . -10.61 91.82 -67.74
C2 BMA BA . -11.03 93.25 -67.60
C3 BMA BA . -10.98 93.99 -68.92
C4 BMA BA . -9.62 93.85 -69.56
C5 BMA BA . -9.21 92.37 -69.64
C6 BMA BA . -7.78 92.20 -70.09
O2 BMA BA . -10.19 93.91 -66.66
O3 BMA BA . -11.27 95.38 -68.68
O4 BMA BA . -9.63 94.39 -70.87
O5 BMA BA . -9.31 91.75 -68.34
O6 BMA BA . -6.91 92.93 -69.22
C1 MAN BA . -12.69 95.65 -68.72
C2 MAN BA . -12.90 97.12 -69.02
C3 MAN BA . -12.38 98.00 -67.90
C4 MAN BA . -12.96 97.57 -66.56
C5 MAN BA . -12.78 96.06 -66.35
C6 MAN BA . -13.49 95.56 -65.12
O2 MAN BA . -14.30 97.35 -69.22
O3 MAN BA . -12.71 99.36 -68.15
O4 MAN BA . -12.31 98.26 -65.50
O5 MAN BA . -13.33 95.35 -67.48
O6 MAN BA . -13.20 94.17 -64.89
C1 MAN BA . -5.61 93.07 -69.82
C2 MAN BA . -4.62 93.46 -68.73
C3 MAN BA . -4.95 94.83 -68.17
C4 MAN BA . -5.01 95.85 -69.30
C5 MAN BA . -5.98 95.38 -70.38
C6 MAN BA . -6.01 96.27 -71.60
O2 MAN BA . -3.30 93.43 -69.25
O3 MAN BA . -3.95 95.21 -67.22
O4 MAN BA . -5.45 97.11 -68.80
O5 MAN BA . -5.59 94.07 -70.84
O6 MAN BA . -4.71 96.39 -72.18
C1 NAG CA . -12.67 58.64 -49.83
C2 NAG CA . -11.91 59.67 -50.67
C3 NAG CA . -10.45 59.87 -50.24
C4 NAG CA . -10.23 59.80 -48.72
C5 NAG CA . -11.06 58.72 -48.04
C6 NAG CA . -10.98 58.79 -46.52
C7 NAG CA . -12.98 59.49 -52.89
C8 NAG CA . -12.85 58.96 -54.29
N2 NAG CA . -11.94 59.29 -52.08
O3 NAG CA . -9.98 61.12 -50.73
O4 NAG CA . -8.86 59.56 -48.44
O5 NAG CA . -12.45 58.86 -48.45
O6 NAG CA . -11.47 60.03 -46.00
O7 NAG CA . -14.01 60.03 -52.51
C1 NAG CA . -8.58 61.28 -51.16
C2 NAG CA . -7.92 62.45 -50.42
C3 NAG CA . -6.48 62.65 -50.93
C4 NAG CA . -5.68 61.36 -50.81
C5 NAG CA . -6.42 60.16 -51.42
C6 NAG CA . -5.79 58.81 -51.09
C7 NAG CA . -9.23 64.27 -49.36
C8 NAG CA . -10.15 65.42 -49.62
N2 NAG CA . -8.70 63.69 -50.45
O3 NAG CA . -5.83 63.73 -50.27
O4 NAG CA . -4.43 61.56 -51.46
O5 NAG CA . -7.79 60.11 -50.95
O6 NAG CA . -6.09 58.42 -49.74
O7 NAG CA . -8.98 63.88 -48.23
C1 NAG DA . -33.99 28.99 -34.11
C2 NAG DA . -33.28 27.85 -33.38
C3 NAG DA . -34.28 26.92 -32.71
C4 NAG DA . -35.26 27.70 -31.84
C5 NAG DA . -35.90 28.83 -32.65
C6 NAG DA . -36.79 29.70 -31.80
C7 NAG DA . -31.15 27.38 -34.41
C8 NAG DA . -30.43 26.72 -35.54
N2 NAG DA . -32.45 27.09 -34.29
O3 NAG DA . -33.53 25.98 -31.93
O4 NAG DA . -36.30 26.84 -31.39
O5 NAG DA . -34.88 29.67 -33.22
O6 NAG DA . -37.60 30.55 -32.60
O7 NAG DA . -30.59 28.15 -33.64
C1 NAG DA . -36.16 26.57 -29.97
C2 NAG DA . -37.45 25.93 -29.48
C3 NAG DA . -37.33 25.53 -28.02
C4 NAG DA . -36.11 24.66 -27.80
C5 NAG DA . -34.87 25.40 -28.32
C6 NAG DA . -33.62 24.55 -28.21
C7 NAG DA . -39.52 26.57 -30.61
C8 NAG DA . -40.68 27.52 -30.66
N2 NAG DA . -38.59 26.80 -29.69
O3 NAG DA . -38.52 24.86 -27.61
O4 NAG DA . -35.96 24.40 -26.41
O5 NAG DA . -35.04 25.74 -29.71
O6 NAG DA . -32.45 25.30 -28.55
O7 NAG DA . -39.43 25.62 -31.39
C1 NAG EA . 19.56 -0.02 -10.90
C2 NAG EA . 19.48 -1.36 -11.67
C3 NAG EA . 20.86 -1.94 -11.91
C4 NAG EA . 21.79 -0.92 -12.54
C5 NAG EA . 21.81 0.35 -11.69
C6 NAG EA . 22.64 1.46 -12.29
C7 NAG EA . 17.34 -2.43 -11.15
C8 NAG EA . 16.68 -3.63 -10.54
N2 NAG EA . 18.65 -2.31 -10.95
O3 NAG EA . 20.74 -3.08 -12.76
O4 NAG EA . 23.13 -1.44 -12.58
O5 NAG EA . 20.46 0.86 -11.56
O6 NAG EA . 22.61 1.45 -13.72
O7 NAG EA . 16.71 -1.61 -11.81
C1 NAG EA . 23.50 -1.94 -13.88
C2 NAG EA . 25.02 -2.16 -13.93
C3 NAG EA . 25.45 -2.70 -15.29
C4 NAG EA . 24.62 -3.92 -15.70
C5 NAG EA . 23.14 -3.64 -15.52
C6 NAG EA . 22.29 -4.88 -15.76
C7 NAG EA . 26.68 -0.87 -12.72
C8 NAG EA . 27.66 0.25 -12.86
N2 NAG EA . 25.72 -0.93 -13.64
O3 NAG EA . 26.84 -3.03 -15.23
O4 NAG EA . 24.87 -4.19 -17.08
O5 NAG EA . 22.86 -3.17 -14.19
O6 NAG EA . 22.58 -5.92 -14.83
O7 NAG EA . 26.77 -1.70 -11.81
C1 BMA EA . 25.72 -5.34 -17.29
C2 BMA EA . 25.35 -5.90 -18.66
C3 BMA EA . 26.30 -6.98 -19.13
C4 BMA EA . 27.73 -6.50 -19.01
C5 BMA EA . 28.01 -6.05 -17.59
C6 BMA EA . 29.42 -5.52 -17.41
O2 BMA EA . 25.30 -4.85 -19.62
O3 BMA EA . 26.01 -7.34 -20.47
O4 BMA EA . 28.62 -7.56 -19.35
O5 BMA EA . 27.10 -4.98 -17.23
O6 BMA EA . 29.74 -5.39 -16.02
C1 NAG FA . 38.44 -33.14 31.54
C2 NAG FA . 39.90 -33.51 31.81
C3 NAG FA . 40.64 -33.87 30.53
C4 NAG FA . 39.84 -34.86 29.68
C5 NAG FA . 38.43 -34.34 29.48
C6 NAG FA . 37.56 -35.33 28.72
C7 NAG FA . 41.01 -32.51 33.71
C8 NAG FA . 41.66 -31.28 34.28
N2 NAG FA . 40.60 -32.42 32.45
O3 NAG FA . 41.90 -34.42 30.90
O4 NAG FA . 40.48 -34.99 28.41
O5 NAG FA . 37.80 -34.14 30.76
O6 NAG FA . 37.31 -36.50 29.50
O7 NAG FA . 40.85 -33.53 34.38
C1 NAG FA . 41.33 -36.14 28.39
C2 NAG FA . 41.31 -36.75 26.98
C3 NAG FA . 42.12 -38.04 26.99
C4 NAG FA . 43.52 -37.78 27.51
C5 NAG FA . 43.48 -37.04 28.85
C6 NAG FA . 44.87 -36.60 29.28
C7 NAG FA . 39.40 -36.22 25.59
C8 NAG FA . 37.98 -36.56 25.23
N2 NAG FA . 39.96 -36.99 26.52
O3 NAG FA . 42.14 -38.58 25.67
O4 NAG FA . 44.19 -39.02 27.67
O5 NAG FA . 42.66 -35.85 28.75
O6 NAG FA . 45.34 -35.52 28.48
O7 NAG FA . 40.00 -35.30 25.06
C1 BMA FA . 45.12 -39.27 26.61
C2 BMA FA . 46.28 -40.07 27.20
C3 BMA FA . 47.28 -40.48 26.13
C4 BMA FA . 46.57 -41.15 24.97
C5 BMA FA . 45.46 -40.24 24.44
C6 BMA FA . 44.68 -40.87 23.30
O2 BMA FA . 45.78 -41.22 27.86
O3 BMA FA . 48.25 -41.36 26.69
O4 BMA FA . 47.50 -41.44 23.92
O5 BMA FA . 44.53 -39.97 25.50
O6 BMA FA . 43.99 -42.03 23.74
C1 NAG GA . 51.72 -32.23 35.74
C2 NAG GA . 52.97 -33.08 36.00
C3 NAG GA . 54.16 -32.18 36.29
C4 NAG GA . 54.33 -31.14 35.19
C5 NAG GA . 53.01 -30.38 35.01
C6 NAG GA . 53.07 -29.36 33.88
C7 NAG GA . 52.44 -35.25 36.95
C8 NAG GA . 52.55 -36.12 38.16
N2 NAG GA . 52.78 -33.97 37.11
O3 NAG GA . 55.34 -32.96 36.41
O4 NAG GA . 55.35 -30.22 35.56
O5 NAG GA . 51.96 -31.31 34.70
O6 NAG GA . 53.24 -29.96 32.60
O7 NAG GA . 52.02 -35.67 35.88
C1 NAG GA . 56.49 -30.31 34.67
C2 NAG GA . 57.37 -29.09 34.94
C3 NAG GA . 58.63 -29.15 34.09
C4 NAG GA . 59.37 -30.45 34.34
C5 NAG GA . 58.42 -31.62 34.09
C6 NAG GA . 59.06 -32.95 34.46
C7 NAG GA . 56.66 -26.88 35.61
C8 NAG GA . 55.77 -25.71 35.33
N2 NAG GA . 56.65 -27.86 34.72
O3 NAG GA . 59.46 -28.04 34.39
O4 NAG GA . 60.48 -30.56 33.45
O5 NAG GA . 57.24 -31.49 34.91
O6 NAG GA . 58.32 -34.03 33.89
O7 NAG GA . 57.35 -26.93 36.63
C1 BMA GA . 61.73 -30.23 34.09
C2 BMA GA . 62.83 -31.01 33.39
C3 BMA GA . 64.21 -30.60 33.88
C4 BMA GA . 64.37 -29.09 33.81
C5 BMA GA . 63.26 -28.40 34.57
C6 BMA GA . 63.36 -26.89 34.46
O2 BMA GA . 62.74 -30.84 31.99
O3 BMA GA . 65.21 -31.21 33.07
O4 BMA GA . 65.63 -28.72 34.38
O5 BMA GA . 61.97 -28.82 34.02
O6 BMA GA . 62.18 -26.21 34.90
C1 MAN GA . 65.66 -32.46 33.63
C2 MAN GA . 67.08 -32.73 33.18
C3 MAN GA . 67.16 -32.87 31.67
C4 MAN GA . 66.17 -33.94 31.19
C5 MAN GA . 64.78 -33.68 31.75
C6 MAN GA . 63.82 -34.80 31.46
O2 MAN GA . 67.57 -33.89 33.82
O3 MAN GA . 68.49 -33.22 31.29
O4 MAN GA . 66.12 -33.94 29.76
O5 MAN GA . 64.84 -33.55 33.19
O6 MAN GA . 62.54 -34.53 32.01
C1 MAN GA . 61.87 -26.51 36.28
C2 MAN GA . 60.50 -25.97 36.62
C3 MAN GA . 60.48 -24.45 36.67
C4 MAN GA . 61.57 -23.94 37.57
C5 MAN GA . 62.91 -24.53 37.17
C6 MAN GA . 64.04 -24.13 38.11
O2 MAN GA . 60.08 -26.50 37.88
O3 MAN GA . 59.20 -24.00 37.11
O4 MAN GA . 61.63 -22.52 37.50
O5 MAN GA . 62.84 -25.97 37.18
O6 MAN GA . 64.13 -22.72 38.24
C1 NAG HA . 29.07 15.73 34.64
C2 NAG HA . 29.94 16.67 33.81
C3 NAG HA . 29.18 17.92 33.38
C4 NAG HA . 27.77 17.64 32.89
C5 NAG HA . 27.06 16.63 33.77
C6 NAG HA . 25.74 16.18 33.18
C7 NAG HA . 31.36 18.18 35.14
C8 NAG HA . 32.46 19.03 34.57
N2 NAG HA . 31.15 17.01 34.53
O3 NAG HA . 29.93 18.56 32.35
O4 NAG HA . 27.00 18.83 32.95
O5 NAG HA . 27.87 15.46 33.93
O6 NAG HA . 25.95 15.48 31.96
O7 NAG HA . 30.68 18.56 36.09
C1 NAG HA . 27.01 19.60 31.73
C2 NAG HA . 25.60 19.57 31.13
C3 NAG HA . 25.42 20.58 30.00
C4 NAG HA . 25.99 21.94 30.38
C5 NAG HA . 27.42 21.80 30.86
C6 NAG HA . 28.04 23.10 31.29
C7 NAG HA . 24.12 17.84 30.20
C8 NAG HA . 24.14 16.77 29.15
N2 NAG HA . 25.30 18.22 30.67
O3 NAG HA . 24.05 20.72 29.67
O4 NAG HA . 25.95 22.80 29.25
O5 NAG HA . 27.44 20.93 32.01
O6 NAG HA . 27.40 23.60 32.46
O7 NAG HA . 23.07 18.33 30.60
C1 BMA HA . 25.09 23.93 29.48
C2 BMA HA . 25.87 25.22 29.28
C3 BMA HA . 24.98 26.43 29.48
C4 BMA HA . 23.77 26.35 28.57
C5 BMA HA . 23.05 25.02 28.76
C6 BMA HA . 21.92 24.82 27.77
O2 BMA HA . 26.44 25.24 27.97
O3 BMA HA . 25.72 27.63 29.23
O4 BMA HA . 22.88 27.43 28.86
O5 BMA HA . 23.98 23.92 28.57
O6 BMA HA . 21.25 23.58 28.01
C1 NAG IA . 42.78 5.13 26.16
C2 NAG IA . 43.00 4.46 24.79
C3 NAG IA . 42.17 5.16 23.71
C4 NAG IA . 40.71 5.42 24.12
C5 NAG IA . 40.66 6.05 25.51
C6 NAG IA . 39.24 6.25 26.05
C7 NAG IA . 45.21 3.40 24.76
C8 NAG IA . 46.45 3.21 23.95
N2 NAG IA . 44.39 4.40 24.39
O3 NAG IA . 42.20 4.40 22.50
O4 NAG IA . 40.13 6.36 23.21
O5 NAG IA . 41.38 5.22 26.43
O6 NAG IA . 38.51 5.02 26.15
O7 NAG IA . 44.95 2.69 25.72
C1 NAG IA . 39.24 5.83 22.19
C2 NAG IA . 38.45 6.99 21.57
C3 NAG IA . 37.51 6.47 20.49
C4 NAG IA . 38.30 5.71 19.44
C5 NAG IA . 39.11 4.59 20.09
C6 NAG IA . 40.03 3.90 19.08
C7 NAG IA . 38.18 8.96 23.02
C8 NAG IA . 37.29 9.66 24.00
N2 NAG IA . 37.73 7.79 22.54
O3 NAG IA . 36.75 7.52 19.89
O4 NAG IA . 37.39 5.18 18.48
O5 NAG IA . 39.93 5.10 21.18
O6 NAG IA . 40.90 4.83 18.45
O7 NAG IA . 39.25 9.43 22.66
C1 BMA IA . 37.59 5.72 17.13
C2 BMA IA . 36.74 4.98 16.12
C3 BMA IA . 36.90 5.56 14.73
C4 BMA IA . 36.60 7.06 14.74
C5 BMA IA . 37.41 7.79 15.82
C6 BMA IA . 36.99 9.25 15.99
O2 BMA IA . 35.37 4.98 16.53
O3 BMA IA . 36.02 4.87 13.83
O4 BMA IA . 36.90 7.62 13.46
O5 BMA IA . 37.24 7.12 17.10
O6 BMA IA . 37.89 9.95 16.85
C1 NAG JA . 49.53 -12.70 81.25
C2 NAG JA . 48.55 -12.70 82.42
C3 NAG JA . 49.25 -12.16 83.67
C4 NAG JA . 50.65 -12.76 83.89
C5 NAG JA . 51.41 -13.09 82.61
C6 NAG JA . 52.49 -14.13 82.82
C7 NAG JA . 46.34 -11.69 82.91
C8 NAG JA . 45.43 -10.56 82.51
N2 NAG JA . 47.35 -11.95 82.08
O3 NAG JA . 48.44 -12.42 84.81
O4 NAG JA . 51.41 -11.76 84.58
O5 NAG JA . 50.55 -13.62 81.60
O6 NAG JA . 53.61 -13.58 83.50
O7 NAG JA . 46.15 -12.32 83.94
C1 NAG JA . 51.95 -12.17 85.86
C2 NAG JA . 50.85 -12.13 86.92
C3 NAG JA . 51.43 -12.53 88.28
C4 NAG JA . 52.19 -13.85 88.19
C5 NAG JA . 53.22 -13.78 87.06
C6 NAG JA . 53.95 -15.08 86.84
C7 NAG JA . 49.10 -10.56 87.61
C8 NAG JA . 48.73 -9.10 87.74
N2 NAG JA . 50.24 -10.83 86.97
O3 NAG JA . 50.39 -12.65 89.24
O4 NAG JA . 52.83 -14.12 89.45
O5 NAG JA . 52.55 -13.46 85.83
O6 NAG JA . 55.12 -15.17 87.66
O7 NAG JA . 48.40 -11.45 88.08
C1 BMA JA . 53.88 -13.20 89.83
C2 BMA JA . 53.50 -12.43 91.07
C3 BMA JA . 54.58 -11.43 91.38
C4 BMA JA . 55.86 -12.19 91.68
C5 BMA JA . 56.22 -13.06 90.46
C6 BMA JA . 57.41 -13.96 90.71
O2 BMA JA . 53.32 -13.32 92.16
O3 BMA JA . 54.19 -10.58 92.46
O4 BMA JA . 56.93 -11.30 91.96
O5 BMA JA . 55.11 -13.91 90.09
O6 BMA JA . 57.45 -14.46 92.04
C1 MAN JA . 54.39 -9.17 92.14
C2 MAN JA . 53.59 -8.33 93.10
C3 MAN JA . 52.11 -8.40 92.79
C4 MAN JA . 51.88 -7.94 91.38
C5 MAN JA . 52.68 -8.81 90.41
C6 MAN JA . 52.59 -8.31 88.99
O2 MAN JA . 54.03 -6.98 93.05
O3 MAN JA . 51.38 -7.59 93.71
O4 MAN JA . 50.49 -8.04 91.05
O5 MAN JA . 54.09 -8.79 90.78
O6 MAN JA . 53.39 -9.10 88.11
C1 MAN JA . 58.70 -14.11 92.69
C2 MAN JA . 59.85 -14.79 91.96
C3 MAN JA . 59.82 -16.29 92.17
C4 MAN JA . 59.80 -16.62 93.64
C5 MAN JA . 58.62 -15.92 94.30
C6 MAN JA . 58.58 -16.11 95.80
O2 MAN JA . 61.08 -14.24 92.41
O3 MAN JA . 60.97 -16.88 91.54
O4 MAN JA . 59.68 -18.03 93.83
O5 MAN JA . 58.70 -14.49 94.07
O6 MAN JA . 58.56 -17.50 96.14
C1 NAG KA . 64.33 -26.83 81.08
C2 NAG KA . 64.20 -26.04 82.39
C3 NAG KA . 63.48 -24.71 82.17
C4 NAG KA . 64.10 -23.95 80.99
C5 NAG KA . 64.13 -24.80 79.72
C6 NAG KA . 64.85 -24.10 78.59
C7 NAG KA . 64.18 -27.64 84.24
C8 NAG KA . 63.34 -28.51 85.12
N2 NAG KA . 63.53 -26.82 83.41
O3 NAG KA . 63.52 -23.87 83.32
O4 NAG KA . 63.29 -22.78 80.75
O5 NAG KA . 64.83 -26.05 79.99
O6 NAG KA . 64.95 -24.92 77.42
O7 NAG KA . 65.41 -27.69 84.27
C1 NAG KA . 64.02 -21.54 80.88
C2 NAG KA . 63.25 -20.39 80.23
C3 NAG KA . 64.15 -19.15 80.27
C4 NAG KA . 64.44 -18.81 81.72
C5 NAG KA . 65.09 -20.00 82.44
C6 NAG KA . 65.26 -19.79 83.95
C7 NAG KA . 61.59 -21.35 78.73
C8 NAG KA . 61.29 -21.79 77.33
N2 NAG KA . 62.75 -20.73 78.91
O3 NAG KA . 63.60 -18.03 79.61
O4 NAG KA . 65.29 -17.65 81.70
O5 NAG KA . 64.30 -21.21 82.25
O6 NAG KA . 64.03 -19.45 84.59
O7 NAG KA . 60.82 -21.56 79.66
C1 BMA KA . 64.77 -16.52 82.43
C2 BMA KA . 65.84 -15.43 82.57
C3 BMA KA . 65.29 -14.21 83.27
C4 BMA KA . 64.06 -13.71 82.53
C5 BMA KA . 63.04 -14.83 82.43
C6 BMA KA . 61.81 -14.44 81.65
O2 BMA KA . 66.33 -15.10 81.27
O3 BMA KA . 66.28 -13.20 83.36
O4 BMA KA . 63.47 -12.60 83.19
O5 BMA KA . 63.61 -15.97 81.77
O6 BMA KA . 62.16 -13.76 80.45
C1 MAN KA . 66.20 -12.51 84.63
C2 MAN KA . 66.30 -11.00 84.40
C3 MAN KA . 67.72 -10.53 84.15
C4 MAN KA . 68.67 -11.09 85.19
C5 MAN KA . 68.56 -12.60 85.22
C6 MAN KA . 69.46 -13.23 86.27
O2 MAN KA . 65.74 -10.32 85.51
O3 MAN KA . 67.76 -9.11 84.16
O4 MAN KA . 70.02 -10.71 84.88
O5 MAN KA . 67.20 -12.97 85.55
O6 MAN KA . 69.42 -14.65 86.18
C1 MAN KA . 61.32 -14.20 79.39
C2 MAN KA . 61.97 -15.37 78.68
C3 MAN KA . 63.27 -14.96 78.03
C4 MAN KA . 63.05 -13.78 77.12
C5 MAN KA . 62.32 -12.65 77.85
C6 MAN KA . 61.92 -11.52 76.94
O2 MAN KA . 61.06 -15.88 77.71
O3 MAN KA . 63.82 -16.06 77.30
O4 MAN KA . 64.29 -13.29 76.63
O5 MAN KA . 61.11 -13.16 78.44
O6 MAN KA . 61.02 -11.97 75.94
C1 NAG LA . -1.30 -38.37 103.76
C2 NAG LA . -2.53 -38.88 104.50
C3 NAG LA . -2.52 -38.38 105.94
C4 NAG LA . -1.22 -38.77 106.63
C5 NAG LA . -0.05 -38.21 105.82
C6 NAG LA . 1.30 -38.65 106.37
C7 NAG LA . -4.31 -39.23 102.88
C8 NAG LA . -5.80 -39.15 102.78
N2 NAG LA . -3.75 -38.49 103.84
O3 NAG LA . -3.63 -38.87 106.66
O4 NAG LA . -1.21 -38.24 107.95
O5 NAG LA . -0.12 -38.69 104.46
O6 NAG LA . 1.54 -40.03 106.12
O7 NAG LA . -3.64 -39.93 102.13
C1 NAG LA . -1.02 -39.23 108.97
C2 NAG LA . -0.70 -38.52 110.28
C3 NAG LA . -0.64 -39.47 111.47
C4 NAG LA . -1.85 -40.39 111.50
C5 NAG LA . -1.98 -41.08 110.14
C6 NAG LA . -3.17 -42.01 110.07
C7 NAG LA . 0.61 -36.56 109.63
C8 NAG LA . 1.99 -36.07 109.32
N2 NAG LA . 0.54 -37.78 110.18
O3 NAG LA . -0.57 -38.70 112.66
O4 NAG LA . -1.71 -41.39 112.49
O5 NAG LA . -2.14 -40.09 109.11
O6 NAG LA . -4.37 -41.36 110.53
O7 NAG LA . -0.39 -35.90 109.40
C1 BMA LA . -2.39 -41.05 113.71
C2 BMA LA . -2.89 -42.32 114.37
C3 BMA LA . -3.53 -42.08 115.73
C4 BMA LA . -2.67 -41.14 116.60
C5 BMA LA . -2.18 -39.94 115.81
C6 BMA LA . -1.19 -39.11 116.59
O2 BMA LA . -1.80 -43.23 114.53
O3 BMA LA . -3.71 -43.37 116.32
O4 BMA LA . -3.39 -40.61 117.70
O5 BMA LA . -1.52 -40.37 114.61
O6 BMA LA . -0.65 -38.10 115.76
C1 MAN LA . -4.12 -43.42 117.70
C2 MAN LA . -4.31 -44.87 118.13
C3 MAN LA . -5.54 -45.49 117.48
C4 MAN LA . -6.76 -44.63 117.74
C5 MAN LA . -6.51 -43.20 117.30
C6 MAN LA . -7.65 -42.26 117.62
O2 MAN LA . -4.41 -44.94 119.54
O3 MAN LA . -5.73 -46.80 118.00
O4 MAN LA . -7.89 -45.15 117.04
O5 MAN LA . -5.33 -42.69 117.96
O6 MAN LA . -8.87 -42.70 117.02
C1 MAN LA . -0.18 -36.96 116.51
C2 MAN LA . -0.02 -35.80 115.58
C3 MAN LA . 1.04 -36.09 114.53
C4 MAN LA . 2.35 -36.50 115.21
C5 MAN LA . 2.11 -37.62 116.22
C6 MAN LA . 3.34 -37.93 117.05
O2 MAN LA . 0.32 -34.63 116.33
O3 MAN LA . 1.24 -34.93 113.72
O4 MAN LA . 3.27 -36.96 114.23
O5 MAN LA . 1.06 -37.22 117.15
O6 MAN LA . 4.45 -38.25 116.22
C1 NAG MA . -13.73 -18.11 106.25
C2 NAG MA . -12.58 -17.26 106.81
C3 NAG MA . -13.03 -16.72 108.18
C4 NAG MA . -14.23 -15.81 107.96
C5 NAG MA . -15.38 -16.49 107.19
C6 NAG MA . -16.40 -15.46 106.70
C7 NAG MA . -10.37 -17.93 106.00
C8 NAG MA . -9.05 -18.60 106.35
N2 NAG MA . -11.33 -18.01 106.92
O3 NAG MA . -11.98 -15.97 108.85
O4 NAG MA . -14.68 -15.36 109.28
O5 NAG MA . -14.88 -17.23 106.02
O6 NAG MA . -17.14 -15.99 105.59
O7 NAG MA . -10.53 -17.34 104.93
C1 NAG MA . -14.83 -13.92 109.45
C2 NAG MA . -15.92 -13.57 110.47
C3 NAG MA . -16.10 -12.06 110.53
C4 NAG MA . -14.77 -11.36 110.81
C5 NAG MA . -13.68 -11.86 109.87
C6 NAG MA . -12.31 -11.37 110.28
C7 NAG MA . -17.69 -15.15 111.00
C8 NAG MA . -19.18 -15.32 110.94
N2 NAG MA . -17.17 -14.22 110.19
O3 NAG MA . -17.07 -11.75 111.52
O4 NAG MA . -14.93 -9.96 110.60
O5 NAG MA . -13.62 -13.31 109.87
O6 NAG MA . -11.94 -11.89 111.57
O7 NAG MA . -16.99 -15.81 111.75
C1 BMA MA . -15.08 -9.27 111.84
C2 BMA MA . -14.48 -7.89 111.69
C3 BMA MA . -14.68 -7.06 112.96
C4 BMA MA . -16.15 -7.02 113.33
C5 BMA MA . -16.71 -8.44 113.43
C6 BMA MA . -18.20 -8.45 113.68
O2 BMA MA . -15.04 -7.21 110.58
O3 BMA MA . -14.18 -5.74 112.77
O4 BMA MA . -16.32 -6.36 114.58
O5 BMA MA . -16.47 -9.15 112.20
O6 BMA MA . -18.70 -9.78 113.75
C1 NAG NA . 93.73 -34.74 -44.67
C2 NAG NA . 94.28 -35.80 -45.63
C3 NAG NA . 93.11 -36.68 -46.09
C4 NAG NA . 92.36 -37.28 -44.90
C5 NAG NA . 92.00 -36.21 -43.87
C6 NAG NA . 91.48 -36.80 -42.55
C7 NAG NA . 96.01 -36.00 -47.37
C8 NAG NA . 96.45 -35.51 -48.71
N2 NAG NA . 95.05 -35.31 -46.77
O3 NAG NA . 93.59 -37.68 -47.00
O4 NAG NA . 91.11 -37.89 -45.31
O5 NAG NA . 93.13 -35.37 -43.54
O6 NAG NA . 92.45 -37.61 -41.87
O7 NAG NA . 96.50 -37.00 -46.86
C1 NAG NA . 91.03 -39.10 -46.16
C2 NAG NA . 91.03 -40.39 -45.32
C3 NAG NA . 90.81 -41.64 -46.19
C4 NAG NA . 89.66 -41.46 -47.18
C5 NAG NA . 89.79 -40.13 -47.95
C6 NAG NA . 88.61 -39.85 -48.87
C7 NAG NA . 93.47 -40.51 -44.85
C8 NAG NA . 94.50 -40.88 -43.84
N2 NAG NA . 92.20 -40.55 -44.46
O3 NAG NA . 90.59 -42.81 -45.40
O4 NAG NA . 89.63 -42.53 -48.11
O5 NAG NA . 89.88 -39.04 -47.00
O6 NAG NA . 88.78 -38.62 -49.59
O7 NAG NA . 93.78 -40.20 -46.00
C1 NAG OA . -85.76 50.92 36.41
C2 NAG OA . -85.39 51.64 35.11
C3 NAG OA . -84.73 52.97 35.42
C4 NAG OA . -85.67 53.81 36.28
C5 NAG OA . -85.97 53.02 37.56
C6 NAG OA . -86.94 53.74 38.47
C7 NAG OA . -85.05 50.09 33.28
C8 NAG OA . -84.10 49.63 32.22
N2 NAG OA . -84.54 50.83 34.26
O3 NAG OA . -84.34 53.66 34.24
O4 NAG OA . -85.08 55.06 36.58
O5 NAG OA . -86.57 51.75 37.23
O6 NAG OA . -86.85 53.25 39.79
O7 NAG OA . -86.25 49.80 33.25
C1 NAG OA . -85.43 54.10 33.38
C2 NAG OA . -84.94 55.33 32.62
C3 NAG OA . -85.94 55.76 31.57
C4 NAG OA . -86.36 54.59 30.70
C5 NAG OA . -86.89 53.47 31.58
C6 NAG OA . -87.32 52.24 30.82
C7 NAG OA . -83.43 56.76 33.89
C8 NAG OA . -83.16 58.22 34.05
N2 NAG OA . -84.67 56.42 33.53
O3 NAG OA . -85.39 56.80 30.77
O4 NAG OA . -87.39 55.00 29.79
O5 NAG OA . -85.84 53.07 32.49
O6 NAG OA . -86.19 51.56 30.27
O7 NAG OA . -82.56 55.91 34.06
C1 NAG PA . -47.59 20.31 13.32
C2 NAG PA . -47.61 20.55 11.80
C3 NAG PA . -46.24 20.28 11.21
C4 NAG PA . -45.17 21.10 11.91
C5 NAG PA . -45.25 20.87 13.43
C6 NAG PA . -44.33 21.80 14.20
C7 NAG PA . -49.26 20.12 10.03
C8 NAG PA . -50.64 19.55 9.83
N2 NAG PA . -48.62 19.74 11.15
O3 NAG PA . -46.23 20.56 9.82
O4 NAG PA . -43.91 20.68 11.40
O5 NAG PA . -46.59 21.13 13.89
O6 NAG PA . -44.76 23.16 14.14
O7 NAG PA . -48.75 20.87 9.22
C1 NAG PA . -43.01 21.70 10.90
C2 NAG PA . -43.69 22.95 10.33
C3 NAG PA . -42.64 23.92 9.81
C4 NAG PA . -41.62 24.25 10.90
C5 NAG PA . -41.04 22.95 11.47
C6 NAG PA . -40.14 23.19 12.66
C7 NAG PA . -45.74 23.42 9.11
C8 NAG PA . -46.51 23.17 7.86
N2 NAG PA . -44.65 22.67 9.28
O3 NAG PA . -43.27 25.11 9.36
O4 NAG PA . -40.61 25.08 10.36
O5 NAG PA . -42.11 22.10 11.93
O6 NAG PA . -39.45 22.00 13.05
O7 NAG PA . -46.07 24.26 9.93
C1 BMA PA . -39.74 24.46 9.39
C2 BMA PA . -39.56 25.42 8.23
C3 BMA PA . -38.53 24.93 7.22
C4 BMA PA . -37.24 24.57 7.93
C5 BMA PA . -37.52 23.56 9.03
C6 BMA PA . -36.29 23.18 9.81
O2 BMA PA . -39.20 26.71 8.72
O3 BMA PA . -38.29 25.94 6.25
O4 BMA PA . -36.32 24.02 7.00
O5 BMA PA . -38.48 24.11 9.96
O6 BMA PA . -36.56 22.11 10.72
C1 NAG QA . -34.62 12.69 -71.12
C2 NAG QA . -34.30 11.55 -70.13
C3 NAG QA . -34.36 10.21 -70.86
C4 NAG QA . -35.74 10.00 -71.46
C5 NAG QA . -36.16 11.17 -72.37
C6 NAG QA . -37.63 11.04 -72.80
C7 NAG QA . -32.87 11.65 -68.14
C8 NAG QA . -31.45 11.57 -67.60
N2 NAG QA . -33.01 11.72 -69.45
O3 NAG QA . -34.03 9.10 -69.98
O4 NAG QA . -35.69 8.76 -72.22
O5 NAG QA . -35.94 12.48 -71.70
O6 NAG QA . -38.49 11.08 -71.66
O7 NAG QA . -33.85 11.65 -67.38
C1 NAG QA . -36.45 7.62 -71.68
C2 NAG QA . -35.91 6.31 -72.28
C3 NAG QA . -36.79 5.15 -71.78
C4 NAG QA . -36.77 5.09 -70.25
C5 NAG QA . -37.09 6.45 -69.60
C6 NAG QA . -36.82 6.47 -68.10
C7 NAG QA . -34.96 5.64 -74.44
C8 NAG QA . -34.89 5.89 -75.94
N2 NAG QA . -35.83 6.37 -73.73
O3 NAG QA . -36.35 3.88 -72.33
O4 NAG QA . -37.75 4.11 -69.85
O5 NAG QA . -36.28 7.51 -70.23
O6 NAG QA . -35.41 6.35 -67.85
O7 NAG QA . -34.27 4.80 -73.89
C1 NAG RA . -31.94 9.48 -84.01
C2 NAG RA . -31.61 8.02 -84.30
C3 NAG RA . -31.83 7.68 -85.76
C4 NAG RA . -33.17 8.16 -86.30
C5 NAG RA . -33.48 9.58 -85.82
C6 NAG RA . -34.91 9.98 -86.09
C7 NAG RA . -29.94 7.06 -82.83
C8 NAG RA . -28.49 7.13 -82.39
N2 NAG RA . -30.24 7.71 -83.94
O3 NAG RA . -31.70 6.27 -85.92
O4 NAG RA . -33.07 8.16 -87.73
O5 NAG RA . -33.29 9.71 -84.40
O6 NAG RA . -35.82 9.18 -85.33
O7 NAG RA . -30.77 6.44 -82.18
C1 NAG RA . -34.06 7.36 -88.42
C2 NAG RA . -33.70 5.88 -88.33
C3 NAG RA . -34.79 5.02 -88.96
C4 NAG RA . -36.16 5.40 -88.41
C5 NAG RA . -36.39 6.88 -88.64
C6 NAG RA . -37.73 7.36 -88.15
C7 NAG RA . -31.62 4.65 -88.54
C8 NAG RA . -30.17 4.78 -88.91
N2 NAG RA . -32.44 5.60 -88.99
O3 NAG RA . -34.52 3.64 -88.76
O4 NAG RA . -37.22 4.64 -89.02
O5 NAG RA . -35.36 7.61 -87.93
O6 NAG RA . -38.78 6.82 -88.95
O7 NAG RA . -32.04 3.71 -87.86
C1 BMA RA . -37.12 4.44 -90.44
C2 BMA RA . -37.45 2.99 -90.73
C3 BMA RA . -37.52 2.71 -92.22
C4 BMA RA . -38.46 3.68 -92.89
C5 BMA RA . -38.04 5.12 -92.57
C6 BMA RA . -38.99 6.14 -93.14
O2 BMA RA . -38.68 2.64 -90.10
O3 BMA RA . -37.96 1.36 -92.44
O4 BMA RA . -38.43 3.48 -94.30
O5 BMA RA . -38.02 5.31 -91.13
O6 BMA RA . -39.10 6.03 -94.57
C1 NAG SA . -42.01 53.33 -93.96
C2 NAG SA . -43.53 53.20 -94.13
C3 NAG SA . -44.17 54.51 -94.61
C4 NAG SA . -43.62 55.73 -93.89
C5 NAG SA . -42.10 55.74 -93.99
C6 NAG SA . -41.47 56.94 -93.29
C7 NAG SA . -44.20 50.94 -94.78
C8 NAG SA . -44.06 49.94 -95.88
N2 NAG SA . -43.93 52.21 -95.10
O3 NAG SA . -45.58 54.37 -94.42
O4 NAG SA . -44.15 56.90 -94.50
O5 NAG SA . -41.56 54.55 -93.39
O6 NAG SA . -41.77 56.93 -91.89
O7 NAG SA . -44.46 50.62 -93.62
C1 NAG SA . -44.93 57.68 -93.59
C2 NAG SA . -45.11 59.09 -94.17
C3 NAG SA . -46.16 59.89 -93.40
C4 NAG SA . -47.44 59.08 -93.23
C5 NAG SA . -47.10 57.77 -92.52
C6 NAG SA . -48.30 56.89 -92.29
C7 NAG SA . -43.10 59.91 -95.25
C8 NAG SA . -41.88 60.77 -95.15
N2 NAG SA . -43.87 59.83 -94.17
O3 NAG SA . -46.43 61.10 -94.09
O4 NAG SA . -48.35 59.83 -92.43
O5 NAG SA . -46.17 57.02 -93.34
O6 NAG SA . -48.05 55.95 -91.26
O7 NAG SA . -43.38 59.31 -96.29
C1 NAG TA . -45.68 31.17 -55.91
C2 NAG TA . -47.01 31.79 -56.38
C3 NAG TA . -48.08 31.74 -55.28
C4 NAG TA . -48.13 30.49 -54.38
C5 NAG TA . -46.73 29.91 -54.14
C6 NAG TA . -46.76 28.49 -53.56
C7 NAG TA . -46.68 34.24 -56.10
C8 NAG TA . -47.05 35.60 -56.67
N2 NAG TA . -46.92 33.17 -56.88
O3 NAG TA . -49.35 31.95 -55.93
O4 NAG TA . -48.65 30.87 -53.07
O5 NAG TA . -45.98 29.86 -55.39
O6 NAG TA . -45.42 27.96 -53.49
O7 NAG TA . -46.21 34.12 -54.98
C1 NAG TA . -50.04 31.30 -52.80
C2 NAG TA . -50.14 31.64 -51.29
C3 NAG TA . -51.35 32.53 -50.92
C4 NAG TA . -51.48 33.71 -51.89
C5 NAG TA . -51.70 33.13 -53.29
C6 NAG TA . -52.02 34.17 -54.39
C7 NAG TA . -49.20 30.07 -49.63
C8 NAG TA . -49.29 28.68 -49.04
N2 NAG TA . -50.14 30.40 -50.51
O3 NAG TA . -51.24 33.07 -49.59
O4 NAG TA . -52.60 34.51 -51.46
O5 NAG TA . -50.46 32.42 -53.63
O6 NAG TA . -50.99 35.16 -54.50
O7 NAG TA . -48.30 30.83 -49.30
C1 NAG UA . -38.34 40.84 -114.16
C2 NAG UA . -38.21 40.89 -115.69
C3 NAG UA . -37.23 41.98 -116.13
C4 NAG UA . -37.57 43.32 -115.49
C5 NAG UA . -37.70 43.14 -113.98
C6 NAG UA . -38.14 44.41 -113.28
C7 NAG UA . -38.29 39.22 -117.45
C8 NAG UA . -37.49 38.17 -118.14
N2 NAG UA . -37.82 39.63 -116.26
O3 NAG UA . -37.23 42.10 -117.55
O4 NAG UA . -36.51 44.25 -115.78
O5 NAG UA . -38.67 42.12 -113.66
O6 NAG UA . -39.41 44.87 -113.74
O7 NAG UA . -39.31 39.69 -117.94
C1 NAG UA . -36.80 45.20 -116.83
C2 NAG UA . -35.82 46.37 -116.70
C3 NAG UA . -36.05 47.41 -117.78
C4 NAG UA . -35.95 46.75 -119.15
C5 NAG UA . -36.94 45.58 -119.20
C6 NAG UA . -36.86 44.83 -120.51
C7 NAG UA . -34.95 46.78 -114.48
C8 NAG UA . -35.33 47.00 -113.04
N2 NAG UA . -35.90 46.98 -115.39
O3 NAG UA . -35.11 48.47 -117.66
O4 NAG UA . -36.26 47.69 -120.17
O5 NAG UA . -36.68 44.65 -118.14
O6 NAG UA . -35.54 44.36 -120.76
O7 NAG UA . -33.82 46.44 -114.80
C1 BMA UA . -35.10 48.10 -120.93
C2 BMA UA . -35.56 48.70 -122.24
C3 BMA UA . -34.40 49.21 -123.07
C4 BMA UA . -33.55 50.17 -122.26
C5 BMA UA . -33.13 49.52 -120.95
C6 BMA UA . -32.34 50.46 -120.06
O2 BMA UA . -36.48 49.76 -121.99
O3 BMA UA . -34.90 49.89 -124.24
O4 BMA UA . -32.40 50.53 -123.01
O5 BMA UA . -34.30 49.06 -120.21
O6 BMA UA . -33.06 50.83 -118.88
C1 MAN UA . -34.86 49.05 -125.40
C2 MAN UA . -34.78 49.92 -126.64
C3 MAN UA . -36.03 50.78 -126.80
C4 MAN UA . -37.28 49.91 -126.72
C5 MAN UA . -37.24 49.04 -125.47
C6 MAN UA . -38.40 48.06 -125.39
O2 MAN UA . -34.57 49.10 -127.78
O3 MAN UA . -35.99 51.45 -128.05
O4 MAN UA . -38.44 50.75 -126.66
O5 MAN UA . -36.04 48.25 -125.49
O6 MAN UA . -38.39 47.41 -124.13
C1 MAN UA . -33.95 51.95 -119.10
C2 MAN UA . -33.24 53.25 -118.80
C3 MAN UA . -32.82 53.35 -117.34
C4 MAN UA . -34.00 53.02 -116.42
C5 MAN UA . -34.68 51.73 -116.85
C6 MAN UA . -35.94 51.42 -116.06
O2 MAN UA . -34.10 54.34 -119.14
O3 MAN UA . -32.36 54.67 -117.08
O4 MAN UA . -33.52 52.88 -115.08
O5 MAN UA . -35.07 51.84 -118.23
O6 MAN UA . -36.91 52.46 -116.21
C1 NAG VA . -22.92 22.44 -106.81
C2 NAG VA . -22.13 21.42 -107.65
C3 NAG VA . -22.93 20.15 -107.87
C4 NAG VA . -23.49 19.62 -106.55
C5 NAG VA . -24.26 20.72 -105.81
C6 NAG VA . -24.74 20.28 -104.45
C7 NAG VA . -20.62 22.67 -109.13
C8 NAG VA . -20.13 22.71 -110.55
N2 NAG VA . -21.76 21.99 -108.93
O3 NAG VA . -22.12 19.16 -108.47
O4 NAG VA . -24.39 18.55 -106.85
O5 NAG VA . -23.41 21.86 -105.62
O6 NAG VA . -23.65 19.85 -103.63
O7 NAG VA . -20.00 23.21 -108.22
C1 NAG VA . -23.94 17.32 -106.23
C2 NAG VA . -25.12 16.35 -106.24
C3 NAG VA . -24.70 15.00 -105.67
C4 NAG VA . -23.47 14.47 -106.40
C5 NAG VA . -22.36 15.53 -106.33
C6 NAG VA . -21.11 15.12 -107.09
C7 NAG VA . -27.22 17.58 -106.13
C8 NAG VA . -28.24 18.22 -105.24
N2 NAG VA . -26.25 16.90 -105.52
O3 NAG VA . -25.79 14.08 -105.77
O4 NAG VA . -23.01 13.27 -105.78
O5 NAG VA . -22.83 16.76 -106.92
O6 NAG VA . -21.41 14.82 -108.45
O7 NAG VA . -27.27 17.68 -107.35
C1 NAG WA . 17.77 10.37 -105.04
C2 NAG WA . 17.79 10.06 -106.54
C3 NAG WA . 16.56 10.54 -107.31
C4 NAG WA . 15.26 10.67 -106.51
C5 NAG WA . 15.48 10.97 -105.04
C6 NAG WA . 14.22 10.74 -104.24
C7 NAG WA . 19.74 11.56 -106.66
C8 NAG WA . 21.13 11.20 -106.25
N2 NAG WA . 19.00 10.56 -107.17
O3 NAG WA . 16.31 9.59 -108.33
O4 NAG WA . 14.49 11.72 -107.05
O5 NAG WA . 16.49 10.10 -104.50
O6 NAG WA . 13.06 11.26 -104.91
O7 NAG WA . 19.31 12.70 -106.57
C1 NAG WA . 16.04 9.94 -109.71
C2 NAG WA . 14.85 10.84 -110.02
C3 NAG WA . 14.49 10.74 -111.51
C4 NAG WA . 15.72 10.84 -112.41
C5 NAG WA . 16.98 10.21 -111.83
C6 NAG WA . 18.22 10.69 -112.55
C7 NAG WA . 12.59 11.26 -109.17
C8 NAG WA . 11.39 10.64 -108.51
N2 NAG WA . 13.68 10.50 -109.23
O3 NAG WA . 13.56 11.74 -111.89
O4 NAG WA . 15.41 10.13 -113.62
O5 NAG WA . 17.13 10.50 -110.43
O6 NAG WA . 18.24 10.26 -113.90
O7 NAG WA . 12.56 12.42 -109.60
C1 BMA WA . 15.22 11.01 -114.74
C2 BMA WA . 15.56 10.23 -115.99
C3 BMA WA . 15.44 11.08 -117.24
C4 BMA WA . 14.08 11.75 -117.30
C5 BMA WA . 13.75 12.44 -115.98
C6 BMA WA . 12.31 12.92 -115.94
O2 BMA WA . 14.72 9.08 -116.07
O3 BMA WA . 15.62 10.24 -118.37
O4 BMA WA . 14.11 12.71 -118.35
O5 BMA WA . 13.90 11.54 -114.85
O6 BMA WA . 11.45 11.92 -116.48
C1 MAN WA . 17.01 10.13 -118.74
C2 MAN WA . 17.09 9.94 -120.24
C3 MAN WA . 16.40 8.66 -120.67
C4 MAN WA . 16.94 7.48 -119.89
C5 MAN WA . 16.96 7.76 -118.38
C6 MAN WA . 17.66 6.68 -117.61
O2 MAN WA . 18.45 9.95 -120.65
O3 MAN WA . 16.58 8.45 -122.07
O4 MAN WA . 16.13 6.33 -120.13
O5 MAN WA . 17.65 9.01 -118.13
O6 MAN WA . 17.05 5.41 -117.82
C1 MAN WA . 10.15 12.47 -116.75
C2 MAN WA . 9.14 11.35 -116.86
C3 MAN WA . 9.43 10.47 -118.07
C4 MAN WA . 9.53 11.31 -119.33
C5 MAN WA . 10.51 12.46 -119.14
C6 MAN WA . 10.53 13.43 -120.30
O2 MAN WA . 7.83 11.89 -116.95
O3 MAN WA . 8.39 9.49 -118.21
O4 MAN WA . 9.96 10.51 -120.42
O5 MAN WA . 10.13 13.23 -117.97
O6 MAN WA . 10.77 12.75 -121.54
C1 NAG XA . 15.27 11.82 -76.77
C2 NAG XA . 14.84 12.32 -78.15
C3 NAG XA . 13.35 12.09 -78.40
C4 NAG XA . 12.92 10.67 -77.99
C5 NAG XA . 13.35 10.36 -76.56
C6 NAG XA . 12.96 8.94 -76.15
C7 NAG XA . 16.36 14.10 -78.89
C8 NAG XA . 16.43 15.52 -79.38
N2 NAG XA . 15.19 13.71 -78.38
O3 NAG XA . 13.05 12.35 -79.77
O4 NAG XA . 11.51 10.43 -78.13
O5 NAG XA . 14.78 10.51 -76.48
O6 NAG XA . 13.52 8.55 -74.90
O7 NAG XA . 17.31 13.34 -78.97
C1 NAG XA . 10.53 11.49 -77.98
C2 NAG XA . 9.17 11.00 -78.48
C3 NAG XA . 8.14 12.12 -78.37
C4 NAG XA . 8.10 12.69 -76.96
C5 NAG XA . 9.50 13.10 -76.52
C6 NAG XA . 9.56 13.55 -75.08
C7 NAG XA . 9.92 11.00 -80.84
C8 NAG XA . 10.56 10.04 -81.78
N2 NAG XA . 9.22 10.46 -79.82
O3 NAG XA . 6.86 11.63 -78.77
O4 NAG XA . 7.24 13.83 -76.94
O5 NAG XA . 10.38 11.96 -76.63
O6 NAG XA . 10.86 14.02 -74.73
O7 NAG XA . 10.02 12.22 -80.98
C1 NAG YA . 34.34 11.21 -42.41
C2 NAG YA . 33.44 10.82 -41.22
C3 NAG YA . 34.27 10.69 -39.95
C4 NAG YA . 35.47 9.78 -40.17
C5 NAG YA . 36.27 10.26 -41.38
C6 NAG YA . 37.41 9.32 -41.71
C7 NAG YA . 32.44 13.07 -41.03
C8 NAG YA . 31.31 13.79 -41.69
N2 NAG YA . 32.34 11.73 -41.00
O3 NAG YA . 33.45 10.18 -38.90
O4 NAG YA . 36.32 9.85 -39.03
O5 NAG YA . 35.41 10.30 -42.55
O6 NAG YA . 38.31 9.90 -42.66
O7 NAG YA . 33.39 13.66 -40.54
C1 NAG YA . 36.22 8.64 -38.25
C2 NAG YA . 37.30 8.69 -37.16
C3 NAG YA . 37.20 7.48 -36.24
C4 NAG YA . 35.78 7.32 -35.71
C5 NAG YA . 34.80 7.27 -36.88
C6 NAG YA . 33.35 7.18 -36.43
C7 NAG YA . 39.22 9.97 -37.95
C8 NAG YA . 40.59 9.91 -38.54
N2 NAG YA . 38.62 8.79 -37.72
O3 NAG YA . 38.13 7.60 -35.17
O4 NAG YA . 35.69 6.12 -34.95
O5 NAG YA . 34.94 8.47 -37.67
O6 NAG YA . 33.11 5.98 -35.68
O7 NAG YA . 38.66 11.02 -37.68
C1 NAG ZA . -22.74 6.17 -6.58
C2 NAG ZA . -24.21 6.32 -6.98
C3 NAG ZA . -24.72 7.76 -6.80
C4 NAG ZA . -24.19 8.44 -5.54
C5 NAG ZA . -22.72 8.14 -5.32
C6 NAG ZA . -22.20 8.65 -4.00
C7 NAG ZA . -25.17 4.88 -8.70
C8 NAG ZA . -26.00 5.05 -9.94
N2 NAG ZA . -24.42 5.92 -8.35
O3 NAG ZA . -26.15 7.71 -6.83
O4 NAG ZA . -24.24 9.86 -5.64
O5 NAG ZA . -22.51 6.72 -5.31
O6 NAG ZA . -20.80 8.41 -3.90
O7 NAG ZA . -25.18 3.84 -8.05
C1 NAG ZA . -26.75 9.03 -6.78
C2 NAG ZA . -28.01 9.17 -7.64
C3 NAG ZA . -28.41 10.65 -7.69
C4 NAG ZA . -28.52 11.26 -6.30
C5 NAG ZA . -27.38 10.83 -5.38
C6 NAG ZA . -27.66 11.13 -3.93
C7 NAG ZA . -27.00 8.95 -9.90
C8 NAG ZA . -27.21 8.37 -11.26
N2 NAG ZA . -27.89 8.60 -8.96
O3 NAG ZA . -29.64 10.78 -8.39
O4 NAG ZA . -28.45 12.68 -6.41
O5 NAG ZA . -27.15 9.41 -5.48
O6 NAG ZA . -28.68 10.28 -3.41
O7 NAG ZA . -26.07 9.72 -9.66
C1 BMA ZA . -29.75 13.31 -6.40
C2 BMA ZA . -30.40 13.18 -5.04
C3 BMA ZA . -31.74 13.87 -5.01
C4 BMA ZA . -31.57 15.33 -5.39
C5 BMA ZA . -30.89 15.43 -6.75
C6 BMA ZA . -30.58 16.85 -7.15
O2 BMA ZA . -29.55 13.74 -4.05
O3 BMA ZA . -32.32 13.78 -3.70
O4 BMA ZA . -32.85 15.96 -5.45
O5 BMA ZA . -29.63 14.70 -6.73
O6 BMA ZA . -29.59 16.90 -8.17
C1 NAG AB . -40.43 -9.91 45.09
C2 NAG AB . -41.83 -9.76 45.68
C3 NAG AB . -42.48 -8.46 45.25
C4 NAG AB . -41.57 -7.31 45.59
C5 NAG AB . -40.26 -7.46 44.83
C6 NAG AB . -39.25 -6.43 45.23
C7 NAG AB . -42.87 -11.92 45.95
C8 NAG AB . -43.26 -13.14 45.16
N2 NAG AB . -42.70 -10.81 45.24
O3 NAG AB . -43.74 -8.31 45.87
O4 NAG AB . -42.18 -6.10 45.20
O5 NAG AB . -39.65 -8.73 45.14
O6 NAG AB . -38.80 -6.69 46.55
O7 NAG AB . -42.72 -11.96 47.17
C1 NAG AB . -42.58 -5.31 46.34
C2 NAG AB . -43.79 -4.52 45.84
C3 NAG AB . -44.69 -4.06 46.98
C4 NAG AB . -44.87 -5.15 48.03
C5 NAG AB . -43.48 -5.51 48.55
C6 NAG AB . -43.48 -6.47 49.72
C7 NAG AB . -43.30 -3.44 43.77
C8 NAG AB . -43.11 -2.14 43.03
N2 NAG AB . -43.38 -3.37 45.09
O3 NAG AB . -45.90 -3.69 46.32
O4 NAG AB . -45.65 -4.71 49.14
O5 NAG AB . -42.79 -6.15 47.47
O6 NAG AB . -44.15 -7.68 49.42
O7 NAG AB . -43.36 -4.51 43.19
C1 BMA AB . -46.86 -2.95 47.11
C2 BMA AB . -46.27 -1.83 47.95
C3 BMA AB . -47.34 -1.17 48.78
C4 BMA AB . -48.47 -0.68 47.90
C5 BMA AB . -48.98 -1.82 47.01
C6 BMA AB . -49.99 -1.35 45.99
O2 BMA AB . -45.65 -0.85 47.11
O3 BMA AB . -46.78 -0.08 49.53
O4 BMA AB . -49.55 -0.21 48.69
O5 BMA AB . -47.88 -2.41 46.27
O6 BMA AB . -49.43 -0.37 45.13
C1 NAG BB . -53.46 -14.00 47.02
C2 NAG BB . -54.66 -13.62 47.90
C3 NAG BB . -55.91 -14.37 47.46
C4 NAG BB . -56.16 -14.09 46.00
C5 NAG BB . -54.92 -14.41 45.18
C6 NAG BB . -55.07 -14.06 43.73
C7 NAG BB . -54.49 -12.86 50.17
C8 NAG BB . -54.46 -13.24 51.62
N2 NAG BB . -54.43 -13.86 49.30
O3 NAG BB . -57.01 -13.96 48.25
O4 NAG BB . -57.24 -14.92 45.57
O5 NAG BB . -53.78 -13.67 45.68
O6 NAG BB . -55.07 -12.64 43.55
O7 NAG BB . -54.59 -11.70 49.80
C1 NAG BB . -58.39 -14.16 45.22
C2 NAG BB . -59.35 -15.11 44.52
C3 NAG BB . -60.64 -14.41 44.11
C4 NAG BB . -61.27 -13.67 45.28
C5 NAG BB . -60.22 -12.82 46.00
C6 NAG BB . -60.76 -12.26 47.30
C7 NAG BB . -58.32 -16.98 43.35
C8 NAG BB . -57.50 -17.39 42.18
N2 NAG BB . -58.73 -15.71 43.36
O3 NAG BB . -61.55 -15.36 43.60
O4 NAG BB . -62.28 -12.80 44.79
O5 NAG BB . -59.07 -13.61 46.34
O6 NAG BB . -61.36 -13.28 48.08
O7 NAG BB . -58.62 -17.75 44.25
C1 BMA BB . -63.60 -13.25 45.15
C2 BMA BB . -64.56 -12.16 44.75
C3 BMA BB . -66.01 -12.54 44.91
C4 BMA BB . -66.28 -13.88 44.24
C5 BMA BB . -65.30 -14.92 44.77
C6 BMA BB . -65.46 -16.27 44.10
O2 BMA BB . -64.34 -11.81 43.37
O3 BMA BB . -66.83 -11.51 44.35
O4 BMA BB . -67.60 -14.33 44.52
O5 BMA BB . -63.95 -14.49 44.51
O6 BMA BB . -64.78 -16.27 42.84
C1 MAN BB . -68.08 -11.29 45.03
C2 MAN BB . -68.84 -10.20 44.32
C3 MAN BB . -68.12 -8.87 44.44
C4 MAN BB . -67.91 -8.53 45.90
C5 MAN BB . -67.22 -9.68 46.63
C6 MAN BB . -67.17 -9.46 48.12
O2 MAN BB . -70.16 -10.11 44.84
O3 MAN BB . -68.86 -7.84 43.79
O4 MAN BB . -67.11 -7.35 46.01
O5 MAN BB . -67.94 -10.92 46.41
O6 MAN BB . -66.53 -10.55 48.78
C1 MAN BB . -65.12 -17.42 42.06
C2 MAN BB . -64.58 -18.68 42.72
C3 MAN BB . -63.07 -18.64 42.80
C4 MAN BB . -62.48 -18.38 41.42
C5 MAN BB . -63.12 -17.16 40.78
C6 MAN BB . -62.69 -16.98 39.34
O2 MAN BB . -65.02 -19.82 41.99
O3 MAN BB . -62.61 -19.89 43.31
O4 MAN BB . -61.07 -18.16 41.52
O5 MAN BB . -64.55 -17.32 40.76
O6 MAN BB . -62.78 -18.22 38.67
C1 NAG CB . -31.02 -41.19 7.70
C2 NAG CB . -31.72 -41.51 6.36
C3 NAG CB . -30.87 -40.99 5.20
C4 NAG CB . -30.19 -39.63 5.45
C5 NAG CB . -29.72 -39.39 6.90
C6 NAG CB . -29.37 -37.92 7.19
C7 NAG CB . -31.23 -43.97 6.35
C8 NAG CB . -31.77 -45.34 5.97
N2 NAG CB . -32.05 -42.93 6.16
O3 NAG CB . -31.67 -40.90 4.00
O4 NAG CB . -28.95 -39.68 4.67
O5 NAG CB . -30.76 -39.78 7.84
O6 NAG CB . -30.53 -37.09 7.10
O7 NAG CB . -30.10 -43.83 6.80
C1 NAG CB . -28.91 -39.35 3.25
C2 NAG CB . -27.42 -39.15 2.89
C3 NAG CB . -27.18 -39.03 1.37
C4 NAG CB . -27.84 -40.22 0.67
C5 NAG CB . -29.35 -40.19 0.96
C6 NAG CB . -30.20 -41.22 0.20
C7 NAG CB . -27.28 -36.82 3.76
C8 NAG CB . -26.56 -35.90 4.72
N2 NAG CB . -26.80 -38.06 3.65
O3 NAG CB . -25.77 -38.97 1.08
O4 NAG CB . -27.57 -40.17 -0.77
O5 NAG CB . -29.54 -40.37 2.42
O6 NAG CB . -29.86 -42.55 0.60
O7 NAG CB . -28.26 -36.44 3.11
C1 BMA CB . -26.67 -41.24 -1.23
C2 BMA CB . -26.55 -41.22 -2.75
C3 BMA CB . -25.54 -42.25 -3.24
C4 BMA CB . -24.18 -42.15 -2.52
C5 BMA CB . -24.33 -42.08 -1.00
C6 BMA CB . -23.03 -41.75 -0.26
O2 BMA CB . -26.15 -39.91 -3.19
O3 BMA CB . -25.34 -42.09 -4.65
O4 BMA CB . -23.39 -43.30 -2.88
O5 BMA CB . -25.34 -41.05 -0.65
O6 BMA CB . -22.70 -40.37 -0.42
C1 NAG DB . -44.62 -29.04 10.93
C2 NAG DB . -44.88 -27.53 10.85
C3 NAG DB . -44.20 -26.95 9.60
C4 NAG DB . -42.73 -27.35 9.54
C5 NAG DB . -42.55 -28.86 9.73
C6 NAG DB . -41.08 -29.27 9.86
C7 NAG DB . -46.82 -26.24 11.63
C8 NAG DB . -48.31 -26.05 11.53
N2 NAG DB . -46.30 -27.23 10.88
O3 NAG DB . -44.34 -25.53 9.57
O4 NAG DB . -42.20 -27.02 8.25
O5 NAG DB . -43.22 -29.29 10.93
O6 NAG DB . -40.91 -30.68 9.77
O7 NAG DB . -46.13 -25.52 12.34
C1 NAG DB . -41.36 -25.83 8.14
C2 NAG DB . -40.56 -25.92 6.84
C3 NAG DB . -39.84 -24.61 6.51
C4 NAG DB . -40.78 -23.41 6.62
C5 NAG DB . -41.45 -23.42 8.00
C6 NAG DB . -42.41 -22.26 8.23
C7 NAG DB . -39.83 -28.21 6.30
C8 NAG DB . -38.78 -29.26 6.49
N2 NAG DB . -39.61 -27.02 6.87
O3 NAG DB . -39.25 -24.65 5.21
O4 NAG DB . -40.05 -22.19 6.50
O5 NAG DB . -42.18 -24.66 8.19
O6 NAG DB . -43.07 -22.40 9.50
O7 NAG DB . -40.85 -28.43 5.66
C1 BMA DB . -40.24 -21.45 5.27
C2 BMA DB . -39.63 -20.06 5.36
C3 BMA DB . -39.84 -19.30 4.05
C4 BMA DB . -39.24 -20.09 2.88
C5 BMA DB . -39.81 -21.53 2.85
C6 BMA DB . -39.12 -22.41 1.80
O2 BMA DB . -38.26 -20.16 5.73
O3 BMA DB . -39.29 -17.97 4.10
O4 BMA DB . -39.52 -19.44 1.63
O5 BMA DB . -39.63 -22.16 4.16
O6 BMA DB . -39.65 -23.74 1.82
C1 NAG EB . -51.91 -62.37 57.89
C2 NAG EB . -50.74 -62.96 58.68
C3 NAG EB . -51.28 -63.87 59.79
C4 NAG EB . -52.29 -63.12 60.66
C5 NAG EB . -53.41 -62.56 59.78
C6 NAG EB . -54.35 -61.67 60.57
C7 NAG EB . -48.72 -64.29 58.33
C8 NAG EB . -48.43 -65.68 57.83
N2 NAG EB . -49.82 -63.70 57.85
O3 NAG EB . -50.26 -64.37 60.63
O4 NAG EB . -52.76 -64.00 61.67
O5 NAG EB . -52.86 -61.74 58.74
O6 NAG EB . -53.76 -60.39 60.78
O7 NAG EB . -47.98 -63.74 59.15
C1 NAG EB . -53.71 -65.06 61.37
C2 NAG EB . -53.06 -66.42 61.66
C3 NAG EB . -54.10 -67.53 61.80
C4 NAG EB . -55.18 -67.11 62.77
C5 NAG EB . -55.84 -65.87 62.20
C6 NAG EB . -56.99 -65.40 63.06
C7 NAG EB . -52.36 -67.14 59.41
C8 NAG EB . -51.29 -67.94 58.70
N2 NAG EB . -52.08 -66.80 60.66
O3 NAG EB . -53.44 -68.72 62.22
O4 NAG EB . -56.17 -68.11 62.93
O5 NAG EB . -54.87 -64.79 62.15
O6 NAG EB . -56.75 -65.74 64.42
O7 NAG EB . -53.41 -66.83 58.85
C1 BMA EB . -55.98 -68.85 64.15
C2 BMA EB . -57.29 -69.51 64.53
C3 BMA EB . -57.13 -70.58 65.60
C4 BMA EB . -56.01 -71.52 65.26
C5 BMA EB . -54.74 -70.75 65.03
C6 BMA EB . -53.59 -71.62 64.60
O2 BMA EB . -57.89 -70.09 63.37
O3 BMA EB . -58.35 -71.30 65.73
O4 BMA EB . -55.81 -72.45 66.32
O5 BMA EB . -54.94 -69.80 63.95
O6 BMA EB . -53.65 -71.75 63.17
C1 MAN EB . -58.98 -71.05 66.99
C2 MAN EB . -59.92 -72.18 67.31
C3 MAN EB . -61.01 -72.30 66.27
C4 MAN EB . -61.72 -70.97 66.08
C5 MAN EB . -60.70 -69.84 65.86
C6 MAN EB . -61.34 -68.47 65.85
O2 MAN EB . -60.48 -71.98 68.60
O3 MAN EB . -61.95 -73.30 66.67
O4 MAN EB . -62.59 -71.04 64.95
O5 MAN EB . -59.74 -69.84 66.93
O6 MAN EB . -60.36 -67.45 65.71
C1 MAN EB . -53.03 -72.98 62.73
C2 MAN EB . -52.83 -72.88 61.24
C3 MAN EB . -54.16 -72.71 60.54
C4 MAN EB . -55.09 -73.85 60.93
C5 MAN EB . -55.17 -74.00 62.45
C6 MAN EB . -55.92 -75.23 62.88
O2 MAN EB . -52.15 -74.05 60.78
O3 MAN EB . -53.97 -72.67 59.13
O4 MAN EB . -56.41 -73.59 60.42
O5 MAN EB . -53.83 -74.12 62.99
O6 MAN EB . -56.11 -75.25 64.30
C1 NAG FB . -65.49 -54.07 69.62
C2 NAG FB . -65.43 -55.61 69.57
C3 NAG FB . -64.62 -56.09 68.37
C4 NAG FB . -65.10 -55.41 67.10
C5 NAG FB . -65.06 -53.89 67.26
C6 NAG FB . -65.56 -53.14 66.01
C7 NAG FB . -63.74 -56.06 71.32
C8 NAG FB . -63.43 -56.82 72.58
N2 NAG FB . -64.96 -56.23 70.80
O3 NAG FB . -64.71 -57.52 68.24
O4 NAG FB . -64.26 -55.81 66.01
O5 NAG FB . -65.87 -53.49 68.39
O6 NAG FB . -66.86 -53.58 65.60
O7 NAG FB . -62.93 -55.29 70.80
C1 NAG FB . -64.96 -56.61 65.02
C2 NAG FB . -64.09 -56.80 63.76
C3 NAG FB . -64.78 -57.72 62.74
C4 NAG FB . -65.34 -58.99 63.39
C5 NAG FB . -66.16 -58.65 64.64
C6 NAG FB . -66.64 -59.89 65.39
C7 NAG FB . -62.65 -54.84 63.47
C8 NAG FB . -62.47 -53.54 62.76
N2 NAG FB . -63.76 -55.53 63.16
O3 NAG FB . -63.87 -58.05 61.70
O4 NAG FB . -66.19 -59.67 62.47
O5 NAG FB . -65.36 -57.86 65.55
O6 NAG FB . -65.55 -60.72 65.77
O7 NAG FB . -61.85 -55.25 64.29
C1 BMA FB . -65.65 -60.93 61.99
C2 BMA FB . -66.66 -61.69 61.16
C3 BMA FB . -66.08 -62.98 60.63
C4 BMA FB . -64.84 -62.67 59.83
C5 BMA FB . -63.85 -61.91 60.71
C6 BMA FB . -62.57 -61.52 60.01
O2 BMA FB . -67.06 -60.87 60.07
O3 BMA FB . -67.06 -63.67 59.83
O4 BMA FB . -64.23 -63.85 59.33
O5 BMA FB . -64.47 -60.69 61.19
O6 BMA FB . -62.72 -60.35 59.21
C1 MAN FB . -67.53 -64.85 60.51
C2 MAN FB . -68.19 -65.76 59.50
C3 MAN FB . -69.48 -65.16 58.96
C4 MAN FB . -70.38 -64.73 60.10
C5 MAN FB . -69.64 -63.85 61.10
C6 MAN FB . -70.45 -63.54 62.33
O2 MAN FB . -68.45 -67.03 60.08
O3 MAN FB . -70.13 -66.12 58.14
O4 MAN FB . -71.49 -64.00 59.59
O5 MAN FB . -68.44 -64.53 61.55
O6 MAN FB . -69.70 -62.75 63.23
C1 MAN FB . -62.57 -60.67 57.82
C2 MAN FB . -61.57 -59.71 57.21
C3 MAN FB . -62.10 -58.28 57.13
C4 MAN FB . -63.52 -58.25 56.56
C5 MAN FB . -64.41 -59.25 57.28
C6 MAN FB . -65.80 -59.32 56.69
O2 MAN FB . -61.17 -60.18 55.92
O3 MAN FB . -61.24 -57.51 56.30
O4 MAN FB . -64.09 -56.95 56.72
O5 MAN FB . -63.83 -60.55 57.15
O6 MAN FB . -65.75 -59.47 55.27
C1 NAG GB . 0.21 -63.98 91.56
C2 NAG GB . 1.32 -64.58 92.43
C3 NAG GB . 0.93 -65.98 92.88
C4 NAG GB . -0.43 -65.95 93.58
C5 NAG GB . -1.46 -65.28 92.69
C6 NAG GB . -2.79 -65.10 93.39
C7 NAG GB . 3.58 -63.73 91.99
C8 NAG GB . 4.94 -64.31 92.12
N2 NAG GB . 2.59 -64.60 91.74
O3 NAG GB . 1.99 -66.54 93.68
O4 NAG GB . -0.92 -67.27 93.81
O5 NAG GB . -1.01 -63.97 92.29
O6 NAG GB . -2.70 -64.12 94.43
O7 NAG GB . 3.36 -62.53 92.10
C1 NAG GB . 1.78 -66.94 95.06
C2 NAG GB . 1.63 -68.47 95.13
C3 NAG GB . 1.53 -68.92 96.59
C4 NAG GB . 2.75 -68.43 97.35
C5 NAG GB . 2.80 -66.91 97.26
C6 NAG GB . 4.03 -66.35 97.94
C7 NAG GB . 0.04 -70.17 94.26
C8 NAG GB . -1.38 -70.35 94.68
N2 NAG GB . 0.51 -68.92 94.32
O3 NAG GB . 1.40 -70.33 96.71
O4 NAG GB . 2.67 -68.83 98.72
O5 NAG GB . 2.86 -66.50 95.86
O6 NAG GB . 5.22 -66.82 97.32
O7 NAG GB . 0.73 -71.11 93.87
C1 BMA GB . 3.51 -69.96 98.98
C2 BMA GB . 3.71 -70.15 100.49
C3 BMA GB . 4.43 -71.45 100.82
C4 BMA GB . 3.66 -72.60 100.16
C5 BMA GB . 3.69 -72.35 98.67
C6 BMA GB . 3.10 -73.47 97.84
O2 BMA GB . 2.44 -70.11 101.15
O3 BMA GB . 4.58 -71.62 102.24
O4 BMA GB . 4.21 -73.88 100.43
O5 BMA GB . 2.94 -71.15 98.39
O6 BMA GB . 1.71 -73.70 98.13
C1 MAN GB . 5.76 -72.39 102.55
C2 MAN GB . 5.59 -73.02 103.93
C3 MAN GB . 5.82 -72.01 105.04
C4 MAN GB . 7.15 -71.31 104.85
C5 MAN GB . 7.16 -70.64 103.49
C6 MAN GB . 8.46 -69.93 103.19
O2 MAN GB . 6.50 -74.11 104.08
O3 MAN GB . 5.78 -72.67 106.31
O4 MAN GB . 7.38 -70.35 105.88
O5 MAN GB . 6.98 -71.64 102.46
O6 MAN GB . 8.91 -69.17 104.30
C1 MAN GB . 1.30 -75.00 97.68
C2 MAN GB . 1.46 -75.13 96.18
C3 MAN GB . 0.51 -74.21 95.44
C4 MAN GB . -0.92 -74.46 95.90
C5 MAN GB . -1.01 -74.35 97.42
C6 MAN GB . -2.38 -74.72 97.95
O2 MAN GB . 1.27 -76.48 95.78
O3 MAN GB . 0.62 -74.43 94.03
O4 MAN GB . -1.79 -73.49 95.31
O5 MAN GB . -0.06 -75.26 98.03
O6 MAN GB . -3.40 -73.95 97.32
C1 NAG HB . 13.95 -78.00 75.99
C2 NAG HB . 12.87 -79.04 75.62
C3 NAG HB . 13.34 -80.47 75.86
C4 NAG HB . 14.78 -80.71 75.41
C5 NAG HB . 15.68 -79.62 75.98
C6 NAG HB . 17.13 -79.77 75.55
C7 NAG HB . 10.79 -77.84 76.09
C8 NAG HB . 9.77 -77.53 77.14
N2 NAG HB . 11.67 -78.81 76.38
O3 NAG HB . 12.47 -81.36 75.16
O4 NAG HB . 15.22 -81.97 75.91
O5 NAG HB . 15.22 -78.35 75.47
O6 NAG HB . 17.97 -78.87 76.29
O7 NAG HB . 10.83 -77.24 75.02
C1 NAG HB . 15.68 -82.86 74.86
C2 NAG HB . 15.56 -84.29 75.38
C3 NAG HB . 15.83 -85.32 74.28
C4 NAG HB . 15.14 -84.98 72.98
C5 NAG HB . 15.43 -83.53 72.59
C6 NAG HB . 14.73 -83.10 71.33
C7 NAG HB . 17.65 -83.98 76.63
C8 NAG HB . 17.93 -83.22 77.88
N2 NAG HB . 16.43 -84.51 76.51
O3 NAG HB . 15.39 -86.60 74.75
O4 NAG HB . 15.62 -85.83 71.94
O5 NAG HB . 14.95 -82.68 73.66
O6 NAG HB . 13.31 -83.24 71.45
O7 NAG HB . 18.49 -84.12 75.73
C1 BMA HB . 16.40 -87.61 74.65
C2 BMA HB . 15.72 -88.94 74.38
C3 BMA HB . 16.73 -90.06 74.16
C4 BMA HB . 17.75 -89.66 73.11
C5 BMA HB . 18.40 -88.33 73.49
C6 BMA HB . 19.36 -87.83 72.45
O2 BMA HB . 14.87 -88.83 73.24
O3 BMA HB . 16.06 -91.25 73.76
O4 BMA HB . 18.76 -90.66 72.99
O5 BMA HB . 17.38 -87.32 73.64
O6 BMA HB . 20.16 -86.77 72.96
C1 NAG IB . -92.72 53.87 7.81
C2 NAG IB . -93.59 55.05 7.30
C3 NAG IB . -92.98 56.45 7.53
C4 NAG IB . -92.16 56.49 8.82
C5 NAG IB . -91.10 55.38 8.78
C6 NAG IB . -90.09 55.45 9.92
C7 NAG IB . -93.25 54.77 4.87
C8 NAG IB . -93.89 54.38 3.57
N2 NAG IB . -94.06 54.88 5.93
O3 NAG IB . -94.00 57.46 7.57
O4 NAG IB . -91.57 57.77 8.97
O5 NAG IB . -91.80 54.12 8.86
O6 NAG IB . -88.87 54.76 9.60
O7 NAG IB . -92.05 54.97 4.96
C1 NAG IB . -94.21 58.40 6.44
C2 NAG IB . -93.00 59.30 6.14
C3 NAG IB . -93.34 60.30 5.01
C4 NAG IB . -93.95 59.58 3.80
C5 NAG IB . -95.09 58.66 4.21
C6 NAG IB . -95.65 57.85 3.04
C7 NAG IB . -93.06 60.77 8.14
C8 NAG IB . -92.25 61.33 9.27
N2 NAG IB . -92.41 59.94 7.29
O3 NAG IB . -92.19 61.06 4.61
O4 NAG IB . -94.42 60.55 2.87
O5 NAG IB . -94.64 57.74 5.24
O6 NAG IB . -96.73 57.00 3.42
O7 NAG IB . -94.24 61.05 7.99
C1 NAG JB . -95.43 52.95 66.36
C2 NAG JB . -96.92 52.64 66.57
C3 NAG JB . -97.78 53.57 65.74
C4 NAG JB . -97.44 55.00 66.10
C5 NAG JB . -95.95 55.22 65.87
C6 NAG JB . -95.51 56.62 66.24
C7 NAG JB . -97.45 50.39 67.34
C8 NAG JB . -98.54 49.37 67.18
N2 NAG JB . -97.27 51.25 66.34
O3 NAG JB . -99.16 53.27 65.96
O4 NAG JB . -98.21 55.90 65.29
O5 NAG JB . -95.19 54.31 66.70
O6 NAG JB . -95.64 56.85 67.64
O7 NAG JB . -96.77 50.45 68.36
C1 NAG JB . -99.28 56.46 66.06
C2 NAG JB . -99.71 57.73 65.33
C3 NAG JB . -100.81 58.44 66.10
C4 NAG JB . -101.97 57.48 66.34
C5 NAG JB . -101.46 56.23 67.03
C6 NAG JB . -102.55 55.20 67.22
C7 NAG JB . -97.81 58.49 64.02
C8 NAG JB . -96.67 59.45 63.90
N2 NAG JB . -98.58 58.60 65.09
O3 NAG JB . -101.23 59.59 65.37
O4 NAG JB . -102.95 58.10 67.18
O5 NAG JB . -100.41 55.62 66.24
O6 NAG JB . -103.41 55.13 66.07
O7 NAG JB . -98.01 57.62 63.17
C1 BMA JB . -104.05 58.60 66.40
C2 BMA JB . -105.27 58.83 67.28
C3 BMA JB . -106.44 59.39 66.50
C4 BMA JB . -106.02 60.62 65.72
C5 BMA JB . -104.75 60.35 64.91
C6 BMA JB . -104.21 61.59 64.24
O2 BMA JB . -104.94 59.72 68.35
O3 BMA JB . -107.51 59.70 67.40
O4 BMA JB . -107.05 61.04 64.82
O5 BMA JB . -103.72 59.83 65.77
O6 BMA JB . -102.82 61.46 63.96
C1 MAN JB . -108.81 59.53 66.82
C2 MAN JB . -109.71 60.66 67.29
C3 MAN JB . -109.99 60.57 68.77
C4 MAN JB . -110.54 59.20 69.13
C5 MAN JB . -109.62 58.10 68.60
C6 MAN JB . -110.21 56.73 68.80
O2 MAN JB . -110.92 60.65 66.55
O3 MAN JB . -110.92 61.59 69.15
O4 MAN JB . -110.66 59.08 70.54
O5 MAN JB . -109.41 58.27 67.18
O6 MAN JB . -109.33 55.71 68.32
C1 MAN JB . -102.56 61.48 62.55
C2 MAN JB . -101.15 60.99 62.30
C3 MAN JB . -100.12 61.93 62.92
C4 MAN JB . -100.35 63.35 62.44
C5 MAN JB . -101.81 63.76 62.65
C6 MAN JB . -102.13 65.11 62.05
O2 MAN JB . -100.92 60.85 60.90
O3 MAN JB . -98.81 61.50 62.57
O4 MAN JB . -99.50 64.25 63.15
O5 MAN JB . -102.68 62.80 62.01
O6 MAN JB . -103.49 65.48 62.31
C1 NAG KB . 98.58 -78.94 41.60
C2 NAG KB . 98.03 -80.31 41.21
C3 NAG KB . 96.53 -80.26 40.96
C4 NAG KB . 95.83 -79.61 42.14
C5 NAG KB . 96.41 -78.22 42.36
C6 NAG KB . 95.79 -77.49 43.54
C7 NAG KB . 99.03 -82.12 39.93
C8 NAG KB . 99.58 -82.57 38.61
N2 NAG KB . 98.69 -80.83 40.03
O3 NAG KB . 96.04 -81.58 40.74
O4 NAG KB . 94.43 -79.51 41.89
O5 NAG KB . 97.83 -78.32 42.63
O6 NAG KB . 96.04 -78.21 44.75
O7 NAG KB . 98.89 -82.89 40.87
C1 NAG LB . 69.60 16.72 -71.51
C2 NAG LB . 68.63 16.26 -70.41
C3 NAG LB . 67.24 16.00 -70.97
C4 NAG LB . 66.76 17.22 -71.73
C5 NAG LB . 67.75 17.54 -72.85
C6 NAG LB . 67.38 18.80 -73.60
C7 NAG LB . 69.14 15.13 -68.34
C8 NAG LB . 69.70 13.91 -67.67
N2 NAG LB . 69.13 15.12 -69.67
O3 NAG LB . 66.36 15.66 -69.92
O4 NAG LB . 65.47 16.99 -72.29
O5 NAG LB . 69.07 17.77 -72.32
O6 NAG LB . 67.27 19.92 -72.71
O7 NAG LB . 68.72 16.09 -67.70
C1 NAG MB . -3.82 83.43 -63.90
C2 NAG MB . -3.77 83.60 -62.39
C3 NAG MB . -2.88 84.78 -61.99
C4 NAG MB . -1.52 84.68 -62.67
C5 NAG MB . -1.72 84.56 -64.19
C6 NAG MB . -0.42 84.39 -64.95
C7 NAG MB . -5.82 82.76 -61.36
C8 NAG MB . -7.02 83.14 -60.54
N2 NAG MB . -5.10 83.78 -61.85
O3 NAG MB . -2.72 84.80 -60.58
O4 NAG MB . -0.75 85.84 -62.38
O5 NAG MB . -2.52 83.40 -64.47
O6 NAG MB . 0.19 83.14 -64.65
O7 NAG MB . -5.52 81.60 -61.58
C1 NAG NB . -45.75 76.36 -69.35
C2 NAG NB . -46.44 76.26 -70.72
C3 NAG NB . -47.96 76.35 -70.56
C4 NAG NB . -48.47 75.32 -69.54
C5 NAG NB . -47.74 75.49 -68.19
C6 NAG NB . -48.11 74.42 -67.16
C7 NAG NB . -45.90 78.57 -71.45
C8 NAG NB . -45.26 79.40 -72.52
N2 NAG NB . -45.94 77.25 -71.67
O3 NAG NB . -48.63 76.17 -71.81
O4 NAG NB . -49.87 75.51 -69.38
O5 NAG NB . -46.30 75.46 -68.38
O6 NAG NB . -47.69 73.11 -67.55
O7 NAG NB . -46.35 79.08 -70.44
C1 NAG OB . -12.07 45.13 -27.64
C2 NAG OB . -11.68 46.62 -27.54
C3 NAG OB . -10.47 46.87 -26.65
C4 NAG OB . -10.47 45.88 -25.50
C5 NAG OB . -10.24 44.50 -26.08
C6 NAG OB . -10.20 43.42 -25.02
C7 NAG OB . -10.34 47.08 -29.53
C8 NAG OB . -9.71 48.37 -29.99
N2 NAG OB . -11.47 47.20 -28.85
O3 NAG OB . -10.49 48.22 -26.17
O4 NAG OB . -9.44 46.21 -24.57
O5 NAG OB . -11.29 44.12 -27.00
O6 NAG OB . -11.40 43.45 -24.24
O7 NAG OB . -9.82 46.00 -29.77
C1 NAG PB . -41.86 71.39 42.82
C2 NAG PB . -42.76 70.29 42.25
C3 NAG PB . -43.41 69.52 43.40
C4 NAG PB . -42.33 69.01 44.35
C5 NAG PB . -41.41 70.15 44.79
C6 NAG PB . -40.23 69.65 45.61
C7 NAG PB . -44.70 71.62 41.47
C8 NAG PB . -45.72 71.73 40.38
N2 NAG PB . -43.70 70.77 41.26
O3 NAG PB . -44.19 68.47 42.88
O4 NAG PB . -42.96 68.48 45.51
O5 NAG PB . -40.85 70.81 43.64
O6 NAG PB . -39.68 70.71 46.40
O7 NAG PB . -44.81 72.28 42.51
C1 NAG QB . -32.30 72.66 16.51
C2 NAG QB . -32.66 73.98 15.84
C3 NAG QB . -32.39 73.98 14.34
C4 NAG QB . -31.02 73.38 14.04
C5 NAG QB . -30.98 71.96 14.56
C6 NAG QB . -29.67 71.27 14.20
C7 NAG QB . -34.37 75.61 16.34
C8 NAG QB . -35.82 75.90 16.59
N2 NAG QB . -34.05 74.35 16.10
O3 NAG QB . -32.48 75.31 13.86
O4 NAG QB . -30.80 73.35 12.63
O5 NAG QB . -31.12 72.04 16.00
O6 NAG QB . -29.24 70.30 15.15
O7 NAG QB . -33.51 76.48 16.38
C1 NAG RB . 18.09 -31.49 34.47
C2 NAG RB . 18.85 -32.64 33.79
C3 NAG RB . 17.86 -33.54 33.03
C4 NAG RB . 16.68 -33.93 33.90
C5 NAG RB . 16.07 -32.70 34.57
C6 NAG RB . 14.97 -33.05 35.56
C7 NAG RB . 20.96 -32.84 32.60
C8 NAG RB . 21.11 -33.22 31.16
N2 NAG RB . 19.87 -32.15 32.90
O3 NAG RB . 18.53 -34.69 32.55
O4 NAG RB . 15.68 -34.55 33.09
O5 NAG RB . 17.08 -32.00 35.31
O6 NAG RB . 14.17 -31.91 35.84
O7 NAG RB . 21.79 -33.17 33.44
C1 NAG SB . 12.16 5.23 28.46
C2 NAG SB . 13.33 6.13 28.04
C3 NAG SB . 13.39 6.27 26.53
C4 NAG SB . 13.35 4.91 25.85
C5 NAG SB . 12.14 4.12 26.36
C6 NAG SB . 12.06 2.72 25.79
C7 NAG SB . 13.90 7.70 29.82
C8 NAG SB . 13.19 8.61 30.77
N2 NAG SB . 13.26 7.43 28.68
O3 NAG SB . 14.57 6.97 26.16
O4 NAG SB . 13.25 5.08 24.45
O5 NAG SB . 12.21 3.98 27.79
O6 NAG SB . 10.77 2.18 25.97
O7 NAG SB . 15.00 7.22 30.06
C1 NAG TB . 17.10 9.20 112.39
C2 NAG TB . 16.40 9.08 113.75
C3 NAG TB . 17.16 8.13 114.66
C4 NAG TB . 17.41 6.80 113.97
C5 NAG TB . 18.11 7.04 112.64
C6 NAG TB . 18.33 5.77 111.85
C7 NAG TB . 15.05 10.91 114.67
C8 NAG TB . 15.07 12.33 115.18
N2 NAG TB . 16.24 10.36 114.43
O3 NAG TB . 16.44 7.95 115.88
O4 NAG TB . 18.21 5.98 114.80
O5 NAG TB . 17.31 7.92 111.82
O6 NAG TB . 19.12 6.02 110.69
O7 NAG TB . 14.00 10.30 114.50
C1 NAG UB . 89.09 -29.40 24.28
C2 NAG UB . 89.42 -27.94 23.97
C3 NAG UB . 90.89 -27.62 24.21
C4 NAG UB . 91.37 -28.19 25.54
C5 NAG UB . 91.17 -29.69 25.52
C6 NAG UB . 91.67 -30.37 26.77
C7 NAG UB . 88.00 -27.00 22.19
C8 NAG UB . 87.96 -26.55 20.77
N2 NAG UB . 89.13 -27.58 22.59
O3 NAG UB . 91.07 -26.22 24.17
O4 NAG UB . 92.74 -27.88 25.71
O5 NAG UB . 89.75 -29.95 25.41
O6 NAG UB . 91.28 -31.74 26.82
O7 NAG UB . 87.05 -26.83 22.96
O5 A2G VB . 75.15 -85.88 8.71
C1 A2G VB . 76.29 -86.71 8.54
C2 A2G VB . 76.45 -87.34 7.15
N2 A2G VB . 77.43 -88.40 7.00
C3 A2G VB . 76.70 -86.12 6.26
O3 A2G VB . 76.91 -86.49 4.89
C4 A2G VB . 75.54 -85.15 6.36
O4 A2G VB . 74.39 -85.75 5.75
C5 A2G VB . 75.22 -84.74 7.80
C6 A2G VB . 73.89 -83.97 7.87
O6 A2G VB . 73.84 -83.17 9.04
C7 A2G VB . 78.78 -88.29 6.98
O7 A2G VB . 79.36 -87.22 7.12
C8 A2G VB . 79.54 -89.56 6.78
O5 A2G WB . 69.54 -28.68 -35.47
C1 A2G WB . 69.87 -29.62 -36.46
C2 A2G WB . 69.38 -31.00 -36.07
N2 A2G WB . 69.79 -31.96 -37.07
C3 A2G WB . 67.87 -30.95 -35.95
O3 A2G WB . 67.39 -32.23 -35.54
C4 A2G WB . 67.48 -29.86 -34.96
O4 A2G WB . 67.98 -30.23 -33.67
C5 A2G WB . 68.11 -28.52 -35.37
C6 A2G WB . 67.86 -27.43 -34.36
O6 A2G WB . 68.50 -26.20 -34.71
C7 A2G WB . 71.01 -32.50 -37.14
O7 A2G WB . 71.92 -32.18 -36.36
C8 A2G WB . 71.22 -33.52 -38.22
O5 A2G XB . 96.56 -29.50 -36.92
C1 A2G XB . 97.97 -29.58 -36.88
C2 A2G XB . 98.69 -28.28 -36.63
N2 A2G XB . 100.13 -28.48 -36.59
C3 A2G XB . 98.18 -27.71 -35.31
O3 A2G XB . 98.69 -26.41 -35.04
C4 A2G XB . 96.64 -27.69 -35.28
O4 A2G XB . 96.18 -26.68 -36.19
C5 A2G XB . 96.02 -29.04 -35.65
C6 A2G XB . 94.50 -28.94 -35.76
O6 A2G XB . 93.88 -30.23 -35.72
C7 A2G XB . 101.04 -27.51 -36.76
O7 A2G XB . 100.72 -26.34 -36.90
C8 A2G XB . 102.49 -27.94 -36.77
O5 A2G YB . 113.30 -23.44 -0.15
C1 A2G YB . 113.50 -24.02 -1.42
C2 A2G YB . 114.68 -23.38 -2.12
N2 A2G YB . 114.80 -23.57 -3.56
C3 A2G YB . 115.89 -23.84 -1.33
O3 A2G YB . 117.12 -23.34 -1.88
C4 A2G YB . 115.73 -23.41 0.14
O4 A2G YB . 115.90 -22.00 0.19
C5 A2G YB . 114.38 -23.80 0.74
C6 A2G YB . 114.13 -23.19 2.13
O6 A2G YB . 114.07 -21.76 2.13
C7 A2G YB . 114.15 -22.81 -4.43
O7 A2G YB . 113.29 -22.02 -4.07
C8 A2G YB . 114.52 -22.96 -5.87
O5 A2G ZB . 114.67 -41.74 17.07
C1 A2G ZB . 114.54 -42.32 18.38
C2 A2G ZB . 114.76 -41.26 19.47
N2 A2G ZB . 114.80 -41.80 20.84
C3 A2G ZB . 113.75 -40.09 19.28
O3 A2G ZB . 113.98 -39.01 20.20
C4 A2G ZB . 113.84 -39.55 17.84
O4 A2G ZB . 115.10 -38.86 17.69
C5 A2G ZB . 113.72 -40.65 16.78
C6 A2G ZB . 113.90 -40.09 15.36
O6 A2G ZB . 113.36 -41.02 14.41
C7 A2G ZB . 113.75 -42.26 21.57
O7 A2G ZB . 112.58 -42.19 21.19
C8 A2G ZB . 114.10 -42.87 22.91
O5 A2G AC . 56.99 -26.29 19.90
C1 A2G AC . 56.72 -27.68 19.73
C2 A2G AC . 56.01 -28.32 20.91
N2 A2G AC . 55.75 -29.72 20.65
C3 A2G AC . 54.71 -27.56 21.15
O3 A2G AC . 54.04 -28.10 22.29
C4 A2G AC . 55.02 -26.09 21.36
O4 A2G AC . 55.80 -25.94 22.54
C5 A2G AC . 55.79 -25.52 20.15
C6 A2G AC . 56.17 -24.05 20.39
O6 A2G AC . 56.63 -23.47 19.17
C7 A2G AC . 56.45 -30.71 21.23
O7 A2G AC . 57.36 -30.48 22.02
C8 A2G AC . 56.06 -32.11 20.86
O5 A2G BC . 54.33 1.95 -10.96
C1 A2G BC . 53.73 1.48 -9.78
C2 A2G BC . 53.53 2.60 -8.76
N2 A2G BC . 53.29 2.19 -7.37
C3 A2G BC . 52.46 3.48 -9.40
O3 A2G BC . 52.05 4.58 -8.58
C4 A2G BC . 52.93 3.99 -10.76
O4 A2G BC . 53.95 4.97 -10.60
C5 A2G BC . 53.44 2.86 -11.67
C6 A2G BC . 54.18 3.43 -12.90
O6 A2G BC . 54.22 2.49 -13.98
C7 A2G BC . 52.12 2.04 -6.73
O7 A2G BC . 51.05 2.41 -7.21
C8 A2G BC . 52.19 1.40 -5.38
O5 A2G CC . -41.57 48.30 1.61
C1 A2G CC . -42.84 48.89 1.41
C2 A2G CC . -43.92 47.97 0.88
N2 A2G CC . -45.19 48.66 0.82
C3 A2G CC . -44.00 46.77 1.84
O3 A2G CC . -44.89 45.76 1.37
C4 A2G CC . -42.61 46.19 2.11
O4 A2G CC . -42.07 45.64 0.90
C5 A2G CC . -41.68 47.28 2.64
C6 A2G CC . -40.28 46.76 3.02
O6 A2G CC . -39.62 46.04 1.96
C7 A2G CC . -46.28 48.17 0.20
O7 A2G CC . -46.23 47.16 -0.49
C8 A2G CC . -47.56 48.94 0.41
O5 A2G DC . 38.72 15.52 48.50
C1 A2G DC . 38.68 15.06 49.83
C2 A2G DC . 39.88 14.19 50.16
N2 A2G DC . 39.86 13.74 51.54
C3 A2G DC . 41.16 14.97 49.88
O3 A2G DC . 42.32 14.16 50.03
C4 A2G DC . 41.14 15.62 48.49
O4 A2G DC . 41.32 14.59 47.52
C5 A2G DC . 39.84 16.39 48.23
C6 A2G DC . 39.72 16.93 46.81
O6 A2G DC . 38.56 17.76 46.70
C7 A2G DC . 39.27 12.62 51.94
O7 A2G DC . 38.81 11.83 51.13
C8 A2G DC . 39.20 12.38 53.42
O5 A2G EC . 38.04 -44.42 54.12
C1 A2G EC . 39.10 -44.03 54.98
C2 A2G EC . 39.94 -42.95 54.33
N2 A2G EC . 41.22 -42.70 54.99
C3 A2G EC . 39.05 -41.72 54.19
O3 A2G EC . 39.74 -40.59 53.69
C4 A2G EC . 37.86 -42.10 53.30
O4 A2G EC . 38.30 -42.40 51.98
C5 A2G EC . 37.11 -43.33 53.87
C6 A2G EC . 35.98 -43.83 52.95
O6 A2G EC . 36.43 -44.28 51.66
C7 A2G EC . 42.23 -43.56 55.00
O7 A2G EC . 42.15 -44.67 54.47
C8 A2G EC . 43.48 -43.12 55.69
O5 A2G FC . 63.21 -34.10 73.59
C1 A2G FC . 62.98 -34.78 74.80
C2 A2G FC . 64.19 -35.63 75.19
N2 A2G FC . 64.01 -36.60 76.27
C3 A2G FC . 65.34 -34.65 75.42
O3 A2G FC . 66.58 -35.27 75.76
C4 A2G FC . 65.54 -33.77 74.18
O4 A2G FC . 66.05 -34.55 73.10
C5 A2G FC . 64.23 -33.09 73.77
C6 A2G FC . 64.37 -32.26 72.49
O6 A2G FC . 65.35 -31.22 72.67
C7 A2G FC . 64.12 -36.39 77.60
O7 A2G FC . 64.33 -35.28 78.09
C8 A2G FC . 63.96 -37.60 78.47
O5 A2G GC . 121.32 -33.53 -15.17
C1 A2G GC . 120.29 -34.25 -14.52
C2 A2G GC . 120.04 -33.66 -13.14
N2 A2G GC . 119.19 -34.43 -12.25
C3 A2G GC . 119.44 -32.27 -13.40
O3 A2G GC . 119.13 -31.62 -12.16
C4 A2G GC . 120.40 -31.43 -14.24
O4 A2G GC . 121.52 -31.03 -13.45
C5 A2G GC . 120.89 -32.18 -15.49
C6 A2G GC . 122.06 -31.45 -16.20
O6 A2G GC . 122.32 -32.00 -17.49
C7 A2G GC . 119.62 -35.54 -11.64
O7 A2G GC . 120.69 -36.07 -11.94
C8 A2G GC . 118.72 -36.11 -10.58
CA CA HC . 31.30 -82.23 65.70
CA CA IC . 2.99 -96.52 57.70
CA CA JC . 70.11 -87.72 28.08
CA CA KC . 80.30 -69.58 22.21
CA CA LC . 119.86 -64.17 24.82
CA CA MC . 99.99 -49.98 7.87
CA CA NC . 63.38 -30.29 2.82
CA CA OC . 90.39 -35.82 -27.90
CA CA PC . 105.07 -42.46 -21.36
CA CA QC . 104.54 -43.25 5.77
CA CA RC . 92.41 -42.49 15.85
CA CA SC . 69.67 -34.40 12.27
CA CA TC . 51.46 -16.66 -3.29
CA CA UC . 62.23 -11.47 -24.34
CA CA VC . 75.64 -6.55 -61.15
CA CA WC . 71.37 32.80 -58.97
CA CA XC . 33.98 33.13 -74.39
CA CA YC . -23.64 60.02 -93.55
CA CA ZC . -28.72 53.34 7.67
CA CA AD . -36.80 60.28 18.77
CA CA BD . -24.78 70.11 32.12
CA CA CD . -16.14 65.64 18.57
CA CA DD . 1.27 51.96 17.46
CA CA ED . 10.54 44.56 31.03
CA CA FD . 7.58 39.61 54.77
CA CA GD . 3.50 24.03 52.84
CA CA HD . 2.09 20.68 30.33
CA CA ID . -7.22 14.57 -7.22
CA CA JD . 31.14 -3.72 2.62
CA CA KD . 31.94 -2.79 48.41
CA CA LD . 21.05 1.03 39.10
CA CA MD . 15.94 -11.25 36.39
CA CA ND . 56.77 -16.11 60.34
CA CA OD . 45.10 -2.62 72.24
CA CA PD . 32.19 9.00 64.72
CA CA QD . 18.49 11.06 51.39
CA CA RD . 9.56 -3.27 48.07
CA CA SD . 13.09 -20.89 50.80
CA CA TD . 30.78 -32.08 63.76
CA CA UD . 47.32 -29.62 70.51
CA CA VD . 40.99 -24.74 87.21
CA CA WD . 28.38 -21.10 94.93
CA CA XD . 23.19 17.53 95.49
CA CA YD . 3.65 1.53 106.96
NI NI ZD . 12.60 60.28 -99.22
C1 NAG AE . -100.94 6.93 89.88
C2 NAG AE . -99.59 6.18 89.87
C3 NAG AE . -98.43 7.16 89.98
C4 NAG AE . -98.57 8.30 88.98
C5 NAG AE . -99.93 8.97 89.16
C6 NAG AE . -100.16 10.09 88.19
C7 NAG AE . -99.87 5.31 92.16
C8 NAG AE . -100.41 4.09 92.85
N2 NAG AE . -99.51 5.15 90.89
O3 NAG AE . -97.20 6.47 89.79
O4 NAG AE . -97.54 9.26 89.21
O5 NAG AE . -100.97 8.01 88.95
O6 NAG AE . -101.37 10.78 88.48
O7 NAG AE . -99.77 6.38 92.75
C1 NAG BE . -66.21 52.36 -55.38
C2 NAG BE . -66.03 52.72 -56.85
C3 NAG BE . -64.59 53.14 -57.15
C4 NAG BE . -64.13 54.19 -56.15
C5 NAG BE . -64.30 53.66 -54.74
C6 NAG BE . -63.89 54.65 -53.67
C7 NAG BE . -67.60 51.52 -58.26
C8 NAG BE . -67.85 50.31 -59.13
N2 NAG BE . -66.40 51.62 -57.71
O3 NAG BE . -64.50 53.63 -58.48
O4 NAG BE . -62.76 54.51 -56.39
O5 NAG BE . -65.69 53.36 -54.51
O6 NAG BE . -64.72 55.81 -53.70
O7 NAG BE . -68.48 52.36 -58.08
C1 NAG CE . 7.47 11.95 -106.06
C2 NAG CE . 7.22 10.74 -105.17
C3 NAG CE . 6.25 9.75 -105.82
C4 NAG CE . 5.00 10.47 -106.30
C5 NAG CE . 5.38 11.64 -107.20
C6 NAG CE . 4.18 12.45 -107.65
C7 NAG CE . 9.00 10.09 -103.62
C8 NAG CE . 10.31 9.39 -103.47
N2 NAG CE . 8.47 10.09 -104.84
O3 NAG CE . 5.94 8.71 -104.92
O4 NAG CE . 4.17 9.55 -107.01
O5 NAG CE . 6.24 12.54 -106.48
O6 NAG CE . 3.57 13.10 -106.55
O7 NAG CE . 8.44 10.66 -102.67
C1 NAG DE . 49.17 20.45 -100.89
C2 NAG DE . 50.21 21.56 -101.18
C3 NAG DE . 51.54 20.96 -101.71
C4 NAG DE . 51.99 19.70 -100.95
C5 NAG DE . 50.83 18.73 -100.82
C6 NAG DE . 51.15 17.42 -100.09
C7 NAG DE . 50.21 23.76 -102.28
C8 NAG DE . 49.67 24.60 -103.43
N2 NAG DE . 49.69 22.53 -102.14
O3 NAG DE . 52.62 21.92 -101.69
O4 NAG DE . 53.06 19.09 -101.69
O5 NAG DE . 49.79 19.42 -100.08
O6 NAG DE . 50.05 16.52 -100.28
O7 NAG DE . 51.08 24.18 -101.53
C1 NAG EE . 13.34 -2.49 -54.99
C2 NAG EE . 13.06 -3.42 -56.17
C3 NAG EE . 12.08 -4.54 -55.82
C4 NAG EE . 12.44 -5.19 -54.49
C5 NAG EE . 12.52 -4.11 -53.42
C6 NAG EE . 12.85 -4.65 -52.04
C7 NAG EE . 11.64 -1.76 -57.35
C8 NAG EE . 11.79 -0.66 -58.35
N2 NAG EE . 12.60 -2.69 -57.35
O3 NAG EE . 12.05 -5.49 -56.87
O4 NAG EE . 11.45 -6.15 -54.14
O5 NAG EE . 13.58 -3.20 -53.78
O6 NAG EE . 12.73 -3.63 -51.06
O7 NAG EE . 10.69 -1.82 -56.58
C1 NAG FE . 43.48 -74.48 -35.21
C2 NAG FE . 44.41 -75.45 -35.92
C3 NAG FE . 45.76 -75.57 -35.21
C4 NAG FE . 46.33 -74.20 -34.90
C5 NAG FE . 45.31 -73.37 -34.12
C6 NAG FE . 45.78 -71.98 -33.81
C7 NAG FE . 43.95 -77.54 -37.09
C8 NAG FE . 42.94 -78.63 -37.28
N2 NAG FE . 43.78 -76.76 -36.03
O3 NAG FE . 46.65 -76.34 -36.00
O4 NAG FE . 47.52 -74.34 -34.11
O5 NAG FE . 44.11 -73.24 -34.92
O6 NAG FE . 44.98 -71.38 -32.80
O7 NAG FE . 44.86 -77.37 -37.89
C1 NAG GE . 29.87 -54.40 -54.08
C2 NAG GE . 30.34 -54.89 -55.46
C3 NAG GE . 29.86 -53.93 -56.57
C4 NAG GE . 28.37 -53.64 -56.43
C5 NAG GE . 28.06 -53.08 -55.04
C6 NAG GE . 26.58 -52.79 -54.82
C7 NAG GE . 32.41 -56.20 -55.17
C8 NAG GE . 33.86 -56.27 -55.51
N2 NAG GE . 31.77 -55.08 -55.54
O3 NAG GE . 30.16 -54.46 -57.85
O4 NAG GE . 27.98 -52.71 -57.44
O5 NAG GE . 28.48 -54.04 -54.04
O6 NAG GE . 26.36 -52.11 -53.58
O7 NAG GE . 31.84 -57.10 -54.58
C1 NAG HE . -19.51 -13.30 45.52
C2 NAG HE . -20.15 -12.36 46.54
C3 NAG HE . -19.09 -11.50 47.23
C4 NAG HE . -17.94 -12.35 47.75
C5 NAG HE . -17.32 -13.18 46.62
C6 NAG HE . -16.19 -14.11 47.08
C7 NAG HE . -22.23 -11.03 46.60
C8 NAG HE . -23.26 -10.31 45.79
N2 NAG HE . -21.19 -11.55 45.93
O3 NAG HE . -19.64 -10.75 48.32
O4 NAG HE . -16.95 -11.46 48.30
O5 NAG HE . -18.35 -14.00 46.01
O6 NAG HE . -16.64 -15.15 47.98
O7 NAG HE . -22.30 -11.14 47.81
C1 NAG IE . -12.73 -28.75 11.83
C2 NAG IE . -13.20 -27.83 10.69
C3 NAG IE . -12.03 -27.49 9.75
C4 NAG IE . -10.89 -26.88 10.59
C5 NAG IE . -10.43 -27.83 11.70
C6 NAG IE . -9.35 -27.25 12.63
C7 NAG IE . -15.49 -27.81 9.79
C8 NAG IE . -16.58 -28.60 9.06
N2 NAG IE . -14.33 -28.43 9.97
O3 NAG IE . -12.40 -26.56 8.72
O4 NAG IE . -9.78 -26.61 9.70
O5 NAG IE . -11.60 -28.20 12.54
O6 NAG IE . -9.26 -28.04 13.82
O7 NAG IE . -15.69 -26.66 10.18
C1 NAG JE . -18.07 -100.41 59.21
C2 NAG JE . -18.91 -101.65 59.53
C3 NAG JE . -19.26 -101.77 61.01
C4 NAG JE . -18.03 -101.51 61.87
C5 NAG JE . -17.45 -100.16 61.48
C6 NAG JE . -16.33 -99.72 62.39
C7 NAG JE . -20.28 -102.48 57.70
C8 NAG JE . -21.52 -102.31 56.90
N2 NAG JE . -20.13 -101.68 58.75
O3 NAG JE . -19.79 -103.06 61.25
O4 NAG JE . -18.41 -101.50 63.24
O5 NAG JE . -16.98 -100.24 60.11
O6 NAG JE . -16.32 -98.30 62.52
O7 NAG JE . -19.43 -103.33 57.42
C1 NAG KE . -91.05 -6.92 37.43
C2 NAG KE . -91.36 -8.38 37.07
C3 NAG KE . -92.21 -9.06 38.14
C4 NAG KE . -91.66 -8.79 39.53
C5 NAG KE . -91.46 -7.28 39.72
C6 NAG KE . -90.96 -6.93 41.11
C7 NAG KE . -92.96 -7.72 35.31
C8 NAG KE . -92.70 -7.04 33.99
N2 NAG KE . -91.98 -8.51 35.76
O3 NAG KE . -92.26 -10.46 37.88
O4 NAG KE . -92.59 -9.27 40.51
O5 NAG KE . -90.51 -6.82 38.75
O6 NAG KE . -92.01 -7.02 42.06
O7 NAG KE . -93.98 -7.53 35.95
O5 A2G LE . -76.92 36.39 77.04
C1 A2G LE . -78.24 36.72 77.41
C2 A2G LE . -78.71 38.13 77.10
N2 A2G LE . -80.10 38.30 77.47
C3 A2G LE . -78.50 38.34 75.60
O3 A2G LE . -78.79 39.66 75.16
C4 A2G LE . -77.08 37.94 75.21
O4 A2G LE . -76.15 38.82 75.86
C5 A2G LE . -76.79 36.49 75.61
C6 A2G LE . -75.42 36.03 75.13
O6 A2G LE . -75.37 35.96 73.70
C7 A2G LE . -80.71 39.48 77.61
O7 A2G LE . -80.13 40.54 77.38
C8 A2G LE . -82.13 39.44 78.06
O5 A2G ME . -70.31 43.57 5.11
C1 A2G ME . -70.94 44.83 5.11
C2 A2G ME . -70.65 45.60 6.38
N2 A2G ME . -71.31 46.89 6.36
C3 A2G ME . -69.13 45.75 6.57
O3 A2G ME . -68.83 46.33 7.83
C4 A2G ME . -68.43 44.40 6.44
O4 A2G ME . -68.72 43.63 7.60
C5 A2G ME . -68.86 43.67 5.16
C6 A2G ME . -68.25 42.27 5.05
O6 A2G ME . -68.57 41.65 3.80
C7 A2G ME . -72.15 47.34 7.31
O7 A2G ME . -72.31 46.74 8.36
C8 A2G ME . -72.90 48.60 7.01
O5 A2G NE . -97.00 46.54 3.22
C1 A2G NE . -97.73 45.56 3.99
C2 A2G NE . -97.03 44.20 3.94
N2 A2G NE . -97.79 43.17 4.65
C3 A2G NE . -95.59 44.34 4.46
O3 A2G NE . -94.89 43.07 4.45
C4 A2G NE . -94.84 45.41 3.66
O4 A2G NE . -94.63 44.92 2.32
C5 A2G NE . -95.60 46.74 3.63
C6 A2G NE . -94.96 47.81 2.72
O6 A2G NE . -93.71 48.19 3.26
C7 A2G NE . -98.90 42.64 4.12
O7 A2G NE . -99.29 42.98 3.01
C8 A2G NE . -99.64 41.60 4.95
O5 A2G OE . -115.30 14.28 19.35
C1 A2G OE . -116.29 13.29 19.63
C2 A2G OE . -116.13 12.01 18.81
N2 A2G OE . -117.22 11.10 19.09
C3 A2G OE . -114.78 11.43 19.15
O3 A2G OE . -114.52 10.23 18.42
C4 A2G OE . -113.68 12.48 18.90
O4 A2G OE . -113.58 12.73 17.49
C5 A2G OE . -113.97 13.79 19.63
C6 A2G OE . -112.95 14.88 19.25
O6 A2G OE . -113.19 16.10 19.95
C7 A2G OE . -118.37 11.09 18.40
O7 A2G OE . -118.56 11.86 17.46
C8 A2G OE . -119.40 10.09 18.83
O5 A2G PE . -116.34 6.84 44.57
C1 A2G PE . -116.38 5.46 44.90
C2 A2G PE . -117.54 4.72 44.26
N2 A2G PE . -117.53 3.31 44.62
C3 A2G PE . -117.48 4.91 42.74
O3 A2G PE . -118.64 4.40 42.09
C4 A2G PE . -117.28 6.39 42.39
O4 A2G PE . -118.48 7.09 42.71
C5 A2G PE . -116.09 6.97 43.15
C6 A2G PE . -115.80 8.41 42.77
O6 A2G PE . -115.17 8.46 41.47
C7 A2G PE . -118.22 2.84 45.67
O7 A2G PE . -118.81 3.59 46.44
C8 A2G PE . -118.23 1.35 45.85
O5 A2G QE . -59.15 -4.55 32.92
C1 A2G QE . -58.90 -3.55 33.89
C2 A2G QE . -58.45 -4.12 35.23
N2 A2G QE . -58.11 -3.03 36.13
C3 A2G QE . -57.28 -5.08 35.05
O3 A2G QE . -56.96 -5.77 36.25
C4 A2G QE . -57.60 -6.09 33.95
O4 A2G QE . -58.69 -6.91 34.38
C5 A2G QE . -57.98 -5.35 32.67
C6 A2G QE . -58.23 -6.28 31.50
O6 A2G QE . -58.05 -5.55 30.29
C7 A2G QE . -58.10 -3.14 37.46
O7 A2G QE . -58.22 -4.23 38.02
C8 A2G QE . -57.94 -1.87 38.26
O5 A2G RE . -58.92 5.04 -5.48
C1 A2G RE . -57.53 5.14 -5.79
C2 A2G RE . -57.02 3.96 -6.59
N2 A2G RE . -55.60 4.06 -6.85
C3 A2G RE . -57.83 3.93 -7.88
O3 A2G RE . -57.47 2.82 -8.72
C4 A2G RE . -59.33 3.95 -7.58
O4 A2G RE . -59.73 2.75 -6.91
C5 A2G RE . -59.69 5.15 -6.70
C6 A2G RE . -61.18 5.23 -6.35
O6 A2G RE . -61.98 5.46 -7.51
C7 A2G RE . -54.72 3.10 -6.54
O7 A2G RE . -55.05 2.08 -5.95
C8 A2G RE . -53.30 3.32 -6.99
O5 A2G SE . 40.45 -28.95 -41.70
C1 A2G SE . 41.77 -29.14 -42.15
C2 A2G SE . 42.82 -28.22 -41.54
N2 A2G SE . 44.14 -28.54 -42.06
C3 A2G SE . 42.75 -28.41 -40.03
O3 A2G SE . 43.58 -27.49 -39.33
C4 A2G SE . 41.32 -28.32 -39.53
O4 A2G SE . 40.87 -26.96 -39.65
C5 A2G SE . 40.37 -29.23 -40.29
C6 A2G SE . 38.92 -29.04 -39.82
O6 A2G SE . 38.11 -30.15 -40.17
C7 A2G SE . 45.20 -27.73 -41.97
O7 A2G SE . 45.14 -26.65 -41.38
C8 A2G SE . 46.46 -28.19 -42.63
O5 A2G TE . -41.86 -53.19 14.63
C1 A2G TE . -41.31 -53.20 15.94
C2 A2G TE . -42.23 -52.55 16.96
N2 A2G TE . -41.57 -52.41 18.24
C3 A2G TE . -43.46 -53.43 17.01
O3 A2G TE . -44.45 -52.92 17.93
C4 A2G TE . -44.06 -53.61 15.61
O4 A2G TE . -44.62 -52.37 15.17
C5 A2G TE . -43.00 -54.07 14.60
C6 A2G TE . -43.52 -54.15 13.16
O6 A2G TE . -42.65 -54.96 12.35
C7 A2G TE . -41.35 -51.20 18.79
O7 A2G TE . -41.54 -50.18 18.15
C8 A2G TE . -40.85 -51.18 20.20
O5 A2G UE . -39.70 -23.70 67.43
C1 A2G UE . -40.86 -23.24 68.08
C2 A2G UE . -41.20 -21.79 67.77
N2 A2G UE . -42.35 -21.31 68.50
C3 A2G UE . -41.41 -21.72 66.25
O3 A2G UE . -41.71 -20.39 65.83
C4 A2G UE . -40.19 -22.30 65.53
O4 A2G UE . -39.03 -21.50 65.77
C5 A2G UE . -39.93 -23.74 66.00
C6 A2G UE . -38.76 -24.38 65.26
O6 A2G UE . -39.10 -24.66 63.90
C7 A2G UE . -42.23 -20.73 69.70
O7 A2G UE . -41.14 -20.66 70.26
C8 A2G UE . -43.48 -20.17 70.31
O5 A2G VE . -63.50 -43.13 71.24
C1 A2G VE . -63.46 -43.81 72.48
C2 A2G VE . -64.46 -43.24 73.49
N2 A2G VE . -64.46 -43.89 74.79
C3 A2G VE . -65.86 -43.24 72.84
O3 A2G VE . -66.82 -42.52 73.62
C4 A2G VE . -65.83 -42.67 71.42
O4 A2G VE . -65.55 -41.27 71.47
C5 A2G VE . -64.76 -43.38 70.59
C6 A2G VE . -64.67 -42.97 69.12
O6 A2G VE . -63.66 -43.78 68.49
C7 A2G VE . -64.97 -45.10 75.12
O7 A2G VE . -65.44 -45.88 74.31
C8 A2G VE . -64.93 -45.44 76.59
O5 A2G WE . -119.65 29.63 18.97
C1 A2G WE . -120.12 29.83 20.29
C2 A2G WE . -121.63 29.64 20.42
N2 A2G WE . -122.04 29.78 21.82
C3 A2G WE . -121.99 28.24 19.92
O3 A2G WE . -123.40 28.06 19.79
C4 A2G WE . -121.31 27.91 18.59
O4 A2G WE . -121.98 28.63 17.57
C5 A2G WE . -119.82 28.25 18.60
C6 A2G WE . -119.13 28.00 17.26
O6 A2G WE . -118.90 26.60 17.07
C7 A2G WE . -123.28 30.11 22.21
O7 A2G WE . -124.23 30.11 21.43
C8 A2G WE . -123.44 30.46 23.66
CA CA XE . -31.85 -7.36 103.99
CA CA YE . -4.27 9.03 108.72
CA CA ZE . -72.18 21.73 88.38
CA CA AF . -81.87 16.99 70.38
CA CA BF . -121.70 11.74 68.56
CA CA CF . -101.87 18.17 46.08
CA CA DF . -65.04 12.14 26.33
CA CA EF . -91.38 41.32 14.91
CA CA FF . -106.35 39.80 23.48
CA CA GF . -106.66 17.10 38.37
CA CA HF . -95.00 8.27 44.19
CA CA IF . -71.66 5.85 35.31
CA CA JF . -53.35 8.97 11.52
CA CA KF . -63.76 24.72 -3.82
CA CA LF . -73.97 55.43 -27.32
CA CA MF . -69.01 34.58 -62.96
CA CA NF . -31.11 46.65 -68.74
CA CA OF . 28.20 48.71 -98.91
CA CA PF . 28.27 -36.98 -43.92
CA CA QF . 35.97 -50.26 -42.70
CA CA RF . 23.68 -66.94 -41.94
CA CA SF . 13.39 -53.69 -45.48
CA CA TF . 0.35 -44.18 -33.25
CA CA UF . -13.19 -52.71 -17.70
CA CA VF . -8.59 -70.85 -1.96
CA CA WF . -5.20 -60.13 11.15
CA CA XF . -4.89 -41.11 0.49
CA CA YF . 4.11 -6.19 -17.40
CA CA ZF . -33.62 -4.52 3.58
CA CA AG . -33.55 -41.07 30.28
CA CA BG . -23.15 -35.52 21.29
CA CA CG . -18.10 -26.75 30.28
CA CA DG . -58.82 -43.14 49.04
CA CA EG . -46.63 -60.72 44.45
CA CA FG . -33.66 -61.09 30.51
CA CA GG . -20.38 -51.84 20.41
CA CA HG . -10.83 -40.10 30.18
CA CA IG . -14.62 -31.99 46.29
CA CA JG . -31.71 -36.01 62.86
CA CA KG . -47.98 -43.47 65.55
CA CA LG . -42.74 -59.22 71.05
CA CA MG . -28.65 -67.79 75.42
CA CA NG . -24.47 -90.35 43.67
CA CA OG . -3.98 -90.19 62.24
NI NI PG . -7.60 54.53 -103.03
#